data_8W2U
#
_entry.id   8W2U
#
loop_
_entity.id
_entity.type
_entity.pdbx_description
1 polymer 'Poly [ADP-ribose] polymerase tankyrase-2'
2 non-polymer 'ZINC ION'
#
_entity_poly.entity_id   1
_entity_poly.type   'polypeptide(L)'
_entity_poly.pdbx_seq_one_letter_code
;ELSSVVSSSGTEGASSLEKKEVPGVDFSITQFVRNLGLEHLMDIFEREQITLDVLVEMGHKELKEIGINAYGHRHKLIKG
VERLISGQQGLNPYLTLNTSGSGTILIDLSPDDKEFQSVEEEMQSTVREHRDGGHAGGIFNRYNILKIQKVCNKKLWERY
THRRKEVSEENHNHANERMLFHGSPFVNAIIHKGFDERHAYIGGMFGAGIYFAENSSKSNQYVYGIGGGTGCPVHKDRSC
YICHRQLLFCRVTLGKSFLQFSAMKMAHSPPGHHSVTGRPSVNGLALAEYVIYRGEQAYPEYLITYQIMRPEGMVDG
;
_entity_poly.pdbx_strand_id   A,B,C,D,E,F,G,H,I,J,L,M,N,O,P,Q,R,S,T,U
#
loop_
_chem_comp.id
_chem_comp.type
_chem_comp.name
_chem_comp.formula
ZN non-polymer 'ZINC ION' 'Zn 2'
#
# COMPACT_ATOMS: atom_id res chain seq x y z
N ASP A 26 18.33 -11.81 -69.36
CA ASP A 26 17.87 -11.43 -70.68
C ASP A 26 16.36 -11.23 -70.69
N PHE A 27 15.63 -12.31 -70.43
CA PHE A 27 14.17 -12.29 -70.44
C PHE A 27 13.59 -11.86 -69.11
N SER A 28 14.42 -11.67 -68.08
CA SER A 28 13.91 -11.39 -66.74
C SER A 28 13.13 -10.09 -66.68
N ILE A 29 13.59 -9.06 -67.39
CA ILE A 29 12.87 -7.79 -67.40
C ILE A 29 11.48 -7.98 -67.97
N THR A 30 11.35 -8.79 -69.02
CA THR A 30 10.04 -9.02 -69.62
C THR A 30 9.10 -9.67 -68.63
N GLN A 31 9.56 -10.74 -67.96
CA GLN A 31 8.70 -11.43 -67.00
C GLN A 31 8.33 -10.50 -65.85
N PHE A 32 9.30 -9.73 -65.35
CA PHE A 32 9.02 -8.83 -64.24
C PHE A 32 7.96 -7.80 -64.62
N VAL A 33 8.12 -7.17 -65.79
CA VAL A 33 7.18 -6.14 -66.20
C VAL A 33 5.80 -6.76 -66.47
N ARG A 34 5.77 -7.98 -67.00
CA ARG A 34 4.50 -8.61 -67.33
C ARG A 34 3.74 -9.04 -66.08
N ASN A 35 4.45 -9.54 -65.06
CA ASN A 35 3.78 -9.95 -63.84
C ASN A 35 3.06 -8.78 -63.18
N LEU A 36 3.57 -7.57 -63.36
CA LEU A 36 2.93 -6.38 -62.82
C LEU A 36 1.82 -5.85 -63.71
N GLY A 37 1.60 -6.45 -64.88
CA GLY A 37 0.60 -5.96 -65.81
C GLY A 37 1.00 -4.72 -66.56
N LEU A 38 2.29 -4.42 -66.62
CA LEU A 38 2.79 -3.20 -67.26
C LEU A 38 3.46 -3.47 -68.59
N GLU A 39 3.05 -4.53 -69.30
CA GLU A 39 3.76 -4.91 -70.51
C GLU A 39 3.76 -3.81 -71.56
N HIS A 40 2.77 -2.91 -71.54
CA HIS A 40 2.73 -1.85 -72.53
C HIS A 40 3.89 -0.89 -72.41
N LEU A 41 4.63 -0.93 -71.32
CA LEU A 41 5.83 -0.10 -71.15
C LEU A 41 7.07 -0.72 -71.76
N MET A 42 6.99 -1.98 -72.20
CA MET A 42 8.21 -2.68 -72.61
C MET A 42 8.94 -1.97 -73.74
N ASP A 43 8.23 -1.33 -74.66
CA ASP A 43 8.91 -0.65 -75.75
C ASP A 43 9.92 0.36 -75.22
N ILE A 44 9.59 1.03 -74.12
CA ILE A 44 10.55 1.94 -73.49
C ILE A 44 11.74 1.14 -72.96
N PHE A 45 11.47 0.10 -72.18
CA PHE A 45 12.56 -0.65 -71.55
C PHE A 45 13.49 -1.24 -72.61
N GLU A 46 12.92 -1.78 -73.68
CA GLU A 46 13.75 -2.30 -74.77
C GLU A 46 14.51 -1.16 -75.44
N ARG A 47 13.84 -0.03 -75.67
CA ARG A 47 14.48 1.06 -76.39
C ARG A 47 15.64 1.64 -75.58
N GLU A 48 15.44 1.81 -74.27
CA GLU A 48 16.49 2.32 -73.40
C GLU A 48 17.39 1.21 -72.88
N GLN A 49 17.17 -0.03 -73.31
CA GLN A 49 18.03 -1.15 -72.95
C GLN A 49 18.08 -1.36 -71.45
N ILE A 50 16.96 -1.14 -70.76
CA ILE A 50 16.89 -1.39 -69.33
C ILE A 50 16.84 -2.89 -69.10
N THR A 51 17.63 -3.37 -68.15
CA THR A 51 17.59 -4.75 -67.72
C THR A 51 17.27 -4.79 -66.23
N LEU A 52 16.91 -5.98 -65.76
CA LEU A 52 16.47 -6.10 -64.37
C LEU A 52 17.55 -5.63 -63.41
N ASP A 53 18.81 -5.98 -63.67
CA ASP A 53 19.91 -5.51 -62.83
C ASP A 53 20.00 -3.98 -62.82
N VAL A 54 19.62 -3.32 -63.90
CA VAL A 54 19.58 -1.87 -63.92
C VAL A 54 18.29 -1.35 -63.32
N LEU A 55 17.18 -2.06 -63.53
CA LEU A 55 15.90 -1.63 -63.01
C LEU A 55 15.91 -1.58 -61.49
N VAL A 56 16.53 -2.56 -60.85
CA VAL A 56 16.52 -2.62 -59.39
C VAL A 56 17.14 -1.38 -58.76
N GLU A 57 17.97 -0.66 -59.51
CA GLU A 57 18.67 0.50 -58.97
C GLU A 57 17.94 1.81 -59.21
N MET A 58 16.91 1.82 -60.05
CA MET A 58 16.24 3.07 -60.41
C MET A 58 15.19 3.45 -59.36
N GLY A 59 15.12 4.74 -59.07
CA GLY A 59 14.10 5.30 -58.23
C GLY A 59 13.06 6.07 -59.03
N HIS A 60 12.34 6.95 -58.33
CA HIS A 60 11.32 7.74 -59.00
C HIS A 60 11.94 8.69 -60.02
N LYS A 61 13.03 9.35 -59.65
CA LYS A 61 13.67 10.28 -60.59
C LYS A 61 14.20 9.55 -61.81
N GLU A 62 14.85 8.41 -61.60
CA GLU A 62 15.44 7.66 -62.70
C GLU A 62 14.36 7.14 -63.65
N LEU A 63 13.26 6.63 -63.11
CA LEU A 63 12.16 6.16 -63.95
C LEU A 63 11.50 7.32 -64.68
N LYS A 64 11.29 8.44 -64.00
CA LYS A 64 10.71 9.61 -64.65
C LYS A 64 11.59 10.09 -65.80
N GLU A 65 12.90 9.97 -65.66
CA GLU A 65 13.80 10.42 -66.72
C GLU A 65 13.54 9.67 -68.02
N ILE A 66 13.42 8.35 -67.94
CA ILE A 66 13.36 7.51 -69.14
C ILE A 66 11.96 7.48 -69.73
N GLY A 67 11.01 8.18 -69.10
CA GLY A 67 9.70 8.37 -69.68
C GLY A 67 8.57 7.61 -69.03
N ILE A 68 8.73 7.15 -67.79
CA ILE A 68 7.60 6.59 -67.04
C ILE A 68 6.92 7.74 -66.32
N ASN A 69 5.95 8.36 -66.98
CA ASN A 69 5.43 9.63 -66.51
C ASN A 69 4.38 9.46 -65.40
N ALA A 70 3.63 8.37 -65.43
CA ALA A 70 2.54 8.19 -64.47
C ALA A 70 3.10 7.72 -63.13
N TYR A 71 2.61 8.33 -62.04
CA TYR A 71 3.08 7.96 -60.72
C TYR A 71 2.72 6.51 -60.39
N GLY A 72 1.55 6.06 -60.81
CA GLY A 72 1.13 4.70 -60.49
C GLY A 72 2.07 3.65 -61.05
N HIS A 73 2.51 3.83 -62.30
CA HIS A 73 3.44 2.88 -62.90
C HIS A 73 4.75 2.83 -62.12
N ARG A 74 5.30 3.99 -61.79
CA ARG A 74 6.55 4.02 -61.05
C ARG A 74 6.39 3.38 -59.68
N HIS A 75 5.27 3.65 -59.01
CA HIS A 75 5.00 3.04 -57.73
C HIS A 75 4.97 1.52 -57.85
N LYS A 76 4.27 1.00 -58.87
CA LYS A 76 4.18 -0.45 -59.02
C LYS A 76 5.56 -1.05 -59.32
N LEU A 77 6.35 -0.41 -60.18
CA LEU A 77 7.68 -0.92 -60.48
C LEU A 77 8.56 -0.95 -59.23
N ILE A 78 8.54 0.13 -58.46
CA ILE A 78 9.37 0.22 -57.27
C ILE A 78 8.95 -0.82 -56.25
N LYS A 79 7.64 -0.99 -56.05
CA LYS A 79 7.18 -2.00 -55.11
C LYS A 79 7.52 -3.40 -55.57
N GLY A 80 7.45 -3.67 -56.87
CA GLY A 80 7.89 -4.97 -57.37
C GLY A 80 9.36 -5.22 -57.11
N VAL A 81 10.19 -4.20 -57.33
CA VAL A 81 11.61 -4.35 -57.03
C VAL A 81 11.82 -4.61 -55.55
N GLU A 82 11.11 -3.89 -54.70
CA GLU A 82 11.22 -4.13 -53.26
C GLU A 82 10.82 -5.54 -52.89
N ARG A 83 9.73 -6.04 -53.47
CA ARG A 83 9.32 -7.41 -53.17
C ARG A 83 10.37 -8.41 -53.63
N LEU A 84 10.98 -8.16 -54.79
CA LEU A 84 12.00 -9.08 -55.29
C LEU A 84 13.24 -9.08 -54.42
N ILE A 85 13.76 -7.90 -54.10
CA ILE A 85 15.05 -7.78 -53.43
C ILE A 85 14.90 -7.91 -51.92
N SER A 86 14.05 -7.10 -51.30
CA SER A 86 13.90 -7.14 -49.86
C SER A 86 13.03 -8.31 -49.42
N GLY A 87 12.03 -8.67 -50.21
CA GLY A 87 11.10 -9.72 -49.82
C GLY A 87 11.66 -11.12 -49.93
N GLN A 88 12.59 -11.35 -50.85
CA GLN A 88 13.20 -12.65 -51.05
C GLN A 88 14.69 -12.61 -50.75
N GLN A 89 15.08 -11.90 -49.69
CA GLN A 89 16.49 -11.66 -49.42
C GLN A 89 17.26 -12.96 -49.27
N GLY A 90 16.65 -13.99 -48.69
CA GLY A 90 17.34 -15.24 -48.50
C GLY A 90 17.79 -15.93 -49.77
N LEU A 91 17.22 -15.56 -50.91
CA LEU A 91 17.67 -16.09 -52.19
C LEU A 91 18.80 -15.27 -52.80
N ASN A 92 19.11 -14.11 -52.23
CA ASN A 92 20.18 -13.24 -52.70
C ASN A 92 20.08 -13.00 -54.21
N PRO A 93 18.92 -12.56 -54.71
CA PRO A 93 18.83 -12.21 -56.12
C PRO A 93 19.63 -10.97 -56.48
N TYR A 94 19.88 -10.08 -55.51
CA TYR A 94 20.65 -8.88 -55.79
C TYR A 94 22.08 -9.24 -56.21
N LEU A 95 22.68 -10.20 -55.52
CA LEU A 95 24.04 -10.61 -55.85
C LEU A 95 24.08 -11.37 -57.17
N THR A 96 23.01 -12.09 -57.50
CA THR A 96 22.92 -12.73 -58.80
C THR A 96 22.84 -11.70 -59.91
N LEU A 97 22.11 -10.61 -59.68
CA LEU A 97 21.95 -9.60 -60.72
C LEU A 97 23.23 -8.79 -60.93
N ASN A 98 23.91 -8.43 -59.84
CA ASN A 98 25.09 -7.59 -59.95
C ASN A 98 26.36 -8.39 -60.21
N THR A 99 26.42 -9.09 -61.35
CA THR A 99 27.69 -9.63 -61.81
C THR A 99 28.45 -8.61 -62.64
N SER A 100 27.75 -7.61 -63.18
CA SER A 100 28.40 -6.57 -63.97
C SER A 100 29.25 -5.66 -63.09
N GLY A 101 30.21 -4.99 -63.72
CA GLY A 101 31.05 -4.06 -63.01
C GLY A 101 31.91 -4.69 -61.94
N SER A 102 32.38 -5.91 -62.17
CA SER A 102 33.24 -6.62 -61.23
C SER A 102 34.39 -7.24 -62.01
N GLY A 103 35.45 -7.55 -61.28
CA GLY A 103 36.66 -8.10 -61.86
C GLY A 103 37.83 -7.12 -61.79
N THR A 104 39.02 -7.66 -62.00
CA THR A 104 40.24 -6.89 -61.89
C THR A 104 40.49 -6.08 -63.15
N ILE A 105 41.07 -4.89 -62.97
CA ILE A 105 41.59 -4.11 -64.08
C ILE A 105 43.00 -3.65 -63.72
N LEU A 106 43.80 -3.41 -64.75
CA LEU A 106 45.18 -2.98 -64.60
C LEU A 106 45.34 -1.60 -65.24
N ILE A 107 45.91 -0.67 -64.49
CA ILE A 107 46.09 0.72 -64.93
C ILE A 107 47.57 0.99 -65.05
N ASP A 108 48.00 1.43 -66.23
CA ASP A 108 49.43 1.66 -66.46
C ASP A 108 49.88 2.92 -65.75
N LEU A 109 51.08 2.88 -65.17
CA LEU A 109 51.72 4.05 -64.59
C LEU A 109 52.69 4.64 -65.60
N SER A 110 52.61 5.96 -65.78
CA SER A 110 53.51 6.63 -66.70
C SER A 110 54.91 6.70 -66.09
N PRO A 111 55.95 6.44 -66.89
CA PRO A 111 57.31 6.55 -66.34
C PRO A 111 57.65 7.94 -65.82
N ASP A 112 57.01 8.99 -66.35
CA ASP A 112 57.23 10.34 -65.86
C ASP A 112 56.57 10.60 -64.51
N ASP A 113 55.75 9.66 -64.01
CA ASP A 113 55.02 9.86 -62.77
C ASP A 113 55.92 9.63 -61.56
N LYS A 114 55.69 10.43 -60.52
CA LYS A 114 56.42 10.28 -59.27
C LYS A 114 56.18 8.90 -58.66
N GLU A 115 54.94 8.41 -58.71
CA GLU A 115 54.64 7.09 -58.17
C GLU A 115 55.48 6.01 -58.86
N PHE A 116 55.53 6.06 -60.18
CA PHE A 116 56.33 5.10 -60.94
C PHE A 116 57.78 5.17 -60.52
N GLN A 117 58.31 6.39 -60.38
CA GLN A 117 59.72 6.55 -60.09
C GLN A 117 60.05 6.04 -58.70
N SER A 118 59.15 6.23 -57.73
CA SER A 118 59.40 5.72 -56.38
C SER A 118 59.30 4.20 -56.33
N VAL A 119 58.35 3.61 -57.05
CA VAL A 119 58.29 2.15 -57.10
C VAL A 119 59.56 1.60 -57.75
N GLU A 120 60.03 2.25 -58.81
CA GLU A 120 61.28 1.83 -59.44
C GLU A 120 62.46 2.01 -58.48
N GLU A 121 62.47 3.09 -57.72
CA GLU A 121 63.55 3.31 -56.76
C GLU A 121 63.59 2.20 -55.73
N GLU A 122 62.43 1.81 -55.21
CA GLU A 122 62.40 0.70 -54.26
C GLU A 122 62.85 -0.61 -54.92
N MET A 123 62.42 -0.84 -56.16
CA MET A 123 62.79 -2.07 -56.86
C MET A 123 64.29 -2.14 -57.08
N GLN A 124 64.90 -1.02 -57.46
CA GLN A 124 66.31 -1.01 -57.84
C GLN A 124 67.22 -0.96 -56.62
N SER A 125 66.78 -0.25 -55.57
CA SER A 125 67.67 0.04 -54.45
C SER A 125 67.76 -1.11 -53.45
N THR A 126 66.89 -2.10 -53.54
CA THR A 126 66.86 -3.20 -52.59
C THR A 126 67.50 -4.47 -53.12
N VAL A 127 68.28 -4.38 -54.18
CA VAL A 127 69.07 -5.53 -54.64
C VAL A 127 70.19 -5.78 -53.64
N ARG A 128 70.50 -7.05 -53.41
CA ARG A 128 71.48 -7.43 -52.40
C ARG A 128 72.27 -8.63 -52.88
N GLU A 129 73.42 -8.85 -52.24
CA GLU A 129 74.18 -10.06 -52.48
C GLU A 129 73.42 -11.26 -51.93
N HIS A 130 73.76 -12.45 -52.45
CA HIS A 130 73.09 -13.66 -52.05
C HIS A 130 74.11 -14.80 -51.95
N ARG A 131 73.73 -15.84 -51.20
CA ARG A 131 74.67 -16.92 -50.90
C ARG A 131 74.93 -17.81 -52.12
N ASP A 132 73.94 -17.96 -53.01
CA ASP A 132 74.13 -18.75 -54.22
C ASP A 132 74.80 -17.90 -55.29
N GLY A 133 75.46 -18.59 -56.22
CA GLY A 133 76.14 -17.91 -57.31
C GLY A 133 75.17 -17.51 -58.42
N GLY A 134 74.13 -16.76 -58.06
CA GLY A 134 73.12 -16.39 -59.04
C GLY A 134 72.37 -17.57 -59.62
N HIS A 135 72.40 -18.72 -58.95
CA HIS A 135 71.81 -19.92 -59.50
C HIS A 135 70.31 -19.79 -59.65
N ALA A 136 69.65 -19.18 -58.66
CA ALA A 136 68.19 -19.07 -58.68
C ALA A 136 67.74 -17.80 -59.37
N GLY A 137 68.23 -16.65 -58.93
CA GLY A 137 67.80 -15.37 -59.48
C GLY A 137 68.59 -14.93 -60.69
N GLY A 138 69.65 -15.65 -61.03
CA GLY A 138 70.48 -15.30 -62.15
C GLY A 138 71.55 -14.29 -61.78
N ILE A 139 72.41 -13.98 -62.76
CA ILE A 139 73.49 -13.02 -62.56
C ILE A 139 73.02 -11.65 -63.04
N PHE A 140 72.86 -10.72 -62.11
CA PHE A 140 72.41 -9.37 -62.44
C PHE A 140 72.79 -8.43 -61.31
N ASN A 141 72.77 -7.14 -61.61
CA ASN A 141 73.01 -6.09 -60.63
C ASN A 141 71.90 -5.06 -60.53
N ARG A 142 71.02 -4.98 -61.53
CA ARG A 142 69.90 -4.05 -61.54
C ARG A 142 68.88 -4.57 -62.55
N TYR A 143 67.78 -3.83 -62.70
CA TYR A 143 66.67 -4.23 -63.55
C TYR A 143 66.42 -3.19 -64.64
N ASN A 144 65.87 -3.66 -65.76
CA ASN A 144 65.24 -2.81 -66.76
C ASN A 144 63.74 -2.99 -66.64
N ILE A 145 63.05 -1.95 -66.18
CA ILE A 145 61.63 -2.02 -65.85
C ILE A 145 60.85 -1.54 -67.06
N LEU A 146 59.94 -2.39 -67.56
CA LEU A 146 59.22 -2.11 -68.79
C LEU A 146 57.88 -1.44 -68.51
N LYS A 147 57.16 -1.90 -67.49
CA LYS A 147 55.90 -1.29 -67.12
C LYS A 147 55.63 -1.59 -65.64
N ILE A 148 54.89 -0.70 -64.99
CA ILE A 148 54.37 -0.92 -63.65
C ILE A 148 52.89 -0.59 -63.69
N GLN A 149 52.07 -1.48 -63.12
CA GLN A 149 50.63 -1.38 -63.25
C GLN A 149 49.95 -1.47 -61.89
N LYS A 150 48.99 -0.57 -61.68
CA LYS A 150 48.12 -0.61 -60.51
C LYS A 150 47.03 -1.65 -60.74
N VAL A 151 46.78 -2.49 -59.75
CA VAL A 151 45.76 -3.53 -59.81
C VAL A 151 44.55 -3.04 -59.03
N CYS A 152 43.37 -3.07 -59.65
CA CYS A 152 42.14 -2.62 -59.02
C CYS A 152 41.11 -3.73 -59.07
N ASN A 153 40.55 -4.10 -57.92
CA ASN A 153 39.52 -5.12 -57.83
C ASN A 153 38.77 -4.90 -56.52
N LYS A 154 37.52 -4.46 -56.61
CA LYS A 154 36.81 -4.01 -55.41
C LYS A 154 36.56 -5.15 -54.43
N LYS A 155 36.20 -6.33 -54.93
CA LYS A 155 35.92 -7.45 -54.03
C LYS A 155 37.13 -7.76 -53.15
N LEU A 156 38.29 -7.94 -53.78
CA LEU A 156 39.50 -8.25 -53.02
C LEU A 156 39.86 -7.10 -52.09
N TRP A 157 39.66 -5.86 -52.55
CA TRP A 157 39.99 -4.71 -51.72
C TRP A 157 39.13 -4.68 -50.45
N GLU A 158 37.83 -4.95 -50.58
CA GLU A 158 36.98 -4.99 -49.39
C GLU A 158 37.37 -6.14 -48.47
N ARG A 159 37.70 -7.30 -49.05
CA ARG A 159 38.16 -8.41 -48.22
C ARG A 159 39.39 -8.01 -47.39
N TYR A 160 40.40 -7.44 -48.06
CA TYR A 160 41.62 -7.04 -47.37
C TYR A 160 41.34 -5.96 -46.33
N THR A 161 40.49 -4.99 -46.65
CA THR A 161 40.21 -3.91 -45.71
C THR A 161 39.46 -4.42 -44.49
N HIS A 162 38.53 -5.35 -44.69
CA HIS A 162 37.83 -5.93 -43.55
C HIS A 162 38.82 -6.63 -42.63
N ARG A 163 39.70 -7.45 -43.20
CA ARG A 163 40.69 -8.12 -42.38
C ARG A 163 41.61 -7.13 -41.68
N ARG A 164 41.97 -6.05 -42.37
CA ARG A 164 42.84 -5.05 -41.78
C ARG A 164 42.20 -4.42 -40.55
N LYS A 165 40.91 -4.09 -40.65
CA LYS A 165 40.22 -3.54 -39.48
C LYS A 165 40.15 -4.55 -38.34
N GLU A 166 39.89 -5.82 -38.63
CA GLU A 166 39.92 -6.82 -37.56
C GLU A 166 41.26 -6.81 -36.84
N VAL A 167 42.35 -6.94 -37.63
CA VAL A 167 43.67 -7.05 -37.04
C VAL A 167 43.99 -5.80 -36.22
N SER A 168 43.69 -4.63 -36.78
CA SER A 168 44.00 -3.40 -36.06
C SER A 168 43.25 -3.34 -34.74
N GLU A 169 41.97 -3.73 -34.74
CA GLU A 169 41.23 -3.71 -33.49
C GLU A 169 41.80 -4.70 -32.49
N GLU A 170 42.46 -5.76 -32.96
CA GLU A 170 43.13 -6.68 -32.05
C GLU A 170 44.54 -6.23 -31.65
N ASN A 171 45.04 -5.11 -32.20
CA ASN A 171 46.44 -4.73 -32.05
C ASN A 171 46.55 -3.25 -31.68
N HIS A 172 45.78 -2.85 -30.67
CA HIS A 172 45.75 -1.47 -30.15
C HIS A 172 45.73 -0.46 -31.29
N ASN A 173 44.81 -0.66 -32.22
CA ASN A 173 44.52 0.27 -33.31
C ASN A 173 45.70 0.44 -34.26
N HIS A 174 46.54 -0.58 -34.40
CA HIS A 174 47.66 -0.54 -35.32
C HIS A 174 47.60 -1.76 -36.23
N ALA A 175 47.49 -1.51 -37.53
CA ALA A 175 47.56 -2.60 -38.50
C ALA A 175 48.98 -3.07 -38.74
N ASN A 176 49.96 -2.17 -38.65
CA ASN A 176 51.34 -2.49 -38.98
C ASN A 176 51.45 -2.90 -40.45
N GLU A 177 51.07 -1.97 -41.33
CA GLU A 177 50.99 -2.25 -42.74
C GLU A 177 52.31 -1.91 -43.43
N ARG A 178 52.80 -2.85 -44.25
CA ARG A 178 54.06 -2.69 -44.96
C ARG A 178 53.82 -2.90 -46.46
N MET A 179 54.78 -2.44 -47.26
CA MET A 179 54.85 -2.76 -48.67
C MET A 179 55.98 -3.76 -48.86
N LEU A 180 55.68 -4.89 -49.49
CA LEU A 180 56.66 -5.96 -49.63
C LEU A 180 56.57 -6.58 -51.02
N PHE A 181 57.64 -7.26 -51.41
CA PHE A 181 57.68 -7.94 -52.69
C PHE A 181 57.23 -9.38 -52.55
N HIS A 182 56.59 -9.88 -53.60
CA HIS A 182 56.17 -11.27 -53.70
C HIS A 182 56.45 -11.76 -55.11
N GLY A 183 56.87 -13.01 -55.21
CA GLY A 183 57.15 -13.62 -56.49
C GLY A 183 56.67 -15.06 -56.53
N SER A 184 56.12 -15.45 -57.67
CA SER A 184 55.60 -16.80 -57.85
C SER A 184 55.23 -16.98 -59.31
N PRO A 185 55.16 -18.22 -59.79
CA PRO A 185 54.67 -18.45 -61.15
C PRO A 185 53.19 -18.15 -61.31
N PHE A 186 52.44 -18.04 -60.23
CA PHE A 186 50.99 -17.89 -60.27
C PHE A 186 50.54 -16.44 -60.12
N VAL A 187 51.37 -15.48 -60.53
CA VAL A 187 51.01 -14.07 -60.36
C VAL A 187 49.73 -13.74 -61.12
N ASN A 188 49.61 -14.26 -62.33
CA ASN A 188 48.41 -14.00 -63.13
C ASN A 188 47.16 -14.48 -62.41
N ALA A 189 47.23 -15.60 -61.69
CA ALA A 189 46.08 -16.06 -60.92
C ALA A 189 45.87 -15.21 -59.68
N ILE A 190 46.95 -14.74 -59.05
CA ILE A 190 46.82 -13.94 -57.84
C ILE A 190 46.12 -12.63 -58.14
N ILE A 191 46.48 -11.97 -59.24
CA ILE A 191 45.94 -10.64 -59.50
C ILE A 191 44.44 -10.70 -59.76
N HIS A 192 43.88 -11.88 -60.00
CA HIS A 192 42.44 -12.04 -60.25
C HIS A 192 41.71 -12.66 -59.07
N LYS A 193 42.19 -13.79 -58.56
CA LYS A 193 41.57 -14.49 -57.45
C LYS A 193 42.16 -14.12 -56.11
N GLY A 194 43.18 -13.26 -56.08
CA GLY A 194 43.75 -12.80 -54.83
C GLY A 194 44.61 -13.86 -54.17
N PHE A 195 45.32 -13.42 -53.12
CA PHE A 195 46.12 -14.35 -52.33
C PHE A 195 45.22 -15.36 -51.63
N ASP A 196 45.70 -16.59 -51.50
CA ASP A 196 44.94 -17.62 -50.81
C ASP A 196 45.93 -18.52 -50.07
N GLU A 197 45.54 -18.96 -48.86
CA GLU A 197 46.42 -19.81 -48.08
C GLU A 197 46.35 -21.27 -48.51
N ARG A 198 45.38 -21.63 -49.34
CA ARG A 198 45.20 -23.02 -49.72
C ARG A 198 46.17 -23.46 -50.80
N HIS A 199 46.89 -22.53 -51.41
CA HIS A 199 48.01 -22.82 -52.28
C HIS A 199 49.35 -22.53 -51.61
N ALA A 200 49.39 -22.57 -50.29
CA ALA A 200 50.54 -22.06 -49.55
C ALA A 200 51.77 -22.90 -49.81
N TYR A 201 52.94 -22.28 -49.61
CA TYR A 201 54.23 -22.93 -49.81
C TYR A 201 54.58 -23.69 -48.54
N ILE A 202 54.03 -24.90 -48.44
CA ILE A 202 54.23 -25.74 -47.26
C ILE A 202 55.68 -26.18 -47.12
N GLY A 203 56.46 -26.11 -48.21
CA GLY A 203 57.86 -26.48 -48.13
C GLY A 203 58.77 -25.39 -47.59
N GLY A 204 58.21 -24.25 -47.20
CA GLY A 204 59.00 -23.13 -46.77
C GLY A 204 59.65 -23.35 -45.42
N MET A 205 60.53 -22.40 -45.07
CA MET A 205 61.28 -22.47 -43.82
C MET A 205 60.43 -22.18 -42.61
N PHE A 206 59.28 -21.52 -42.77
CA PHE A 206 58.41 -21.17 -41.65
C PHE A 206 57.01 -21.78 -41.82
N GLY A 207 56.92 -22.93 -42.48
CA GLY A 207 55.64 -23.59 -42.57
C GLY A 207 54.83 -23.17 -43.79
N ALA A 208 53.54 -23.51 -43.73
CA ALA A 208 52.61 -23.32 -44.85
C ALA A 208 51.98 -21.92 -44.81
N GLY A 209 52.78 -20.93 -45.20
CA GLY A 209 52.32 -19.56 -45.28
C GLY A 209 52.58 -18.93 -46.64
N ILE A 210 52.30 -17.63 -46.70
CA ILE A 210 52.63 -16.79 -47.85
C ILE A 210 53.81 -15.93 -47.45
N TYR A 211 54.85 -15.94 -48.30
CA TYR A 211 56.15 -15.37 -47.97
C TYR A 211 56.37 -14.07 -48.74
N PHE A 212 56.92 -13.08 -48.05
CA PHE A 212 57.21 -11.77 -48.62
C PHE A 212 58.61 -11.35 -48.20
N ALA A 213 59.26 -10.60 -49.08
CA ALA A 213 60.62 -10.12 -48.85
C ALA A 213 60.68 -8.62 -49.08
N GLU A 214 61.41 -7.92 -48.22
CA GLU A 214 61.64 -6.50 -48.40
C GLU A 214 62.69 -6.21 -49.47
N ASN A 215 63.38 -7.24 -49.95
CA ASN A 215 64.39 -7.11 -50.99
C ASN A 215 63.83 -7.67 -52.30
N SER A 216 63.88 -6.85 -53.35
CA SER A 216 63.27 -7.26 -54.62
C SER A 216 63.96 -8.50 -55.19
N SER A 217 65.28 -8.62 -55.01
CA SER A 217 66.01 -9.72 -55.63
C SER A 217 65.58 -11.07 -55.08
N LYS A 218 65.38 -11.16 -53.77
CA LYS A 218 65.00 -12.44 -53.18
C LYS A 218 63.67 -12.92 -53.73
N SER A 219 62.72 -11.98 -53.92
CA SER A 219 61.46 -12.34 -54.56
C SER A 219 61.68 -12.70 -56.03
N ASN A 220 62.54 -11.96 -56.71
CA ASN A 220 62.85 -12.26 -58.10
C ASN A 220 63.38 -13.67 -58.27
N GLN A 221 63.98 -14.23 -57.22
CA GLN A 221 64.44 -15.61 -57.28
C GLN A 221 63.31 -16.60 -57.54
N TYR A 222 62.06 -16.21 -57.30
CA TYR A 222 60.94 -17.15 -57.31
C TYR A 222 60.07 -17.09 -58.56
N VAL A 223 60.25 -16.09 -59.41
CA VAL A 223 59.26 -15.83 -60.47
C VAL A 223 59.08 -16.99 -61.43
N TYR A 224 60.02 -17.93 -61.48
CA TYR A 224 59.89 -19.10 -62.32
C TYR A 224 59.75 -20.39 -61.52
N GLY A 225 59.38 -20.30 -60.26
CA GLY A 225 59.22 -21.45 -59.41
C GLY A 225 60.21 -21.43 -58.25
N ILE A 226 60.05 -22.39 -57.36
CA ILE A 226 60.93 -22.48 -56.21
C ILE A 226 62.35 -22.77 -56.67
N GLY A 227 63.31 -22.00 -56.16
CA GLY A 227 64.68 -22.15 -56.59
C GLY A 227 64.89 -21.87 -58.07
N GLY A 228 63.98 -21.10 -58.68
CA GLY A 228 64.04 -20.85 -60.10
C GLY A 228 63.42 -21.94 -60.96
N GLY A 229 62.97 -23.04 -60.36
CA GLY A 229 62.34 -24.09 -61.13
C GLY A 229 63.26 -24.58 -62.22
N THR A 230 62.70 -24.73 -63.42
CA THR A 230 63.46 -25.13 -64.60
C THR A 230 63.93 -23.95 -65.43
N GLY A 231 63.82 -22.73 -64.91
CA GLY A 231 64.17 -21.55 -65.66
C GLY A 231 63.02 -21.05 -66.51
N CYS A 232 63.32 -20.07 -67.35
CA CYS A 232 62.30 -19.50 -68.21
C CYS A 232 61.75 -20.58 -69.15
N PRO A 233 60.45 -20.58 -69.43
CA PRO A 233 59.89 -21.65 -70.28
C PRO A 233 60.53 -21.71 -71.66
N VAL A 234 60.90 -20.58 -72.24
CA VAL A 234 61.33 -20.56 -73.64
C VAL A 234 62.65 -21.29 -73.81
N HIS A 235 63.61 -21.07 -72.89
CA HIS A 235 64.92 -21.68 -73.01
C HIS A 235 65.35 -22.48 -71.79
N LYS A 236 64.49 -22.61 -70.77
CA LYS A 236 64.84 -23.35 -69.56
C LYS A 236 66.11 -22.81 -68.93
N ASP A 237 66.33 -21.50 -69.04
CA ASP A 237 67.48 -20.82 -68.46
C ASP A 237 67.01 -19.93 -67.33
N ARG A 238 67.57 -20.10 -66.14
CA ARG A 238 67.19 -19.31 -64.99
C ARG A 238 67.75 -17.88 -65.04
N SER A 239 68.85 -17.67 -65.76
CA SER A 239 69.47 -16.36 -65.87
C SER A 239 69.14 -15.67 -67.18
N CYS A 240 68.01 -16.01 -67.80
CA CYS A 240 67.64 -15.42 -69.08
C CYS A 240 67.48 -13.91 -68.94
N TYR A 241 67.99 -13.16 -69.91
CA TYR A 241 67.88 -11.72 -69.92
C TYR A 241 66.83 -11.20 -70.91
N ILE A 242 66.28 -12.07 -71.74
CA ILE A 242 65.32 -11.64 -72.75
C ILE A 242 63.88 -11.80 -72.26
N CYS A 243 63.56 -12.95 -71.69
CA CYS A 243 62.18 -13.22 -71.29
C CYS A 243 61.74 -12.26 -70.20
N HIS A 244 60.46 -11.89 -70.26
CA HIS A 244 59.89 -10.97 -69.28
C HIS A 244 59.78 -11.64 -67.92
N ARG A 245 59.84 -10.83 -66.87
CA ARG A 245 59.61 -11.28 -65.51
C ARG A 245 58.56 -10.39 -64.85
N GLN A 246 57.76 -10.98 -63.96
CA GLN A 246 56.70 -10.27 -63.28
C GLN A 246 56.79 -10.51 -61.78
N LEU A 247 56.69 -9.42 -61.02
CA LEU A 247 56.80 -9.44 -59.58
C LEU A 247 55.71 -8.55 -58.99
N LEU A 248 55.22 -8.88 -57.80
CA LEU A 248 54.14 -8.15 -57.17
C LEU A 248 54.67 -7.32 -56.01
N PHE A 249 54.18 -6.10 -55.88
CA PHE A 249 54.53 -5.22 -54.77
C PHE A 249 53.24 -4.91 -54.02
N CYS A 250 53.13 -5.45 -52.81
CA CYS A 250 51.85 -5.69 -52.16
C CYS A 250 51.78 -5.06 -50.79
N ARG A 251 50.58 -4.62 -50.41
CA ARG A 251 50.31 -4.22 -49.04
C ARG A 251 50.12 -5.46 -48.18
N VAL A 252 50.80 -5.51 -47.05
CA VAL A 252 50.73 -6.66 -46.15
C VAL A 252 50.51 -6.15 -44.73
N THR A 253 49.48 -6.64 -44.07
CA THR A 253 49.20 -6.30 -42.69
C THR A 253 49.87 -7.33 -41.79
N LEU A 254 50.87 -6.89 -41.03
CA LEU A 254 51.60 -7.79 -40.16
C LEU A 254 50.99 -7.87 -38.77
N GLY A 255 50.39 -6.79 -38.28
CA GLY A 255 49.86 -6.79 -36.93
C GLY A 255 50.94 -7.04 -35.91
N LYS A 256 50.58 -7.74 -34.83
CA LYS A 256 51.56 -8.14 -33.84
C LYS A 256 52.40 -9.26 -34.42
N SER A 257 53.60 -8.93 -34.87
CA SER A 257 54.43 -9.85 -35.63
C SER A 257 55.34 -10.62 -34.67
N PHE A 258 55.42 -11.93 -34.89
CA PHE A 258 56.24 -12.78 -34.04
C PHE A 258 57.67 -12.83 -34.56
N LEU A 259 58.62 -12.47 -33.70
CA LEU A 259 60.03 -12.47 -34.08
C LEU A 259 60.56 -13.90 -34.08
N GLN A 260 61.15 -14.32 -35.18
CA GLN A 260 61.70 -15.66 -35.32
C GLN A 260 63.11 -15.59 -35.89
N PHE A 261 63.94 -16.55 -35.51
CA PHE A 261 65.35 -16.56 -35.90
C PHE A 261 65.84 -17.90 -36.45
N SER A 262 64.99 -18.93 -36.49
CA SER A 262 65.42 -20.24 -36.95
C SER A 262 64.28 -20.94 -37.66
N ALA A 263 64.61 -21.95 -38.44
CA ALA A 263 63.62 -22.65 -39.25
C ALA A 263 62.61 -23.37 -38.36
N MET A 264 61.43 -23.60 -38.90
CA MET A 264 60.35 -24.25 -38.18
C MET A 264 59.23 -24.56 -39.15
N LYS A 265 58.35 -25.48 -38.74
CA LYS A 265 57.14 -25.80 -39.48
C LYS A 265 55.94 -25.31 -38.68
N MET A 266 55.00 -24.66 -39.37
CA MET A 266 53.82 -24.13 -38.72
C MET A 266 52.69 -24.05 -39.73
N ALA A 267 51.48 -24.41 -39.31
CA ALA A 267 50.30 -24.31 -40.15
C ALA A 267 49.59 -22.97 -40.01
N HIS A 268 49.58 -22.40 -38.82
CA HIS A 268 48.88 -21.16 -38.54
C HIS A 268 49.78 -20.28 -37.68
N SER A 269 49.42 -19.02 -37.56
CA SER A 269 50.21 -18.05 -36.80
C SER A 269 50.32 -18.49 -35.34
N PRO A 270 51.38 -18.11 -34.64
CA PRO A 270 51.48 -18.40 -33.21
C PRO A 270 50.36 -17.72 -32.44
N PRO A 271 49.90 -18.30 -31.34
CA PRO A 271 48.78 -17.71 -30.61
C PRO A 271 49.04 -16.27 -30.25
N GLY A 272 48.02 -15.43 -30.47
CA GLY A 272 48.13 -14.01 -30.18
C GLY A 272 48.89 -13.21 -31.21
N HIS A 273 49.39 -13.84 -32.27
CA HIS A 273 50.16 -13.16 -33.29
C HIS A 273 49.47 -13.30 -34.64
N HIS A 274 49.73 -12.32 -35.50
CA HIS A 274 49.09 -12.27 -36.81
C HIS A 274 50.03 -12.60 -37.95
N SER A 275 51.34 -12.51 -37.73
CA SER A 275 52.33 -12.80 -38.77
C SER A 275 53.62 -13.23 -38.08
N VAL A 276 54.59 -13.61 -38.89
CA VAL A 276 55.93 -13.92 -38.39
C VAL A 276 56.97 -13.26 -39.28
N THR A 277 58.10 -12.89 -38.69
CA THR A 277 59.23 -12.33 -39.43
C THR A 277 60.48 -13.12 -39.10
N GLY A 278 61.10 -13.70 -40.13
CA GLY A 278 62.38 -14.34 -39.97
C GLY A 278 63.53 -13.37 -40.19
N ARG A 279 64.21 -13.01 -39.11
CA ARG A 279 65.23 -11.99 -39.18
C ARG A 279 66.54 -12.56 -39.71
N PRO A 280 67.43 -11.71 -40.21
CA PRO A 280 68.78 -12.17 -40.56
C PRO A 280 69.52 -12.66 -39.32
N SER A 281 70.41 -13.62 -39.52
CA SER A 281 71.19 -14.17 -38.43
C SER A 281 72.51 -14.70 -38.98
N VAL A 282 73.49 -14.82 -38.09
CA VAL A 282 74.80 -15.34 -38.48
C VAL A 282 74.71 -16.83 -38.82
N ASN A 283 73.68 -17.52 -38.35
CA ASN A 283 73.46 -18.93 -38.64
C ASN A 283 72.05 -19.16 -39.16
N GLY A 284 71.54 -18.19 -39.91
CA GLY A 284 70.19 -18.27 -40.43
C GLY A 284 70.00 -17.49 -41.72
N LEU A 285 68.88 -16.77 -41.81
CA LEU A 285 68.58 -16.01 -43.01
C LEU A 285 69.66 -14.97 -43.30
N ALA A 286 69.98 -14.81 -44.59
CA ALA A 286 70.84 -13.72 -45.01
C ALA A 286 70.08 -12.40 -45.07
N LEU A 287 68.77 -12.46 -45.35
CA LEU A 287 67.94 -11.26 -45.46
C LEU A 287 66.58 -11.55 -44.84
N ALA A 288 65.88 -10.48 -44.49
CA ALA A 288 64.64 -10.60 -43.72
C ALA A 288 63.54 -11.27 -44.53
N GLU A 289 62.64 -11.96 -43.82
CA GLU A 289 61.49 -12.61 -44.41
C GLU A 289 60.26 -12.27 -43.59
N TYR A 290 59.10 -12.20 -44.24
CA TYR A 290 57.83 -12.02 -43.55
C TYR A 290 56.86 -13.08 -44.07
N VAL A 291 56.00 -13.58 -43.20
CA VAL A 291 55.08 -14.64 -43.58
C VAL A 291 53.73 -14.39 -42.93
N ILE A 292 52.68 -14.51 -43.74
CA ILE A 292 51.30 -14.41 -43.28
C ILE A 292 50.59 -15.73 -43.60
N TYR A 293 49.77 -16.19 -42.67
CA TYR A 293 49.03 -17.43 -42.82
C TYR A 293 47.57 -17.20 -43.15
N ARG A 294 47.16 -15.97 -43.44
CA ARG A 294 45.82 -15.66 -43.90
C ARG A 294 45.93 -14.93 -45.23
N GLY A 295 45.33 -15.49 -46.27
CA GLY A 295 45.44 -14.90 -47.59
C GLY A 295 44.81 -13.53 -47.69
N GLU A 296 43.70 -13.31 -46.98
CA GLU A 296 43.04 -12.01 -46.97
C GLU A 296 43.87 -10.93 -46.28
N GLN A 297 45.05 -11.27 -45.78
CA GLN A 297 45.89 -10.33 -45.05
C GLN A 297 46.94 -9.67 -45.94
N ALA A 298 46.74 -9.66 -47.25
CA ALA A 298 47.63 -8.98 -48.17
C ALA A 298 46.88 -8.66 -49.45
N TYR A 299 47.30 -7.59 -50.12
CA TYR A 299 46.68 -7.15 -51.37
C TYR A 299 47.75 -6.80 -52.40
N PRO A 300 47.66 -7.34 -53.62
CA PRO A 300 48.66 -7.03 -54.68
C PRO A 300 48.39 -5.72 -55.41
N GLU A 301 48.89 -4.63 -54.83
CA GLU A 301 48.59 -3.31 -55.38
C GLU A 301 49.28 -3.06 -56.71
N TYR A 302 50.58 -3.35 -56.81
CA TYR A 302 51.35 -3.02 -58.00
C TYR A 302 51.85 -4.30 -58.66
N LEU A 303 51.75 -4.34 -59.98
CA LEU A 303 52.32 -5.42 -60.79
C LEU A 303 53.49 -4.85 -61.58
N ILE A 304 54.66 -5.47 -61.44
CA ILE A 304 55.89 -4.97 -62.02
C ILE A 304 56.38 -5.96 -63.06
N THR A 305 56.68 -5.47 -64.26
CA THR A 305 57.26 -6.26 -65.33
C THR A 305 58.64 -5.72 -65.64
N TYR A 306 59.63 -6.61 -65.68
CA TYR A 306 61.02 -6.20 -65.73
C TYR A 306 61.87 -7.32 -66.31
N GLN A 307 63.08 -6.94 -66.72
CA GLN A 307 64.13 -7.87 -67.11
C GLN A 307 65.35 -7.62 -66.23
N ILE A 308 66.18 -8.64 -66.08
CA ILE A 308 67.40 -8.47 -65.30
C ILE A 308 68.54 -8.01 -66.20
N MET A 309 69.52 -7.36 -65.59
CA MET A 309 70.73 -6.93 -66.31
C MET A 309 71.95 -7.09 -65.42
N ASP B 26 -10.49 -1.36 -62.43
CA ASP B 26 -10.77 -0.24 -63.34
C ASP B 26 -11.74 0.75 -62.70
N PHE B 27 -12.98 0.29 -62.50
CA PHE B 27 -14.03 1.19 -62.03
C PHE B 27 -14.06 1.29 -60.51
N SER B 28 -13.33 0.44 -59.79
CA SER B 28 -13.41 0.43 -58.34
C SER B 28 -12.90 1.73 -57.74
N ILE B 29 -11.82 2.27 -58.30
CA ILE B 29 -11.30 3.55 -57.82
C ILE B 29 -12.35 4.64 -58.00
N THR B 30 -13.10 4.60 -59.10
CA THR B 30 -14.11 5.62 -59.33
C THR B 30 -15.22 5.55 -58.28
N GLN B 31 -15.72 4.35 -57.98
CA GLN B 31 -16.73 4.21 -56.94
C GLN B 31 -16.19 4.67 -55.60
N PHE B 32 -14.97 4.25 -55.27
CA PHE B 32 -14.39 4.64 -53.98
C PHE B 32 -14.30 6.15 -53.85
N VAL B 33 -13.80 6.82 -54.88
CA VAL B 33 -13.63 8.26 -54.82
C VAL B 33 -14.98 8.95 -54.78
N ARG B 34 -15.96 8.43 -55.53
CA ARG B 34 -17.28 9.05 -55.55
C ARG B 34 -17.98 8.94 -54.21
N ASN B 35 -17.88 7.78 -53.55
CA ASN B 35 -18.53 7.61 -52.26
C ASN B 35 -18.05 8.64 -51.24
N LEU B 36 -16.82 9.10 -51.39
CA LEU B 36 -16.26 10.10 -50.48
C LEU B 36 -16.62 11.53 -50.86
N GLY B 37 -17.26 11.73 -52.01
CA GLY B 37 -17.55 13.08 -52.46
C GLY B 37 -16.38 13.80 -53.06
N LEU B 38 -15.38 13.06 -53.54
CA LEU B 38 -14.16 13.64 -54.10
C LEU B 38 -14.03 13.39 -55.60
N GLU B 39 -15.14 13.44 -56.34
CA GLU B 39 -15.09 13.11 -57.75
C GLU B 39 -14.21 14.08 -58.53
N HIS B 40 -14.14 15.35 -58.09
CA HIS B 40 -13.34 16.34 -58.81
C HIS B 40 -11.86 15.97 -58.85
N LEU B 41 -11.40 15.07 -57.99
CA LEU B 41 -10.01 14.65 -58.01
C LEU B 41 -9.73 13.59 -59.07
N MET B 42 -10.77 13.06 -59.72
CA MET B 42 -10.57 11.93 -60.61
C MET B 42 -9.63 12.26 -61.75
N ASP B 43 -9.70 13.48 -62.29
CA ASP B 43 -8.83 13.86 -63.39
C ASP B 43 -7.36 13.66 -63.02
N ILE B 44 -7.02 13.85 -61.75
CA ILE B 44 -5.66 13.56 -61.29
C ILE B 44 -5.43 12.06 -61.27
N PHE B 45 -6.31 11.33 -60.61
CA PHE B 45 -6.12 9.89 -60.48
C PHE B 45 -6.04 9.23 -61.85
N GLU B 46 -6.81 9.74 -62.82
CA GLU B 46 -6.75 9.20 -64.17
C GLU B 46 -5.42 9.51 -64.83
N ARG B 47 -4.93 10.74 -64.66
CA ARG B 47 -3.71 11.13 -65.36
C ARG B 47 -2.48 10.44 -64.78
N GLU B 48 -2.48 10.19 -63.48
CA GLU B 48 -1.39 9.51 -62.81
C GLU B 48 -1.56 7.99 -62.75
N GLN B 49 -2.62 7.45 -63.35
CA GLN B 49 -2.85 6.01 -63.42
C GLN B 49 -2.92 5.40 -62.02
N ILE B 50 -3.61 6.08 -61.11
CA ILE B 50 -3.77 5.60 -59.75
C ILE B 50 -4.95 4.65 -59.70
N THR B 51 -4.69 3.37 -59.49
CA THR B 51 -5.73 2.39 -59.26
C THR B 51 -5.92 2.21 -57.77
N LEU B 52 -6.99 1.49 -57.41
CA LEU B 52 -7.32 1.36 -56.00
C LEU B 52 -6.22 0.66 -55.21
N ASP B 53 -5.61 -0.37 -55.79
CA ASP B 53 -4.51 -1.06 -55.12
C ASP B 53 -3.32 -0.14 -54.89
N VAL B 54 -3.08 0.82 -55.79
CA VAL B 54 -2.05 1.83 -55.55
C VAL B 54 -2.50 2.78 -54.45
N LEU B 55 -3.76 3.23 -54.51
CA LEU B 55 -4.24 4.22 -53.57
C LEU B 55 -4.20 3.72 -52.14
N VAL B 56 -4.39 2.42 -51.93
CA VAL B 56 -4.38 1.92 -50.57
C VAL B 56 -3.01 1.97 -49.92
N GLU B 57 -1.95 2.16 -50.70
CA GLU B 57 -0.60 2.21 -50.16
C GLU B 57 -0.03 3.62 -50.08
N MET B 58 -0.79 4.64 -50.43
CA MET B 58 -0.31 6.01 -50.43
C MET B 58 -0.72 6.70 -49.13
N GLY B 59 0.21 7.48 -48.58
CA GLY B 59 -0.03 8.28 -47.41
C GLY B 59 -0.07 9.77 -47.73
N HIS B 60 0.09 10.57 -46.68
CA HIS B 60 0.08 12.01 -46.86
C HIS B 60 1.20 12.45 -47.79
N LYS B 61 2.39 11.88 -47.63
CA LYS B 61 3.53 12.27 -48.45
C LYS B 61 3.29 11.96 -49.93
N GLU B 62 2.92 10.71 -50.23
CA GLU B 62 2.73 10.32 -51.62
C GLU B 62 1.56 11.07 -52.25
N LEU B 63 0.46 11.24 -51.51
CA LEU B 63 -0.68 11.97 -52.05
C LEU B 63 -0.31 13.42 -52.33
N LYS B 64 0.47 14.03 -51.43
CA LYS B 64 0.93 15.39 -51.66
C LYS B 64 1.85 15.48 -52.86
N GLU B 65 2.60 14.40 -53.15
CA GLU B 65 3.47 14.40 -54.32
C GLU B 65 2.67 14.45 -55.61
N ILE B 66 1.59 13.67 -55.72
CA ILE B 66 0.87 13.59 -56.99
C ILE B 66 -0.05 14.78 -57.23
N GLY B 67 -0.27 15.63 -56.24
CA GLY B 67 -1.00 16.86 -56.44
C GLY B 67 -2.22 17.06 -55.58
N ILE B 68 -2.46 16.20 -54.59
CA ILE B 68 -3.56 16.42 -53.64
C ILE B 68 -3.05 17.39 -52.58
N ASN B 69 -3.31 18.67 -52.77
CA ASN B 69 -2.68 19.70 -51.96
C ASN B 69 -3.43 19.98 -50.68
N ALA B 70 -4.76 19.90 -50.70
CA ALA B 70 -5.54 20.16 -49.50
C ALA B 70 -5.33 19.06 -48.48
N TYR B 71 -5.20 19.44 -47.21
CA TYR B 71 -5.07 18.44 -46.15
C TYR B 71 -6.35 17.67 -45.94
N GLY B 72 -7.50 18.34 -46.09
CA GLY B 72 -8.77 17.67 -45.86
C GLY B 72 -9.00 16.52 -46.83
N HIS B 73 -8.64 16.71 -48.10
CA HIS B 73 -8.80 15.65 -49.08
C HIS B 73 -7.94 14.44 -48.74
N ARG B 74 -6.67 14.67 -48.41
CA ARG B 74 -5.79 13.57 -48.07
C ARG B 74 -6.29 12.85 -46.82
N HIS B 75 -6.77 13.61 -45.85
CA HIS B 75 -7.33 13.03 -44.64
C HIS B 75 -8.49 12.11 -44.96
N LYS B 76 -9.41 12.57 -45.81
CA LYS B 76 -10.57 11.76 -46.15
C LYS B 76 -10.18 10.52 -46.92
N LEU B 77 -9.24 10.64 -47.87
CA LEU B 77 -8.80 9.46 -48.61
C LEU B 77 -8.17 8.43 -47.69
N ILE B 78 -7.33 8.88 -46.77
CA ILE B 78 -6.64 7.94 -45.88
C ILE B 78 -7.64 7.28 -44.94
N LYS B 79 -8.61 8.03 -44.43
CA LYS B 79 -9.61 7.43 -43.56
C LYS B 79 -10.50 6.45 -44.32
N GLY B 80 -10.82 6.75 -45.58
CA GLY B 80 -11.56 5.79 -46.39
C GLY B 80 -10.78 4.52 -46.62
N VAL B 81 -9.49 4.63 -46.89
CA VAL B 81 -8.66 3.44 -47.07
C VAL B 81 -8.61 2.63 -45.78
N GLU B 82 -8.54 3.32 -44.64
CA GLU B 82 -8.56 2.60 -43.35
C GLU B 82 -9.87 1.86 -43.15
N ARG B 83 -11.00 2.50 -43.46
CA ARG B 83 -12.29 1.86 -43.29
C ARG B 83 -12.45 0.66 -44.22
N LEU B 84 -11.83 0.71 -45.40
CA LEU B 84 -11.92 -0.42 -46.31
C LEU B 84 -11.00 -1.56 -45.87
N ILE B 85 -9.71 -1.27 -45.70
CA ILE B 85 -8.72 -2.32 -45.49
C ILE B 85 -8.78 -2.86 -44.07
N SER B 86 -8.87 -1.99 -43.08
CA SER B 86 -8.89 -2.43 -41.68
C SER B 86 -10.31 -2.67 -41.18
N GLY B 87 -11.27 -1.86 -41.63
CA GLY B 87 -12.63 -2.00 -41.16
C GLY B 87 -13.28 -3.32 -41.56
N GLN B 88 -12.98 -3.80 -42.77
CA GLN B 88 -13.59 -5.01 -43.30
C GLN B 88 -12.56 -6.10 -43.52
N GLN B 89 -11.65 -6.28 -42.57
CA GLN B 89 -10.57 -7.25 -42.75
C GLN B 89 -11.12 -8.66 -42.97
N GLY B 90 -12.27 -8.98 -42.39
CA GLY B 90 -12.84 -10.31 -42.54
C GLY B 90 -13.18 -10.68 -43.97
N LEU B 91 -13.41 -9.69 -44.83
CA LEU B 91 -13.60 -9.94 -46.25
C LEU B 91 -12.28 -10.01 -47.02
N ASN B 92 -11.17 -9.63 -46.38
CA ASN B 92 -9.85 -9.64 -47.01
C ASN B 92 -9.84 -8.95 -48.37
N PRO B 93 -10.29 -7.71 -48.45
CA PRO B 93 -10.20 -6.98 -49.72
C PRO B 93 -8.78 -6.74 -50.16
N TYR B 94 -7.86 -6.59 -49.20
CA TYR B 94 -6.46 -6.34 -49.52
C TYR B 94 -5.84 -7.48 -50.31
N LEU B 95 -6.36 -8.69 -50.17
CA LEU B 95 -5.86 -9.83 -50.92
C LEU B 95 -6.52 -9.95 -52.30
N THR B 96 -7.76 -9.48 -52.46
CA THR B 96 -8.30 -9.30 -53.80
C THR B 96 -7.49 -8.26 -54.56
N LEU B 97 -7.15 -7.16 -53.90
CA LEU B 97 -6.08 -6.30 -54.36
C LEU B 97 -4.75 -7.02 -54.13
N ASN B 98 -3.69 -6.48 -54.72
CA ASN B 98 -2.36 -7.05 -54.61
C ASN B 98 -2.24 -8.43 -55.25
N THR B 99 -3.21 -8.82 -56.08
CA THR B 99 -3.02 -10.01 -56.89
C THR B 99 -1.99 -9.77 -57.98
N SER B 100 -1.96 -8.55 -58.51
CA SER B 100 -0.97 -8.20 -59.52
C SER B 100 0.43 -8.19 -58.91
N GLY B 101 1.42 -8.59 -59.71
CA GLY B 101 2.79 -8.65 -59.26
C GLY B 101 3.22 -9.99 -58.72
N SER B 102 2.28 -10.88 -58.40
CA SER B 102 2.64 -12.20 -57.95
C SER B 102 3.08 -13.06 -59.13
N GLY B 103 3.70 -14.19 -58.82
CA GLY B 103 4.12 -15.14 -59.83
C GLY B 103 5.62 -15.37 -59.83
N THR B 104 6.02 -16.35 -60.62
CA THR B 104 7.41 -16.78 -60.68
C THR B 104 8.19 -15.97 -61.70
N ILE B 105 9.48 -15.81 -61.42
CA ILE B 105 10.40 -15.12 -62.31
C ILE B 105 11.65 -15.97 -62.44
N LEU B 106 12.21 -16.03 -63.65
CA LEU B 106 13.44 -16.75 -63.92
C LEU B 106 14.53 -15.74 -64.24
N ILE B 107 15.62 -15.78 -63.46
CA ILE B 107 16.73 -14.86 -63.63
C ILE B 107 17.90 -15.68 -64.15
N ASP B 108 18.43 -15.30 -65.32
CA ASP B 108 19.47 -16.08 -65.97
C ASP B 108 20.82 -15.82 -65.30
N LEU B 109 21.53 -16.89 -64.96
CA LEU B 109 22.86 -16.75 -64.39
C LEU B 109 23.88 -16.57 -65.51
N SER B 110 24.78 -15.62 -65.33
CA SER B 110 25.83 -15.39 -66.31
C SER B 110 26.83 -16.55 -66.27
N PRO B 111 27.24 -17.10 -67.41
CA PRO B 111 28.17 -18.24 -67.38
C PRO B 111 29.51 -17.94 -66.73
N ASP B 112 29.91 -16.67 -66.65
CA ASP B 112 31.18 -16.32 -66.02
C ASP B 112 31.08 -16.21 -64.51
N ASP B 113 29.88 -16.14 -63.95
CA ASP B 113 29.74 -15.94 -62.51
C ASP B 113 30.10 -17.22 -61.75
N LYS B 114 30.64 -17.03 -60.54
CA LYS B 114 30.98 -18.18 -59.71
C LYS B 114 29.74 -19.00 -59.35
N GLU B 115 28.58 -18.38 -59.28
CA GLU B 115 27.36 -19.12 -59.00
C GLU B 115 27.09 -20.17 -60.07
N PHE B 116 27.08 -19.74 -61.33
CA PHE B 116 26.91 -20.67 -62.44
C PHE B 116 27.96 -21.77 -62.40
N GLN B 117 29.22 -21.39 -62.16
CA GLN B 117 30.29 -22.37 -62.17
C GLN B 117 30.13 -23.40 -61.07
N SER B 118 29.73 -22.96 -59.87
CA SER B 118 29.55 -23.90 -58.76
C SER B 118 28.39 -24.84 -59.02
N VAL B 119 27.27 -24.33 -59.51
CA VAL B 119 26.14 -25.19 -59.83
C VAL B 119 26.54 -26.21 -60.89
N GLU B 120 27.23 -25.76 -61.94
CA GLU B 120 27.66 -26.68 -62.99
C GLU B 120 28.66 -27.69 -62.46
N GLU B 121 29.55 -27.26 -61.57
CA GLU B 121 30.56 -28.18 -61.03
C GLU B 121 29.92 -29.29 -60.23
N GLU B 122 28.93 -28.97 -59.41
CA GLU B 122 28.25 -30.02 -58.65
C GLU B 122 27.25 -30.81 -59.49
N MET B 123 26.84 -30.29 -60.65
CA MET B 123 26.13 -31.12 -61.61
C MET B 123 27.08 -32.14 -62.22
N GLN B 124 28.26 -31.70 -62.64
CA GLN B 124 29.17 -32.57 -63.39
C GLN B 124 29.87 -33.57 -62.49
N SER B 125 30.13 -33.20 -61.24
CA SER B 125 30.91 -34.04 -60.35
C SER B 125 30.09 -35.10 -59.63
N THR B 126 28.78 -35.13 -59.84
CA THR B 126 27.90 -36.09 -59.17
C THR B 126 27.41 -37.17 -60.11
N VAL B 127 27.90 -37.22 -61.35
CA VAL B 127 27.53 -38.28 -62.26
C VAL B 127 28.13 -39.59 -61.77
N ARG B 128 27.31 -40.64 -61.72
CA ARG B 128 27.75 -41.92 -61.19
C ARG B 128 27.00 -43.04 -61.89
N GLU B 129 27.60 -44.23 -61.87
CA GLU B 129 27.00 -45.39 -62.50
C GLU B 129 25.87 -45.94 -61.64
N HIS B 130 24.92 -46.59 -62.30
CA HIS B 130 23.74 -47.15 -61.67
C HIS B 130 23.70 -48.66 -61.87
N ARG B 131 22.77 -49.30 -61.15
CA ARG B 131 22.62 -50.74 -61.28
C ARG B 131 22.09 -51.13 -62.65
N ASP B 132 21.17 -50.34 -63.21
CA ASP B 132 20.69 -50.59 -64.56
C ASP B 132 21.73 -50.12 -65.57
N GLY B 133 21.73 -50.77 -66.73
CA GLY B 133 22.68 -50.44 -67.78
C GLY B 133 22.32 -49.16 -68.51
N GLY B 134 22.17 -48.06 -67.76
CA GLY B 134 21.82 -46.80 -68.37
C GLY B 134 20.47 -46.77 -69.04
N HIS B 135 19.57 -47.67 -68.65
CA HIS B 135 18.27 -47.76 -69.31
C HIS B 135 17.37 -46.59 -68.94
N ALA B 136 17.30 -46.25 -67.65
CA ALA B 136 16.35 -45.25 -67.20
C ALA B 136 16.78 -43.83 -67.56
N GLY B 137 18.07 -43.52 -67.41
CA GLY B 137 18.53 -42.16 -67.62
C GLY B 137 19.22 -41.94 -68.95
N GLY B 138 19.91 -42.96 -69.44
CA GLY B 138 20.67 -42.88 -70.67
C GLY B 138 22.14 -43.24 -70.47
N ILE B 139 22.84 -43.29 -71.59
CA ILE B 139 24.26 -43.60 -71.62
C ILE B 139 25.02 -42.29 -71.75
N PHE B 140 25.73 -41.89 -70.69
CA PHE B 140 26.42 -40.62 -70.69
C PHE B 140 27.48 -40.63 -69.60
N ASN B 141 28.38 -39.64 -69.68
CA ASN B 141 29.39 -39.41 -68.66
C ASN B 141 29.39 -38.00 -68.11
N ARG B 142 28.78 -37.04 -68.80
CA ARG B 142 28.73 -35.66 -68.35
C ARG B 142 27.63 -34.96 -69.11
N TYR B 143 27.37 -33.70 -68.75
CA TYR B 143 26.29 -32.92 -69.31
C TYR B 143 26.81 -31.71 -70.06
N ASN B 144 26.02 -31.27 -71.04
CA ASN B 144 26.19 -29.98 -71.70
C ASN B 144 25.11 -29.07 -71.15
N ILE B 145 25.50 -28.02 -70.44
CA ILE B 145 24.58 -27.14 -69.74
C ILE B 145 24.29 -25.94 -70.64
N LEU B 146 23.01 -25.70 -70.91
CA LEU B 146 22.64 -24.55 -71.73
C LEU B 146 22.35 -23.32 -70.87
N LYS B 147 21.48 -23.46 -69.87
CA LYS B 147 21.13 -22.33 -69.02
C LYS B 147 20.93 -22.80 -67.59
N ILE B 148 21.21 -21.90 -66.65
CA ILE B 148 20.86 -22.06 -65.25
C ILE B 148 20.13 -20.80 -64.83
N GLN B 149 18.95 -20.98 -64.22
CA GLN B 149 18.07 -19.86 -63.92
C GLN B 149 17.63 -19.92 -62.47
N LYS B 150 17.86 -18.83 -61.75
CA LYS B 150 17.34 -18.68 -60.39
C LYS B 150 15.83 -18.48 -60.46
N VAL B 151 15.10 -19.25 -59.67
CA VAL B 151 13.64 -19.15 -59.60
C VAL B 151 13.28 -18.26 -58.42
N CYS B 152 12.47 -17.25 -58.67
CA CYS B 152 12.09 -16.27 -57.66
C CYS B 152 10.58 -16.22 -57.56
N ASN B 153 10.04 -16.44 -56.35
CA ASN B 153 8.62 -16.36 -56.10
C ASN B 153 8.44 -16.01 -54.63
N LYS B 154 7.77 -14.88 -54.35
CA LYS B 154 7.72 -14.40 -52.99
C LYS B 154 6.88 -15.32 -52.11
N LYS B 155 5.68 -15.68 -52.55
CA LYS B 155 4.78 -16.45 -51.69
C LYS B 155 5.32 -17.84 -51.42
N LEU B 156 5.89 -18.50 -52.43
CA LEU B 156 6.49 -19.81 -52.20
C LEU B 156 7.66 -19.71 -51.23
N TRP B 157 8.47 -18.67 -51.38
CA TRP B 157 9.60 -18.47 -50.46
C TRP B 157 9.11 -18.24 -49.03
N GLU B 158 8.04 -17.47 -48.85
CA GLU B 158 7.52 -17.23 -47.51
C GLU B 158 6.93 -18.51 -46.90
N ARG B 159 6.24 -19.31 -47.71
CA ARG B 159 5.78 -20.61 -47.22
C ARG B 159 6.96 -21.46 -46.76
N TYR B 160 8.01 -21.52 -47.58
CA TYR B 160 9.17 -22.33 -47.25
C TYR B 160 9.82 -21.83 -45.96
N THR B 161 9.94 -20.52 -45.80
CA THR B 161 10.63 -20.00 -44.63
C THR B 161 9.80 -20.18 -43.36
N HIS B 162 8.47 -20.08 -43.46
CA HIS B 162 7.64 -20.35 -42.30
C HIS B 162 7.80 -21.79 -41.85
N ARG B 163 7.80 -22.72 -42.80
CA ARG B 163 8.00 -24.12 -42.41
C ARG B 163 9.41 -24.37 -41.87
N ARG B 164 10.42 -23.73 -42.47
CA ARG B 164 11.78 -23.86 -41.98
C ARG B 164 11.91 -23.36 -40.55
N LYS B 165 11.27 -22.23 -40.25
CA LYS B 165 11.24 -21.73 -38.89
C LYS B 165 10.63 -22.77 -37.95
N GLU B 166 9.48 -23.33 -38.33
CA GLU B 166 8.86 -24.34 -37.48
C GLU B 166 9.81 -25.49 -37.20
N VAL B 167 10.41 -26.05 -38.26
CA VAL B 167 11.28 -27.21 -38.10
C VAL B 167 12.45 -26.86 -37.21
N SER B 168 13.08 -25.71 -37.44
CA SER B 168 14.24 -25.33 -36.64
C SER B 168 13.86 -25.19 -35.17
N GLU B 169 12.73 -24.56 -34.87
CA GLU B 169 12.31 -24.47 -33.47
C GLU B 169 12.04 -25.85 -32.88
N GLU B 170 11.67 -26.82 -33.70
CA GLU B 170 11.46 -28.18 -33.21
C GLU B 170 12.73 -29.02 -33.14
N ASN B 171 13.87 -28.50 -33.60
CA ASN B 171 15.08 -29.29 -33.84
C ASN B 171 16.29 -28.56 -33.25
N HIS B 172 16.18 -28.12 -32.00
CA HIS B 172 17.23 -27.36 -31.31
C HIS B 172 17.80 -26.28 -32.22
N ASN B 173 16.90 -25.50 -32.81
CA ASN B 173 17.24 -24.30 -33.57
C ASN B 173 18.10 -24.62 -34.80
N HIS B 174 17.89 -25.77 -35.41
CA HIS B 174 18.65 -26.17 -36.60
C HIS B 174 17.72 -26.72 -37.65
N ALA B 175 17.73 -26.12 -38.84
CA ALA B 175 16.84 -26.52 -39.92
C ALA B 175 17.38 -27.72 -40.70
N ASN B 176 18.67 -28.00 -40.61
CA ASN B 176 19.29 -29.09 -41.37
C ASN B 176 19.00 -28.91 -42.87
N GLU B 177 19.12 -27.69 -43.34
CA GLU B 177 18.80 -27.36 -44.72
C GLU B 177 19.89 -27.86 -45.65
N ARG B 178 19.50 -28.59 -46.69
CA ARG B 178 20.40 -29.15 -47.67
C ARG B 178 20.05 -28.63 -49.06
N MET B 179 20.95 -28.86 -50.00
CA MET B 179 20.73 -28.57 -51.42
C MET B 179 20.74 -29.90 -52.16
N LEU B 180 19.65 -30.21 -52.86
CA LEU B 180 19.48 -31.54 -53.44
C LEU B 180 18.86 -31.45 -54.83
N PHE B 181 19.03 -32.53 -55.58
CA PHE B 181 18.52 -32.61 -56.95
C PHE B 181 17.15 -33.25 -56.99
N HIS B 182 16.34 -32.80 -57.96
CA HIS B 182 15.01 -33.35 -58.17
C HIS B 182 14.72 -33.41 -59.66
N GLY B 183 14.15 -34.54 -60.08
CA GLY B 183 13.78 -34.74 -61.46
C GLY B 183 12.35 -35.22 -61.60
N SER B 184 11.62 -34.67 -62.57
CA SER B 184 10.21 -34.97 -62.74
C SER B 184 9.75 -34.39 -64.06
N PRO B 185 8.68 -34.93 -64.67
CA PRO B 185 8.12 -34.28 -65.86
C PRO B 185 7.28 -33.05 -65.53
N PHE B 186 6.98 -32.80 -64.27
CA PHE B 186 6.12 -31.70 -63.86
C PHE B 186 6.89 -30.52 -63.29
N VAL B 187 8.14 -30.32 -63.71
CA VAL B 187 8.95 -29.22 -63.19
C VAL B 187 8.28 -27.88 -63.47
N ASN B 188 7.74 -27.74 -64.68
CA ASN B 188 7.11 -26.48 -65.05
C ASN B 188 5.98 -26.13 -64.11
N ALA B 189 5.19 -27.12 -63.68
CA ALA B 189 4.12 -26.86 -62.73
C ALA B 189 4.67 -26.57 -61.34
N ILE B 190 5.79 -27.20 -61.00
CA ILE B 190 6.37 -27.03 -59.67
C ILE B 190 6.83 -25.59 -59.49
N ILE B 191 7.53 -25.05 -60.50
CA ILE B 191 8.12 -23.72 -60.35
C ILE B 191 7.09 -22.61 -60.27
N HIS B 192 5.82 -22.92 -60.53
CA HIS B 192 4.74 -21.95 -60.40
C HIS B 192 3.87 -22.22 -59.18
N LYS B 193 3.52 -23.47 -58.94
CA LYS B 193 2.70 -23.86 -57.80
C LYS B 193 3.52 -24.25 -56.58
N GLY B 194 4.80 -24.54 -56.75
CA GLY B 194 5.61 -25.07 -55.68
C GLY B 194 5.45 -26.57 -55.54
N PHE B 195 6.26 -27.15 -54.67
CA PHE B 195 6.14 -28.56 -54.39
C PHE B 195 4.84 -28.83 -53.64
N ASP B 196 4.23 -29.98 -53.95
CA ASP B 196 2.88 -30.28 -53.46
C ASP B 196 2.83 -31.77 -53.14
N GLU B 197 2.73 -32.11 -51.86
CA GLU B 197 2.68 -33.51 -51.46
C GLU B 197 1.44 -34.21 -52.00
N ARG B 198 0.44 -33.46 -52.45
CA ARG B 198 -0.76 -34.06 -53.00
C ARG B 198 -0.52 -34.71 -54.35
N HIS B 199 0.63 -34.46 -54.98
CA HIS B 199 1.06 -35.15 -56.18
C HIS B 199 2.22 -36.10 -55.88
N ALA B 200 2.21 -36.74 -54.72
CA ALA B 200 3.37 -37.46 -54.24
C ALA B 200 3.62 -38.72 -55.06
N TYR B 201 4.86 -39.22 -54.97
CA TYR B 201 5.28 -40.43 -55.66
C TYR B 201 4.86 -41.62 -54.80
N ILE B 202 3.62 -42.08 -55.02
CA ILE B 202 3.02 -43.09 -54.15
C ILE B 202 3.75 -44.42 -54.26
N GLY B 203 4.28 -44.75 -55.44
CA GLY B 203 4.99 -45.99 -55.66
C GLY B 203 6.46 -45.97 -55.29
N GLY B 204 6.93 -44.92 -54.62
CA GLY B 204 8.33 -44.83 -54.29
C GLY B 204 8.75 -45.85 -53.26
N MET B 205 10.07 -45.94 -53.06
CA MET B 205 10.61 -46.90 -52.10
C MET B 205 10.19 -46.57 -50.68
N PHE B 206 9.99 -45.29 -50.37
CA PHE B 206 9.64 -44.86 -49.02
C PHE B 206 8.26 -44.20 -48.96
N GLY B 207 7.32 -44.64 -49.80
CA GLY B 207 5.95 -44.20 -49.66
C GLY B 207 5.64 -42.95 -50.47
N ALA B 208 4.57 -42.28 -50.03
CA ALA B 208 4.00 -41.15 -50.77
C ALA B 208 4.68 -39.85 -50.35
N GLY B 209 5.91 -39.68 -50.85
CA GLY B 209 6.70 -38.51 -50.56
C GLY B 209 7.31 -37.89 -51.80
N ILE B 210 7.98 -36.76 -51.57
CA ILE B 210 8.75 -36.05 -52.58
C ILE B 210 10.20 -36.45 -52.41
N TYR B 211 10.84 -36.87 -53.50
CA TYR B 211 12.15 -37.51 -53.47
C TYR B 211 13.22 -36.56 -53.98
N PHE B 212 14.37 -36.56 -53.31
CA PHE B 212 15.53 -35.77 -53.68
C PHE B 212 16.76 -36.67 -53.63
N ALA B 213 17.70 -36.37 -54.51
CA ALA B 213 18.90 -37.20 -54.68
C ALA B 213 20.14 -36.36 -54.43
N GLU B 214 21.14 -36.99 -53.81
CA GLU B 214 22.44 -36.34 -53.63
C GLU B 214 23.21 -36.26 -54.94
N ASN B 215 22.94 -37.14 -55.89
CA ASN B 215 23.64 -37.17 -57.17
C ASN B 215 22.69 -36.75 -58.28
N SER B 216 23.15 -35.87 -59.15
CA SER B 216 22.31 -35.39 -60.25
C SER B 216 21.96 -36.52 -61.20
N SER B 217 22.88 -37.47 -61.38
CA SER B 217 22.64 -38.58 -62.30
C SER B 217 21.48 -39.46 -61.86
N LYS B 218 21.12 -39.43 -60.57
CA LYS B 218 19.96 -40.20 -60.14
C LYS B 218 18.66 -39.44 -60.39
N SER B 219 18.65 -38.13 -60.17
CA SER B 219 17.48 -37.35 -60.51
C SER B 219 17.24 -37.32 -62.01
N ASN B 220 18.30 -37.44 -62.81
CA ASN B 220 18.15 -37.48 -64.25
C ASN B 220 17.30 -38.67 -64.69
N GLN B 221 17.23 -39.72 -63.86
CA GLN B 221 16.40 -40.87 -64.20
C GLN B 221 14.93 -40.51 -64.32
N TYR B 222 14.49 -39.45 -63.64
CA TYR B 222 13.08 -39.17 -63.49
C TYR B 222 12.61 -37.92 -64.21
N VAL B 223 13.38 -37.41 -65.17
CA VAL B 223 12.95 -36.22 -65.89
C VAL B 223 11.88 -36.54 -66.91
N TYR B 224 11.78 -37.81 -67.33
CA TYR B 224 10.76 -38.24 -68.29
C TYR B 224 9.83 -39.28 -67.70
N GLY B 225 9.53 -39.19 -66.41
CA GLY B 225 8.60 -40.08 -65.76
C GLY B 225 9.31 -41.20 -65.01
N ILE B 226 8.50 -42.01 -64.34
CA ILE B 226 9.05 -43.11 -63.56
C ILE B 226 9.79 -44.06 -64.49
N GLY B 227 11.05 -44.33 -64.17
CA GLY B 227 11.85 -45.20 -65.01
C GLY B 227 12.04 -44.68 -66.42
N GLY B 228 12.03 -43.36 -66.60
CA GLY B 228 12.16 -42.78 -67.92
C GLY B 228 10.91 -42.82 -68.76
N GLY B 229 9.84 -43.45 -68.28
CA GLY B 229 8.61 -43.48 -69.04
C GLY B 229 8.86 -44.03 -70.43
N THR B 230 8.28 -43.38 -71.43
CA THR B 230 8.48 -43.73 -72.82
C THR B 230 9.59 -42.93 -73.46
N GLY B 231 10.39 -42.21 -72.66
CA GLY B 231 11.45 -41.39 -73.19
C GLY B 231 10.99 -39.99 -73.54
N CYS B 232 11.84 -39.30 -74.29
CA CYS B 232 11.53 -37.94 -74.67
C CYS B 232 10.28 -37.92 -75.56
N PRO B 233 9.45 -36.87 -75.48
CA PRO B 233 8.21 -36.88 -76.26
C PRO B 233 8.42 -37.02 -77.76
N VAL B 234 9.45 -36.39 -78.31
CA VAL B 234 9.57 -36.29 -79.76
C VAL B 234 10.07 -37.60 -80.37
N HIS B 235 10.96 -38.30 -79.68
CA HIS B 235 11.60 -39.49 -80.24
C HIS B 235 11.27 -40.78 -79.51
N LYS B 236 10.63 -40.71 -78.34
CA LYS B 236 10.34 -41.90 -77.55
C LYS B 236 11.63 -42.65 -77.17
N ASP B 237 12.73 -41.92 -77.10
CA ASP B 237 14.03 -42.48 -76.74
C ASP B 237 14.41 -41.97 -75.36
N ARG B 238 14.72 -42.89 -74.45
CA ARG B 238 15.09 -42.51 -73.09
C ARG B 238 16.48 -41.92 -73.01
N SER B 239 17.37 -42.27 -73.93
CA SER B 239 18.73 -41.79 -73.94
C SER B 239 18.95 -40.68 -74.97
N CYS B 240 17.90 -39.99 -75.38
CA CYS B 240 18.01 -39.02 -76.45
C CYS B 240 19.02 -37.94 -76.10
N TYR B 241 19.91 -37.63 -77.05
CA TYR B 241 20.85 -36.53 -76.89
C TYR B 241 20.40 -35.27 -77.60
N ILE B 242 19.20 -35.25 -78.17
CA ILE B 242 18.75 -34.12 -78.98
C ILE B 242 17.88 -33.16 -78.19
N CYS B 243 17.02 -33.69 -77.31
CA CYS B 243 16.02 -32.88 -76.63
C CYS B 243 16.61 -32.25 -75.38
N HIS B 244 16.11 -31.07 -75.03
CA HIS B 244 16.55 -30.35 -73.84
C HIS B 244 15.82 -30.91 -72.62
N ARG B 245 16.59 -31.39 -71.65
CA ARG B 245 16.03 -31.83 -70.38
C ARG B 245 16.04 -30.68 -69.37
N GLN B 246 15.43 -30.94 -68.21
CA GLN B 246 15.41 -29.97 -67.13
C GLN B 246 15.43 -30.68 -65.79
N LEU B 247 16.21 -30.14 -64.86
CA LEU B 247 16.34 -30.63 -63.50
C LEU B 247 16.15 -29.46 -62.54
N LEU B 248 15.81 -29.76 -61.29
CA LEU B 248 15.68 -28.74 -60.26
C LEU B 248 16.72 -28.97 -59.18
N PHE B 249 17.37 -27.89 -58.74
CA PHE B 249 18.26 -27.92 -57.61
C PHE B 249 17.59 -27.10 -56.50
N CYS B 250 17.39 -27.72 -55.34
CA CYS B 250 16.37 -27.27 -54.40
C CYS B 250 16.92 -27.16 -52.99
N ARG B 251 16.44 -26.14 -52.27
CA ARG B 251 16.62 -26.05 -50.83
C ARG B 251 15.61 -26.97 -50.15
N VAL B 252 16.09 -27.89 -49.32
CA VAL B 252 15.23 -28.87 -48.67
C VAL B 252 15.49 -28.80 -47.18
N THR B 253 14.45 -28.49 -46.41
CA THR B 253 14.52 -28.52 -44.95
C THR B 253 14.30 -29.95 -44.50
N LEU B 254 15.36 -30.59 -43.99
CA LEU B 254 15.26 -31.97 -43.57
C LEU B 254 14.98 -32.14 -42.08
N GLY B 255 15.19 -31.10 -41.28
CA GLY B 255 14.89 -31.21 -39.86
C GLY B 255 15.61 -32.37 -39.23
N LYS B 256 14.89 -33.14 -38.41
CA LYS B 256 15.40 -34.38 -37.86
C LYS B 256 15.02 -35.52 -38.81
N SER B 257 15.98 -35.97 -39.61
CA SER B 257 15.71 -36.97 -40.62
C SER B 257 15.81 -38.37 -40.05
N PHE B 258 14.95 -39.26 -40.53
CA PHE B 258 14.88 -40.64 -40.05
C PHE B 258 15.65 -41.53 -41.02
N LEU B 259 16.63 -42.26 -40.50
CA LEU B 259 17.49 -43.11 -41.31
C LEU B 259 16.92 -44.51 -41.42
N GLN B 260 16.89 -45.02 -42.64
CA GLN B 260 16.37 -46.35 -42.91
C GLN B 260 17.11 -46.93 -44.11
N PHE B 261 17.21 -48.26 -44.17
CA PHE B 261 18.07 -48.94 -45.10
C PHE B 261 17.34 -49.83 -46.10
N SER B 262 16.02 -50.02 -45.94
CA SER B 262 15.28 -50.90 -46.82
C SER B 262 13.92 -50.28 -47.11
N ALA B 263 13.21 -50.86 -48.07
CA ALA B 263 11.92 -50.33 -48.48
C ALA B 263 10.94 -50.36 -47.31
N MET B 264 10.15 -49.29 -47.18
CA MET B 264 9.09 -49.22 -46.18
C MET B 264 8.15 -48.10 -46.61
N LYS B 265 6.90 -48.44 -46.85
CA LYS B 265 5.96 -47.47 -47.37
C LYS B 265 5.35 -46.65 -46.24
N MET B 266 5.53 -45.33 -46.31
CA MET B 266 5.04 -44.41 -45.31
C MET B 266 4.21 -43.33 -45.99
N ALA B 267 3.07 -42.99 -45.39
CA ALA B 267 2.28 -41.87 -45.87
C ALA B 267 2.82 -40.54 -45.37
N HIS B 268 3.40 -40.54 -44.18
CA HIS B 268 3.88 -39.33 -43.54
C HIS B 268 5.23 -39.64 -42.90
N SER B 269 5.87 -38.60 -42.39
CA SER B 269 7.17 -38.76 -41.76
C SER B 269 7.00 -39.52 -40.45
N PRO B 270 8.01 -40.26 -40.02
CA PRO B 270 7.90 -41.02 -38.77
C PRO B 270 7.68 -40.09 -37.60
N PRO B 271 7.03 -40.55 -36.53
CA PRO B 271 6.83 -39.69 -35.37
C PRO B 271 8.14 -39.14 -34.84
N GLY B 272 8.15 -37.85 -34.51
CA GLY B 272 9.32 -37.19 -33.99
C GLY B 272 10.34 -36.76 -35.03
N HIS B 273 10.09 -37.01 -36.31
CA HIS B 273 11.03 -36.70 -37.37
C HIS B 273 10.32 -35.87 -38.43
N HIS B 274 11.11 -35.18 -39.26
CA HIS B 274 10.56 -34.29 -40.27
C HIS B 274 10.85 -34.73 -41.69
N SER B 275 11.56 -35.83 -41.87
CA SER B 275 11.90 -36.32 -43.21
C SER B 275 12.52 -37.69 -43.06
N VAL B 276 12.82 -38.32 -44.19
CA VAL B 276 13.40 -39.66 -44.22
C VAL B 276 14.67 -39.64 -45.05
N THR B 277 15.66 -40.42 -44.63
CA THR B 277 16.90 -40.58 -45.38
C THR B 277 17.05 -42.05 -45.76
N GLY B 278 17.11 -42.32 -47.05
CA GLY B 278 17.37 -43.65 -47.55
C GLY B 278 18.86 -43.88 -47.72
N ARG B 279 19.42 -44.74 -46.88
CA ARG B 279 20.86 -44.94 -46.82
C ARG B 279 21.28 -45.98 -47.85
N PRO B 280 22.42 -45.79 -48.53
CA PRO B 280 22.87 -46.81 -49.48
C PRO B 280 23.20 -48.11 -48.77
N SER B 281 23.02 -49.22 -49.48
CA SER B 281 23.33 -50.52 -48.91
C SER B 281 23.81 -51.44 -50.03
N VAL B 282 24.51 -52.51 -49.62
CA VAL B 282 25.02 -53.47 -50.60
C VAL B 282 23.87 -54.11 -51.36
N ASN B 283 22.88 -54.61 -50.64
CA ASN B 283 21.68 -55.18 -51.24
C ASN B 283 20.55 -54.16 -51.34
N GLY B 284 20.70 -52.98 -50.76
CA GLY B 284 19.67 -51.97 -50.79
C GLY B 284 19.93 -50.86 -51.80
N LEU B 285 19.82 -49.62 -51.35
CA LEU B 285 20.03 -48.48 -52.25
C LEU B 285 21.47 -48.43 -52.74
N ALA B 286 21.64 -48.15 -54.03
CA ALA B 286 22.96 -47.86 -54.56
C ALA B 286 23.42 -46.46 -54.20
N LEU B 287 22.49 -45.51 -54.15
CA LEU B 287 22.80 -44.12 -53.86
C LEU B 287 21.80 -43.59 -52.84
N ALA B 288 22.20 -42.55 -52.13
CA ALA B 288 21.39 -42.00 -51.04
C ALA B 288 20.14 -41.32 -51.58
N GLU B 289 19.11 -41.30 -50.74
CA GLU B 289 17.86 -40.61 -51.05
C GLU B 289 17.44 -39.76 -49.86
N TYR B 290 16.69 -38.69 -50.12
CA TYR B 290 16.04 -37.92 -49.07
C TYR B 290 14.59 -37.71 -49.46
N VAL B 291 13.69 -37.90 -48.51
CA VAL B 291 12.26 -37.86 -48.78
C VAL B 291 11.58 -36.93 -47.80
N ILE B 292 10.75 -36.03 -48.31
CA ILE B 292 9.94 -35.18 -47.46
C ILE B 292 8.47 -35.49 -47.74
N TYR B 293 7.65 -35.33 -46.70
CA TYR B 293 6.21 -35.58 -46.81
C TYR B 293 5.40 -34.30 -46.63
N ARG B 294 6.01 -33.15 -46.87
CA ARG B 294 5.34 -31.87 -46.78
C ARG B 294 5.81 -31.07 -47.98
N GLY B 295 4.89 -30.58 -48.79
CA GLY B 295 5.28 -29.83 -49.97
C GLY B 295 6.06 -28.57 -49.63
N GLU B 296 5.80 -27.98 -48.47
CA GLU B 296 6.37 -26.68 -48.11
C GLU B 296 7.74 -26.78 -47.45
N GLN B 297 8.33 -27.97 -47.32
CA GLN B 297 9.69 -28.10 -46.83
C GLN B 297 10.73 -28.08 -47.94
N ALA B 298 10.34 -27.73 -49.17
CA ALA B 298 11.28 -27.63 -50.27
C ALA B 298 11.00 -26.37 -51.09
N TYR B 299 12.05 -25.87 -51.73
CA TYR B 299 11.96 -24.69 -52.57
C TYR B 299 12.91 -24.87 -53.75
N PRO B 300 12.43 -24.83 -54.99
CA PRO B 300 13.32 -25.06 -56.15
C PRO B 300 14.08 -23.78 -56.49
N GLU B 301 15.38 -23.76 -56.20
CA GLU B 301 16.11 -22.51 -56.35
C GLU B 301 16.68 -22.34 -57.76
N TYR B 302 17.19 -23.42 -58.36
CA TYR B 302 17.81 -23.37 -59.69
C TYR B 302 17.06 -24.29 -60.64
N LEU B 303 16.79 -23.79 -61.84
CA LEU B 303 16.23 -24.57 -62.92
C LEU B 303 17.32 -24.75 -63.99
N ILE B 304 17.78 -25.98 -64.15
CA ILE B 304 18.93 -26.28 -65.00
C ILE B 304 18.44 -26.93 -66.28
N THR B 305 18.84 -26.39 -67.42
CA THR B 305 18.53 -26.94 -68.73
C THR B 305 19.80 -27.54 -69.32
N TYR B 306 19.71 -28.79 -69.79
CA TYR B 306 20.92 -29.54 -70.11
C TYR B 306 20.62 -30.64 -71.11
N GLN B 307 21.68 -31.12 -71.74
CA GLN B 307 21.67 -32.31 -72.57
C GLN B 307 22.70 -33.28 -72.02
N ILE B 308 22.48 -34.56 -72.24
CA ILE B 308 23.45 -35.56 -71.80
C ILE B 308 24.46 -35.82 -72.92
N MET B 309 25.65 -36.25 -72.52
CA MET B 309 26.72 -36.53 -73.49
C MET B 309 27.42 -37.84 -73.15
N ASP C 26 -20.93 22.31 -45.04
CA ASP C 26 -20.12 23.35 -45.65
C ASP C 26 -19.94 24.53 -44.69
N PHE C 27 -21.05 25.17 -44.36
CA PHE C 27 -21.02 26.34 -43.50
C PHE C 27 -20.92 26.00 -42.02
N SER C 28 -21.01 24.71 -41.66
CA SER C 28 -21.00 24.34 -40.26
C SER C 28 -19.64 24.62 -39.62
N ILE C 29 -18.56 24.45 -40.39
CA ILE C 29 -17.23 24.76 -39.86
C ILE C 29 -17.13 26.24 -39.55
N THR C 30 -17.68 27.10 -40.41
CA THR C 30 -17.61 28.53 -40.18
C THR C 30 -18.34 28.93 -38.91
N GLN C 31 -19.55 28.41 -38.69
CA GLN C 31 -20.27 28.70 -37.47
C GLN C 31 -19.54 28.16 -36.25
N PHE C 32 -19.03 26.93 -36.36
CA PHE C 32 -18.33 26.32 -35.23
C PHE C 32 -17.14 27.15 -34.81
N VAL C 33 -16.34 27.59 -35.78
CA VAL C 33 -15.15 28.38 -35.47
C VAL C 33 -15.54 29.77 -35.00
N ARG C 34 -16.58 30.36 -35.58
CA ARG C 34 -17.01 31.69 -35.16
C ARG C 34 -17.43 31.71 -33.71
N ASN C 35 -18.15 30.67 -33.28
CA ASN C 35 -18.59 30.64 -31.88
C ASN C 35 -17.41 30.57 -30.91
N LEU C 36 -16.28 30.00 -31.34
CA LEU C 36 -15.12 29.93 -30.47
C LEU C 36 -14.30 31.21 -30.46
N GLY C 37 -14.64 32.19 -31.29
CA GLY C 37 -13.85 33.40 -31.37
C GLY C 37 -12.59 33.25 -32.20
N LEU C 38 -12.48 32.20 -33.01
CA LEU C 38 -11.28 31.90 -33.78
C LEU C 38 -11.48 32.08 -35.28
N GLU C 39 -12.36 33.00 -35.69
CA GLU C 39 -12.64 33.15 -37.11
C GLU C 39 -11.43 33.61 -37.90
N HIS C 40 -10.45 34.24 -37.25
CA HIS C 40 -9.24 34.64 -37.95
C HIS C 40 -8.45 33.45 -38.49
N LEU C 41 -8.75 32.24 -38.03
CA LEU C 41 -8.12 31.03 -38.55
C LEU C 41 -8.80 30.51 -39.81
N MET C 42 -9.94 31.07 -40.21
CA MET C 42 -10.74 30.43 -41.24
C MET C 42 -9.98 30.27 -42.54
N ASP C 43 -9.15 31.25 -42.93
CA ASP C 43 -8.45 31.14 -44.20
C ASP C 43 -7.57 29.91 -44.26
N ILE C 44 -7.04 29.46 -43.12
CA ILE C 44 -6.31 28.20 -43.13
C ILE C 44 -7.25 27.05 -43.45
N PHE C 45 -8.36 26.96 -42.71
CA PHE C 45 -9.30 25.86 -42.93
C PHE C 45 -9.83 25.86 -44.35
N GLU C 46 -10.08 27.05 -44.91
CA GLU C 46 -10.53 27.12 -46.30
C GLU C 46 -9.48 26.56 -47.24
N ARG C 47 -8.21 26.89 -47.02
CA ARG C 47 -7.17 26.45 -47.94
C ARG C 47 -6.84 24.97 -47.76
N GLU C 48 -7.05 24.43 -46.57
CA GLU C 48 -6.81 23.01 -46.33
C GLU C 48 -8.06 22.16 -46.50
N GLN C 49 -9.18 22.76 -46.89
CA GLN C 49 -10.43 22.04 -47.10
C GLN C 49 -10.86 21.30 -45.84
N ILE C 50 -10.76 21.96 -44.68
CA ILE C 50 -11.16 21.35 -43.42
C ILE C 50 -12.64 21.62 -43.22
N THR C 51 -13.44 20.57 -43.32
CA THR C 51 -14.86 20.63 -42.96
C THR C 51 -15.04 20.06 -41.56
N LEU C 52 -16.22 20.26 -40.99
CA LEU C 52 -16.42 19.95 -39.59
C LEU C 52 -16.21 18.46 -39.32
N ASP C 53 -16.60 17.60 -40.26
CA ASP C 53 -16.33 16.18 -40.12
C ASP C 53 -14.84 15.87 -40.09
N VAL C 54 -14.03 16.60 -40.86
CA VAL C 54 -12.59 16.42 -40.80
C VAL C 54 -12.05 16.94 -39.49
N LEU C 55 -12.53 18.10 -39.06
CA LEU C 55 -12.01 18.74 -37.85
C LEU C 55 -12.26 17.89 -36.62
N VAL C 56 -13.43 17.24 -36.53
CA VAL C 56 -13.72 16.45 -35.35
C VAL C 56 -12.80 15.25 -35.17
N GLU C 57 -11.92 14.98 -36.13
CA GLU C 57 -10.98 13.87 -36.04
C GLU C 57 -9.54 14.33 -35.82
N MET C 58 -9.30 15.63 -35.69
CA MET C 58 -7.96 16.18 -35.64
C MET C 58 -7.55 16.47 -34.20
N GLY C 59 -6.27 16.27 -33.88
CA GLY C 59 -5.72 16.56 -32.59
C GLY C 59 -4.63 17.61 -32.64
N HIS C 60 -3.82 17.65 -31.58
CA HIS C 60 -2.73 18.63 -31.51
C HIS C 60 -1.73 18.42 -32.64
N LYS C 61 -1.40 17.16 -32.93
CA LYS C 61 -0.44 16.87 -33.99
C LYS C 61 -0.95 17.36 -35.35
N GLU C 62 -2.16 16.95 -35.72
CA GLU C 62 -2.69 17.32 -37.02
C GLU C 62 -2.90 18.83 -37.12
N LEU C 63 -3.39 19.46 -36.06
CA LEU C 63 -3.58 20.90 -36.08
C LEU C 63 -2.25 21.63 -36.17
N LYS C 64 -1.18 21.06 -35.63
CA LYS C 64 0.15 21.60 -35.86
C LYS C 64 0.53 21.50 -37.32
N GLU C 65 0.21 20.37 -37.96
CA GLU C 65 0.63 20.17 -39.35
C GLU C 65 0.10 21.26 -40.26
N ILE C 66 -1.16 21.68 -40.07
CA ILE C 66 -1.77 22.62 -41.02
C ILE C 66 -1.55 24.07 -40.66
N GLY C 67 -0.81 24.37 -39.60
CA GLY C 67 -0.38 25.72 -39.31
C GLY C 67 -1.03 26.40 -38.13
N ILE C 68 -1.81 25.68 -37.32
CA ILE C 68 -2.32 26.24 -36.08
C ILE C 68 -1.21 26.09 -35.04
N ASN C 69 -0.40 27.12 -34.86
CA ASN C 69 0.84 26.96 -34.11
C ASN C 69 0.63 27.19 -32.61
N ALA C 70 -0.19 28.16 -32.23
CA ALA C 70 -0.37 28.48 -30.83
C ALA C 70 -1.07 27.33 -30.11
N TYR C 71 -0.62 27.04 -28.90
CA TYR C 71 -1.23 25.97 -28.11
C TYR C 71 -2.65 26.33 -27.70
N GLY C 72 -2.89 27.59 -27.36
CA GLY C 72 -4.22 27.99 -26.92
C GLY C 72 -5.28 27.79 -27.99
N HIS C 73 -4.96 28.07 -29.25
CA HIS C 73 -5.91 27.86 -30.33
C HIS C 73 -6.25 26.38 -30.51
N ARG C 74 -5.25 25.52 -30.49
CA ARG C 74 -5.52 24.09 -30.62
C ARG C 74 -6.33 23.59 -29.44
N HIS C 75 -6.03 24.08 -28.24
CA HIS C 75 -6.80 23.69 -27.06
C HIS C 75 -8.26 24.09 -27.21
N LYS C 76 -8.50 25.31 -27.68
CA LYS C 76 -9.87 25.77 -27.87
C LYS C 76 -10.61 24.90 -28.88
N LEU C 77 -9.97 24.61 -30.01
CA LEU C 77 -10.63 23.78 -31.02
C LEU C 77 -10.94 22.39 -30.48
N ILE C 78 -9.99 21.78 -29.79
CA ILE C 78 -10.19 20.42 -29.32
C ILE C 78 -11.27 20.36 -28.25
N LYS C 79 -11.34 21.36 -27.37
CA LYS C 79 -12.42 21.35 -26.39
C LYS C 79 -13.76 21.65 -27.03
N GLY C 80 -13.80 22.49 -28.06
CA GLY C 80 -15.05 22.68 -28.79
C GLY C 80 -15.54 21.40 -29.42
N VAL C 81 -14.62 20.65 -30.03
CA VAL C 81 -15.00 19.37 -30.64
C VAL C 81 -15.49 18.41 -29.57
N GLU C 82 -14.81 18.36 -28.43
CA GLU C 82 -15.24 17.49 -27.34
C GLU C 82 -16.65 17.83 -26.90
N ARG C 83 -16.93 19.12 -26.71
CA ARG C 83 -18.28 19.52 -26.30
C ARG C 83 -19.32 19.18 -27.35
N LEU C 84 -19.01 19.37 -28.63
CA LEU C 84 -19.98 19.02 -29.66
C LEU C 84 -20.24 17.52 -29.70
N ILE C 85 -19.20 16.71 -29.68
CA ILE C 85 -19.36 15.28 -29.93
C ILE C 85 -19.80 14.55 -28.68
N SER C 86 -18.98 14.60 -27.62
CA SER C 86 -19.31 13.87 -26.40
C SER C 86 -20.37 14.60 -25.58
N GLY C 87 -20.37 15.93 -25.62
CA GLY C 87 -21.26 16.72 -24.81
C GLY C 87 -22.70 16.75 -25.27
N GLN C 88 -22.97 16.25 -26.48
CA GLN C 88 -24.33 16.20 -27.01
C GLN C 88 -24.59 14.85 -27.68
N GLN C 89 -24.08 13.77 -27.08
CA GLN C 89 -24.16 12.46 -27.72
C GLN C 89 -25.60 12.07 -28.03
N GLY C 90 -26.56 12.48 -27.20
CA GLY C 90 -27.94 12.13 -27.43
C GLY C 90 -28.47 12.64 -28.75
N LEU C 91 -27.83 13.65 -29.34
CA LEU C 91 -28.21 14.14 -30.66
C LEU C 91 -27.46 13.43 -31.78
N ASN C 92 -26.46 12.63 -31.45
CA ASN C 92 -25.67 11.88 -32.43
C ASN C 92 -25.16 12.75 -33.56
N PRO C 93 -24.58 13.92 -33.27
CA PRO C 93 -24.01 14.71 -34.37
C PRO C 93 -22.89 14.00 -35.09
N TYR C 94 -22.20 13.08 -34.41
CA TYR C 94 -21.14 12.33 -35.06
C TYR C 94 -21.67 11.51 -36.23
N LEU C 95 -22.75 10.79 -36.02
CA LEU C 95 -23.33 10.00 -37.11
C LEU C 95 -23.80 10.90 -38.24
N THR C 96 -24.34 12.07 -37.91
CA THR C 96 -24.76 13.00 -38.94
C THR C 96 -23.59 13.46 -39.77
N LEU C 97 -22.43 13.69 -39.14
CA LEU C 97 -21.26 14.14 -39.89
C LEU C 97 -20.66 13.01 -40.72
N ASN C 98 -20.69 11.78 -40.22
CA ASN C 98 -20.10 10.64 -40.90
C ASN C 98 -21.01 10.03 -41.96
N THR C 99 -22.03 10.74 -42.41
CA THR C 99 -22.87 10.22 -43.49
C THR C 99 -22.06 10.00 -44.75
N SER C 100 -21.01 10.79 -44.95
CA SER C 100 -20.19 10.68 -46.15
C SER C 100 -19.21 9.53 -46.04
N GLY C 101 -18.87 8.94 -47.18
CA GLY C 101 -17.96 7.82 -47.24
C GLY C 101 -18.61 6.46 -47.13
N SER C 102 -19.85 6.39 -46.66
CA SER C 102 -20.54 5.12 -46.53
C SER C 102 -21.16 4.72 -47.86
N GLY C 103 -21.17 3.42 -48.13
CA GLY C 103 -21.72 2.91 -49.37
C GLY C 103 -21.00 1.64 -49.78
N THR C 104 -21.45 1.11 -50.91
CA THR C 104 -20.93 -0.15 -51.43
C THR C 104 -19.96 0.11 -52.58
N ILE C 105 -18.87 -0.65 -52.61
CA ILE C 105 -17.98 -0.64 -53.76
C ILE C 105 -17.79 -2.07 -54.24
N LEU C 106 -17.57 -2.20 -55.55
CA LEU C 106 -17.37 -3.49 -56.19
C LEU C 106 -15.94 -3.57 -56.69
N ILE C 107 -15.20 -4.58 -56.23
CA ILE C 107 -13.82 -4.79 -56.62
C ILE C 107 -13.78 -5.95 -57.60
N ASP C 108 -13.34 -5.69 -58.82
CA ASP C 108 -13.33 -6.72 -59.85
C ASP C 108 -12.21 -7.73 -59.59
N LEU C 109 -12.54 -9.00 -59.71
CA LEU C 109 -11.55 -10.06 -59.65
C LEU C 109 -10.94 -10.31 -61.02
N SER C 110 -9.64 -10.46 -61.07
CA SER C 110 -8.96 -10.77 -62.32
C SER C 110 -9.12 -12.24 -62.66
N PRO C 111 -9.42 -12.60 -63.91
CA PRO C 111 -9.57 -14.02 -64.25
C PRO C 111 -8.35 -14.86 -63.96
N ASP C 112 -7.16 -14.27 -63.94
CA ASP C 112 -5.93 -15.01 -63.66
C ASP C 112 -5.73 -15.30 -62.18
N ASP C 113 -6.54 -14.73 -61.30
CA ASP C 113 -6.37 -14.91 -59.87
C ASP C 113 -7.00 -16.23 -59.41
N LYS C 114 -6.44 -16.80 -58.35
CA LYS C 114 -6.97 -18.06 -57.85
C LYS C 114 -8.34 -17.87 -57.21
N GLU C 115 -8.64 -16.67 -56.71
CA GLU C 115 -9.96 -16.42 -56.14
C GLU C 115 -11.04 -16.53 -57.21
N PHE C 116 -10.85 -15.81 -58.32
CA PHE C 116 -11.79 -15.89 -59.44
C PHE C 116 -11.93 -17.33 -59.91
N GLN C 117 -10.81 -18.04 -60.03
CA GLN C 117 -10.85 -19.40 -60.55
C GLN C 117 -11.60 -20.34 -59.61
N SER C 118 -11.38 -20.22 -58.31
CA SER C 118 -12.09 -21.08 -57.36
C SER C 118 -13.58 -20.78 -57.32
N VAL C 119 -13.96 -19.50 -57.36
CA VAL C 119 -15.38 -19.15 -57.39
C VAL C 119 -16.02 -19.70 -58.67
N GLU C 120 -15.33 -19.54 -59.80
CA GLU C 120 -15.86 -20.04 -61.06
C GLU C 120 -15.96 -21.56 -61.06
N GLU C 121 -15.00 -22.24 -60.44
CA GLU C 121 -15.05 -23.69 -60.36
C GLU C 121 -16.25 -24.14 -59.53
N GLU C 122 -16.49 -23.48 -58.40
CA GLU C 122 -17.66 -23.83 -57.60
C GLU C 122 -18.94 -23.57 -58.39
N MET C 123 -19.00 -22.45 -59.11
CA MET C 123 -20.17 -22.14 -59.92
C MET C 123 -20.41 -23.23 -60.95
N GLN C 124 -19.38 -23.62 -61.69
CA GLN C 124 -19.55 -24.56 -62.79
C GLN C 124 -19.85 -25.97 -62.29
N SER C 125 -19.08 -26.45 -61.30
CA SER C 125 -19.12 -27.86 -60.96
C SER C 125 -20.36 -28.26 -60.16
N THR C 126 -21.19 -27.32 -59.75
CA THR C 126 -22.40 -27.63 -58.99
C THR C 126 -23.65 -27.71 -59.85
N VAL C 127 -23.53 -27.59 -61.18
CA VAL C 127 -24.68 -27.72 -62.05
C VAL C 127 -25.21 -29.14 -61.99
N ARG C 128 -26.53 -29.27 -61.99
CA ARG C 128 -27.20 -30.56 -61.90
C ARG C 128 -28.45 -30.54 -62.78
N GLU C 129 -29.00 -31.71 -63.01
CA GLU C 129 -30.31 -31.80 -63.64
C GLU C 129 -31.40 -31.54 -62.61
N HIS C 130 -32.58 -31.17 -63.10
CA HIS C 130 -33.69 -30.78 -62.25
C HIS C 130 -34.93 -31.57 -62.61
N ARG C 131 -35.91 -31.52 -61.70
CA ARG C 131 -37.16 -32.25 -61.90
C ARG C 131 -37.84 -31.81 -63.19
N ASP C 132 -37.96 -30.51 -63.40
CA ASP C 132 -38.53 -29.99 -64.64
C ASP C 132 -37.48 -29.99 -65.73
N GLY C 133 -37.95 -30.05 -66.98
CA GLY C 133 -37.05 -30.06 -68.11
C GLY C 133 -36.49 -28.68 -68.40
N GLY C 134 -35.76 -28.12 -67.45
CA GLY C 134 -35.21 -26.78 -67.62
C GLY C 134 -36.26 -25.71 -67.83
N HIS C 135 -37.46 -25.90 -67.28
CA HIS C 135 -38.52 -24.95 -67.52
C HIS C 135 -38.24 -23.62 -66.83
N ALA C 136 -37.72 -23.66 -65.61
CA ALA C 136 -37.51 -22.44 -64.84
C ALA C 136 -36.15 -21.81 -65.13
N GLY C 137 -35.09 -22.62 -65.20
CA GLY C 137 -33.75 -22.07 -65.37
C GLY C 137 -33.21 -22.17 -66.78
N GLY C 138 -33.87 -22.91 -67.66
CA GLY C 138 -33.39 -23.11 -69.01
C GLY C 138 -32.61 -24.41 -69.16
N ILE C 139 -32.30 -24.72 -70.41
CA ILE C 139 -31.59 -25.95 -70.77
C ILE C 139 -30.12 -25.60 -70.99
N PHE C 140 -29.24 -26.23 -70.22
CA PHE C 140 -27.82 -25.94 -70.31
C PHE C 140 -27.04 -26.94 -69.49
N ASN C 141 -25.72 -26.97 -69.73
CA ASN C 141 -24.81 -27.80 -68.96
C ASN C 141 -23.75 -27.00 -68.23
N ARG C 142 -23.50 -25.76 -68.63
CA ARG C 142 -22.48 -24.94 -68.00
C ARG C 142 -22.76 -23.47 -68.34
N TYR C 143 -22.04 -22.58 -67.66
CA TYR C 143 -22.19 -21.15 -67.83
C TYR C 143 -21.01 -20.57 -68.59
N ASN C 144 -21.16 -19.32 -68.99
CA ASN C 144 -20.06 -18.50 -69.46
C ASN C 144 -19.99 -17.27 -68.57
N ILE C 145 -18.94 -17.19 -67.75
CA ILE C 145 -18.85 -16.18 -66.71
C ILE C 145 -18.23 -14.92 -67.31
N LEU C 146 -18.87 -13.78 -67.07
CA LEU C 146 -18.42 -12.49 -67.59
C LEU C 146 -17.68 -11.67 -66.55
N LYS C 147 -18.14 -11.68 -65.32
CA LYS C 147 -17.56 -10.86 -64.26
C LYS C 147 -17.79 -11.53 -62.91
N ILE C 148 -16.86 -11.30 -61.99
CA ILE C 148 -17.03 -11.62 -60.58
C ILE C 148 -16.48 -10.46 -59.78
N GLN C 149 -17.27 -9.94 -58.84
CA GLN C 149 -16.92 -8.73 -58.12
C GLN C 149 -17.14 -8.95 -56.63
N LYS C 150 -16.15 -8.58 -55.83
CA LYS C 150 -16.29 -8.58 -54.38
C LYS C 150 -17.09 -7.36 -53.96
N VAL C 151 -18.09 -7.58 -53.13
CA VAL C 151 -18.97 -6.53 -52.62
C VAL C 151 -18.43 -6.07 -51.28
N CYS C 152 -18.15 -4.77 -51.14
CA CYS C 152 -17.58 -4.23 -49.92
C CYS C 152 -18.47 -3.12 -49.39
N ASN C 153 -19.01 -3.31 -48.19
CA ASN C 153 -19.85 -2.33 -47.52
C ASN C 153 -19.63 -2.49 -46.02
N LYS C 154 -19.11 -1.44 -45.38
CA LYS C 154 -18.71 -1.56 -43.98
C LYS C 154 -19.90 -1.78 -43.06
N LYS C 155 -20.99 -1.05 -43.27
CA LYS C 155 -22.12 -1.15 -42.37
C LYS C 155 -22.77 -2.53 -42.43
N LEU C 156 -22.95 -3.06 -43.64
CA LEU C 156 -23.51 -4.40 -43.79
C LEU C 156 -22.60 -5.45 -43.16
N TRP C 157 -21.30 -5.32 -43.38
CA TRP C 157 -20.36 -6.29 -42.80
C TRP C 157 -20.40 -6.23 -41.28
N GLU C 158 -20.49 -5.03 -40.71
CA GLU C 158 -20.55 -4.92 -39.26
C GLU C 158 -21.83 -5.55 -38.71
N ARG C 159 -22.96 -5.29 -39.37
CA ARG C 159 -24.20 -5.95 -38.98
C ARG C 159 -24.05 -7.47 -39.02
N TYR C 160 -23.45 -7.98 -40.10
CA TYR C 160 -23.30 -9.42 -40.26
C TYR C 160 -22.41 -10.01 -39.17
N THR C 161 -21.28 -9.36 -38.88
CA THR C 161 -20.36 -9.93 -37.89
C THR C 161 -20.91 -9.83 -36.48
N HIS C 162 -21.69 -8.79 -36.18
CA HIS C 162 -22.35 -8.75 -34.88
C HIS C 162 -23.33 -9.91 -34.72
N ARG C 163 -24.16 -10.14 -35.74
CA ARG C 163 -25.10 -11.25 -35.65
C ARG C 163 -24.35 -12.58 -35.54
N ARG C 164 -23.23 -12.70 -36.26
CA ARG C 164 -22.45 -13.93 -36.20
C ARG C 164 -21.91 -14.17 -34.80
N LYS C 165 -21.42 -13.12 -34.14
CA LYS C 165 -20.97 -13.27 -32.76
C LYS C 165 -22.11 -13.73 -31.87
N GLU C 166 -23.30 -13.16 -32.03
CA GLU C 166 -24.43 -13.59 -31.20
C GLU C 166 -24.74 -15.06 -31.41
N VAL C 167 -24.88 -15.47 -32.67
CA VAL C 167 -25.25 -16.86 -32.95
C VAL C 167 -24.21 -17.81 -32.41
N SER C 168 -22.93 -17.51 -32.63
CA SER C 168 -21.89 -18.41 -32.13
C SER C 168 -21.83 -18.42 -30.61
N GLU C 169 -22.12 -17.29 -29.96
CA GLU C 169 -22.23 -17.32 -28.51
C GLU C 169 -23.36 -18.23 -28.06
N GLU C 170 -24.39 -18.38 -28.88
CA GLU C 170 -25.50 -19.26 -28.55
C GLU C 170 -25.30 -20.70 -28.99
N ASN C 171 -24.26 -21.01 -29.76
CA ASN C 171 -24.13 -22.30 -30.44
C ASN C 171 -22.75 -22.90 -30.15
N HIS C 172 -22.38 -22.91 -28.87
CA HIS C 172 -21.08 -23.39 -28.39
C HIS C 172 -19.93 -22.93 -29.28
N ASN C 173 -19.88 -21.62 -29.52
CA ASN C 173 -18.73 -20.95 -30.13
C ASN C 173 -18.51 -21.38 -31.58
N HIS C 174 -19.58 -21.72 -32.29
CA HIS C 174 -19.49 -22.12 -33.69
C HIS C 174 -20.62 -21.44 -34.44
N ALA C 175 -20.29 -20.75 -35.53
CA ALA C 175 -21.31 -20.03 -36.28
C ALA C 175 -21.94 -20.86 -37.38
N ASN C 176 -21.32 -21.97 -37.78
CA ASN C 176 -21.83 -22.80 -38.85
C ASN C 176 -22.02 -21.98 -40.13
N GLU C 177 -20.98 -21.24 -40.47
CA GLU C 177 -21.00 -20.32 -41.60
C GLU C 177 -20.70 -21.09 -42.89
N ARG C 178 -21.52 -20.86 -43.91
CA ARG C 178 -21.43 -21.54 -45.20
C ARG C 178 -21.35 -20.52 -46.32
N MET C 179 -20.90 -20.98 -47.48
CA MET C 179 -20.93 -20.20 -48.71
C MET C 179 -21.99 -20.77 -49.62
N LEU C 180 -23.03 -19.99 -49.91
CA LEU C 180 -24.19 -20.49 -50.62
C LEU C 180 -24.60 -19.51 -51.71
N PHE C 181 -25.23 -20.04 -52.75
CA PHE C 181 -25.69 -19.21 -53.85
C PHE C 181 -27.07 -18.65 -53.55
N HIS C 182 -27.35 -17.49 -54.10
CA HIS C 182 -28.65 -16.85 -53.99
C HIS C 182 -29.02 -16.27 -55.35
N GLY C 183 -30.23 -16.56 -55.81
CA GLY C 183 -30.72 -16.02 -57.06
C GLY C 183 -31.98 -15.22 -56.86
N SER C 184 -32.02 -14.01 -57.41
CA SER C 184 -33.14 -13.13 -57.18
C SER C 184 -33.14 -12.05 -58.24
N PRO C 185 -34.29 -11.47 -58.59
CA PRO C 185 -34.32 -10.30 -59.45
C PRO C 185 -34.02 -8.98 -58.75
N PHE C 186 -33.70 -9.01 -57.45
CA PHE C 186 -33.44 -7.81 -56.67
C PHE C 186 -32.02 -7.81 -56.14
N VAL C 187 -31.07 -8.19 -56.99
CA VAL C 187 -29.67 -8.26 -56.56
C VAL C 187 -29.15 -6.87 -56.21
N ASN C 188 -29.53 -5.86 -56.98
CA ASN C 188 -29.01 -4.51 -56.74
C ASN C 188 -29.42 -4.00 -55.36
N ALA C 189 -30.70 -4.19 -55.01
CA ALA C 189 -31.16 -3.79 -53.69
C ALA C 189 -30.45 -4.56 -52.59
N ILE C 190 -30.12 -5.83 -52.84
CA ILE C 190 -29.46 -6.63 -51.81
C ILE C 190 -28.04 -6.13 -51.59
N ILE C 191 -27.32 -5.84 -52.68
CA ILE C 191 -25.93 -5.43 -52.52
C ILE C 191 -25.82 -4.00 -52.03
N HIS C 192 -26.86 -3.18 -52.16
CA HIS C 192 -26.80 -1.83 -51.63
C HIS C 192 -27.48 -1.65 -50.29
N LYS C 193 -28.34 -2.59 -49.87
CA LYS C 193 -29.04 -2.50 -48.61
C LYS C 193 -28.95 -3.75 -47.76
N GLY C 194 -28.48 -4.87 -48.31
CA GLY C 194 -28.39 -6.11 -47.58
C GLY C 194 -29.65 -6.96 -47.69
N PHE C 195 -29.54 -8.18 -47.17
CA PHE C 195 -30.68 -9.06 -47.12
C PHE C 195 -31.72 -8.55 -46.13
N ASP C 196 -32.99 -8.78 -46.44
CA ASP C 196 -34.07 -8.19 -45.65
C ASP C 196 -35.23 -9.18 -45.63
N GLU C 197 -35.54 -9.71 -44.45
CA GLU C 197 -36.64 -10.66 -44.33
C GLU C 197 -37.99 -10.01 -44.58
N ARG C 198 -38.08 -8.68 -44.49
CA ARG C 198 -39.33 -8.00 -44.78
C ARG C 198 -39.74 -8.13 -46.24
N HIS C 199 -38.84 -8.57 -47.10
CA HIS C 199 -39.17 -8.88 -48.48
C HIS C 199 -39.42 -10.37 -48.69
N ALA C 200 -39.22 -11.19 -47.66
CA ALA C 200 -39.31 -12.63 -47.82
C ALA C 200 -40.71 -13.02 -48.27
N TYR C 201 -40.77 -13.89 -49.28
CA TYR C 201 -42.05 -14.33 -49.82
C TYR C 201 -42.69 -15.33 -48.87
N ILE C 202 -43.95 -15.08 -48.50
CA ILE C 202 -44.62 -15.95 -47.55
C ILE C 202 -45.01 -17.29 -48.17
N GLY C 203 -44.95 -17.40 -49.50
CA GLY C 203 -45.31 -18.61 -50.20
C GLY C 203 -44.18 -19.58 -50.46
N GLY C 204 -42.98 -19.32 -49.95
CA GLY C 204 -41.90 -20.25 -50.12
C GLY C 204 -42.18 -21.59 -49.45
N MET C 205 -41.45 -22.62 -49.86
CA MET C 205 -41.79 -23.96 -49.40
C MET C 205 -41.57 -24.11 -47.90
N PHE C 206 -40.74 -23.25 -47.32
CA PHE C 206 -40.59 -23.16 -45.87
C PHE C 206 -41.07 -21.84 -45.31
N GLY C 207 -41.98 -21.18 -46.01
CA GLY C 207 -42.56 -19.96 -45.46
C GLY C 207 -41.72 -18.72 -45.73
N ALA C 208 -41.86 -17.75 -44.84
CA ALA C 208 -41.33 -16.42 -45.08
C ALA C 208 -39.85 -16.30 -44.71
N GLY C 209 -38.99 -17.00 -45.44
CA GLY C 209 -37.56 -16.93 -45.26
C GLY C 209 -36.82 -16.55 -46.52
N ILE C 210 -35.52 -16.33 -46.36
CA ILE C 210 -34.61 -16.08 -47.45
C ILE C 210 -33.88 -17.39 -47.76
N TYR C 211 -33.83 -17.75 -49.03
CA TYR C 211 -33.46 -19.08 -49.48
C TYR C 211 -32.09 -19.07 -50.15
N PHE C 212 -31.28 -20.06 -49.84
CA PHE C 212 -29.96 -20.22 -50.40
C PHE C 212 -29.78 -21.68 -50.80
N ALA C 213 -28.93 -21.92 -51.79
CA ALA C 213 -28.69 -23.27 -52.29
C ALA C 213 -27.21 -23.49 -52.50
N GLU C 214 -26.79 -24.73 -52.33
CA GLU C 214 -25.41 -25.11 -52.62
C GLU C 214 -25.23 -25.59 -54.05
N ASN C 215 -26.28 -25.57 -54.86
CA ASN C 215 -26.18 -25.81 -56.29
C ASN C 215 -26.49 -24.51 -57.01
N SER C 216 -25.58 -24.07 -57.88
CA SER C 216 -25.79 -22.82 -58.59
C SER C 216 -26.98 -22.93 -59.55
N SER C 217 -27.13 -24.07 -60.20
CA SER C 217 -28.22 -24.23 -61.17
C SER C 217 -29.58 -24.09 -60.51
N LYS C 218 -29.69 -24.41 -59.23
CA LYS C 218 -30.95 -24.23 -58.52
C LYS C 218 -31.25 -22.76 -58.27
N SER C 219 -30.26 -22.00 -57.80
CA SER C 219 -30.48 -20.58 -57.60
C SER C 219 -30.72 -19.87 -58.93
N ASN C 220 -30.20 -20.44 -60.02
CA ASN C 220 -30.40 -19.84 -61.33
C ASN C 220 -31.86 -19.87 -61.75
N GLN C 221 -32.67 -20.72 -61.10
CA GLN C 221 -34.08 -20.80 -61.42
C GLN C 221 -34.86 -19.57 -60.95
N TYR C 222 -34.26 -18.75 -60.08
CA TYR C 222 -34.96 -17.64 -59.45
C TYR C 222 -34.43 -16.27 -59.87
N VAL C 223 -33.47 -16.21 -60.79
CA VAL C 223 -32.88 -14.93 -61.14
C VAL C 223 -33.91 -14.04 -61.82
N TYR C 224 -34.81 -14.61 -62.63
CA TYR C 224 -35.81 -13.85 -63.35
C TYR C 224 -37.17 -13.92 -62.69
N GLY C 225 -37.23 -14.33 -61.44
CA GLY C 225 -38.47 -14.38 -60.69
C GLY C 225 -38.79 -15.78 -60.23
N ILE C 226 -39.95 -15.92 -59.60
CA ILE C 226 -40.43 -17.22 -59.17
C ILE C 226 -40.75 -18.06 -60.39
N GLY C 227 -40.22 -19.28 -60.43
CA GLY C 227 -40.42 -20.14 -61.58
C GLY C 227 -39.89 -19.57 -62.87
N GLY C 228 -38.90 -18.70 -62.80
CA GLY C 228 -38.34 -18.09 -63.99
C GLY C 228 -39.06 -16.86 -64.49
N GLY C 229 -40.17 -16.49 -63.87
CA GLY C 229 -40.90 -15.31 -64.32
C GLY C 229 -41.26 -15.42 -65.79
N THR C 230 -40.98 -14.36 -66.53
CA THR C 230 -41.29 -14.29 -67.95
C THR C 230 -40.05 -14.35 -68.83
N GLY C 231 -38.87 -14.45 -68.24
CA GLY C 231 -37.65 -14.46 -69.00
C GLY C 231 -36.94 -13.12 -69.00
N CYS C 232 -35.92 -13.02 -69.86
CA CYS C 232 -35.13 -11.81 -69.90
C CYS C 232 -36.03 -10.62 -70.28
N PRO C 233 -35.76 -9.45 -69.70
CA PRO C 233 -36.63 -8.29 -70.00
C PRO C 233 -36.69 -7.99 -71.49
N VAL C 234 -35.62 -8.24 -72.23
CA VAL C 234 -35.58 -7.88 -73.64
C VAL C 234 -36.36 -8.90 -74.48
N HIS C 235 -36.09 -10.19 -74.30
CA HIS C 235 -36.72 -11.18 -75.16
C HIS C 235 -37.99 -11.73 -74.56
N LYS C 236 -38.11 -11.70 -73.22
CA LYS C 236 -39.13 -12.45 -72.50
C LYS C 236 -38.91 -13.95 -72.66
N ASP C 237 -37.66 -14.38 -72.65
CA ASP C 237 -37.28 -15.77 -72.85
C ASP C 237 -36.60 -16.30 -71.59
N ARG C 238 -37.17 -17.35 -71.00
CA ARG C 238 -36.58 -17.94 -69.80
C ARG C 238 -35.24 -18.59 -70.09
N SER C 239 -35.12 -19.26 -71.23
CA SER C 239 -33.88 -19.91 -71.61
C SER C 239 -33.01 -19.05 -72.54
N CYS C 240 -33.07 -17.72 -72.41
CA CYS C 240 -32.25 -16.85 -73.25
C CYS C 240 -30.78 -17.16 -73.05
N TYR C 241 -30.06 -17.37 -74.15
CA TYR C 241 -28.64 -17.64 -74.13
C TYR C 241 -27.80 -16.39 -74.40
N ILE C 242 -28.43 -15.22 -74.50
CA ILE C 242 -27.75 -13.99 -74.88
C ILE C 242 -27.78 -12.95 -73.78
N CYS C 243 -28.89 -12.84 -73.06
CA CYS C 243 -29.01 -11.81 -72.02
C CYS C 243 -28.43 -12.30 -70.70
N HIS C 244 -27.82 -11.37 -69.97
CA HIS C 244 -27.03 -11.68 -68.78
C HIS C 244 -27.90 -12.06 -67.59
N ARG C 245 -27.29 -12.79 -66.66
CA ARG C 245 -27.92 -13.17 -65.41
C ARG C 245 -26.96 -12.90 -64.26
N GLN C 246 -27.51 -12.68 -63.07
CA GLN C 246 -26.71 -12.36 -61.89
C GLN C 246 -27.07 -13.28 -60.74
N LEU C 247 -26.05 -13.84 -60.10
CA LEU C 247 -26.19 -14.61 -58.88
C LEU C 247 -25.32 -13.99 -57.80
N LEU C 248 -25.66 -14.25 -56.53
CA LEU C 248 -24.82 -13.85 -55.42
C LEU C 248 -24.24 -15.08 -54.76
N PHE C 249 -22.99 -14.97 -54.34
CA PHE C 249 -22.33 -15.98 -53.52
C PHE C 249 -22.14 -15.36 -52.15
N CYS C 250 -22.74 -15.96 -51.13
CA CYS C 250 -22.97 -15.28 -49.87
C CYS C 250 -22.48 -16.10 -48.69
N ARG C 251 -21.94 -15.40 -47.69
CA ARG C 251 -21.68 -15.99 -46.38
C ARG C 251 -22.97 -16.05 -45.61
N VAL C 252 -23.32 -17.23 -45.10
CA VAL C 252 -24.58 -17.44 -44.40
C VAL C 252 -24.26 -18.07 -43.05
N THR C 253 -24.73 -17.45 -41.98
CA THR C 253 -24.61 -18.00 -40.64
C THR C 253 -25.82 -18.87 -40.37
N LEU C 254 -25.60 -20.18 -40.25
CA LEU C 254 -26.70 -21.11 -40.03
C LEU C 254 -26.87 -21.51 -38.58
N GLY C 255 -25.88 -21.28 -37.73
CA GLY C 255 -26.03 -21.61 -36.33
C GLY C 255 -26.40 -23.06 -36.15
N LYS C 256 -27.37 -23.32 -35.28
CA LYS C 256 -27.99 -24.64 -35.19
C LYS C 256 -29.12 -24.72 -36.20
N SER C 257 -28.99 -25.63 -37.16
CA SER C 257 -29.93 -25.76 -38.26
C SER C 257 -30.94 -26.85 -37.97
N PHE C 258 -32.22 -26.56 -38.24
CA PHE C 258 -33.30 -27.51 -38.01
C PHE C 258 -33.48 -28.38 -39.24
N LEU C 259 -33.36 -29.69 -39.07
CA LEU C 259 -33.45 -30.63 -40.17
C LEU C 259 -34.91 -30.90 -40.51
N GLN C 260 -35.27 -30.71 -41.76
CA GLN C 260 -36.65 -30.87 -42.20
C GLN C 260 -36.65 -31.56 -43.56
N PHE C 261 -37.66 -32.40 -43.79
CA PHE C 261 -37.74 -33.22 -44.98
C PHE C 261 -38.98 -32.98 -45.82
N SER C 262 -39.93 -32.18 -45.35
CA SER C 262 -41.14 -31.92 -46.10
C SER C 262 -41.55 -30.46 -45.91
N ALA C 263 -42.35 -29.98 -46.85
CA ALA C 263 -42.73 -28.58 -46.84
C ALA C 263 -43.54 -28.25 -45.59
N MET C 264 -43.27 -27.08 -45.01
CA MET C 264 -44.10 -26.54 -43.95
C MET C 264 -43.84 -25.04 -43.86
N LYS C 265 -44.92 -24.26 -43.77
CA LYS C 265 -44.77 -22.81 -43.69
C LYS C 265 -44.35 -22.39 -42.29
N MET C 266 -43.36 -21.51 -42.22
CA MET C 266 -42.89 -20.94 -40.97
C MET C 266 -42.66 -19.45 -41.16
N ALA C 267 -42.91 -18.69 -40.09
CA ALA C 267 -42.56 -17.28 -40.10
C ALA C 267 -41.15 -17.05 -39.60
N HIS C 268 -40.68 -17.90 -38.70
CA HIS C 268 -39.36 -17.78 -38.10
C HIS C 268 -38.73 -19.16 -37.99
N SER C 269 -37.56 -19.22 -37.38
CA SER C 269 -36.92 -20.49 -37.13
C SER C 269 -37.66 -21.24 -36.03
N PRO C 270 -37.58 -22.57 -36.00
CA PRO C 270 -38.17 -23.31 -34.90
C PRO C 270 -37.46 -22.98 -33.61
N PRO C 271 -38.12 -23.14 -32.47
CA PRO C 271 -37.50 -22.78 -31.20
C PRO C 271 -36.14 -23.44 -31.00
N GLY C 272 -35.18 -22.66 -30.52
CA GLY C 272 -33.85 -23.15 -30.24
C GLY C 272 -32.93 -23.27 -31.42
N HIS C 273 -33.40 -22.93 -32.62
CA HIS C 273 -32.63 -23.06 -33.85
C HIS C 273 -32.49 -21.70 -34.52
N HIS C 274 -31.51 -21.61 -35.42
CA HIS C 274 -31.19 -20.37 -36.10
C HIS C 274 -31.46 -20.40 -37.59
N SER C 275 -31.90 -21.53 -38.14
CA SER C 275 -32.10 -21.67 -39.58
C SER C 275 -32.81 -22.98 -39.82
N VAL C 276 -33.18 -23.21 -41.08
CA VAL C 276 -33.81 -24.44 -41.50
C VAL C 276 -33.07 -24.97 -42.72
N THR C 277 -32.94 -26.28 -42.81
CA THR C 277 -32.31 -26.92 -43.96
C THR C 277 -33.23 -28.02 -44.48
N GLY C 278 -33.63 -27.91 -45.74
CA GLY C 278 -34.46 -28.91 -46.38
C GLY C 278 -33.64 -29.91 -47.16
N ARG C 279 -33.71 -31.19 -46.77
CA ARG C 279 -32.84 -32.21 -47.32
C ARG C 279 -33.50 -32.89 -48.53
N PRO C 280 -32.70 -33.45 -49.44
CA PRO C 280 -33.29 -34.24 -50.53
C PRO C 280 -33.97 -35.49 -49.98
N SER C 281 -35.03 -35.91 -50.65
CA SER C 281 -35.76 -37.10 -50.26
C SER C 281 -36.37 -37.76 -51.50
N VAL C 282 -36.63 -39.05 -51.39
CA VAL C 282 -37.26 -39.77 -52.49
C VAL C 282 -38.64 -39.22 -52.79
N ASN C 283 -39.37 -38.78 -51.76
CA ASN C 283 -40.70 -38.19 -51.90
C ASN C 283 -40.71 -36.70 -51.61
N GLY C 284 -39.58 -36.02 -51.77
CA GLY C 284 -39.47 -34.61 -51.44
C GLY C 284 -38.48 -33.92 -52.34
N LEU C 285 -37.63 -33.09 -51.72
CA LEU C 285 -36.70 -32.27 -52.49
C LEU C 285 -35.74 -33.11 -53.31
N ALA C 286 -35.43 -32.62 -54.52
CA ALA C 286 -34.34 -33.20 -55.29
C ALA C 286 -32.99 -32.71 -54.80
N LEU C 287 -32.92 -31.47 -54.35
CA LEU C 287 -31.66 -30.85 -53.91
C LEU C 287 -31.91 -30.04 -52.64
N ALA C 288 -30.82 -29.75 -51.94
CA ALA C 288 -30.92 -29.16 -50.60
C ALA C 288 -31.29 -27.68 -50.66
N GLU C 289 -31.91 -27.21 -49.57
CA GLU C 289 -32.27 -25.82 -49.37
C GLU C 289 -31.76 -25.36 -48.02
N TYR C 290 -31.38 -24.08 -47.92
CA TYR C 290 -31.08 -23.46 -46.63
C TYR C 290 -31.93 -22.21 -46.53
N VAL C 291 -32.55 -22.01 -45.37
CA VAL C 291 -33.46 -20.88 -45.19
C VAL C 291 -33.11 -20.18 -43.89
N ILE C 292 -32.90 -18.87 -43.99
CA ILE C 292 -32.69 -18.03 -42.82
C ILE C 292 -33.86 -17.06 -42.73
N TYR C 293 -34.30 -16.80 -41.52
CA TYR C 293 -35.43 -15.90 -41.29
C TYR C 293 -35.01 -14.56 -40.71
N ARG C 294 -33.70 -14.31 -40.61
CA ARG C 294 -33.15 -13.04 -40.19
C ARG C 294 -32.29 -12.53 -41.33
N GLY C 295 -32.55 -11.30 -41.76
CA GLY C 295 -31.78 -10.75 -42.88
C GLY C 295 -30.33 -10.52 -42.54
N GLU C 296 -30.01 -10.29 -41.26
CA GLU C 296 -28.67 -9.95 -40.85
C GLU C 296 -27.73 -11.15 -40.78
N GLN C 297 -28.21 -12.35 -41.08
CA GLN C 297 -27.38 -13.55 -41.00
C GLN C 297 -26.68 -13.88 -42.31
N ALA C 298 -26.82 -13.05 -43.33
CA ALA C 298 -26.14 -13.30 -44.60
C ALA C 298 -25.43 -12.03 -45.07
N TYR C 299 -24.28 -12.23 -45.70
CA TYR C 299 -23.56 -11.15 -46.35
C TYR C 299 -23.22 -11.54 -47.78
N PRO C 300 -23.59 -10.73 -48.78
CA PRO C 300 -23.42 -11.10 -50.20
C PRO C 300 -22.01 -10.83 -50.72
N GLU C 301 -21.11 -11.80 -50.54
CA GLU C 301 -19.69 -11.51 -50.74
C GLU C 301 -19.35 -11.31 -52.21
N TYR C 302 -19.78 -12.22 -53.08
CA TYR C 302 -19.42 -12.17 -54.50
C TYR C 302 -20.66 -11.94 -55.35
N LEU C 303 -20.52 -11.09 -56.36
CA LEU C 303 -21.56 -10.86 -57.35
C LEU C 303 -21.08 -11.40 -58.69
N ILE C 304 -21.80 -12.38 -59.22
CA ILE C 304 -21.38 -13.11 -60.42
C ILE C 304 -22.32 -12.74 -61.55
N THR C 305 -21.74 -12.34 -62.69
CA THR C 305 -22.49 -12.07 -63.90
C THR C 305 -22.14 -13.15 -64.92
N TYR C 306 -23.14 -13.73 -65.55
CA TYR C 306 -22.90 -14.87 -66.42
C TYR C 306 -23.98 -14.98 -67.48
N GLN C 307 -23.69 -15.78 -68.49
CA GLN C 307 -24.65 -16.19 -69.51
C GLN C 307 -24.81 -17.70 -69.41
N ILE C 308 -25.91 -18.19 -69.89
CA ILE C 308 -26.17 -19.62 -69.92
C ILE C 308 -25.81 -20.16 -71.29
N MET C 309 -25.22 -21.36 -71.28
CA MET C 309 -24.88 -22.06 -72.52
C MET C 309 -25.48 -23.46 -72.51
N ASP D 26 -7.33 39.37 -22.47
CA ASP D 26 -6.22 40.24 -22.82
C ASP D 26 -5.33 40.52 -21.61
N PHE D 27 -5.89 41.24 -20.64
CA PHE D 27 -5.12 41.73 -19.52
C PHE D 27 -5.19 40.80 -18.31
N SER D 28 -6.25 39.99 -18.21
CA SER D 28 -6.46 39.18 -17.01
C SER D 28 -5.34 38.18 -16.79
N ILE D 29 -4.83 37.56 -17.85
CA ILE D 29 -3.72 36.63 -17.72
C ILE D 29 -2.49 37.36 -17.19
N THR D 30 -2.27 38.58 -17.65
CA THR D 30 -1.12 39.36 -17.19
C THR D 30 -1.22 39.66 -15.70
N GLN D 31 -2.41 40.07 -15.24
CA GLN D 31 -2.57 40.35 -13.82
C GLN D 31 -2.41 39.08 -12.99
N PHE D 32 -2.97 37.98 -13.47
CA PHE D 32 -2.86 36.71 -12.75
C PHE D 32 -1.41 36.28 -12.62
N VAL D 33 -0.63 36.45 -13.68
CA VAL D 33 0.77 36.02 -13.67
C VAL D 33 1.62 36.97 -12.84
N ARG D 34 1.32 38.27 -12.88
CA ARG D 34 2.06 39.24 -12.09
C ARG D 34 1.79 39.08 -10.61
N ASN D 35 0.54 38.80 -10.23
CA ASN D 35 0.23 38.57 -8.82
C ASN D 35 1.04 37.42 -8.26
N LEU D 36 1.34 36.41 -9.06
CA LEU D 36 2.16 35.29 -8.61
C LEU D 36 3.64 35.59 -8.64
N GLY D 37 4.04 36.74 -9.16
CA GLY D 37 5.45 37.04 -9.33
C GLY D 37 6.14 36.20 -10.37
N LEU D 38 5.45 35.88 -11.46
CA LEU D 38 5.98 35.05 -12.53
C LEU D 38 6.02 35.79 -13.86
N GLU D 39 6.16 37.11 -13.82
CA GLU D 39 6.06 37.91 -15.03
C GLU D 39 7.03 37.47 -16.10
N HIS D 40 8.17 36.89 -15.72
CA HIS D 40 9.14 36.43 -16.71
C HIS D 40 8.61 35.32 -17.60
N LEU D 41 7.53 34.64 -17.21
CA LEU D 41 6.89 33.64 -18.04
C LEU D 41 5.98 34.25 -19.09
N MET D 42 5.66 35.53 -18.97
CA MET D 42 4.62 36.13 -19.80
C MET D 42 4.92 35.96 -21.28
N ASP D 43 6.19 36.07 -21.68
CA ASP D 43 6.51 35.94 -23.10
C ASP D 43 6.03 34.61 -23.65
N ILE D 44 6.24 33.52 -22.90
CA ILE D 44 5.72 32.23 -23.34
C ILE D 44 4.22 32.32 -23.56
N PHE D 45 3.49 32.84 -22.58
CA PHE D 45 2.05 32.91 -22.70
C PHE D 45 1.63 33.78 -23.88
N GLU D 46 2.48 34.68 -24.33
CA GLU D 46 2.14 35.47 -25.51
C GLU D 46 2.33 34.68 -26.79
N ARG D 47 3.36 33.85 -26.86
CA ARG D 47 3.59 33.08 -28.08
C ARG D 47 2.51 32.02 -28.25
N GLU D 48 2.08 31.40 -27.16
CA GLU D 48 1.14 30.29 -27.21
C GLU D 48 -0.32 30.71 -27.09
N GLN D 49 -0.60 32.00 -27.03
CA GLN D 49 -1.98 32.49 -27.01
C GLN D 49 -2.77 31.91 -25.84
N ILE D 50 -2.11 31.80 -24.69
CA ILE D 50 -2.74 31.24 -23.50
C ILE D 50 -3.49 32.35 -22.80
N THR D 51 -4.81 32.23 -22.71
CA THR D 51 -5.63 33.15 -21.96
C THR D 51 -5.99 32.53 -20.62
N LEU D 52 -6.66 33.31 -19.77
CA LEU D 52 -7.01 32.82 -18.45
C LEU D 52 -8.01 31.65 -18.54
N ASP D 53 -8.96 31.73 -19.47
CA ASP D 53 -9.90 30.63 -19.65
C ASP D 53 -9.20 29.36 -20.13
N VAL D 54 -8.17 29.50 -20.97
CA VAL D 54 -7.37 28.33 -21.34
C VAL D 54 -6.53 27.87 -20.17
N LEU D 55 -5.96 28.82 -19.41
CA LEU D 55 -5.03 28.48 -18.35
C LEU D 55 -5.71 27.69 -17.23
N VAL D 56 -6.93 28.07 -16.86
CA VAL D 56 -7.60 27.39 -15.77
C VAL D 56 -7.80 25.91 -16.04
N GLU D 57 -7.66 25.48 -17.30
CA GLU D 57 -7.88 24.10 -17.70
C GLU D 57 -6.60 23.31 -17.88
N MET D 58 -5.45 23.87 -17.54
CA MET D 58 -4.16 23.23 -17.80
C MET D 58 -3.55 22.70 -16.52
N GLY D 59 -3.09 21.45 -16.56
CA GLY D 59 -2.37 20.84 -15.47
C GLY D 59 -0.88 20.76 -15.74
N HIS D 60 -0.21 19.89 -14.99
CA HIS D 60 1.24 19.79 -15.10
C HIS D 60 1.67 19.37 -16.50
N LYS D 61 0.95 18.44 -17.11
CA LYS D 61 1.31 17.96 -18.44
C LYS D 61 1.20 19.07 -19.48
N GLU D 62 0.08 19.79 -19.48
CA GLU D 62 -0.11 20.84 -20.46
C GLU D 62 0.90 21.97 -20.27
N LEU D 63 1.20 22.32 -19.02
CA LEU D 63 2.17 23.37 -18.76
C LEU D 63 3.58 22.95 -19.13
N LYS D 64 3.92 21.68 -18.93
CA LYS D 64 5.19 21.18 -19.41
C LYS D 64 5.27 21.23 -20.94
N GLU D 65 4.13 21.00 -21.61
CA GLU D 65 4.14 21.00 -23.07
C GLU D 65 4.54 22.37 -23.63
N ILE D 66 4.00 23.45 -23.07
CA ILE D 66 4.26 24.78 -23.61
C ILE D 66 5.59 25.36 -23.15
N GLY D 67 6.30 24.68 -22.27
CA GLY D 67 7.64 25.08 -21.91
C GLY D 67 7.83 25.63 -20.52
N ILE D 68 6.91 25.37 -19.59
CA ILE D 68 7.11 25.73 -18.19
C ILE D 68 7.82 24.57 -17.53
N ASN D 69 9.16 24.58 -17.61
CA ASN D 69 9.94 23.40 -17.25
C ASN D 69 10.13 23.26 -15.75
N ALA D 70 10.19 24.37 -15.01
CA ALA D 70 10.44 24.31 -13.58
C ALA D 70 9.20 23.85 -12.83
N TYR D 71 9.38 22.87 -11.93
CA TYR D 71 8.25 22.39 -11.17
C TYR D 71 7.65 23.46 -10.28
N GLY D 72 8.48 24.33 -9.71
CA GLY D 72 7.98 25.36 -8.82
C GLY D 72 7.04 26.34 -9.50
N HIS D 73 7.37 26.73 -10.74
CA HIS D 73 6.51 27.65 -11.48
C HIS D 73 5.16 27.01 -11.79
N ARG D 74 5.17 25.74 -12.22
CA ARG D 74 3.91 25.05 -12.50
C ARG D 74 3.09 24.91 -11.23
N HIS D 75 3.74 24.58 -10.12
CA HIS D 75 3.05 24.47 -8.84
C HIS D 75 2.37 25.79 -8.47
N LYS D 76 3.09 26.90 -8.65
CA LYS D 76 2.51 28.21 -8.35
C LYS D 76 1.30 28.49 -9.22
N LEU D 77 1.42 28.24 -10.53
CA LEU D 77 0.31 28.50 -11.44
C LEU D 77 -0.92 27.67 -11.08
N ILE D 78 -0.72 26.38 -10.83
CA ILE D 78 -1.82 25.49 -10.54
C ILE D 78 -2.52 25.89 -9.24
N LYS D 79 -1.74 26.21 -8.21
CA LYS D 79 -2.36 26.60 -6.95
C LYS D 79 -3.06 27.95 -7.06
N GLY D 80 -2.54 28.87 -7.87
CA GLY D 80 -3.27 30.10 -8.11
C GLY D 80 -4.60 29.85 -8.79
N VAL D 81 -4.62 28.95 -9.76
CA VAL D 81 -5.88 28.60 -10.42
C VAL D 81 -6.86 28.00 -9.42
N GLU D 82 -6.37 27.13 -8.54
CA GLU D 82 -7.23 26.56 -7.50
C GLU D 82 -7.79 27.66 -6.59
N ARG D 83 -6.96 28.62 -6.20
CA ARG D 83 -7.44 29.70 -5.35
C ARG D 83 -8.51 30.51 -6.05
N LEU D 84 -8.39 30.67 -7.37
CA LEU D 84 -9.37 31.47 -8.10
C LEU D 84 -10.68 30.71 -8.31
N ILE D 85 -10.60 29.53 -8.93
CA ILE D 85 -11.80 28.83 -9.34
C ILE D 85 -12.52 28.20 -8.16
N SER D 86 -11.78 27.48 -7.30
CA SER D 86 -12.42 26.83 -6.17
C SER D 86 -12.55 27.77 -4.98
N GLY D 87 -11.61 28.71 -4.82
CA GLY D 87 -11.62 29.57 -3.65
C GLY D 87 -12.68 30.65 -3.67
N GLN D 88 -13.14 31.05 -4.84
CA GLN D 88 -14.17 32.08 -4.98
C GLN D 88 -15.37 31.55 -5.76
N GLN D 89 -15.76 30.30 -5.48
CA GLN D 89 -16.82 29.66 -6.25
C GLN D 89 -18.10 30.49 -6.22
N GLY D 90 -18.36 31.20 -5.13
CA GLY D 90 -19.56 31.99 -5.03
C GLY D 90 -19.62 33.15 -6.00
N LEU D 91 -18.47 33.62 -6.50
CA LEU D 91 -18.44 34.61 -7.55
C LEU D 91 -18.56 34.00 -8.95
N ASN D 92 -18.43 32.69 -9.07
CA ASN D 92 -18.59 31.99 -10.34
C ASN D 92 -17.68 32.57 -11.42
N PRO D 93 -16.39 32.73 -11.16
CA PRO D 93 -15.47 33.15 -12.23
C PRO D 93 -15.38 32.16 -13.36
N TYR D 94 -15.60 30.87 -13.08
CA TYR D 94 -15.53 29.86 -14.13
C TYR D 94 -16.59 30.10 -15.20
N LEU D 95 -17.81 30.43 -14.78
CA LEU D 95 -18.86 30.73 -15.75
C LEU D 95 -18.56 32.00 -16.52
N THR D 96 -17.84 32.94 -15.90
CA THR D 96 -17.45 34.15 -16.62
C THR D 96 -16.39 33.85 -17.66
N LEU D 97 -15.49 32.91 -17.37
CA LEU D 97 -14.38 32.67 -18.27
C LEU D 97 -14.80 31.83 -19.48
N ASN D 98 -15.67 30.84 -19.27
CA ASN D 98 -15.98 29.85 -20.30
C ASN D 98 -17.29 30.13 -21.02
N THR D 99 -17.61 31.41 -21.26
CA THR D 99 -18.75 31.73 -22.10
C THR D 99 -18.48 31.45 -23.57
N SER D 100 -17.24 31.58 -24.01
CA SER D 100 -16.91 31.39 -25.42
C SER D 100 -17.12 29.94 -25.83
N GLY D 101 -17.61 29.75 -27.06
CA GLY D 101 -17.92 28.44 -27.57
C GLY D 101 -19.37 28.04 -27.43
N SER D 102 -20.11 28.63 -26.50
CA SER D 102 -21.54 28.37 -26.40
C SER D 102 -22.27 28.99 -27.58
N GLY D 103 -23.44 28.46 -27.87
CA GLY D 103 -24.24 28.90 -28.98
C GLY D 103 -24.60 27.76 -29.92
N THR D 104 -25.50 28.07 -30.84
CA THR D 104 -26.07 27.07 -31.72
C THR D 104 -25.26 26.94 -32.99
N ILE D 105 -25.18 25.71 -33.52
CA ILE D 105 -24.70 25.49 -34.87
C ILE D 105 -25.71 24.64 -35.62
N LEU D 106 -25.75 24.82 -36.93
CA LEU D 106 -26.64 24.09 -37.82
C LEU D 106 -25.80 23.21 -38.73
N ILE D 107 -26.05 21.91 -38.70
CA ILE D 107 -25.33 20.95 -39.49
C ILE D 107 -26.26 20.49 -40.61
N ASP D 108 -25.89 20.78 -41.85
CA ASP D 108 -26.75 20.46 -42.98
C ASP D 108 -26.70 18.97 -43.28
N LEU D 109 -27.88 18.38 -43.50
CA LEU D 109 -27.99 16.98 -43.85
C LEU D 109 -27.78 16.80 -45.35
N SER D 110 -27.31 15.61 -45.72
CA SER D 110 -27.08 15.27 -47.13
C SER D 110 -28.31 14.59 -47.71
N PRO D 111 -28.92 15.13 -48.77
CA PRO D 111 -30.10 14.46 -49.35
C PRO D 111 -29.87 13.02 -49.73
N ASP D 112 -28.61 12.58 -49.88
CA ASP D 112 -28.33 11.18 -50.15
C ASP D 112 -28.28 10.33 -48.89
N ASP D 113 -28.43 10.92 -47.71
CA ASP D 113 -28.35 10.20 -46.45
C ASP D 113 -29.71 9.67 -46.03
N LYS D 114 -29.71 8.57 -45.29
CA LYS D 114 -30.95 7.97 -44.86
C LYS D 114 -31.70 8.87 -43.90
N GLU D 115 -30.98 9.65 -43.10
CA GLU D 115 -31.63 10.52 -42.12
C GLU D 115 -32.47 11.58 -42.82
N PHE D 116 -31.89 12.25 -43.82
CA PHE D 116 -32.63 13.23 -44.59
C PHE D 116 -33.86 12.59 -45.21
N GLN D 117 -33.71 11.40 -45.77
CA GLN D 117 -34.82 10.76 -46.46
C GLN D 117 -35.93 10.36 -45.50
N SER D 118 -35.59 9.91 -44.29
CA SER D 118 -36.62 9.58 -43.32
C SER D 118 -37.33 10.81 -42.80
N VAL D 119 -36.62 11.91 -42.56
CA VAL D 119 -37.29 13.15 -42.17
C VAL D 119 -38.20 13.62 -43.29
N GLU D 120 -37.73 13.53 -44.54
CA GLU D 120 -38.56 13.94 -45.67
C GLU D 120 -39.79 13.06 -45.81
N GLU D 121 -39.64 11.76 -45.61
CA GLU D 121 -40.78 10.86 -45.70
C GLU D 121 -41.80 11.15 -44.61
N GLU D 122 -41.32 11.38 -43.38
CA GLU D 122 -42.23 11.74 -42.31
C GLU D 122 -42.97 13.04 -42.64
N MET D 123 -42.26 14.01 -43.21
CA MET D 123 -42.88 15.28 -43.55
C MET D 123 -43.92 15.11 -44.66
N GLN D 124 -43.60 14.34 -45.70
CA GLN D 124 -44.47 14.21 -46.86
C GLN D 124 -45.68 13.33 -46.56
N SER D 125 -45.48 12.21 -45.87
CA SER D 125 -46.54 11.23 -45.71
C SER D 125 -47.61 11.64 -44.73
N THR D 126 -47.33 12.61 -43.86
CA THR D 126 -48.30 13.05 -42.86
C THR D 126 -49.10 14.25 -43.32
N VAL D 127 -49.15 14.51 -44.63
CA VAL D 127 -50.03 15.56 -45.15
C VAL D 127 -51.47 15.05 -45.19
N ARG D 128 -52.41 15.95 -44.89
CA ARG D 128 -53.82 15.64 -44.87
C ARG D 128 -54.58 16.82 -45.46
N GLU D 129 -55.80 16.55 -45.89
CA GLU D 129 -56.66 17.63 -46.38
C GLU D 129 -57.42 18.22 -45.18
N HIS D 130 -57.34 19.54 -45.04
CA HIS D 130 -57.89 20.23 -43.89
C HIS D 130 -59.25 20.83 -44.22
N ARG D 131 -60.00 21.15 -43.16
CA ARG D 131 -61.38 21.61 -43.33
C ARG D 131 -61.43 22.88 -44.17
N ASP D 132 -60.66 23.90 -43.77
CA ASP D 132 -60.60 25.11 -44.56
C ASP D 132 -59.90 24.83 -45.88
N GLY D 133 -60.36 25.51 -46.93
CA GLY D 133 -59.77 25.33 -48.24
C GLY D 133 -58.40 25.95 -48.33
N GLY D 134 -57.47 25.49 -47.51
CA GLY D 134 -56.16 26.09 -47.46
C GLY D 134 -56.17 27.55 -47.05
N HIS D 135 -57.18 27.96 -46.29
CA HIS D 135 -57.25 29.35 -45.85
C HIS D 135 -56.04 29.70 -45.00
N ALA D 136 -55.63 28.79 -44.13
CA ALA D 136 -54.49 29.03 -43.26
C ALA D 136 -53.19 28.45 -43.84
N GLY D 137 -53.23 27.23 -44.36
CA GLY D 137 -52.01 26.57 -44.81
C GLY D 137 -51.75 26.61 -46.30
N GLY D 138 -52.73 27.06 -47.10
CA GLY D 138 -52.60 27.06 -48.54
C GLY D 138 -53.06 25.74 -49.15
N ILE D 139 -52.88 25.66 -50.47
CA ILE D 139 -53.32 24.51 -51.26
C ILE D 139 -52.10 23.73 -51.71
N PHE D 140 -52.01 22.46 -51.35
CA PHE D 140 -50.89 21.64 -51.75
C PHE D 140 -51.18 20.18 -51.44
N ASN D 141 -50.41 19.30 -52.07
CA ASN D 141 -50.42 17.88 -51.73
C ASN D 141 -49.05 17.37 -51.30
N ARG D 142 -47.98 18.06 -51.67
CA ARG D 142 -46.62 17.67 -51.29
C ARG D 142 -45.77 18.92 -51.19
N TYR D 143 -44.63 18.78 -50.55
CA TYR D 143 -43.66 19.85 -50.39
C TYR D 143 -42.48 19.67 -51.34
N ASN D 144 -41.74 20.75 -51.52
CA ASN D 144 -40.40 20.71 -52.09
C ASN D 144 -39.43 21.03 -50.95
N ILE D 145 -38.73 20.03 -50.48
CA ILE D 145 -37.81 20.19 -49.35
C ILE D 145 -36.48 20.70 -49.88
N LEU D 146 -35.98 21.77 -49.28
CA LEU D 146 -34.76 22.42 -49.74
C LEU D 146 -33.56 22.00 -48.91
N LYS D 147 -33.69 22.04 -47.59
CA LYS D 147 -32.64 21.54 -46.73
C LYS D 147 -33.24 21.13 -45.40
N ILE D 148 -32.51 20.29 -44.70
CA ILE D 148 -32.82 19.91 -43.34
C ILE D 148 -31.54 20.05 -42.53
N GLN D 149 -31.63 20.73 -41.39
CA GLN D 149 -30.46 21.03 -40.59
C GLN D 149 -30.65 20.48 -39.18
N LYS D 150 -29.66 19.71 -38.72
CA LYS D 150 -29.57 19.35 -37.32
C LYS D 150 -29.19 20.57 -36.51
N VAL D 151 -29.87 20.77 -35.38
CA VAL D 151 -29.65 21.91 -34.50
C VAL D 151 -28.87 21.44 -33.29
N CYS D 152 -27.71 22.04 -33.04
CA CYS D 152 -26.83 21.61 -31.95
C CYS D 152 -26.57 22.79 -31.03
N ASN D 153 -26.88 22.61 -29.75
CA ASN D 153 -26.66 23.63 -28.73
C ASN D 153 -26.60 22.93 -27.38
N LYS D 154 -25.42 22.89 -26.76
CA LYS D 154 -25.22 22.05 -25.59
C LYS D 154 -26.03 22.52 -24.38
N LYS D 155 -26.10 23.83 -24.15
CA LYS D 155 -26.84 24.34 -23.00
C LYS D 155 -28.30 23.92 -23.05
N LEU D 156 -28.96 24.15 -24.20
CA LEU D 156 -30.35 23.75 -24.35
C LEU D 156 -30.50 22.23 -24.25
N TRP D 157 -29.53 21.50 -24.77
CA TRP D 157 -29.62 20.04 -24.70
C TRP D 157 -29.58 19.54 -23.27
N GLU D 158 -28.68 20.10 -22.45
CA GLU D 158 -28.61 19.71 -21.05
C GLU D 158 -29.88 20.09 -20.31
N ARG D 159 -30.43 21.26 -20.60
CA ARG D 159 -31.71 21.63 -20.00
C ARG D 159 -32.79 20.59 -20.32
N TYR D 160 -32.88 20.21 -21.60
CA TYR D 160 -33.91 19.25 -22.02
C TYR D 160 -33.71 17.90 -21.35
N THR D 161 -32.47 17.41 -21.31
CA THR D 161 -32.24 16.09 -20.74
C THR D 161 -32.40 16.06 -19.22
N HIS D 162 -32.09 17.16 -18.53
CA HIS D 162 -32.40 17.22 -17.11
C HIS D 162 -33.90 17.12 -16.88
N ARG D 163 -34.69 17.89 -17.64
CA ARG D 163 -36.13 17.79 -17.49
C ARG D 163 -36.60 16.39 -17.81
N ARG D 164 -36.01 15.75 -18.82
CA ARG D 164 -36.42 14.41 -19.20
C ARG D 164 -36.18 13.41 -18.07
N LYS D 165 -35.04 13.52 -17.40
CA LYS D 165 -34.79 12.64 -16.25
C LYS D 165 -35.82 12.88 -15.16
N GLU D 166 -36.13 14.14 -14.86
CA GLU D 166 -37.16 14.41 -13.86
C GLU D 166 -38.49 13.73 -14.22
N VAL D 167 -38.97 13.97 -15.43
CA VAL D 167 -40.27 13.45 -15.84
C VAL D 167 -40.28 11.94 -15.82
N SER D 168 -39.22 11.30 -16.34
CA SER D 168 -39.21 9.84 -16.35
C SER D 168 -39.10 9.28 -14.95
N GLU D 169 -38.49 10.02 -14.01
CA GLU D 169 -38.53 9.59 -12.62
C GLU D 169 -39.94 9.65 -12.06
N GLU D 170 -40.76 10.58 -12.56
CA GLU D 170 -42.14 10.69 -12.09
C GLU D 170 -43.13 9.84 -12.87
N ASN D 171 -42.69 9.08 -13.88
CA ASN D 171 -43.59 8.35 -14.77
C ASN D 171 -43.10 6.92 -14.97
N HIS D 172 -42.82 6.26 -13.84
CA HIS D 172 -42.33 4.87 -13.81
C HIS D 172 -41.28 4.63 -14.90
N ASN D 173 -40.28 5.49 -14.93
CA ASN D 173 -39.07 5.32 -15.73
C ASN D 173 -39.34 5.41 -17.23
N HIS D 174 -40.38 6.12 -17.63
CA HIS D 174 -40.74 6.29 -19.03
C HIS D 174 -40.95 7.78 -19.30
N ALA D 175 -40.19 8.32 -20.24
CA ALA D 175 -40.39 9.71 -20.63
C ALA D 175 -41.60 9.90 -21.52
N ASN D 176 -41.93 8.90 -22.35
CA ASN D 176 -42.99 9.03 -23.35
C ASN D 176 -42.62 10.09 -24.37
N GLU D 177 -41.42 9.95 -24.92
CA GLU D 177 -40.84 10.94 -25.81
C GLU D 177 -41.28 10.70 -27.25
N ARG D 178 -41.75 11.75 -27.90
CA ARG D 178 -42.25 11.71 -29.26
C ARG D 178 -41.45 12.66 -30.14
N MET D 179 -41.58 12.50 -31.43
CA MET D 179 -41.00 13.41 -32.41
C MET D 179 -42.13 14.09 -33.15
N LEU D 180 -42.26 15.40 -32.98
CA LEU D 180 -43.46 16.12 -33.41
C LEU D 180 -43.09 17.38 -34.17
N PHE D 181 -44.01 17.84 -34.99
CA PHE D 181 -43.79 19.07 -35.76
C PHE D 181 -44.21 20.29 -34.97
N HIS D 182 -43.48 21.38 -35.17
CA HIS D 182 -43.81 22.66 -34.58
C HIS D 182 -43.70 23.72 -35.66
N GLY D 183 -44.68 24.59 -35.74
CA GLY D 183 -44.66 25.69 -36.67
C GLY D 183 -44.87 27.01 -35.95
N SER D 184 -44.09 28.02 -36.30
CA SER D 184 -44.17 29.30 -35.63
C SER D 184 -43.44 30.33 -36.47
N PRO D 185 -43.80 31.61 -36.37
CA PRO D 185 -43.00 32.66 -36.99
C PRO D 185 -41.77 33.05 -36.18
N PHE D 186 -41.53 32.37 -35.05
CA PHE D 186 -40.42 32.66 -34.17
C PHE D 186 -39.43 31.50 -34.10
N VAL D 187 -39.23 30.80 -35.23
CA VAL D 187 -38.32 29.67 -35.25
C VAL D 187 -36.89 30.11 -34.94
N ASN D 188 -36.50 31.28 -35.43
CA ASN D 188 -35.15 31.76 -35.24
C ASN D 188 -34.83 31.96 -33.76
N ALA D 189 -35.77 32.54 -33.01
CA ALA D 189 -35.58 32.65 -31.56
C ALA D 189 -35.50 31.29 -30.90
N ILE D 190 -36.29 30.33 -31.39
CA ILE D 190 -36.36 29.03 -30.74
C ILE D 190 -35.04 28.28 -30.88
N ILE D 191 -34.42 28.34 -32.06
CA ILE D 191 -33.20 27.57 -32.26
C ILE D 191 -31.99 28.14 -31.54
N HIS D 192 -32.11 29.34 -30.97
CA HIS D 192 -31.01 29.95 -30.21
C HIS D 192 -31.29 30.04 -28.72
N LYS D 193 -32.54 30.27 -28.32
CA LYS D 193 -32.91 30.35 -26.92
C LYS D 193 -33.73 29.15 -26.44
N GLY D 194 -34.28 28.36 -27.35
CA GLY D 194 -35.11 27.23 -26.98
C GLY D 194 -36.57 27.62 -26.83
N PHE D 195 -37.40 26.60 -26.64
CA PHE D 195 -38.82 26.83 -26.38
C PHE D 195 -38.99 27.49 -25.03
N ASP D 196 -39.92 28.43 -24.96
CA ASP D 196 -40.10 29.25 -23.77
C ASP D 196 -41.59 29.44 -23.53
N GLU D 197 -42.07 29.02 -22.37
CA GLU D 197 -43.50 29.16 -22.08
C GLU D 197 -43.90 30.60 -21.79
N ARG D 198 -42.95 31.48 -21.50
CA ARG D 198 -43.30 32.88 -21.26
C ARG D 198 -43.77 33.60 -22.52
N HIS D 199 -43.60 32.98 -23.69
CA HIS D 199 -44.16 33.48 -24.93
C HIS D 199 -45.40 32.73 -25.36
N ALA D 200 -45.99 31.92 -24.48
CA ALA D 200 -46.89 30.86 -24.89
C ALA D 200 -48.09 31.41 -25.64
N TYR D 201 -48.70 30.53 -26.44
CA TYR D 201 -49.90 30.83 -27.22
C TYR D 201 -51.09 30.85 -26.28
N ILE D 202 -51.29 32.00 -25.63
CA ILE D 202 -52.23 32.08 -24.50
C ILE D 202 -53.69 31.99 -24.95
N GLY D 203 -53.97 32.17 -26.23
CA GLY D 203 -55.32 32.07 -26.75
C GLY D 203 -55.67 30.73 -27.36
N GLY D 204 -54.81 29.73 -27.22
CA GLY D 204 -55.02 28.47 -27.91
C GLY D 204 -56.20 27.70 -27.37
N MET D 205 -56.56 26.63 -28.10
CA MET D 205 -57.69 25.80 -27.71
C MET D 205 -57.48 25.16 -26.35
N PHE D 206 -56.22 24.90 -25.97
CA PHE D 206 -55.90 24.26 -24.71
C PHE D 206 -55.08 25.16 -23.78
N GLY D 207 -55.24 26.48 -23.89
CA GLY D 207 -54.63 27.37 -22.95
C GLY D 207 -53.27 27.89 -23.40
N ALA D 208 -52.50 28.30 -22.40
CA ALA D 208 -51.17 28.88 -22.61
C ALA D 208 -50.09 27.79 -22.60
N GLY D 209 -49.99 27.07 -23.71
CA GLY D 209 -48.97 26.08 -23.92
C GLY D 209 -48.30 26.19 -25.28
N ILE D 210 -47.26 25.38 -25.44
CA ILE D 210 -46.58 25.20 -26.72
C ILE D 210 -47.19 23.99 -27.40
N TYR D 211 -47.58 24.15 -28.66
CA TYR D 211 -48.39 23.20 -29.40
C TYR D 211 -47.56 22.47 -30.44
N PHE D 212 -47.80 21.17 -30.57
CA PHE D 212 -47.12 20.31 -31.52
C PHE D 212 -48.16 19.45 -32.21
N ALA D 213 -47.83 19.00 -33.42
CA ALA D 213 -48.74 18.19 -34.21
C ALA D 213 -47.99 17.01 -34.81
N GLU D 214 -48.68 15.87 -34.88
CA GLU D 214 -48.14 14.72 -35.59
C GLU D 214 -48.26 14.85 -37.10
N ASN D 215 -49.10 15.76 -37.58
CA ASN D 215 -49.25 16.03 -39.01
C ASN D 215 -48.46 17.27 -39.37
N SER D 216 -47.58 17.14 -40.37
CA SER D 216 -46.77 18.28 -40.78
C SER D 216 -47.65 19.40 -41.34
N SER D 217 -48.69 19.03 -42.09
CA SER D 217 -49.53 20.04 -42.73
C SER D 217 -50.34 20.85 -41.73
N LYS D 218 -50.62 20.29 -40.55
CA LYS D 218 -51.29 21.08 -39.52
C LYS D 218 -50.34 22.13 -38.95
N SER D 219 -49.11 21.74 -38.64
CA SER D 219 -48.14 22.72 -38.15
C SER D 219 -47.82 23.76 -39.20
N ASN D 220 -47.93 23.39 -40.48
CA ASN D 220 -47.70 24.35 -41.55
C ASN D 220 -48.66 25.52 -41.48
N GLN D 221 -49.83 25.34 -40.87
CA GLN D 221 -50.82 26.41 -40.81
C GLN D 221 -50.39 27.56 -39.92
N TYR D 222 -49.37 27.38 -39.09
CA TYR D 222 -49.00 28.35 -38.06
C TYR D 222 -47.70 29.07 -38.33
N VAL D 223 -46.99 28.73 -39.40
CA VAL D 223 -45.65 29.30 -39.60
C VAL D 223 -45.71 30.81 -39.78
N TYR D 224 -46.82 31.35 -40.28
CA TYR D 224 -46.98 32.79 -40.44
C TYR D 224 -47.80 33.41 -39.30
N GLY D 225 -48.19 32.64 -38.31
CA GLY D 225 -48.98 33.12 -37.22
C GLY D 225 -50.34 32.43 -37.14
N ILE D 226 -51.19 32.97 -36.27
CA ILE D 226 -52.51 32.39 -36.08
C ILE D 226 -53.28 32.47 -37.39
N GLY D 227 -53.86 31.35 -37.80
CA GLY D 227 -54.62 31.31 -39.04
C GLY D 227 -53.82 31.73 -40.25
N GLY D 228 -52.51 31.57 -40.20
CA GLY D 228 -51.65 32.02 -41.28
C GLY D 228 -51.30 33.49 -41.25
N GLY D 229 -51.78 34.22 -40.25
CA GLY D 229 -51.44 35.64 -40.17
C GLY D 229 -51.83 36.36 -41.45
N THR D 230 -50.97 37.27 -41.88
CA THR D 230 -51.16 38.02 -43.11
C THR D 230 -50.49 37.37 -44.31
N GLY D 231 -50.03 36.12 -44.17
CA GLY D 231 -49.32 35.47 -45.24
C GLY D 231 -47.86 35.88 -45.29
N CYS D 232 -47.21 35.47 -46.37
CA CYS D 232 -45.78 35.71 -46.51
C CYS D 232 -45.51 37.22 -46.58
N PRO D 233 -44.41 37.70 -46.01
CA PRO D 233 -44.10 39.13 -46.13
C PRO D 233 -43.95 39.60 -47.56
N VAL D 234 -43.41 38.75 -48.45
CA VAL D 234 -43.11 39.17 -49.81
C VAL D 234 -44.37 39.48 -50.60
N HIS D 235 -45.48 38.80 -50.31
CA HIS D 235 -46.73 39.03 -51.03
C HIS D 235 -47.92 39.28 -50.13
N LYS D 236 -47.81 39.10 -48.82
CA LYS D 236 -48.97 39.06 -47.94
C LYS D 236 -49.94 37.97 -48.38
N ASP D 237 -49.39 36.87 -48.90
CA ASP D 237 -50.18 35.77 -49.45
C ASP D 237 -50.00 34.54 -48.58
N ARG D 238 -51.11 33.91 -48.21
CA ARG D 238 -51.06 32.73 -47.36
C ARG D 238 -50.85 31.43 -48.13
N SER D 239 -50.88 31.47 -49.46
CA SER D 239 -50.65 30.29 -50.29
C SER D 239 -49.53 30.55 -51.28
N CYS D 240 -48.54 31.34 -50.88
CA CYS D 240 -47.42 31.61 -51.77
C CYS D 240 -46.63 30.34 -52.02
N TYR D 241 -46.05 30.25 -53.21
CA TYR D 241 -45.21 29.14 -53.61
C TYR D 241 -43.76 29.54 -53.81
N ILE D 242 -43.41 30.81 -53.61
CA ILE D 242 -42.10 31.31 -53.98
C ILE D 242 -41.25 31.65 -52.75
N CYS D 243 -41.85 31.79 -51.58
CA CYS D 243 -41.12 32.14 -50.36
C CYS D 243 -40.89 30.88 -49.55
N HIS D 244 -39.71 30.80 -48.94
CA HIS D 244 -39.30 29.60 -48.23
C HIS D 244 -39.95 29.58 -46.84
N ARG D 245 -40.54 28.44 -46.50
CA ARG D 245 -41.12 28.25 -45.18
C ARG D 245 -40.19 27.41 -44.30
N GLN D 246 -40.45 27.43 -43.00
CA GLN D 246 -39.62 26.72 -42.04
C GLN D 246 -40.48 26.03 -40.98
N LEU D 247 -40.21 24.75 -40.75
CA LEU D 247 -40.84 23.98 -39.69
C LEU D 247 -39.76 23.34 -38.83
N LEU D 248 -40.08 23.11 -37.56
CA LEU D 248 -39.19 22.41 -36.65
C LEU D 248 -39.73 21.01 -36.40
N PHE D 249 -38.82 20.04 -36.30
CA PHE D 249 -39.17 18.66 -36.01
C PHE D 249 -38.45 18.29 -34.72
N CYS D 250 -39.19 18.25 -33.61
CA CYS D 250 -38.64 18.40 -32.28
C CYS D 250 -38.92 17.18 -31.41
N ARG D 251 -37.96 16.85 -30.55
CA ARG D 251 -38.21 15.88 -29.49
C ARG D 251 -39.06 16.51 -28.41
N VAL D 252 -40.18 15.87 -28.06
CA VAL D 252 -41.09 16.36 -27.05
C VAL D 252 -41.28 15.28 -26.01
N THR D 253 -41.06 15.60 -24.74
CA THR D 253 -41.36 14.70 -23.65
C THR D 253 -42.79 14.96 -23.19
N LEU D 254 -43.64 13.93 -23.29
CA LEU D 254 -45.03 14.05 -22.90
C LEU D 254 -45.34 13.45 -21.54
N GLY D 255 -44.52 12.51 -21.07
CA GLY D 255 -44.75 11.93 -19.76
C GLY D 255 -46.12 11.30 -19.67
N LYS D 256 -46.75 11.43 -18.51
CA LYS D 256 -48.14 11.06 -18.36
C LYS D 256 -49.00 12.14 -19.00
N SER D 257 -49.69 11.79 -20.09
CA SER D 257 -50.43 12.76 -20.88
C SER D 257 -51.91 12.67 -20.54
N PHE D 258 -52.52 13.81 -20.25
CA PHE D 258 -53.95 13.87 -20.00
C PHE D 258 -54.70 13.90 -21.33
N LEU D 259 -55.74 13.09 -21.43
CA LEU D 259 -56.51 12.94 -22.65
C LEU D 259 -57.68 13.90 -22.62
N GLN D 260 -57.82 14.71 -23.66
CA GLN D 260 -58.84 15.74 -23.73
C GLN D 260 -59.50 15.67 -25.09
N PHE D 261 -60.79 15.97 -25.14
CA PHE D 261 -61.55 15.92 -26.38
C PHE D 261 -62.26 17.22 -26.72
N SER D 262 -62.23 18.22 -25.84
CA SER D 262 -62.89 19.49 -26.12
C SER D 262 -62.04 20.62 -25.55
N ALA D 263 -62.29 21.82 -26.06
CA ALA D 263 -61.51 22.98 -25.70
C ALA D 263 -61.67 23.31 -24.22
N MET D 264 -60.56 23.70 -23.59
CA MET D 264 -60.59 24.22 -22.23
C MET D 264 -59.25 24.89 -21.96
N LYS D 265 -59.29 26.09 -21.42
CA LYS D 265 -58.07 26.86 -21.19
C LYS D 265 -57.46 26.46 -19.86
N MET D 266 -56.13 26.34 -19.83
CA MET D 266 -55.42 26.12 -18.59
C MET D 266 -54.02 26.72 -18.70
N ALA D 267 -53.52 27.22 -17.58
CA ALA D 267 -52.17 27.76 -17.53
C ALA D 267 -51.11 26.68 -17.47
N HIS D 268 -51.38 25.58 -16.78
CA HIS D 268 -50.39 24.55 -16.53
C HIS D 268 -51.02 23.20 -16.81
N SER D 269 -50.23 22.15 -16.62
CA SER D 269 -50.73 20.80 -16.81
C SER D 269 -51.77 20.45 -15.75
N PRO D 270 -52.69 19.53 -16.03
CA PRO D 270 -53.58 19.05 -14.99
C PRO D 270 -52.79 18.35 -13.90
N PRO D 271 -53.27 18.37 -12.66
CA PRO D 271 -52.50 17.78 -11.57
C PRO D 271 -52.18 16.32 -11.84
N GLY D 272 -50.93 15.94 -11.52
CA GLY D 272 -50.44 14.62 -11.76
C GLY D 272 -49.94 14.35 -13.16
N HIS D 273 -50.06 15.30 -14.08
CA HIS D 273 -49.77 15.07 -15.48
C HIS D 273 -48.68 16.01 -15.97
N HIS D 274 -48.11 15.66 -17.12
CA HIS D 274 -47.00 16.40 -17.70
C HIS D 274 -47.34 17.09 -19.00
N SER D 275 -48.52 16.86 -19.57
CA SER D 275 -48.86 17.42 -20.87
C SER D 275 -50.32 17.09 -21.16
N VAL D 276 -50.80 17.60 -22.29
CA VAL D 276 -52.16 17.33 -22.75
C VAL D 276 -52.11 16.86 -24.19
N THR D 277 -52.95 15.89 -24.52
CA THR D 277 -53.12 15.44 -25.90
C THR D 277 -54.59 15.55 -26.27
N GLY D 278 -54.90 16.44 -27.21
CA GLY D 278 -56.22 16.53 -27.77
C GLY D 278 -56.37 15.58 -28.94
N ARG D 279 -57.29 14.64 -28.85
CA ARG D 279 -57.47 13.61 -29.87
C ARG D 279 -58.64 13.95 -30.79
N PRO D 280 -58.69 13.35 -31.97
CA PRO D 280 -59.78 13.65 -32.90
C PRO D 280 -61.13 13.23 -32.34
N SER D 281 -62.16 13.98 -32.73
CA SER D 281 -63.52 13.67 -32.33
C SER D 281 -64.47 14.08 -33.45
N VAL D 282 -65.66 13.50 -33.45
CA VAL D 282 -66.63 13.80 -34.49
C VAL D 282 -66.99 15.28 -34.47
N ASN D 283 -67.21 15.84 -33.29
CA ASN D 283 -67.58 17.24 -33.13
C ASN D 283 -66.42 18.10 -32.62
N GLY D 284 -65.20 17.56 -32.62
CA GLY D 284 -64.06 18.28 -32.11
C GLY D 284 -62.88 18.33 -33.06
N LEU D 285 -61.69 18.04 -32.54
CA LEU D 285 -60.48 18.13 -33.35
C LEU D 285 -60.54 17.18 -34.53
N ALA D 286 -60.10 17.66 -35.70
CA ALA D 286 -59.91 16.77 -36.84
C ALA D 286 -58.62 15.98 -36.73
N LEU D 287 -57.58 16.55 -36.12
CA LEU D 287 -56.27 15.92 -36.03
C LEU D 287 -55.71 16.12 -34.63
N ALA D 288 -54.89 15.17 -34.19
CA ALA D 288 -54.38 15.18 -32.83
C ALA D 288 -53.38 16.32 -32.62
N GLU D 289 -53.42 16.91 -31.41
CA GLU D 289 -52.48 17.94 -31.02
C GLU D 289 -51.91 17.60 -29.64
N TYR D 290 -50.69 18.08 -29.39
CA TYR D 290 -50.02 17.88 -28.12
C TYR D 290 -49.59 19.22 -27.57
N VAL D 291 -49.76 19.41 -26.27
CA VAL D 291 -49.49 20.68 -25.64
C VAL D 291 -48.64 20.45 -24.41
N ILE D 292 -47.52 21.16 -24.33
CA ILE D 292 -46.70 21.22 -23.13
C ILE D 292 -46.80 22.62 -22.55
N TYR D 293 -46.52 22.72 -21.26
CA TYR D 293 -46.59 23.99 -20.54
C TYR D 293 -45.27 24.36 -19.88
N ARG D 294 -44.23 23.57 -20.08
CA ARG D 294 -42.87 23.86 -19.64
C ARG D 294 -42.00 23.89 -20.89
N GLY D 295 -41.28 24.99 -21.10
CA GLY D 295 -40.48 25.12 -22.30
C GLY D 295 -39.41 24.05 -22.42
N GLU D 296 -38.84 23.62 -21.30
CA GLU D 296 -37.71 22.71 -21.31
C GLU D 296 -38.10 21.29 -21.64
N GLN D 297 -39.38 21.01 -21.91
CA GLN D 297 -39.83 19.67 -22.29
C GLN D 297 -39.78 19.43 -23.78
N ALA D 298 -39.25 20.36 -24.58
CA ALA D 298 -39.09 20.16 -26.00
C ALA D 298 -37.71 20.62 -26.43
N TYR D 299 -37.16 19.93 -27.44
CA TYR D 299 -35.89 20.30 -28.02
C TYR D 299 -36.04 20.33 -29.54
N PRO D 300 -35.65 21.42 -30.21
CA PRO D 300 -35.79 21.54 -31.68
C PRO D 300 -34.65 20.86 -32.43
N GLU D 301 -34.79 19.56 -32.68
CA GLU D 301 -33.67 18.80 -33.22
C GLU D 301 -33.42 19.11 -34.70
N TYR D 302 -34.46 19.14 -35.53
CA TYR D 302 -34.31 19.34 -36.95
C TYR D 302 -35.01 20.61 -37.39
N LEU D 303 -34.36 21.40 -38.23
CA LEU D 303 -34.96 22.56 -38.88
C LEU D 303 -35.16 22.23 -40.35
N ILE D 304 -36.40 22.35 -40.82
CA ILE D 304 -36.76 21.96 -42.18
C ILE D 304 -37.16 23.21 -42.94
N THR D 305 -36.56 23.40 -44.11
CA THR D 305 -36.89 24.50 -45.00
C THR D 305 -37.53 23.93 -46.26
N TYR D 306 -38.68 24.46 -46.64
CA TYR D 306 -39.46 23.84 -47.69
C TYR D 306 -40.28 24.88 -48.44
N GLN D 307 -40.89 24.42 -49.52
CA GLN D 307 -41.86 25.16 -50.30
C GLN D 307 -43.11 24.32 -50.41
N ILE D 308 -44.28 24.95 -50.42
CA ILE D 308 -45.48 24.21 -50.76
C ILE D 308 -45.62 24.15 -52.29
N MET D 309 -46.05 23.00 -52.79
CA MET D 309 -46.23 22.81 -54.22
C MET D 309 -47.72 22.83 -54.58
N ASP E 26 14.30 33.64 -1.32
CA ASP E 26 15.54 33.48 -2.08
C ASP E 26 16.53 32.61 -1.31
N PHE E 27 16.93 33.11 -0.14
CA PHE E 27 17.95 32.45 0.67
C PHE E 27 17.35 31.58 1.76
N SER E 28 16.04 31.66 1.99
CA SER E 28 15.43 30.88 3.05
C SER E 28 15.56 29.38 2.81
N ILE E 29 15.35 28.96 1.55
CA ILE E 29 15.39 27.54 1.23
C ILE E 29 16.78 26.97 1.52
N THR E 30 17.82 27.75 1.23
CA THR E 30 19.18 27.27 1.44
C THR E 30 19.49 27.09 2.92
N GLN E 31 19.10 28.05 3.76
CA GLN E 31 19.30 27.91 5.20
C GLN E 31 18.51 26.73 5.74
N PHE E 32 17.26 26.60 5.30
CA PHE E 32 16.43 25.50 5.77
C PHE E 32 17.04 24.15 5.43
N VAL E 33 17.50 24.00 4.18
CA VAL E 33 18.05 22.72 3.75
C VAL E 33 19.39 22.45 4.41
N ARG E 34 20.16 23.51 4.68
CA ARG E 34 21.45 23.34 5.34
C ARG E 34 21.28 22.91 6.79
N ASN E 35 20.31 23.50 7.51
CA ASN E 35 20.10 23.12 8.90
C ASN E 35 19.74 21.64 9.03
N LEU E 36 19.19 21.04 7.99
CA LEU E 36 18.86 19.63 7.99
C LEU E 36 20.00 18.73 7.56
N GLY E 37 21.12 19.30 7.11
CA GLY E 37 22.20 18.49 6.61
C GLY E 37 21.98 17.95 5.21
N LEU E 38 21.08 18.56 4.44
CA LEU E 38 20.72 18.08 3.11
C LEU E 38 21.13 19.06 2.02
N GLU E 39 22.26 19.74 2.19
CA GLU E 39 22.66 20.75 1.22
C GLU E 39 23.00 20.15 -0.14
N HIS E 40 23.38 18.87 -0.18
CA HIS E 40 23.70 18.25 -1.46
C HIS E 40 22.48 18.17 -2.37
N LEU E 41 21.29 18.36 -1.84
CA LEU E 41 20.08 18.39 -2.65
C LEU E 41 19.83 19.76 -3.28
N MET E 42 20.54 20.79 -2.85
CA MET E 42 20.17 22.14 -3.26
C MET E 42 20.17 22.29 -4.77
N ASP E 43 21.05 21.60 -5.48
CA ASP E 43 21.08 21.74 -6.93
C ASP E 43 19.74 21.37 -7.54
N ILE E 44 19.12 20.29 -7.07
CA ILE E 44 17.77 19.97 -7.54
C ILE E 44 16.83 21.13 -7.26
N PHE E 45 16.81 21.61 -6.02
CA PHE E 45 15.92 22.71 -5.68
C PHE E 45 16.20 23.92 -6.55
N GLU E 46 17.42 24.07 -7.05
CA GLU E 46 17.72 25.19 -7.93
C GLU E 46 17.14 25.00 -9.32
N ARG E 47 17.24 23.79 -9.87
CA ARG E 47 16.71 23.57 -11.21
C ARG E 47 15.19 23.65 -11.22
N GLU E 48 14.54 23.12 -10.18
CA GLU E 48 13.09 23.07 -10.14
C GLU E 48 12.49 24.33 -9.53
N GLN E 49 13.30 25.30 -9.12
CA GLN E 49 12.82 26.56 -8.57
C GLN E 49 11.93 26.35 -7.35
N ILE E 50 12.33 25.43 -6.48
CA ILE E 50 11.61 25.15 -5.25
C ILE E 50 12.02 26.23 -4.25
N THR E 51 11.12 27.16 -3.96
CA THR E 51 11.32 28.10 -2.87
C THR E 51 10.68 27.54 -1.60
N LEU E 52 11.00 28.14 -0.46
CA LEU E 52 10.49 27.62 0.80
C LEU E 52 8.97 27.62 0.83
N ASP E 53 8.35 28.68 0.29
CA ASP E 53 6.89 28.73 0.21
C ASP E 53 6.31 27.62 -0.66
N VAL E 54 7.04 27.18 -1.69
CA VAL E 54 6.62 25.99 -2.44
C VAL E 54 6.87 24.73 -1.64
N LEU E 55 8.01 24.66 -0.95
CA LEU E 55 8.38 23.43 -0.27
C LEU E 55 7.43 23.10 0.87
N VAL E 56 6.87 24.11 1.52
CA VAL E 56 5.95 23.83 2.62
C VAL E 56 4.66 23.17 2.17
N GLU E 57 4.41 23.07 0.86
CA GLU E 57 3.20 22.48 0.32
C GLU E 57 3.43 21.14 -0.38
N MET E 58 4.63 20.58 -0.28
CA MET E 58 4.99 19.36 -0.99
C MET E 58 5.03 18.18 -0.03
N GLY E 59 4.44 17.07 -0.44
CA GLY E 59 4.50 15.83 0.31
C GLY E 59 5.38 14.80 -0.36
N HIS E 60 5.20 13.56 0.06
CA HIS E 60 6.03 12.48 -0.46
C HIS E 60 5.88 12.35 -1.97
N LYS E 61 4.65 12.52 -2.47
CA LYS E 61 4.39 12.36 -3.91
C LYS E 61 5.07 13.47 -4.71
N GLU E 62 4.89 14.72 -4.30
CA GLU E 62 5.50 15.83 -5.02
C GLU E 62 7.02 15.79 -4.94
N LEU E 63 7.57 15.40 -3.79
CA LEU E 63 9.02 15.29 -3.67
C LEU E 63 9.56 14.14 -4.50
N LYS E 64 8.81 13.05 -4.61
CA LYS E 64 9.17 11.99 -5.55
C LYS E 64 9.19 12.51 -6.98
N GLU E 65 8.24 13.37 -7.33
CA GLU E 65 8.17 13.86 -8.71
C GLU E 65 9.44 14.61 -9.12
N ILE E 66 9.94 15.50 -8.26
CA ILE E 66 11.08 16.32 -8.65
C ILE E 66 12.41 15.61 -8.51
N GLY E 67 12.43 14.41 -7.92
CA GLY E 67 13.62 13.59 -7.92
C GLY E 67 14.25 13.34 -6.57
N ILE E 68 13.55 13.58 -5.47
CA ILE E 68 14.04 13.18 -4.16
C ILE E 68 13.64 11.73 -3.99
N ASN E 69 14.52 10.82 -4.39
CA ASN E 69 14.15 9.42 -4.51
C ASN E 69 14.22 8.68 -3.18
N ALA E 70 15.15 9.06 -2.30
CA ALA E 70 15.33 8.37 -1.04
C ALA E 70 14.23 8.75 -0.05
N TYR E 71 13.67 7.75 0.63
CA TYR E 71 12.62 8.01 1.61
C TYR E 71 13.14 8.83 2.77
N GLY E 72 14.37 8.58 3.21
CA GLY E 72 14.91 9.30 4.35
C GLY E 72 14.98 10.80 4.12
N HIS E 73 15.38 11.23 2.92
CA HIS E 73 15.44 12.66 2.63
C HIS E 73 14.05 13.28 2.64
N ARG E 74 13.07 12.62 2.04
CA ARG E 74 11.72 13.14 2.05
C ARG E 74 11.17 13.23 3.46
N HIS E 75 11.45 12.21 4.27
CA HIS E 75 11.02 12.21 5.67
C HIS E 75 11.63 13.39 6.42
N LYS E 76 12.93 13.62 6.23
CA LYS E 76 13.57 14.74 6.91
C LYS E 76 12.96 16.07 6.49
N LEU E 77 12.74 16.25 5.19
CA LEU E 77 12.19 17.51 4.70
C LEU E 77 10.78 17.73 5.25
N ILE E 78 9.95 16.69 5.22
CA ILE E 78 8.57 16.84 5.68
C ILE E 78 8.52 17.11 7.17
N LYS E 79 9.36 16.43 7.95
CA LYS E 79 9.40 16.69 9.38
C LYS E 79 9.91 18.10 9.68
N GLY E 80 10.90 18.57 8.94
CA GLY E 80 11.34 19.96 9.11
C GLY E 80 10.25 20.95 8.78
N VAL E 81 9.50 20.70 7.70
CA VAL E 81 8.40 21.59 7.35
C VAL E 81 7.35 21.60 8.45
N GLU E 82 7.05 20.42 9.01
CA GLU E 82 6.10 20.37 10.11
C GLU E 82 6.60 21.14 11.32
N ARG E 83 7.89 20.99 11.64
CA ARG E 83 8.46 21.67 12.79
C ARG E 83 8.50 23.18 12.61
N LEU E 84 8.50 23.66 11.36
CA LEU E 84 8.43 25.09 11.12
C LEU E 84 6.99 25.59 11.14
N ILE E 85 6.13 25.00 10.31
CA ILE E 85 4.78 25.52 10.13
C ILE E 85 3.93 25.28 11.37
N SER E 86 4.01 24.10 11.96
CA SER E 86 3.18 23.76 13.10
C SER E 86 3.90 24.01 14.42
N GLY E 87 5.19 23.69 14.49
CA GLY E 87 5.92 23.82 15.74
C GLY E 87 6.07 25.25 16.21
N GLN E 88 5.97 26.22 15.31
CA GLN E 88 6.11 27.63 15.66
C GLN E 88 4.90 28.42 15.17
N GLN E 89 3.71 27.82 15.26
CA GLN E 89 2.52 28.43 14.68
C GLN E 89 2.27 29.81 15.27
N GLY E 90 2.75 30.08 16.48
CA GLY E 90 2.56 31.38 17.08
C GLY E 90 3.30 32.49 16.38
N LEU E 91 4.40 32.17 15.71
CA LEU E 91 5.11 33.15 14.90
C LEU E 91 4.44 33.38 13.55
N ASN E 92 3.57 32.47 13.11
CA ASN E 92 2.88 32.59 11.83
C ASN E 92 3.82 32.69 10.64
N PRO E 93 4.77 31.76 10.49
CA PRO E 93 5.60 31.76 9.28
C PRO E 93 4.82 31.41 8.03
N TYR E 94 3.74 30.65 8.18
CA TYR E 94 2.93 30.26 7.02
C TYR E 94 2.35 31.48 6.32
N LEU E 95 1.85 32.44 7.09
CA LEU E 95 1.28 33.65 6.52
C LEU E 95 2.37 34.57 5.96
N THR E 96 3.59 34.48 6.46
CA THR E 96 4.68 35.23 5.86
C THR E 96 5.09 34.62 4.53
N LEU E 97 5.03 33.29 4.42
CA LEU E 97 5.44 32.63 3.19
C LEU E 97 4.37 32.74 2.11
N ASN E 98 3.10 32.87 2.51
CA ASN E 98 1.98 32.80 1.56
C ASN E 98 1.42 34.17 1.20
N THR E 99 2.28 35.18 1.04
CA THR E 99 1.79 36.45 0.53
C THR E 99 1.62 36.42 -0.99
N SER E 100 2.40 35.59 -1.68
CA SER E 100 2.35 35.55 -3.13
C SER E 100 1.01 35.00 -3.62
N GLY E 101 0.50 35.59 -4.69
CA GLY E 101 -0.75 35.19 -5.29
C GLY E 101 -1.96 35.96 -4.81
N SER E 102 -1.90 36.56 -3.63
CA SER E 102 -3.00 37.40 -3.19
C SER E 102 -3.15 38.60 -4.11
N GLY E 103 -4.15 39.42 -3.82
CA GLY E 103 -4.43 40.58 -4.64
C GLY E 103 -5.61 40.37 -5.56
N THR E 104 -6.00 41.45 -6.21
CA THR E 104 -7.22 41.51 -7.01
C THR E 104 -6.88 41.38 -8.49
N ILE E 105 -7.60 40.53 -9.20
CA ILE E 105 -7.56 40.52 -10.66
C ILE E 105 -8.91 40.98 -11.18
N LEU E 106 -8.91 41.50 -12.40
CA LEU E 106 -10.10 41.95 -13.08
C LEU E 106 -10.30 41.12 -14.33
N ILE E 107 -11.48 40.53 -14.48
CA ILE E 107 -11.80 39.67 -15.62
C ILE E 107 -12.85 40.37 -16.47
N ASP E 108 -12.53 40.63 -17.72
CA ASP E 108 -13.44 41.37 -18.57
C ASP E 108 -14.62 40.51 -18.97
N LEU E 109 -15.82 41.07 -18.88
CA LEU E 109 -17.00 40.43 -19.44
C LEU E 109 -17.06 40.71 -20.94
N SER E 110 -17.68 39.78 -21.67
CA SER E 110 -17.84 39.94 -23.10
C SER E 110 -19.22 40.50 -23.40
N PRO E 111 -19.35 41.48 -24.29
CA PRO E 111 -20.68 42.02 -24.60
C PRO E 111 -21.63 40.99 -25.19
N ASP E 112 -21.10 39.89 -25.68
CA ASP E 112 -21.92 38.85 -26.28
C ASP E 112 -22.53 37.91 -25.25
N ASP E 113 -22.11 37.99 -23.99
CA ASP E 113 -22.58 37.09 -22.95
C ASP E 113 -23.85 37.63 -22.30
N LYS E 114 -24.58 36.74 -21.63
CA LYS E 114 -25.78 37.16 -20.93
C LYS E 114 -25.46 37.93 -19.66
N GLU E 115 -24.28 37.69 -19.07
CA GLU E 115 -23.92 38.40 -17.85
C GLU E 115 -23.70 39.89 -18.13
N PHE E 116 -22.95 40.21 -19.18
CA PHE E 116 -22.77 41.60 -19.57
C PHE E 116 -24.10 42.25 -19.87
N GLN E 117 -24.97 41.54 -20.61
CA GLN E 117 -26.22 42.12 -21.04
C GLN E 117 -27.18 42.33 -19.87
N SER E 118 -27.18 41.42 -18.90
CA SER E 118 -28.01 41.61 -17.71
C SER E 118 -27.50 42.74 -16.84
N VAL E 119 -26.18 42.86 -16.66
CA VAL E 119 -25.66 43.98 -15.88
C VAL E 119 -25.96 45.31 -16.58
N GLU E 120 -25.84 45.34 -17.90
CA GLU E 120 -26.14 46.55 -18.65
C GLU E 120 -27.62 46.89 -18.62
N GLU E 121 -28.47 45.86 -18.67
CA GLU E 121 -29.91 46.10 -18.60
C GLU E 121 -30.31 46.60 -17.21
N GLU E 122 -29.65 46.09 -16.16
CA GLU E 122 -29.90 46.58 -14.82
C GLU E 122 -29.44 48.02 -14.66
N MET E 123 -28.34 48.39 -15.31
CA MET E 123 -27.87 49.77 -15.22
C MET E 123 -28.74 50.71 -16.05
N GLN E 124 -29.13 50.31 -17.25
CA GLN E 124 -29.88 51.20 -18.13
C GLN E 124 -31.33 51.35 -17.68
N SER E 125 -31.93 50.26 -17.20
CA SER E 125 -33.33 50.30 -16.81
C SER E 125 -33.57 51.06 -15.53
N THR E 126 -32.52 51.41 -14.78
CA THR E 126 -32.65 52.06 -13.49
C THR E 126 -32.23 53.53 -13.52
N VAL E 127 -32.13 54.13 -14.69
CA VAL E 127 -31.94 55.57 -14.78
C VAL E 127 -33.25 56.27 -14.46
N ARG E 128 -33.18 57.30 -13.62
CA ARG E 128 -34.38 58.00 -13.16
C ARG E 128 -34.16 59.51 -13.28
N GLU E 129 -35.27 60.24 -13.36
CA GLU E 129 -35.26 61.70 -13.38
C GLU E 129 -35.10 62.21 -11.96
N HIS E 130 -33.94 62.78 -11.66
CA HIS E 130 -33.64 63.22 -10.31
C HIS E 130 -34.14 64.64 -10.08
N ARG E 131 -34.26 65.01 -8.81
CA ARG E 131 -34.84 66.31 -8.46
C ARG E 131 -34.01 67.45 -9.04
N ASP E 132 -32.70 67.45 -8.77
CA ASP E 132 -31.84 68.47 -9.35
C ASP E 132 -31.76 68.28 -10.86
N GLY E 133 -31.74 69.38 -11.59
CA GLY E 133 -31.71 69.32 -13.03
C GLY E 133 -30.37 68.88 -13.57
N GLY E 134 -29.91 67.70 -13.14
CA GLY E 134 -28.61 67.22 -13.54
C GLY E 134 -27.46 68.09 -13.09
N HIS E 135 -27.52 68.62 -11.87
CA HIS E 135 -26.41 69.40 -11.37
C HIS E 135 -25.26 68.51 -10.90
N ALA E 136 -25.59 67.37 -10.29
CA ALA E 136 -24.58 66.50 -9.72
C ALA E 136 -24.14 65.40 -10.68
N GLY E 137 -25.10 64.67 -11.26
CA GLY E 137 -24.78 63.59 -12.16
C GLY E 137 -24.82 63.98 -13.62
N GLY E 138 -25.36 65.18 -13.91
CA GLY E 138 -25.48 65.64 -15.26
C GLY E 138 -26.85 65.41 -15.85
N ILE E 139 -26.98 65.76 -17.12
CA ILE E 139 -28.21 65.58 -17.88
C ILE E 139 -27.99 64.41 -18.83
N PHE E 140 -28.80 63.35 -18.68
CA PHE E 140 -28.68 62.19 -19.54
C PHE E 140 -29.91 61.32 -19.36
N ASN E 141 -30.16 60.49 -20.37
CA ASN E 141 -31.23 59.49 -20.34
C ASN E 141 -30.72 58.06 -20.34
N ARG E 142 -29.49 57.84 -20.74
CA ARG E 142 -28.91 56.50 -20.80
C ARG E 142 -27.40 56.65 -20.77
N TYR E 143 -26.73 55.53 -20.55
CA TYR E 143 -25.28 55.46 -20.66
C TYR E 143 -24.91 54.72 -21.94
N ASN E 144 -23.64 54.81 -22.30
CA ASN E 144 -23.03 53.82 -23.17
C ASN E 144 -21.91 53.15 -22.40
N ILE E 145 -21.98 51.82 -22.31
CA ILE E 145 -21.14 51.05 -21.40
C ILE E 145 -19.87 50.68 -22.14
N LEU E 146 -18.74 51.24 -21.72
CA LEU E 146 -17.47 50.94 -22.36
C LEU E 146 -16.98 49.56 -21.98
N LYS E 147 -17.11 49.17 -20.71
CA LYS E 147 -16.43 47.98 -20.21
C LYS E 147 -17.04 47.56 -18.88
N ILE E 148 -17.14 46.25 -18.68
CA ILE E 148 -17.58 45.68 -17.40
C ILE E 148 -16.58 44.61 -17.00
N GLN E 149 -16.16 44.62 -15.74
CA GLN E 149 -15.15 43.71 -15.24
C GLN E 149 -15.56 43.10 -13.91
N LYS E 150 -15.39 41.79 -13.80
CA LYS E 150 -15.55 41.08 -12.54
C LYS E 150 -14.30 41.28 -11.68
N VAL E 151 -14.52 41.63 -10.42
CA VAL E 151 -13.45 41.83 -9.45
C VAL E 151 -13.26 40.53 -8.68
N CYS E 152 -12.04 40.00 -8.65
CA CYS E 152 -11.76 38.73 -8.00
C CYS E 152 -10.62 38.94 -7.00
N ASN E 153 -10.96 38.82 -5.72
CA ASN E 153 -10.00 38.91 -4.63
C ASN E 153 -10.41 37.88 -3.58
N LYS E 154 -9.53 36.93 -3.30
CA LYS E 154 -9.91 35.83 -2.42
C LYS E 154 -10.08 36.29 -0.98
N LYS E 155 -9.14 37.07 -0.45
CA LYS E 155 -9.20 37.42 0.96
C LYS E 155 -10.42 38.28 1.26
N LEU E 156 -10.72 39.25 0.40
CA LEU E 156 -11.90 40.07 0.58
C LEU E 156 -13.16 39.22 0.49
N TRP E 157 -13.18 38.25 -0.42
CA TRP E 157 -14.35 37.40 -0.60
C TRP E 157 -14.61 36.56 0.64
N GLU E 158 -13.55 35.99 1.23
CA GLU E 158 -13.74 35.20 2.44
C GLU E 158 -14.12 36.06 3.64
N ARG E 159 -13.61 37.29 3.70
CA ARG E 159 -14.07 38.22 4.72
C ARG E 159 -15.58 38.47 4.59
N TYR E 160 -16.04 38.73 3.37
CA TYR E 160 -17.46 38.96 3.12
C TYR E 160 -18.30 37.74 3.47
N THR E 161 -17.83 36.54 3.09
CA THR E 161 -18.66 35.36 3.32
C THR E 161 -18.70 34.98 4.79
N HIS E 162 -17.62 35.21 5.53
CA HIS E 162 -17.68 34.99 6.98
C HIS E 162 -18.71 35.91 7.61
N ARG E 163 -18.70 37.18 7.23
CA ARG E 163 -19.72 38.08 7.78
C ARG E 163 -21.13 37.69 7.34
N ARG E 164 -21.29 37.25 6.09
CA ARG E 164 -22.60 36.84 5.60
C ARG E 164 -23.14 35.66 6.39
N LYS E 165 -22.28 34.69 6.69
CA LYS E 165 -22.67 33.55 7.53
C LYS E 165 -23.10 34.02 8.91
N GLU E 166 -22.32 34.90 9.54
CA GLU E 166 -22.72 35.43 10.85
C GLU E 166 -24.11 36.04 10.79
N VAL E 167 -24.31 36.96 9.86
CA VAL E 167 -25.56 37.71 9.80
C VAL E 167 -26.72 36.78 9.52
N SER E 168 -26.51 35.77 8.68
CA SER E 168 -27.58 34.82 8.41
C SER E 168 -27.96 34.04 9.65
N GLU E 169 -26.97 33.59 10.44
CA GLU E 169 -27.30 32.89 11.67
C GLU E 169 -28.03 33.78 12.66
N GLU E 170 -27.83 35.09 12.58
CA GLU E 170 -28.62 35.99 13.42
C GLU E 170 -30.02 36.30 12.86
N ASN E 171 -30.34 35.84 11.66
CA ASN E 171 -31.53 36.29 10.93
C ASN E 171 -32.27 35.10 10.34
N HIS E 172 -32.56 34.11 11.18
CA HIS E 172 -33.30 32.90 10.80
C HIS E 172 -32.80 32.35 9.46
N ASN E 173 -31.48 32.28 9.33
CA ASN E 173 -30.83 31.58 8.22
C ASN E 173 -30.98 32.34 6.90
N HIS E 174 -31.24 33.63 6.97
CA HIS E 174 -31.42 34.44 5.78
C HIS E 174 -30.47 35.63 5.82
N ALA E 175 -29.58 35.71 4.83
CA ALA E 175 -28.65 36.82 4.75
C ALA E 175 -29.32 38.08 4.25
N ASN E 176 -30.34 37.96 3.41
CA ASN E 176 -31.00 39.09 2.79
C ASN E 176 -30.01 39.86 1.91
N GLU E 177 -29.49 39.15 0.91
CA GLU E 177 -28.42 39.62 0.05
C GLU E 177 -29.00 40.31 -1.19
N ARG E 178 -28.48 41.49 -1.50
CA ARG E 178 -28.94 42.32 -2.60
C ARG E 178 -27.77 42.70 -3.49
N MET E 179 -28.06 43.11 -4.72
CA MET E 179 -27.06 43.72 -5.60
C MET E 179 -27.40 45.19 -5.79
N LEU E 180 -26.46 46.06 -5.48
CA LEU E 180 -26.73 47.49 -5.42
C LEU E 180 -25.55 48.26 -6.00
N PHE E 181 -25.78 49.53 -6.34
CA PHE E 181 -24.75 50.38 -6.92
C PHE E 181 -24.04 51.21 -5.85
N HIS E 182 -22.76 51.46 -6.06
CA HIS E 182 -21.97 52.33 -5.21
C HIS E 182 -21.11 53.24 -6.09
N GLY E 183 -21.08 54.52 -5.72
CA GLY E 183 -20.33 55.51 -6.45
C GLY E 183 -19.48 56.35 -5.54
N SER E 184 -18.20 56.50 -5.88
CA SER E 184 -17.21 57.12 -5.00
C SER E 184 -15.95 57.34 -5.80
N PRO E 185 -15.14 58.34 -5.44
CA PRO E 185 -13.83 58.51 -6.10
C PRO E 185 -12.78 57.49 -5.68
N PHE E 186 -13.01 56.70 -4.64
CA PHE E 186 -12.01 55.78 -4.14
C PHE E 186 -12.20 54.36 -4.64
N VAL E 187 -12.72 54.19 -5.86
CA VAL E 187 -13.02 52.86 -6.38
C VAL E 187 -11.77 52.00 -6.41
N ASN E 188 -10.64 52.57 -6.85
CA ASN E 188 -9.41 51.79 -6.95
C ASN E 188 -8.98 51.28 -5.59
N ALA E 189 -9.09 52.10 -4.55
CA ALA E 189 -8.78 51.65 -3.20
C ALA E 189 -9.72 50.52 -2.78
N ILE E 190 -11.01 50.64 -3.13
CA ILE E 190 -11.98 49.64 -2.69
C ILE E 190 -11.69 48.28 -3.30
N ILE E 191 -11.45 48.24 -4.61
CA ILE E 191 -11.33 46.94 -5.26
C ILE E 191 -10.09 46.19 -4.81
N HIS E 192 -9.14 46.86 -4.16
CA HIS E 192 -7.92 46.23 -3.67
C HIS E 192 -7.94 45.99 -2.18
N LYS E 193 -8.43 46.95 -1.40
CA LYS E 193 -8.49 46.85 0.05
C LYS E 193 -9.87 46.54 0.58
N GLY E 194 -10.89 46.58 -0.27
CA GLY E 194 -12.25 46.33 0.15
C GLY E 194 -12.92 47.59 0.68
N PHE E 195 -14.19 47.44 1.03
CA PHE E 195 -14.90 48.52 1.69
C PHE E 195 -14.39 48.67 3.12
N ASP E 196 -14.41 49.91 3.61
CA ASP E 196 -13.81 50.23 4.89
C ASP E 196 -14.67 51.30 5.54
N GLU E 197 -15.31 50.96 6.66
CA GLU E 197 -16.16 51.93 7.35
C GLU E 197 -15.34 53.02 8.04
N ARG E 198 -14.03 52.83 8.17
CA ARG E 198 -13.16 53.86 8.72
C ARG E 198 -12.95 55.02 7.76
N HIS E 199 -13.42 54.91 6.52
CA HIS E 199 -13.48 56.01 5.58
C HIS E 199 -14.91 56.49 5.36
N ALA E 200 -15.81 56.22 6.29
CA ALA E 200 -17.23 56.24 5.99
C ALA E 200 -17.75 57.66 5.76
N TYR E 201 -18.89 57.74 5.07
CA TYR E 201 -19.51 59.00 4.67
C TYR E 201 -20.30 59.52 5.86
N ILE E 202 -19.60 60.25 6.74
CA ILE E 202 -20.18 60.66 8.02
C ILE E 202 -21.20 61.77 7.88
N GLY E 203 -21.22 62.48 6.75
CA GLY E 203 -22.20 63.53 6.53
C GLY E 203 -23.49 63.11 5.89
N GLY E 204 -23.64 61.82 5.56
CA GLY E 204 -24.82 61.37 4.87
C GLY E 204 -26.08 61.55 5.70
N MET E 205 -27.23 61.41 5.03
CA MET E 205 -28.50 61.57 5.71
C MET E 205 -28.71 60.56 6.84
N PHE E 206 -28.05 59.40 6.79
CA PHE E 206 -28.22 58.39 7.81
C PHE E 206 -26.92 58.05 8.53
N GLY E 207 -26.01 59.01 8.66
CA GLY E 207 -24.86 58.77 9.50
C GLY E 207 -23.66 58.21 8.77
N ALA E 208 -22.73 57.65 9.56
CA ALA E 208 -21.40 57.29 9.08
C ALA E 208 -21.38 55.84 8.61
N GLY E 209 -21.83 55.65 7.38
CA GLY E 209 -21.87 54.33 6.78
C GLY E 209 -21.50 54.34 5.32
N ILE E 210 -21.70 53.19 4.68
CA ILE E 210 -21.48 53.02 3.25
C ILE E 210 -22.86 52.97 2.60
N TYR E 211 -23.04 53.75 1.54
CA TYR E 211 -24.32 54.00 0.92
C TYR E 211 -24.44 53.27 -0.42
N PHE E 212 -25.64 52.76 -0.69
CA PHE E 212 -25.94 51.99 -1.88
C PHE E 212 -27.31 52.40 -2.38
N ALA E 213 -27.50 52.27 -3.70
CA ALA E 213 -28.73 52.68 -4.35
C ALA E 213 -29.19 51.57 -5.27
N GLU E 214 -30.51 51.48 -5.46
CA GLU E 214 -31.03 50.62 -6.50
C GLU E 214 -30.89 51.25 -7.87
N ASN E 215 -31.13 52.55 -7.96
CA ASN E 215 -31.06 53.27 -9.22
C ASN E 215 -29.61 53.61 -9.53
N SER E 216 -29.14 53.22 -10.71
CA SER E 216 -27.74 53.47 -11.06
C SER E 216 -27.45 54.95 -11.10
N SER E 217 -28.40 55.76 -11.57
CA SER E 217 -28.18 57.19 -11.69
C SER E 217 -27.91 57.85 -10.34
N LYS E 218 -28.57 57.37 -9.28
CA LYS E 218 -28.31 57.91 -7.96
C LYS E 218 -26.87 57.67 -7.53
N SER E 219 -26.35 56.47 -7.77
CA SER E 219 -24.93 56.22 -7.52
C SER E 219 -24.07 57.10 -8.41
N ASN E 220 -24.47 57.25 -9.67
CA ASN E 220 -23.71 58.07 -10.61
C ASN E 220 -23.56 59.49 -10.10
N GLN E 221 -24.50 59.95 -9.28
CA GLN E 221 -24.39 61.28 -8.72
C GLN E 221 -23.17 61.46 -7.84
N TYR E 222 -22.53 60.37 -7.41
CA TYR E 222 -21.44 60.45 -6.43
C TYR E 222 -20.09 60.02 -6.97
N VAL E 223 -19.95 59.78 -8.28
CA VAL E 223 -18.69 59.26 -8.80
C VAL E 223 -17.56 60.26 -8.71
N TYR E 224 -17.87 61.56 -8.62
CA TYR E 224 -16.85 62.59 -8.48
C TYR E 224 -16.90 63.28 -7.13
N GLY E 225 -17.52 62.65 -6.14
CA GLY E 225 -17.59 63.19 -4.80
C GLY E 225 -18.99 63.65 -4.44
N ILE E 226 -19.09 64.16 -3.22
CA ILE E 226 -20.38 64.60 -2.68
C ILE E 226 -20.95 65.69 -3.56
N GLY E 227 -22.16 65.47 -4.06
CA GLY E 227 -22.80 66.45 -4.91
C GLY E 227 -22.12 66.64 -6.25
N GLY E 228 -21.33 65.66 -6.69
CA GLY E 228 -20.63 65.75 -7.95
C GLY E 228 -19.27 66.40 -7.86
N GLY E 229 -18.90 66.98 -6.72
CA GLY E 229 -17.60 67.61 -6.60
C GLY E 229 -17.41 68.68 -7.65
N THR E 230 -16.20 68.73 -8.20
CA THR E 230 -15.87 69.66 -9.28
C THR E 230 -16.01 69.04 -10.65
N GLY E 231 -16.39 67.77 -10.73
CA GLY E 231 -16.53 67.09 -12.00
C GLY E 231 -15.32 66.25 -12.35
N CYS E 232 -15.16 66.02 -13.64
CA CYS E 232 -14.05 65.20 -14.12
C CYS E 232 -12.72 65.88 -13.81
N PRO E 233 -11.66 65.11 -13.56
CA PRO E 233 -10.36 65.74 -13.34
C PRO E 233 -9.90 66.57 -14.51
N VAL E 234 -10.25 66.18 -15.74
CA VAL E 234 -9.70 66.81 -16.92
C VAL E 234 -10.42 68.12 -17.22
N HIS E 235 -11.72 68.06 -17.52
CA HIS E 235 -12.46 69.25 -17.89
C HIS E 235 -13.12 69.95 -16.71
N LYS E 236 -13.10 69.36 -15.52
CA LYS E 236 -13.72 69.95 -14.35
C LYS E 236 -15.21 70.25 -14.58
N ASP E 237 -15.89 69.38 -15.33
CA ASP E 237 -17.31 69.52 -15.61
C ASP E 237 -18.06 68.36 -14.97
N ARG E 238 -19.14 68.68 -14.25
CA ARG E 238 -19.93 67.64 -13.60
C ARG E 238 -20.75 66.85 -14.61
N SER E 239 -21.20 67.52 -15.67
CA SER E 239 -21.96 66.87 -16.73
C SER E 239 -21.11 66.52 -17.94
N CYS E 240 -19.82 66.24 -17.74
CA CYS E 240 -18.95 65.92 -18.86
C CYS E 240 -19.40 64.65 -19.54
N TYR E 241 -19.52 64.70 -20.87
CA TYR E 241 -19.88 63.54 -21.66
C TYR E 241 -18.68 62.85 -22.29
N ILE E 242 -17.47 63.23 -21.90
CA ILE E 242 -16.26 62.71 -22.52
C ILE E 242 -15.55 61.72 -21.62
N CYS E 243 -15.32 62.10 -20.36
CA CYS E 243 -14.47 61.32 -19.48
C CYS E 243 -15.16 60.05 -19.03
N HIS E 244 -14.36 58.99 -18.86
CA HIS E 244 -14.87 57.73 -18.35
C HIS E 244 -15.26 57.87 -16.89
N ARG E 245 -16.37 57.26 -16.52
CA ARG E 245 -16.78 57.08 -15.14
C ARG E 245 -16.64 55.62 -14.75
N GLN E 246 -16.81 55.36 -13.46
CA GLN E 246 -16.80 53.99 -12.96
C GLN E 246 -17.74 53.86 -11.77
N LEU E 247 -18.57 52.82 -11.81
CA LEU E 247 -19.47 52.46 -10.73
C LEU E 247 -19.12 51.07 -10.24
N LEU E 248 -19.49 50.77 -9.01
CA LEU E 248 -19.37 49.43 -8.47
C LEU E 248 -20.76 48.83 -8.34
N PHE E 249 -20.94 47.62 -8.82
CA PHE E 249 -22.17 46.87 -8.65
C PHE E 249 -21.84 45.72 -7.70
N CYS E 250 -22.50 45.68 -6.55
CA CYS E 250 -21.95 45.01 -5.38
C CYS E 250 -22.98 44.12 -4.71
N ARG E 251 -22.49 43.02 -4.14
CA ARG E 251 -23.26 42.25 -3.17
C ARG E 251 -23.28 43.00 -1.85
N VAL E 252 -24.46 43.13 -1.25
CA VAL E 252 -24.58 43.70 0.09
C VAL E 252 -25.47 42.78 0.91
N THR E 253 -24.94 42.29 2.02
CA THR E 253 -25.73 41.55 2.99
C THR E 253 -26.47 42.56 3.85
N LEU E 254 -27.79 42.57 3.79
CA LEU E 254 -28.55 43.48 4.62
C LEU E 254 -28.97 42.87 5.95
N GLY E 255 -29.14 41.54 6.02
CA GLY E 255 -29.70 40.95 7.23
C GLY E 255 -31.05 41.56 7.55
N LYS E 256 -31.27 41.81 8.84
CA LYS E 256 -32.48 42.51 9.27
C LYS E 256 -32.25 44.00 9.11
N SER E 257 -33.02 44.63 8.22
CA SER E 257 -32.75 45.98 7.79
C SER E 257 -33.74 46.93 8.44
N PHE E 258 -33.25 48.04 8.94
CA PHE E 258 -34.07 48.97 9.70
C PHE E 258 -34.75 49.94 8.74
N LEU E 259 -36.07 50.07 8.86
CA LEU E 259 -36.83 50.96 8.00
C LEU E 259 -36.83 52.37 8.60
N GLN E 260 -36.40 53.36 7.81
CA GLN E 260 -36.32 54.73 8.28
C GLN E 260 -36.83 55.65 7.18
N PHE E 261 -37.52 56.71 7.60
CA PHE E 261 -38.15 57.64 6.67
C PHE E 261 -37.71 59.08 6.82
N SER E 262 -36.84 59.40 7.77
CA SER E 262 -36.35 60.75 7.95
C SER E 262 -34.91 60.69 8.43
N ALA E 263 -34.20 61.81 8.25
CA ALA E 263 -32.78 61.85 8.56
C ALA E 263 -32.53 61.46 10.01
N MET E 264 -31.46 60.68 10.23
CA MET E 264 -31.05 60.29 11.57
C MET E 264 -29.57 59.93 11.50
N LYS E 265 -28.72 60.82 12.02
CA LYS E 265 -27.27 60.69 11.86
C LYS E 265 -26.71 59.69 12.89
N MET E 266 -26.82 58.41 12.58
CA MET E 266 -26.39 57.37 13.52
C MET E 266 -25.03 56.80 13.13
N ALA E 267 -24.28 56.36 14.14
CA ALA E 267 -22.92 55.88 13.96
C ALA E 267 -22.83 54.40 13.63
N HIS E 268 -23.80 53.61 14.08
CA HIS E 268 -23.78 52.18 13.90
C HIS E 268 -25.18 51.74 13.50
N SER E 269 -25.34 50.45 13.24
CA SER E 269 -26.67 49.93 12.97
C SER E 269 -27.53 50.11 14.21
N PRO E 270 -28.85 50.18 14.08
CA PRO E 270 -29.69 50.11 15.26
C PRO E 270 -29.54 48.78 15.96
N PRO E 271 -29.74 48.74 17.27
CA PRO E 271 -29.64 47.45 17.97
C PRO E 271 -30.58 46.43 17.36
N GLY E 272 -30.05 45.23 17.11
CA GLY E 272 -30.84 44.17 16.53
C GLY E 272 -31.02 44.21 15.03
N HIS E 273 -30.32 45.10 14.33
CA HIS E 273 -30.43 45.24 12.89
C HIS E 273 -29.04 45.26 12.29
N HIS E 274 -28.96 44.91 11.00
CA HIS E 274 -27.68 44.82 10.32
C HIS E 274 -27.54 45.79 9.15
N SER E 275 -28.49 46.67 8.94
CA SER E 275 -28.37 47.73 7.95
C SER E 275 -29.56 48.66 8.11
N VAL E 276 -29.57 49.72 7.31
CA VAL E 276 -30.66 50.69 7.30
C VAL E 276 -31.20 50.80 5.88
N THR E 277 -32.52 50.86 5.76
CA THR E 277 -33.20 51.04 4.48
C THR E 277 -33.97 52.34 4.53
N GLY E 278 -33.44 53.37 3.88
CA GLY E 278 -34.16 54.63 3.73
C GLY E 278 -35.16 54.56 2.59
N ARG E 279 -36.45 54.59 2.93
CA ARG E 279 -37.52 54.44 1.96
C ARG E 279 -37.83 55.77 1.26
N PRO E 280 -38.35 55.71 0.04
CA PRO E 280 -38.85 56.93 -0.60
C PRO E 280 -40.04 57.52 0.17
N SER E 281 -40.15 58.84 0.14
CA SER E 281 -41.25 59.53 0.80
C SER E 281 -41.55 60.81 0.05
N VAL E 282 -42.76 61.32 0.26
CA VAL E 282 -43.17 62.55 -0.41
C VAL E 282 -42.29 63.72 0.03
N ASN E 283 -42.07 63.85 1.33
CA ASN E 283 -41.22 64.89 1.89
C ASN E 283 -39.84 64.37 2.27
N GLY E 284 -39.56 63.09 2.03
CA GLY E 284 -38.28 62.51 2.38
C GLY E 284 -37.46 62.14 1.16
N LEU E 285 -36.97 60.90 1.12
CA LEU E 285 -36.14 60.47 0.00
C LEU E 285 -36.95 60.45 -1.29
N ALA E 286 -36.30 60.85 -2.38
CA ALA E 286 -36.89 60.67 -3.70
C ALA E 286 -36.77 59.23 -4.17
N LEU E 287 -35.70 58.53 -3.75
CA LEU E 287 -35.42 57.19 -4.21
C LEU E 287 -34.83 56.38 -3.07
N ALA E 288 -34.81 55.06 -3.23
CA ALA E 288 -34.43 54.16 -2.15
C ALA E 288 -32.94 54.32 -1.80
N GLU E 289 -32.62 54.02 -0.54
CA GLU E 289 -31.26 54.12 -0.04
C GLU E 289 -30.99 52.94 0.88
N TYR E 290 -29.77 52.40 0.84
CA TYR E 290 -29.38 51.34 1.75
C TYR E 290 -28.04 51.71 2.37
N VAL E 291 -27.90 51.48 3.67
CA VAL E 291 -26.70 51.88 4.40
C VAL E 291 -26.23 50.72 5.23
N ILE E 292 -24.94 50.38 5.09
CA ILE E 292 -24.32 49.41 5.98
C ILE E 292 -23.27 50.14 6.82
N TYR E 293 -23.03 49.63 8.02
CA TYR E 293 -22.16 50.30 8.96
C TYR E 293 -20.90 49.53 9.29
N ARG E 294 -20.68 48.36 8.68
CA ARG E 294 -19.37 47.72 8.71
C ARG E 294 -19.04 47.27 7.31
N GLY E 295 -17.77 47.45 6.92
CA GLY E 295 -17.36 47.32 5.54
C GLY E 295 -17.20 45.88 5.06
N GLU E 296 -17.33 44.92 5.96
CA GLU E 296 -17.29 43.53 5.56
C GLU E 296 -18.66 42.99 5.13
N GLN E 297 -19.69 43.83 5.08
CA GLN E 297 -21.01 43.42 4.61
C GLN E 297 -21.28 43.79 3.15
N ALA E 298 -20.26 44.18 2.40
CA ALA E 298 -20.40 44.41 0.98
C ALA E 298 -19.20 43.81 0.26
N TYR E 299 -19.41 43.48 -1.01
CA TYR E 299 -18.35 43.01 -1.88
C TYR E 299 -18.57 43.60 -3.27
N PRO E 300 -17.59 44.30 -3.84
CA PRO E 300 -17.79 44.83 -5.20
C PRO E 300 -17.64 43.77 -6.27
N GLU E 301 -18.72 43.31 -6.90
CA GLU E 301 -18.58 42.21 -7.83
C GLU E 301 -18.22 42.68 -9.24
N TYR E 302 -18.76 43.81 -9.68
CA TYR E 302 -18.55 44.30 -11.03
C TYR E 302 -18.09 45.75 -11.00
N LEU E 303 -17.05 46.03 -11.77
CA LEU E 303 -16.60 47.39 -12.04
C LEU E 303 -17.05 47.77 -13.44
N ILE E 304 -17.89 48.80 -13.53
CA ILE E 304 -18.53 49.20 -14.77
C ILE E 304 -17.90 50.51 -15.23
N THR E 305 -17.33 50.52 -16.43
CA THR E 305 -16.81 51.72 -17.04
C THR E 305 -17.81 52.20 -18.10
N TYR E 306 -18.12 53.49 -18.09
CA TYR E 306 -19.24 53.96 -18.88
C TYR E 306 -19.12 55.44 -19.16
N GLN E 307 -19.98 55.93 -20.05
CA GLN E 307 -20.18 57.35 -20.26
C GLN E 307 -21.65 57.69 -20.20
N ILE E 308 -21.94 58.87 -19.66
CA ILE E 308 -23.30 59.41 -19.74
C ILE E 308 -23.52 60.00 -21.14
N MET E 309 -24.76 59.94 -21.60
CA MET E 309 -25.11 60.44 -22.93
C MET E 309 -26.22 61.47 -22.84
N ASP F 26 26.14 8.08 11.95
CA ASP F 26 26.07 7.44 10.65
C ASP F 26 26.00 5.91 10.79
N PHE F 27 27.04 5.34 11.39
CA PHE F 27 27.18 3.90 11.52
C PHE F 27 26.25 3.31 12.57
N SER F 28 25.56 4.13 13.36
CA SER F 28 24.75 3.61 14.45
C SER F 28 23.60 2.76 13.94
N ILE F 29 23.08 3.06 12.75
CA ILE F 29 22.01 2.27 12.15
C ILE F 29 22.48 0.85 11.90
N THR F 30 23.71 0.70 11.40
CA THR F 30 24.24 -0.64 11.13
C THR F 30 24.36 -1.46 12.40
N GLN F 31 24.87 -0.86 13.47
CA GLN F 31 24.98 -1.58 14.74
C GLN F 31 23.60 -1.91 15.29
N PHE F 32 22.68 -0.96 15.26
CA PHE F 32 21.33 -1.20 15.77
C PHE F 32 20.66 -2.35 15.02
N VAL F 33 20.73 -2.34 13.69
CA VAL F 33 20.11 -3.39 12.90
C VAL F 33 20.83 -4.72 13.09
N ARG F 34 22.15 -4.68 13.24
CA ARG F 34 22.91 -5.92 13.42
C ARG F 34 22.58 -6.58 14.75
N ASN F 35 22.39 -5.79 15.80
CA ASN F 35 22.05 -6.37 17.09
C ASN F 35 20.71 -7.09 17.05
N LEU F 36 19.79 -6.65 16.19
CA LEU F 36 18.50 -7.31 16.05
C LEU F 36 18.55 -8.57 15.21
N GLY F 37 19.65 -8.80 14.49
CA GLY F 37 19.72 -9.92 13.58
C GLY F 37 19.12 -9.66 12.23
N LEU F 38 18.99 -8.41 11.84
CA LEU F 38 18.32 -8.01 10.60
C LEU F 38 19.27 -7.36 9.61
N GLU F 39 20.51 -7.85 9.50
CA GLU F 39 21.47 -7.25 8.59
C GLU F 39 21.05 -7.41 7.13
N HIS F 40 20.27 -8.44 6.81
CA HIS F 40 19.84 -8.67 5.44
C HIS F 40 18.93 -7.56 4.94
N LEU F 41 18.42 -6.72 5.84
CA LEU F 41 17.62 -5.57 5.45
C LEU F 41 18.45 -4.34 5.16
N MET F 42 19.76 -4.36 5.44
CA MET F 42 20.53 -3.13 5.35
C MET F 42 20.56 -2.57 3.94
N ASP F 43 20.57 -3.42 2.92
CA ASP F 43 20.57 -2.88 1.56
C ASP F 43 19.37 -1.99 1.31
N ILE F 44 18.22 -2.29 1.92
CA ILE F 44 17.08 -1.39 1.81
C ILE F 44 17.40 -0.07 2.51
N PHE F 45 17.89 -0.15 3.75
CA PHE F 45 18.14 1.06 4.52
C PHE F 45 19.16 1.96 3.83
N GLU F 46 20.19 1.37 3.23
CA GLU F 46 21.17 2.16 2.51
C GLU F 46 20.54 2.88 1.34
N ARG F 47 19.63 2.23 0.62
CA ARG F 47 19.06 2.85 -0.57
C ARG F 47 18.07 3.96 -0.19
N GLU F 48 17.31 3.74 0.88
CA GLU F 48 16.32 4.73 1.29
C GLU F 48 16.91 5.79 2.19
N GLN F 49 18.21 5.72 2.50
CA GLN F 49 18.87 6.72 3.34
C GLN F 49 18.22 6.80 4.72
N ILE F 50 17.93 5.65 5.30
CA ILE F 50 17.34 5.59 6.63
C ILE F 50 18.48 5.61 7.63
N THR F 51 18.63 6.71 8.35
CA THR F 51 19.53 6.82 9.48
C THR F 51 18.76 6.55 10.76
N LEU F 52 19.51 6.31 11.85
CA LEU F 52 18.85 5.89 13.08
C LEU F 52 17.86 6.94 13.57
N ASP F 53 18.16 8.22 13.38
CA ASP F 53 17.22 9.27 13.75
C ASP F 53 15.96 9.24 12.90
N VAL F 54 16.03 8.77 11.66
CA VAL F 54 14.82 8.55 10.86
C VAL F 54 14.08 7.31 11.33
N LEU F 55 14.83 6.25 11.63
CA LEU F 55 14.21 4.98 11.98
C LEU F 55 13.44 5.08 13.30
N VAL F 56 13.93 5.89 14.25
CA VAL F 56 13.21 6.02 15.51
C VAL F 56 11.87 6.71 15.38
N GLU F 57 11.48 7.14 14.18
CA GLU F 57 10.21 7.81 13.95
C GLU F 57 9.28 7.04 13.03
N MET F 58 9.59 5.79 12.69
CA MET F 58 8.85 5.04 11.71
C MET F 58 8.07 3.91 12.39
N GLY F 59 6.83 3.71 11.95
CA GLY F 59 5.99 2.65 12.44
C GLY F 59 5.73 1.58 11.39
N HIS F 60 4.65 0.83 11.58
CA HIS F 60 4.30 -0.23 10.64
C HIS F 60 4.01 0.33 9.25
N LYS F 61 3.28 1.44 9.19
CA LYS F 61 2.92 2.03 7.91
C LYS F 61 4.14 2.44 7.09
N GLU F 62 5.02 3.23 7.70
CA GLU F 62 6.19 3.72 6.98
C GLU F 62 7.13 2.58 6.61
N LEU F 63 7.30 1.61 7.51
CA LEU F 63 8.17 0.49 7.19
C LEU F 63 7.58 -0.37 6.07
N LYS F 64 6.26 -0.46 5.98
CA LYS F 64 5.63 -1.09 4.83
C LYS F 64 5.96 -0.31 3.56
N GLU F 65 5.93 1.02 3.62
CA GLU F 65 6.18 1.82 2.43
C GLU F 65 7.54 1.53 1.82
N ILE F 66 8.58 1.45 2.65
CA ILE F 66 9.94 1.31 2.09
C ILE F 66 10.31 -0.12 1.76
N GLY F 67 9.42 -1.08 1.99
CA GLY F 67 9.64 -2.44 1.53
C GLY F 67 9.93 -3.47 2.60
N ILE F 68 9.77 -3.13 3.87
CA ILE F 68 9.82 -4.14 4.92
C ILE F 68 8.45 -4.79 5.00
N ASN F 69 8.28 -5.90 4.30
CA ASN F 69 6.95 -6.45 4.10
C ASN F 69 6.52 -7.40 5.21
N ALA F 70 7.45 -8.20 5.75
CA ALA F 70 7.12 -9.17 6.77
C ALA F 70 6.74 -8.47 8.07
N TYR F 71 5.71 -8.99 8.74
CA TYR F 71 5.28 -8.42 10.01
C TYR F 71 6.34 -8.62 11.10
N GLY F 72 7.00 -9.78 11.11
CA GLY F 72 7.98 -10.04 12.14
C GLY F 72 9.13 -9.04 12.14
N HIS F 73 9.63 -8.70 10.96
CA HIS F 73 10.72 -7.73 10.86
C HIS F 73 10.31 -6.36 11.40
N ARG F 74 9.15 -5.87 10.99
CA ARG F 74 8.69 -4.58 11.45
C ARG F 74 8.48 -4.59 12.96
N HIS F 75 7.94 -5.69 13.48
CA HIS F 75 7.73 -5.81 14.92
C HIS F 75 9.07 -5.73 15.67
N LYS F 76 10.08 -6.46 15.17
CA LYS F 76 11.39 -6.42 15.79
C LYS F 76 11.97 -5.01 15.78
N LEU F 77 11.87 -4.32 14.65
CA LEU F 77 12.42 -2.98 14.55
C LEU F 77 11.73 -2.03 15.53
N ILE F 78 10.41 -2.10 15.61
CA ILE F 78 9.68 -1.17 16.46
C ILE F 78 9.96 -1.43 17.94
N LYS F 79 10.07 -2.71 18.32
CA LYS F 79 10.38 -2.98 19.73
C LYS F 79 11.84 -2.64 20.06
N GLY F 80 12.76 -2.78 19.11
CA GLY F 80 14.11 -2.29 19.36
C GLY F 80 14.16 -0.79 19.56
N VAL F 81 13.42 -0.05 18.74
CA VAL F 81 13.35 1.40 18.92
C VAL F 81 12.75 1.73 20.28
N GLU F 82 11.74 0.96 20.71
CA GLU F 82 11.16 1.18 22.02
C GLU F 82 12.18 0.96 23.13
N ARG F 83 12.96 -0.11 23.02
CA ARG F 83 13.96 -0.41 24.05
C ARG F 83 15.12 0.57 24.04
N LEU F 84 15.33 1.29 22.94
CA LEU F 84 16.32 2.36 22.93
C LEU F 84 15.76 3.67 23.48
N ILE F 85 14.70 4.19 22.86
CA ILE F 85 14.23 5.53 23.18
C ILE F 85 13.64 5.59 24.59
N SER F 86 12.82 4.60 24.96
CA SER F 86 12.17 4.61 26.26
C SER F 86 12.91 3.80 27.30
N GLY F 87 13.47 2.65 26.92
CA GLY F 87 14.20 1.84 27.86
C GLY F 87 15.43 2.50 28.44
N GLN F 88 15.94 3.53 27.78
CA GLN F 88 17.08 4.29 28.27
C GLN F 88 16.81 5.78 28.21
N GLN F 89 15.62 6.20 28.65
CA GLN F 89 15.27 7.61 28.59
C GLN F 89 16.21 8.46 29.45
N GLY F 90 16.76 7.88 30.51
CA GLY F 90 17.69 8.61 31.37
C GLY F 90 18.99 8.98 30.70
N LEU F 91 19.44 8.20 29.73
CA LEU F 91 20.59 8.56 28.92
C LEU F 91 20.25 9.57 27.84
N ASN F 92 18.96 9.82 27.59
CA ASN F 92 18.50 10.81 26.63
C ASN F 92 19.06 10.58 25.22
N PRO F 93 19.04 9.34 24.72
CA PRO F 93 19.52 9.12 23.35
C PRO F 93 18.70 9.83 22.30
N TYR F 94 17.43 10.13 22.59
CA TYR F 94 16.59 10.79 21.62
C TYR F 94 17.09 12.18 21.27
N LEU F 95 17.59 12.93 22.25
CA LEU F 95 18.16 14.24 21.98
C LEU F 95 19.55 14.15 21.36
N THR F 96 20.29 13.07 21.57
CA THR F 96 21.52 12.86 20.82
C THR F 96 21.22 12.68 19.34
N LEU F 97 20.23 11.86 19.03
CA LEU F 97 19.57 11.93 17.74
C LEU F 97 18.80 13.24 17.68
N ASN F 98 18.12 13.50 16.57
CA ASN F 98 17.19 14.61 16.49
C ASN F 98 17.86 15.97 16.54
N THR F 99 19.19 16.02 16.72
CA THR F 99 19.88 17.30 16.71
C THR F 99 19.78 18.02 15.37
N SER F 100 19.70 17.26 14.28
CA SER F 100 19.60 17.87 12.96
C SER F 100 18.28 18.60 12.80
N GLY F 101 18.28 19.64 11.97
CA GLY F 101 17.11 20.46 11.76
C GLY F 101 16.98 21.61 12.73
N SER F 102 17.68 21.57 13.86
CA SER F 102 17.71 22.73 14.74
C SER F 102 18.54 23.84 14.12
N GLY F 103 18.39 25.03 14.67
CA GLY F 103 19.04 26.21 14.15
C GLY F 103 18.01 27.27 13.74
N THR F 104 18.54 28.41 13.35
CA THR F 104 17.74 29.57 13.03
C THR F 104 17.64 29.73 11.52
N ILE F 105 16.45 30.07 11.04
CA ILE F 105 16.31 30.45 9.63
C ILE F 105 15.66 31.83 9.57
N LEU F 106 16.13 32.63 8.62
CA LEU F 106 15.66 33.98 8.41
C LEU F 106 14.81 34.00 7.15
N ILE F 107 13.52 34.31 7.30
CA ILE F 107 12.58 34.36 6.20
C ILE F 107 12.46 35.81 5.75
N ASP F 108 12.76 36.08 4.49
CA ASP F 108 12.80 37.44 3.98
C ASP F 108 11.39 37.92 3.66
N LEU F 109 11.02 39.07 4.22
CA LEU F 109 9.71 39.66 3.96
C LEU F 109 9.74 40.49 2.68
N SER F 110 8.65 40.41 1.92
CA SER F 110 8.58 41.12 0.64
C SER F 110 8.30 42.60 0.87
N PRO F 111 9.07 43.51 0.27
CA PRO F 111 8.83 44.93 0.51
C PRO F 111 7.43 45.40 0.13
N ASP F 112 6.72 44.62 -0.67
CA ASP F 112 5.37 44.95 -1.08
C ASP F 112 4.30 44.29 -0.20
N ASP F 113 4.69 43.61 0.86
CA ASP F 113 3.76 42.89 1.72
C ASP F 113 3.29 43.78 2.86
N LYS F 114 2.10 43.47 3.37
CA LYS F 114 1.49 44.24 4.45
C LYS F 114 2.31 44.14 5.74
N GLU F 115 2.88 42.97 6.03
CA GLU F 115 3.68 42.81 7.24
C GLU F 115 4.95 43.65 7.20
N PHE F 116 5.70 43.54 6.10
CA PHE F 116 6.87 44.41 5.90
C PHE F 116 6.48 45.86 6.08
N GLN F 117 5.34 46.26 5.54
CA GLN F 117 4.97 47.66 5.57
C GLN F 117 4.61 48.12 6.98
N SER F 118 3.90 47.29 7.76
CA SER F 118 3.59 47.69 9.12
C SER F 118 4.85 47.76 9.98
N VAL F 119 5.77 46.81 9.80
CA VAL F 119 7.03 46.88 10.54
C VAL F 119 7.80 48.13 10.18
N GLU F 120 7.90 48.43 8.89
CA GLU F 120 8.64 49.61 8.46
C GLU F 120 7.99 50.90 8.95
N GLU F 121 6.65 50.96 8.95
CA GLU F 121 5.95 52.12 9.46
C GLU F 121 6.21 52.30 10.95
N GLU F 122 6.17 51.21 11.72
CA GLU F 122 6.48 51.31 13.14
C GLU F 122 7.90 51.80 13.35
N MET F 123 8.85 51.29 12.57
CA MET F 123 10.23 51.73 12.67
C MET F 123 10.35 53.22 12.36
N GLN F 124 9.67 53.69 11.32
CA GLN F 124 9.86 55.07 10.87
C GLN F 124 9.15 56.06 11.78
N SER F 125 7.96 55.74 12.27
CA SER F 125 7.12 56.72 12.94
C SER F 125 7.46 56.91 14.40
N THR F 126 8.36 56.11 14.96
CA THR F 126 8.75 56.22 16.36
C THR F 126 10.11 56.89 16.54
N VAL F 127 10.57 57.66 15.55
CA VAL F 127 11.83 58.39 15.69
C VAL F 127 11.59 59.69 16.44
N ARG F 128 12.55 60.07 17.27
CA ARG F 128 12.50 61.29 18.06
C ARG F 128 13.90 61.90 18.10
N GLU F 129 14.01 63.05 18.74
CA GLU F 129 15.31 63.60 19.09
C GLU F 129 15.60 63.33 20.56
N HIS F 130 16.86 63.46 20.94
CA HIS F 130 17.33 63.00 22.24
C HIS F 130 18.11 64.11 22.94
N ARG F 131 18.35 63.88 24.24
CA ARG F 131 19.08 64.86 25.03
C ARG F 131 20.48 65.08 24.47
N ASP F 132 21.11 64.03 23.97
CA ASP F 132 22.39 64.17 23.29
C ASP F 132 22.16 64.63 21.85
N GLY F 133 23.13 65.37 21.32
CA GLY F 133 23.03 65.90 19.98
C GLY F 133 23.37 64.89 18.91
N GLY F 134 22.60 63.80 18.83
CA GLY F 134 22.90 62.77 17.86
C GLY F 134 24.25 62.13 18.03
N HIS F 135 24.77 62.09 19.25
CA HIS F 135 26.15 61.65 19.47
C HIS F 135 26.25 60.13 19.53
N ALA F 136 25.35 59.48 20.26
CA ALA F 136 25.41 58.04 20.38
C ALA F 136 24.92 57.34 19.12
N GLY F 137 23.95 57.92 18.42
CA GLY F 137 23.31 57.24 17.32
C GLY F 137 23.45 57.91 15.97
N GLY F 138 23.74 59.21 15.95
CA GLY F 138 23.87 59.94 14.71
C GLY F 138 22.76 60.98 14.53
N ILE F 139 22.92 61.79 13.49
CA ILE F 139 22.00 62.87 13.18
C ILE F 139 21.15 62.44 11.99
N PHE F 140 19.85 62.28 12.21
CA PHE F 140 18.97 61.78 11.17
C PHE F 140 17.53 62.11 11.54
N ASN F 141 16.67 62.05 10.53
CA ASN F 141 15.23 62.18 10.73
C ASN F 141 14.45 60.94 10.33
N ARG F 142 15.06 60.03 9.55
CA ARG F 142 14.39 58.81 9.14
C ARG F 142 15.46 57.84 8.64
N TYR F 143 15.02 56.62 8.34
CA TYR F 143 15.90 55.53 7.95
C TYR F 143 15.72 55.19 6.49
N ASN F 144 16.67 54.41 5.99
CA ASN F 144 16.53 53.68 4.74
C ASN F 144 16.58 52.19 5.08
N ILE F 145 15.44 51.53 5.03
CA ILE F 145 15.33 50.13 5.40
C ILE F 145 15.74 49.28 4.21
N LEU F 146 16.67 48.36 4.43
CA LEU F 146 17.17 47.51 3.37
C LEU F 146 16.53 46.12 3.39
N LYS F 147 16.39 45.52 4.56
CA LYS F 147 15.75 44.23 4.69
C LYS F 147 14.94 44.18 5.98
N ILE F 148 13.95 43.29 5.99
CA ILE F 148 13.31 42.83 7.20
C ILE F 148 13.18 41.33 7.09
N GLN F 149 13.59 40.62 8.14
CA GLN F 149 13.57 39.17 8.15
C GLN F 149 12.88 38.66 9.39
N LYS F 150 12.00 37.67 9.21
CA LYS F 150 11.40 36.94 10.32
C LYS F 150 12.40 35.90 10.82
N VAL F 151 12.68 35.93 12.12
CA VAL F 151 13.60 35.00 12.75
C VAL F 151 12.79 33.81 13.22
N CYS F 152 13.21 32.60 12.84
CA CYS F 152 12.48 31.39 13.20
C CYS F 152 13.46 30.39 13.80
N ASN F 153 13.24 30.07 15.08
CA ASN F 153 14.07 29.13 15.81
C ASN F 153 13.16 28.40 16.79
N LYS F 154 13.01 27.09 16.64
CA LYS F 154 11.99 26.37 17.39
C LYS F 154 12.27 26.36 18.87
N LYS F 155 13.50 26.02 19.27
CA LYS F 155 13.81 25.88 20.68
C LYS F 155 13.73 27.21 21.42
N LEU F 156 14.18 28.29 20.80
CA LEU F 156 14.03 29.60 21.42
C LEU F 156 12.57 29.98 21.57
N TRP F 157 11.76 29.67 20.55
CA TRP F 157 10.33 29.95 20.64
C TRP F 157 9.66 29.13 21.74
N GLU F 158 10.03 27.87 21.88
CA GLU F 158 9.45 27.05 22.95
C GLU F 158 9.86 27.56 24.32
N ARG F 159 11.13 27.93 24.49
CA ARG F 159 11.56 28.54 25.74
C ARG F 159 10.73 29.77 26.04
N TYR F 160 10.50 30.61 25.04
CA TYR F 160 9.73 31.83 25.23
C TYR F 160 8.30 31.53 25.64
N THR F 161 7.65 30.59 24.95
CA THR F 161 6.23 30.35 25.23
C THR F 161 6.04 29.66 26.56
N HIS F 162 6.98 28.82 26.99
CA HIS F 162 6.91 28.26 28.34
C HIS F 162 7.02 29.37 29.39
N ARG F 163 7.98 30.29 29.22
CA ARG F 163 8.09 31.37 30.19
C ARG F 163 6.84 32.26 30.17
N ARG F 164 6.29 32.52 29.00
CA ARG F 164 5.08 33.32 28.89
C ARG F 164 3.90 32.65 29.57
N LYS F 165 3.77 31.33 29.41
CA LYS F 165 2.74 30.59 30.11
C LYS F 165 2.86 30.78 31.62
N GLU F 166 4.08 30.67 32.13
CA GLU F 166 4.29 30.89 33.56
C GLU F 166 3.86 32.29 33.99
N VAL F 167 4.33 33.31 33.26
CA VAL F 167 4.06 34.69 33.67
C VAL F 167 2.56 34.96 33.65
N SER F 168 1.86 34.46 32.63
CA SER F 168 0.42 34.70 32.58
C SER F 168 -0.31 33.92 33.66
N GLU F 169 0.19 32.74 34.03
CA GLU F 169 -0.40 32.03 35.16
C GLU F 169 -0.24 32.83 36.45
N GLU F 170 0.82 33.63 36.56
CA GLU F 170 1.03 34.43 37.75
C GLU F 170 0.42 35.82 37.69
N ASN F 171 -0.25 36.20 36.60
CA ASN F 171 -0.68 37.59 36.39
C ASN F 171 -2.13 37.63 35.90
N HIS F 172 -3.01 36.93 36.59
CA HIS F 172 -4.42 36.82 36.23
C HIS F 172 -4.59 36.58 34.73
N ASN F 173 -3.85 35.61 34.22
CA ASN F 173 -4.02 35.11 32.86
C ASN F 173 -3.64 36.14 31.80
N HIS F 174 -2.66 36.99 32.08
CA HIS F 174 -2.25 38.05 31.16
C HIS F 174 -0.75 38.10 31.08
N ALA F 175 -0.21 37.96 29.87
CA ALA F 175 1.24 38.01 29.68
C ALA F 175 1.78 39.43 29.60
N ASN F 176 0.95 40.41 29.25
CA ASN F 176 1.38 41.79 29.09
C ASN F 176 2.49 41.88 28.06
N GLU F 177 2.23 41.29 26.91
CA GLU F 177 3.24 41.11 25.87
C GLU F 177 3.27 42.31 24.94
N ARG F 178 4.46 42.80 24.63
CA ARG F 178 4.67 43.94 23.76
C ARG F 178 5.56 43.56 22.59
N MET F 179 5.62 44.45 21.59
CA MET F 179 6.64 44.42 20.56
C MET F 179 7.51 45.66 20.77
N LEU F 180 8.80 45.46 21.00
CA LEU F 180 9.70 46.54 21.37
C LEU F 180 11.02 46.40 20.63
N PHE F 181 11.71 47.52 20.46
CA PHE F 181 12.97 47.54 19.74
C PHE F 181 14.14 47.25 20.67
N HIS F 182 15.17 46.62 20.11
CA HIS F 182 16.38 46.32 20.85
C HIS F 182 17.59 46.60 19.96
N GLY F 183 18.54 47.37 20.47
CA GLY F 183 19.76 47.67 19.77
C GLY F 183 20.98 47.15 20.49
N SER F 184 21.88 46.48 19.78
CA SER F 184 23.02 45.84 20.41
C SER F 184 24.08 45.54 19.35
N PRO F 185 25.37 45.52 19.72
CA PRO F 185 26.38 44.95 18.83
C PRO F 185 26.49 43.44 18.86
N PHE F 186 25.53 42.73 19.44
CA PHE F 186 25.53 41.28 19.51
C PHE F 186 24.22 40.71 18.99
N VAL F 187 23.77 41.19 17.83
CA VAL F 187 22.51 40.74 17.25
C VAL F 187 22.63 39.31 16.74
N ASN F 188 23.76 38.97 16.11
CA ASN F 188 23.94 37.62 15.58
C ASN F 188 23.90 36.58 16.70
N ALA F 189 24.57 36.87 17.81
CA ALA F 189 24.51 35.96 18.95
C ALA F 189 23.09 35.85 19.49
N ILE F 190 22.34 36.96 19.52
CA ILE F 190 20.99 36.90 20.05
C ILE F 190 20.10 36.03 19.16
N ILE F 191 20.19 36.21 17.84
CA ILE F 191 19.31 35.45 16.96
C ILE F 191 19.73 34.00 16.81
N HIS F 192 20.94 33.63 17.22
CA HIS F 192 21.29 32.21 17.19
C HIS F 192 21.20 31.53 18.55
N LYS F 193 21.25 32.28 19.65
CA LYS F 193 21.22 31.70 20.98
C LYS F 193 20.12 32.25 21.87
N GLY F 194 19.45 33.33 21.47
CA GLY F 194 18.44 33.96 22.29
C GLY F 194 19.02 35.01 23.20
N PHE F 195 18.12 35.78 23.83
CA PHE F 195 18.53 36.75 24.82
C PHE F 195 19.07 36.04 26.05
N ASP F 196 20.06 36.66 26.69
CA ASP F 196 20.77 36.02 27.79
C ASP F 196 21.14 37.08 28.81
N GLU F 197 20.60 36.95 30.03
CA GLU F 197 20.87 37.92 31.07
C GLU F 197 22.29 37.79 31.61
N ARG F 198 22.97 36.67 31.35
CA ARG F 198 24.34 36.51 31.82
C ARG F 198 25.31 37.47 31.13
N HIS F 199 24.89 38.12 30.06
CA HIS F 199 25.65 39.20 29.43
C HIS F 199 25.08 40.57 29.78
N ALA F 200 24.14 40.65 30.70
CA ALA F 200 23.28 41.82 30.83
C ALA F 200 24.08 43.10 30.98
N TYR F 201 23.42 44.21 30.65
CA TYR F 201 24.00 45.55 30.69
C TYR F 201 24.06 45.99 32.15
N ILE F 202 25.12 45.56 32.84
CA ILE F 202 25.21 45.73 34.29
C ILE F 202 25.35 47.19 34.70
N GLY F 203 25.78 48.06 33.77
CA GLY F 203 25.87 49.48 34.02
C GLY F 203 24.65 50.28 33.64
N GLY F 204 23.57 49.63 33.24
CA GLY F 204 22.39 50.34 32.80
C GLY F 204 21.68 51.04 33.93
N MET F 205 20.80 51.98 33.55
CA MET F 205 20.10 52.78 34.54
C MET F 205 19.39 51.94 35.58
N PHE F 206 18.89 50.76 35.20
CA PHE F 206 18.12 49.90 36.09
C PHE F 206 18.84 48.61 36.41
N GLY F 207 20.15 48.56 36.21
CA GLY F 207 20.92 47.42 36.67
C GLY F 207 21.13 46.36 35.58
N ALA F 208 21.37 45.15 36.03
CA ALA F 208 21.81 44.08 35.14
C ALA F 208 20.65 43.48 34.37
N GLY F 209 20.01 44.28 33.52
CA GLY F 209 18.89 43.84 32.72
C GLY F 209 19.12 44.00 31.22
N ILE F 210 18.20 43.41 30.48
CA ILE F 210 18.10 43.56 29.03
C ILE F 210 17.07 44.65 28.76
N TYR F 211 17.45 45.61 27.92
CA TYR F 211 16.70 46.83 27.71
C TYR F 211 16.00 46.82 26.36
N PHE F 212 14.77 47.33 26.35
CA PHE F 212 13.97 47.44 25.15
C PHE F 212 13.30 48.79 25.15
N ALA F 213 12.97 49.28 23.97
CA ALA F 213 12.37 50.60 23.84
C ALA F 213 11.20 50.55 22.88
N GLU F 214 10.25 51.45 23.09
CA GLU F 214 9.15 51.66 22.16
C GLU F 214 9.44 52.72 21.12
N ASN F 215 10.63 53.32 21.16
CA ASN F 215 11.10 54.25 20.15
C ASN F 215 12.30 53.63 19.46
N SER F 216 12.27 53.57 18.12
CA SER F 216 13.36 52.91 17.41
C SER F 216 14.64 53.74 17.47
N SER F 217 14.51 55.07 17.44
CA SER F 217 15.69 55.93 17.49
C SER F 217 16.43 55.83 18.81
N LYS F 218 15.79 55.33 19.87
CA LYS F 218 16.52 55.14 21.12
C LYS F 218 17.31 53.84 21.11
N SER F 219 16.74 52.76 20.58
CA SER F 219 17.50 51.53 20.46
C SER F 219 18.60 51.68 19.43
N ASN F 220 18.45 52.64 18.50
CA ASN F 220 19.51 52.90 17.54
C ASN F 220 20.76 53.44 18.22
N GLN F 221 20.63 53.98 19.43
CA GLN F 221 21.76 54.51 20.17
C GLN F 221 22.70 53.44 20.71
N TYR F 222 22.32 52.16 20.63
CA TYR F 222 23.10 51.10 21.22
C TYR F 222 23.58 50.07 20.22
N VAL F 223 23.43 50.31 18.92
CA VAL F 223 23.80 49.31 17.95
C VAL F 223 25.30 49.11 17.89
N TYR F 224 26.08 50.18 18.13
CA TYR F 224 27.54 50.09 18.08
C TYR F 224 28.18 50.11 19.46
N GLY F 225 27.42 49.87 20.51
CA GLY F 225 27.95 49.70 21.85
C GLY F 225 27.35 50.70 22.81
N ILE F 226 27.81 50.58 24.05
CA ILE F 226 27.37 51.50 25.09
C ILE F 226 27.72 52.92 24.68
N GLY F 227 26.76 53.83 24.81
CA GLY F 227 27.00 55.22 24.48
C GLY F 227 27.39 55.47 23.05
N GLY F 228 27.06 54.55 22.14
CA GLY F 228 27.48 54.65 20.76
C GLY F 228 28.83 54.04 20.47
N GLY F 229 29.59 53.67 21.49
CA GLY F 229 30.90 53.09 21.26
C GLY F 229 31.79 54.03 20.48
N THR F 230 32.51 53.47 19.51
CA THR F 230 33.37 54.26 18.63
C THR F 230 32.74 54.46 17.26
N GLY F 231 31.47 54.09 17.07
CA GLY F 231 30.85 54.19 15.76
C GLY F 231 31.09 52.93 14.94
N CYS F 232 30.85 53.08 13.64
CA CYS F 232 30.98 51.94 12.74
C CYS F 232 32.42 51.44 12.72
N PRO F 233 32.63 50.13 12.59
CA PRO F 233 34.02 49.64 12.58
C PRO F 233 34.88 50.25 11.49
N VAL F 234 34.35 50.42 10.28
CA VAL F 234 35.17 50.82 9.15
C VAL F 234 35.66 52.25 9.30
N HIS F 235 34.76 53.18 9.65
CA HIS F 235 35.10 54.59 9.72
C HIS F 235 35.23 55.10 11.14
N LYS F 236 34.83 54.33 12.14
CA LYS F 236 34.78 54.80 13.53
C LYS F 236 33.89 56.03 13.67
N ASP F 237 32.81 56.07 12.90
CA ASP F 237 31.90 57.20 12.86
C ASP F 237 30.56 56.79 13.47
N ARG F 238 30.11 57.55 14.46
CA ARG F 238 28.83 57.25 15.11
C ARG F 238 27.64 57.73 14.30
N SER F 239 27.86 58.54 13.27
CA SER F 239 26.79 59.02 12.40
C SER F 239 26.99 58.55 10.97
N CYS F 240 27.61 57.40 10.77
CA CYS F 240 27.88 56.92 9.43
C CYS F 240 26.58 56.77 8.65
N TYR F 241 26.54 57.33 7.45
CA TYR F 241 25.38 57.20 6.59
C TYR F 241 25.58 56.14 5.51
N ILE F 242 26.60 55.30 5.65
CA ILE F 242 26.94 54.31 4.63
C ILE F 242 26.87 52.89 5.16
N CYS F 243 27.32 52.67 6.39
CA CYS F 243 27.36 51.31 6.93
C CYS F 243 25.97 50.81 7.31
N HIS F 244 25.75 49.51 7.11
CA HIS F 244 24.50 48.89 7.47
C HIS F 244 24.47 48.59 8.97
N ARG F 245 23.38 48.98 9.62
CA ARG F 245 23.16 48.68 11.02
C ARG F 245 22.05 47.65 11.14
N GLN F 246 21.85 47.14 12.35
CA GLN F 246 20.80 46.15 12.60
C GLN F 246 20.11 46.42 13.92
N LEU F 247 18.78 46.38 13.90
CA LEU F 247 17.96 46.40 15.11
C LEU F 247 17.18 45.10 15.20
N LEU F 248 16.63 44.83 16.37
CA LEU F 248 15.68 43.74 16.53
C LEU F 248 14.33 44.32 16.96
N PHE F 249 13.27 43.75 16.43
CA PHE F 249 11.91 44.00 16.88
C PHE F 249 11.47 42.71 17.57
N CYS F 250 11.16 42.80 18.86
CA CYS F 250 11.09 41.63 19.73
C CYS F 250 9.76 41.55 20.45
N ARG F 251 9.25 40.33 20.62
CA ARG F 251 8.15 40.07 21.53
C ARG F 251 8.67 39.98 22.95
N VAL F 252 8.18 40.83 23.83
CA VAL F 252 8.67 40.92 25.19
C VAL F 252 7.51 40.63 26.13
N THR F 253 7.69 39.65 27.02
CA THR F 253 6.71 39.36 28.07
C THR F 253 7.02 40.26 29.27
N LEU F 254 6.11 41.17 29.61
CA LEU F 254 6.35 42.08 30.71
C LEU F 254 5.65 41.68 32.00
N GLY F 255 4.58 40.89 31.93
CA GLY F 255 3.92 40.45 33.14
C GLY F 255 3.40 41.62 33.95
N LYS F 256 3.63 41.56 35.26
CA LYS F 256 3.39 42.69 36.14
C LYS F 256 4.64 43.57 36.17
N SER F 257 4.51 44.80 35.70
CA SER F 257 5.65 45.67 35.48
C SER F 257 5.73 46.71 36.59
N PHE F 258 6.94 46.94 37.09
CA PHE F 258 7.16 47.90 38.16
C PHE F 258 7.51 49.26 37.58
N LEU F 259 6.77 50.29 38.00
CA LEU F 259 7.04 51.65 37.53
C LEU F 259 8.17 52.27 38.34
N GLN F 260 9.15 52.85 37.65
CA GLN F 260 10.29 53.47 38.30
C GLN F 260 10.58 54.79 37.60
N PHE F 261 10.92 55.81 38.39
CA PHE F 261 11.16 57.14 37.85
C PHE F 261 12.60 57.60 38.02
N SER F 262 13.47 56.77 38.57
CA SER F 262 14.86 57.14 38.74
C SER F 262 15.71 55.88 38.78
N ALA F 263 17.00 56.05 38.49
CA ALA F 263 17.91 54.92 38.42
C ALA F 263 17.91 54.15 39.74
N MET F 264 17.90 52.82 39.62
CA MET F 264 17.92 51.99 40.82
C MET F 264 18.91 50.83 40.77
N LYS F 265 19.46 50.47 39.61
CA LYS F 265 20.56 49.52 39.54
C LYS F 265 20.27 48.23 40.30
N MET F 266 19.12 47.61 40.03
CA MET F 266 18.77 46.35 40.67
C MET F 266 19.25 45.16 39.83
N ALA F 267 19.42 44.02 40.50
CA ALA F 267 19.92 42.84 39.84
C ALA F 267 18.83 41.95 39.27
N HIS F 268 17.63 42.01 39.84
CA HIS F 268 16.50 41.18 39.43
C HIS F 268 15.25 42.03 39.46
N SER F 269 14.14 41.43 39.05
CA SER F 269 12.87 42.14 39.09
C SER F 269 12.49 42.40 40.54
N PRO F 270 11.82 43.51 40.83
CA PRO F 270 11.36 43.76 42.19
C PRO F 270 10.52 42.60 42.69
N PRO F 271 10.40 42.42 44.00
CA PRO F 271 9.55 41.33 44.50
C PRO F 271 8.12 41.48 44.04
N GLY F 272 7.55 40.38 43.57
CA GLY F 272 6.19 40.36 43.09
C GLY F 272 5.97 40.86 41.68
N HIS F 273 7.02 41.15 40.94
CA HIS F 273 6.92 41.73 39.60
C HIS F 273 7.78 40.92 38.64
N HIS F 274 7.55 41.14 37.35
CA HIS F 274 8.25 40.39 36.31
C HIS F 274 9.18 41.26 35.47
N SER F 275 9.10 42.57 35.58
CA SER F 275 9.89 43.45 34.74
C SER F 275 9.85 44.84 35.35
N VAL F 276 10.59 45.76 34.73
CA VAL F 276 10.60 47.16 35.13
C VAL F 276 10.29 48.01 33.90
N THR F 277 9.63 49.14 34.12
CA THR F 277 9.43 50.13 33.06
C THR F 277 9.84 51.50 33.58
N GLY F 278 10.84 52.09 32.96
CA GLY F 278 11.25 53.44 33.24
C GLY F 278 10.37 54.44 32.52
N ARG F 279 9.69 55.27 33.29
CA ARG F 279 8.69 56.19 32.77
C ARG F 279 9.34 57.53 32.42
N PRO F 280 8.84 58.23 31.41
CA PRO F 280 9.41 59.54 31.08
C PRO F 280 9.25 60.51 32.24
N SER F 281 10.26 61.36 32.43
CA SER F 281 10.22 62.36 33.48
C SER F 281 11.01 63.58 33.03
N VAL F 282 10.69 64.73 33.63
CA VAL F 282 11.35 65.97 33.26
C VAL F 282 12.85 65.89 33.54
N ASN F 283 13.21 65.48 34.75
CA ASN F 283 14.61 65.34 35.12
C ASN F 283 15.18 63.96 34.80
N GLY F 284 14.33 62.98 34.49
CA GLY F 284 14.78 61.64 34.20
C GLY F 284 14.75 61.29 32.74
N LEU F 285 14.08 60.20 32.40
CA LEU F 285 14.06 59.72 31.02
C LEU F 285 13.12 60.55 30.16
N ALA F 286 13.59 60.91 28.96
CA ALA F 286 12.72 61.57 27.99
C ALA F 286 11.79 60.60 27.31
N LEU F 287 12.21 59.34 27.19
CA LEU F 287 11.42 58.30 26.54
C LEU F 287 11.37 57.09 27.45
N ALA F 288 10.30 56.31 27.30
CA ALA F 288 10.09 55.14 28.15
C ALA F 288 11.09 54.03 27.82
N GLU F 289 11.40 53.22 28.82
CA GLU F 289 12.26 52.05 28.65
C GLU F 289 11.63 50.86 29.35
N TYR F 290 11.94 49.66 28.87
CA TYR F 290 11.45 48.43 29.48
C TYR F 290 12.63 47.52 29.72
N VAL F 291 12.70 46.94 30.92
CA VAL F 291 13.84 46.13 31.34
C VAL F 291 13.32 44.80 31.82
N ILE F 292 13.96 43.73 31.35
CA ILE F 292 13.71 42.38 31.87
C ILE F 292 15.01 41.85 32.43
N TYR F 293 14.91 40.89 33.35
CA TYR F 293 16.08 40.27 33.98
C TYR F 293 16.10 38.77 33.75
N ARG F 294 15.36 38.31 32.75
CA ARG F 294 15.28 36.90 32.41
C ARG F 294 15.39 36.86 30.89
N GLY F 295 16.40 36.18 30.37
CA GLY F 295 16.57 36.15 28.94
C GLY F 295 15.39 35.53 28.21
N GLU F 296 14.69 34.61 28.86
CA GLU F 296 13.65 33.82 28.21
C GLU F 296 12.34 34.57 28.04
N GLN F 297 12.20 35.76 28.60
CA GLN F 297 10.99 36.55 28.46
C GLN F 297 10.99 37.41 27.19
N ALA F 298 11.93 37.21 26.28
CA ALA F 298 11.97 37.97 25.04
C ALA F 298 12.27 37.02 23.89
N TYR F 299 11.67 37.30 22.73
CA TYR F 299 11.94 36.56 21.51
C TYR F 299 12.17 37.54 20.37
N PRO F 300 13.27 37.44 19.64
CA PRO F 300 13.63 38.44 18.60
C PRO F 300 12.95 38.19 17.27
N GLU F 301 11.74 38.73 17.09
CA GLU F 301 10.90 38.27 15.99
C GLU F 301 11.41 38.76 14.63
N TYR F 302 11.69 40.06 14.51
CA TYR F 302 12.09 40.67 13.25
C TYR F 302 13.51 41.20 13.36
N LEU F 303 14.31 40.99 12.31
CA LEU F 303 15.65 41.53 12.20
C LEU F 303 15.65 42.57 11.09
N ILE F 304 15.91 43.83 11.44
CA ILE F 304 15.81 44.95 10.54
C ILE F 304 17.21 45.43 10.18
N THR F 305 17.52 45.47 8.90
CA THR F 305 18.77 46.03 8.39
C THR F 305 18.47 47.40 7.80
N TYR F 306 19.30 48.38 8.11
CA TYR F 306 18.96 49.74 7.73
C TYR F 306 20.21 50.62 7.69
N GLN F 307 20.04 51.79 7.10
CA GLN F 307 20.98 52.90 7.21
C GLN F 307 20.23 54.09 7.79
N ILE F 308 20.94 54.95 8.52
CA ILE F 308 20.32 56.21 8.89
C ILE F 308 20.43 57.18 7.71
N MET F 309 19.45 58.05 7.58
CA MET F 309 19.37 58.94 6.43
C MET F 309 19.23 60.40 6.87
N ASP G 26 14.10 -21.45 14.37
CA ASP G 26 13.36 -21.83 13.18
C ASP G 26 12.24 -22.82 13.51
N PHE G 27 12.63 -23.98 14.01
CA PHE G 27 11.69 -25.07 14.23
C PHE G 27 10.87 -24.88 15.50
N SER G 28 11.19 -23.89 16.33
CA SER G 28 10.49 -23.71 17.59
C SER G 28 9.05 -23.26 17.35
N ILE G 29 8.85 -22.32 16.42
CA ILE G 29 7.50 -21.87 16.10
C ILE G 29 6.71 -23.02 15.47
N THR G 30 7.35 -23.79 14.59
CA THR G 30 6.68 -24.92 13.96
C THR G 30 6.22 -25.93 14.99
N GLN G 31 7.09 -26.29 15.93
CA GLN G 31 6.72 -27.21 17.00
C GLN G 31 5.59 -26.65 17.84
N PHE G 32 5.71 -25.37 18.23
CA PHE G 32 4.70 -24.74 19.07
C PHE G 32 3.34 -24.80 18.41
N VAL G 33 3.28 -24.52 17.11
CA VAL G 33 2.00 -24.50 16.39
C VAL G 33 1.49 -25.91 16.15
N ARG G 34 2.38 -26.85 15.88
CA ARG G 34 1.96 -28.24 15.65
C ARG G 34 1.36 -28.85 16.90
N ASN G 35 1.91 -28.52 18.08
CA ASN G 35 1.35 -29.07 19.32
C ASN G 35 -0.07 -28.59 19.56
N LEU G 36 -0.43 -27.42 19.05
CA LEU G 36 -1.79 -26.92 19.19
C LEU G 36 -2.74 -27.44 18.12
N GLY G 37 -2.25 -28.22 17.17
CA GLY G 37 -3.10 -28.70 16.09
C GLY G 37 -3.41 -27.65 15.04
N LEU G 38 -2.62 -26.58 14.96
CA LEU G 38 -2.87 -25.47 14.05
C LEU G 38 -1.83 -25.37 12.94
N GLU G 39 -1.22 -26.48 12.55
CA GLU G 39 -0.13 -26.41 11.58
C GLU G 39 -0.60 -25.85 10.24
N HIS G 40 -1.90 -25.88 9.95
CA HIS G 40 -2.40 -25.27 8.72
C HIS G 40 -2.20 -23.77 8.70
N LEU G 41 -1.87 -23.16 9.83
CA LEU G 41 -1.56 -21.74 9.88
C LEU G 41 -0.09 -21.44 9.58
N MET G 42 0.77 -22.45 9.47
CA MET G 42 2.19 -22.18 9.31
C MET G 42 2.48 -21.37 8.04
N ASP G 43 1.71 -21.58 6.98
CA ASP G 43 1.95 -20.81 5.76
C ASP G 43 1.85 -19.32 6.02
N ILE G 44 1.00 -18.90 6.95
CA ILE G 44 0.96 -17.49 7.33
C ILE G 44 2.24 -17.13 8.09
N PHE G 45 2.60 -17.93 9.09
CA PHE G 45 3.73 -17.59 9.93
C PHE G 45 5.04 -17.59 9.14
N GLU G 46 5.12 -18.39 8.08
CA GLU G 46 6.31 -18.37 7.23
C GLU G 46 6.39 -17.10 6.41
N ARG G 47 5.24 -16.60 5.93
CA ARG G 47 5.30 -15.42 5.07
C ARG G 47 5.47 -14.15 5.87
N GLU G 48 4.96 -14.10 7.10
CA GLU G 48 5.10 -12.94 7.94
C GLU G 48 6.32 -13.01 8.83
N GLN G 49 7.14 -14.04 8.69
CA GLN G 49 8.40 -14.17 9.43
C GLN G 49 8.17 -14.11 10.93
N ILE G 50 7.08 -14.72 11.38
CA ILE G 50 6.76 -14.76 12.80
C ILE G 50 7.59 -15.86 13.44
N THR G 51 8.45 -15.50 14.38
CA THR G 51 9.19 -16.45 15.19
C THR G 51 8.57 -16.52 16.57
N LEU G 52 8.99 -17.51 17.35
CA LEU G 52 8.37 -17.72 18.65
C LEU G 52 8.56 -16.51 19.55
N ASP G 53 9.72 -15.88 19.48
CA ASP G 53 9.95 -14.67 20.27
C ASP G 53 9.04 -13.53 19.84
N VAL G 54 8.69 -13.45 18.56
CA VAL G 54 7.71 -12.46 18.12
C VAL G 54 6.32 -12.87 18.56
N LEU G 55 6.01 -14.16 18.48
CA LEU G 55 4.66 -14.64 18.76
C LEU G 55 4.30 -14.47 20.23
N VAL G 56 5.27 -14.63 21.14
CA VAL G 56 4.96 -14.48 22.56
C VAL G 56 4.59 -13.04 22.94
N GLU G 57 4.68 -12.11 22.01
CA GLU G 57 4.32 -10.71 22.27
C GLU G 57 3.05 -10.28 21.56
N MET G 58 2.36 -11.18 20.86
CA MET G 58 1.21 -10.82 20.04
C MET G 58 -0.09 -11.20 20.74
N GLY G 59 -1.08 -10.31 20.66
CA GLY G 59 -2.41 -10.56 21.16
C GLY G 59 -3.42 -10.70 20.04
N HIS G 60 -4.69 -10.51 20.39
CA HIS G 60 -5.75 -10.68 19.41
C HIS G 60 -5.62 -9.68 18.27
N LYS G 61 -5.27 -8.44 18.58
CA LYS G 61 -5.15 -7.40 17.56
C LYS G 61 -4.04 -7.73 16.56
N GLU G 62 -2.85 -8.05 17.06
CA GLU G 62 -1.73 -8.35 16.19
C GLU G 62 -2.00 -9.61 15.37
N LEU G 63 -2.64 -10.60 15.97
CA LEU G 63 -2.95 -11.83 15.25
C LEU G 63 -4.02 -11.60 14.19
N LYS G 64 -4.95 -10.69 14.44
CA LYS G 64 -5.90 -10.28 13.40
C LYS G 64 -5.18 -9.64 12.23
N GLU G 65 -4.22 -8.76 12.51
CA GLU G 65 -3.54 -8.05 11.43
C GLU G 65 -2.92 -8.99 10.42
N ILE G 66 -2.29 -10.07 10.89
CA ILE G 66 -1.57 -10.96 9.97
C ILE G 66 -2.47 -12.00 9.31
N GLY G 67 -3.75 -12.04 9.65
CA GLY G 67 -4.69 -12.89 8.98
C GLY G 67 -5.19 -14.09 9.75
N ILE G 68 -4.99 -14.14 11.06
CA ILE G 68 -5.64 -15.17 11.87
C ILE G 68 -7.04 -14.64 12.18
N ASN G 69 -8.02 -15.08 11.40
CA ASN G 69 -9.34 -14.45 11.46
C ASN G 69 -10.24 -15.11 12.49
N ALA G 70 -10.16 -16.43 12.63
CA ALA G 70 -11.05 -17.15 13.53
C ALA G 70 -10.67 -16.88 14.97
N TYR G 71 -11.67 -16.59 15.79
CA TYR G 71 -11.43 -16.31 17.21
C TYR G 71 -10.84 -17.52 17.92
N GLY G 72 -11.31 -18.72 17.59
CA GLY G 72 -10.81 -19.91 18.27
C GLY G 72 -9.34 -20.13 18.06
N HIS G 73 -8.84 -19.85 16.86
CA HIS G 73 -7.42 -19.99 16.57
C HIS G 73 -6.57 -19.02 17.39
N ARG G 74 -6.98 -17.76 17.47
CA ARG G 74 -6.26 -16.79 18.27
C ARG G 74 -6.31 -17.16 19.74
N HIS G 75 -7.46 -17.62 20.22
CA HIS G 75 -7.58 -18.07 21.59
C HIS G 75 -6.58 -19.20 21.88
N LYS G 76 -6.50 -20.17 20.99
CA LYS G 76 -5.57 -21.28 21.20
C LYS G 76 -4.13 -20.80 21.23
N LEU G 77 -3.74 -19.94 20.28
CA LEU G 77 -2.36 -19.45 20.25
C LEU G 77 -2.02 -18.67 21.52
N ILE G 78 -2.91 -17.78 21.94
CA ILE G 78 -2.64 -16.96 23.11
C ILE G 78 -2.54 -17.81 24.37
N LYS G 79 -3.43 -18.80 24.52
CA LYS G 79 -3.36 -19.65 25.70
C LYS G 79 -2.11 -20.53 25.70
N GLY G 80 -1.68 -21.01 24.52
CA GLY G 80 -0.42 -21.73 24.47
C GLY G 80 0.76 -20.87 24.87
N VAL G 81 0.79 -19.63 24.40
CA VAL G 81 1.85 -18.71 24.80
C VAL G 81 1.83 -18.50 26.31
N GLU G 82 0.64 -18.38 26.88
CA GLU G 82 0.52 -18.21 28.33
C GLU G 82 1.05 -19.44 29.07
N ARG G 83 0.70 -20.63 28.61
CA ARG G 83 1.19 -21.84 29.24
C ARG G 83 2.70 -21.98 29.14
N LEU G 84 3.30 -21.38 28.11
CA LEU G 84 4.77 -21.42 28.00
C LEU G 84 5.43 -20.39 28.91
N ILE G 85 4.96 -19.14 28.86
CA ILE G 85 5.67 -18.05 29.53
C ILE G 85 5.38 -18.02 31.02
N SER G 86 4.10 -18.04 31.39
CA SER G 86 3.75 -17.94 32.80
C SER G 86 3.75 -19.30 33.48
N GLY G 87 3.38 -20.35 32.75
CA GLY G 87 3.28 -21.67 33.36
C GLY G 87 4.62 -22.28 33.70
N GLN G 88 5.67 -21.93 32.96
CA GLN G 88 7.01 -22.46 33.18
C GLN G 88 7.99 -21.33 33.49
N GLN G 89 7.55 -20.35 34.26
CA GLN G 89 8.41 -19.19 34.56
C GLN G 89 9.71 -19.61 35.21
N GLY G 90 9.73 -20.72 35.94
CA GLY G 90 10.94 -21.20 36.56
C GLY G 90 12.01 -21.64 35.60
N LEU G 91 11.65 -22.00 34.38
CA LEU G 91 12.63 -22.32 33.35
C LEU G 91 13.10 -21.10 32.58
N ASN G 92 12.46 -19.95 32.78
CA ASN G 92 12.82 -18.71 32.11
C ASN G 92 12.93 -18.87 30.58
N PRO G 93 11.90 -19.39 29.92
CA PRO G 93 11.91 -19.37 28.45
C PRO G 93 11.86 -17.97 27.86
N TYR G 94 11.27 -17.01 28.58
CA TYR G 94 11.21 -15.64 28.07
C TYR G 94 12.62 -15.07 27.88
N LEU G 95 13.48 -15.25 28.88
CA LEU G 95 14.85 -14.79 28.76
C LEU G 95 15.59 -15.52 27.64
N THR G 96 15.26 -16.79 27.41
CA THR G 96 15.86 -17.51 26.29
C THR G 96 15.43 -16.93 24.96
N LEU G 97 14.20 -16.45 24.86
CA LEU G 97 13.70 -15.91 23.61
C LEU G 97 14.06 -14.45 23.42
N ASN G 98 14.26 -13.70 24.50
CA ASN G 98 14.49 -12.27 24.44
C ASN G 98 15.97 -11.91 24.41
N THR G 99 16.82 -12.78 23.87
CA THR G 99 18.25 -12.50 23.83
C THR G 99 18.58 -11.49 22.73
N SER G 100 17.93 -11.59 21.57
CA SER G 100 18.29 -10.74 20.45
C SER G 100 17.86 -9.30 20.69
N GLY G 101 18.65 -8.39 20.16
CA GLY G 101 18.45 -6.97 20.37
C GLY G 101 19.27 -6.38 21.49
N SER G 102 19.74 -7.20 22.43
CA SER G 102 20.64 -6.71 23.46
C SER G 102 22.04 -6.49 22.86
N GLY G 103 22.82 -5.66 23.53
CA GLY G 103 24.11 -5.25 23.06
C GLY G 103 24.25 -3.74 23.03
N THR G 104 25.47 -3.31 22.73
CA THR G 104 25.82 -1.91 22.78
C THR G 104 25.73 -1.28 21.40
N ILE G 105 25.19 -0.06 21.34
CA ILE G 105 25.35 0.76 20.15
C ILE G 105 26.05 2.04 20.56
N LEU G 106 26.84 2.58 19.64
CA LEU G 106 27.52 3.85 19.81
C LEU G 106 26.90 4.87 18.85
N ILE G 107 26.45 5.99 19.41
CA ILE G 107 25.85 7.06 18.63
C ILE G 107 26.86 8.21 18.55
N ASP G 108 27.28 8.54 17.34
CA ASP G 108 28.26 9.60 17.16
C ASP G 108 27.64 10.96 17.38
N LEU G 109 28.31 11.80 18.16
CA LEU G 109 27.91 13.19 18.32
C LEU G 109 28.46 14.02 17.18
N SER G 110 27.71 15.03 16.78
CA SER G 110 28.17 15.92 15.71
C SER G 110 28.98 17.06 16.29
N PRO G 111 30.16 17.36 15.76
CA PRO G 111 30.99 18.43 16.35
C PRO G 111 30.28 19.77 16.43
N ASP G 112 29.25 19.96 15.61
CA ASP G 112 28.48 21.19 15.63
C ASP G 112 27.39 21.19 16.68
N ASP G 113 27.28 20.12 17.47
CA ASP G 113 26.24 20.00 18.48
C ASP G 113 26.68 20.62 19.80
N LYS G 114 25.71 21.03 20.59
CA LYS G 114 25.99 21.61 21.90
C LYS G 114 26.61 20.59 22.84
N GLU G 115 26.14 19.34 22.78
CA GLU G 115 26.66 18.29 23.65
C GLU G 115 28.13 18.00 23.38
N PHE G 116 28.49 17.84 22.11
CA PHE G 116 29.88 17.60 21.75
C PHE G 116 30.75 18.72 22.28
N GLN G 117 30.30 19.96 22.14
CA GLN G 117 31.10 21.10 22.56
C GLN G 117 31.25 21.18 24.06
N SER G 118 30.20 20.83 24.82
CA SER G 118 30.34 20.81 26.27
C SER G 118 31.28 19.70 26.74
N VAL G 119 31.19 18.52 26.15
CA VAL G 119 32.12 17.45 26.52
C VAL G 119 33.56 17.84 26.17
N GLU G 120 33.75 18.47 25.01
CA GLU G 120 35.09 18.90 24.62
C GLU G 120 35.63 19.99 25.53
N GLU G 121 34.75 20.91 25.96
CA GLU G 121 35.18 21.92 26.92
C GLU G 121 35.62 21.28 28.23
N GLU G 122 34.87 20.27 28.69
CA GLU G 122 35.28 19.56 29.89
C GLU G 122 36.64 18.90 29.71
N MET G 123 36.88 18.29 28.55
CA MET G 123 38.18 17.67 28.28
C MET G 123 39.30 18.71 28.32
N GLN G 124 39.12 19.82 27.61
CA GLN G 124 40.22 20.77 27.44
C GLN G 124 40.50 21.56 28.70
N SER G 125 39.46 21.97 29.43
CA SER G 125 39.65 22.90 30.54
C SER G 125 40.20 22.24 31.79
N THR G 126 40.21 20.91 31.86
CA THR G 126 40.66 20.20 33.05
C THR G 126 42.08 19.68 32.91
N VAL G 127 42.80 20.03 31.85
CA VAL G 127 44.20 19.66 31.71
C VAL G 127 45.03 20.39 32.77
N ARG G 128 45.93 19.65 33.41
CA ARG G 128 46.83 20.19 34.41
C ARG G 128 48.25 19.73 34.13
N GLU G 129 49.21 20.52 34.60
CA GLU G 129 50.60 20.10 34.57
C GLU G 129 50.84 19.15 35.73
N HIS G 130 51.53 18.04 35.45
CA HIS G 130 51.74 17.00 36.43
C HIS G 130 53.19 16.96 36.88
N ARG G 131 53.43 16.27 38.00
CA ARG G 131 54.74 16.31 38.63
C ARG G 131 55.80 15.72 37.70
N ASP G 132 55.57 14.54 37.17
CA ASP G 132 56.51 13.95 36.23
C ASP G 132 56.50 14.75 34.93
N GLY G 133 57.65 14.75 34.24
CA GLY G 133 57.76 15.45 32.97
C GLY G 133 56.99 14.74 31.88
N GLY G 134 55.69 14.57 32.05
CA GLY G 134 54.90 13.81 31.10
C GLY G 134 55.36 12.38 30.97
N HIS G 135 56.01 11.83 31.98
CA HIS G 135 56.52 10.47 31.89
C HIS G 135 55.39 9.47 31.68
N ALA G 136 54.28 9.66 32.39
CA ALA G 136 53.17 8.73 32.28
C ALA G 136 52.24 9.10 31.11
N GLY G 137 51.91 10.38 30.98
CA GLY G 137 50.96 10.79 29.98
C GLY G 137 51.55 11.44 28.75
N GLY G 138 52.76 11.96 28.86
CA GLY G 138 53.36 12.74 27.80
C GLY G 138 53.28 14.23 28.06
N ILE G 139 53.90 14.99 27.18
CA ILE G 139 53.97 16.45 27.30
C ILE G 139 52.95 17.04 26.33
N PHE G 140 52.01 17.81 26.85
CA PHE G 140 50.99 18.41 26.02
C PHE G 140 50.28 19.49 26.82
N ASN G 141 49.58 20.36 26.11
CA ASN G 141 48.77 21.39 26.73
C ASN G 141 47.31 21.31 26.35
N ARG G 142 46.96 20.54 25.32
CA ARG G 142 45.58 20.38 24.89
C ARG G 142 45.49 19.15 24.01
N TYR G 143 44.26 18.82 23.61
CA TYR G 143 43.95 17.62 22.86
C TYR G 143 43.44 17.96 21.47
N ASN G 144 43.59 17.01 20.57
CA ASN G 144 42.88 17.00 19.30
C ASN G 144 41.80 15.92 19.41
N ILE G 145 40.55 16.33 19.52
CA ILE G 145 39.45 15.39 19.68
C ILE G 145 39.01 14.91 18.30
N LEU G 146 38.91 13.60 18.14
CA LEU G 146 38.53 12.98 16.88
C LEU G 146 37.08 12.51 16.87
N LYS G 147 36.63 11.89 17.95
CA LYS G 147 35.25 11.43 18.07
C LYS G 147 34.80 11.56 19.51
N ILE G 148 33.48 11.72 19.67
CA ILE G 148 32.80 11.50 20.93
C ILE G 148 31.55 10.69 20.61
N GLN G 149 31.37 9.59 21.32
CA GLN G 149 30.26 8.67 21.07
C GLN G 149 29.50 8.41 22.35
N LYS G 150 28.17 8.49 22.27
CA LYS G 150 27.32 8.02 23.36
C LYS G 150 27.23 6.50 23.35
N VAL G 151 27.38 5.90 24.52
CA VAL G 151 27.34 4.45 24.70
C VAL G 151 25.95 4.09 25.18
N CYS G 152 25.26 3.21 24.47
CA CYS G 152 23.90 2.81 24.79
C CYS G 152 23.83 1.31 24.96
N ASN G 153 23.46 0.86 26.16
CA ASN G 153 23.29 -0.54 26.48
C ASN G 153 22.24 -0.64 27.56
N LYS G 154 21.15 -1.35 27.28
CA LYS G 154 19.99 -1.31 28.18
C LYS G 154 20.23 -2.12 29.45
N LYS G 155 20.88 -3.28 29.34
CA LYS G 155 21.15 -4.10 30.52
C LYS G 155 22.06 -3.38 31.50
N LEU G 156 23.13 -2.78 30.99
CA LEU G 156 24.04 -2.03 31.84
C LEU G 156 23.36 -0.80 32.44
N TRP G 157 22.51 -0.13 31.66
CA TRP G 157 21.81 1.03 32.20
C TRP G 157 20.85 0.63 33.32
N GLU G 158 20.16 -0.50 33.16
CA GLU G 158 19.26 -0.96 34.20
C GLU G 158 20.04 -1.32 35.46
N ARG G 159 21.18 -2.00 35.31
CA ARG G 159 22.03 -2.30 36.45
C ARG G 159 22.40 -1.02 37.18
N TYR G 160 22.84 -0.01 36.44
CA TYR G 160 23.26 1.25 37.03
C TYR G 160 22.12 1.92 37.77
N THR G 161 20.94 2.00 37.17
CA THR G 161 19.84 2.71 37.80
C THR G 161 19.28 1.97 39.01
N HIS G 162 19.33 0.64 39.02
CA HIS G 162 18.94 -0.09 40.22
C HIS G 162 19.89 0.21 41.38
N ARG G 163 21.19 0.14 41.13
CA ARG G 163 22.14 0.48 42.19
C ARG G 163 21.97 1.92 42.64
N ARG G 164 21.69 2.83 41.70
CA ARG G 164 21.51 4.23 42.05
C ARG G 164 20.33 4.43 42.97
N LYS G 165 19.22 3.74 42.71
CA LYS G 165 18.07 3.81 43.62
C LYS G 165 18.43 3.29 45.01
N GLU G 166 19.15 2.17 45.09
CA GLU G 166 19.57 1.67 46.39
C GLU G 166 20.38 2.72 47.16
N VAL G 167 21.43 3.24 46.52
CA VAL G 167 22.32 4.17 47.21
C VAL G 167 21.55 5.42 47.63
N SER G 168 20.72 5.97 46.76
CA SER G 168 19.99 7.16 47.13
C SER G 168 18.99 6.89 48.24
N GLU G 169 18.44 5.67 48.30
CA GLU G 169 17.58 5.33 49.43
C GLU G 169 18.35 5.24 50.73
N GLU G 170 19.66 4.94 50.67
CA GLU G 170 20.47 4.90 51.88
C GLU G 170 21.13 6.22 52.22
N ASN G 171 20.96 7.27 51.41
CA ASN G 171 21.69 8.52 51.57
C ASN G 171 20.73 9.71 51.47
N HIS G 172 19.64 9.65 52.23
CA HIS G 172 18.62 10.69 52.28
C HIS G 172 18.25 11.18 50.89
N ASN G 173 17.95 10.22 50.02
CA ASN G 173 17.35 10.45 48.71
C ASN G 173 18.28 11.17 47.75
N HIS G 174 19.58 11.10 47.97
CA HIS G 174 20.58 11.77 47.15
C HIS G 174 21.60 10.74 46.70
N ALA G 175 21.78 10.61 45.38
CA ALA G 175 22.76 9.67 44.86
C ALA G 175 24.16 10.25 44.84
N ASN G 176 24.31 11.57 44.82
CA ASN G 176 25.61 12.22 44.75
C ASN G 176 26.34 11.76 43.48
N GLU G 177 25.71 12.02 42.36
CA GLU G 177 26.14 11.52 41.06
C GLU G 177 27.00 12.56 40.36
N ARG G 178 28.15 12.12 39.86
CA ARG G 178 29.15 13.00 39.27
C ARG G 178 29.51 12.51 37.87
N MET G 179 30.09 13.40 37.07
CA MET G 179 30.60 13.06 35.75
C MET G 179 32.12 13.10 35.81
N LEU G 180 32.74 11.95 35.59
CA LEU G 180 34.17 11.80 35.85
C LEU G 180 34.84 11.06 34.71
N PHE G 181 36.13 11.29 34.56
CA PHE G 181 36.90 10.66 33.50
C PHE G 181 37.49 9.34 33.97
N HIS G 182 37.58 8.39 33.05
CA HIS G 182 38.18 7.10 33.34
C HIS G 182 39.15 6.75 32.23
N GLY G 183 40.35 6.32 32.59
CA GLY G 183 41.32 5.86 31.64
C GLY G 183 41.77 4.45 31.90
N SER G 184 41.84 3.62 30.87
CA SER G 184 42.22 2.22 31.04
C SER G 184 42.52 1.64 29.67
N PRO G 185 43.41 0.64 29.59
CA PRO G 185 43.57 -0.09 28.32
C PRO G 185 42.46 -1.07 28.03
N PHE G 186 41.40 -1.08 28.83
CA PHE G 186 40.28 -2.00 28.67
C PHE G 186 38.96 -1.28 28.45
N VAL G 187 38.97 -0.25 27.59
CA VAL G 187 37.76 0.53 27.34
C VAL G 187 36.72 -0.30 26.60
N ASN G 188 37.16 -1.13 25.65
CA ASN G 188 36.22 -1.95 24.88
C ASN G 188 35.42 -2.87 25.78
N ALA G 189 36.12 -3.61 26.64
CA ALA G 189 35.45 -4.51 27.56
C ALA G 189 34.48 -3.76 28.46
N ILE G 190 34.82 -2.54 28.86
CA ILE G 190 33.94 -1.79 29.74
C ILE G 190 32.68 -1.36 29.01
N ILE G 191 32.82 -0.93 27.75
CA ILE G 191 31.62 -0.47 27.04
C ILE G 191 30.73 -1.63 26.65
N HIS G 192 31.26 -2.85 26.57
CA HIS G 192 30.40 -3.99 26.21
C HIS G 192 29.91 -4.77 27.41
N LYS G 193 30.64 -4.78 28.52
CA LYS G 193 30.29 -5.54 29.70
C LYS G 193 30.04 -4.67 30.92
N GLY G 194 30.48 -3.41 30.91
CA GLY G 194 30.36 -2.55 32.07
C GLY G 194 31.57 -2.63 32.98
N PHE G 195 31.56 -1.75 33.98
CA PHE G 195 32.61 -1.74 35.00
C PHE G 195 32.50 -2.97 35.89
N ASP G 196 33.64 -3.47 36.33
CA ASP G 196 33.68 -4.75 37.03
C ASP G 196 34.78 -4.70 38.07
N GLU G 197 34.40 -4.73 39.34
CA GLU G 197 35.39 -4.64 40.42
C GLU G 197 36.28 -5.87 40.46
N ARG G 198 35.88 -6.97 39.82
CA ARG G 198 36.70 -8.18 39.82
C ARG G 198 37.98 -7.99 39.02
N HIS G 199 38.11 -6.91 38.26
CA HIS G 199 39.35 -6.51 37.62
C HIS G 199 40.04 -5.37 38.35
N ALA G 200 39.67 -5.10 39.60
CA ALA G 200 39.97 -3.82 40.22
C ALA G 200 41.47 -3.61 40.34
N TYR G 201 41.85 -2.32 40.36
CA TYR G 201 43.24 -1.88 40.51
C TYR G 201 43.65 -2.05 41.97
N ILE G 202 44.03 -3.29 42.30
CA ILE G 202 44.32 -3.66 43.67
C ILE G 202 45.58 -2.98 44.20
N GLY G 203 46.45 -2.50 43.30
CA GLY G 203 47.67 -1.83 43.71
C GLY G 203 47.57 -0.33 43.84
N GLY G 204 46.39 0.24 43.65
CA GLY G 204 46.24 1.69 43.71
C GLY G 204 46.40 2.21 45.12
N MET G 205 46.53 3.54 45.22
CA MET G 205 46.74 4.16 46.52
C MET G 205 45.60 3.88 47.49
N PHE G 206 44.41 3.51 46.98
CA PHE G 206 43.26 3.28 47.84
C PHE G 206 42.68 1.88 47.67
N GLY G 207 43.52 0.91 47.32
CA GLY G 207 43.09 -0.47 47.33
C GLY G 207 42.44 -0.91 46.03
N ALA G 208 41.67 -1.99 46.13
CA ALA G 208 41.06 -2.62 44.98
C ALA G 208 39.77 -1.94 44.56
N GLY G 209 39.87 -0.73 44.01
CA GLY G 209 38.73 -0.01 43.51
C GLY G 209 38.89 0.38 42.05
N ILE G 210 37.81 0.94 41.51
CA ILE G 210 37.80 1.55 40.19
C ILE G 210 37.95 3.05 40.38
N TYR G 211 38.91 3.64 39.67
CA TYR G 211 39.38 4.99 39.92
C TYR G 211 38.87 5.94 38.84
N PHE G 212 38.45 7.12 39.27
CA PHE G 212 37.94 8.17 38.41
C PHE G 212 38.56 9.49 38.82
N ALA G 213 38.66 10.41 37.88
CA ALA G 213 39.25 11.71 38.16
C ALA G 213 38.46 12.79 37.46
N GLU G 214 38.50 13.99 38.03
CA GLU G 214 37.87 15.14 37.43
C GLU G 214 38.82 15.92 36.53
N ASN G 215 40.06 15.50 36.41
CA ASN G 215 41.02 16.06 35.46
C ASN G 215 41.22 15.03 34.36
N SER G 216 41.01 15.46 33.12
CA SER G 216 41.13 14.53 32.00
C SER G 216 42.57 14.05 31.84
N SER G 217 43.55 14.89 32.19
CA SER G 217 44.95 14.51 32.01
C SER G 217 45.37 13.45 33.01
N LYS G 218 44.88 13.52 34.24
CA LYS G 218 45.17 12.47 35.21
C LYS G 218 44.69 11.12 34.71
N SER G 219 43.48 11.04 34.17
CA SER G 219 42.99 9.79 33.61
C SER G 219 43.76 9.43 32.35
N ASN G 220 44.19 10.43 31.59
CA ASN G 220 44.99 10.18 30.40
C ASN G 220 46.28 9.47 30.76
N GLN G 221 46.77 9.67 31.98
CA GLN G 221 47.98 8.98 32.41
C GLN G 221 47.84 7.45 32.41
N TYR G 222 46.62 6.91 32.41
CA TYR G 222 46.40 5.48 32.57
C TYR G 222 45.91 4.77 31.32
N VAL G 223 45.79 5.46 30.19
CA VAL G 223 45.17 4.82 29.03
C VAL G 223 46.02 3.67 28.51
N TYR G 224 47.34 3.81 28.53
CA TYR G 224 48.21 2.75 28.04
C TYR G 224 48.65 1.79 29.13
N GLY G 225 48.20 1.99 30.36
CA GLY G 225 48.49 1.09 31.46
C GLY G 225 48.83 1.86 32.71
N ILE G 226 49.28 1.11 33.71
CA ILE G 226 49.72 1.72 34.96
C ILE G 226 51.02 2.47 34.71
N GLY G 227 51.05 3.75 35.13
CA GLY G 227 52.20 4.58 34.87
C GLY G 227 52.47 4.78 33.40
N GLY G 228 51.48 4.59 32.54
CA GLY G 228 51.65 4.67 31.11
C GLY G 228 52.05 3.37 30.44
N GLY G 229 52.30 2.32 31.20
CA GLY G 229 52.72 1.07 30.59
C GLY G 229 53.96 1.25 29.76
N THR G 230 54.01 0.56 28.61
CA THR G 230 55.11 0.68 27.68
C THR G 230 54.83 1.70 26.58
N GLY G 231 53.87 2.59 26.78
CA GLY G 231 53.49 3.52 25.73
C GLY G 231 52.55 2.87 24.72
N CYS G 232 52.37 3.57 23.60
CA CYS G 232 51.45 3.11 22.59
C CYS G 232 51.91 1.76 22.02
N PRO G 233 50.97 0.92 21.57
CA PRO G 233 51.37 -0.38 21.03
C PRO G 233 52.33 -0.30 19.85
N VAL G 234 52.15 0.69 18.97
CA VAL G 234 52.90 0.71 17.72
C VAL G 234 54.31 1.23 17.93
N HIS G 235 54.46 2.34 18.66
CA HIS G 235 55.75 2.99 18.82
C HIS G 235 56.36 2.76 20.19
N LYS G 236 55.61 2.18 21.13
CA LYS G 236 56.07 2.00 22.50
C LYS G 236 56.47 3.33 23.13
N ASP G 237 55.83 4.42 22.72
CA ASP G 237 56.11 5.76 23.22
C ASP G 237 54.94 6.25 24.05
N ARG G 238 55.23 6.67 25.28
CA ARG G 238 54.19 7.19 26.16
C ARG G 238 53.78 8.62 25.81
N SER G 239 54.59 9.33 25.03
CA SER G 239 54.25 10.65 24.55
C SER G 239 54.01 10.67 23.04
N CYS G 240 53.48 9.59 22.49
CA CYS G 240 53.19 9.53 21.07
C CYS G 240 52.14 10.57 20.72
N TYR G 241 52.39 11.32 19.66
CA TYR G 241 51.41 12.24 19.11
C TYR G 241 50.71 11.66 17.88
N ILE G 242 50.98 10.41 17.55
CA ILE G 242 50.57 9.85 16.25
C ILE G 242 49.25 9.11 16.38
N CYS G 243 49.15 8.21 17.35
CA CYS G 243 48.09 7.22 17.41
C CYS G 243 47.08 7.58 18.48
N HIS G 244 45.83 7.16 18.26
CA HIS G 244 44.70 7.66 19.01
C HIS G 244 44.61 7.01 20.38
N ARG G 245 44.06 7.77 21.33
CA ARG G 245 43.79 7.32 22.69
C ARG G 245 42.29 7.39 22.94
N GLN G 246 41.83 6.68 23.96
CA GLN G 246 40.41 6.62 24.31
C GLN G 246 40.22 6.83 25.80
N LEU G 247 39.38 7.79 26.15
CA LEU G 247 38.94 8.00 27.52
C LEU G 247 37.44 7.78 27.63
N LEU G 248 36.99 7.36 28.81
CA LEU G 248 35.57 7.29 29.08
C LEU G 248 35.16 8.47 29.94
N PHE G 249 33.95 8.97 29.67
CA PHE G 249 33.30 9.97 30.51
C PHE G 249 32.08 9.28 31.11
N CYS G 250 32.02 9.20 32.43
CA CYS G 250 31.13 8.26 33.09
C CYS G 250 30.31 8.93 34.17
N ARG G 251 29.08 8.46 34.33
CA ARG G 251 28.25 8.79 35.48
C ARG G 251 28.68 7.89 36.63
N VAL G 252 29.04 8.49 37.75
CA VAL G 252 29.54 7.77 38.91
C VAL G 252 28.66 8.13 40.09
N THR G 253 28.08 7.13 40.75
CA THR G 253 27.29 7.34 41.95
C THR G 253 28.23 7.24 43.14
N LEU G 254 28.38 8.33 43.89
CA LEU G 254 29.29 8.35 45.01
C LEU G 254 28.59 8.17 46.34
N GLY G 255 27.30 8.50 46.44
CA GLY G 255 26.61 8.34 47.71
C GLY G 255 27.29 9.12 48.80
N LYS G 256 27.33 8.55 49.99
CA LYS G 256 28.14 9.11 51.06
C LYS G 256 29.59 8.74 50.84
N SER G 257 30.42 9.72 50.52
CA SER G 257 31.81 9.50 50.16
C SER G 257 32.71 9.74 51.36
N PHE G 258 33.63 8.81 51.60
CA PHE G 258 34.57 8.92 52.72
C PHE G 258 35.73 9.81 52.33
N LEU G 259 35.98 10.84 53.14
CA LEU G 259 37.01 11.83 52.85
C LEU G 259 38.33 11.32 53.39
N GLN G 260 39.27 11.05 52.49
CA GLN G 260 40.56 10.49 52.86
C GLN G 260 41.66 11.38 52.30
N PHE G 261 42.75 11.51 53.05
CA PHE G 261 43.82 12.42 52.69
C PHE G 261 45.16 11.75 52.50
N SER G 262 45.29 10.47 52.82
CA SER G 262 46.54 9.75 52.63
C SER G 262 46.25 8.34 52.17
N ALA G 263 47.25 7.72 51.57
CA ALA G 263 47.07 6.39 51.00
C ALA G 263 46.72 5.38 52.08
N MET G 264 45.84 4.44 51.72
CA MET G 264 45.51 3.33 52.62
C MET G 264 44.80 2.27 51.78
N LYS G 265 45.35 1.07 51.77
CA LYS G 265 44.79 -0.02 50.97
C LYS G 265 43.53 -0.54 51.66
N MET G 266 42.43 -0.61 50.93
CA MET G 266 41.21 -1.21 51.43
C MET G 266 40.52 -1.97 50.31
N ALA G 267 39.79 -3.01 50.68
CA ALA G 267 39.14 -3.88 49.70
C ALA G 267 37.73 -3.42 49.34
N HIS G 268 37.05 -2.76 50.27
CA HIS G 268 35.68 -2.31 50.06
C HIS G 268 35.58 -0.88 50.57
N SER G 269 34.39 -0.32 50.53
CA SER G 269 34.18 1.01 51.06
C SER G 269 34.28 0.99 52.58
N PRO G 270 34.60 2.11 53.21
CA PRO G 270 34.52 2.17 54.67
C PRO G 270 33.09 2.02 55.13
N PRO G 271 32.86 1.48 56.32
CA PRO G 271 31.49 1.27 56.79
C PRO G 271 30.67 2.55 56.78
N GLY G 272 29.42 2.43 56.34
CA GLY G 272 28.51 3.56 56.26
C GLY G 272 28.68 4.42 55.03
N HIS G 273 29.58 4.06 54.12
CA HIS G 273 29.93 4.90 52.98
C HIS G 273 29.82 4.08 51.69
N HIS G 274 29.77 4.79 50.57
CA HIS G 274 29.58 4.17 49.27
C HIS G 274 30.76 4.39 48.34
N SER G 275 31.74 5.18 48.72
CA SER G 275 32.90 5.46 47.87
C SER G 275 33.93 6.18 48.71
N VAL G 276 35.10 6.38 48.12
CA VAL G 276 36.19 7.12 48.76
C VAL G 276 36.62 8.25 47.84
N THR G 277 36.76 9.45 48.40
CA THR G 277 37.33 10.58 47.68
C THR G 277 38.66 10.94 48.32
N GLY G 278 39.73 10.83 47.55
CA GLY G 278 41.03 11.30 47.97
C GLY G 278 41.22 12.76 47.61
N ARG G 279 41.43 13.60 48.63
CA ARG G 279 41.55 15.03 48.41
C ARG G 279 43.00 15.42 48.17
N PRO G 280 43.25 16.48 47.41
CA PRO G 280 44.63 16.94 47.22
C PRO G 280 45.24 17.37 48.55
N SER G 281 46.54 17.17 48.68
CA SER G 281 47.27 17.54 49.88
C SER G 281 48.66 18.00 49.50
N VAL G 282 49.29 18.77 50.39
CA VAL G 282 50.64 19.27 50.12
C VAL G 282 51.61 18.11 49.95
N ASN G 283 51.54 17.12 50.84
CA ASN G 283 52.38 15.95 50.76
C ASN G 283 51.64 14.72 50.22
N GLY G 284 50.41 14.89 49.74
CA GLY G 284 49.63 13.77 49.26
C GLY G 284 49.26 13.87 47.80
N LEU G 285 47.97 13.70 47.50
CA LEU G 285 47.51 13.72 46.12
C LEU G 285 47.68 15.10 45.50
N ALA G 286 48.16 15.14 44.27
CA ALA G 286 48.21 16.39 43.54
C ALA G 286 46.84 16.81 43.04
N LEU G 287 45.94 15.84 42.82
CA LEU G 287 44.63 16.11 42.27
C LEU G 287 43.64 15.12 42.87
N ALA G 288 42.36 15.44 42.77
CA ALA G 288 41.33 14.64 43.42
C ALA G 288 41.22 13.25 42.78
N GLU G 289 40.92 12.26 43.62
CA GLU G 289 40.68 10.90 43.19
C GLU G 289 39.30 10.46 43.70
N TYR G 290 38.62 9.65 42.91
CA TYR G 290 37.37 9.03 43.36
C TYR G 290 37.46 7.53 43.11
N VAL G 291 37.12 6.75 44.13
CA VAL G 291 37.26 5.31 44.06
C VAL G 291 35.93 4.69 44.46
N ILE G 292 35.40 3.82 43.61
CA ILE G 292 34.25 3.00 43.95
C ILE G 292 34.74 1.57 44.02
N TYR G 293 34.00 0.73 44.74
CA TYR G 293 34.43 -0.64 44.95
C TYR G 293 33.42 -1.67 44.48
N ARG G 294 32.33 -1.25 43.86
CA ARG G 294 31.47 -2.16 43.13
C ARG G 294 31.12 -1.51 41.80
N GLY G 295 31.20 -2.28 40.72
CA GLY G 295 31.18 -1.71 39.39
C GLY G 295 29.81 -1.25 38.92
N GLU G 296 28.75 -1.57 39.66
CA GLU G 296 27.42 -1.21 39.21
C GLU G 296 27.05 0.23 39.52
N GLN G 297 27.92 1.02 40.15
CA GLN G 297 27.65 2.43 40.33
C GLN G 297 28.51 3.31 39.44
N ALA G 298 28.93 2.81 38.29
CA ALA G 298 29.48 3.62 37.22
C ALA G 298 28.83 3.21 35.92
N TYR G 299 28.58 4.18 35.05
CA TYR G 299 28.08 3.90 33.72
C TYR G 299 28.87 4.72 32.70
N PRO G 300 29.44 4.09 31.67
CA PRO G 300 30.28 4.81 30.70
C PRO G 300 29.49 5.53 29.62
N GLU G 301 29.09 6.78 29.90
CA GLU G 301 28.13 7.43 29.02
C GLU G 301 28.76 7.84 27.68
N TYR G 302 29.98 8.37 27.70
CA TYR G 302 30.64 8.85 26.49
C TYR G 302 31.95 8.13 26.28
N LEU G 303 32.30 7.91 25.02
CA LEU G 303 33.59 7.37 24.62
C LEU G 303 34.28 8.42 23.76
N ILE G 304 35.38 8.96 24.29
CA ILE G 304 36.09 10.07 23.65
C ILE G 304 37.38 9.52 23.05
N THR G 305 37.59 9.80 21.76
CA THR G 305 38.79 9.41 21.05
C THR G 305 39.58 10.67 20.71
N TYR G 306 40.89 10.64 20.90
CA TYR G 306 41.65 11.87 20.81
C TYR G 306 43.13 11.55 20.58
N GLN G 307 43.87 12.60 20.28
CA GLN G 307 45.32 12.61 20.32
C GLN G 307 45.79 13.73 21.24
N ILE G 308 46.99 13.58 21.79
CA ILE G 308 47.59 14.69 22.51
C ILE G 308 48.40 15.55 21.54
N MET G 309 48.51 16.83 21.88
CA MET G 309 49.25 17.79 21.06
C MET G 309 50.26 18.55 21.90
N ASP H 26 -15.29 -33.35 17.02
CA ASP H 26 -15.86 -32.73 15.84
C ASP H 26 -17.31 -32.33 16.07
N PHE H 27 -18.11 -33.30 16.49
CA PHE H 27 -19.54 -33.09 16.67
C PHE H 27 -19.90 -32.63 18.08
N SER H 28 -18.94 -32.60 19.02
CA SER H 28 -19.26 -32.34 20.41
C SER H 28 -19.89 -30.97 20.61
N ILE H 29 -19.34 -29.94 19.95
CA ILE H 29 -19.88 -28.60 20.09
C ILE H 29 -21.32 -28.57 19.58
N THR H 30 -21.59 -29.28 18.49
CA THR H 30 -22.93 -29.31 17.91
C THR H 30 -23.93 -29.96 18.86
N GLN H 31 -23.56 -31.10 19.45
CA GLN H 31 -24.45 -31.77 20.39
C GLN H 31 -24.70 -30.89 21.61
N PHE H 32 -23.64 -30.27 22.13
CA PHE H 32 -23.79 -29.39 23.28
C PHE H 32 -24.73 -28.24 22.98
N VAL H 33 -24.57 -27.62 21.81
CA VAL H 33 -25.39 -26.46 21.49
C VAL H 33 -26.82 -26.87 21.19
N ARG H 34 -27.02 -28.03 20.57
CA ARG H 34 -28.37 -28.48 20.28
C ARG H 34 -29.12 -28.85 21.55
N ASN H 35 -28.45 -29.50 22.51
CA ASN H 35 -29.10 -29.83 23.77
C ASN H 35 -29.66 -28.59 24.46
N LEU H 36 -28.99 -27.45 24.30
CA LEU H 36 -29.45 -26.22 24.92
C LEU H 36 -30.55 -25.53 24.13
N GLY H 37 -30.90 -26.04 22.96
CA GLY H 37 -31.88 -25.37 22.12
C GLY H 37 -31.36 -24.17 21.40
N LEU H 38 -30.04 -24.09 21.19
CA LEU H 38 -29.40 -22.93 20.58
C LEU H 38 -28.74 -23.28 19.25
N GLU H 39 -29.31 -24.22 18.50
CA GLU H 39 -28.67 -24.65 17.25
C GLU H 39 -28.56 -23.50 16.25
N HIS H 40 -29.44 -22.50 16.34
CA HIS H 40 -29.40 -21.38 15.41
C HIS H 40 -28.15 -20.53 15.57
N LEU H 41 -27.39 -20.71 16.64
CA LEU H 41 -26.11 -20.03 16.82
C LEU H 41 -24.96 -20.75 16.14
N MET H 42 -25.18 -21.98 15.67
CA MET H 42 -24.05 -22.79 15.21
C MET H 42 -23.26 -22.09 14.11
N ASP H 43 -23.92 -21.34 13.23
CA ASP H 43 -23.19 -20.66 12.17
C ASP H 43 -22.07 -19.80 12.74
N ILE H 44 -22.35 -19.03 13.78
CA ILE H 44 -21.29 -18.25 14.42
C ILE H 44 -20.17 -19.17 14.88
N PHE H 45 -20.52 -20.22 15.61
CA PHE H 45 -19.49 -21.13 16.10
C PHE H 45 -18.69 -21.74 14.96
N GLU H 46 -19.27 -21.82 13.77
CA GLU H 46 -18.52 -22.38 12.65
C GLU H 46 -17.62 -21.35 12.01
N ARG H 47 -18.05 -20.09 11.96
CA ARG H 47 -17.19 -19.05 11.41
C ARG H 47 -15.96 -18.85 12.28
N GLU H 48 -16.15 -18.83 13.59
CA GLU H 48 -15.10 -18.49 14.54
C GLU H 48 -14.28 -19.68 14.97
N GLN H 49 -14.56 -20.87 14.44
CA GLN H 49 -13.83 -22.09 14.78
C GLN H 49 -13.85 -22.35 16.27
N ILE H 50 -15.03 -22.19 16.87
CA ILE H 50 -15.19 -22.42 18.31
C ILE H 50 -15.45 -23.91 18.50
N THR H 51 -14.52 -24.59 19.16
CA THR H 51 -14.71 -25.97 19.57
C THR H 51 -15.15 -26.00 21.03
N LEU H 52 -15.47 -27.20 21.52
CA LEU H 52 -15.95 -27.30 22.89
C LEU H 52 -14.85 -26.96 23.89
N ASP H 53 -13.62 -27.40 23.61
CA ASP H 53 -12.49 -27.07 24.47
C ASP H 53 -12.17 -25.58 24.47
N VAL H 54 -12.54 -24.85 23.43
CA VAL H 54 -12.45 -23.39 23.47
C VAL H 54 -13.63 -22.81 24.24
N LEU H 55 -14.82 -23.36 24.02
CA LEU H 55 -16.03 -22.79 24.61
C LEU H 55 -15.99 -22.86 26.13
N VAL H 56 -15.47 -23.96 26.69
CA VAL H 56 -15.47 -24.11 28.13
C VAL H 56 -14.65 -23.04 28.84
N GLU H 57 -13.85 -22.26 28.11
CA GLU H 57 -13.02 -21.21 28.69
C GLU H 57 -13.54 -19.81 28.42
N MET H 58 -14.75 -19.66 27.90
CA MET H 58 -15.25 -18.35 27.48
C MET H 58 -16.32 -17.87 28.45
N GLY H 59 -16.21 -16.61 28.87
CA GLY H 59 -17.21 -15.97 29.68
C GLY H 59 -18.04 -14.97 28.90
N HIS H 60 -18.74 -14.12 29.64
CA HIS H 60 -19.63 -13.16 29.00
C HIS H 60 -18.87 -12.24 28.04
N LYS H 61 -17.66 -11.84 28.41
CA LYS H 61 -16.88 -10.93 27.60
C LYS H 61 -16.47 -11.57 26.27
N GLU H 62 -15.92 -12.77 26.32
CA GLU H 62 -15.46 -13.45 25.11
C GLU H 62 -16.64 -13.81 24.20
N LEU H 63 -17.77 -14.20 24.78
CA LEU H 63 -18.95 -14.51 23.97
C LEU H 63 -19.55 -13.26 23.35
N LYS H 64 -19.47 -12.12 24.05
CA LYS H 64 -19.84 -10.85 23.43
C LYS H 64 -18.95 -10.55 22.23
N GLU H 65 -17.64 -10.82 22.36
CA GLU H 65 -16.73 -10.52 21.25
C GLU H 65 -17.17 -11.21 19.96
N ILE H 66 -17.43 -12.52 20.02
CA ILE H 66 -17.70 -13.27 18.80
C ILE H 66 -19.10 -13.04 18.25
N GLY H 67 -19.97 -12.38 19.00
CA GLY H 67 -21.25 -11.99 18.49
C GLY H 67 -22.46 -12.67 19.10
N ILE H 68 -22.34 -13.22 20.30
CA ILE H 68 -23.51 -13.68 21.05
C ILE H 68 -24.04 -12.48 21.81
N ASN H 69 -24.94 -11.72 21.18
CA ASN H 69 -25.30 -10.41 21.72
C ASN H 69 -26.33 -10.49 22.84
N ALA H 70 -27.18 -11.51 22.85
CA ALA H 70 -28.26 -11.60 23.81
C ALA H 70 -27.75 -12.16 25.14
N TYR H 71 -28.12 -11.53 26.24
CA TYR H 71 -27.69 -12.01 27.54
C TYR H 71 -28.21 -13.42 27.81
N GLY H 72 -29.45 -13.71 27.40
CA GLY H 72 -30.02 -15.02 27.69
C GLY H 72 -29.24 -16.16 27.07
N HIS H 73 -28.79 -16.00 25.82
CA HIS H 73 -28.01 -17.05 25.16
C HIS H 73 -26.67 -17.27 25.86
N ARG H 74 -25.98 -16.19 26.22
CA ARG H 74 -24.72 -16.33 26.92
C ARG H 74 -24.91 -17.00 28.28
N HIS H 75 -25.98 -16.62 28.98
CA HIS H 75 -26.31 -17.25 30.25
C HIS H 75 -26.53 -18.75 30.09
N LYS H 76 -27.27 -19.14 29.05
CA LYS H 76 -27.51 -20.56 28.80
C LYS H 76 -26.21 -21.30 28.52
N LEU H 77 -25.35 -20.73 27.67
CA LEU H 77 -24.09 -21.38 27.33
C LEU H 77 -23.20 -21.53 28.55
N ILE H 78 -23.09 -20.46 29.35
CA ILE H 78 -22.22 -20.48 30.51
C ILE H 78 -22.73 -21.50 31.54
N LYS H 79 -24.04 -21.54 31.76
CA LYS H 79 -24.57 -22.50 32.72
C LYS H 79 -24.42 -23.93 32.21
N GLY H 80 -24.54 -24.15 30.91
CA GLY H 80 -24.28 -25.47 30.37
C GLY H 80 -22.83 -25.90 30.56
N VAL H 81 -21.91 -24.98 30.33
CA VAL H 81 -20.50 -25.31 30.55
C VAL H 81 -20.25 -25.62 32.02
N GLU H 82 -20.86 -24.85 32.92
CA GLU H 82 -20.71 -25.15 34.34
C GLU H 82 -21.26 -26.53 34.67
N ARG H 83 -22.44 -26.87 34.18
CA ARG H 83 -23.01 -28.17 34.45
C ARG H 83 -22.21 -29.30 33.85
N LEU H 84 -21.41 -29.02 32.82
CA LEU H 84 -20.57 -30.07 32.24
C LEU H 84 -19.25 -30.21 33.01
N ILE H 85 -18.50 -29.12 33.15
CA ILE H 85 -17.15 -29.20 33.69
C ILE H 85 -17.18 -29.52 35.18
N SER H 86 -18.03 -28.84 35.93
CA SER H 86 -18.11 -29.03 37.38
C SER H 86 -19.16 -30.06 37.78
N GLY H 87 -20.32 -30.07 37.12
CA GLY H 87 -21.36 -31.00 37.50
C GLY H 87 -20.94 -32.45 37.38
N GLN H 88 -20.13 -32.76 36.38
CA GLN H 88 -19.61 -34.10 36.16
C GLN H 88 -18.11 -34.15 36.42
N GLN H 89 -17.65 -33.45 37.46
CA GLN H 89 -16.23 -33.35 37.72
C GLN H 89 -15.59 -34.72 37.93
N GLY H 90 -16.35 -35.68 38.44
CA GLY H 90 -15.82 -37.02 38.64
C GLY H 90 -15.48 -37.75 37.37
N LEU H 91 -16.07 -37.35 36.24
CA LEU H 91 -15.71 -37.90 34.93
C LEU H 91 -14.53 -37.18 34.30
N ASN H 92 -14.12 -36.04 34.85
CA ASN H 92 -12.98 -35.28 34.34
C ASN H 92 -13.12 -34.96 32.85
N PRO H 93 -14.23 -34.38 32.42
CA PRO H 93 -14.35 -33.97 31.02
C PRO H 93 -13.35 -32.91 30.63
N TYR H 94 -12.95 -32.05 31.57
CA TYR H 94 -11.98 -31.01 31.29
C TYR H 94 -10.62 -31.57 30.90
N LEU H 95 -10.33 -32.82 31.29
CA LEU H 95 -9.08 -33.46 30.92
C LEU H 95 -9.16 -34.16 29.58
N THR H 96 -10.32 -34.71 29.23
CA THR H 96 -10.53 -35.21 27.87
C THR H 96 -10.47 -34.06 26.87
N LEU H 97 -11.13 -32.95 27.19
CA LEU H 97 -10.79 -31.70 26.56
C LEU H 97 -9.40 -31.28 27.04
N ASN H 98 -8.83 -30.26 26.41
CA ASN H 98 -7.60 -29.65 26.88
C ASN H 98 -6.49 -30.71 26.95
N THR H 99 -6.38 -31.49 25.88
CA THR H 99 -5.18 -32.28 25.64
C THR H 99 -4.28 -31.60 24.63
N SER H 100 -4.85 -30.76 23.78
CA SER H 100 -4.07 -30.03 22.78
C SER H 100 -3.21 -28.98 23.46
N GLY H 101 -2.00 -28.79 22.93
CA GLY H 101 -1.04 -27.86 23.50
C GLY H 101 -0.07 -28.47 24.48
N SER H 102 -0.39 -29.63 25.04
CA SER H 102 0.59 -30.35 25.84
C SER H 102 1.69 -30.90 24.94
N GLY H 103 2.80 -31.29 25.56
CA GLY H 103 3.94 -31.82 24.85
C GLY H 103 5.14 -30.88 24.88
N THR H 104 6.27 -31.41 24.43
CA THR H 104 7.55 -30.73 24.56
C THR H 104 7.84 -29.87 23.35
N ILE H 105 8.51 -28.75 23.59
CA ILE H 105 9.14 -27.98 22.52
C ILE H 105 10.59 -27.75 22.89
N LEU H 106 11.41 -27.58 21.86
CA LEU H 106 12.84 -27.35 22.00
C LEU H 106 13.16 -25.97 21.46
N ILE H 107 13.60 -25.08 22.35
CA ILE H 107 13.97 -23.72 21.96
C ILE H 107 15.48 -23.67 21.78
N ASP H 108 15.92 -23.30 20.59
CA ASP H 108 17.34 -23.31 20.28
C ASP H 108 18.04 -22.11 20.91
N LEU H 109 19.18 -22.34 21.55
CA LEU H 109 19.97 -21.25 22.11
C LEU H 109 20.88 -20.64 21.05
N SER H 110 21.14 -19.36 21.19
CA SER H 110 22.02 -18.64 20.28
C SER H 110 23.46 -18.71 20.77
N PRO H 111 24.42 -19.13 19.91
CA PRO H 111 25.81 -19.18 20.37
C PRO H 111 26.35 -17.84 20.84
N ASP H 112 25.78 -16.73 20.36
CA ASP H 112 26.16 -15.40 20.83
C ASP H 112 25.60 -15.08 22.20
N ASP H 113 24.77 -15.94 22.77
CA ASP H 113 24.09 -15.66 24.03
C ASP H 113 24.99 -16.01 25.21
N LYS H 114 24.77 -15.31 26.31
CA LYS H 114 25.54 -15.61 27.52
C LYS H 114 25.20 -17.00 28.07
N GLU H 115 23.94 -17.43 27.94
CA GLU H 115 23.55 -18.74 28.43
C GLU H 115 24.27 -19.85 27.69
N PHE H 116 24.34 -19.74 26.36
CA PHE H 116 25.06 -20.73 25.57
C PHE H 116 26.51 -20.82 25.99
N GLN H 117 27.14 -19.67 26.18
CA GLN H 117 28.55 -19.67 26.54
C GLN H 117 28.78 -20.23 27.93
N SER H 118 27.86 -19.96 28.86
CA SER H 118 28.01 -20.53 30.20
C SER H 118 27.82 -22.05 30.18
N VAL H 119 26.84 -22.55 29.45
CA VAL H 119 26.65 -23.99 29.37
C VAL H 119 27.86 -24.64 28.70
N GLU H 120 28.39 -24.01 27.65
CA GLU H 120 29.56 -24.56 26.96
C GLU H 120 30.78 -24.56 27.86
N GLU H 121 30.97 -23.48 28.62
CA GLU H 121 32.10 -23.44 29.54
C GLU H 121 31.98 -24.49 30.62
N GLU H 122 30.75 -24.71 31.11
CA GLU H 122 30.53 -25.75 32.10
C GLU H 122 30.84 -27.12 31.53
N MET H 123 30.51 -27.34 30.25
CA MET H 123 30.78 -28.64 29.65
C MET H 123 32.27 -28.83 29.37
N GLN H 124 32.92 -27.81 28.82
CA GLN H 124 34.33 -27.92 28.46
C GLN H 124 35.22 -28.01 29.69
N SER H 125 34.97 -27.14 30.67
CA SER H 125 35.85 -27.03 31.83
C SER H 125 35.78 -28.23 32.75
N THR H 126 34.84 -29.15 32.55
CA THR H 126 34.69 -30.30 33.42
C THR H 126 35.16 -31.59 32.77
N VAL H 127 35.94 -31.52 31.70
CA VAL H 127 36.49 -32.74 31.10
C VAL H 127 37.67 -33.21 31.95
N ARG H 128 37.68 -34.51 32.27
CA ARG H 128 38.70 -35.13 33.10
C ARG H 128 39.25 -36.34 32.39
N GLU H 129 40.49 -36.69 32.72
CA GLU H 129 41.07 -37.95 32.27
C GLU H 129 40.54 -39.08 33.14
N HIS H 130 40.08 -40.15 32.50
CA HIS H 130 39.46 -41.25 33.21
C HIS H 130 40.39 -42.46 33.22
N ARG H 131 40.03 -43.47 34.01
CA ARG H 131 40.92 -44.61 34.20
C ARG H 131 41.15 -45.37 32.89
N ASP H 132 40.09 -45.59 32.13
CA ASP H 132 40.22 -46.33 30.87
C ASP H 132 40.75 -45.43 29.77
N GLY H 133 41.50 -46.04 28.85
CA GLY H 133 42.10 -45.29 27.76
C GLY H 133 41.05 -44.92 26.73
N GLY H 134 40.04 -44.18 27.16
CA GLY H 134 38.95 -43.84 26.28
C GLY H 134 38.19 -45.05 25.77
N HIS H 135 38.10 -46.11 26.57
CA HIS H 135 37.37 -47.28 26.10
C HIS H 135 35.89 -46.98 25.97
N ALA H 136 35.32 -46.25 26.93
CA ALA H 136 33.89 -45.99 26.96
C ALA H 136 33.52 -44.73 26.19
N GLY H 137 34.17 -43.61 26.49
CA GLY H 137 33.91 -42.36 25.83
C GLY H 137 34.90 -41.96 24.76
N GLY H 138 35.90 -42.79 24.48
CA GLY H 138 36.89 -42.46 23.48
C GLY H 138 37.99 -41.57 24.06
N ILE H 139 38.83 -41.09 23.16
CA ILE H 139 39.93 -40.20 23.49
C ILE H 139 39.59 -38.81 23.00
N PHE H 140 39.61 -37.83 23.88
CA PHE H 140 39.32 -36.46 23.49
C PHE H 140 39.64 -35.53 24.65
N ASN H 141 39.89 -34.27 24.30
CA ASN H 141 40.13 -33.21 25.27
C ASN H 141 39.08 -32.11 25.24
N ARG H 142 38.35 -31.96 24.13
CA ARG H 142 37.36 -30.91 23.99
C ARG H 142 36.16 -31.48 23.25
N TYR H 143 35.12 -30.66 23.15
CA TYR H 143 33.95 -30.98 22.35
C TYR H 143 33.76 -29.90 21.28
N ASN H 144 33.22 -30.32 20.15
CA ASN H 144 32.63 -29.40 19.17
C ASN H 144 31.14 -29.35 19.47
N ILE H 145 30.70 -28.24 20.05
CA ILE H 145 29.30 -28.09 20.44
C ILE H 145 28.51 -27.63 19.22
N LEU H 146 27.57 -28.46 18.76
CA LEU H 146 26.80 -28.14 17.58
C LEU H 146 25.57 -27.31 17.91
N LYS H 147 24.81 -27.71 18.93
CA LYS H 147 23.65 -26.92 19.34
C LYS H 147 23.27 -27.30 20.76
N ILE H 148 22.68 -26.34 21.45
CA ILE H 148 22.14 -26.53 22.80
C ILE H 148 20.71 -26.04 22.80
N GLN H 149 19.79 -26.86 23.30
CA GLN H 149 18.37 -26.56 23.27
C GLN H 149 17.78 -26.58 24.67
N LYS H 150 16.89 -25.62 24.94
CA LYS H 150 16.08 -25.65 26.15
C LYS H 150 14.86 -26.53 25.92
N VAL H 151 14.58 -27.41 26.88
CA VAL H 151 13.49 -28.37 26.81
C VAL H 151 12.33 -27.80 27.61
N CYS H 152 11.16 -27.66 26.99
CA CYS H 152 10.02 -27.01 27.62
C CYS H 152 8.81 -27.94 27.56
N ASN H 153 8.24 -28.24 28.72
CA ASN H 153 7.11 -29.15 28.84
C ASN H 153 6.45 -28.87 30.18
N LYS H 154 5.21 -28.38 30.15
CA LYS H 154 4.60 -27.88 31.39
C LYS H 154 4.21 -29.01 32.33
N LYS H 155 3.72 -30.12 31.80
CA LYS H 155 3.33 -31.24 32.67
C LYS H 155 4.52 -31.75 33.48
N LEU H 156 5.64 -32.01 32.80
CA LEU H 156 6.84 -32.47 33.49
C LEU H 156 7.36 -31.41 34.45
N TRP H 157 7.30 -30.14 34.06
CA TRP H 157 7.81 -29.10 34.93
C TRP H 157 7.02 -29.02 36.22
N GLU H 158 5.70 -29.11 36.13
CA GLU H 158 4.89 -29.05 37.35
C GLU H 158 5.07 -30.29 38.21
N ARG H 159 5.23 -31.46 37.59
CA ARG H 159 5.61 -32.64 38.36
C ARG H 159 6.89 -32.41 39.17
N TYR H 160 7.94 -31.91 38.50
CA TYR H 160 9.22 -31.70 39.16
C TYR H 160 9.11 -30.66 40.27
N THR H 161 8.41 -29.56 40.02
CA THR H 161 8.35 -28.52 41.05
C THR H 161 7.52 -28.95 42.24
N HIS H 162 6.48 -29.76 42.03
CA HIS H 162 5.73 -30.28 43.15
C HIS H 162 6.63 -31.15 44.03
N ARG H 163 7.42 -32.03 43.41
CA ARG H 163 8.33 -32.85 44.21
C ARG H 163 9.37 -31.99 44.90
N ARG H 164 9.84 -30.93 44.24
CA ARG H 164 10.82 -30.05 44.85
C ARG H 164 10.26 -29.38 46.10
N LYS H 165 9.00 -28.93 46.05
CA LYS H 165 8.37 -28.39 47.25
C LYS H 165 8.29 -29.43 48.36
N GLU H 166 7.90 -30.65 48.02
CA GLU H 166 7.87 -31.71 49.04
C GLU H 166 9.23 -31.85 49.74
N VAL H 167 10.27 -32.01 48.93
CA VAL H 167 11.59 -32.28 49.49
C VAL H 167 12.06 -31.10 50.32
N SER H 168 11.85 -29.87 49.84
CA SER H 168 12.30 -28.73 50.62
C SER H 168 11.55 -28.64 51.94
N GLU H 169 10.25 -28.94 51.94
CA GLU H 169 9.50 -28.95 53.20
C GLU H 169 10.06 -29.97 54.17
N GLU H 170 10.62 -31.06 53.68
CA GLU H 170 11.25 -32.05 54.57
C GLU H 170 12.71 -31.76 54.90
N ASN H 171 13.28 -30.68 54.38
CA ASN H 171 14.72 -30.44 54.51
C ASN H 171 14.94 -28.96 54.87
N HIS H 172 14.27 -28.51 55.91
CA HIS H 172 14.36 -27.13 56.43
C HIS H 172 14.38 -26.12 55.29
N ASN H 173 13.40 -26.22 54.41
CA ASN H 173 13.12 -25.21 53.39
C ASN H 173 14.26 -25.10 52.39
N HIS H 174 15.01 -26.18 52.19
CA HIS H 174 16.12 -26.21 51.27
C HIS H 174 15.99 -27.40 50.34
N ALA H 175 15.85 -27.13 49.04
CA ALA H 175 15.76 -28.20 48.06
C ALA H 175 17.10 -28.86 47.82
N ASN H 176 18.19 -28.09 47.87
CA ASN H 176 19.53 -28.56 47.55
C ASN H 176 19.58 -29.01 46.08
N GLU H 177 19.38 -28.02 45.22
CA GLU H 177 19.20 -28.23 43.79
C GLU H 177 20.53 -28.02 43.07
N ARG H 178 20.89 -28.96 42.21
CA ARG H 178 22.14 -28.93 41.47
C ARG H 178 21.84 -29.01 39.97
N MET H 179 22.82 -28.65 39.16
CA MET H 179 22.76 -28.88 37.72
C MET H 179 23.80 -29.94 37.38
N LEU H 180 23.35 -31.04 36.77
CA LEU H 180 24.22 -32.20 36.57
C LEU H 180 24.03 -32.76 35.17
N PHE H 181 24.98 -33.57 34.74
CA PHE H 181 24.93 -34.22 33.43
C PHE H 181 24.30 -35.60 33.52
N HIS H 182 23.55 -35.96 32.49
CA HIS H 182 22.99 -37.29 32.35
C HIS H 182 23.19 -37.78 30.93
N GLY H 183 23.59 -39.04 30.79
CA GLY H 183 23.78 -39.65 29.51
C GLY H 183 23.10 -41.00 29.42
N SER H 184 22.46 -41.26 28.29
CA SER H 184 21.82 -42.55 28.05
C SER H 184 21.32 -42.56 26.61
N PRO H 185 21.11 -43.73 26.03
CA PRO H 185 20.58 -43.79 24.66
C PRO H 185 19.12 -43.40 24.55
N PHE H 186 18.43 -43.13 25.66
CA PHE H 186 17.00 -42.86 25.66
C PHE H 186 16.68 -41.39 25.90
N VAL H 187 17.53 -40.49 25.39
CA VAL H 187 17.34 -39.07 25.63
C VAL H 187 16.00 -38.61 25.07
N ASN H 188 15.65 -39.08 23.87
CA ASN H 188 14.43 -38.62 23.23
C ASN H 188 13.19 -39.00 24.04
N ALA H 189 13.17 -40.21 24.59
CA ALA H 189 12.08 -40.59 25.47
C ALA H 189 12.07 -39.75 26.74
N ILE H 190 13.25 -39.40 27.26
CA ILE H 190 13.29 -38.61 28.50
C ILE H 190 12.71 -37.23 28.27
N ILE H 191 13.09 -36.58 27.17
CA ILE H 191 12.66 -35.20 26.97
C ILE H 191 11.19 -35.09 26.69
N HIS H 192 10.50 -36.19 26.42
CA HIS H 192 9.07 -36.18 26.16
C HIS H 192 8.23 -36.78 27.28
N LYS H 193 8.71 -37.82 27.95
CA LYS H 193 7.98 -38.48 29.02
C LYS H 193 8.65 -38.33 30.37
N GLY H 194 9.80 -37.67 30.44
CA GLY H 194 10.47 -37.41 31.70
C GLY H 194 11.29 -38.60 32.18
N PHE H 195 12.05 -38.35 33.24
CA PHE H 195 12.83 -39.41 33.86
C PHE H 195 11.88 -40.38 34.57
N ASP H 196 12.23 -41.66 34.55
CA ASP H 196 11.36 -42.70 35.09
C ASP H 196 12.22 -43.71 35.84
N GLU H 197 11.94 -43.93 37.12
CA GLU H 197 12.70 -44.93 37.87
C GLU H 197 12.36 -46.34 37.45
N ARG H 198 11.20 -46.54 36.80
CA ARG H 198 10.82 -47.87 36.32
C ARG H 198 11.68 -48.33 35.15
N HIS H 199 12.51 -47.46 34.60
CA HIS H 199 13.52 -47.82 33.62
C HIS H 199 14.92 -47.82 34.21
N ALA H 200 15.03 -47.90 35.54
CA ALA H 200 16.27 -47.56 36.21
C ALA H 200 17.36 -48.58 35.92
N TYR H 201 18.61 -48.15 36.15
CA TYR H 201 19.80 -48.98 35.94
C TYR H 201 19.97 -49.86 37.18
N ILE H 202 19.23 -50.97 37.18
CA ILE H 202 19.13 -51.82 38.37
C ILE H 202 20.46 -52.45 38.75
N GLY H 203 21.39 -52.57 37.81
CA GLY H 203 22.69 -53.15 38.06
C GLY H 203 23.80 -52.16 38.37
N GLY H 204 23.49 -50.88 38.48
CA GLY H 204 24.51 -49.88 38.69
C GLY H 204 25.23 -50.07 40.02
N MET H 205 26.29 -49.29 40.18
CA MET H 205 27.14 -49.43 41.36
C MET H 205 26.34 -49.19 42.65
N PHE H 206 25.46 -48.19 42.64
CA PHE H 206 24.65 -47.86 43.82
C PHE H 206 23.19 -48.27 43.67
N GLY H 207 22.91 -49.30 42.88
CA GLY H 207 21.56 -49.82 42.81
C GLY H 207 20.67 -49.17 41.75
N ALA H 208 19.37 -49.40 41.90
CA ALA H 208 18.38 -49.05 40.88
C ALA H 208 17.95 -47.58 41.01
N GLY H 209 18.78 -46.70 40.48
CA GLY H 209 18.51 -45.29 40.46
C GLY H 209 18.76 -44.65 39.11
N ILE H 210 18.71 -43.32 39.11
CA ILE H 210 19.06 -42.49 37.97
C ILE H 210 20.34 -41.76 38.35
N TYR H 211 21.37 -41.90 37.53
CA TYR H 211 22.72 -41.46 37.84
C TYR H 211 23.08 -40.17 37.11
N PHE H 212 23.81 -39.30 37.81
CA PHE H 212 24.22 -38.01 37.31
C PHE H 212 25.67 -37.75 37.73
N ALA H 213 26.35 -36.92 36.96
CA ALA H 213 27.74 -36.59 37.22
C ALA H 213 27.94 -35.09 37.08
N GLU H 214 28.93 -34.57 37.81
CA GLU H 214 29.33 -33.18 37.63
C GLU H 214 30.43 -33.01 36.60
N ASN H 215 31.00 -34.11 36.10
CA ASN H 215 31.95 -34.08 35.00
C ASN H 215 31.23 -34.53 33.74
N SER H 216 31.25 -33.68 32.71
CA SER H 216 30.57 -34.02 31.48
C SER H 216 31.18 -35.24 30.82
N SER H 217 32.50 -35.43 30.97
CA SER H 217 33.17 -36.57 30.35
C SER H 217 32.68 -37.89 30.93
N LYS H 218 32.36 -37.91 32.23
CA LYS H 218 31.82 -39.13 32.83
C LYS H 218 30.46 -39.48 32.25
N SER H 219 29.59 -38.48 32.10
CA SER H 219 28.29 -38.73 31.47
C SER H 219 28.47 -39.18 30.04
N ASN H 220 29.47 -38.65 29.35
CA ASN H 220 29.67 -38.96 27.95
C ASN H 220 29.90 -40.45 27.71
N GLN H 221 30.29 -41.19 28.75
CA GLN H 221 30.54 -42.62 28.60
C GLN H 221 29.27 -43.44 28.43
N TYR H 222 28.10 -42.88 28.75
CA TYR H 222 26.87 -43.66 28.79
C TYR H 222 25.92 -43.37 27.63
N VAL H 223 26.26 -42.41 26.76
CA VAL H 223 25.29 -41.98 25.75
C VAL H 223 24.99 -43.10 24.76
N TYR H 224 25.96 -43.93 24.43
CA TYR H 224 25.74 -45.04 23.52
C TYR H 224 25.38 -46.32 24.26
N GLY H 225 25.31 -46.30 25.58
CA GLY H 225 24.96 -47.45 26.38
C GLY H 225 25.91 -47.62 27.54
N ILE H 226 25.71 -48.71 28.28
CA ILE H 226 26.57 -49.02 29.40
C ILE H 226 27.98 -49.30 28.89
N GLY H 227 28.97 -48.60 29.44
CA GLY H 227 30.32 -48.72 28.96
C GLY H 227 30.52 -48.30 27.52
N GLY H 228 29.56 -47.58 26.94
CA GLY H 228 29.61 -47.22 25.55
C GLY H 228 28.90 -48.16 24.61
N GLY H 229 28.49 -49.33 25.08
CA GLY H 229 27.81 -50.26 24.19
C GLY H 229 28.69 -50.62 23.02
N THR H 230 28.10 -50.67 21.82
CA THR H 230 28.84 -50.98 20.61
C THR H 230 29.30 -49.74 19.85
N GLY H 231 29.04 -48.56 20.39
CA GLY H 231 29.45 -47.32 19.75
C GLY H 231 28.34 -46.74 18.89
N CYS H 232 28.75 -45.83 18.01
CA CYS H 232 27.78 -45.13 17.18
C CYS H 232 27.07 -46.12 16.28
N PRO H 233 25.76 -45.98 16.07
CA PRO H 233 25.06 -46.88 15.14
C PRO H 233 25.64 -46.86 13.74
N VAL H 234 26.08 -45.70 13.25
CA VAL H 234 26.51 -45.58 11.86
C VAL H 234 27.82 -46.32 11.63
N HIS H 235 28.81 -46.14 12.52
CA HIS H 235 30.12 -46.74 12.34
C HIS H 235 30.50 -47.74 13.42
N LYS H 236 29.69 -47.92 14.45
CA LYS H 236 29.93 -48.93 15.48
C LYS H 236 31.27 -48.71 16.20
N ASP H 237 31.70 -47.47 16.31
CA ASP H 237 32.95 -47.11 16.97
C ASP H 237 32.64 -46.29 18.21
N ARG H 238 33.23 -46.69 19.35
CA ARG H 238 32.99 -45.98 20.59
C ARG H 238 33.73 -44.65 20.62
N SER H 239 34.85 -44.53 19.91
CA SER H 239 35.62 -43.30 19.84
C SER H 239 35.40 -42.55 18.53
N CYS H 240 34.20 -42.66 17.96
CA CYS H 240 33.91 -42.01 16.69
C CYS H 240 33.96 -40.50 16.84
N TYR H 241 34.64 -39.84 15.90
CA TYR H 241 34.71 -38.39 15.85
C TYR H 241 33.75 -37.78 14.85
N ILE H 242 32.86 -38.58 14.26
CA ILE H 242 31.97 -38.11 13.21
C ILE H 242 30.55 -37.92 13.73
N CYS H 243 30.03 -38.94 14.41
CA CYS H 243 28.63 -38.96 14.79
C CYS H 243 28.35 -37.96 15.92
N HIS H 244 27.12 -37.45 15.93
CA HIS H 244 26.69 -36.52 16.97
C HIS H 244 26.30 -37.27 18.24
N ARG H 245 26.75 -36.75 19.37
CA ARG H 245 26.34 -37.22 20.67
C ARG H 245 25.31 -36.28 21.27
N GLN H 246 24.63 -36.75 22.31
CA GLN H 246 23.62 -35.96 23.01
C GLN H 246 23.74 -36.19 24.50
N LEU H 247 23.83 -35.10 25.27
CA LEU H 247 23.83 -35.13 26.72
C LEU H 247 22.68 -34.28 27.22
N LEU H 248 22.20 -34.61 28.42
CA LEU H 248 21.21 -33.79 29.11
C LEU H 248 21.88 -33.09 30.27
N PHE H 249 21.59 -31.80 30.42
CA PHE H 249 22.11 -30.99 31.53
C PHE H 249 20.91 -30.54 32.35
N CYS H 250 20.72 -31.17 33.50
CA CYS H 250 19.43 -31.26 34.17
C CYS H 250 19.46 -30.61 35.54
N ARG H 251 18.32 -30.07 35.95
CA ARG H 251 18.10 -29.74 37.35
C ARG H 251 17.84 -31.01 38.12
N VAL H 252 18.53 -31.21 39.24
CA VAL H 252 18.34 -32.38 40.08
C VAL H 252 18.19 -31.89 41.51
N THR H 253 17.07 -32.23 42.14
CA THR H 253 16.85 -31.96 43.55
C THR H 253 17.44 -33.10 44.35
N LEU H 254 18.38 -32.79 45.23
CA LEU H 254 19.03 -33.82 46.03
C LEU H 254 18.49 -33.90 47.46
N GLY H 255 17.99 -32.79 48.00
CA GLY H 255 17.55 -32.81 49.39
C GLY H 255 18.69 -33.18 50.33
N LYS H 256 18.33 -33.85 51.41
CA LYS H 256 19.34 -34.40 52.31
C LYS H 256 20.02 -35.59 51.64
N SER H 257 21.27 -35.43 51.25
CA SER H 257 21.97 -36.41 50.44
C SER H 257 22.84 -37.30 51.32
N PHE H 258 22.76 -38.61 51.08
CA PHE H 258 23.51 -39.58 51.85
C PHE H 258 24.85 -39.83 51.19
N LEU H 259 25.94 -39.57 51.93
CA LEU H 259 27.27 -39.73 51.38
C LEU H 259 27.74 -41.17 51.46
N GLN H 260 28.31 -41.66 50.37
CA GLN H 260 28.90 -42.99 50.35
C GLN H 260 30.27 -42.98 49.70
N PHE H 261 31.16 -43.83 50.22
CA PHE H 261 32.51 -43.96 49.71
C PHE H 261 32.81 -45.37 49.20
N SER H 262 31.82 -46.26 49.24
CA SER H 262 31.98 -47.60 48.68
C SER H 262 30.64 -48.05 48.14
N ALA H 263 30.68 -49.03 47.25
CA ALA H 263 29.48 -49.45 46.54
C ALA H 263 28.57 -50.29 47.43
N MET H 264 27.27 -50.06 47.30
CA MET H 264 26.26 -50.97 47.83
C MET H 264 24.97 -50.73 47.08
N LYS H 265 24.32 -51.81 46.66
CA LYS H 265 23.08 -51.71 45.90
C LYS H 265 21.93 -51.34 46.83
N MET H 266 21.01 -50.53 46.31
CA MET H 266 19.75 -50.28 47.01
C MET H 266 18.68 -49.94 45.99
N ALA H 267 17.43 -50.20 46.35
CA ALA H 267 16.31 -49.94 45.45
C ALA H 267 15.75 -48.54 45.64
N HIS H 268 15.79 -48.01 46.85
CA HIS H 268 15.22 -46.72 47.17
C HIS H 268 16.24 -45.93 47.97
N SER H 269 15.91 -44.71 48.33
CA SER H 269 16.81 -43.90 49.13
C SER H 269 16.96 -44.51 50.52
N PRO H 270 18.06 -44.21 51.21
CA PRO H 270 18.13 -44.55 52.64
C PRO H 270 17.09 -43.79 53.42
N PRO H 271 16.59 -44.36 54.51
CA PRO H 271 15.54 -43.68 55.27
C PRO H 271 15.97 -42.29 55.71
N GLY H 272 15.08 -41.33 55.53
CA GLY H 272 15.35 -39.95 55.88
C GLY H 272 16.14 -39.17 54.86
N HIS H 273 16.54 -39.78 53.76
CA HIS H 273 17.37 -39.13 52.75
C HIS H 273 16.64 -39.11 51.42
N HIS H 274 17.00 -38.14 50.59
CA HIS H 274 16.37 -37.95 49.30
C HIS H 274 17.27 -38.27 48.12
N SER H 275 18.55 -38.56 48.35
CA SER H 275 19.43 -38.97 47.28
C SER H 275 20.70 -39.54 47.89
N VAL H 276 21.53 -40.12 47.03
CA VAL H 276 22.82 -40.66 47.43
C VAL H 276 23.90 -39.98 46.62
N THR H 277 24.97 -39.54 47.27
CA THR H 277 26.11 -38.96 46.59
C THR H 277 27.34 -39.79 46.88
N GLY H 278 27.84 -40.47 45.86
CA GLY H 278 29.05 -41.27 46.00
C GLY H 278 30.27 -40.44 45.69
N ARG H 279 31.27 -40.51 46.56
CA ARG H 279 32.42 -39.64 46.51
C ARG H 279 33.69 -40.48 46.44
N PRO H 280 34.74 -39.99 45.77
CA PRO H 280 35.98 -40.77 45.69
C PRO H 280 36.55 -41.13 47.05
N SER H 281 37.35 -42.19 47.08
CA SER H 281 38.00 -42.67 48.29
C SER H 281 39.24 -43.45 47.89
N VAL H 282 40.06 -43.79 48.89
CA VAL H 282 41.27 -44.55 48.64
C VAL H 282 40.99 -45.88 47.97
N ASN H 283 39.77 -46.43 48.14
CA ASN H 283 39.36 -47.65 47.46
C ASN H 283 38.00 -47.48 46.82
N GLY H 284 37.74 -46.33 46.20
CA GLY H 284 36.43 -46.04 45.65
C GLY H 284 36.45 -45.28 44.34
N LEU H 285 35.50 -44.35 44.21
CA LEU H 285 35.27 -43.68 42.93
C LEU H 285 36.48 -42.85 42.52
N ALA H 286 36.65 -42.71 41.20
CA ALA H 286 37.57 -41.72 40.67
C ALA H 286 36.97 -40.33 40.69
N LEU H 287 35.65 -40.22 40.49
CA LEU H 287 34.98 -38.93 40.39
C LEU H 287 33.62 -39.04 41.07
N ALA H 288 33.00 -37.88 41.30
CA ALA H 288 31.75 -37.82 42.03
C ALA H 288 30.61 -38.48 41.25
N GLU H 289 29.56 -38.85 41.98
CA GLU H 289 28.38 -39.44 41.36
C GLU H 289 27.16 -39.11 42.22
N TYR H 290 26.03 -38.93 41.56
CA TYR H 290 24.78 -38.62 42.26
C TYR H 290 23.69 -39.56 41.78
N VAL H 291 22.87 -40.05 42.68
CA VAL H 291 21.84 -41.02 42.35
C VAL H 291 20.54 -40.59 43.00
N ILE H 292 19.49 -40.50 42.19
CA ILE H 292 18.13 -40.26 42.69
C ILE H 292 17.27 -41.47 42.34
N TYR H 293 16.39 -41.82 43.25
CA TYR H 293 15.55 -42.99 43.09
C TYR H 293 14.10 -42.65 42.79
N ARG H 294 13.76 -41.36 42.69
CA ARG H 294 12.46 -40.91 42.26
C ARG H 294 12.62 -40.24 40.90
N GLY H 295 11.79 -40.64 39.94
CA GLY H 295 11.91 -40.08 38.60
C GLY H 295 11.67 -38.58 38.54
N GLU H 296 10.76 -38.07 39.37
CA GLU H 296 10.37 -36.67 39.30
C GLU H 296 11.27 -35.74 40.12
N GLN H 297 12.42 -36.23 40.58
CA GLN H 297 13.41 -35.38 41.23
C GLN H 297 14.45 -34.83 40.26
N ALA H 298 14.22 -34.92 38.96
CA ALA H 298 15.09 -34.30 37.97
C ALA H 298 14.25 -33.75 36.82
N TYR H 299 14.76 -32.69 36.21
CA TYR H 299 14.18 -32.13 35.01
C TYR H 299 15.26 -31.92 33.97
N PRO H 300 15.10 -32.42 32.73
CA PRO H 300 16.11 -32.25 31.66
C PRO H 300 16.05 -30.90 30.97
N GLU H 301 16.72 -29.90 31.55
CA GLU H 301 16.52 -28.52 31.11
C GLU H 301 17.22 -28.21 29.79
N TYR H 302 18.46 -28.69 29.60
CA TYR H 302 19.21 -28.42 28.38
C TYR H 302 19.61 -29.71 27.69
N LEU H 303 19.36 -29.76 26.38
CA LEU H 303 19.81 -30.85 25.53
C LEU H 303 20.98 -30.36 24.70
N ILE H 304 22.11 -31.06 24.79
CA ILE H 304 23.36 -30.63 24.16
C ILE H 304 23.72 -31.65 23.10
N THR H 305 23.91 -31.18 21.86
CA THR H 305 24.39 -32.01 20.76
C THR H 305 25.82 -31.60 20.44
N TYR H 306 26.70 -32.57 20.31
CA TYR H 306 28.13 -32.27 20.24
C TYR H 306 28.87 -33.44 19.62
N GLN H 307 30.13 -33.19 19.30
CA GLN H 307 31.06 -34.24 18.89
C GLN H 307 32.29 -34.20 19.79
N ILE H 308 32.89 -35.37 19.99
CA ILE H 308 34.19 -35.41 20.63
C ILE H 308 35.29 -35.13 19.60
N MET H 309 36.43 -34.66 20.10
CA MET H 309 37.52 -34.28 19.23
C MET H 309 38.82 -34.94 19.66
N ASP I 26 -42.21 -20.13 26.13
CA ASP I 26 -42.33 -19.03 25.18
C ASP I 26 -43.08 -17.86 25.80
N PHE I 27 -44.38 -18.07 26.04
CA PHE I 27 -45.24 -17.00 26.51
C PHE I 27 -45.30 -16.90 28.03
N SER I 28 -44.65 -17.82 28.74
CA SER I 28 -44.73 -17.80 30.20
C SER I 28 -44.08 -16.57 30.79
N ILE I 29 -42.97 -16.11 30.20
CA ILE I 29 -42.32 -14.90 30.67
C ILE I 29 -43.28 -13.71 30.59
N THR I 30 -44.04 -13.61 29.49
CA THR I 30 -44.94 -12.48 29.32
C THR I 30 -46.03 -12.48 30.39
N GLN I 31 -46.63 -13.63 30.66
CA GLN I 31 -47.65 -13.71 31.70
C GLN I 31 -47.04 -13.38 33.06
N PHE I 32 -45.88 -13.96 33.36
CA PHE I 32 -45.23 -13.71 34.64
C PHE I 32 -44.98 -12.22 34.84
N VAL I 33 -44.42 -11.55 33.83
CA VAL I 33 -44.10 -10.14 33.95
C VAL I 33 -45.38 -9.30 34.01
N ARG I 34 -46.42 -9.70 33.27
CA ARG I 34 -47.66 -8.94 33.29
C ARG I 34 -48.35 -9.02 34.64
N ASN I 35 -48.32 -10.18 35.29
CA ASN I 35 -48.95 -10.29 36.60
C ASN I 35 -48.30 -9.35 37.61
N LEU I 36 -46.98 -9.17 37.54
CA LEU I 36 -46.28 -8.29 38.46
C LEU I 36 -46.54 -6.82 38.17
N GLY I 37 -47.17 -6.50 37.05
CA GLY I 37 -47.34 -5.12 36.66
C GLY I 37 -46.11 -4.50 36.02
N LEU I 38 -45.20 -5.33 35.50
CA LEU I 38 -43.95 -4.86 34.93
C LEU I 38 -43.88 -5.06 33.43
N GLU I 39 -45.00 -4.94 32.72
CA GLU I 39 -45.02 -5.24 31.30
C GLU I 39 -44.19 -4.26 30.49
N HIS I 40 -44.00 -3.04 30.99
CA HIS I 40 -43.18 -2.06 30.29
C HIS I 40 -41.72 -2.47 30.22
N LEU I 41 -41.29 -3.47 30.99
CA LEU I 41 -39.96 -4.01 30.89
C LEU I 41 -39.81 -5.08 29.82
N MET I 42 -40.92 -5.52 29.20
CA MET I 42 -40.84 -6.66 28.30
C MET I 42 -39.89 -6.39 27.13
N ASP I 43 -39.84 -5.15 26.64
CA ASP I 43 -38.99 -4.87 25.50
C ASP I 43 -37.52 -5.20 25.80
N ILE I 44 -37.11 -5.10 27.08
CA ILE I 44 -35.77 -5.53 27.45
C ILE I 44 -35.67 -7.05 27.36
N PHE I 45 -36.61 -7.75 27.99
CA PHE I 45 -36.54 -9.21 28.01
C PHE I 45 -36.58 -9.80 26.61
N GLU I 46 -37.34 -9.18 25.71
CA GLU I 46 -37.37 -9.66 24.33
C GLU I 46 -36.01 -9.49 23.67
N ARG I 47 -35.35 -8.36 23.91
CA ARG I 47 -34.09 -8.10 23.23
C ARG I 47 -32.95 -8.91 23.82
N GLU I 48 -32.96 -9.14 25.12
CA GLU I 48 -31.93 -9.94 25.77
C GLU I 48 -32.26 -11.43 25.78
N GLN I 49 -33.39 -11.83 25.21
CA GLN I 49 -33.79 -13.23 25.14
C GLN I 49 -33.89 -13.85 26.53
N ILE I 50 -34.51 -13.12 27.46
CA ILE I 50 -34.70 -13.63 28.80
C ILE I 50 -36.00 -14.43 28.81
N THR I 51 -35.89 -15.74 28.87
CA THR I 51 -37.04 -16.60 29.10
C THR I 51 -37.21 -16.82 30.59
N LEU I 52 -38.29 -17.51 30.96
CA LEU I 52 -38.59 -17.69 32.38
C LEU I 52 -37.54 -18.57 33.04
N ASP I 53 -37.07 -19.61 32.35
CA ASP I 53 -36.04 -20.47 32.93
C ASP I 53 -34.74 -19.71 33.16
N VAL I 54 -34.44 -18.72 32.33
CA VAL I 54 -33.31 -17.84 32.58
C VAL I 54 -33.61 -16.90 33.74
N LEU I 55 -34.81 -16.35 33.78
CA LEU I 55 -35.14 -15.34 34.77
C LEU I 55 -35.10 -15.90 36.18
N VAL I 56 -35.51 -17.16 36.35
CA VAL I 56 -35.52 -17.74 37.69
C VAL I 56 -34.14 -17.89 38.28
N GLU I 57 -33.08 -17.66 37.50
CA GLU I 57 -31.71 -17.79 37.97
C GLU I 57 -31.01 -16.46 38.18
N MET I 58 -31.66 -15.33 37.89
CA MET I 58 -31.01 -14.04 37.93
C MET I 58 -31.30 -13.32 39.24
N GLY I 59 -30.30 -12.59 39.75
CA GLY I 59 -30.43 -11.80 40.94
C GLY I 59 -30.30 -10.32 40.66
N HIS I 60 -29.99 -9.57 41.71
CA HIS I 60 -29.82 -8.12 41.55
C HIS I 60 -28.69 -7.80 40.59
N LYS I 61 -27.59 -8.53 40.68
CA LYS I 61 -26.42 -8.25 39.84
C LYS I 61 -26.73 -8.49 38.37
N GLU I 62 -27.26 -9.67 38.03
CA GLU I 62 -27.57 -9.97 36.64
C GLU I 62 -28.67 -9.06 36.11
N LEU I 63 -29.68 -8.78 36.92
CA LEU I 63 -30.75 -7.90 36.47
C LEU I 63 -30.23 -6.51 36.21
N LYS I 64 -29.27 -6.05 37.00
CA LYS I 64 -28.69 -4.73 36.76
C LYS I 64 -27.77 -4.74 35.54
N GLU I 65 -27.17 -5.89 35.22
CA GLU I 65 -26.36 -5.97 34.01
C GLU I 65 -27.19 -5.75 32.75
N ILE I 66 -28.37 -6.36 32.67
CA ILE I 66 -29.16 -6.29 31.44
C ILE I 66 -29.95 -5.00 31.32
N GLY I 67 -30.00 -4.20 32.37
CA GLY I 67 -30.59 -2.89 32.30
C GLY I 67 -31.81 -2.63 33.15
N ILE I 68 -32.11 -3.49 34.12
CA ILE I 68 -33.13 -3.18 35.11
C ILE I 68 -32.45 -2.34 36.18
N ASN I 69 -32.57 -1.02 36.06
CA ASN I 69 -31.78 -0.13 36.90
C ASN I 69 -32.46 0.15 38.23
N ALA I 70 -33.79 0.25 38.25
CA ALA I 70 -34.51 0.56 39.48
C ALA I 70 -34.43 -0.59 40.46
N TYR I 71 -34.26 -0.27 41.74
CA TYR I 71 -34.24 -1.31 42.76
C TYR I 71 -35.61 -1.95 42.92
N GLY I 72 -36.68 -1.16 42.81
CA GLY I 72 -38.01 -1.70 43.00
C GLY I 72 -38.36 -2.78 42.00
N HIS I 73 -37.99 -2.58 40.73
CA HIS I 73 -38.28 -3.56 39.70
C HIS I 73 -37.56 -4.87 39.97
N ARG I 74 -36.27 -4.79 40.31
CA ARG I 74 -35.51 -5.99 40.60
C ARG I 74 -36.07 -6.70 41.83
N HIS I 75 -36.45 -5.93 42.85
CA HIS I 75 -37.04 -6.53 44.04
C HIS I 75 -38.32 -7.30 43.70
N LYS I 76 -39.19 -6.69 42.89
CA LYS I 76 -40.42 -7.36 42.51
C LYS I 76 -40.14 -8.63 41.71
N LEU I 77 -39.22 -8.55 40.75
CA LEU I 77 -38.92 -9.74 39.95
C LEU I 77 -38.39 -10.86 40.83
N ILE I 78 -37.50 -10.54 41.77
CA ILE I 78 -36.88 -11.56 42.60
C ILE I 78 -37.91 -12.18 43.54
N LYS I 79 -38.80 -11.37 44.11
CA LYS I 79 -39.82 -11.94 45.00
C LYS I 79 -40.88 -12.71 44.24
N GLY I 80 -41.19 -12.30 43.00
CA GLY I 80 -42.05 -13.13 42.17
C GLY I 80 -41.43 -14.48 41.86
N VAL I 81 -40.13 -14.50 41.54
CA VAL I 81 -39.46 -15.77 41.29
C VAL I 81 -39.48 -16.63 42.55
N GLU I 82 -39.28 -16.01 43.72
CA GLU I 82 -39.31 -16.76 44.96
C GLU I 82 -40.69 -17.36 45.21
N ARG I 83 -41.74 -16.59 44.97
CA ARG I 83 -43.09 -17.11 45.17
C ARG I 83 -43.39 -18.25 44.21
N LEU I 84 -42.89 -18.16 42.98
CA LEU I 84 -43.15 -19.21 42.00
C LEU I 84 -42.39 -20.48 42.35
N ILE I 85 -41.07 -20.37 42.52
CA ILE I 85 -40.23 -21.55 42.65
C ILE I 85 -40.34 -22.14 44.05
N SER I 86 -40.30 -21.32 45.09
CA SER I 86 -40.32 -21.82 46.45
C SER I 86 -41.75 -21.94 47.00
N GLY I 87 -42.60 -20.94 46.72
CA GLY I 87 -43.95 -20.99 47.24
C GLY I 87 -44.75 -22.16 46.71
N GLN I 88 -44.67 -22.43 45.41
CA GLN I 88 -45.34 -23.54 44.78
C GLN I 88 -44.41 -24.73 44.59
N GLN I 89 -43.49 -24.95 45.52
CA GLN I 89 -42.49 -26.01 45.35
C GLN I 89 -43.13 -27.36 45.16
N GLY I 90 -44.35 -27.56 45.66
CA GLY I 90 -45.03 -28.84 45.53
C GLY I 90 -45.41 -29.20 44.11
N LEU I 91 -45.52 -28.22 43.23
CA LEU I 91 -45.80 -28.46 41.82
C LEU I 91 -44.53 -28.67 41.00
N ASN I 92 -43.36 -28.41 41.56
CA ASN I 92 -42.08 -28.57 40.88
C ASN I 92 -42.00 -27.78 39.56
N PRO I 93 -42.34 -26.48 39.58
CA PRO I 93 -42.14 -25.68 38.37
C PRO I 93 -40.70 -25.56 37.95
N TYR I 94 -39.76 -25.65 38.91
CA TYR I 94 -38.35 -25.56 38.57
C TYR I 94 -37.93 -26.69 37.65
N LEU I 95 -38.42 -27.90 37.92
CA LEU I 95 -38.09 -29.04 37.07
C LEU I 95 -38.69 -28.87 35.68
N THR I 96 -39.88 -28.29 35.58
CA THR I 96 -40.45 -28.00 34.28
C THR I 96 -39.60 -27.00 33.51
N LEU I 97 -39.09 -26.00 34.21
CA LEU I 97 -38.29 -24.97 33.54
C LEU I 97 -36.90 -25.50 33.17
N ASN I 98 -36.36 -26.40 33.97
CA ASN I 98 -35.01 -26.94 33.75
C ASN I 98 -34.99 -28.09 32.78
N THR I 99 -36.06 -28.35 32.04
CA THR I 99 -36.02 -29.42 31.04
C THR I 99 -34.96 -29.14 29.98
N SER I 100 -34.62 -27.87 29.77
CA SER I 100 -33.63 -27.52 28.75
C SER I 100 -32.22 -27.76 29.25
N GLY I 101 -31.36 -28.21 28.33
CA GLY I 101 -29.97 -28.49 28.63
C GLY I 101 -29.66 -29.92 28.97
N SER I 102 -30.64 -30.69 29.43
CA SER I 102 -30.40 -32.08 29.78
C SER I 102 -30.23 -32.92 28.52
N GLY I 103 -29.37 -33.91 28.61
CA GLY I 103 -29.11 -34.80 27.49
C GLY I 103 -27.74 -35.42 27.63
N THR I 104 -27.37 -36.19 26.62
CA THR I 104 -26.10 -36.87 26.55
C THR I 104 -25.27 -36.27 25.43
N ILE I 105 -23.99 -36.00 25.69
CA ILE I 105 -23.08 -35.60 24.63
C ILE I 105 -21.92 -36.57 24.60
N LEU I 106 -21.38 -36.77 23.40
CA LEU I 106 -20.28 -37.68 23.16
C LEU I 106 -19.06 -36.87 22.76
N ILE I 107 -18.03 -36.89 23.59
CA ILE I 107 -16.82 -36.11 23.36
C ILE I 107 -15.77 -37.05 22.79
N ASP I 108 -15.21 -36.69 21.64
CA ASP I 108 -14.26 -37.58 20.97
C ASP I 108 -12.89 -37.47 21.62
N LEU I 109 -12.29 -38.61 21.91
CA LEU I 109 -10.93 -38.66 22.41
C LEU I 109 -9.94 -38.60 21.26
N SER I 110 -8.91 -37.79 21.41
CA SER I 110 -7.87 -37.68 20.40
C SER I 110 -7.07 -38.98 20.36
N PRO I 111 -6.76 -39.52 19.19
CA PRO I 111 -5.96 -40.75 19.14
C PRO I 111 -4.55 -40.59 19.69
N ASP I 112 -4.06 -39.37 19.86
CA ASP I 112 -2.72 -39.14 20.35
C ASP I 112 -2.63 -39.03 21.87
N ASP I 113 -3.74 -38.79 22.55
CA ASP I 113 -3.74 -38.66 24.00
C ASP I 113 -3.60 -40.02 24.67
N LYS I 114 -3.08 -40.03 25.90
CA LYS I 114 -2.87 -41.28 26.60
C LYS I 114 -4.17 -41.86 27.13
N GLU I 115 -5.23 -41.07 27.25
CA GLU I 115 -6.53 -41.62 27.61
C GLU I 115 -7.03 -42.58 26.52
N PHE I 116 -7.04 -42.10 25.28
CA PHE I 116 -7.39 -42.94 24.15
C PHE I 116 -6.54 -44.20 24.12
N GLN I 117 -5.24 -44.06 24.33
CA GLN I 117 -4.33 -45.18 24.19
C GLN I 117 -4.48 -46.17 25.33
N SER I 118 -4.74 -45.70 26.55
CA SER I 118 -4.97 -46.63 27.65
C SER I 118 -6.26 -47.43 27.44
N VAL I 119 -7.32 -46.77 26.97
CA VAL I 119 -8.56 -47.48 26.69
C VAL I 119 -8.33 -48.49 25.57
N GLU I 120 -7.59 -48.10 24.53
CA GLU I 120 -7.33 -49.02 23.42
C GLU I 120 -6.48 -50.21 23.87
N GLU I 121 -5.49 -49.98 24.74
CA GLU I 121 -4.67 -51.10 25.19
C GLU I 121 -5.46 -52.01 26.12
N GLU I 122 -6.40 -51.47 26.90
CA GLU I 122 -7.29 -52.35 27.66
C GLU I 122 -8.12 -53.21 26.70
N MET I 123 -8.63 -52.59 25.63
CA MET I 123 -9.38 -53.34 24.63
C MET I 123 -8.54 -54.46 24.03
N GLN I 124 -7.32 -54.15 23.60
CA GLN I 124 -6.50 -55.10 22.85
C GLN I 124 -5.92 -56.19 23.75
N SER I 125 -5.49 -55.85 24.96
CA SER I 125 -4.76 -56.80 25.77
C SER I 125 -5.65 -57.85 26.41
N THR I 126 -6.97 -57.71 26.30
CA THR I 126 -7.91 -58.59 26.98
C THR I 126 -8.63 -59.54 26.03
N VAL I 127 -8.16 -59.69 24.79
CA VAL I 127 -8.74 -60.66 23.88
C VAL I 127 -8.27 -62.05 24.25
N ARG I 128 -9.21 -62.99 24.31
CA ARG I 128 -8.89 -64.37 24.69
C ARG I 128 -9.58 -65.33 23.75
N GLU I 129 -9.07 -66.57 23.74
CA GLU I 129 -9.76 -67.65 23.04
C GLU I 129 -10.91 -68.16 23.89
N HIS I 130 -11.96 -68.63 23.23
CA HIS I 130 -13.16 -69.07 23.92
C HIS I 130 -13.33 -70.58 23.84
N ARG I 131 -14.22 -71.11 24.68
CA ARG I 131 -14.48 -72.54 24.67
C ARG I 131 -14.97 -72.99 23.30
N ASP I 132 -15.83 -72.21 22.68
CA ASP I 132 -16.29 -72.48 21.33
C ASP I 132 -15.29 -71.92 20.33
N GLY I 133 -15.42 -72.36 19.09
CA GLY I 133 -14.49 -71.94 18.05
C GLY I 133 -14.82 -70.59 17.46
N GLY I 134 -14.92 -69.57 18.31
CA GLY I 134 -15.25 -68.24 17.82
C GLY I 134 -16.56 -68.19 17.07
N HIS I 135 -17.60 -68.83 17.61
CA HIS I 135 -18.88 -68.89 16.91
C HIS I 135 -19.72 -67.65 17.19
N ALA I 136 -19.91 -67.32 18.47
CA ALA I 136 -20.82 -66.23 18.84
C ALA I 136 -20.22 -64.87 18.51
N GLY I 137 -18.91 -64.72 18.67
CA GLY I 137 -18.28 -63.43 18.50
C GLY I 137 -17.58 -63.26 17.16
N GLY I 138 -16.94 -64.33 16.69
CA GLY I 138 -16.21 -64.31 15.44
C GLY I 138 -14.75 -64.70 15.63
N ILE I 139 -14.11 -64.99 14.49
CA ILE I 139 -12.72 -65.41 14.46
C ILE I 139 -11.85 -64.18 14.29
N PHE I 140 -11.09 -63.85 15.32
CA PHE I 140 -10.26 -62.65 15.28
C PHE I 140 -9.18 -62.77 16.35
N ASN I 141 -8.15 -61.93 16.21
CA ASN I 141 -7.07 -61.86 17.18
C ASN I 141 -6.89 -60.47 17.79
N ARG I 142 -7.38 -59.43 17.14
CA ARG I 142 -7.27 -58.08 17.66
C ARG I 142 -8.30 -57.20 16.95
N TYR I 143 -8.35 -55.94 17.36
CA TYR I 143 -9.37 -55.01 16.90
C TYR I 143 -8.75 -53.87 16.12
N ASN I 144 -9.57 -53.26 15.27
CA ASN I 144 -9.28 -51.98 14.65
C ASN I 144 -10.24 -50.96 15.25
N ILE I 145 -9.70 -50.01 16.01
CA ILE I 145 -10.49 -49.04 16.74
C ILE I 145 -10.70 -47.83 15.84
N LEU I 146 -11.94 -47.42 15.66
CA LEU I 146 -12.28 -46.28 14.83
C LEU I 146 -12.52 -45.01 15.65
N LYS I 147 -13.20 -45.13 16.78
CA LYS I 147 -13.48 -43.98 17.62
C LYS I 147 -13.56 -44.43 19.08
N ILE I 148 -13.21 -43.51 19.97
CA ILE I 148 -13.53 -43.62 21.39
C ILE I 148 -14.17 -42.32 21.80
N GLN I 149 -15.30 -42.41 22.52
CA GLN I 149 -16.08 -41.26 22.91
C GLN I 149 -16.43 -41.34 24.38
N LYS I 150 -16.12 -40.27 25.10
CA LYS I 150 -16.58 -40.11 26.47
C LYS I 150 -18.05 -39.72 26.46
N VAL I 151 -18.84 -40.43 27.27
CA VAL I 151 -20.27 -40.19 27.38
C VAL I 151 -20.49 -39.27 28.57
N CYS I 152 -21.16 -38.14 28.34
CA CYS I 152 -21.37 -37.14 29.38
C CYS I 152 -22.86 -36.88 29.52
N ASN I 153 -23.42 -37.23 30.67
CA ASN I 153 -24.85 -37.06 30.95
C ASN I 153 -24.98 -36.78 32.44
N LYS I 154 -25.47 -35.59 32.78
CA LYS I 154 -25.46 -35.16 34.17
C LYS I 154 -26.38 -36.02 35.04
N LYS I 155 -27.62 -36.23 34.59
CA LYS I 155 -28.58 -36.95 35.42
C LYS I 155 -28.13 -38.37 35.69
N LEU I 156 -27.61 -39.04 34.67
CA LEU I 156 -27.12 -40.40 34.86
C LEU I 156 -25.93 -40.45 35.81
N TRP I 157 -25.01 -39.51 35.68
CA TRP I 157 -23.86 -39.45 36.58
C TRP I 157 -24.29 -39.21 38.02
N GLU I 158 -25.26 -38.33 38.23
CA GLU I 158 -25.76 -38.07 39.59
C GLU I 158 -26.44 -39.30 40.18
N ARG I 159 -27.26 -39.99 39.38
CA ARG I 159 -27.85 -41.24 39.85
C ARG I 159 -26.76 -42.24 40.24
N TYR I 160 -25.75 -42.38 39.39
CA TYR I 160 -24.66 -43.30 39.68
C TYR I 160 -23.96 -42.94 40.98
N THR I 161 -23.67 -41.66 41.18
CA THR I 161 -22.86 -41.28 42.33
C THR I 161 -23.66 -41.37 43.62
N HIS I 162 -24.97 -41.11 43.56
CA HIS I 162 -25.81 -41.32 44.75
C HIS I 162 -25.82 -42.78 45.14
N ARG I 163 -26.00 -43.68 44.17
CA ARG I 163 -25.97 -45.10 44.51
C ARG I 163 -24.59 -45.53 45.01
N ARG I 164 -23.52 -45.01 44.40
CA ARG I 164 -22.17 -45.32 44.84
C ARG I 164 -21.94 -44.88 46.27
N LYS I 165 -22.44 -43.70 46.63
CA LYS I 165 -22.33 -43.23 48.00
C LYS I 165 -23.05 -44.17 48.96
N GLU I 166 -24.26 -44.60 48.60
CA GLU I 166 -24.97 -45.56 49.45
C GLU I 166 -24.16 -46.83 49.65
N VAL I 167 -23.67 -47.41 48.55
CA VAL I 167 -22.96 -48.69 48.64
C VAL I 167 -21.72 -48.54 49.51
N SER I 168 -20.96 -47.46 49.29
CA SER I 168 -19.76 -47.25 50.10
C SER I 168 -20.11 -47.12 51.57
N GLU I 169 -21.17 -46.37 51.90
CA GLU I 169 -21.54 -46.25 53.30
C GLU I 169 -22.03 -47.57 53.88
N GLU I 170 -22.44 -48.52 53.05
CA GLU I 170 -22.83 -49.84 53.53
C GLU I 170 -21.68 -50.84 53.50
N ASN I 171 -20.50 -50.45 53.03
CA ASN I 171 -19.38 -51.38 52.78
C ASN I 171 -18.08 -50.78 53.31
N HIS I 172 -18.09 -50.34 54.57
CA HIS I 172 -16.94 -49.73 55.22
C HIS I 172 -16.25 -48.71 54.32
N ASN I 173 -17.08 -47.87 53.72
CA ASN I 173 -16.63 -46.67 53.00
C ASN I 173 -15.98 -46.99 51.66
N HIS I 174 -16.08 -48.22 51.17
CA HIS I 174 -15.43 -48.64 49.94
C HIS I 174 -16.48 -49.06 48.92
N ALA I 175 -16.46 -48.41 47.75
CA ALA I 175 -17.42 -48.68 46.70
C ALA I 175 -17.09 -49.90 45.87
N ASN I 176 -15.83 -50.34 45.87
CA ASN I 176 -15.40 -51.48 45.06
C ASN I 176 -15.69 -51.26 43.59
N GLU I 177 -15.31 -50.09 43.09
CA GLU I 177 -15.62 -49.68 41.73
C GLU I 177 -14.61 -50.27 40.76
N ARG I 178 -15.11 -50.82 39.66
CA ARG I 178 -14.29 -51.38 38.59
C ARG I 178 -14.59 -50.68 37.27
N MET I 179 -13.75 -50.96 36.28
CA MET I 179 -13.97 -50.59 34.88
C MET I 179 -14.13 -51.87 34.09
N LEU I 180 -15.30 -52.09 33.50
CA LEU I 180 -15.61 -53.36 32.88
C LEU I 180 -16.31 -53.16 31.55
N PHE I 181 -16.24 -54.18 30.71
CA PHE I 181 -16.82 -54.11 29.37
C PHE I 181 -18.26 -54.58 29.36
N HIS I 182 -19.04 -54.03 28.43
CA HIS I 182 -20.43 -54.40 28.24
C HIS I 182 -20.75 -54.41 26.76
N GLY I 183 -21.41 -55.47 26.33
CA GLY I 183 -21.85 -55.62 24.96
C GLY I 183 -23.35 -55.82 24.88
N SER I 184 -24.01 -55.10 23.99
CA SER I 184 -25.47 -55.16 23.89
C SER I 184 -25.87 -54.60 22.54
N PRO I 185 -27.05 -54.97 22.03
CA PRO I 185 -27.58 -54.31 20.83
C PRO I 185 -28.38 -53.05 21.11
N PHE I 186 -28.47 -52.61 22.37
CA PHE I 186 -29.21 -51.40 22.74
C PHE I 186 -28.29 -50.35 23.35
N VAL I 187 -27.11 -50.16 22.75
CA VAL I 187 -26.11 -49.25 23.31
C VAL I 187 -26.63 -47.82 23.30
N ASN I 188 -27.29 -47.41 22.22
CA ASN I 188 -27.82 -46.05 22.15
C ASN I 188 -28.85 -45.81 23.25
N ALA I 189 -29.74 -46.78 23.47
CA ALA I 189 -30.72 -46.67 24.53
C ALA I 189 -30.04 -46.49 25.87
N ILE I 190 -28.94 -47.19 26.10
CA ILE I 190 -28.26 -47.11 27.39
C ILE I 190 -27.65 -45.73 27.56
N ILE I 191 -26.94 -45.23 26.54
CA ILE I 191 -26.27 -43.95 26.70
C ILE I 191 -27.25 -42.81 26.81
N HIS I 192 -28.49 -42.99 26.36
CA HIS I 192 -29.46 -41.90 26.53
C HIS I 192 -30.32 -42.05 27.77
N LYS I 193 -30.54 -43.27 28.24
CA LYS I 193 -31.38 -43.52 29.39
C LYS I 193 -30.64 -44.13 30.58
N GLY I 194 -29.46 -44.69 30.36
CA GLY I 194 -28.74 -45.38 31.40
C GLY I 194 -29.14 -46.84 31.48
N PHE I 195 -28.38 -47.59 32.29
CA PHE I 195 -28.68 -49.00 32.47
C PHE I 195 -29.99 -49.17 33.21
N ASP I 196 -30.70 -50.25 32.89
CA ASP I 196 -32.03 -50.46 33.43
C ASP I 196 -32.20 -51.97 33.65
N GLU I 197 -32.40 -52.37 34.89
CA GLU I 197 -32.63 -53.79 35.16
C GLU I 197 -34.01 -54.24 34.70
N ARG I 198 -34.88 -53.31 34.33
CA ARG I 198 -36.18 -53.67 33.77
C ARG I 198 -36.07 -54.29 32.39
N HIS I 199 -34.89 -54.26 31.78
CA HIS I 199 -34.61 -54.93 30.52
C HIS I 199 -33.62 -56.08 30.71
N ALA I 200 -33.58 -56.64 31.90
CA ALA I 200 -32.45 -57.47 32.30
C ALA I 200 -32.38 -58.77 31.52
N TYR I 201 -31.19 -59.34 31.45
CA TYR I 201 -30.92 -60.59 30.73
C TYR I 201 -31.33 -61.77 31.63
N ILE I 202 -32.64 -62.02 31.65
CA ILE I 202 -33.21 -63.00 32.56
C ILE I 202 -32.76 -64.43 32.26
N GLY I 203 -32.29 -64.69 31.04
CA GLY I 203 -31.78 -66.01 30.71
C GLY I 203 -30.31 -66.22 31.03
N GLY I 204 -29.66 -65.25 31.65
CA GLY I 204 -28.24 -65.37 31.90
C GLY I 204 -27.92 -66.40 32.96
N MET I 205 -26.62 -66.70 33.06
CA MET I 205 -26.18 -67.74 33.99
C MET I 205 -26.54 -67.39 35.43
N PHE I 206 -26.61 -66.11 35.76
CA PHE I 206 -26.88 -65.67 37.13
C PHE I 206 -28.17 -64.88 37.26
N GLY I 207 -29.12 -65.09 36.36
CA GLY I 207 -30.45 -64.55 36.58
C GLY I 207 -30.69 -63.23 35.87
N ALA I 208 -31.58 -62.42 36.47
CA ALA I 208 -32.09 -61.22 35.83
C ALA I 208 -31.20 -60.01 36.09
N GLY I 209 -29.96 -60.07 35.63
CA GLY I 209 -28.97 -59.05 35.90
C GLY I 209 -28.42 -58.38 34.66
N ILE I 210 -27.55 -57.41 34.93
CA ILE I 210 -26.77 -56.72 33.91
C ILE I 210 -25.34 -57.24 34.01
N TYR I 211 -24.80 -57.67 32.88
CA TYR I 211 -23.57 -58.46 32.81
C TYR I 211 -22.42 -57.63 32.26
N PHE I 212 -21.28 -57.72 32.94
CA PHE I 212 -20.06 -57.01 32.58
C PHE I 212 -18.92 -58.02 32.61
N ALA I 213 -17.88 -57.73 31.83
CA ALA I 213 -16.75 -58.64 31.71
C ALA I 213 -15.46 -57.84 31.81
N GLU I 214 -14.41 -58.52 32.23
CA GLU I 214 -13.07 -57.95 32.23
C GLU I 214 -12.29 -58.27 30.98
N ASN I 215 -12.88 -59.00 30.04
CA ASN I 215 -12.28 -59.29 28.74
C ASN I 215 -13.18 -58.72 27.66
N SER I 216 -12.60 -57.91 26.77
CA SER I 216 -13.41 -57.31 25.70
C SER I 216 -13.95 -58.38 24.77
N SER I 217 -13.16 -59.44 24.53
CA SER I 217 -13.59 -60.49 23.63
C SER I 217 -14.80 -61.25 24.16
N LYS I 218 -15.13 -61.12 25.43
CA LYS I 218 -16.32 -61.76 25.97
C LYS I 218 -17.54 -60.87 25.87
N SER I 219 -17.41 -59.57 26.13
CA SER I 219 -18.51 -58.65 25.86
C SER I 219 -18.77 -58.53 24.38
N ASN I 220 -17.78 -58.85 23.55
CA ASN I 220 -17.97 -58.83 22.11
C ASN I 220 -18.98 -59.86 21.66
N GLN I 221 -19.22 -60.89 22.45
CA GLN I 221 -20.16 -61.94 22.08
C GLN I 221 -21.60 -61.49 22.18
N TYR I 222 -21.88 -60.31 22.74
CA TYR I 222 -23.23 -59.87 22.97
C TYR I 222 -23.58 -58.58 22.24
N VAL I 223 -22.75 -58.14 21.28
CA VAL I 223 -23.06 -56.91 20.58
C VAL I 223 -24.23 -57.08 19.62
N TYR I 224 -24.46 -58.30 19.14
CA TYR I 224 -25.56 -58.59 18.23
C TYR I 224 -26.61 -59.49 18.85
N GLY I 225 -26.69 -59.53 20.16
CA GLY I 225 -27.73 -60.26 20.85
C GLY I 225 -27.20 -61.46 21.61
N ILE I 226 -28.13 -62.15 22.26
CA ILE I 226 -27.76 -63.32 23.06
C ILE I 226 -27.14 -64.38 22.16
N GLY I 227 -25.99 -64.88 22.57
CA GLY I 227 -25.31 -65.89 21.77
C GLY I 227 -24.95 -65.44 20.38
N GLY I 228 -24.79 -64.14 20.17
CA GLY I 228 -24.45 -63.59 18.87
C GLY I 228 -25.61 -63.34 17.95
N GLY I 229 -26.83 -63.76 18.32
CA GLY I 229 -27.98 -63.51 17.47
C GLY I 229 -27.75 -64.05 16.07
N THR I 230 -28.08 -63.24 15.08
CA THR I 230 -27.89 -63.60 13.68
C THR I 230 -26.75 -62.84 13.03
N GLY I 231 -25.90 -62.18 13.82
CA GLY I 231 -24.79 -61.44 13.28
C GLY I 231 -25.15 -60.00 12.94
N CYS I 232 -24.32 -59.39 12.10
CA CYS I 232 -24.57 -58.01 11.74
C CYS I 232 -25.91 -57.89 11.02
N PRO I 233 -26.59 -56.75 11.15
CA PRO I 233 -27.89 -56.61 10.46
C PRO I 233 -27.79 -56.79 8.95
N VAL I 234 -26.69 -56.37 8.34
CA VAL I 234 -26.66 -56.24 6.89
C VAL I 234 -26.09 -57.47 6.21
N HIS I 235 -25.22 -58.25 6.86
CA HIS I 235 -24.75 -59.49 6.25
C HIS I 235 -25.40 -60.71 6.88
N LYS I 236 -25.93 -60.59 8.10
CA LYS I 236 -26.34 -61.74 8.88
C LYS I 236 -25.16 -62.67 9.19
N ASP I 237 -23.96 -62.09 9.27
CA ASP I 237 -22.73 -62.81 9.55
C ASP I 237 -22.24 -62.45 10.95
N ARG I 238 -22.03 -63.47 11.79
CA ARG I 238 -21.58 -63.22 13.15
C ARG I 238 -20.13 -62.77 13.22
N SER I 239 -19.32 -63.09 12.21
CA SER I 239 -17.93 -62.65 12.15
C SER I 239 -17.71 -61.57 11.08
N CYS I 240 -18.72 -60.76 10.77
CA CYS I 240 -18.60 -59.79 9.69
C CYS I 240 -17.48 -58.81 10.00
N TYR I 241 -16.46 -58.78 9.14
CA TYR I 241 -15.34 -57.88 9.32
C TYR I 241 -15.59 -56.50 8.74
N ILE I 242 -16.78 -56.26 8.18
CA ILE I 242 -17.06 -55.00 7.50
C ILE I 242 -17.87 -54.05 8.38
N CYS I 243 -18.88 -54.57 9.06
CA CYS I 243 -19.85 -53.73 9.74
C CYS I 243 -19.33 -53.25 11.09
N HIS I 244 -19.53 -51.96 11.38
CA HIS I 244 -19.09 -51.39 12.65
C HIS I 244 -19.83 -52.01 13.82
N ARG I 245 -19.11 -52.26 14.91
CA ARG I 245 -19.68 -52.70 16.17
C ARG I 245 -19.48 -51.63 17.22
N GLN I 246 -20.05 -51.85 18.40
CA GLN I 246 -19.88 -50.93 19.51
C GLN I 246 -19.86 -51.68 20.84
N LEU I 247 -18.99 -51.21 21.73
CA LEU I 247 -18.91 -51.69 23.10
C LEU I 247 -19.03 -50.51 24.06
N LEU I 248 -19.26 -50.82 25.33
CA LEU I 248 -19.22 -49.82 26.39
C LEU I 248 -18.16 -50.21 27.40
N PHE I 249 -17.34 -49.25 27.80
CA PHE I 249 -16.43 -49.39 28.93
C PHE I 249 -17.04 -48.58 30.07
N CYS I 250 -17.32 -49.25 31.19
CA CYS I 250 -18.25 -48.73 32.17
C CYS I 250 -17.64 -48.72 33.56
N ARG I 251 -18.00 -47.71 34.34
CA ARG I 251 -17.84 -47.75 35.78
C ARG I 251 -18.88 -48.66 36.38
N VAL I 252 -18.47 -49.59 37.22
CA VAL I 252 -19.41 -50.51 37.85
C VAL I 252 -19.11 -50.52 39.34
N THR I 253 -20.09 -50.13 40.15
CA THR I 253 -20.00 -50.19 41.59
C THR I 253 -20.33 -51.62 42.01
N LEU I 254 -19.33 -52.37 42.45
CA LEU I 254 -19.56 -53.75 42.85
C LEU I 254 -19.92 -53.89 44.32
N GLY I 255 -19.52 -52.94 45.16
CA GLY I 255 -19.81 -53.05 46.58
C GLY I 255 -19.25 -54.33 47.16
N LYS I 256 -20.06 -55.01 47.95
CA LYS I 256 -19.73 -56.35 48.43
C LYS I 256 -20.26 -57.36 47.42
N SER I 257 -19.35 -58.03 46.73
CA SER I 257 -19.69 -58.87 45.59
C SER I 257 -19.76 -60.32 46.03
N PHE I 258 -20.85 -61.00 45.71
CA PHE I 258 -21.04 -62.38 46.11
C PHE I 258 -20.26 -63.30 45.19
N LEU I 259 -19.62 -64.31 45.79
CA LEU I 259 -18.72 -65.21 45.08
C LEU I 259 -19.46 -66.49 44.73
N GLN I 260 -19.55 -66.80 43.44
CA GLN I 260 -20.32 -67.95 42.97
C GLN I 260 -19.54 -68.66 41.88
N PHE I 261 -19.71 -69.99 41.84
CA PHE I 261 -18.95 -70.84 40.93
C PHE I 261 -19.82 -71.64 39.97
N SER I 262 -21.13 -71.66 40.15
CA SER I 262 -22.01 -72.41 39.25
C SER I 262 -23.28 -71.61 39.04
N ALA I 263 -23.97 -71.93 37.95
CA ALA I 263 -25.15 -71.16 37.55
C ALA I 263 -26.16 -71.10 38.69
N MET I 264 -26.78 -69.94 38.86
CA MET I 264 -27.82 -69.76 39.87
C MET I 264 -28.72 -68.63 39.40
N LYS I 265 -29.97 -68.96 39.07
CA LYS I 265 -30.90 -68.01 38.48
C LYS I 265 -31.54 -67.12 39.55
N MET I 266 -30.75 -66.24 40.15
CA MET I 266 -31.28 -65.35 41.18
C MET I 266 -31.78 -64.05 40.56
N ALA I 267 -32.85 -63.50 41.15
CA ALA I 267 -33.48 -62.29 40.64
C ALA I 267 -32.88 -61.01 41.17
N HIS I 268 -32.32 -61.04 42.38
CA HIS I 268 -31.73 -59.88 43.01
C HIS I 268 -30.37 -60.26 43.57
N SER I 269 -29.68 -59.28 44.11
CA SER I 269 -28.39 -59.53 44.74
C SER I 269 -28.59 -60.39 45.99
N PRO I 270 -27.65 -61.26 46.33
CA PRO I 270 -27.80 -62.06 47.53
C PRO I 270 -27.87 -61.18 48.76
N PRO I 271 -28.55 -61.63 49.81
CA PRO I 271 -28.66 -60.79 51.01
C PRO I 271 -27.28 -60.37 51.52
N GLY I 272 -27.16 -59.10 51.87
CA GLY I 272 -25.91 -58.55 52.37
C GLY I 272 -24.90 -58.17 51.32
N HIS I 273 -25.21 -58.33 50.04
CA HIS I 273 -24.28 -58.06 48.96
C HIS I 273 -24.90 -57.11 47.96
N HIS I 274 -24.06 -56.56 47.09
CA HIS I 274 -24.50 -55.57 46.11
C HIS I 274 -24.28 -55.99 44.66
N SER I 275 -23.65 -57.13 44.44
CA SER I 275 -23.37 -57.62 43.09
C SER I 275 -22.91 -59.05 43.20
N VAL I 276 -22.70 -59.68 42.05
CA VAL I 276 -22.24 -61.07 41.99
C VAL I 276 -21.02 -61.13 41.08
N THR I 277 -20.08 -62.00 41.42
CA THR I 277 -18.94 -62.29 40.55
C THR I 277 -18.92 -63.78 40.25
N GLY I 278 -18.97 -64.12 38.97
CA GLY I 278 -18.80 -65.49 38.52
C GLY I 278 -17.35 -65.77 38.21
N ARG I 279 -16.79 -66.80 38.86
CA ARG I 279 -15.37 -67.11 38.85
C ARG I 279 -15.07 -68.20 37.84
N PRO I 280 -13.90 -68.17 37.20
CA PRO I 280 -13.52 -69.27 36.31
C PRO I 280 -13.40 -70.59 37.08
N SER I 281 -13.75 -71.68 36.41
CA SER I 281 -13.67 -73.00 37.02
C SER I 281 -13.28 -74.01 35.94
N VAL I 282 -12.74 -75.14 36.38
CA VAL I 282 -12.32 -76.18 35.44
C VAL I 282 -13.51 -76.68 34.63
N ASN I 283 -14.64 -76.95 35.30
CA ASN I 283 -15.85 -77.43 34.64
C ASN I 283 -16.90 -76.35 34.49
N GLY I 284 -16.57 -75.09 34.76
CA GLY I 284 -17.53 -74.02 34.68
C GLY I 284 -17.10 -72.88 33.76
N LEU I 285 -17.09 -71.66 34.30
CA LEU I 285 -16.75 -70.50 33.50
C LEU I 285 -15.28 -70.55 33.07
N ALA I 286 -15.03 -70.14 31.83
CA ALA I 286 -13.65 -69.97 31.37
C ALA I 286 -13.11 -68.61 31.76
N LEU I 287 -13.95 -67.58 31.76
CA LEU I 287 -13.56 -66.23 32.12
C LEU I 287 -14.55 -65.65 33.12
N ALA I 288 -14.06 -64.75 33.95
CA ALA I 288 -14.88 -64.19 35.02
C ALA I 288 -15.94 -63.24 34.46
N GLU I 289 -17.03 -63.11 35.20
CA GLU I 289 -18.08 -62.16 34.86
C GLU I 289 -18.53 -61.44 36.12
N TYR I 290 -19.13 -60.27 35.94
CA TYR I 290 -19.65 -59.49 37.05
C TYR I 290 -21.09 -59.13 36.72
N VAL I 291 -21.97 -59.20 37.70
CA VAL I 291 -23.40 -59.04 37.48
C VAL I 291 -23.95 -58.09 38.53
N ILE I 292 -24.74 -57.12 38.10
CA ILE I 292 -25.44 -56.23 39.01
C ILE I 292 -26.93 -56.41 38.78
N TYR I 293 -27.72 -55.99 39.77
CA TYR I 293 -29.18 -56.13 39.72
C TYR I 293 -29.88 -54.81 39.94
N ARG I 294 -29.20 -53.71 39.66
CA ARG I 294 -29.76 -52.37 39.75
C ARG I 294 -29.06 -51.54 38.70
N GLY I 295 -29.83 -50.90 37.82
CA GLY I 295 -29.23 -50.17 36.73
C GLY I 295 -28.42 -48.97 37.16
N GLU I 296 -28.64 -48.49 38.39
CA GLU I 296 -27.96 -47.28 38.84
C GLU I 296 -26.57 -47.54 39.41
N GLN I 297 -26.11 -48.78 39.43
CA GLN I 297 -24.75 -49.10 39.86
C GLN I 297 -23.76 -49.13 38.71
N ALA I 298 -24.14 -48.68 37.52
CA ALA I 298 -23.26 -48.66 36.37
C ALA I 298 -23.34 -47.32 35.66
N TYR I 299 -22.27 -46.96 34.97
CA TYR I 299 -22.23 -45.76 34.18
C TYR I 299 -21.39 -46.02 32.93
N PRO I 300 -21.92 -45.83 31.73
CA PRO I 300 -21.18 -46.14 30.50
C PRO I 300 -20.20 -45.04 30.09
N GLU I 301 -18.97 -45.10 30.60
CA GLU I 301 -18.10 -43.93 30.47
C GLU I 301 -17.60 -43.76 29.05
N TYR I 302 -17.26 -44.87 28.38
CA TYR I 302 -16.69 -44.85 27.04
C TYR I 302 -17.56 -45.63 26.07
N LEU I 303 -17.69 -45.11 24.86
CA LEU I 303 -18.36 -45.78 23.76
C LEU I 303 -17.32 -46.04 22.67
N ILE I 304 -17.06 -47.31 22.37
CA ILE I 304 -15.96 -47.71 21.50
C ILE I 304 -16.55 -48.26 20.20
N THR I 305 -16.12 -47.70 19.08
CA THR I 305 -16.52 -48.15 17.75
C THR I 305 -15.35 -48.88 17.13
N TYR I 306 -15.59 -50.07 16.59
CA TYR I 306 -14.47 -50.93 16.23
C TYR I 306 -14.91 -51.96 15.20
N GLN I 307 -13.90 -52.57 14.58
CA GLN I 307 -14.06 -53.72 13.71
C GLN I 307 -13.14 -54.82 14.19
N ILE I 308 -13.53 -56.08 13.99
CA ILE I 308 -12.66 -57.19 14.35
C ILE I 308 -11.73 -57.49 13.18
N MET I 309 -10.57 -58.05 13.50
CA MET I 309 -9.59 -58.41 12.48
C MET I 309 -9.11 -59.84 12.67
N ASP J 26 -48.95 4.73 43.99
CA ASP J 26 -48.55 6.01 43.44
C ASP J 26 -48.21 7.00 44.56
N PHE J 27 -49.25 7.42 45.29
CA PHE J 27 -49.12 8.45 46.29
C PHE J 27 -49.03 7.91 47.71
N SER J 28 -49.24 6.61 47.91
CA SER J 28 -49.20 6.06 49.26
C SER J 28 -47.82 6.22 49.87
N ILE J 29 -46.77 5.96 49.08
CA ILE J 29 -45.40 6.10 49.57
C ILE J 29 -45.13 7.54 49.96
N THR J 30 -45.62 8.49 49.17
CA THR J 30 -45.37 9.90 49.45
C THR J 30 -46.02 10.33 50.76
N GLN J 31 -47.28 9.94 50.99
CA GLN J 31 -47.92 10.26 52.26
C GLN J 31 -47.21 9.60 53.42
N PHE J 32 -46.88 8.32 53.27
CA PHE J 32 -46.21 7.60 54.34
C PHE J 32 -44.91 8.29 54.73
N VAL J 33 -44.11 8.67 53.74
CA VAL J 33 -42.83 9.32 54.02
C VAL J 33 -43.04 10.72 54.57
N ARG J 34 -44.04 11.43 54.05
CA ARG J 34 -44.31 12.79 54.52
C ARG J 34 -44.69 12.81 55.99
N ASN J 35 -45.49 11.83 56.42
CA ASN J 35 -45.88 11.77 57.82
C ASN J 35 -44.67 11.62 58.73
N LEU J 36 -43.63 10.92 58.28
CA LEU J 36 -42.45 10.72 59.10
C LEU J 36 -41.52 11.92 59.09
N GLY J 37 -41.79 12.92 58.25
CA GLY J 37 -40.89 14.05 58.12
C GLY J 37 -39.68 13.78 57.28
N LEU J 38 -39.76 12.85 56.33
CA LEU J 38 -38.63 12.43 55.51
C LEU J 38 -38.88 12.67 54.02
N GLU J 39 -39.56 13.75 53.68
CA GLU J 39 -39.81 14.05 52.28
C GLU J 39 -38.52 14.24 51.50
N HIS J 40 -37.45 14.64 52.18
CA HIS J 40 -36.17 14.90 51.51
C HIS J 40 -35.57 13.61 50.97
N LEU J 41 -36.11 12.46 51.36
CA LEU J 41 -35.68 11.19 50.83
C LEU J 41 -36.47 10.75 49.60
N MET J 42 -37.54 11.46 49.25
CA MET J 42 -38.41 11.00 48.18
C MET J 42 -37.66 10.89 46.86
N ASP J 43 -36.75 11.82 46.59
CA ASP J 43 -36.01 11.77 45.33
C ASP J 43 -35.26 10.45 45.17
N ILE J 44 -34.89 9.80 46.27
CA ILE J 44 -34.31 8.46 46.16
C ILE J 44 -35.38 7.45 45.81
N PHE J 45 -36.48 7.45 46.57
CA PHE J 45 -37.54 6.49 46.32
C PHE J 45 -38.08 6.61 44.90
N GLU J 46 -38.15 7.83 44.37
CA GLU J 46 -38.64 8.01 43.02
C GLU J 46 -37.70 7.39 41.99
N ARG J 47 -36.39 7.48 42.22
CA ARG J 47 -35.45 6.95 41.24
C ARG J 47 -35.36 5.43 41.32
N GLU J 48 -35.52 4.87 42.52
CA GLU J 48 -35.44 3.44 42.70
C GLU J 48 -36.80 2.75 42.53
N GLN J 49 -37.85 3.51 42.23
CA GLN J 49 -39.19 2.97 42.02
C GLN J 49 -39.70 2.24 43.25
N ILE J 50 -39.42 2.76 44.44
CA ILE J 50 -39.84 2.12 45.68
C ILE J 50 -41.28 2.53 45.94
N THR J 51 -42.20 1.58 45.79
CA THR J 51 -43.58 1.77 46.20
C THR J 51 -43.77 1.22 47.60
N LEU J 52 -44.94 1.50 48.18
CA LEU J 52 -45.16 1.15 49.57
C LEU J 52 -45.09 -0.37 49.79
N ASP J 53 -45.61 -1.15 48.85
CA ASP J 53 -45.48 -2.59 48.93
C ASP J 53 -44.03 -3.05 48.87
N VAL J 54 -43.18 -2.35 48.14
CA VAL J 54 -41.75 -2.64 48.17
C VAL J 54 -41.16 -2.24 49.50
N LEU J 55 -41.52 -1.05 50.00
CA LEU J 55 -40.90 -0.53 51.21
C LEU J 55 -41.20 -1.41 52.42
N VAL J 56 -42.42 -1.94 52.51
CA VAL J 56 -42.78 -2.75 53.67
C VAL J 56 -41.93 -4.01 53.79
N GLU J 57 -41.16 -4.35 52.76
CA GLU J 57 -40.34 -5.55 52.78
C GLU J 57 -38.85 -5.27 52.90
N MET J 58 -38.46 -4.04 53.22
CA MET J 58 -37.06 -3.64 53.26
C MET J 58 -36.61 -3.42 54.71
N GLY J 59 -35.39 -3.84 55.03
CA GLY J 59 -34.78 -3.59 56.30
C GLY J 59 -33.56 -2.69 56.19
N HIS J 60 -32.72 -2.74 57.22
CA HIS J 60 -31.54 -1.87 57.25
C HIS J 60 -30.62 -2.13 56.07
N LYS J 61 -30.43 -3.41 55.72
CA LYS J 61 -29.54 -3.76 54.62
C LYS J 61 -30.04 -3.20 53.30
N GLU J 62 -31.31 -3.46 52.97
CA GLU J 62 -31.86 -3.00 51.71
C GLU J 62 -31.89 -1.47 51.65
N LEU J 63 -32.25 -0.83 52.74
CA LEU J 63 -32.28 0.63 52.76
C LEU J 63 -30.88 1.22 52.62
N LYS J 64 -29.86 0.53 53.15
CA LYS J 64 -28.49 0.94 52.90
C LYS J 64 -28.13 0.82 51.42
N GLU J 65 -28.60 -0.24 50.77
CA GLU J 65 -28.25 -0.43 49.35
C GLU J 65 -28.73 0.72 48.48
N ILE J 66 -29.94 1.21 48.71
CA ILE J 66 -30.47 2.27 47.85
C ILE J 66 -29.99 3.66 48.24
N GLY J 67 -29.23 3.79 49.32
CA GLY J 67 -28.60 5.04 49.66
C GLY J 67 -29.15 5.77 50.87
N ILE J 68 -29.94 5.13 51.70
CA ILE J 68 -30.35 5.71 52.98
C ILE J 68 -29.24 5.42 53.98
N ASN J 69 -28.33 6.37 54.18
CA ASN J 69 -27.11 6.08 54.91
C ASN J 69 -27.23 6.33 56.40
N ALA J 70 -28.01 7.32 56.82
CA ALA J 70 -28.13 7.65 58.23
C ALA J 70 -28.95 6.59 58.95
N TYR J 71 -28.44 6.12 60.09
CA TYR J 71 -29.15 5.10 60.86
C TYR J 71 -30.50 5.62 61.35
N GLY J 72 -30.58 6.89 61.72
CA GLY J 72 -31.84 7.43 62.20
C GLY J 72 -32.94 7.40 61.16
N HIS J 73 -32.61 7.69 59.90
CA HIS J 73 -33.60 7.64 58.83
C HIS J 73 -34.12 6.23 58.63
N ARG J 74 -33.22 5.25 58.56
CA ARG J 74 -33.65 3.87 58.37
C ARG J 74 -34.49 3.40 59.56
N HIS J 75 -34.09 3.80 60.76
CA HIS J 75 -34.85 3.43 61.95
C HIS J 75 -36.26 3.97 61.88
N LYS J 76 -36.39 5.23 61.49
CA LYS J 76 -37.73 5.83 61.37
C LYS J 76 -38.57 5.10 60.34
N LEU J 77 -38.00 4.79 59.17
CA LEU J 77 -38.76 4.09 58.15
C LEU J 77 -39.21 2.72 58.64
N ILE J 78 -38.31 1.97 59.28
CA ILE J 78 -38.65 0.62 59.72
C ILE J 78 -39.72 0.66 60.81
N LYS J 79 -39.62 1.61 61.74
CA LYS J 79 -40.63 1.70 62.79
C LYS J 79 -41.98 2.11 62.21
N GLY J 80 -41.99 3.03 61.24
CA GLY J 80 -43.24 3.37 60.59
C GLY J 80 -43.87 2.19 59.89
N VAL J 81 -43.06 1.39 59.20
CA VAL J 81 -43.58 0.20 58.54
C VAL J 81 -44.15 -0.76 59.58
N GLU J 82 -43.47 -0.95 60.70
CA GLU J 82 -43.97 -1.86 61.73
C GLU J 82 -45.30 -1.37 62.29
N ARG J 83 -45.41 -0.07 62.54
CA ARG J 83 -46.67 0.48 63.07
C ARG J 83 -47.79 0.38 62.04
N LEU J 84 -47.46 0.40 60.75
CA LEU J 84 -48.49 0.25 59.72
C LEU J 84 -48.94 -1.19 59.60
N ILE J 85 -47.99 -2.13 59.52
CA ILE J 85 -48.33 -3.53 59.28
C ILE J 85 -48.86 -4.18 60.54
N SER J 86 -48.01 -4.28 61.57
CA SER J 86 -48.41 -4.96 62.80
C SER J 86 -49.34 -4.12 63.66
N GLY J 87 -49.17 -2.80 63.63
CA GLY J 87 -49.97 -1.94 64.50
C GLY J 87 -51.44 -1.94 64.15
N GLN J 88 -51.77 -2.17 62.88
CA GLN J 88 -53.15 -2.12 62.40
C GLN J 88 -53.50 -3.39 61.65
N GLN J 89 -53.08 -4.55 62.17
CA GLN J 89 -53.34 -5.81 61.48
C GLN J 89 -54.83 -6.06 61.30
N GLY J 90 -55.69 -5.45 62.11
CA GLY J 90 -57.11 -5.62 61.95
C GLY J 90 -57.63 -5.08 60.63
N LEU J 91 -56.98 -4.05 60.10
CA LEU J 91 -57.36 -3.48 58.81
C LEU J 91 -56.80 -4.26 57.63
N ASN J 92 -55.86 -5.18 57.87
CA ASN J 92 -55.21 -5.94 56.81
C ASN J 92 -54.61 -5.03 55.72
N PRO J 93 -53.82 -4.02 56.11
CA PRO J 93 -53.11 -3.24 55.09
C PRO J 93 -52.14 -4.09 54.28
N TYR J 94 -51.53 -5.10 54.90
CA TYR J 94 -50.58 -5.96 54.18
C TYR J 94 -51.23 -6.62 52.98
N LEU J 95 -52.53 -6.89 53.04
CA LEU J 95 -53.22 -7.61 51.98
C LEU J 95 -53.85 -6.70 50.93
N THR J 96 -54.14 -5.44 51.26
CA THR J 96 -54.41 -4.48 50.20
C THR J 96 -53.13 -4.13 49.46
N LEU J 97 -52.00 -4.13 50.15
CA LEU J 97 -50.73 -4.30 49.47
C LEU J 97 -50.56 -5.78 49.12
N ASN J 98 -49.48 -6.10 48.45
CA ASN J 98 -49.09 -7.49 48.19
C ASN J 98 -50.01 -8.16 47.17
N THR J 99 -51.03 -7.47 46.68
CA THR J 99 -51.92 -8.06 45.70
C THR J 99 -51.20 -8.37 44.39
N SER J 100 -50.30 -7.50 43.97
CA SER J 100 -49.61 -7.69 42.69
C SER J 100 -48.77 -8.96 42.70
N GLY J 101 -48.69 -9.61 41.54
CA GLY J 101 -48.02 -10.89 41.41
C GLY J 101 -48.91 -12.09 41.57
N SER J 102 -50.08 -11.94 42.17
CA SER J 102 -51.03 -13.04 42.24
C SER J 102 -51.67 -13.26 40.87
N GLY J 103 -52.14 -14.48 40.66
CA GLY J 103 -52.72 -14.88 39.39
C GLY J 103 -52.05 -16.13 38.85
N THR J 104 -52.56 -16.56 37.70
CA THR J 104 -52.17 -17.83 37.12
C THR J 104 -51.18 -17.61 35.99
N ILE J 105 -50.18 -18.48 35.91
CA ILE J 105 -49.31 -18.52 34.74
C ILE J 105 -49.26 -19.96 34.23
N LEU J 106 -49.25 -20.09 32.92
CA LEU J 106 -49.20 -21.37 32.24
C LEU J 106 -47.80 -21.58 31.71
N ILE J 107 -47.16 -22.66 32.13
CA ILE J 107 -45.80 -22.98 31.72
C ILE J 107 -45.89 -24.10 30.69
N ASP J 108 -45.44 -23.83 29.48
CA ASP J 108 -45.58 -24.76 28.37
C ASP J 108 -44.57 -25.90 28.52
N LEU J 109 -45.06 -27.13 28.43
CA LEU J 109 -44.16 -28.28 28.48
C LEU J 109 -43.53 -28.51 27.12
N SER J 110 -42.33 -29.06 27.13
CA SER J 110 -41.63 -29.38 25.90
C SER J 110 -42.00 -30.79 25.44
N PRO J 111 -42.44 -30.97 24.19
CA PRO J 111 -42.76 -32.33 23.74
C PRO J 111 -41.60 -33.30 23.83
N ASP J 112 -40.37 -32.82 23.90
CA ASP J 112 -39.21 -33.67 24.06
C ASP J 112 -38.91 -34.02 25.51
N ASP J 113 -39.70 -33.50 26.45
CA ASP J 113 -39.51 -33.78 27.87
C ASP J 113 -40.31 -35.01 28.27
N LYS J 114 -39.85 -35.69 29.32
CA LYS J 114 -40.53 -36.89 29.78
C LYS J 114 -41.84 -36.58 30.49
N GLU J 115 -41.99 -35.39 31.04
CA GLU J 115 -43.25 -35.00 31.67
C GLU J 115 -44.38 -34.92 30.64
N PHE J 116 -44.12 -34.24 29.52
CA PHE J 116 -45.09 -34.17 28.44
C PHE J 116 -45.43 -35.55 27.93
N GLN J 117 -44.42 -36.40 27.77
CA GLN J 117 -44.64 -37.73 27.21
C GLN J 117 -45.43 -38.62 28.16
N SER J 118 -45.18 -38.54 29.46
CA SER J 118 -45.98 -39.32 30.40
C SER J 118 -47.42 -38.84 30.44
N VAL J 119 -47.64 -37.53 30.41
CA VAL J 119 -49.01 -37.02 30.39
C VAL J 119 -49.73 -37.48 29.13
N GLU J 120 -49.06 -37.40 27.98
CA GLU J 120 -49.69 -37.82 26.74
C GLU J 120 -49.96 -39.32 26.75
N GLU J 121 -49.05 -40.12 27.29
CA GLU J 121 -49.27 -41.56 27.37
C GLU J 121 -50.48 -41.87 28.23
N GLU J 122 -50.61 -41.21 29.37
CA GLU J 122 -51.79 -41.41 30.19
C GLU J 122 -53.06 -41.02 29.44
N MET J 123 -53.00 -39.89 28.74
CA MET J 123 -54.16 -39.42 27.98
C MET J 123 -54.58 -40.47 26.94
N GLN J 124 -53.63 -40.94 26.15
CA GLN J 124 -53.96 -41.83 25.04
C GLN J 124 -54.37 -43.21 25.51
N SER J 125 -53.62 -43.79 26.46
CA SER J 125 -53.80 -45.19 26.79
C SER J 125 -55.09 -45.46 27.56
N THR J 126 -55.79 -44.44 28.02
CA THR J 126 -57.00 -44.61 28.80
C THR J 126 -58.27 -44.50 27.96
N VAL J 127 -58.16 -44.41 26.64
CA VAL J 127 -59.34 -44.43 25.78
C VAL J 127 -60.01 -45.78 25.86
N ARG J 128 -61.35 -45.79 25.82
CA ARG J 128 -62.13 -47.00 25.93
C ARG J 128 -63.38 -46.88 25.08
N GLU J 129 -63.96 -48.03 24.73
CA GLU J 129 -65.23 -48.04 24.03
C GLU J 129 -66.36 -47.70 25.00
N HIS J 130 -67.31 -46.89 24.55
CA HIS J 130 -68.45 -46.48 25.36
C HIS J 130 -69.71 -47.21 24.92
N ARG J 131 -70.72 -47.16 25.79
CA ARG J 131 -71.97 -47.87 25.58
C ARG J 131 -72.91 -47.14 24.63
N ASP J 132 -72.41 -46.19 23.85
CA ASP J 132 -73.20 -45.51 22.84
C ASP J 132 -72.29 -45.20 21.67
N GLY J 133 -72.90 -44.86 20.54
CA GLY J 133 -72.14 -44.64 19.32
C GLY J 133 -71.38 -43.32 19.31
N GLY J 134 -70.63 -43.06 20.37
CA GLY J 134 -69.89 -41.81 20.45
C GLY J 134 -70.76 -40.58 20.34
N HIS J 135 -71.95 -40.62 20.94
CA HIS J 135 -72.90 -39.52 20.78
C HIS J 135 -72.36 -38.24 21.40
N ALA J 136 -71.78 -38.33 22.59
CA ALA J 136 -71.35 -37.13 23.31
C ALA J 136 -69.90 -36.78 23.01
N GLY J 137 -69.03 -37.78 22.88
CA GLY J 137 -67.62 -37.53 22.70
C GLY J 137 -67.12 -37.69 21.28
N GLY J 138 -67.97 -38.17 20.39
CA GLY J 138 -67.57 -38.42 19.02
C GLY J 138 -66.92 -39.79 18.87
N ILE J 139 -66.61 -40.12 17.62
CA ILE J 139 -66.05 -41.43 17.27
C ILE J 139 -64.57 -41.23 16.96
N PHE J 140 -63.72 -41.87 17.75
CA PHE J 140 -62.27 -41.74 17.59
C PHE J 140 -61.59 -42.92 18.26
N ASN J 141 -60.34 -43.15 17.87
CA ASN J 141 -59.48 -44.12 18.53
C ASN J 141 -58.41 -43.48 19.38
N ARG J 142 -58.04 -42.24 19.09
CA ARG J 142 -56.92 -41.59 19.75
C ARG J 142 -57.06 -40.08 19.59
N TYR J 143 -56.11 -39.34 20.14
CA TYR J 143 -56.12 -37.89 20.14
C TYR J 143 -54.94 -37.34 19.35
N ASN J 144 -55.06 -36.09 18.97
CA ASN J 144 -53.96 -35.27 18.47
C ASN J 144 -53.70 -34.22 19.53
N ILE J 145 -52.66 -34.40 20.33
CA ILE J 145 -52.37 -33.46 21.41
C ILE J 145 -51.60 -32.29 20.83
N LEU J 146 -52.08 -31.07 21.08
CA LEU J 146 -51.47 -29.86 20.58
C LEU J 146 -50.61 -29.16 21.62
N LYS J 147 -51.10 -29.04 22.85
CA LYS J 147 -50.36 -28.43 23.93
C LYS J 147 -50.65 -29.14 25.24
N ILE J 148 -49.68 -29.12 26.13
CA ILE J 148 -49.86 -29.45 27.54
C ILE J 148 -49.16 -28.36 28.34
N GLN J 149 -49.84 -27.81 29.33
CA GLN J 149 -49.33 -26.70 30.11
C GLN J 149 -49.49 -26.97 31.59
N LYS J 150 -48.47 -26.61 32.36
CA LYS J 150 -48.59 -26.63 33.82
C LYS J 150 -49.28 -25.36 34.27
N VAL J 151 -50.28 -25.51 35.14
CA VAL J 151 -51.03 -24.39 35.69
C VAL J 151 -50.41 -24.03 37.02
N CYS J 152 -50.02 -22.76 37.19
CA CYS J 152 -49.30 -22.33 38.37
C CYS J 152 -50.03 -21.14 38.99
N ASN J 153 -50.47 -21.30 40.25
CA ASN J 153 -51.21 -20.28 40.96
C ASN J 153 -51.01 -20.54 42.45
N LYS J 154 -50.41 -19.57 43.16
CA LYS J 154 -49.99 -19.85 44.53
C LYS J 154 -51.17 -19.93 45.49
N LYS J 155 -52.14 -19.02 45.35
CA LYS J 155 -53.27 -19.00 46.28
C LYS J 155 -54.08 -20.29 46.17
N LEU J 156 -54.33 -20.75 44.94
CA LEU J 156 -55.04 -22.01 44.76
C LEU J 156 -54.25 -23.18 45.33
N TRP J 157 -52.94 -23.20 45.10
CA TRP J 157 -52.12 -24.29 45.61
C TRP J 157 -52.11 -24.31 47.13
N GLU J 158 -52.07 -23.14 47.76
CA GLU J 158 -52.10 -23.10 49.22
C GLU J 158 -53.43 -23.59 49.76
N ARG J 159 -54.53 -23.18 49.13
CA ARG J 159 -55.83 -23.73 49.50
C ARG J 159 -55.83 -25.24 49.41
N TYR J 160 -55.32 -25.77 48.30
CA TYR J 160 -55.32 -27.21 48.09
C TYR J 160 -54.49 -27.93 49.15
N THR J 161 -53.30 -27.41 49.43
CA THR J 161 -52.41 -28.11 50.36
C THR J 161 -52.93 -28.02 51.79
N HIS J 162 -53.55 -26.91 52.17
CA HIS J 162 -54.17 -26.83 53.48
C HIS J 162 -55.29 -27.86 53.63
N ARG J 163 -56.16 -27.96 52.62
CA ARG J 163 -57.21 -28.97 52.69
C ARG J 163 -56.63 -30.37 52.72
N ARG J 164 -55.59 -30.62 51.94
CA ARG J 164 -54.95 -31.93 51.93
C ARG J 164 -54.39 -32.28 53.30
N LYS J 165 -53.79 -31.29 53.98
CA LYS J 165 -53.30 -31.53 55.33
C LYS J 165 -54.44 -31.92 56.26
N GLU J 166 -55.56 -31.20 56.19
CA GLU J 166 -56.71 -31.56 57.03
C GLU J 166 -57.17 -32.98 56.76
N VAL J 167 -57.39 -33.30 55.49
CA VAL J 167 -57.92 -34.62 55.13
C VAL J 167 -56.97 -35.71 55.60
N SER J 168 -55.66 -35.52 55.39
CA SER J 168 -54.69 -36.53 55.81
C SER J 168 -54.67 -36.68 57.32
N GLU J 169 -54.81 -35.58 58.06
CA GLU J 169 -54.92 -35.69 59.51
C GLU J 169 -56.14 -36.51 59.90
N GLU J 170 -57.22 -36.42 59.13
CA GLU J 170 -58.43 -37.18 59.43
C GLU J 170 -58.38 -38.62 58.92
N ASN J 171 -57.33 -39.02 58.19
CA ASN J 171 -57.33 -40.31 57.50
C ASN J 171 -56.00 -41.03 57.74
N HIS J 172 -55.60 -41.10 59.00
CA HIS J 172 -54.35 -41.76 59.42
C HIS J 172 -53.19 -41.39 58.52
N ASN J 173 -52.95 -40.07 58.39
CA ASN J 173 -51.75 -39.52 57.77
C ASN J 173 -51.63 -39.89 56.30
N HIS J 174 -52.75 -40.11 55.61
CA HIS J 174 -52.74 -40.46 54.20
C HIS J 174 -53.78 -39.61 53.49
N ALA J 175 -53.39 -38.96 52.40
CA ALA J 175 -54.31 -38.09 51.67
C ALA J 175 -55.04 -38.83 50.56
N ASN J 176 -54.54 -39.97 50.11
CA ASN J 176 -55.15 -40.72 49.02
C ASN J 176 -55.28 -39.84 47.78
N GLU J 177 -54.15 -39.27 47.38
CA GLU J 177 -54.11 -38.33 46.27
C GLU J 177 -54.04 -39.07 44.94
N ARG J 178 -54.81 -38.59 43.97
CA ARG J 178 -54.94 -39.23 42.66
C ARG J 178 -54.76 -38.18 41.57
N MET J 179 -54.39 -38.64 40.39
CA MET J 179 -54.35 -37.81 39.20
C MET J 179 -55.49 -38.23 38.27
N LEU J 180 -56.44 -37.34 38.06
CA LEU J 180 -57.67 -37.69 37.37
C LEU J 180 -58.01 -36.64 36.32
N PHE J 181 -58.74 -37.05 35.31
CA PHE J 181 -59.13 -36.14 34.24
C PHE J 181 -60.43 -35.43 34.60
N HIS J 182 -60.56 -34.21 34.08
CA HIS J 182 -61.77 -33.43 34.28
C HIS J 182 -62.13 -32.73 32.96
N GLY J 183 -63.36 -32.93 32.51
CA GLY J 183 -63.85 -32.30 31.30
C GLY J 183 -65.02 -31.39 31.64
N SER J 184 -64.93 -30.15 31.17
CA SER J 184 -65.95 -29.16 31.45
C SER J 184 -65.82 -28.04 30.44
N PRO J 185 -66.91 -27.35 30.10
CA PRO J 185 -66.81 -26.14 29.28
C PRO J 185 -66.39 -24.90 30.05
N PHE J 186 -66.04 -25.04 31.32
CA PHE J 186 -65.58 -23.93 32.15
C PHE J 186 -64.12 -24.10 32.59
N VAL J 187 -63.25 -24.49 31.67
CA VAL J 187 -61.85 -24.73 32.01
C VAL J 187 -61.18 -23.42 32.43
N ASN J 188 -61.44 -22.33 31.70
CA ASN J 188 -60.81 -21.06 32.02
C ASN J 188 -61.17 -20.61 33.43
N ALA J 189 -62.46 -20.65 33.76
CA ALA J 189 -62.89 -20.26 35.08
C ALA J 189 -62.23 -21.12 36.14
N ILE J 190 -62.00 -22.40 35.83
CA ILE J 190 -61.40 -23.30 36.81
C ILE J 190 -59.94 -22.95 37.03
N ILE J 191 -59.19 -22.71 35.95
CA ILE J 191 -57.77 -22.45 36.11
C ILE J 191 -57.47 -21.06 36.65
N HIS J 192 -58.43 -20.14 36.60
CA HIS J 192 -58.22 -18.82 37.19
C HIS J 192 -58.88 -18.65 38.56
N LYS J 193 -59.93 -19.41 38.87
CA LYS J 193 -60.61 -19.32 40.14
C LYS J 193 -60.52 -20.60 40.97
N GLY J 194 -60.15 -21.72 40.36
CA GLY J 194 -60.16 -23.00 41.04
C GLY J 194 -61.52 -23.68 40.97
N PHE J 195 -61.52 -24.95 41.34
CA PHE J 195 -62.76 -25.72 41.42
C PHE J 195 -63.68 -25.10 42.47
N ASP J 196 -64.98 -25.11 42.21
CA ASP J 196 -65.95 -24.49 43.11
C ASP J 196 -67.22 -25.32 43.05
N GLU J 197 -67.63 -25.87 44.20
CA GLU J 197 -68.82 -26.70 44.23
C GLU J 197 -70.09 -25.88 44.14
N ARG J 198 -70.02 -24.56 44.25
CA ARG J 198 -71.20 -23.72 44.08
C ARG J 198 -71.70 -23.69 42.64
N HIS J 199 -70.93 -24.21 41.69
CA HIS J 199 -71.37 -24.41 40.32
C HIS J 199 -71.56 -25.89 40.01
N ALA J 200 -71.79 -26.73 41.01
CA ALA J 200 -71.71 -28.16 40.86
C ALA J 200 -72.84 -28.70 39.98
N TYR J 201 -72.63 -29.92 39.49
CA TYR J 201 -73.55 -30.59 38.58
C TYR J 201 -74.61 -31.33 39.39
N ILE J 202 -75.78 -30.71 39.53
CA ILE J 202 -76.86 -31.33 40.31
C ILE J 202 -77.50 -32.50 39.58
N GLY J 203 -77.25 -32.64 38.27
CA GLY J 203 -77.82 -33.73 37.52
C GLY J 203 -77.03 -35.01 37.55
N GLY J 204 -75.80 -34.97 38.06
CA GLY J 204 -74.99 -36.18 38.09
C GLY J 204 -75.58 -37.24 38.99
N MET J 205 -75.29 -38.50 38.67
CA MET J 205 -75.95 -39.60 39.37
C MET J 205 -75.54 -39.71 40.83
N PHE J 206 -74.51 -38.98 41.25
CA PHE J 206 -74.12 -38.93 42.66
C PHE J 206 -74.43 -37.58 43.29
N GLY J 207 -74.82 -36.59 42.50
CA GLY J 207 -75.49 -35.41 43.02
C GLY J 207 -74.58 -34.28 43.44
N ALA J 208 -74.74 -33.12 42.80
CA ALA J 208 -74.19 -31.85 43.27
C ALA J 208 -72.72 -31.94 43.66
N GLY J 209 -71.95 -32.82 43.01
CA GLY J 209 -70.53 -32.90 43.24
C GLY J 209 -69.72 -32.55 41.99
N ILE J 210 -68.41 -32.48 42.18
CA ILE J 210 -67.47 -32.27 41.09
C ILE J 210 -66.92 -33.64 40.71
N TYR J 211 -66.96 -33.94 39.41
CA TYR J 211 -66.73 -35.28 38.89
C TYR J 211 -65.38 -35.33 38.18
N PHE J 212 -64.65 -36.42 38.43
CA PHE J 212 -63.37 -36.68 37.81
C PHE J 212 -63.36 -38.12 37.35
N ALA J 213 -62.55 -38.41 36.34
CA ALA J 213 -62.55 -39.73 35.74
C ALA J 213 -61.12 -40.23 35.56
N GLU J 214 -60.99 -41.55 35.56
CA GLU J 214 -59.74 -42.23 35.32
C GLU J 214 -59.49 -42.51 33.86
N ASN J 215 -60.46 -42.24 32.99
CA ASN J 215 -60.32 -42.40 31.54
C ASN J 215 -60.46 -41.04 30.89
N SER J 216 -59.65 -40.79 29.85
CA SER J 216 -59.68 -39.49 29.20
C SER J 216 -60.90 -39.34 28.31
N SER J 217 -61.37 -40.44 27.71
CA SER J 217 -62.54 -40.36 26.84
C SER J 217 -63.80 -40.05 27.62
N LYS J 218 -63.94 -40.60 28.82
CA LYS J 218 -65.11 -40.29 29.63
C LYS J 218 -65.18 -38.81 29.96
N SER J 219 -64.04 -38.19 30.25
CA SER J 219 -64.02 -36.75 30.47
C SER J 219 -64.24 -35.99 29.16
N ASN J 220 -63.72 -36.53 28.06
CA ASN J 220 -63.96 -35.92 26.76
C ASN J 220 -65.44 -35.85 26.43
N GLN J 221 -66.24 -36.76 27.00
CA GLN J 221 -67.68 -36.70 26.78
C GLN J 221 -68.30 -35.39 27.27
N TYR J 222 -67.65 -34.66 28.16
CA TYR J 222 -68.25 -33.51 28.83
C TYR J 222 -67.64 -32.18 28.44
N VAL J 223 -66.66 -32.16 27.54
CA VAL J 223 -65.93 -30.91 27.28
C VAL J 223 -66.85 -29.86 26.69
N TYR J 224 -67.82 -30.25 25.86
CA TYR J 224 -68.73 -29.33 25.22
C TYR J 224 -70.07 -29.24 25.94
N GLY J 225 -70.14 -29.70 27.18
CA GLY J 225 -71.35 -29.64 27.97
C GLY J 225 -71.83 -31.03 28.36
N ILE J 226 -72.95 -31.04 29.07
CA ILE J 226 -73.55 -32.30 29.48
C ILE J 226 -74.04 -33.04 28.25
N GLY J 227 -73.62 -34.30 28.12
CA GLY J 227 -74.01 -35.08 26.96
C GLY J 227 -73.49 -34.54 25.64
N GLY J 228 -72.44 -33.72 25.69
CA GLY J 228 -71.88 -33.15 24.48
C GLY J 228 -72.51 -31.86 24.03
N GLY J 229 -73.54 -31.38 24.72
CA GLY J 229 -74.14 -30.10 24.36
C GLY J 229 -74.57 -30.09 22.90
N THR J 230 -74.23 -29.00 22.22
CA THR J 230 -74.51 -28.86 20.80
C THR J 230 -73.26 -29.03 19.94
N GLY J 231 -72.12 -29.32 20.55
CA GLY J 231 -70.87 -29.44 19.81
C GLY J 231 -70.05 -28.17 19.83
N CYS J 232 -69.13 -28.10 18.88
CA CYS J 232 -68.20 -26.97 18.84
C CYS J 232 -68.97 -25.67 18.56
N PRO J 233 -68.51 -24.55 19.12
CA PRO J 233 -69.18 -23.28 18.80
C PRO J 233 -69.20 -22.95 17.33
N VAL J 234 -68.16 -23.34 16.59
CA VAL J 234 -68.04 -22.93 15.19
C VAL J 234 -68.93 -23.80 14.31
N HIS J 235 -68.68 -25.10 14.27
CA HIS J 235 -69.43 -26.00 13.40
C HIS J 235 -70.60 -26.67 14.09
N LYS J 236 -70.77 -26.51 15.39
CA LYS J 236 -71.89 -27.09 16.12
C LYS J 236 -71.97 -28.60 15.90
N ASP J 237 -70.81 -29.26 15.91
CA ASP J 237 -70.71 -30.69 15.71
C ASP J 237 -70.09 -31.33 16.95
N ARG J 238 -70.74 -32.39 17.46
CA ARG J 238 -70.21 -33.07 18.63
C ARG J 238 -68.98 -33.91 18.30
N SER J 239 -68.93 -34.47 17.10
CA SER J 239 -67.79 -35.27 16.67
C SER J 239 -66.83 -34.47 15.79
N CYS J 240 -66.71 -33.17 16.01
CA CYS J 240 -65.82 -32.35 15.21
C CYS J 240 -64.40 -32.85 15.30
N TYR J 241 -63.76 -33.02 14.15
CA TYR J 241 -62.34 -33.34 14.08
C TYR J 241 -61.48 -32.12 13.78
N ILE J 242 -62.06 -30.92 13.80
CA ILE J 242 -61.34 -29.71 13.45
C ILE J 242 -61.06 -28.85 14.68
N CYS J 243 -62.06 -28.64 15.52
CA CYS J 243 -61.95 -27.70 16.63
C CYS J 243 -61.13 -28.29 17.78
N HIS J 244 -60.48 -27.39 18.53
CA HIS J 244 -59.65 -27.79 19.66
C HIS J 244 -60.51 -27.96 20.90
N ARG J 245 -60.21 -28.98 21.70
CA ARG J 245 -60.87 -29.22 22.96
C ARG J 245 -59.88 -29.04 24.11
N GLN J 246 -60.42 -29.02 25.33
CA GLN J 246 -59.60 -28.80 26.51
C GLN J 246 -60.00 -29.76 27.62
N LEU J 247 -59.02 -30.42 28.20
CA LEU J 247 -59.19 -31.26 29.38
C LEU J 247 -58.23 -30.81 30.46
N LEU J 248 -58.59 -31.03 31.72
CA LEU J 248 -57.71 -30.78 32.83
C LEU J 248 -57.25 -32.11 33.42
N PHE J 249 -56.01 -32.14 33.87
CA PHE J 249 -55.45 -33.28 34.58
C PHE J 249 -55.13 -32.76 35.98
N CYS J 250 -55.78 -33.33 36.99
CA CYS J 250 -55.90 -32.68 38.30
C CYS J 250 -55.41 -33.60 39.41
N ARG J 251 -54.78 -32.99 40.41
CA ARG J 251 -54.52 -33.63 41.68
C ARG J 251 -55.79 -33.57 42.52
N VAL J 252 -56.34 -34.71 42.89
CA VAL J 252 -57.56 -34.78 43.67
C VAL J 252 -57.25 -35.51 44.96
N THR J 253 -57.63 -34.92 46.08
CA THR J 253 -57.47 -35.55 47.40
C THR J 253 -58.77 -36.26 47.74
N LEU J 254 -58.75 -37.59 47.65
CA LEU J 254 -59.96 -38.39 47.87
C LEU J 254 -60.17 -38.77 49.32
N GLY J 255 -59.12 -38.84 50.13
CA GLY J 255 -59.30 -39.20 51.51
C GLY J 255 -59.92 -40.58 51.64
N LYS J 256 -60.77 -40.73 52.66
CA LYS J 256 -61.58 -41.93 52.79
C LYS J 256 -62.72 -41.86 51.80
N SER J 257 -62.70 -42.74 50.80
CA SER J 257 -63.69 -42.74 49.73
C SER J 257 -64.80 -43.72 50.06
N PHE J 258 -66.04 -43.34 49.77
CA PHE J 258 -67.17 -44.23 49.99
C PHE J 258 -67.47 -45.00 48.72
N LEU J 259 -67.53 -46.32 48.83
CA LEU J 259 -67.78 -47.17 47.68
C LEU J 259 -69.27 -47.18 47.34
N GLN J 260 -69.59 -47.02 46.06
CA GLN J 260 -70.96 -46.96 45.62
C GLN J 260 -71.07 -47.64 44.25
N PHE J 261 -72.22 -48.27 44.02
CA PHE J 261 -72.46 -49.00 42.78
C PHE J 261 -73.70 -48.54 42.03
N SER J 262 -74.53 -47.67 42.60
CA SER J 262 -75.76 -47.24 41.95
C SER J 262 -75.99 -45.78 42.28
N ALA J 263 -76.85 -45.15 41.48
CA ALA J 263 -77.09 -43.72 41.61
C ALA J 263 -77.64 -43.38 42.99
N MET J 264 -77.23 -42.22 43.50
CA MET J 264 -77.73 -41.72 44.78
C MET J 264 -77.52 -40.22 44.78
N LYS J 265 -78.62 -39.47 44.79
CA LYS J 265 -78.56 -38.02 44.64
C LYS J 265 -78.26 -37.33 45.97
N MET J 266 -77.10 -37.61 46.56
CA MET J 266 -76.71 -36.93 47.78
C MET J 266 -76.08 -35.58 47.47
N ALA J 267 -76.02 -34.72 48.49
CA ALA J 267 -75.50 -33.38 48.34
C ALA J 267 -74.09 -33.21 48.90
N HIS J 268 -73.70 -34.00 49.89
CA HIS J 268 -72.37 -33.94 50.47
C HIS J 268 -71.83 -35.36 50.55
N SER J 269 -70.64 -35.49 51.11
CA SER J 269 -70.04 -36.80 51.30
C SER J 269 -70.77 -37.55 52.39
N PRO J 270 -70.83 -38.87 52.34
CA PRO J 270 -71.41 -39.64 53.44
C PRO J 270 -70.64 -39.40 54.73
N PRO J 271 -71.29 -39.49 55.88
CA PRO J 271 -70.59 -39.19 57.13
C PRO J 271 -69.33 -40.03 57.30
N GLY J 272 -68.26 -39.38 57.77
CA GLY J 272 -66.99 -40.04 57.99
C GLY J 272 -66.16 -40.25 56.74
N HIS J 273 -66.59 -39.75 55.60
CA HIS J 273 -65.91 -39.95 54.34
C HIS J 273 -65.59 -38.60 53.70
N HIS J 274 -64.68 -38.63 52.72
CA HIS J 274 -64.22 -37.42 52.05
C HIS J 274 -64.56 -37.38 50.58
N SER J 275 -65.01 -38.47 49.98
CA SER J 275 -65.37 -38.49 48.57
C SER J 275 -66.22 -39.72 48.31
N VAL J 276 -66.70 -39.84 47.08
CA VAL J 276 -67.46 -41.01 46.65
C VAL J 276 -66.86 -41.53 45.36
N THR J 277 -66.75 -42.86 45.25
CA THR J 277 -66.28 -43.49 44.03
C THR J 277 -67.34 -44.46 43.52
N GLY J 278 -67.81 -44.22 42.30
CA GLY J 278 -68.73 -45.13 41.64
C GLY J 278 -67.99 -46.14 40.79
N ARG J 279 -68.09 -47.41 41.17
CA ARG J 279 -67.39 -48.50 40.51
C ARG J 279 -68.16 -48.97 39.28
N PRO J 280 -67.48 -49.61 38.32
CA PRO J 280 -68.19 -50.26 37.23
C PRO J 280 -69.06 -51.38 37.76
N SER J 281 -70.18 -51.61 37.09
CA SER J 281 -71.11 -52.66 37.51
C SER J 281 -71.78 -53.25 36.27
N VAL J 282 -72.19 -54.51 36.41
CA VAL J 282 -72.89 -55.19 35.31
C VAL J 282 -74.22 -54.53 35.01
N ASN J 283 -74.82 -53.87 36.00
CA ASN J 283 -76.10 -53.18 35.83
C ASN J 283 -75.97 -51.71 36.19
N GLY J 284 -74.78 -51.14 36.04
CA GLY J 284 -74.54 -49.76 36.40
C GLY J 284 -73.50 -49.08 35.54
N LEU J 285 -72.59 -48.35 36.19
CA LEU J 285 -71.57 -47.60 35.46
C LEU J 285 -70.71 -48.52 34.61
N ALA J 286 -70.37 -48.05 33.41
CA ALA J 286 -69.40 -48.77 32.59
C ALA J 286 -67.97 -48.49 33.02
N LEU J 287 -67.71 -47.32 33.57
CA LEU J 287 -66.36 -46.91 33.94
C LEU J 287 -66.40 -46.23 35.30
N ALA J 288 -65.26 -46.23 35.98
CA ALA J 288 -65.18 -45.66 37.32
C ALA J 288 -65.31 -44.15 37.29
N GLU J 289 -65.96 -43.61 38.32
CA GLU J 289 -66.11 -42.17 38.49
C GLU J 289 -65.74 -41.79 39.91
N TYR J 290 -65.18 -40.60 40.08
CA TYR J 290 -64.83 -40.06 41.39
C TYR J 290 -65.54 -38.73 41.57
N VAL J 291 -66.09 -38.51 42.75
CA VAL J 291 -66.87 -37.31 43.03
C VAL J 291 -66.39 -36.74 44.35
N ILE J 292 -66.09 -35.44 44.34
CA ILE J 292 -65.74 -34.72 45.56
C ILE J 292 -66.72 -33.56 45.71
N TYR J 293 -67.06 -33.25 46.96
CA TYR J 293 -68.05 -32.22 47.25
C TYR J 293 -67.43 -30.98 47.89
N ARG J 294 -66.12 -30.80 47.72
CA ARG J 294 -65.42 -29.64 48.25
C ARG J 294 -64.50 -29.16 47.14
N GLY J 295 -64.63 -27.90 46.74
CA GLY J 295 -63.83 -27.39 45.64
C GLY J 295 -62.35 -27.39 45.94
N GLU J 296 -61.97 -27.21 47.21
CA GLU J 296 -60.58 -27.11 47.60
C GLU J 296 -59.82 -28.42 47.50
N GLN J 297 -60.48 -29.54 47.27
CA GLN J 297 -59.79 -30.83 47.28
C GLN J 297 -59.20 -31.21 45.92
N ALA J 298 -59.29 -30.35 44.92
CA ALA J 298 -58.68 -30.60 43.64
C ALA J 298 -57.87 -29.39 43.18
N TYR J 299 -56.78 -29.66 42.49
CA TYR J 299 -55.95 -28.62 41.89
C TYR J 299 -55.67 -29.00 40.45
N PRO J 300 -55.93 -28.10 39.48
CA PRO J 300 -55.82 -28.46 38.05
C PRO J 300 -54.41 -28.34 37.50
N GLU J 301 -53.61 -29.41 37.66
CA GLU J 301 -52.17 -29.28 37.45
C GLU J 301 -51.83 -29.06 35.98
N TYR J 302 -52.40 -29.86 35.08
CA TYR J 302 -52.10 -29.80 33.66
C TYR J 302 -53.33 -29.43 32.86
N LEU J 303 -53.13 -28.57 31.87
CA LEU J 303 -54.18 -28.17 30.93
C LEU J 303 -53.79 -28.71 29.56
N ILE J 304 -54.66 -29.54 28.98
CA ILE J 304 -54.35 -30.26 27.75
C ILE J 304 -55.25 -29.71 26.65
N THR J 305 -54.65 -29.38 25.52
CA THR J 305 -55.38 -28.97 24.32
C THR J 305 -55.20 -30.05 23.25
N TYR J 306 -56.28 -30.44 22.59
CA TYR J 306 -56.20 -31.59 21.71
C TYR J 306 -57.34 -31.57 20.71
N GLN J 307 -57.21 -32.43 19.72
CA GLN J 307 -58.27 -32.80 18.79
C GLN J 307 -58.53 -34.29 18.94
N ILE J 308 -59.71 -34.74 18.52
CA ILE J 308 -59.95 -36.17 18.39
C ILE J 308 -59.63 -36.62 16.97
N MET J 309 -59.33 -37.91 16.83
CA MET J 309 -59.08 -38.51 15.54
C MET J 309 -59.83 -39.84 15.41
N ASP K 26 3.91 -15.63 72.34
CA ASP K 26 3.85 -14.37 73.07
C ASP K 26 4.76 -13.34 72.42
N PHE K 27 5.90 -13.78 71.91
CA PHE K 27 6.92 -12.86 71.46
C PHE K 27 6.90 -12.59 69.96
N SER K 28 6.58 -13.58 69.13
CA SER K 28 6.48 -13.30 67.71
C SER K 28 5.42 -12.25 67.45
N ILE K 29 4.25 -12.40 68.08
CA ILE K 29 3.17 -11.43 67.91
C ILE K 29 3.58 -10.08 68.48
N THR K 30 4.34 -10.09 69.57
CA THR K 30 4.80 -8.84 70.18
C THR K 30 5.72 -8.07 69.25
N GLN K 31 6.72 -8.76 68.69
CA GLN K 31 7.61 -8.09 67.75
C GLN K 31 6.86 -7.62 66.52
N PHE K 32 5.97 -8.45 65.99
CA PHE K 32 5.22 -8.07 64.82
C PHE K 32 4.41 -6.80 65.06
N VAL K 33 3.71 -6.74 66.20
CA VAL K 33 2.88 -5.59 66.52
C VAL K 33 3.75 -4.36 66.80
N ARG K 34 4.93 -4.57 67.40
CA ARG K 34 5.81 -3.44 67.66
C ARG K 34 6.37 -2.83 66.38
N ASN K 35 6.78 -3.66 65.43
CA ASN K 35 7.30 -3.13 64.18
C ASN K 35 6.29 -2.25 63.47
N LEU K 36 5.00 -2.51 63.67
CA LEU K 36 3.94 -1.71 63.06
C LEU K 36 3.59 -0.47 63.87
N GLY K 37 4.17 -0.29 65.04
CA GLY K 37 3.81 0.85 65.87
C GLY K 37 2.47 0.74 66.55
N LEU K 38 1.98 -0.48 66.77
CA LEU K 38 0.68 -0.73 67.36
C LEU K 38 0.78 -1.44 68.71
N GLU K 39 1.76 -1.06 69.53
CA GLU K 39 1.98 -1.77 70.78
C GLU K 39 0.81 -1.61 71.74
N HIS K 40 0.10 -0.49 71.67
CA HIS K 40 -1.00 -0.26 72.60
C HIS K 40 -2.12 -1.27 72.44
N LEU K 41 -2.18 -1.98 71.32
CA LEU K 41 -3.17 -3.03 71.13
C LEU K 41 -2.78 -4.34 71.80
N MET K 42 -1.53 -4.46 72.23
CA MET K 42 -1.06 -5.76 72.72
C MET K 42 -1.93 -6.30 73.84
N ASP K 43 -2.42 -5.44 74.72
CA ASP K 43 -3.25 -5.95 75.81
C ASP K 43 -4.43 -6.76 75.28
N ILE K 44 -5.11 -6.26 74.25
CA ILE K 44 -6.20 -7.04 73.64
C ILE K 44 -5.68 -8.38 73.17
N PHE K 45 -4.59 -8.38 72.40
CA PHE K 45 -4.06 -9.64 71.91
C PHE K 45 -3.71 -10.59 73.05
N GLU K 46 -3.41 -10.06 74.24
CA GLU K 46 -3.10 -10.93 75.35
C GLU K 46 -4.35 -11.57 75.92
N ARG K 47 -5.45 -10.80 76.01
CA ARG K 47 -6.67 -11.35 76.57
C ARG K 47 -7.29 -12.39 75.65
N GLU K 48 -7.24 -12.16 74.34
CA GLU K 48 -7.85 -13.05 73.37
C GLU K 48 -6.93 -14.18 72.94
N GLN K 49 -5.71 -14.25 73.45
CA GLN K 49 -4.77 -15.31 73.11
C GLN K 49 -4.48 -15.34 71.62
N ILE K 50 -4.37 -14.17 71.01
CA ILE K 50 -4.05 -14.07 69.58
C ILE K 50 -2.54 -14.29 69.45
N THR K 51 -2.15 -15.44 68.92
CA THR K 51 -0.78 -15.66 68.51
C THR K 51 -0.61 -15.23 67.05
N LEU K 52 0.64 -15.20 66.60
CA LEU K 52 0.87 -14.79 65.22
C LEU K 52 0.24 -15.75 64.22
N ASP K 53 0.27 -17.06 64.52
CA ASP K 53 -0.36 -18.03 63.62
C ASP K 53 -1.87 -17.86 63.54
N VAL K 54 -2.50 -17.44 64.64
CA VAL K 54 -3.92 -17.08 64.58
C VAL K 54 -4.10 -15.79 63.81
N LEU K 55 -3.24 -14.80 64.05
CA LEU K 55 -3.42 -13.49 63.46
C LEU K 55 -3.32 -13.54 61.94
N VAL K 56 -2.45 -14.38 61.40
CA VAL K 56 -2.30 -14.45 59.95
C VAL K 56 -3.57 -14.94 59.25
N GLU K 57 -4.58 -15.40 60.01
CA GLU K 57 -5.81 -15.91 59.44
C GLU K 57 -7.02 -15.03 59.71
N MET K 58 -6.83 -13.84 60.27
CA MET K 58 -7.92 -12.96 60.64
C MET K 58 -8.03 -11.83 59.63
N GLY K 59 -9.27 -11.49 59.25
CA GLY K 59 -9.55 -10.37 58.40
C GLY K 59 -10.25 -9.25 59.15
N HIS K 60 -10.88 -8.37 58.38
CA HIS K 60 -11.57 -7.24 59.00
C HIS K 60 -12.67 -7.72 59.93
N LYS K 61 -13.38 -8.78 59.54
CA LYS K 61 -14.49 -9.29 60.35
C LYS K 61 -13.99 -9.81 61.70
N GLU K 62 -13.01 -10.70 61.67
CA GLU K 62 -12.50 -11.27 62.92
C GLU K 62 -11.84 -10.21 63.80
N LEU K 63 -11.07 -9.32 63.19
CA LEU K 63 -10.42 -8.26 63.97
C LEU K 63 -11.45 -7.35 64.61
N LYS K 64 -12.51 -7.00 63.88
CA LYS K 64 -13.57 -6.20 64.46
C LYS K 64 -14.27 -6.95 65.59
N GLU K 65 -14.35 -8.28 65.50
CA GLU K 65 -14.98 -9.05 66.56
C GLU K 65 -14.23 -8.92 67.88
N ILE K 66 -12.90 -9.04 67.85
CA ILE K 66 -12.13 -9.04 69.10
C ILE K 66 -11.91 -7.66 69.67
N GLY K 67 -12.32 -6.61 68.96
CA GLY K 67 -12.30 -5.27 69.49
C GLY K 67 -11.32 -4.32 68.87
N ILE K 68 -10.74 -4.65 67.72
CA ILE K 68 -9.97 -3.69 66.95
C ILE K 68 -10.96 -2.88 66.14
N ASN K 69 -11.39 -1.74 66.69
CA ASN K 69 -12.54 -1.04 66.14
C ASN K 69 -12.17 -0.07 65.03
N ALA K 70 -10.99 0.55 65.12
CA ALA K 70 -10.56 1.52 64.13
C ALA K 70 -10.18 0.82 62.84
N TYR K 71 -10.61 1.39 61.70
CA TYR K 71 -10.29 0.81 60.42
C TYR K 71 -8.79 0.87 60.14
N GLY K 72 -8.13 1.96 60.55
CA GLY K 72 -6.72 2.10 60.28
C GLY K 72 -5.87 1.01 60.90
N HIS K 73 -6.17 0.63 62.14
CA HIS K 73 -5.42 -0.42 62.80
C HIS K 73 -5.59 -1.75 62.09
N ARG K 74 -6.82 -2.08 61.70
CA ARG K 74 -7.07 -3.32 60.99
C ARG K 74 -6.35 -3.31 59.65
N HIS K 75 -6.37 -2.18 58.95
CA HIS K 75 -5.67 -2.07 57.67
C HIS K 75 -4.18 -2.31 57.85
N LYS K 76 -3.59 -1.71 58.88
CA LYS K 76 -2.16 -1.91 59.11
C LYS K 76 -1.84 -3.37 59.42
N LEU K 77 -2.65 -4.00 60.26
CA LEU K 77 -2.40 -5.39 60.61
C LEU K 77 -2.52 -6.30 59.39
N ILE K 78 -3.55 -6.09 58.58
CA ILE K 78 -3.76 -6.95 57.42
C ILE K 78 -2.66 -6.75 56.38
N LYS K 79 -2.21 -5.50 56.19
CA LYS K 79 -1.12 -5.27 55.26
C LYS K 79 0.19 -5.85 55.78
N GLY K 80 0.42 -5.79 57.09
CA GLY K 80 1.59 -6.44 57.65
C GLY K 80 1.57 -7.94 57.47
N VAL K 81 0.42 -8.56 57.69
CA VAL K 81 0.29 -9.99 57.48
C VAL K 81 0.54 -10.34 56.03
N GLU K 82 0.02 -9.52 55.11
CA GLU K 82 0.30 -9.74 53.69
C GLU K 82 1.80 -9.64 53.42
N ARG K 83 2.45 -8.59 53.90
CA ARG K 83 3.86 -8.39 53.67
C ARG K 83 4.71 -9.49 54.27
N LEU K 84 4.19 -10.22 55.26
CA LEU K 84 4.92 -11.34 55.83
C LEU K 84 4.66 -12.64 55.06
N ILE K 85 3.40 -12.91 54.75
CA ILE K 85 3.03 -14.22 54.22
C ILE K 85 3.29 -14.30 52.71
N SER K 86 2.90 -13.29 51.95
CA SER K 86 3.10 -13.31 50.51
C SER K 86 4.41 -12.64 50.12
N GLY K 87 4.80 -11.59 50.84
CA GLY K 87 5.98 -10.82 50.47
C GLY K 87 7.28 -11.54 50.70
N GLN K 88 7.31 -12.54 51.57
CA GLN K 88 8.50 -13.32 51.84
C GLN K 88 8.24 -14.80 51.62
N GLN K 89 7.38 -15.10 50.64
CA GLN K 89 6.88 -16.47 50.48
C GLN K 89 8.02 -17.47 50.28
N GLY K 90 9.17 -17.01 49.78
CA GLY K 90 10.30 -17.91 49.61
C GLY K 90 10.86 -18.43 50.90
N LEU K 91 10.68 -17.69 52.00
CA LEU K 91 11.06 -18.18 53.32
C LEU K 91 10.03 -19.13 53.90
N ASN K 92 8.83 -19.17 53.35
CA ASN K 92 7.76 -20.04 53.79
C ASN K 92 7.44 -19.87 55.28
N PRO K 93 7.22 -18.64 55.74
CA PRO K 93 6.84 -18.45 57.14
C PRO K 93 5.49 -19.07 57.47
N TYR K 94 4.59 -19.16 56.49
CA TYR K 94 3.27 -19.73 56.73
C TYR K 94 3.38 -21.17 57.21
N LEU K 95 4.31 -21.94 56.67
CA LEU K 95 4.49 -23.32 57.07
C LEU K 95 5.13 -23.44 58.45
N THR K 96 6.02 -22.52 58.80
CA THR K 96 6.58 -22.51 60.16
C THR K 96 5.49 -22.25 61.19
N LEU K 97 4.57 -21.35 60.87
CA LEU K 97 3.53 -20.99 61.83
C LEU K 97 2.52 -22.11 62.00
N ASN K 98 2.05 -22.68 60.90
CA ASN K 98 0.98 -23.68 60.95
C ASN K 98 1.52 -25.10 61.08
N THR K 99 2.32 -25.37 62.10
CA THR K 99 2.66 -26.74 62.44
C THR K 99 1.69 -27.31 63.47
N SER K 100 1.06 -26.45 64.27
CA SER K 100 0.13 -26.91 65.29
C SER K 100 -1.12 -27.50 64.65
N GLY K 101 -1.69 -28.50 65.32
CA GLY K 101 -2.85 -29.20 64.83
C GLY K 101 -2.56 -30.37 63.92
N SER K 102 -1.46 -30.34 63.17
CA SER K 102 -1.11 -31.45 62.32
C SER K 102 -0.77 -32.67 63.18
N GLY K 103 -0.88 -33.85 62.57
CA GLY K 103 -0.68 -35.10 63.27
C GLY K 103 -1.91 -35.99 63.20
N THR K 104 -1.70 -37.24 63.61
CA THR K 104 -2.72 -38.26 63.47
C THR K 104 -3.62 -38.30 64.69
N ILE K 105 -4.90 -38.58 64.48
CA ILE K 105 -5.80 -38.93 65.58
C ILE K 105 -6.47 -40.25 65.23
N LEU K 106 -6.90 -40.94 66.27
CA LEU K 106 -7.56 -42.24 66.15
C LEU K 106 -8.98 -42.10 66.71
N ILE K 107 -9.97 -42.48 65.92
CA ILE K 107 -11.37 -42.38 66.32
C ILE K 107 -11.92 -43.79 66.45
N ASP K 108 -12.40 -44.13 67.64
CA ASP K 108 -12.90 -45.48 67.89
C ASP K 108 -14.23 -45.69 67.17
N LEU K 109 -14.37 -46.85 66.53
CA LEU K 109 -15.67 -47.27 66.02
C LEU K 109 -16.42 -48.03 67.10
N SER K 110 -17.72 -47.80 67.17
CA SER K 110 -18.55 -48.52 68.13
C SER K 110 -18.86 -49.92 67.62
N PRO K 111 -18.87 -50.93 68.49
CA PRO K 111 -19.21 -52.28 68.03
C PRO K 111 -20.60 -52.40 67.47
N ASP K 112 -21.47 -51.45 67.82
CA ASP K 112 -22.85 -51.47 67.36
C ASP K 112 -23.02 -50.88 65.96
N ASP K 113 -21.99 -50.27 65.41
CA ASP K 113 -22.08 -49.63 64.11
C ASP K 113 -21.97 -50.65 62.99
N LYS K 114 -22.54 -50.30 61.84
CA LYS K 114 -22.40 -51.16 60.67
C LYS K 114 -21.01 -51.08 60.06
N GLU K 115 -20.30 -49.97 60.27
CA GLU K 115 -18.92 -49.88 59.81
C GLU K 115 -18.03 -50.85 60.58
N PHE K 116 -18.14 -50.87 61.90
CA PHE K 116 -17.42 -51.84 62.72
C PHE K 116 -17.75 -53.26 62.27
N GLN K 117 -19.04 -53.52 62.06
CA GLN K 117 -19.48 -54.88 61.71
C GLN K 117 -18.98 -55.29 60.34
N SER K 118 -18.94 -54.38 59.37
CA SER K 118 -18.43 -54.71 58.06
C SER K 118 -16.92 -54.95 58.08
N VAL K 119 -16.17 -54.14 58.82
CA VAL K 119 -14.73 -54.37 58.91
C VAL K 119 -14.46 -55.70 59.62
N GLU K 120 -15.24 -56.02 60.64
CA GLU K 120 -15.06 -57.29 61.34
C GLU K 120 -15.46 -58.47 60.45
N GLU K 121 -16.50 -58.31 59.65
CA GLU K 121 -16.89 -59.36 58.72
C GLU K 121 -15.80 -59.59 57.68
N GLU K 122 -15.19 -58.50 57.19
CA GLU K 122 -14.08 -58.64 56.26
C GLU K 122 -12.89 -59.32 56.91
N MET K 123 -12.63 -59.02 58.19
CA MET K 123 -11.58 -59.73 58.92
C MET K 123 -11.88 -61.22 59.02
N GLN K 124 -13.09 -61.57 59.47
CA GLN K 124 -13.38 -62.95 59.85
C GLN K 124 -13.60 -63.84 58.62
N SER K 125 -14.24 -63.31 57.57
CA SER K 125 -14.55 -64.13 56.40
C SER K 125 -13.32 -64.43 55.55
N THR K 126 -12.19 -63.78 55.82
CA THR K 126 -10.99 -63.93 55.00
C THR K 126 -9.90 -64.71 55.72
N VAL K 127 -10.24 -65.40 56.80
CA VAL K 127 -9.31 -66.34 57.40
C VAL K 127 -9.21 -67.58 56.52
N ARG K 128 -7.99 -68.05 56.30
CA ARG K 128 -7.72 -69.16 55.39
C ARG K 128 -6.74 -70.13 56.02
N GLU K 129 -6.75 -71.36 55.49
CA GLU K 129 -5.82 -72.40 55.93
C GLU K 129 -4.48 -72.19 55.22
N HIS K 130 -3.45 -71.87 55.98
CA HIS K 130 -2.14 -71.62 55.38
C HIS K 130 -1.31 -72.91 55.38
N ARG K 131 -0.27 -72.92 54.55
CA ARG K 131 0.51 -74.14 54.36
C ARG K 131 1.21 -74.56 55.65
N ASP K 132 1.88 -73.64 56.32
CA ASP K 132 2.53 -73.96 57.57
C ASP K 132 1.49 -74.20 58.66
N GLY K 133 1.81 -75.09 59.59
CA GLY K 133 0.89 -75.43 60.65
C GLY K 133 0.79 -74.32 61.69
N GLY K 134 0.51 -73.11 61.24
CA GLY K 134 0.44 -71.98 62.15
C GLY K 134 1.76 -71.61 62.77
N HIS K 135 2.88 -71.88 62.09
CA HIS K 135 4.16 -71.48 62.64
C HIS K 135 4.31 -69.97 62.66
N ALA K 136 3.90 -69.30 61.57
CA ALA K 136 4.11 -67.86 61.47
C ALA K 136 3.00 -67.08 62.14
N GLY K 137 1.76 -67.31 61.72
CA GLY K 137 0.63 -66.58 62.27
C GLY K 137 -0.07 -67.24 63.43
N GLY K 138 0.20 -68.51 63.68
CA GLY K 138 -0.46 -69.25 64.74
C GLY K 138 -1.50 -70.21 64.22
N ILE K 139 -2.11 -70.93 65.16
CA ILE K 139 -3.17 -71.89 64.87
C ILE K 139 -4.47 -71.26 65.37
N PHE K 140 -5.38 -70.95 64.45
CA PHE K 140 -6.61 -70.27 64.82
C PHE K 140 -7.60 -70.36 63.66
N ASN K 141 -8.86 -70.06 63.96
CA ASN K 141 -9.93 -69.98 62.97
C ASN K 141 -10.69 -68.66 63.01
N ARG K 142 -10.69 -67.96 64.13
CA ARG K 142 -11.45 -66.74 64.31
C ARG K 142 -10.61 -65.77 65.11
N TYR K 143 -10.98 -64.49 65.04
CA TYR K 143 -10.37 -63.47 65.87
C TYR K 143 -11.36 -62.98 66.91
N ASN K 144 -10.82 -62.49 68.01
CA ASN K 144 -11.56 -61.69 68.97
C ASN K 144 -11.17 -60.23 68.73
N ILE K 145 -12.09 -59.45 68.17
CA ILE K 145 -11.82 -58.06 67.85
C ILE K 145 -12.04 -57.24 69.12
N LEU K 146 -11.02 -56.47 69.50
CA LEU K 146 -11.11 -55.64 70.70
C LEU K 146 -11.53 -54.21 70.36
N LYS K 147 -10.91 -53.61 69.35
CA LYS K 147 -11.32 -52.28 68.92
C LYS K 147 -10.83 -52.05 67.50
N ILE K 148 -11.56 -51.19 66.79
CA ILE K 148 -11.20 -50.77 65.44
C ILE K 148 -11.20 -49.24 65.45
N GLN K 149 -10.16 -48.65 64.86
CA GLN K 149 -9.94 -47.22 64.94
C GLN K 149 -9.72 -46.62 63.56
N LYS K 150 -10.47 -45.57 63.26
CA LYS K 150 -10.25 -44.78 62.06
C LYS K 150 -9.05 -43.88 62.26
N VAL K 151 -8.08 -43.98 61.35
CA VAL K 151 -6.87 -43.17 61.39
C VAL K 151 -7.10 -41.91 60.56
N CYS K 152 -6.91 -40.75 61.15
CA CYS K 152 -7.13 -39.48 60.47
C CYS K 152 -5.87 -38.64 60.52
N ASN K 153 -5.36 -38.28 59.35
CA ASN K 153 -4.16 -37.46 59.24
C ASN K 153 -4.31 -36.65 57.96
N LYS K 154 -4.43 -35.33 58.09
CA LYS K 154 -4.64 -34.47 56.93
C LYS K 154 -3.48 -34.57 55.94
N LYS K 155 -2.24 -34.50 56.44
CA LYS K 155 -1.09 -34.45 55.54
C LYS K 155 -0.96 -35.72 54.73
N LEU K 156 -1.04 -36.88 55.39
CA LEU K 156 -0.91 -38.15 54.69
C LEU K 156 -2.07 -38.36 53.72
N TRP K 157 -3.27 -37.93 54.12
CA TRP K 157 -4.43 -38.06 53.25
C TRP K 157 -4.26 -37.25 51.96
N GLU K 158 -3.77 -36.00 52.08
CA GLU K 158 -3.57 -35.20 50.89
C GLU K 158 -2.44 -35.74 50.02
N ARG K 159 -1.40 -36.29 50.63
CA ARG K 159 -0.36 -36.97 49.86
C ARG K 159 -0.95 -38.14 49.06
N TYR K 160 -1.74 -38.98 49.71
CA TYR K 160 -2.35 -40.12 49.06
C TYR K 160 -3.29 -39.70 47.93
N THR K 161 -4.11 -38.67 48.17
CA THR K 161 -5.07 -38.29 47.14
C THR K 161 -4.39 -37.62 45.96
N HIS K 162 -3.31 -36.87 46.19
CA HIS K 162 -2.57 -36.33 45.07
C HIS K 162 -2.01 -37.45 44.21
N ARG K 163 -1.44 -38.49 44.84
CA ARG K 163 -0.94 -39.61 44.06
C ARG K 163 -2.07 -40.36 43.35
N ARG K 164 -3.22 -40.52 44.01
CA ARG K 164 -4.35 -41.21 43.40
C ARG K 164 -4.85 -40.48 42.15
N LYS K 165 -4.97 -39.16 42.25
CA LYS K 165 -5.31 -38.35 41.08
C LYS K 165 -4.26 -38.51 39.99
N GLU K 166 -2.97 -38.49 40.35
CA GLU K 166 -1.93 -38.69 39.36
C GLU K 166 -2.12 -40.00 38.62
N VAL K 167 -2.34 -41.08 39.37
CA VAL K 167 -2.41 -42.41 38.77
C VAL K 167 -3.65 -42.56 37.91
N SER K 168 -4.77 -41.96 38.31
CA SER K 168 -5.99 -42.05 37.51
C SER K 168 -5.95 -41.14 36.29
N GLU K 169 -5.16 -40.08 36.28
CA GLU K 169 -4.94 -39.34 35.04
C GLU K 169 -4.41 -40.26 33.94
N GLU K 170 -3.42 -41.09 34.28
CA GLU K 170 -3.13 -42.27 33.49
C GLU K 170 -4.25 -43.29 33.71
N ASN K 171 -4.16 -44.45 33.09
CA ASN K 171 -5.13 -45.51 33.35
C ASN K 171 -6.56 -44.98 33.22
N HIS K 172 -6.84 -44.36 32.07
CA HIS K 172 -8.20 -44.02 31.61
C HIS K 172 -9.14 -43.62 32.76
N ASN K 173 -8.68 -42.68 33.58
CA ASN K 173 -9.50 -42.03 34.59
C ASN K 173 -9.93 -42.97 35.71
N HIS K 174 -9.24 -44.08 35.88
CA HIS K 174 -9.60 -45.08 36.89
C HIS K 174 -8.41 -45.31 37.80
N ALA K 175 -8.62 -45.07 39.10
CA ALA K 175 -7.56 -45.29 40.08
C ALA K 175 -7.36 -46.76 40.41
N ASN K 176 -8.40 -47.57 40.30
CA ASN K 176 -8.34 -48.99 40.67
C ASN K 176 -7.98 -49.13 42.15
N GLU K 177 -8.86 -48.59 43.00
CA GLU K 177 -8.63 -48.49 44.43
C GLU K 177 -9.19 -49.72 45.13
N ARG K 178 -8.37 -50.34 45.98
CA ARG K 178 -8.74 -51.52 46.74
C ARG K 178 -8.61 -51.25 48.24
N MET K 179 -9.25 -52.09 49.05
CA MET K 179 -8.98 -52.13 50.48
C MET K 179 -8.30 -53.46 50.81
N LEU K 180 -7.13 -53.40 51.42
CA LEU K 180 -6.32 -54.59 51.64
C LEU K 180 -5.70 -54.55 53.03
N PHE K 181 -5.25 -55.71 53.50
CA PHE K 181 -4.63 -55.83 54.81
C PHE K 181 -3.11 -55.68 54.72
N HIS K 182 -2.52 -55.12 55.78
CA HIS K 182 -1.08 -55.01 55.92
C HIS K 182 -0.69 -55.33 57.35
N GLY K 183 0.38 -56.09 57.49
CA GLY K 183 0.88 -56.53 58.78
C GLY K 183 2.36 -56.30 58.92
N SER K 184 2.77 -55.72 60.04
CA SER K 184 4.15 -55.30 60.25
C SER K 184 4.35 -54.90 61.70
N PRO K 185 5.57 -54.98 62.23
CA PRO K 185 5.81 -54.53 63.61
C PRO K 185 5.93 -53.02 63.76
N PHE K 186 5.93 -52.26 62.68
CA PHE K 186 6.12 -50.81 62.73
C PHE K 186 4.84 -50.04 62.42
N VAL K 187 3.68 -50.58 62.80
CA VAL K 187 2.41 -49.91 62.49
C VAL K 187 2.35 -48.53 63.14
N ASN K 188 2.91 -48.39 64.33
CA ASN K 188 2.86 -47.10 65.01
C ASN K 188 3.60 -46.03 64.22
N ALA K 189 4.74 -46.38 63.64
CA ALA K 189 5.45 -45.46 62.78
C ALA K 189 4.62 -45.12 61.55
N ILE K 190 3.93 -46.11 60.99
CA ILE K 190 3.18 -45.89 59.75
C ILE K 190 2.03 -44.91 59.99
N ILE K 191 1.25 -45.12 61.05
CA ILE K 191 0.04 -44.33 61.21
C ILE K 191 0.38 -42.87 61.46
N HIS K 192 1.59 -42.56 61.88
CA HIS K 192 2.02 -41.19 62.14
C HIS K 192 2.80 -40.59 60.98
N LYS K 193 3.63 -41.38 60.32
CA LYS K 193 4.48 -40.90 59.25
C LYS K 193 4.08 -41.43 57.88
N GLY K 194 3.13 -42.36 57.81
CA GLY K 194 2.69 -42.91 56.56
C GLY K 194 3.55 -44.07 56.11
N PHE K 195 3.13 -44.71 55.02
CA PHE K 195 3.94 -45.75 54.41
C PHE K 195 5.16 -45.12 53.75
N ASP K 196 6.26 -45.87 53.77
CA ASP K 196 7.54 -45.36 53.29
C ASP K 196 8.24 -46.49 52.55
N GLU K 197 8.49 -46.30 51.26
CA GLU K 197 9.20 -47.33 50.50
C GLU K 197 10.68 -47.37 50.82
N ARG K 198 11.18 -46.38 51.57
CA ARG K 198 12.56 -46.41 52.04
C ARG K 198 12.75 -47.36 53.21
N HIS K 199 11.67 -47.96 53.72
CA HIS K 199 11.73 -49.04 54.70
C HIS K 199 11.21 -50.35 54.12
N ALA K 200 11.36 -50.55 52.81
CA ALA K 200 10.59 -51.56 52.11
C ALA K 200 11.10 -52.97 52.38
N TYR K 201 10.29 -53.95 51.99
CA TYR K 201 10.58 -55.37 52.19
C TYR K 201 11.40 -55.88 50.99
N ILE K 202 12.70 -55.60 51.04
CA ILE K 202 13.58 -55.88 49.92
C ILE K 202 13.74 -57.37 49.64
N GLY K 203 13.53 -58.22 50.65
CA GLY K 203 13.70 -59.65 50.49
C GLY K 203 12.46 -60.41 50.06
N GLY K 204 11.36 -59.70 49.78
CA GLY K 204 10.11 -60.37 49.47
C GLY K 204 10.17 -61.13 48.16
N MET K 205 9.07 -61.83 47.87
CA MET K 205 8.97 -62.58 46.63
C MET K 205 8.95 -61.68 45.40
N PHE K 206 8.57 -60.42 45.55
CA PHE K 206 8.47 -59.50 44.42
C PHE K 206 9.25 -58.21 44.66
N GLY K 207 10.45 -58.31 45.23
CA GLY K 207 11.30 -57.14 45.30
C GLY K 207 11.01 -56.25 46.50
N ALA K 208 11.51 -55.02 46.39
CA ALA K 208 11.53 -54.06 47.51
C ALA K 208 10.30 -53.16 47.44
N GLY K 209 9.22 -53.64 48.03
CA GLY K 209 7.97 -52.90 48.03
C GLY K 209 7.17 -53.09 49.28
N ILE K 210 5.95 -52.57 49.27
CA ILE K 210 5.00 -52.71 50.37
C ILE K 210 3.96 -53.74 49.96
N TYR K 211 3.73 -54.72 50.82
CA TYR K 211 2.94 -55.90 50.50
C TYR K 211 1.59 -55.85 51.20
N PHE K 212 0.55 -56.23 50.48
CA PHE K 212 -0.83 -56.24 50.95
C PHE K 212 -1.48 -57.55 50.58
N ALA K 213 -2.39 -58.01 51.43
CA ALA K 213 -3.02 -59.30 51.29
C ALA K 213 -4.53 -59.11 51.24
N GLU K 214 -5.19 -59.93 50.43
CA GLU K 214 -6.65 -59.96 50.45
C GLU K 214 -7.17 -60.68 51.69
N ASN K 215 -6.41 -61.65 52.18
CA ASN K 215 -6.82 -62.48 53.30
C ASN K 215 -6.16 -61.93 54.57
N SER K 216 -6.98 -61.61 55.57
CA SER K 216 -6.42 -61.06 56.80
C SER K 216 -5.46 -62.03 57.45
N SER K 217 -5.74 -63.33 57.36
CA SER K 217 -4.88 -64.32 57.97
C SER K 217 -3.46 -64.27 57.41
N LYS K 218 -3.31 -63.84 56.15
CA LYS K 218 -1.97 -63.73 55.59
C LYS K 218 -1.23 -62.53 56.15
N SER K 219 -1.89 -61.38 56.25
CA SER K 219 -1.25 -60.23 56.91
C SER K 219 -0.91 -60.57 58.35
N ASN K 220 -1.71 -61.41 58.99
CA ASN K 220 -1.45 -61.82 60.36
C ASN K 220 -0.12 -62.53 60.50
N GLN K 221 0.40 -63.08 59.41
CA GLN K 221 1.68 -63.79 59.47
C GLN K 221 2.85 -62.85 59.66
N TYR K 222 2.66 -61.55 59.42
CA TYR K 222 3.76 -60.58 59.43
C TYR K 222 3.69 -59.59 60.57
N VAL K 223 2.75 -59.73 61.51
CA VAL K 223 2.59 -58.72 62.54
C VAL K 223 3.78 -58.69 63.50
N TYR K 224 4.52 -59.78 63.61
CA TYR K 224 5.71 -59.85 64.45
C TYR K 224 7.00 -59.97 63.64
N GLY K 225 6.92 -59.83 62.33
CA GLY K 225 8.09 -59.91 61.48
C GLY K 225 7.97 -61.04 60.46
N ILE K 226 9.03 -61.16 59.66
CA ILE K 226 9.04 -62.16 58.60
C ILE K 226 9.00 -63.55 59.21
N GLY K 227 8.10 -64.39 58.70
CA GLY K 227 7.94 -65.72 59.24
C GLY K 227 7.43 -65.75 60.67
N GLY K 228 6.91 -64.63 61.17
CA GLY K 228 6.43 -64.54 62.52
C GLY K 228 7.45 -64.06 63.53
N GLY K 229 8.71 -63.92 63.14
CA GLY K 229 9.70 -63.40 64.07
C GLY K 229 9.79 -64.23 65.33
N THR K 230 9.98 -63.55 66.45
CA THR K 230 10.05 -64.21 67.75
C THR K 230 8.70 -64.25 68.46
N GLY K 231 7.64 -63.76 67.84
CA GLY K 231 6.33 -63.79 68.44
C GLY K 231 6.10 -62.60 69.36
N CYS K 232 5.16 -62.77 70.27
CA CYS K 232 4.86 -61.70 71.19
C CYS K 232 6.05 -61.43 72.09
N PRO K 233 6.43 -60.16 72.29
CA PRO K 233 7.58 -59.89 73.17
C PRO K 233 7.41 -60.42 74.57
N VAL K 234 6.19 -60.36 75.11
CA VAL K 234 5.98 -60.73 76.51
C VAL K 234 6.27 -62.21 76.72
N HIS K 235 5.73 -63.07 75.85
CA HIS K 235 5.89 -64.51 76.00
C HIS K 235 6.74 -65.14 74.91
N LYS K 236 7.18 -64.36 73.91
CA LYS K 236 8.04 -64.87 72.85
C LYS K 236 7.42 -66.08 72.16
N ASP K 237 6.10 -66.05 72.02
CA ASP K 237 5.35 -67.13 71.38
C ASP K 237 4.68 -66.58 70.13
N ARG K 238 4.86 -67.29 69.02
CA ARG K 238 4.27 -66.85 67.76
C ARG K 238 2.77 -67.16 67.69
N SER K 239 2.31 -68.17 68.42
CA SER K 239 0.89 -68.54 68.46
C SER K 239 0.22 -68.11 69.77
N CYS K 240 0.68 -67.02 70.38
CA CYS K 240 0.13 -66.57 71.65
C CYS K 240 -1.32 -66.16 71.47
N TYR K 241 -2.18 -66.63 72.37
CA TYR K 241 -3.59 -66.25 72.39
C TYR K 241 -3.89 -65.18 73.41
N ILE K 242 -2.88 -64.59 74.05
CA ILE K 242 -3.09 -63.63 75.11
C ILE K 242 -2.80 -62.22 74.63
N CYS K 243 -1.69 -62.02 73.91
CA CYS K 243 -1.23 -60.69 73.57
C CYS K 243 -2.05 -60.08 72.44
N HIS K 244 -2.23 -58.76 72.49
CA HIS K 244 -2.97 -58.07 71.45
C HIS K 244 -2.12 -57.90 70.21
N ARG K 245 -2.74 -58.07 69.05
CA ARG K 245 -2.11 -57.81 67.76
C ARG K 245 -2.74 -56.58 67.13
N GLN K 246 -2.14 -56.15 66.02
CA GLN K 246 -2.66 -55.01 65.28
C GLN K 246 -2.40 -55.18 63.79
N LEU K 247 -3.45 -55.00 63.00
CA LEU K 247 -3.39 -55.03 61.54
C LEU K 247 -3.85 -53.68 61.00
N LEU K 248 -3.39 -53.34 59.81
CA LEU K 248 -3.87 -52.17 59.11
C LEU K 248 -4.76 -52.59 57.96
N PHE K 249 -5.91 -51.95 57.84
CA PHE K 249 -6.82 -52.14 56.72
C PHE K 249 -6.76 -50.83 55.93
N CYS K 250 -6.33 -50.91 54.68
CA CYS K 250 -5.77 -49.75 53.99
C CYS K 250 -6.36 -49.59 52.60
N ARG K 251 -6.54 -48.33 52.21
CA ARG K 251 -6.76 -48.00 50.82
C ARG K 251 -5.46 -48.15 50.05
N VAL K 252 -5.51 -48.80 48.90
CA VAL K 252 -4.34 -48.93 48.03
C VAL K 252 -4.78 -48.60 46.62
N THR K 253 -4.16 -47.58 46.03
CA THR K 253 -4.35 -47.26 44.63
C THR K 253 -3.47 -48.20 43.82
N LEU K 254 -4.09 -49.08 43.04
CA LEU K 254 -3.32 -50.01 42.24
C LEU K 254 -3.01 -49.48 40.83
N GLY K 255 -3.88 -48.65 40.27
CA GLY K 255 -3.70 -48.24 38.89
C GLY K 255 -3.67 -49.42 37.96
N LYS K 256 -2.79 -49.37 36.97
CA LYS K 256 -2.57 -50.50 36.08
C LYS K 256 -1.64 -51.50 36.74
N SER K 257 -2.17 -52.68 37.05
CA SER K 257 -1.47 -53.66 37.87
C SER K 257 -0.85 -54.73 36.98
N PHE K 258 0.42 -55.00 37.21
CA PHE K 258 1.15 -56.01 36.43
C PHE K 258 0.90 -57.38 37.03
N LEU K 259 0.45 -58.32 36.21
CA LEU K 259 0.08 -59.65 36.67
C LEU K 259 1.31 -60.54 36.65
N GLN K 260 1.64 -61.15 37.78
CA GLN K 260 2.84 -61.96 37.89
C GLN K 260 2.53 -63.27 38.60
N PHE K 261 3.21 -64.34 38.17
CA PHE K 261 3.00 -65.67 38.73
C PHE K 261 4.23 -66.27 39.39
N SER K 262 5.42 -65.75 39.11
CA SER K 262 6.67 -66.29 39.66
C SER K 262 7.49 -65.17 40.28
N ALA K 263 8.37 -65.55 41.20
CA ALA K 263 9.16 -64.56 41.91
C ALA K 263 10.01 -63.75 40.94
N MET K 264 10.16 -62.46 41.24
CA MET K 264 11.00 -61.57 40.44
C MET K 264 11.34 -60.37 41.32
N LYS K 265 12.62 -60.19 41.65
CA LYS K 265 13.06 -59.18 42.59
C LYS K 265 13.20 -57.81 41.91
N MET K 266 12.08 -57.13 41.73
CA MET K 266 12.10 -55.84 41.07
C MET K 266 12.17 -54.70 42.09
N ALA K 267 12.94 -53.67 41.74
CA ALA K 267 13.08 -52.51 42.62
C ALA K 267 11.90 -51.55 42.51
N HIS K 268 11.32 -51.44 41.32
CA HIS K 268 10.26 -50.49 41.07
C HIS K 268 9.15 -51.24 40.32
N SER K 269 8.06 -50.52 40.04
CA SER K 269 7.01 -51.11 39.22
C SER K 269 7.58 -51.38 37.84
N PRO K 270 7.06 -52.37 37.12
CA PRO K 270 7.46 -52.51 35.72
C PRO K 270 7.00 -51.32 34.90
N PRO K 271 7.69 -50.99 33.82
CA PRO K 271 7.32 -49.81 33.04
C PRO K 271 5.87 -49.85 32.61
N GLY K 272 5.17 -48.72 32.77
CA GLY K 272 3.80 -48.60 32.38
C GLY K 272 2.78 -49.14 33.37
N HIS K 273 3.21 -49.63 34.52
CA HIS K 273 2.31 -50.18 35.53
C HIS K 273 2.54 -49.47 36.86
N HIS K 274 1.53 -49.52 37.72
CA HIS K 274 1.59 -48.84 39.00
C HIS K 274 1.52 -49.78 40.20
N SER K 275 1.42 -51.09 39.99
CA SER K 275 1.49 -52.05 41.07
C SER K 275 1.82 -53.41 40.47
N VAL K 276 2.02 -54.38 41.34
CA VAL K 276 2.19 -55.77 40.95
C VAL K 276 1.14 -56.59 41.69
N THR K 277 0.49 -57.50 40.98
CA THR K 277 -0.44 -58.46 41.56
C THR K 277 0.14 -59.84 41.37
N GLY K 278 0.53 -60.47 42.49
CA GLY K 278 0.99 -61.83 42.47
C GLY K 278 -0.17 -62.80 42.65
N ARG K 279 -0.56 -63.47 41.56
CA ARG K 279 -1.74 -64.29 41.56
C ARG K 279 -1.45 -65.69 42.11
N PRO K 280 -2.47 -66.37 42.63
CA PRO K 280 -2.25 -67.75 43.11
C PRO K 280 -1.86 -68.68 41.98
N SER K 281 -1.04 -69.68 42.32
CA SER K 281 -0.63 -70.70 41.38
C SER K 281 -0.41 -72.01 42.12
N VAL K 282 -0.55 -73.12 41.41
CA VAL K 282 -0.40 -74.44 42.03
C VAL K 282 1.01 -74.60 42.57
N ASN K 283 2.01 -74.25 41.77
CA ASN K 283 3.41 -74.33 42.17
C ASN K 283 3.94 -73.01 42.72
N GLY K 284 3.09 -72.00 42.86
CA GLY K 284 3.51 -70.71 43.34
C GLY K 284 2.72 -70.24 44.56
N LEU K 285 2.16 -69.04 44.48
CA LEU K 285 1.44 -68.48 45.62
C LEU K 285 0.21 -69.31 45.93
N ALA K 286 -0.01 -69.57 47.23
CA ALA K 286 -1.26 -70.17 47.66
C ALA K 286 -2.39 -69.15 47.67
N LEU K 287 -2.08 -67.89 47.98
CA LEU K 287 -3.08 -66.84 48.09
C LEU K 287 -2.52 -65.56 47.49
N ALA K 288 -3.42 -64.64 47.14
CA ALA K 288 -3.05 -63.50 46.32
C ALA K 288 -2.21 -62.48 47.09
N GLU K 289 -1.42 -61.71 46.35
CA GLU K 289 -0.56 -60.68 46.89
C GLU K 289 -0.67 -59.42 46.03
N TYR K 290 -0.52 -58.26 46.67
CA TYR K 290 -0.46 -57.00 45.95
C TYR K 290 0.74 -56.22 46.46
N VAL K 291 1.50 -55.60 45.57
CA VAL K 291 2.74 -54.93 45.93
C VAL K 291 2.77 -53.56 45.28
N ILE K 292 3.05 -52.54 46.08
CA ILE K 292 3.26 -51.19 45.55
C ILE K 292 4.70 -50.77 45.86
N TYR K 293 5.24 -49.89 45.02
CA TYR K 293 6.62 -49.47 45.14
C TYR K 293 6.77 -47.99 45.44
N ARG K 294 5.68 -47.29 45.73
CA ARG K 294 5.71 -45.91 46.19
C ARG K 294 4.85 -45.84 47.44
N GLY K 295 5.39 -45.24 48.50
CA GLY K 295 4.69 -45.25 49.78
C GLY K 295 3.43 -44.41 49.80
N GLU K 296 3.32 -43.46 48.88
CA GLU K 296 2.13 -42.62 48.84
C GLU K 296 1.00 -43.21 48.00
N GLN K 297 1.07 -44.49 47.63
CA GLN K 297 -0.05 -45.18 47.00
C GLN K 297 -0.86 -46.03 47.97
N ALA K 298 -0.70 -45.82 49.28
CA ALA K 298 -1.52 -46.49 50.27
C ALA K 298 -1.85 -45.52 51.39
N TYR K 299 -2.93 -45.83 52.10
CA TYR K 299 -3.36 -45.06 53.24
C TYR K 299 -3.94 -46.02 54.28
N PRO K 300 -3.46 -46.00 55.53
CA PRO K 300 -3.94 -46.92 56.56
C PRO K 300 -5.25 -46.48 57.22
N GLU K 301 -6.38 -46.86 56.62
CA GLU K 301 -7.65 -46.25 57.03
C GLU K 301 -8.11 -46.77 58.38
N TYR K 302 -7.89 -48.05 58.69
CA TYR K 302 -8.37 -48.65 59.92
C TYR K 302 -7.22 -49.35 60.63
N LEU K 303 -7.16 -49.18 61.95
CA LEU K 303 -6.25 -49.93 62.80
C LEU K 303 -7.10 -50.89 63.63
N ILE K 304 -6.84 -52.18 63.48
CA ILE K 304 -7.65 -53.24 64.09
C ILE K 304 -6.82 -53.86 65.20
N THR K 305 -7.35 -53.85 66.41
CA THR K 305 -6.73 -54.52 67.55
C THR K 305 -7.50 -55.80 67.84
N TYR K 306 -6.79 -56.91 68.00
CA TYR K 306 -7.46 -58.20 68.01
C TYR K 306 -6.58 -59.24 68.67
N GLN K 307 -7.20 -60.38 68.96
CA GLN K 307 -6.50 -61.58 69.39
C GLN K 307 -6.86 -62.75 68.48
N ILE K 308 -5.93 -63.68 68.32
CA ILE K 308 -6.24 -64.92 67.62
C ILE K 308 -6.86 -65.91 68.60
N MET K 309 -7.70 -66.79 68.06
CA MET K 309 -8.37 -67.79 68.87
C MET K 309 -8.22 -69.18 68.27
N ASP L 26 0.71 13.46 64.27
CA ASP L 26 -0.08 13.04 63.12
C ASP L 26 -0.82 14.22 62.52
N PHE L 27 -0.09 15.06 61.79
CA PHE L 27 -0.62 16.29 61.24
C PHE L 27 -0.59 16.34 59.73
N SER L 28 0.15 15.42 59.08
CA SER L 28 0.23 15.43 57.63
C SER L 28 -1.11 15.10 57.00
N ILE L 29 -1.88 14.20 57.61
CA ILE L 29 -3.23 13.91 57.14
C ILE L 29 -4.10 15.16 57.23
N THR L 30 -3.98 15.89 58.34
CA THR L 30 -4.77 17.10 58.50
C THR L 30 -4.42 18.13 57.43
N GLN L 31 -3.13 18.33 57.17
CA GLN L 31 -2.73 19.27 56.12
C GLN L 31 -3.22 18.81 54.75
N PHE L 32 -3.06 17.53 54.44
CA PHE L 32 -3.47 17.00 53.15
C PHE L 32 -4.97 17.20 52.94
N VAL L 33 -5.78 16.82 53.93
CA VAL L 33 -7.23 16.95 53.80
C VAL L 33 -7.64 18.42 53.77
N ARG L 34 -6.95 19.27 54.52
CA ARG L 34 -7.27 20.69 54.51
C ARG L 34 -7.00 21.32 53.16
N ASN L 35 -5.91 20.93 52.50
CA ASN L 35 -5.61 21.47 51.18
C ASN L 35 -6.71 21.15 50.18
N LEU L 36 -7.32 19.97 50.28
CA LEU L 36 -8.38 19.57 49.36
C LEU L 36 -9.70 20.28 49.65
N GLY L 37 -9.82 20.97 50.78
CA GLY L 37 -11.08 21.55 51.16
C GLY L 37 -12.04 20.60 51.81
N LEU L 38 -11.55 19.47 52.33
CA LEU L 38 -12.38 18.41 52.87
C LEU L 38 -12.20 18.24 54.38
N GLU L 39 -11.95 19.33 55.10
CA GLU L 39 -11.66 19.19 56.52
C GLU L 39 -12.87 18.76 57.33
N HIS L 40 -14.09 18.98 56.81
CA HIS L 40 -15.28 18.49 57.48
C HIS L 40 -15.33 16.97 57.57
N LEU L 41 -14.51 16.26 56.80
CA LEU L 41 -14.40 14.81 56.90
C LEU L 41 -13.45 14.37 58.00
N MET L 42 -12.67 15.27 58.59
CA MET L 42 -11.63 14.83 59.52
C MET L 42 -12.18 14.10 60.72
N ASP L 43 -13.39 14.44 61.18
CA ASP L 43 -13.95 13.72 62.32
C ASP L 43 -14.06 12.23 62.04
N ILE L 44 -14.30 11.84 60.78
CA ILE L 44 -14.28 10.43 60.43
C ILE L 44 -12.85 9.90 60.51
N PHE L 45 -11.91 10.62 59.91
CA PHE L 45 -10.53 10.11 59.82
C PHE L 45 -9.93 9.93 61.20
N GLU L 46 -10.25 10.81 62.15
CA GLU L 46 -9.77 10.64 63.51
C GLU L 46 -10.30 9.35 64.12
N ARG L 47 -11.59 9.07 63.92
CA ARG L 47 -12.19 7.91 64.59
C ARG L 47 -11.69 6.60 63.99
N GLU L 48 -11.44 6.58 62.70
CA GLU L 48 -10.96 5.38 62.04
C GLU L 48 -9.45 5.26 62.08
N GLN L 49 -8.75 6.22 62.69
CA GLN L 49 -7.30 6.20 62.79
C GLN L 49 -6.65 6.14 61.41
N ILE L 50 -7.18 6.92 60.47
CA ILE L 50 -6.65 6.95 59.12
C ILE L 50 -5.51 7.97 59.12
N THR L 51 -4.28 7.48 59.06
CA THR L 51 -3.11 8.30 58.84
C THR L 51 -2.78 8.33 57.35
N LEU L 52 -1.94 9.30 56.96
CA LEU L 52 -1.72 9.52 55.53
C LEU L 52 -1.14 8.28 54.85
N ASP L 53 -0.31 7.52 55.56
CA ASP L 53 0.23 6.30 54.98
C ASP L 53 -0.83 5.21 54.82
N VAL L 54 -1.93 5.28 55.58
CA VAL L 54 -3.08 4.42 55.33
C VAL L 54 -3.89 4.97 54.17
N LEU L 55 -4.11 6.28 54.14
CA LEU L 55 -4.96 6.89 53.13
C LEU L 55 -4.42 6.67 51.73
N VAL L 56 -3.09 6.73 51.57
CA VAL L 56 -2.52 6.55 50.24
C VAL L 56 -2.74 5.15 49.68
N GLU L 57 -3.35 4.25 50.45
CA GLU L 57 -3.60 2.88 50.01
C GLU L 57 -5.07 2.57 49.82
N MET L 58 -5.95 3.55 49.99
CA MET L 58 -7.40 3.35 49.97
C MET L 58 -7.98 3.82 48.65
N GLY L 59 -8.93 3.04 48.11
CA GLY L 59 -9.64 3.38 46.92
C GLY L 59 -11.10 3.69 47.17
N HIS L 60 -11.91 3.57 46.13
CA HIS L 60 -13.33 3.89 46.23
C HIS L 60 -14.04 2.96 47.20
N LYS L 61 -13.76 1.66 47.12
CA LYS L 61 -14.43 0.69 47.97
C LYS L 61 -14.07 0.90 49.44
N GLU L 62 -12.79 1.04 49.74
CA GLU L 62 -12.36 1.22 51.13
C GLU L 62 -12.88 2.53 51.70
N LEU L 63 -12.83 3.61 50.92
CA LEU L 63 -13.34 4.89 51.39
C LEU L 63 -14.83 4.83 51.63
N LYS L 64 -15.55 4.07 50.80
CA LYS L 64 -16.97 3.87 51.02
C LYS L 64 -17.22 3.07 52.29
N GLU L 65 -16.34 2.12 52.62
CA GLU L 65 -16.52 1.32 53.83
C GLU L 65 -16.53 2.21 55.07
N ILE L 66 -15.61 3.17 55.16
CA ILE L 66 -15.45 3.94 56.40
C ILE L 66 -16.43 5.11 56.52
N GLY L 67 -17.26 5.34 55.51
CA GLY L 67 -18.31 6.34 55.61
C GLY L 67 -18.16 7.55 54.73
N ILE L 68 -17.24 7.55 53.77
CA ILE L 68 -17.19 8.60 52.76
C ILE L 68 -18.16 8.19 51.67
N ASN L 69 -19.39 8.69 51.73
CA ASN L 69 -20.44 8.18 50.86
C ASN L 69 -20.54 8.91 49.54
N ALA L 70 -20.31 10.22 49.53
CA ALA L 70 -20.42 11.00 48.29
C ALA L 70 -19.28 10.63 47.34
N TYR L 71 -19.61 10.54 46.05
CA TYR L 71 -18.61 10.19 45.05
C TYR L 71 -17.60 11.30 44.84
N GLY L 72 -18.04 12.55 44.91
CA GLY L 72 -17.12 13.67 44.73
C GLY L 72 -16.02 13.70 45.76
N HIS L 73 -16.35 13.39 47.02
CA HIS L 73 -15.36 13.38 48.08
C HIS L 73 -14.29 12.31 47.85
N ARG L 74 -14.72 11.08 47.57
CA ARG L 74 -13.77 10.01 47.31
C ARG L 74 -12.93 10.32 46.07
N HIS L 75 -13.55 10.93 45.06
CA HIS L 75 -12.82 11.30 43.86
C HIS L 75 -11.72 12.29 44.17
N LYS L 76 -12.04 13.33 44.95
CA LYS L 76 -11.03 14.32 45.30
C LYS L 76 -9.91 13.71 46.13
N LEU L 77 -10.26 12.83 47.08
CA LEU L 77 -9.23 12.19 47.88
C LEU L 77 -8.29 11.34 47.02
N ILE L 78 -8.85 10.56 46.09
CA ILE L 78 -8.02 9.70 45.27
C ILE L 78 -7.16 10.50 44.31
N LYS L 79 -7.69 11.60 43.78
CA LYS L 79 -6.88 12.43 42.88
C LYS L 79 -5.77 13.14 43.64
N GLY L 80 -6.04 13.60 44.86
CA GLY L 80 -4.98 14.17 45.67
C GLY L 80 -3.89 13.17 45.98
N VAL L 81 -4.28 11.94 46.32
CA VAL L 81 -3.28 10.91 46.58
C VAL L 81 -2.44 10.66 45.34
N GLU L 82 -3.06 10.69 44.16
CA GLU L 82 -2.29 10.52 42.93
C GLU L 82 -1.29 11.66 42.74
N ARG L 83 -1.77 12.89 42.87
CA ARG L 83 -0.91 14.06 42.68
C ARG L 83 0.22 14.09 43.70
N LEU L 84 0.06 13.39 44.83
CA LEU L 84 1.16 13.30 45.78
C LEU L 84 2.11 12.16 45.42
N ILE L 85 1.59 10.94 45.30
CA ILE L 85 2.46 9.77 45.19
C ILE L 85 3.18 9.72 43.85
N SER L 86 2.47 10.02 42.76
CA SER L 86 3.07 9.93 41.43
C SER L 86 3.49 11.28 40.89
N GLY L 87 2.77 12.35 41.24
CA GLY L 87 3.14 13.68 40.80
C GLY L 87 4.46 14.15 41.36
N GLN L 88 4.93 13.56 42.45
CA GLN L 88 6.22 13.90 43.04
C GLN L 88 7.03 12.65 43.32
N GLN L 89 7.03 11.70 42.39
CA GLN L 89 7.76 10.45 42.61
C GLN L 89 9.25 10.70 42.80
N GLY L 90 9.79 11.76 42.20
CA GLY L 90 11.19 12.07 42.37
C GLY L 90 11.58 12.43 43.79
N LEU L 91 10.62 12.94 44.56
CA LEU L 91 10.85 13.16 45.98
C LEU L 91 10.67 11.90 46.82
N ASN L 92 10.17 10.82 46.22
CA ASN L 92 9.94 9.56 46.92
C ASN L 92 9.14 9.74 48.22
N PRO L 93 8.03 10.48 48.18
CA PRO L 93 7.21 10.59 49.40
C PRO L 93 6.61 9.28 49.84
N TYR L 94 6.41 8.34 48.93
CA TYR L 94 5.86 7.05 49.30
C TYR L 94 6.77 6.28 50.24
N LEU L 95 8.07 6.51 50.17
CA LEU L 95 9.01 5.83 51.06
C LEU L 95 9.15 6.51 52.41
N THR L 96 8.90 7.83 52.50
CA THR L 96 8.84 8.49 53.78
C THR L 96 7.64 7.99 54.59
N LEU L 97 6.49 7.91 53.96
CA LEU L 97 5.40 7.07 54.43
C LEU L 97 5.86 5.62 54.32
N ASN L 98 5.03 4.69 54.78
CA ASN L 98 5.28 3.28 54.53
C ASN L 98 6.57 2.78 55.22
N THR L 99 7.23 3.62 55.99
CA THR L 99 8.39 3.16 56.76
C THR L 99 8.00 2.16 57.84
N SER L 100 6.78 2.28 58.39
CA SER L 100 6.34 1.39 59.45
C SER L 100 6.15 -0.03 58.91
N GLY L 101 6.31 -1.00 59.81
CA GLY L 101 6.25 -2.40 59.45
C GLY L 101 7.57 -2.99 59.01
N SER L 102 8.56 -2.16 58.70
CA SER L 102 9.90 -2.67 58.43
C SER L 102 10.53 -3.18 59.72
N GLY L 103 11.64 -3.87 59.57
CA GLY L 103 12.30 -4.53 60.68
C GLY L 103 12.14 -6.03 60.64
N THR L 104 12.95 -6.69 61.46
CA THR L 104 13.03 -8.14 61.46
C THR L 104 12.21 -8.71 62.61
N ILE L 105 11.51 -9.81 62.35
CA ILE L 105 10.83 -10.56 63.40
C ILE L 105 11.41 -11.96 63.45
N LEU L 106 11.58 -12.48 64.67
CA LEU L 106 12.12 -13.80 64.91
C LEU L 106 10.98 -14.73 65.29
N ILE L 107 10.59 -15.60 64.37
CA ILE L 107 9.53 -16.56 64.61
C ILE L 107 10.12 -17.80 65.28
N ASP L 108 9.52 -18.25 66.36
CA ASP L 108 10.11 -19.30 67.19
C ASP L 108 9.63 -20.66 66.72
N LEU L 109 10.57 -21.58 66.51
CA LEU L 109 10.28 -22.94 66.10
C LEU L 109 10.20 -23.85 67.31
N SER L 110 9.19 -24.73 67.33
CA SER L 110 9.01 -25.62 68.47
C SER L 110 9.79 -26.92 68.27
N PRO L 111 10.33 -27.51 69.34
CA PRO L 111 11.10 -28.75 69.17
C PRO L 111 10.31 -29.90 68.58
N ASP L 112 8.98 -29.83 68.55
CA ASP L 112 8.19 -30.93 68.01
C ASP L 112 8.06 -30.88 66.50
N ASP L 113 8.44 -29.78 65.86
CA ASP L 113 8.31 -29.65 64.42
C ASP L 113 9.50 -30.28 63.71
N LYS L 114 9.24 -30.79 62.50
CA LYS L 114 10.31 -31.44 61.75
C LYS L 114 11.29 -30.44 61.16
N GLU L 115 10.92 -29.17 61.02
CA GLU L 115 11.87 -28.15 60.62
C GLU L 115 12.93 -27.93 61.69
N PHE L 116 12.48 -27.71 62.93
CA PHE L 116 13.39 -27.62 64.06
C PHE L 116 14.31 -28.84 64.09
N GLN L 117 13.76 -30.02 63.84
CA GLN L 117 14.55 -31.23 63.93
C GLN L 117 15.57 -31.33 62.78
N SER L 118 15.20 -30.91 61.57
CA SER L 118 16.18 -30.89 60.48
C SER L 118 17.32 -29.95 60.81
N VAL L 119 17.02 -28.76 61.32
CA VAL L 119 18.08 -27.81 61.65
C VAL L 119 18.96 -28.34 62.76
N GLU L 120 18.34 -28.90 63.81
CA GLU L 120 19.11 -29.43 64.92
C GLU L 120 20.00 -30.59 64.50
N GLU L 121 19.47 -31.47 63.63
CA GLU L 121 20.28 -32.57 63.13
C GLU L 121 21.43 -32.06 62.27
N GLU L 122 21.20 -31.04 61.44
CA GLU L 122 22.29 -30.43 60.71
C GLU L 122 23.38 -29.94 61.65
N MET L 123 22.99 -29.25 62.73
CA MET L 123 23.96 -28.80 63.72
C MET L 123 24.74 -29.98 64.29
N GLN L 124 24.03 -31.00 64.75
CA GLN L 124 24.68 -32.07 65.51
C GLN L 124 25.59 -32.93 64.63
N SER L 125 25.16 -33.26 63.42
CA SER L 125 25.83 -34.29 62.65
C SER L 125 27.04 -33.77 61.87
N THR L 126 27.27 -32.47 61.83
CA THR L 126 28.40 -31.89 61.12
C THR L 126 29.53 -31.47 62.05
N VAL L 127 29.48 -31.85 63.33
CA VAL L 127 30.57 -31.57 64.24
C VAL L 127 31.77 -32.43 63.88
N ARG L 128 32.96 -31.83 63.96
CA ARG L 128 34.21 -32.52 63.69
C ARG L 128 35.22 -32.14 64.76
N GLU L 129 36.27 -32.95 64.86
CA GLU L 129 37.40 -32.64 65.73
C GLU L 129 38.43 -31.86 64.93
N HIS L 130 38.88 -30.74 65.49
CA HIS L 130 39.78 -29.83 64.78
C HIS L 130 41.22 -30.00 65.23
N ARG L 131 42.12 -29.36 64.50
CA ARG L 131 43.55 -29.47 64.81
C ARG L 131 43.85 -28.97 66.22
N ASP L 132 43.28 -27.82 66.59
CA ASP L 132 43.48 -27.28 67.92
C ASP L 132 42.67 -28.05 68.95
N GLY L 133 43.16 -28.09 70.17
CA GLY L 133 42.44 -28.74 71.25
C GLY L 133 41.25 -27.93 71.67
N GLY L 134 40.35 -27.62 70.73
CA GLY L 134 39.23 -26.78 71.05
C GLY L 134 39.60 -25.42 71.56
N HIS L 135 40.81 -24.95 71.29
CA HIS L 135 41.24 -23.66 71.83
C HIS L 135 40.36 -22.53 71.31
N ALA L 136 40.11 -22.52 70.00
CA ALA L 136 39.31 -21.45 69.42
C ALA L 136 37.83 -21.63 69.74
N GLY L 137 37.34 -22.87 69.75
CA GLY L 137 35.92 -23.13 69.89
C GLY L 137 35.51 -23.87 71.14
N GLY L 138 36.45 -24.53 71.80
CA GLY L 138 36.14 -25.33 72.98
C GLY L 138 36.20 -26.82 72.70
N ILE L 139 36.16 -27.60 73.78
CA ILE L 139 36.23 -29.05 73.72
C ILE L 139 34.82 -29.61 73.88
N PHE L 140 34.32 -30.28 72.85
CA PHE L 140 32.96 -30.78 72.88
C PHE L 140 32.79 -31.81 71.77
N ASN L 141 31.69 -32.56 71.84
CA ASN L 141 31.27 -33.44 70.77
C ASN L 141 29.80 -33.26 70.41
N ARG L 142 29.05 -32.49 71.19
CA ARG L 142 27.62 -32.30 70.98
C ARG L 142 27.28 -30.88 71.37
N TYR L 143 26.07 -30.46 71.05
CA TYR L 143 25.52 -29.19 71.49
C TYR L 143 24.28 -29.44 72.32
N ASN L 144 23.95 -28.47 73.16
CA ASN L 144 22.62 -28.36 73.75
C ASN L 144 21.95 -27.17 73.06
N ILE L 145 21.05 -27.46 72.13
CA ILE L 145 20.34 -26.42 71.39
C ILE L 145 19.21 -25.90 72.26
N LEU L 146 19.21 -24.60 72.51
CA LEU L 146 18.21 -23.99 73.36
C LEU L 146 16.99 -23.51 72.57
N LYS L 147 17.22 -22.89 71.42
CA LYS L 147 16.10 -22.53 70.55
C LYS L 147 16.61 -22.27 69.15
N ILE L 148 15.68 -22.33 68.20
CA ILE L 148 15.92 -22.01 66.80
C ILE L 148 14.84 -21.04 66.36
N GLN L 149 15.23 -19.98 65.65
CA GLN L 149 14.29 -18.97 65.21
C GLN L 149 14.47 -18.73 63.72
N LYS L 150 13.35 -18.60 63.03
CA LYS L 150 13.31 -18.17 61.64
C LYS L 150 13.37 -16.65 61.60
N VAL L 151 14.34 -16.11 60.88
CA VAL L 151 14.52 -14.67 60.76
C VAL L 151 13.73 -14.19 59.55
N CYS L 152 12.87 -13.19 59.75
CA CYS L 152 12.03 -12.67 58.68
C CYS L 152 12.23 -11.17 58.58
N ASN L 153 12.75 -10.73 57.44
CA ASN L 153 12.98 -9.32 57.18
C ASN L 153 12.69 -9.08 55.70
N LYS L 154 11.70 -8.23 55.42
CA LYS L 154 11.19 -8.07 54.07
C LYS L 154 12.26 -7.51 53.12
N LYS L 155 12.88 -6.39 53.51
CA LYS L 155 13.81 -5.72 52.61
C LYS L 155 15.09 -6.52 52.40
N LEU L 156 15.59 -7.17 53.45
CA LEU L 156 16.75 -8.03 53.27
C LEU L 156 16.43 -9.20 52.34
N TRP L 157 15.24 -9.79 52.47
CA TRP L 157 14.85 -10.87 51.59
C TRP L 157 14.75 -10.40 50.14
N GLU L 158 14.17 -9.22 49.92
CA GLU L 158 14.06 -8.71 48.56
C GLU L 158 15.43 -8.46 47.96
N ARG L 159 16.34 -7.87 48.73
CA ARG L 159 17.70 -7.66 48.26
C ARG L 159 18.34 -8.98 47.88
N TYR L 160 18.18 -10.01 48.72
CA TYR L 160 18.77 -11.30 48.46
C TYR L 160 18.22 -11.91 47.17
N THR L 161 16.90 -11.88 46.99
CA THR L 161 16.32 -12.54 45.83
C THR L 161 16.63 -11.79 44.55
N HIS L 162 16.74 -10.46 44.59
CA HIS L 162 17.20 -9.73 43.42
C HIS L 162 18.63 -10.13 43.04
N ARG L 163 19.51 -10.22 44.03
CA ARG L 163 20.88 -10.64 43.71
C ARG L 163 20.90 -12.07 43.19
N ARG L 164 20.08 -12.95 43.76
CA ARG L 164 20.03 -14.34 43.30
C ARG L 164 19.55 -14.43 41.86
N LYS L 165 18.54 -13.64 41.50
CA LYS L 165 18.09 -13.58 40.12
C LYS L 165 19.23 -13.14 39.20
N GLU L 166 19.96 -12.11 39.62
CA GLU L 166 21.11 -11.65 38.83
C GLU L 166 22.14 -12.74 38.64
N VAL L 167 22.48 -13.46 39.70
CA VAL L 167 23.52 -14.48 39.61
C VAL L 167 23.07 -15.63 38.72
N SER L 168 21.81 -16.05 38.84
CA SER L 168 21.35 -17.17 38.04
C SER L 168 21.21 -16.80 36.57
N GLU L 169 20.90 -15.54 36.26
CA GLU L 169 20.94 -15.12 34.86
C GLU L 169 22.35 -15.20 34.28
N GLU L 170 23.36 -14.82 35.06
CA GLU L 170 24.74 -14.88 34.60
C GLU L 170 25.28 -16.31 34.59
N ASN L 171 24.77 -17.17 35.46
CA ASN L 171 25.09 -18.58 35.39
C ASN L 171 24.20 -19.18 34.32
N HIS L 172 24.06 -20.50 34.28
CA HIS L 172 23.20 -21.13 33.29
C HIS L 172 21.81 -21.39 33.90
N ASN L 173 21.21 -20.29 34.37
CA ASN L 173 19.93 -20.31 35.06
C ASN L 173 20.01 -21.00 36.41
N HIS L 174 21.20 -21.06 37.01
CA HIS L 174 21.43 -21.79 38.26
C HIS L 174 22.03 -20.86 39.29
N ALA L 175 21.38 -20.75 40.45
CA ALA L 175 21.88 -19.89 41.51
C ALA L 175 22.96 -20.57 42.36
N ASN L 176 23.06 -21.89 42.32
CA ASN L 176 24.02 -22.63 43.12
C ASN L 176 23.88 -22.28 44.60
N GLU L 177 22.64 -22.32 45.06
CA GLU L 177 22.33 -21.86 46.41
C GLU L 177 22.57 -22.98 47.42
N ARG L 178 23.23 -22.65 48.52
CA ARG L 178 23.55 -23.58 49.58
C ARG L 178 22.95 -23.08 50.89
N MET L 179 22.98 -23.96 51.88
CA MET L 179 22.64 -23.62 53.26
C MET L 179 23.87 -23.88 54.12
N LEU L 180 24.45 -22.83 54.69
CA LEU L 180 25.75 -22.91 55.31
C LEU L 180 25.75 -22.18 56.66
N PHE L 181 26.70 -22.56 57.51
CA PHE L 181 26.78 -22.00 58.85
C PHE L 181 27.68 -20.78 58.87
N HIS L 182 27.36 -19.84 59.76
CA HIS L 182 28.15 -18.63 59.92
C HIS L 182 28.27 -18.30 61.40
N GLY L 183 29.50 -18.07 61.85
CA GLY L 183 29.77 -17.69 63.22
C GLY L 183 30.43 -16.34 63.33
N SER L 184 29.94 -15.49 64.23
CA SER L 184 30.44 -14.13 64.33
C SER L 184 30.02 -13.55 65.67
N PRO L 185 30.80 -12.63 66.25
CA PRO L 185 30.30 -11.84 67.39
C PRO L 185 29.37 -10.71 66.99
N PHE L 186 28.97 -10.62 65.72
CA PHE L 186 28.11 -9.56 65.23
C PHE L 186 26.81 -10.07 64.62
N VAL L 187 26.30 -11.21 65.09
CA VAL L 187 25.09 -11.78 64.50
C VAL L 187 23.89 -10.89 64.75
N ASN L 188 23.85 -10.21 65.89
CA ASN L 188 22.74 -9.31 66.20
C ASN L 188 22.68 -8.15 65.21
N ALA L 189 23.83 -7.71 64.70
CA ALA L 189 23.82 -6.68 63.66
C ALA L 189 23.43 -7.27 62.31
N ILE L 190 23.82 -8.52 62.05
CA ILE L 190 23.53 -9.15 60.77
C ILE L 190 22.03 -9.34 60.60
N ILE L 191 21.33 -9.80 61.64
CA ILE L 191 19.91 -10.09 61.48
C ILE L 191 19.07 -8.84 61.34
N HIS L 192 19.61 -7.65 61.63
CA HIS L 192 18.85 -6.43 61.46
C HIS L 192 19.27 -5.64 60.24
N LYS L 193 20.53 -5.76 59.82
CA LYS L 193 21.05 -5.02 58.69
C LYS L 193 21.46 -5.88 57.51
N GLY L 194 21.60 -7.20 57.71
CA GLY L 194 22.07 -8.08 56.67
C GLY L 194 23.59 -8.20 56.66
N PHE L 195 24.06 -9.10 55.82
CA PHE L 195 25.50 -9.27 55.65
C PHE L 195 26.07 -8.07 54.91
N ASP L 196 27.31 -7.73 55.22
CA ASP L 196 27.91 -6.51 54.69
C ASP L 196 29.40 -6.76 54.47
N GLU L 197 29.84 -6.70 53.21
CA GLU L 197 31.26 -6.86 52.92
C GLU L 197 32.08 -5.68 53.43
N ARG L 198 31.45 -4.54 53.73
CA ARG L 198 32.19 -3.40 54.26
C ARG L 198 32.74 -3.67 55.67
N HIS L 199 32.31 -4.75 56.32
CA HIS L 199 32.89 -5.18 57.58
C HIS L 199 33.72 -6.44 57.40
N ALA L 200 34.10 -6.78 56.17
CA ALA L 200 34.56 -8.12 55.84
C ALA L 200 35.81 -8.48 56.63
N TYR L 201 36.03 -9.79 56.75
CA TYR L 201 37.17 -10.37 57.48
C TYR L 201 38.41 -10.20 56.60
N ILE L 202 39.01 -9.01 56.69
CA ILE L 202 40.08 -8.61 55.78
C ILE L 202 41.33 -9.46 55.96
N GLY L 203 41.53 -10.06 57.12
CA GLY L 203 42.64 -10.94 57.38
C GLY L 203 42.39 -12.41 57.11
N GLY L 204 41.26 -12.75 56.49
CA GLY L 204 40.93 -14.14 56.29
C GLY L 204 41.80 -14.82 55.25
N MET L 205 41.73 -16.14 55.22
CA MET L 205 42.64 -16.91 54.37
C MET L 205 42.43 -16.56 52.90
N PHE L 206 41.26 -16.05 52.54
CA PHE L 206 40.93 -15.69 51.16
C PHE L 206 40.70 -14.19 50.99
N GLY L 207 41.11 -13.39 51.97
CA GLY L 207 40.95 -11.97 51.82
C GLY L 207 39.64 -11.44 52.37
N ALA L 208 39.23 -10.28 51.85
CA ALA L 208 38.17 -9.48 52.43
C ALA L 208 36.78 -9.99 52.05
N GLY L 209 36.44 -11.15 52.61
CA GLY L 209 35.18 -11.79 52.34
C GLY L 209 34.41 -12.18 53.60
N ILE L 210 33.17 -12.59 53.37
CA ILE L 210 32.31 -13.19 54.38
C ILE L 210 32.40 -14.69 54.23
N TYR L 211 32.62 -15.38 55.35
CA TYR L 211 32.98 -16.80 55.36
C TYR L 211 31.82 -17.64 55.87
N PHE L 212 31.62 -18.79 55.25
CA PHE L 212 30.58 -19.73 55.62
C PHE L 212 31.19 -21.12 55.59
N ALA L 213 30.59 -22.04 56.32
CA ALA L 213 31.09 -23.40 56.39
C ALA L 213 29.94 -24.38 56.32
N GLU L 214 30.23 -25.58 55.84
CA GLU L 214 29.29 -26.67 55.86
C GLU L 214 29.43 -27.54 57.11
N ASN L 215 30.33 -27.18 58.02
CA ASN L 215 30.48 -27.83 59.32
C ASN L 215 30.16 -26.80 60.40
N SER L 216 29.34 -27.20 61.37
CA SER L 216 28.94 -26.26 62.40
C SER L 216 30.06 -26.01 63.39
N SER L 217 30.88 -27.02 63.67
CA SER L 217 31.99 -26.85 64.59
C SER L 217 33.07 -25.93 64.05
N LYS L 218 33.15 -25.76 62.72
CA LYS L 218 34.11 -24.80 62.17
C LYS L 218 33.62 -23.36 62.33
N SER L 219 32.33 -23.12 62.14
CA SER L 219 31.82 -21.78 62.36
C SER L 219 31.71 -21.48 63.84
N ASN L 220 31.69 -22.50 64.69
CA ASN L 220 31.69 -22.28 66.13
C ASN L 220 32.99 -21.63 66.59
N GLN L 221 34.05 -21.72 65.79
CA GLN L 221 35.33 -21.16 66.17
C GLN L 221 35.37 -19.65 66.06
N TYR L 222 34.36 -19.02 65.45
CA TYR L 222 34.35 -17.58 65.20
C TYR L 222 33.27 -16.87 65.98
N VAL L 223 32.60 -17.56 66.89
CA VAL L 223 31.47 -16.97 67.60
C VAL L 223 31.92 -15.80 68.47
N TYR L 224 32.98 -15.99 69.24
CA TYR L 224 33.45 -14.98 70.17
C TYR L 224 34.58 -14.14 69.59
N GLY L 225 34.95 -14.35 68.33
CA GLY L 225 35.95 -13.54 67.66
C GLY L 225 36.84 -14.37 66.77
N ILE L 226 37.73 -13.71 66.02
CA ILE L 226 38.70 -14.44 65.21
C ILE L 226 39.59 -15.26 66.14
N GLY L 227 39.58 -16.58 65.95
CA GLY L 227 40.40 -17.45 66.78
C GLY L 227 39.94 -17.59 68.20
N GLY L 228 38.64 -17.37 68.46
CA GLY L 228 38.06 -17.56 69.76
C GLY L 228 37.96 -16.33 70.62
N GLY L 229 38.72 -15.29 70.32
CA GLY L 229 38.68 -14.09 71.16
C GLY L 229 39.06 -14.43 72.59
N THR L 230 38.35 -13.81 73.53
CA THR L 230 38.56 -14.06 74.95
C THR L 230 37.54 -15.03 75.54
N GLY L 231 36.69 -15.63 74.71
CA GLY L 231 35.61 -16.44 75.21
C GLY L 231 34.43 -15.59 75.63
N CYS L 232 33.59 -16.19 76.47
CA CYS L 232 32.40 -15.50 76.91
C CYS L 232 32.77 -14.20 77.61
N PRO L 233 31.96 -13.16 77.48
CA PRO L 233 32.24 -11.94 78.25
C PRO L 233 32.25 -12.17 79.75
N VAL L 234 31.40 -13.06 80.26
CA VAL L 234 31.26 -13.21 81.71
C VAL L 234 32.46 -13.94 82.29
N HIS L 235 32.70 -15.18 81.84
CA HIS L 235 33.77 -15.97 82.43
C HIS L 235 35.09 -15.79 81.70
N LYS L 236 35.09 -15.14 80.54
CA LYS L 236 36.30 -14.98 79.72
C LYS L 236 36.92 -16.32 79.33
N ASP L 237 36.07 -17.34 79.17
CA ASP L 237 36.52 -18.70 78.87
C ASP L 237 36.12 -19.03 77.43
N ARG L 238 37.09 -19.48 76.64
CA ARG L 238 36.81 -19.86 75.25
C ARG L 238 36.09 -21.19 75.14
N SER L 239 36.09 -22.00 76.20
CA SER L 239 35.35 -23.25 76.23
C SER L 239 34.20 -23.20 77.23
N CYS L 240 33.59 -22.04 77.42
CA CYS L 240 32.58 -21.91 78.45
C CYS L 240 31.40 -22.82 78.15
N TYR L 241 31.15 -23.77 79.05
CA TYR L 241 29.99 -24.63 78.92
C TYR L 241 28.75 -24.05 79.57
N ILE L 242 28.81 -22.83 80.08
CA ILE L 242 27.73 -22.31 80.91
C ILE L 242 26.84 -21.35 80.13
N CYS L 243 27.39 -20.38 79.43
CA CYS L 243 26.59 -19.31 78.85
C CYS L 243 26.54 -19.43 77.34
N HIS L 244 25.53 -18.77 76.77
CA HIS L 244 24.99 -19.12 75.48
C HIS L 244 25.80 -18.54 74.33
N ARG L 245 25.70 -19.19 73.19
CA ARG L 245 26.33 -18.78 71.95
C ARG L 245 25.28 -18.73 70.85
N GLN L 246 25.62 -18.10 69.73
CA GLN L 246 24.69 -18.00 68.62
C GLN L 246 25.41 -18.25 67.30
N LEU L 247 24.81 -19.07 66.45
CA LEU L 247 25.23 -19.27 65.07
C LEU L 247 24.13 -18.82 64.14
N LEU L 248 24.45 -18.70 62.85
CA LEU L 248 23.43 -18.50 61.83
C LEU L 248 23.50 -19.63 60.82
N PHE L 249 22.34 -20.05 60.35
CA PHE L 249 22.20 -20.96 59.23
C PHE L 249 21.62 -20.13 58.08
N CYS L 250 22.36 -20.03 56.99
CA CYS L 250 22.15 -18.99 55.99
C CYS L 250 21.99 -19.58 54.60
N ARG L 251 21.10 -18.99 53.81
CA ARG L 251 21.03 -19.25 52.38
C ARG L 251 22.11 -18.43 51.69
N VAL L 252 22.99 -19.10 50.96
CA VAL L 252 24.14 -18.46 50.32
C VAL L 252 24.03 -18.71 48.83
N THR L 253 24.08 -17.65 48.04
CA THR L 253 24.13 -17.78 46.59
C THR L 253 25.59 -17.87 46.16
N LEU L 254 26.01 -19.04 45.68
CA LEU L 254 27.40 -19.23 45.29
C LEU L 254 27.64 -19.03 43.80
N GLY L 255 26.62 -19.18 42.96
CA GLY L 255 26.80 -18.97 41.53
C GLY L 255 27.87 -19.88 40.98
N LYS L 256 28.75 -19.31 40.15
CA LYS L 256 29.93 -20.00 39.68
C LYS L 256 31.06 -19.77 40.69
N SER L 257 31.51 -20.85 41.31
CA SER L 257 32.44 -20.75 42.44
C SER L 257 33.84 -21.18 41.99
N PHE L 258 34.83 -20.37 42.35
CA PHE L 258 36.22 -20.64 41.99
C PHE L 258 36.86 -21.52 43.05
N LEU L 259 37.42 -22.65 42.64
CA LEU L 259 38.05 -23.57 43.56
C LEU L 259 39.48 -23.13 43.87
N GLN L 260 39.81 -23.07 45.15
CA GLN L 260 41.14 -22.70 45.60
C GLN L 260 41.64 -23.75 46.57
N PHE L 261 42.96 -23.95 46.60
CA PHE L 261 43.60 -24.91 47.50
C PHE L 261 44.61 -24.28 48.44
N SER L 262 44.94 -23.01 48.27
CA SER L 262 45.88 -22.35 49.15
C SER L 262 45.46 -20.89 49.33
N ALA L 263 45.96 -20.29 50.39
CA ALA L 263 45.57 -18.93 50.73
C ALA L 263 45.84 -17.97 49.59
N MET L 264 44.86 -17.13 49.28
CA MET L 264 45.04 -16.05 48.32
C MET L 264 44.14 -14.91 48.75
N LYS L 265 44.73 -13.74 49.01
CA LYS L 265 44.01 -12.61 49.59
C LYS L 265 43.28 -11.83 48.49
N MET L 266 42.10 -12.34 48.14
CA MET L 266 41.25 -11.65 47.19
C MET L 266 40.55 -10.47 47.86
N ALA L 267 40.38 -9.38 47.13
CA ALA L 267 39.47 -8.33 47.55
C ALA L 267 38.06 -8.58 47.05
N HIS L 268 37.93 -9.19 45.88
CA HIS L 268 36.66 -9.51 45.24
C HIS L 268 36.79 -10.92 44.67
N SER L 269 35.69 -11.41 44.12
CA SER L 269 35.71 -12.75 43.56
C SER L 269 36.43 -12.73 42.21
N PRO L 270 37.11 -13.81 41.85
CA PRO L 270 37.96 -13.80 40.67
C PRO L 270 37.14 -13.52 39.41
N PRO L 271 37.77 -13.04 38.34
CA PRO L 271 37.01 -12.69 37.14
C PRO L 271 36.18 -13.86 36.64
N GLY L 272 34.93 -13.57 36.30
CA GLY L 272 34.02 -14.57 35.77
C GLY L 272 33.34 -15.45 36.79
N HIS L 273 33.58 -15.23 38.08
CA HIS L 273 33.05 -16.08 39.14
C HIS L 273 32.30 -15.25 40.15
N HIS L 274 31.51 -15.91 40.99
CA HIS L 274 30.67 -15.24 41.97
C HIS L 274 31.08 -15.50 43.41
N SER L 275 31.99 -16.45 43.66
CA SER L 275 32.34 -16.82 45.02
C SER L 275 33.61 -17.67 44.97
N VAL L 276 34.09 -18.04 46.14
CA VAL L 276 35.30 -18.85 46.27
C VAL L 276 35.00 -20.05 47.16
N THR L 277 35.56 -21.20 46.78
CA THR L 277 35.44 -22.44 47.55
C THR L 277 36.84 -22.91 47.93
N GLY L 278 37.16 -22.83 49.22
CA GLY L 278 38.40 -23.40 49.73
C GLY L 278 38.24 -24.87 50.04
N ARG L 279 38.84 -25.71 49.22
CA ARG L 279 38.70 -27.15 49.34
C ARG L 279 39.67 -27.71 50.37
N PRO L 280 39.34 -28.85 50.99
CA PRO L 280 40.27 -29.46 51.93
C PRO L 280 41.55 -29.93 51.22
N SER L 281 42.66 -29.90 51.96
CA SER L 281 43.93 -30.35 51.44
C SER L 281 44.74 -30.97 52.57
N VAL L 282 45.63 -31.89 52.21
CA VAL L 282 46.47 -32.54 53.21
C VAL L 282 47.37 -31.51 53.89
N ASN L 283 47.95 -30.60 53.12
CA ASN L 283 48.79 -29.53 53.64
C ASN L 283 48.06 -28.20 53.75
N GLY L 284 46.74 -28.19 53.59
CA GLY L 284 45.98 -26.96 53.63
C GLY L 284 44.80 -27.03 54.58
N LEU L 285 43.64 -26.55 54.13
CA LEU L 285 42.45 -26.56 54.97
C LEU L 285 42.05 -27.99 55.33
N ALA L 286 41.71 -28.18 56.61
CA ALA L 286 41.19 -29.48 57.03
C ALA L 286 39.74 -29.65 56.58
N LEU L 287 38.99 -28.56 56.47
CA LEU L 287 37.58 -28.61 56.10
C LEU L 287 37.29 -27.52 55.09
N ALA L 288 36.24 -27.74 54.28
CA ALA L 288 35.90 -26.81 53.21
C ALA L 288 35.35 -25.51 53.77
N GLU L 289 35.57 -24.43 53.03
CA GLU L 289 35.07 -23.11 53.38
C GLU L 289 34.49 -22.45 52.15
N TYR L 290 33.52 -21.57 52.33
CA TYR L 290 32.90 -20.85 51.22
C TYR L 290 32.96 -19.37 51.50
N VAL L 291 33.35 -18.58 50.52
CA VAL L 291 33.56 -17.15 50.70
C VAL L 291 32.78 -16.39 49.64
N ILE L 292 32.08 -15.35 50.09
CA ILE L 292 31.44 -14.40 49.18
C ILE L 292 32.01 -13.02 49.48
N TYR L 293 32.00 -12.16 48.47
CA TYR L 293 32.55 -10.81 48.58
C TYR L 293 31.48 -9.75 48.35
N ARG L 294 30.22 -10.12 48.52
CA ARG L 294 29.10 -9.20 48.36
C ARG L 294 28.06 -9.60 49.39
N GLY L 295 27.71 -8.67 50.27
CA GLY L 295 26.83 -9.03 51.36
C GLY L 295 25.47 -9.52 50.91
N GLU L 296 24.99 -9.03 49.77
CA GLU L 296 23.64 -9.32 49.32
C GLU L 296 23.46 -10.75 48.84
N GLN L 297 24.54 -11.52 48.70
CA GLN L 297 24.43 -12.91 48.26
C GLN L 297 24.18 -13.89 49.40
N ALA L 298 23.93 -13.42 50.61
CA ALA L 298 23.59 -14.28 51.72
C ALA L 298 22.38 -13.73 52.46
N TYR L 299 21.56 -14.65 52.99
CA TYR L 299 20.43 -14.30 53.81
C TYR L 299 20.42 -15.19 55.05
N PRO L 300 20.35 -14.62 56.25
CA PRO L 300 20.46 -15.41 57.50
C PRO L 300 19.15 -16.06 57.94
N GLU L 301 18.86 -17.26 57.45
CA GLU L 301 17.52 -17.79 57.59
C GLU L 301 17.21 -18.18 59.03
N TYR L 302 18.11 -18.94 59.67
CA TYR L 302 17.88 -19.46 61.02
C TYR L 302 18.89 -18.89 61.98
N LEU L 303 18.43 -18.56 63.19
CA LEU L 303 19.28 -18.14 64.29
C LEU L 303 19.21 -19.21 65.37
N ILE L 304 20.36 -19.79 65.70
CA ILE L 304 20.44 -20.94 66.59
C ILE L 304 21.14 -20.49 67.88
N THR L 305 20.49 -20.70 69.01
CA THR L 305 21.07 -20.45 70.32
C THR L 305 21.44 -21.79 70.93
N TYR L 306 22.62 -21.89 71.53
CA TYR L 306 23.12 -23.19 71.95
C TYR L 306 24.20 -23.02 73.01
N GLN L 307 24.50 -24.13 73.68
CA GLN L 307 25.68 -24.28 74.51
C GLN L 307 26.47 -25.47 74.01
N ILE L 308 27.79 -25.43 74.18
CA ILE L 308 28.56 -26.64 73.92
C ILE L 308 28.53 -27.53 75.15
N MET L 309 28.73 -28.82 74.94
CA MET L 309 28.72 -29.78 76.03
C MET L 309 30.08 -30.46 76.20
N ASP M 26 -21.74 24.86 43.98
CA ASP M 26 -23.14 24.51 43.76
C ASP M 26 -23.72 25.26 42.58
N PHE M 27 -23.28 26.50 42.41
CA PHE M 27 -23.86 27.36 41.39
C PHE M 27 -23.34 27.00 40.00
N SER M 28 -22.03 26.76 39.89
CA SER M 28 -21.43 26.54 38.58
C SER M 28 -21.90 25.25 37.94
N ILE M 29 -21.98 24.16 38.72
CA ILE M 29 -22.49 22.91 38.18
C ILE M 29 -23.97 23.02 37.83
N THR M 30 -24.73 23.74 38.66
CA THR M 30 -26.15 23.95 38.37
C THR M 30 -26.32 24.68 37.05
N GLN M 31 -25.54 25.73 36.83
CA GLN M 31 -25.59 26.47 35.56
C GLN M 31 -25.18 25.57 34.40
N PHE M 32 -24.09 24.84 34.55
CA PHE M 32 -23.60 23.98 33.49
C PHE M 32 -24.67 22.98 33.07
N VAL M 33 -25.31 22.34 34.05
CA VAL M 33 -26.31 21.32 33.77
C VAL M 33 -27.59 21.93 33.21
N ARG M 34 -27.97 23.10 33.70
CA ARG M 34 -29.17 23.76 33.20
C ARG M 34 -29.02 24.18 31.74
N ASN M 35 -27.82 24.62 31.34
CA ASN M 35 -27.61 24.98 29.96
C ASN M 35 -27.76 23.80 29.01
N LEU M 36 -27.49 22.60 29.48
CA LEU M 36 -27.65 21.40 28.65
C LEU M 36 -29.08 20.85 28.67
N GLY M 37 -29.98 21.45 29.44
CA GLY M 37 -31.33 20.95 29.54
C GLY M 37 -31.50 19.75 30.45
N LEU M 38 -30.50 19.43 31.26
CA LEU M 38 -30.50 18.23 32.10
C LEU M 38 -30.75 18.56 33.57
N GLU M 39 -31.54 19.59 33.86
CA GLU M 39 -31.77 19.98 35.24
C GLU M 39 -32.29 18.83 36.08
N HIS M 40 -33.05 17.91 35.48
CA HIS M 40 -33.61 16.78 36.20
C HIS M 40 -32.54 15.86 36.78
N LEU M 41 -31.28 16.03 36.40
CA LEU M 41 -30.19 15.25 36.96
C LEU M 41 -29.57 15.86 38.21
N MET M 42 -29.95 17.09 38.58
CA MET M 42 -29.22 17.79 39.63
C MET M 42 -29.28 17.04 40.96
N ASP M 43 -30.41 16.42 41.28
CA ASP M 43 -30.49 15.72 42.56
C ASP M 43 -29.47 14.61 42.67
N ILE M 44 -29.00 14.04 41.56
CA ILE M 44 -27.89 13.11 41.63
C ILE M 44 -26.61 13.86 41.96
N PHE M 45 -26.33 14.92 41.22
CA PHE M 45 -25.11 15.69 41.46
C PHE M 45 -25.11 16.30 42.85
N GLU M 46 -26.28 16.54 43.43
CA GLU M 46 -26.33 17.04 44.80
C GLU M 46 -25.98 15.95 45.81
N ARG M 47 -26.46 14.72 45.58
CA ARG M 47 -26.21 13.67 46.55
C ARG M 47 -24.80 13.12 46.45
N GLU M 48 -24.21 13.15 45.25
CA GLU M 48 -22.85 12.67 45.06
C GLU M 48 -21.81 13.76 45.20
N GLN M 49 -22.22 14.99 45.54
CA GLN M 49 -21.29 16.10 45.75
C GLN M 49 -20.41 16.34 44.54
N ILE M 50 -21.00 16.25 43.34
CA ILE M 50 -20.26 16.47 42.11
C ILE M 50 -20.23 17.98 41.88
N THR M 51 -19.04 18.56 41.99
CA THR M 51 -18.82 19.94 41.55
C THR M 51 -18.24 19.93 40.15
N LEU M 52 -18.22 21.11 39.53
CA LEU M 52 -17.80 21.19 38.14
C LEU M 52 -16.38 20.70 37.94
N ASP M 53 -15.49 20.97 38.90
CA ASP M 53 -14.13 20.44 38.82
C ASP M 53 -14.07 18.93 38.88
N VAL M 54 -14.98 18.29 39.61
CA VAL M 54 -15.07 16.83 39.58
C VAL M 54 -15.64 16.37 38.26
N LEU M 55 -16.65 17.08 37.75
CA LEU M 55 -17.33 16.65 36.54
C LEU M 55 -16.42 16.72 35.31
N VAL M 56 -15.54 17.71 35.24
CA VAL M 56 -14.68 17.83 34.08
C VAL M 56 -13.72 16.65 33.94
N GLU M 57 -13.60 15.82 34.97
CA GLU M 57 -12.70 14.68 34.94
C GLU M 57 -13.41 13.34 34.77
N MET M 58 -14.72 13.34 34.53
CA MET M 58 -15.53 12.13 34.50
C MET M 58 -15.88 11.73 33.08
N GLY M 59 -15.77 10.44 32.77
CA GLY M 59 -16.18 9.90 31.50
C GLY M 59 -17.44 9.06 31.62
N HIS M 60 -17.67 8.24 30.59
CA HIS M 60 -18.87 7.40 30.57
C HIS M 60 -18.89 6.43 31.75
N LYS M 61 -17.73 5.85 32.08
CA LYS M 61 -17.66 4.89 33.17
C LYS M 61 -18.00 5.52 34.52
N GLU M 62 -17.40 6.67 34.80
CA GLU M 62 -17.64 7.33 36.09
C GLU M 62 -19.05 7.89 36.17
N LEU M 63 -19.59 8.40 35.07
CA LEU M 63 -20.95 8.90 35.07
C LEU M 63 -21.94 7.76 35.23
N LYS M 64 -21.64 6.60 34.66
CA LYS M 64 -22.47 5.43 34.83
C LYS M 64 -22.45 4.95 36.27
N GLU M 65 -21.29 5.02 36.93
CA GLU M 65 -21.22 4.61 38.34
C GLU M 65 -22.21 5.38 39.20
N ILE M 66 -22.31 6.70 39.02
CA ILE M 66 -23.14 7.50 39.90
C ILE M 66 -24.62 7.49 39.53
N GLY M 67 -24.99 6.78 38.47
CA GLY M 67 -26.38 6.60 38.14
C GLY M 67 -26.90 7.36 36.94
N ILE M 68 -26.03 7.90 36.10
CA ILE M 68 -26.47 8.45 34.82
C ILE M 68 -26.54 7.28 33.85
N ASN M 69 -27.75 6.74 33.66
CA ASN M 69 -27.88 5.47 32.96
C ASN M 69 -28.06 5.63 31.47
N ALA M 70 -28.74 6.69 31.03
CA ALA M 70 -29.00 6.90 29.61
C ALA M 70 -27.74 7.37 28.90
N TYR M 71 -27.44 6.75 27.76
CA TYR M 71 -26.26 7.13 26.99
C TYR M 71 -26.34 8.57 26.50
N GLY M 72 -27.53 9.03 26.11
CA GLY M 72 -27.65 10.39 25.61
C GLY M 72 -27.29 11.44 26.63
N HIS M 73 -27.69 11.25 27.88
CA HIS M 73 -27.35 12.19 28.93
C HIS M 73 -25.84 12.25 29.17
N ARG M 74 -25.18 11.08 29.20
CA ARG M 74 -23.74 11.07 29.37
C ARG M 74 -23.03 11.73 28.20
N HIS M 75 -23.50 11.45 26.99
CA HIS M 75 -22.94 12.09 25.79
C HIS M 75 -23.04 13.60 25.88
N LYS M 76 -24.20 14.11 26.28
CA LYS M 76 -24.37 15.55 26.37
C LYS M 76 -23.47 16.16 27.43
N LEU M 77 -23.37 15.53 28.60
CA LEU M 77 -22.49 16.04 29.65
C LEU M 77 -21.04 16.08 29.18
N ILE M 78 -20.58 14.98 28.57
CA ILE M 78 -19.18 14.89 28.17
C ILE M 78 -18.85 15.93 27.11
N LYS M 79 -19.75 16.11 26.14
CA LYS M 79 -19.44 17.09 25.09
C LYS M 79 -19.57 18.52 25.58
N GLY M 80 -20.43 18.79 26.56
CA GLY M 80 -20.42 20.08 27.21
C GLY M 80 -19.10 20.36 27.91
N VAL M 81 -18.58 19.35 28.61
CA VAL M 81 -17.29 19.50 29.27
C VAL M 81 -16.20 19.76 28.24
N GLU M 82 -16.24 19.07 27.10
CA GLU M 82 -15.28 19.33 26.04
C GLU M 82 -15.37 20.78 25.56
N ARG M 83 -16.57 21.25 25.25
CA ARG M 83 -16.72 22.62 24.80
C ARG M 83 -16.23 23.63 25.83
N LEU M 84 -16.31 23.31 27.11
CA LEU M 84 -15.78 24.22 28.13
C LEU M 84 -14.25 24.17 28.18
N ILE M 85 -13.68 22.98 28.15
CA ILE M 85 -12.25 22.83 28.43
C ILE M 85 -11.41 23.08 27.19
N SER M 86 -11.66 22.35 26.11
CA SER M 86 -10.85 22.50 24.91
C SER M 86 -11.32 23.66 24.06
N GLY M 87 -12.62 23.96 24.06
CA GLY M 87 -13.15 25.01 23.23
C GLY M 87 -12.81 26.40 23.70
N GLN M 88 -12.51 26.56 24.99
CA GLN M 88 -12.12 27.84 25.55
C GLN M 88 -10.78 27.73 26.28
N GLN M 89 -9.83 27.02 25.68
CA GLN M 89 -8.53 26.82 26.33
C GLN M 89 -7.83 28.15 26.58
N GLY M 90 -8.10 29.16 25.77
CA GLY M 90 -7.45 30.46 25.95
C GLY M 90 -7.89 31.18 27.19
N LEU M 91 -9.09 30.88 27.71
CA LEU M 91 -9.54 31.42 28.98
C LEU M 91 -8.99 30.65 30.17
N ASN M 92 -8.43 29.47 29.94
CA ASN M 92 -7.90 28.62 31.00
C ASN M 92 -8.91 28.39 32.12
N PRO M 93 -10.12 27.91 31.80
CA PRO M 93 -11.04 27.53 32.88
C PRO M 93 -10.53 26.33 33.67
N TYR M 94 -9.74 25.46 33.05
CA TYR M 94 -9.23 24.28 33.74
C TYR M 94 -8.34 24.68 34.91
N LEU M 95 -7.47 25.67 34.70
CA LEU M 95 -6.67 26.19 35.79
C LEU M 95 -7.53 26.84 36.86
N THR M 96 -8.63 27.48 36.47
CA THR M 96 -9.54 28.07 37.43
C THR M 96 -10.20 27.01 38.31
N LEU M 97 -10.28 25.78 37.82
CA LEU M 97 -10.99 24.73 38.53
C LEU M 97 -10.07 23.83 39.34
N ASN M 98 -8.78 23.81 39.03
CA ASN M 98 -7.83 22.99 39.76
C ASN M 98 -7.10 23.74 40.85
N THR M 99 -7.63 24.87 41.31
CA THR M 99 -6.97 25.62 42.37
C THR M 99 -6.88 24.79 43.65
N SER M 100 -7.93 24.04 43.97
CA SER M 100 -7.95 23.25 45.19
C SER M 100 -7.02 22.05 45.08
N GLY M 101 -6.45 21.66 46.21
CA GLY M 101 -5.49 20.57 46.27
C GLY M 101 -4.05 21.02 46.19
N SER M 102 -3.77 22.22 45.68
CA SER M 102 -2.42 22.74 45.68
C SER M 102 -2.04 23.17 47.09
N GLY M 103 -0.74 23.43 47.28
CA GLY M 103 -0.21 23.80 48.58
C GLY M 103 0.78 22.78 49.09
N THR M 104 1.42 23.13 50.21
CA THR M 104 2.50 22.35 50.78
C THR M 104 1.97 21.44 51.87
N ILE M 105 2.54 20.24 51.95
CA ILE M 105 2.36 19.41 53.14
C ILE M 105 3.73 19.03 53.65
N LEU M 106 3.85 18.92 54.97
CA LEU M 106 5.06 18.50 55.64
C LEU M 106 4.83 17.12 56.22
N ILE M 107 5.62 16.14 55.77
CA ILE M 107 5.55 14.78 56.27
C ILE M 107 6.64 14.62 57.33
N ASP M 108 6.25 14.35 58.56
CA ASP M 108 7.19 14.29 59.66
C ASP M 108 7.93 12.95 59.63
N LEU M 109 9.26 13.00 59.57
CA LEU M 109 10.06 11.80 59.62
C LEU M 109 10.15 11.27 61.05
N SER M 110 10.33 9.97 61.16
CA SER M 110 10.42 9.34 62.47
C SER M 110 11.87 9.12 62.86
N PRO M 111 12.27 9.42 64.09
CA PRO M 111 13.69 9.27 64.45
C PRO M 111 14.24 7.89 64.26
N ASP M 112 13.39 6.85 64.24
CA ASP M 112 13.84 5.48 64.07
C ASP M 112 14.08 5.11 62.62
N ASP M 113 13.79 6.00 61.67
CA ASP M 113 14.01 5.72 60.26
C ASP M 113 15.44 6.03 59.87
N LYS M 114 15.92 5.36 58.81
CA LYS M 114 17.28 5.61 58.35
C LYS M 114 17.41 6.95 57.64
N GLU M 115 16.32 7.47 57.09
CA GLU M 115 16.37 8.77 56.45
C GLU M 115 16.62 9.87 57.48
N PHE M 116 15.87 9.84 58.58
CA PHE M 116 16.08 10.79 59.66
C PHE M 116 17.51 10.73 60.16
N GLN M 117 18.04 9.51 60.30
CA GLN M 117 19.39 9.34 60.80
C GLN M 117 20.43 9.84 59.82
N SER M 118 20.21 9.66 58.52
CA SER M 118 21.12 10.19 57.52
C SER M 118 21.14 11.71 57.55
N VAL M 119 19.97 12.34 57.62
CA VAL M 119 19.94 13.80 57.65
C VAL M 119 20.59 14.33 58.92
N GLU M 120 20.33 13.69 60.06
CA GLU M 120 20.97 14.13 61.30
C GLU M 120 22.47 13.92 61.28
N GLU M 121 22.93 12.83 60.68
CA GLU M 121 24.37 12.62 60.55
C GLU M 121 25.00 13.72 59.71
N GLU M 122 24.35 14.09 58.60
CA GLU M 122 24.84 15.21 57.81
C GLU M 122 24.90 16.49 58.64
N MET M 123 23.87 16.77 59.43
CA MET M 123 23.89 17.95 60.28
C MET M 123 25.07 17.93 61.25
N GLN M 124 25.25 16.81 61.96
CA GLN M 124 26.19 16.79 63.06
C GLN M 124 27.64 16.73 62.58
N SER M 125 27.91 15.99 61.49
CA SER M 125 29.30 15.76 61.11
C SER M 125 29.93 16.95 60.38
N THR M 126 29.13 17.95 59.99
CA THR M 126 29.64 19.08 59.23
C THR M 126 29.74 20.35 60.06
N VAL M 127 29.82 20.24 61.38
CA VAL M 127 30.09 21.38 62.24
C VAL M 127 31.58 21.70 62.20
N ARG M 128 31.91 22.99 62.26
CA ARG M 128 33.27 23.46 62.15
C ARG M 128 33.49 24.64 63.08
N GLU M 129 34.75 24.97 63.28
CA GLU M 129 35.09 26.24 63.92
C GLU M 129 34.89 27.37 62.93
N HIS M 130 34.50 28.54 63.45
CA HIS M 130 34.29 29.72 62.63
C HIS M 130 35.06 30.90 63.24
N ARG M 131 35.40 31.86 62.39
CA ARG M 131 36.35 32.90 62.77
C ARG M 131 35.87 33.70 63.96
N ASP M 132 34.60 34.10 63.99
CA ASP M 132 34.09 34.85 65.12
C ASP M 132 33.88 33.92 66.31
N GLY M 133 33.97 34.49 67.51
CA GLY M 133 33.80 33.74 68.73
C GLY M 133 32.34 33.44 69.02
N GLY M 134 31.66 32.77 68.10
CA GLY M 134 30.25 32.48 68.28
C GLY M 134 29.36 33.71 68.24
N HIS M 135 29.86 34.83 67.72
CA HIS M 135 29.07 36.06 67.71
C HIS M 135 27.84 35.91 66.83
N ALA M 136 27.98 35.26 65.68
CA ALA M 136 26.89 35.17 64.71
C ALA M 136 26.08 33.88 64.87
N GLY M 137 26.76 32.74 64.98
CA GLY M 137 26.08 31.47 65.07
C GLY M 137 25.90 30.94 66.49
N GLY M 138 26.69 31.45 67.42
CA GLY M 138 26.71 30.91 68.76
C GLY M 138 27.88 29.96 68.99
N ILE M 139 28.00 29.50 70.23
CA ILE M 139 29.10 28.63 70.64
C ILE M 139 28.53 27.25 70.91
N PHE M 140 28.95 26.25 70.14
CA PHE M 140 28.40 24.93 70.26
C PHE M 140 29.29 23.94 69.54
N ASN M 141 29.10 22.65 69.87
CA ASN M 141 29.73 21.57 69.14
C ASN M 141 28.73 20.62 68.48
N ARG M 142 27.50 20.55 68.99
CA ARG M 142 26.49 19.63 68.47
C ARG M 142 25.14 20.34 68.45
N TYR M 143 24.17 19.66 67.86
CA TYR M 143 22.79 20.12 67.81
C TYR M 143 21.89 19.16 68.58
N ASN M 144 20.79 19.71 69.10
CA ASN M 144 19.64 18.92 69.53
C ASN M 144 18.63 19.01 68.40
N ILE M 145 18.46 17.92 67.66
CA ILE M 145 17.51 17.89 66.55
C ILE M 145 16.15 17.55 67.12
N LEU M 146 15.18 18.44 66.92
CA LEU M 146 13.84 18.25 67.43
C LEU M 146 12.98 17.46 66.45
N LYS M 147 12.97 17.86 65.18
CA LYS M 147 12.27 17.10 64.16
C LYS M 147 12.81 17.46 62.79
N ILE M 148 12.56 16.57 61.83
CA ILE M 148 12.89 16.77 60.43
C ILE M 148 11.65 16.46 59.62
N GLN M 149 11.31 17.33 58.68
CA GLN M 149 10.09 17.20 57.89
C GLN M 149 10.42 17.22 56.40
N LYS M 150 9.83 16.29 55.66
CA LYS M 150 9.87 16.31 54.21
C LYS M 150 8.86 17.33 53.69
N VAL M 151 9.29 18.19 52.76
CA VAL M 151 8.47 19.24 52.19
C VAL M 151 7.94 18.76 50.86
N CYS M 152 6.62 18.83 50.66
CA CYS M 152 5.99 18.33 49.44
C CYS M 152 5.08 19.41 48.86
N ASN M 153 5.38 19.82 47.63
CA ASN M 153 4.59 20.80 46.91
C ASN M 153 4.75 20.49 45.43
N LYS M 154 3.66 20.20 44.74
CA LYS M 154 3.75 19.67 43.39
C LYS M 154 4.15 20.73 42.37
N LYS M 155 3.59 21.94 42.48
CA LYS M 155 3.92 23.00 41.53
C LYS M 155 5.39 23.40 41.64
N LEU M 156 5.89 23.54 42.86
CA LEU M 156 7.30 23.85 43.06
C LEU M 156 8.21 22.73 42.56
N TRP M 157 7.82 21.48 42.81
CA TRP M 157 8.63 20.37 42.32
C TRP M 157 8.66 20.35 40.80
N GLU M 158 7.54 20.63 40.16
CA GLU M 158 7.52 20.68 38.70
C GLU M 158 8.41 21.78 38.18
N ARG M 159 8.38 22.95 38.82
CA ARG M 159 9.26 24.04 38.45
C ARG M 159 10.72 23.61 38.54
N TYR M 160 11.09 22.98 39.66
CA TYR M 160 12.47 22.56 39.86
C TYR M 160 12.89 21.53 38.81
N THR M 161 12.06 20.53 38.53
CA THR M 161 12.47 19.49 37.59
C THR M 161 12.50 19.99 36.15
N HIS M 162 11.65 20.96 35.79
CA HIS M 162 11.77 21.55 34.47
C HIS M 162 13.09 22.28 34.32
N ARG M 163 13.44 23.11 35.31
CA ARG M 163 14.73 23.79 35.23
C ARG M 163 15.88 22.79 35.22
N ARG M 164 15.73 21.67 35.94
CA ARG M 164 16.80 20.68 35.99
C ARG M 164 17.02 20.03 34.64
N LYS M 165 15.93 19.64 33.95
CA LYS M 165 16.06 19.11 32.60
C LYS M 165 16.69 20.13 31.67
N GLU M 166 16.31 21.39 31.81
CA GLU M 166 16.82 22.43 30.94
C GLU M 166 18.32 22.66 31.17
N VAL M 167 18.77 22.61 32.42
CA VAL M 167 20.19 22.77 32.71
C VAL M 167 20.99 21.57 32.23
N SER M 168 20.47 20.36 32.43
CA SER M 168 21.22 19.18 32.02
C SER M 168 21.21 18.95 30.52
N GLU M 169 20.26 19.55 29.78
CA GLU M 169 20.37 19.52 28.33
C GLU M 169 21.62 20.26 27.87
N GLU M 170 21.95 21.36 28.53
CA GLU M 170 23.30 21.89 28.55
C GLU M 170 24.13 21.05 29.52
N ASN M 171 25.42 21.25 29.55
CA ASN M 171 26.26 20.53 30.49
C ASN M 171 26.13 19.02 30.31
N HIS M 172 26.14 18.59 29.05
CA HIS M 172 26.31 17.19 28.65
C HIS M 172 25.53 16.23 29.52
N ASN M 173 24.23 16.49 29.67
CA ASN M 173 23.28 15.57 30.28
C ASN M 173 23.54 15.34 31.76
N HIS M 174 24.20 16.28 32.43
CA HIS M 174 24.52 16.17 33.84
C HIS M 174 24.02 17.43 34.54
N ALA M 175 23.16 17.24 35.54
CA ALA M 175 22.63 18.39 36.26
C ALA M 175 23.57 18.88 37.36
N ASN M 176 24.49 18.04 37.82
CA ASN M 176 25.40 18.39 38.91
C ASN M 176 24.62 18.83 40.14
N GLU M 177 23.84 17.88 40.65
CA GLU M 177 22.88 18.15 41.72
C GLU M 177 23.49 17.78 43.06
N ARG M 178 23.43 18.71 44.02
CA ARG M 178 23.96 18.55 45.36
C ARG M 178 22.84 18.75 46.36
N MET M 179 23.07 18.28 47.59
CA MET M 179 22.18 18.58 48.71
C MET M 179 22.95 19.44 49.70
N LEU M 180 22.44 20.64 49.94
CA LEU M 180 23.18 21.67 50.65
C LEU M 180 22.28 22.31 51.70
N PHE M 181 22.89 22.96 52.67
CA PHE M 181 22.14 23.59 53.73
C PHE M 181 21.84 25.05 53.39
N HIS M 182 20.68 25.51 53.83
CA HIS M 182 20.28 26.89 53.63
C HIS M 182 19.74 27.44 54.95
N GLY M 183 20.23 28.60 55.34
CA GLY M 183 19.74 29.27 56.52
C GLY M 183 19.20 30.64 56.18
N SER M 184 18.05 31.00 56.76
CA SER M 184 17.43 32.28 56.47
C SER M 184 16.30 32.49 57.46
N PRO M 185 15.96 33.74 57.78
CA PRO M 185 14.76 34.01 58.58
C PRO M 185 13.46 33.96 57.79
N PHE M 186 13.47 33.41 56.58
CA PHE M 186 12.32 33.35 55.70
C PHE M 186 12.10 31.94 55.17
N VAL M 187 12.23 30.94 56.04
CA VAL M 187 12.06 29.56 55.60
C VAL M 187 10.59 29.26 55.31
N ASN M 188 9.66 29.89 56.02
CA ASN M 188 8.25 29.64 55.76
C ASN M 188 7.87 30.07 54.35
N ALA M 189 8.26 31.28 53.97
CA ALA M 189 7.99 31.74 52.62
C ALA M 189 8.63 30.83 51.59
N ILE M 190 9.80 30.27 51.89
CA ILE M 190 10.48 29.41 50.92
C ILE M 190 9.74 28.09 50.77
N ILE M 191 9.28 27.51 51.87
CA ILE M 191 8.60 26.23 51.77
C ILE M 191 7.22 26.37 51.15
N HIS M 192 6.60 27.55 51.24
CA HIS M 192 5.26 27.71 50.67
C HIS M 192 5.27 28.28 49.27
N LYS M 193 6.29 29.06 48.90
CA LYS M 193 6.34 29.70 47.59
C LYS M 193 7.62 29.42 46.84
N GLY M 194 8.62 28.79 47.46
CA GLY M 194 9.84 28.43 46.78
C GLY M 194 10.93 29.48 46.89
N PHE M 195 12.12 29.09 46.44
CA PHE M 195 13.26 30.00 46.37
C PHE M 195 13.01 31.07 45.31
N ASP M 196 13.39 32.30 45.61
CA ASP M 196 13.03 33.44 44.76
C ASP M 196 14.19 34.41 44.73
N GLU M 197 14.84 34.53 43.56
CA GLU M 197 15.99 35.40 43.44
C GLU M 197 15.62 36.87 43.55
N ARG M 198 14.34 37.22 43.43
CA ARG M 198 13.91 38.59 43.60
C ARG M 198 14.09 39.10 45.02
N HIS M 199 14.37 38.21 45.98
CA HIS M 199 14.73 38.58 47.34
C HIS M 199 16.22 38.43 47.60
N ALA M 200 17.01 38.27 46.55
CA ALA M 200 18.35 37.72 46.68
C ALA M 200 19.22 38.56 47.60
N TYR M 201 20.23 37.90 48.18
CA TYR M 201 21.19 38.51 49.10
C TYR M 201 22.10 39.40 48.28
N ILE M 202 21.62 40.62 48.03
CA ILE M 202 22.31 41.54 47.12
C ILE M 202 23.65 42.01 47.67
N GLY M 203 23.81 42.05 48.99
CA GLY M 203 25.05 42.45 49.61
C GLY M 203 26.02 41.31 49.88
N GLY M 204 25.71 40.10 49.45
CA GLY M 204 26.57 38.98 49.74
C GLY M 204 27.90 39.06 49.00
N MET M 205 28.83 38.24 49.45
CA MET M 205 30.19 38.27 48.92
C MET M 205 30.23 38.02 47.42
N PHE M 206 29.28 37.25 46.88
CA PHE M 206 29.23 36.94 45.46
C PHE M 206 28.03 37.57 44.76
N GLY M 207 27.52 38.68 45.28
CA GLY M 207 26.47 39.39 44.60
C GLY M 207 25.07 38.94 44.97
N ALA M 208 24.13 39.25 44.09
CA ALA M 208 22.72 39.01 44.35
C ALA M 208 22.33 37.57 44.03
N GLY M 209 22.76 36.64 44.87
CA GLY M 209 22.44 35.24 44.70
C GLY M 209 21.85 34.62 45.97
N ILE M 210 21.44 33.36 45.82
CA ILE M 210 20.97 32.53 46.90
C ILE M 210 22.12 31.62 47.30
N TYR M 211 22.48 31.62 48.58
CA TYR M 211 23.69 31.01 49.08
C TYR M 211 23.38 29.70 49.79
N PHE M 212 24.21 28.70 49.54
CA PHE M 212 24.09 27.38 50.14
C PHE M 212 25.47 26.97 50.62
N ALA M 213 25.50 26.09 51.61
CA ALA M 213 26.76 25.64 52.16
C ALA M 213 26.68 24.15 52.46
N GLU M 214 27.82 23.48 52.37
CA GLU M 214 27.91 22.08 52.73
C GLU M 214 28.23 21.88 54.20
N ASN M 215 28.43 22.95 54.96
CA ASN M 215 28.60 22.88 56.40
C ASN M 215 27.35 23.42 57.06
N SER M 216 26.71 22.62 57.89
CA SER M 216 25.47 23.06 58.54
C SER M 216 25.73 24.26 59.44
N SER M 217 26.86 24.26 60.15
CA SER M 217 27.17 25.37 61.05
C SER M 217 27.44 26.66 60.28
N LYS M 218 27.95 26.56 59.05
CA LYS M 218 28.07 27.74 58.22
C LYS M 218 26.71 28.36 57.92
N SER M 219 25.72 27.53 57.58
CA SER M 219 24.38 28.05 57.30
C SER M 219 23.69 28.49 58.59
N ASN M 220 24.09 27.95 59.72
CA ASN M 220 23.49 28.32 60.99
C ASN M 220 23.75 29.78 61.33
N GLN M 221 24.79 30.38 60.73
CA GLN M 221 25.11 31.77 60.99
C GLN M 221 24.10 32.73 60.39
N TYR M 222 23.26 32.27 59.47
CA TYR M 222 22.29 33.12 58.79
C TYR M 222 20.85 32.89 59.24
N VAL M 223 20.63 31.99 60.19
CA VAL M 223 19.27 31.62 60.55
C VAL M 223 18.51 32.81 61.12
N TYR M 224 19.14 33.57 62.01
CA TYR M 224 18.47 34.71 62.63
C TYR M 224 18.69 35.99 61.87
N GLY M 225 19.40 35.97 60.76
CA GLY M 225 19.61 37.13 59.94
C GLY M 225 21.01 37.15 59.41
N ILE M 226 21.40 38.30 58.85
CA ILE M 226 22.76 38.46 58.36
C ILE M 226 23.70 38.61 59.55
N GLY M 227 24.68 37.71 59.63
CA GLY M 227 25.60 37.72 60.74
C GLY M 227 24.95 37.54 62.09
N GLY M 228 23.90 36.73 62.17
CA GLY M 228 23.26 36.40 63.43
C GLY M 228 22.07 37.26 63.81
N GLY M 229 21.82 38.34 63.09
CA GLY M 229 20.69 39.19 63.41
C GLY M 229 20.79 39.74 64.81
N THR M 230 19.64 39.88 65.46
CA THR M 230 19.56 40.27 66.86
C THR M 230 19.40 39.07 67.79
N GLY M 231 19.62 37.86 67.27
CA GLY M 231 19.35 36.67 68.03
C GLY M 231 17.88 36.30 67.95
N CYS M 232 17.50 35.37 68.82
CA CYS M 232 16.13 34.91 68.82
C CYS M 232 15.19 36.07 69.16
N PRO M 233 13.96 36.06 68.65
CA PRO M 233 13.01 37.11 69.04
C PRO M 233 12.75 37.16 70.53
N VAL M 234 12.66 35.99 71.19
CA VAL M 234 12.24 35.97 72.59
C VAL M 234 13.31 36.55 73.50
N HIS M 235 14.58 36.17 73.32
CA HIS M 235 15.64 36.62 74.20
C HIS M 235 16.53 37.67 73.56
N LYS M 236 16.48 37.84 72.25
CA LYS M 236 17.42 38.71 71.52
C LYS M 236 18.85 38.24 71.70
N ASP M 237 19.05 36.94 71.86
CA ASP M 237 20.36 36.37 72.13
C ASP M 237 20.81 35.55 70.93
N ARG M 238 22.02 35.84 70.44
CA ARG M 238 22.51 35.17 69.24
C ARG M 238 23.10 33.81 69.54
N SER M 239 23.32 33.50 70.82
CA SER M 239 23.75 32.16 71.25
C SER M 239 22.72 31.51 72.15
N CYS M 240 21.43 31.73 71.89
CA CYS M 240 20.39 31.16 72.72
C CYS M 240 20.42 29.65 72.60
N TYR M 241 20.46 28.97 73.74
CA TYR M 241 20.36 27.52 73.79
C TYR M 241 18.93 27.06 74.05
N ILE M 242 17.96 27.96 74.03
CA ILE M 242 16.59 27.65 74.43
C ILE M 242 15.65 27.64 73.22
N CYS M 243 15.76 28.63 72.34
CA CYS M 243 14.79 28.79 71.28
C CYS M 243 15.14 27.93 70.06
N HIS M 244 14.10 27.52 69.34
CA HIS M 244 14.24 26.60 68.23
C HIS M 244 14.67 27.33 66.96
N ARG M 245 15.54 26.69 66.19
CA ARG M 245 16.04 27.22 64.94
C ARG M 245 15.63 26.29 63.80
N GLN M 246 15.66 26.80 62.57
CA GLN M 246 15.24 26.05 61.40
C GLN M 246 16.25 26.20 60.27
N LEU M 247 16.67 25.07 59.71
CA LEU M 247 17.49 25.05 58.51
C LEU M 247 16.76 24.28 57.41
N LEU M 248 17.09 24.57 56.16
CA LEU M 248 16.60 23.79 55.04
C LEU M 248 17.73 22.93 54.49
N PHE M 249 17.39 21.72 54.09
CA PHE M 249 18.29 20.85 53.35
C PHE M 249 17.69 20.75 51.96
N CYS M 250 18.42 21.20 50.95
CA CYS M 250 17.84 21.50 49.65
C CYS M 250 18.61 20.82 48.53
N ARG M 251 17.86 20.34 47.53
CA ARG M 251 18.45 19.94 46.27
C ARG M 251 18.77 21.17 45.45
N VAL M 252 20.01 21.27 44.99
CA VAL M 252 20.48 22.42 44.22
C VAL M 252 21.15 21.89 42.97
N THR M 253 20.71 22.34 41.80
CA THR M 253 21.39 21.99 40.56
C THR M 253 22.41 23.07 40.27
N LEU M 254 23.68 22.67 40.19
CA LEU M 254 24.76 23.62 39.96
C LEU M 254 25.20 23.67 38.50
N GLY M 255 24.90 22.65 37.71
CA GLY M 255 25.26 22.67 36.31
C GLY M 255 26.74 22.84 36.16
N LYS M 256 27.15 23.67 35.20
CA LYS M 256 28.53 24.08 35.09
C LYS M 256 28.78 25.22 36.06
N SER M 257 29.62 24.99 37.06
CA SER M 257 29.83 25.93 38.14
C SER M 257 31.17 26.66 37.95
N PHE M 258 31.14 27.98 38.08
CA PHE M 258 32.33 28.81 37.93
C PHE M 258 33.08 28.87 39.24
N LEU M 259 34.36 28.50 39.21
CA LEU M 259 35.19 28.49 40.41
C LEU M 259 35.75 29.88 40.66
N GLN M 260 35.41 30.46 41.81
CA GLN M 260 35.82 31.80 42.15
C GLN M 260 36.52 31.77 43.49
N PHE M 261 37.64 32.49 43.60
CA PHE M 261 38.45 32.47 44.81
C PHE M 261 38.49 33.81 45.53
N SER M 262 37.73 34.81 45.08
CA SER M 262 37.72 36.12 45.70
C SER M 262 36.34 36.73 45.59
N ALA M 263 36.07 37.70 46.46
CA ALA M 263 34.79 38.40 46.42
C ALA M 263 34.58 39.03 45.05
N MET M 264 33.37 38.87 44.52
CA MET M 264 33.08 39.30 43.15
C MET M 264 31.57 39.49 43.05
N LYS M 265 31.14 40.76 43.04
CA LYS M 265 29.72 41.08 42.99
C LYS M 265 29.18 40.73 41.61
N MET M 266 28.31 39.73 41.56
CA MET M 266 27.65 39.30 40.33
C MET M 266 26.15 39.48 40.46
N ALA M 267 25.51 39.91 39.39
CA ALA M 267 24.05 39.92 39.36
C ALA M 267 23.47 38.62 38.84
N HIS M 268 24.19 37.95 37.94
CA HIS M 268 23.76 36.68 37.36
C HIS M 268 24.98 35.77 37.35
N SER M 269 24.81 34.57 36.80
CA SER M 269 25.96 33.70 36.65
C SER M 269 26.91 34.26 35.59
N PRO M 270 28.20 33.93 35.66
CA PRO M 270 29.10 34.29 34.58
C PRO M 270 28.72 33.56 33.31
N PRO M 271 29.03 34.12 32.14
CA PRO M 271 28.60 33.49 30.89
C PRO M 271 29.07 32.05 30.77
N GLY M 272 28.19 31.20 30.25
CA GLY M 272 28.48 29.80 30.06
C GLY M 272 28.29 28.92 31.27
N HIS M 273 27.93 29.51 32.42
CA HIS M 273 27.85 28.79 33.67
C HIS M 273 26.46 28.94 34.29
N HIS M 274 26.17 28.06 35.25
CA HIS M 274 24.87 28.02 35.90
C HIS M 274 24.93 28.34 37.38
N SER M 275 26.11 28.50 37.95
CA SER M 275 26.25 28.74 39.39
C SER M 275 27.68 29.13 39.66
N VAL M 276 27.94 29.52 40.91
CA VAL M 276 29.27 29.92 41.34
C VAL M 276 29.66 29.10 42.56
N THR M 277 30.89 28.57 42.54
CA THR M 277 31.48 27.88 43.68
C THR M 277 32.60 28.74 44.25
N GLY M 278 32.39 29.24 45.46
CA GLY M 278 33.45 29.94 46.19
C GLY M 278 34.26 28.96 47.00
N ARG M 279 35.57 28.81 46.66
CA ARG M 279 36.46 27.82 47.25
C ARG M 279 37.20 28.39 48.46
N PRO M 280 37.56 27.53 49.41
CA PRO M 280 38.38 28.01 50.54
C PRO M 280 39.74 28.49 50.06
N SER M 281 40.29 29.46 50.79
CA SER M 281 41.62 29.98 50.48
C SER M 281 42.25 30.47 51.77
N VAL M 282 43.59 30.56 51.76
CA VAL M 282 44.31 31.02 52.95
C VAL M 282 43.89 32.44 53.31
N ASN M 283 43.81 33.32 52.30
CA ASN M 283 43.39 34.70 52.50
C ASN M 283 41.94 34.93 52.10
N GLY M 284 41.19 33.87 51.81
CA GLY M 284 39.81 34.00 51.38
C GLY M 284 38.84 33.24 52.24
N LEU M 285 37.92 32.51 51.60
CA LEU M 285 36.88 31.82 52.33
C LEU M 285 37.48 30.72 53.22
N ALA M 286 36.89 30.57 54.41
CA ALA M 286 37.26 29.44 55.25
C ALA M 286 36.60 28.15 54.78
N LEU M 287 35.38 28.25 54.24
CA LEU M 287 34.60 27.08 53.85
C LEU M 287 33.93 27.35 52.51
N ALA M 288 33.46 26.29 51.88
CA ALA M 288 32.89 26.39 50.53
C ALA M 288 31.54 27.12 50.54
N GLU M 289 31.30 27.87 49.48
CA GLU M 289 30.05 28.57 49.25
C GLU M 289 29.50 28.16 47.88
N TYR M 290 28.18 28.05 47.76
CA TYR M 290 27.54 27.79 46.49
C TYR M 290 26.47 28.84 46.25
N VAL M 291 26.52 29.51 45.11
CA VAL M 291 25.60 30.59 44.83
C VAL M 291 24.87 30.26 43.53
N ILE M 292 23.55 30.35 43.58
CA ILE M 292 22.73 30.30 42.37
C ILE M 292 22.05 31.64 42.21
N TYR M 293 21.68 31.97 40.98
CA TYR M 293 21.09 33.27 40.69
C TYR M 293 19.70 33.14 40.08
N ARG M 294 19.16 31.93 40.01
CA ARG M 294 17.80 31.68 39.56
C ARG M 294 17.13 30.80 40.59
N GLY M 295 15.97 31.24 41.09
CA GLY M 295 15.34 30.55 42.21
C GLY M 295 14.90 29.14 41.88
N GLU M 296 14.53 28.89 40.62
CA GLU M 296 14.02 27.58 40.26
C GLU M 296 15.09 26.50 40.23
N GLN M 297 16.32 26.82 40.61
CA GLN M 297 17.37 25.81 40.63
C GLN M 297 17.55 25.15 41.99
N ALA M 298 16.70 25.47 42.96
CA ALA M 298 16.76 24.85 44.27
C ALA M 298 15.36 24.40 44.69
N TYR M 299 15.32 23.30 45.41
CA TYR M 299 14.09 22.81 45.98
C TYR M 299 14.34 22.40 47.43
N PRO M 300 13.56 22.91 48.39
CA PRO M 300 13.77 22.53 49.79
C PRO M 300 13.18 21.17 50.13
N GLU M 301 14.01 20.15 50.30
CA GLU M 301 13.46 18.82 50.49
C GLU M 301 13.17 18.54 51.96
N TYR M 302 14.01 19.03 52.88
CA TYR M 302 13.83 18.77 54.30
C TYR M 302 13.82 20.08 55.07
N LEU M 303 12.97 20.15 56.07
CA LEU M 303 12.96 21.24 57.04
C LEU M 303 13.40 20.69 58.38
N ILE M 304 14.51 21.19 58.90
CA ILE M 304 15.14 20.68 60.11
C ILE M 304 14.94 21.72 61.21
N THR M 305 14.39 21.28 62.33
CA THR M 305 14.19 22.13 63.51
C THR M 305 15.13 21.64 64.60
N TYR M 306 15.82 22.57 65.25
CA TYR M 306 16.89 22.19 66.16
C TYR M 306 17.17 23.30 67.15
N GLN M 307 17.96 22.96 68.15
CA GLN M 307 18.61 23.91 69.03
C GLN M 307 20.11 23.64 69.02
N ILE M 308 20.90 24.64 69.34
CA ILE M 308 22.31 24.42 69.59
C ILE M 308 22.50 24.07 71.05
N MET M 309 23.51 23.26 71.34
CA MET M 309 23.77 22.81 72.70
C MET M 309 25.23 23.03 73.07
N ASP N 26 -39.62 14.05 21.62
CA ASP N 26 -38.67 13.25 20.86
C ASP N 26 -39.28 12.79 19.55
N PHE N 27 -39.80 13.74 18.76
CA PHE N 27 -40.50 13.40 17.53
C PHE N 27 -39.62 13.51 16.29
N SER N 28 -38.61 14.37 16.30
CA SER N 28 -37.71 14.43 15.15
C SER N 28 -37.00 13.09 14.96
N ILE N 29 -36.54 12.50 16.07
CA ILE N 29 -35.89 11.20 15.99
C ILE N 29 -36.87 10.15 15.48
N THR N 30 -38.12 10.23 15.91
CA THR N 30 -39.12 9.26 15.49
C THR N 30 -39.37 9.34 13.99
N GLN N 31 -39.54 10.56 13.47
CA GLN N 31 -39.74 10.72 12.04
C GLN N 31 -38.52 10.25 11.26
N PHE N 32 -37.33 10.62 11.73
CA PHE N 32 -36.10 10.23 11.04
C PHE N 32 -35.96 8.71 10.98
N VAL N 33 -36.25 8.02 12.09
CA VAL N 33 -36.09 6.58 12.12
C VAL N 33 -37.21 5.89 11.34
N ARG N 34 -38.42 6.45 11.34
CA ARG N 34 -39.49 5.85 10.55
C ARG N 34 -39.21 5.97 9.06
N ASN N 35 -38.71 7.13 8.61
CA ASN N 35 -38.40 7.29 7.20
C ASN N 35 -37.43 6.23 6.70
N LEU N 36 -36.50 5.80 7.55
CA LEU N 36 -35.53 4.81 7.15
C LEU N 36 -36.06 3.38 7.24
N GLY N 37 -37.28 3.19 7.73
CA GLY N 37 -37.80 1.86 7.92
C GLY N 37 -37.22 1.13 9.11
N LEU N 38 -36.71 1.87 10.09
CA LEU N 38 -36.04 1.31 11.26
C LEU N 38 -36.83 1.55 12.54
N GLU N 39 -38.16 1.56 12.45
CA GLU N 39 -38.96 1.89 13.62
C GLU N 39 -38.81 0.86 14.73
N HIS N 40 -38.48 -0.38 14.38
CA HIS N 40 -38.29 -1.41 15.41
C HIS N 40 -37.14 -1.11 16.34
N LEU N 41 -36.24 -0.19 15.97
CA LEU N 41 -35.15 0.22 16.85
C LEU N 41 -35.56 1.26 17.86
N MET N 42 -36.75 1.83 17.74
CA MET N 42 -37.08 3.00 18.54
C MET N 42 -37.03 2.71 20.04
N ASP N 43 -37.38 1.48 20.45
CA ASP N 43 -37.35 1.17 21.88
C ASP N 43 -35.96 1.34 22.46
N ILE N 44 -34.91 1.07 21.68
CA ILE N 44 -33.56 1.39 22.15
C ILE N 44 -33.38 2.89 22.28
N PHE N 45 -33.74 3.64 21.24
CA PHE N 45 -33.52 5.08 21.26
C PHE N 45 -34.26 5.75 22.43
N GLU N 46 -35.39 5.19 22.83
CA GLU N 46 -36.14 5.77 23.94
C GLU N 46 -35.48 5.44 25.27
N ARG N 47 -34.92 4.24 25.42
CA ARG N 47 -34.30 3.88 26.69
C ARG N 47 -32.98 4.60 26.88
N GLU N 48 -32.23 4.82 25.82
CA GLU N 48 -30.95 5.50 25.91
C GLU N 48 -31.10 7.01 25.78
N GLN N 49 -32.32 7.51 25.66
CA GLN N 49 -32.57 8.95 25.57
C GLN N 49 -31.81 9.57 24.40
N ILE N 50 -31.83 8.90 23.26
CA ILE N 50 -31.13 9.37 22.07
C ILE N 50 -32.06 10.33 21.33
N THR N 51 -31.68 11.59 21.27
CA THR N 51 -32.37 12.57 20.47
C THR N 51 -31.65 12.73 19.13
N LEU N 52 -32.26 13.47 18.22
CA LEU N 52 -31.65 13.63 16.90
C LEU N 52 -30.33 14.39 16.98
N ASP N 53 -30.25 15.41 17.82
CA ASP N 53 -29.01 16.14 18.03
C ASP N 53 -27.92 15.28 18.64
N VAL N 54 -28.27 14.21 19.36
CA VAL N 54 -27.25 13.25 19.79
C VAL N 54 -26.91 12.29 18.67
N LEU N 55 -27.92 11.85 17.92
CA LEU N 55 -27.70 10.84 16.89
C LEU N 55 -26.79 11.36 15.79
N VAL N 56 -26.90 12.64 15.44
CA VAL N 56 -26.08 13.18 14.37
C VAL N 56 -24.59 13.10 14.68
N GLU N 57 -24.22 12.88 15.94
CA GLU N 57 -22.83 12.84 16.35
C GLU N 57 -22.31 11.41 16.61
N MET N 58 -23.07 10.39 16.25
CA MET N 58 -22.75 9.01 16.60
C MET N 58 -22.23 8.28 15.37
N GLY N 59 -21.09 7.62 15.52
CA GLY N 59 -20.54 6.77 14.49
C GLY N 59 -20.78 5.31 14.78
N HIS N 60 -20.10 4.45 14.02
CA HIS N 60 -20.29 3.01 14.17
C HIS N 60 -19.98 2.56 15.60
N LYS N 61 -18.93 3.13 16.19
CA LYS N 61 -18.51 2.73 17.54
C LYS N 61 -19.58 3.06 18.58
N GLU N 62 -20.09 4.29 18.57
CA GLU N 62 -21.09 4.70 19.55
C GLU N 62 -22.41 3.96 19.35
N LEU N 63 -22.84 3.80 18.10
CA LEU N 63 -24.07 3.06 17.84
C LEU N 63 -23.94 1.61 18.28
N LYS N 64 -22.78 1.01 18.06
CA LYS N 64 -22.53 -0.34 18.54
C LYS N 64 -22.54 -0.40 20.06
N GLU N 65 -22.13 0.67 20.74
CA GLU N 65 -22.19 0.66 22.21
C GLU N 65 -23.62 0.54 22.71
N ILE N 66 -24.56 1.32 22.16
CA ILE N 66 -25.91 1.37 22.70
C ILE N 66 -26.75 0.17 22.32
N GLY N 67 -26.28 -0.67 21.41
CA GLY N 67 -26.97 -1.90 21.07
C GLY N 67 -27.52 -2.02 19.67
N ILE N 68 -27.03 -1.22 18.72
CA ILE N 68 -27.33 -1.45 17.31
C ILE N 68 -26.27 -2.40 16.78
N ASN N 69 -26.56 -3.71 16.83
CA ASN N 69 -25.52 -4.69 16.59
C ASN N 69 -25.32 -4.99 15.11
N ALA N 70 -26.34 -4.79 14.29
CA ALA N 70 -26.27 -5.14 12.87
C ALA N 70 -25.59 -4.02 12.08
N TYR N 71 -24.63 -4.41 11.24
CA TYR N 71 -23.93 -3.41 10.43
C TYR N 71 -24.88 -2.68 9.51
N GLY N 72 -25.88 -3.39 8.95
CA GLY N 72 -26.78 -2.74 8.02
C GLY N 72 -27.55 -1.59 8.62
N HIS N 73 -28.04 -1.76 9.86
CA HIS N 73 -28.79 -0.70 10.52
C HIS N 73 -27.92 0.51 10.81
N ARG N 74 -26.71 0.30 11.30
CA ARG N 74 -25.81 1.41 11.56
C ARG N 74 -25.46 2.13 10.28
N HIS N 75 -25.22 1.38 9.20
CA HIS N 75 -24.95 1.97 7.90
C HIS N 75 -26.10 2.87 7.47
N LYS N 76 -27.33 2.38 7.59
CA LYS N 76 -28.49 3.17 7.19
C LYS N 76 -28.63 4.43 8.04
N LEU N 77 -28.47 4.31 9.36
CA LEU N 77 -28.57 5.48 10.22
C LEU N 77 -27.51 6.51 9.89
N ILE N 78 -26.27 6.07 9.70
CA ILE N 78 -25.17 7.00 9.45
C ILE N 78 -25.36 7.70 8.11
N LYS N 79 -25.76 6.96 7.08
CA LYS N 79 -25.94 7.61 5.79
C LYS N 79 -27.17 8.51 5.75
N GLY N 80 -28.20 8.21 6.54
CA GLY N 80 -29.28 9.16 6.69
C GLY N 80 -28.84 10.43 7.38
N VAL N 81 -28.04 10.31 8.43
CA VAL N 81 -27.52 11.49 9.09
C VAL N 81 -26.67 12.31 8.11
N GLU N 82 -25.91 11.64 7.26
CA GLU N 82 -25.13 12.36 6.25
C GLU N 82 -26.05 13.11 5.30
N ARG N 83 -27.03 12.41 4.72
CA ARG N 83 -27.96 13.04 3.79
C ARG N 83 -28.72 14.20 4.42
N LEU N 84 -28.81 14.23 5.75
CA LEU N 84 -29.47 15.35 6.42
C LEU N 84 -28.49 16.50 6.66
N ILE N 85 -27.36 16.21 7.30
CA ILE N 85 -26.48 17.27 7.77
C ILE N 85 -25.71 17.89 6.60
N SER N 86 -25.14 17.07 5.73
CA SER N 86 -24.37 17.58 4.61
C SER N 86 -25.25 17.79 3.38
N GLY N 87 -26.19 16.88 3.13
CA GLY N 87 -27.01 16.95 1.94
C GLY N 87 -27.90 18.17 1.88
N GLN N 88 -28.20 18.77 3.02
CA GLN N 88 -29.05 19.96 3.10
C GLN N 88 -28.33 21.06 3.86
N GLN N 89 -27.04 21.24 3.56
CA GLN N 89 -26.22 22.18 4.32
C GLN N 89 -26.78 23.59 4.23
N GLY N 90 -27.42 23.94 3.11
CA GLY N 90 -27.95 25.29 2.96
C GLY N 90 -29.09 25.61 3.89
N LEU N 91 -29.78 24.59 4.41
CA LEU N 91 -30.80 24.81 5.43
C LEU N 91 -30.22 24.89 6.83
N ASN N 92 -28.96 24.47 7.02
CA ASN N 92 -28.30 24.50 8.31
C ASN N 92 -29.07 23.73 9.40
N PRO N 93 -29.41 22.47 9.14
CA PRO N 93 -30.09 21.69 10.19
C PRO N 93 -29.22 21.45 11.41
N TYR N 94 -27.89 21.48 11.25
CA TYR N 94 -27.00 21.27 12.39
C TYR N 94 -27.08 22.41 13.40
N LEU N 95 -27.25 23.64 12.92
CA LEU N 95 -27.37 24.78 13.81
C LEU N 95 -28.66 24.75 14.61
N THR N 96 -29.73 24.22 14.00
CA THR N 96 -30.99 24.09 14.73
C THR N 96 -30.92 22.97 15.76
N LEU N 97 -30.02 22.01 15.57
CA LEU N 97 -29.92 20.89 16.50
C LEU N 97 -29.00 21.20 17.68
N ASN N 98 -27.98 22.05 17.46
CA ASN N 98 -26.94 22.31 18.44
C ASN N 98 -27.16 23.62 19.20
N THR N 99 -28.41 23.97 19.49
CA THR N 99 -28.64 25.12 20.36
C THR N 99 -28.39 24.78 21.82
N SER N 100 -28.57 23.53 22.20
CA SER N 100 -28.42 23.12 23.59
C SER N 100 -26.95 23.16 24.00
N GLY N 101 -26.69 23.66 25.21
CA GLY N 101 -25.36 23.76 25.73
C GLY N 101 -24.68 25.09 25.52
N SER N 102 -25.13 25.90 24.58
CA SER N 102 -24.61 27.24 24.44
C SER N 102 -25.06 28.09 25.63
N GLY N 103 -24.44 29.26 25.77
CA GLY N 103 -24.75 30.17 26.85
C GLY N 103 -23.62 30.30 27.85
N THR N 104 -23.76 31.27 28.73
CA THR N 104 -22.70 31.65 29.65
C THR N 104 -22.79 30.87 30.95
N ILE N 105 -21.62 30.57 31.52
CA ILE N 105 -21.54 30.11 32.91
C ILE N 105 -20.54 30.99 33.64
N LEU N 106 -20.75 31.11 34.94
CA LEU N 106 -19.90 31.91 35.82
C LEU N 106 -19.22 30.97 36.80
N ILE N 107 -17.91 30.85 36.71
CA ILE N 107 -17.13 30.02 37.61
C ILE N 107 -16.57 30.91 38.71
N ASP N 108 -16.86 30.56 39.95
CA ASP N 108 -16.45 31.39 41.07
C ASP N 108 -14.99 31.15 41.41
N LEU N 109 -14.26 32.23 41.70
CA LEU N 109 -12.87 32.11 42.10
C LEU N 109 -12.75 31.95 43.62
N SER N 110 -11.77 31.18 44.04
CA SER N 110 -11.49 31.00 45.46
C SER N 110 -10.58 32.14 45.96
N PRO N 111 -10.94 32.85 47.03
CA PRO N 111 -10.07 33.92 47.52
C PRO N 111 -8.69 33.43 47.93
N ASP N 112 -8.52 32.14 48.17
CA ASP N 112 -7.22 31.59 48.51
C ASP N 112 -6.32 31.37 47.31
N ASP N 113 -6.82 31.57 46.09
CA ASP N 113 -6.07 31.34 44.88
C ASP N 113 -5.31 32.60 44.47
N LYS N 114 -4.21 32.40 43.75
CA LYS N 114 -3.40 33.54 43.35
C LYS N 114 -4.05 34.35 42.24
N GLU N 115 -4.98 33.74 41.48
CA GLU N 115 -5.70 34.49 40.46
C GLU N 115 -6.63 35.52 41.09
N PHE N 116 -7.34 35.12 42.14
CA PHE N 116 -8.19 36.06 42.87
C PHE N 116 -7.36 37.19 43.46
N GLN N 117 -6.20 36.86 44.01
CA GLN N 117 -5.36 37.88 44.62
C GLN N 117 -4.73 38.79 43.57
N SER N 118 -4.45 38.26 42.38
CA SER N 118 -3.98 39.12 41.28
C SER N 118 -5.05 40.11 40.86
N VAL N 119 -6.28 39.63 40.67
CA VAL N 119 -7.35 40.53 40.25
C VAL N 119 -7.62 41.55 41.34
N GLU N 120 -7.57 41.13 42.60
CA GLU N 120 -7.83 42.06 43.69
C GLU N 120 -6.72 43.09 43.82
N GLU N 121 -5.47 42.69 43.62
CA GLU N 121 -4.38 43.64 43.64
C GLU N 121 -4.53 44.65 42.51
N GLU N 122 -4.97 44.20 41.33
CA GLU N 122 -5.26 45.13 40.24
C GLU N 122 -6.36 46.11 40.61
N MET N 123 -7.42 45.64 41.26
CA MET N 123 -8.47 46.55 41.70
C MET N 123 -7.94 47.56 42.69
N GLN N 124 -7.23 47.09 43.71
CA GLN N 124 -6.88 47.95 44.84
C GLN N 124 -5.75 48.92 44.51
N SER N 125 -4.76 48.48 43.74
CA SER N 125 -3.58 49.29 43.50
C SER N 125 -3.80 50.39 42.48
N THR N 126 -4.85 50.28 41.66
CA THR N 126 -5.12 51.28 40.63
C THR N 126 -6.21 52.26 41.04
N VAL N 127 -6.50 52.38 42.33
CA VAL N 127 -7.40 53.43 42.79
C VAL N 127 -6.68 54.77 42.71
N ARG N 128 -7.42 55.80 42.31
CA ARG N 128 -6.88 57.14 42.21
C ARG N 128 -7.92 58.11 42.73
N GLU N 129 -7.45 59.22 43.29
CA GLU N 129 -8.34 60.32 43.59
C GLU N 129 -8.78 60.96 42.29
N HIS N 130 -10.04 61.38 42.22
CA HIS N 130 -10.59 61.92 40.98
C HIS N 130 -11.03 63.38 41.17
N ARG N 131 -11.21 64.05 40.03
CA ARG N 131 -11.40 65.50 40.04
C ARG N 131 -12.67 65.91 40.76
N ASP N 132 -13.71 65.08 40.72
CA ASP N 132 -14.95 65.39 41.40
C ASP N 132 -14.89 65.01 42.87
N GLY N 133 -15.71 65.67 43.68
CA GLY N 133 -15.79 65.36 45.10
C GLY N 133 -16.62 64.13 45.37
N GLY N 134 -16.26 63.00 44.74
CA GLY N 134 -17.03 61.79 44.89
C GLY N 134 -18.44 61.89 44.37
N HIS N 135 -18.64 62.63 43.28
CA HIS N 135 -19.99 62.81 42.75
C HIS N 135 -20.47 61.55 42.01
N ALA N 136 -19.56 60.90 41.28
CA ALA N 136 -19.92 59.77 40.44
C ALA N 136 -19.61 58.43 41.10
N GLY N 137 -18.37 58.25 41.55
CA GLY N 137 -17.99 57.02 42.19
C GLY N 137 -18.03 57.07 43.71
N GLY N 138 -18.20 58.26 44.26
CA GLY N 138 -18.24 58.43 45.70
C GLY N 138 -16.88 58.73 46.29
N ILE N 139 -16.78 58.50 47.60
CA ILE N 139 -15.56 58.72 48.37
C ILE N 139 -15.10 57.37 48.90
N PHE N 140 -13.86 57.02 48.61
CA PHE N 140 -13.31 55.75 49.08
C PHE N 140 -11.85 55.66 48.69
N ASN N 141 -11.12 54.80 49.41
CA ASN N 141 -9.75 54.45 49.07
C ASN N 141 -9.58 52.98 48.72
N ARG N 142 -10.49 52.13 49.16
CA ARG N 142 -10.36 50.69 48.97
C ARG N 142 -11.72 50.13 48.56
N TYR N 143 -11.72 48.85 48.21
CA TYR N 143 -12.94 48.11 47.97
C TYR N 143 -13.03 46.93 48.93
N ASN N 144 -14.25 46.58 49.28
CA ASN N 144 -14.57 45.28 49.87
C ASN N 144 -14.97 44.36 48.73
N ILE N 145 -14.11 43.42 48.39
CA ILE N 145 -14.32 42.56 47.24
C ILE N 145 -15.14 41.35 47.68
N LEU N 146 -16.37 41.24 47.20
CA LEU N 146 -17.27 40.18 47.62
C LEU N 146 -17.06 38.89 46.84
N LYS N 147 -16.95 38.97 45.51
CA LYS N 147 -16.63 37.80 44.73
C LYS N 147 -16.18 38.21 43.34
N ILE N 148 -15.37 37.36 42.73
CA ILE N 148 -14.87 37.54 41.38
C ILE N 148 -15.19 36.28 40.60
N GLN N 149 -15.77 36.42 39.42
CA GLN N 149 -16.25 35.29 38.63
C GLN N 149 -15.63 35.31 37.25
N LYS N 150 -15.24 34.13 36.78
CA LYS N 150 -14.78 33.91 35.42
C LYS N 150 -15.99 33.69 34.51
N VAL N 151 -16.07 34.44 33.42
CA VAL N 151 -17.19 34.39 32.50
C VAL N 151 -16.80 33.48 31.33
N CYS N 152 -17.58 32.43 31.08
CA CYS N 152 -17.28 31.45 30.06
C CYS N 152 -18.45 31.34 29.10
N ASN N 153 -18.17 31.52 27.81
CA ASN N 153 -19.18 31.49 26.76
C ASN N 153 -18.43 31.22 25.45
N LYS N 154 -18.59 30.02 24.90
CA LYS N 154 -17.77 29.61 23.76
C LYS N 154 -18.05 30.44 22.51
N LYS N 155 -19.31 30.77 22.26
CA LYS N 155 -19.66 31.52 21.06
C LYS N 155 -19.01 32.90 21.06
N LEU N 156 -19.17 33.64 22.17
CA LEU N 156 -18.53 34.94 22.30
C LEU N 156 -17.01 34.82 22.27
N TRP N 157 -16.47 33.76 22.87
CA TRP N 157 -15.03 33.60 22.89
C TRP N 157 -14.47 33.43 21.49
N GLU N 158 -15.13 32.61 20.67
CA GLU N 158 -14.64 32.40 19.32
C GLU N 158 -14.84 33.62 18.45
N ARG N 159 -15.91 34.37 18.66
CA ARG N 159 -16.02 35.67 18.00
C ARG N 159 -14.82 36.56 18.32
N TYR N 160 -14.47 36.67 19.61
CA TYR N 160 -13.36 37.54 20.02
C TYR N 160 -12.03 37.05 19.45
N THR N 161 -11.78 35.75 19.50
CA THR N 161 -10.48 35.28 19.01
C THR N 161 -10.38 35.38 17.50
N HIS N 162 -11.50 35.23 16.79
CA HIS N 162 -11.44 35.44 15.35
C HIS N 162 -11.05 36.88 15.05
N ARG N 163 -11.65 37.84 15.75
CA ARG N 163 -11.29 39.22 15.51
C ARG N 163 -9.85 39.50 15.94
N ARG N 164 -9.38 38.84 17.00
CA ARG N 164 -8.01 39.04 17.45
C ARG N 164 -7.02 38.57 16.40
N LYS N 165 -7.26 37.39 15.82
CA LYS N 165 -6.41 36.89 14.75
C LYS N 165 -6.48 37.81 13.53
N GLU N 166 -7.67 38.34 13.23
CA GLU N 166 -7.81 39.26 12.11
C GLU N 166 -7.01 40.54 12.34
N VAL N 167 -7.03 41.09 13.55
CA VAL N 167 -6.30 42.32 13.83
C VAL N 167 -4.80 42.07 13.83
N SER N 168 -4.36 40.92 14.35
CA SER N 168 -2.93 40.65 14.39
C SER N 168 -2.36 40.24 13.05
N GLU N 169 -3.17 39.76 12.11
CA GLU N 169 -2.69 39.52 10.75
C GLU N 169 -2.22 40.83 10.13
N GLU N 170 -2.94 41.91 10.37
CA GLU N 170 -2.36 43.23 10.23
C GLU N 170 -1.46 43.49 11.43
N ASN N 171 -0.91 44.69 11.54
CA ASN N 171 -0.13 45.05 12.72
C ASN N 171 0.88 43.96 13.07
N HIS N 172 1.64 43.54 12.06
CA HIS N 172 2.83 42.69 12.17
C HIS N 172 2.71 41.64 13.29
N ASN N 173 1.68 40.81 13.18
CA ASN N 173 1.54 39.62 14.01
C ASN N 173 1.42 39.93 15.50
N HIS N 174 0.99 41.15 15.84
CA HIS N 174 0.88 41.57 17.22
C HIS N 174 -0.54 42.06 17.46
N ALA N 175 -1.24 41.42 18.39
CA ALA N 175 -2.60 41.83 18.72
C ALA N 175 -2.61 43.10 19.58
N ASN N 176 -1.62 43.25 20.45
CA ASN N 176 -1.56 44.35 21.40
C ASN N 176 -2.76 44.29 22.36
N GLU N 177 -2.77 43.22 23.15
CA GLU N 177 -3.90 42.84 24.00
C GLU N 177 -3.66 43.31 25.42
N ARG N 178 -4.62 44.03 25.98
CA ARG N 178 -4.56 44.56 27.33
C ARG N 178 -5.67 43.95 28.18
N MET N 179 -5.55 44.09 29.49
CA MET N 179 -6.64 43.79 30.41
C MET N 179 -7.09 45.12 31.01
N LEU N 180 -8.37 45.45 30.83
CA LEU N 180 -8.86 46.78 31.21
C LEU N 180 -10.18 46.67 31.95
N PHE N 181 -10.55 47.74 32.63
CA PHE N 181 -11.81 47.79 33.36
C PHE N 181 -12.91 48.40 32.51
N HIS N 182 -14.10 47.85 32.62
CA HIS N 182 -15.29 48.42 31.99
C HIS N 182 -16.43 48.46 33.00
N GLY N 183 -17.17 49.54 32.98
CA GLY N 183 -18.30 49.71 33.87
C GLY N 183 -19.48 50.30 33.13
N SER N 184 -20.66 49.82 33.48
CA SER N 184 -21.91 50.26 32.88
C SER N 184 -23.05 49.53 33.57
N PRO N 185 -24.27 50.06 33.50
CA PRO N 185 -25.40 49.37 34.15
C PRO N 185 -25.86 48.12 33.42
N PHE N 186 -25.27 47.78 32.28
CA PHE N 186 -25.72 46.66 31.45
C PHE N 186 -24.74 45.50 31.50
N VAL N 187 -24.13 45.24 32.65
CA VAL N 187 -23.14 44.17 32.75
C VAL N 187 -23.78 42.83 32.43
N ASN N 188 -25.00 42.61 32.94
CA ASN N 188 -25.66 41.32 32.75
C ASN N 188 -25.90 41.04 31.26
N ALA N 189 -26.35 42.05 30.51
CA ALA N 189 -26.52 41.87 29.07
C ALA N 189 -25.18 41.59 28.39
N ILE N 190 -24.11 42.24 28.84
CA ILE N 190 -22.82 42.05 28.19
C ILE N 190 -22.32 40.62 28.39
N ILE N 191 -22.43 40.11 29.61
CA ILE N 191 -21.85 38.80 29.89
C ILE N 191 -22.59 37.68 29.18
N HIS N 192 -23.78 37.93 28.65
CA HIS N 192 -24.52 36.92 27.92
C HIS N 192 -24.53 37.15 26.41
N LYS N 193 -24.63 38.39 25.97
CA LYS N 193 -24.69 38.71 24.54
C LYS N 193 -23.42 39.35 24.02
N GLY N 194 -22.46 39.68 24.89
CA GLY N 194 -21.21 40.28 24.47
C GLY N 194 -21.31 41.79 24.31
N PHE N 195 -20.15 42.41 24.14
CA PHE N 195 -20.11 43.84 23.86
C PHE N 195 -20.70 44.11 22.48
N ASP N 196 -21.32 45.26 22.33
CA ASP N 196 -22.03 45.59 21.11
C ASP N 196 -21.89 47.07 20.83
N GLU N 197 -21.30 47.42 19.68
CA GLU N 197 -21.14 48.83 19.34
C GLU N 197 -22.47 49.49 18.98
N ARG N 198 -23.50 48.69 18.70
CA ARG N 198 -24.82 49.24 18.42
C ARG N 198 -25.49 49.82 19.66
N HIS N 199 -24.91 49.61 20.84
CA HIS N 199 -25.34 50.27 22.07
C HIS N 199 -24.35 51.32 22.53
N ALA N 200 -23.50 51.83 21.63
CA ALA N 200 -22.28 52.50 22.04
C ALA N 200 -22.58 53.83 22.73
N TYR N 201 -21.59 54.28 23.51
CA TYR N 201 -21.66 55.54 24.24
C TYR N 201 -21.42 56.69 23.26
N ILE N 202 -22.48 57.05 22.54
CA ILE N 202 -22.34 57.95 21.40
C ILE N 202 -21.96 59.36 21.80
N GLY N 203 -22.16 59.75 23.06
CA GLY N 203 -21.83 61.07 23.52
C GLY N 203 -20.49 61.22 24.18
N GLY N 204 -19.66 60.19 24.18
CA GLY N 204 -18.40 60.22 24.91
C GLY N 204 -17.45 61.26 24.36
N MET N 205 -16.35 61.44 25.08
CA MET N 205 -15.33 62.38 24.67
C MET N 205 -14.73 62.01 23.32
N PHE N 206 -14.69 60.71 22.99
CA PHE N 206 -14.10 60.25 21.73
C PHE N 206 -15.11 59.55 20.84
N GLY N 207 -16.40 59.90 20.93
CA GLY N 207 -17.36 59.34 20.01
C GLY N 207 -17.96 58.02 20.45
N ALA N 208 -18.60 57.35 19.48
CA ALA N 208 -19.44 56.18 19.73
C ALA N 208 -18.61 54.91 19.73
N GLY N 209 -18.03 54.61 20.89
CA GLY N 209 -17.31 53.38 21.08
C GLY N 209 -17.57 52.78 22.45
N ILE N 210 -16.81 51.74 22.79
CA ILE N 210 -16.82 51.15 24.11
C ILE N 210 -15.55 51.60 24.82
N TYR N 211 -15.70 52.15 26.02
CA TYR N 211 -14.63 52.79 26.76
C TYR N 211 -14.09 51.90 27.87
N PHE N 212 -12.78 51.91 28.03
CA PHE N 212 -12.08 51.10 29.01
C PHE N 212 -11.05 51.95 29.74
N ALA N 213 -10.74 51.55 30.95
CA ALA N 213 -9.88 52.32 31.83
C ALA N 213 -8.77 51.44 32.38
N GLU N 214 -7.61 52.05 32.56
CA GLU N 214 -6.51 51.39 33.24
C GLU N 214 -6.70 51.42 34.76
N ASN N 215 -7.43 52.41 35.26
CA ASN N 215 -7.70 52.56 36.69
C ASN N 215 -9.11 52.06 37.00
N SER N 216 -9.22 51.21 38.02
CA SER N 216 -10.52 50.66 38.38
C SER N 216 -11.46 51.76 38.87
N SER N 217 -10.93 52.75 39.57
CA SER N 217 -11.77 53.81 40.11
C SER N 217 -12.42 54.65 39.03
N LYS N 218 -11.78 54.80 37.87
CA LYS N 218 -12.39 55.54 36.78
C LYS N 218 -13.57 54.79 36.20
N SER N 219 -13.43 53.47 36.03
CA SER N 219 -14.57 52.68 35.59
C SER N 219 -15.68 52.65 36.63
N ASN N 220 -15.32 52.71 37.91
CA ASN N 220 -16.31 52.71 38.96
C ASN N 220 -17.31 53.85 38.80
N GLN N 221 -16.89 54.93 38.14
CA GLN N 221 -17.73 56.12 37.95
C GLN N 221 -18.88 55.90 36.98
N TYR N 222 -18.92 54.76 36.28
CA TYR N 222 -19.91 54.55 35.23
C TYR N 222 -20.86 53.39 35.49
N VAL N 223 -20.72 52.68 36.61
CA VAL N 223 -21.52 51.47 36.83
C VAL N 223 -22.98 51.76 37.10
N TYR N 224 -23.35 53.01 37.33
CA TYR N 224 -24.75 53.39 37.47
C TYR N 224 -25.24 54.27 36.33
N GLY N 225 -24.35 54.69 35.43
CA GLY N 225 -24.69 55.54 34.32
C GLY N 225 -23.65 56.60 34.10
N ILE N 226 -23.96 57.49 33.15
CA ILE N 226 -23.05 58.58 32.82
C ILE N 226 -22.94 59.52 34.01
N GLY N 227 -21.71 59.78 34.45
CA GLY N 227 -21.52 60.62 35.62
C GLY N 227 -22.17 60.08 36.87
N GLY N 228 -22.14 58.76 37.06
CA GLY N 228 -22.72 58.15 38.23
C GLY N 228 -24.20 57.87 38.13
N GLY N 229 -24.89 58.44 37.15
CA GLY N 229 -26.30 58.15 37.00
C GLY N 229 -27.09 58.53 38.23
N THR N 230 -28.16 57.78 38.48
CA THR N 230 -29.08 58.08 39.57
C THR N 230 -28.60 57.57 40.91
N GLY N 231 -27.46 56.90 40.95
CA GLY N 231 -27.03 56.24 42.16
C GLY N 231 -27.62 54.84 42.23
N CYS N 232 -27.40 54.20 43.37
CA CYS N 232 -27.88 52.84 43.53
C CYS N 232 -29.40 52.81 43.50
N PRO N 233 -29.98 51.75 42.92
CA PRO N 233 -31.45 51.69 42.82
C PRO N 233 -32.14 51.69 44.17
N VAL N 234 -31.54 51.07 45.18
CA VAL N 234 -32.22 50.90 46.46
C VAL N 234 -32.25 52.20 47.24
N HIS N 235 -31.12 52.92 47.29
CA HIS N 235 -30.96 54.07 48.17
C HIS N 235 -30.84 55.37 47.38
N LYS N 236 -30.76 55.29 46.05
CA LYS N 236 -30.64 56.47 45.19
C LYS N 236 -29.46 57.34 45.58
N ASP N 237 -28.37 56.73 46.02
CA ASP N 237 -27.16 57.44 46.43
C ASP N 237 -26.00 56.98 45.56
N ARG N 238 -25.24 57.94 45.03
CA ARG N 238 -24.08 57.62 44.22
C ARG N 238 -22.85 57.27 45.05
N SER N 239 -22.90 57.46 46.37
CA SER N 239 -21.82 57.09 47.26
C SER N 239 -22.26 56.03 48.27
N CYS N 240 -23.24 55.22 47.92
CA CYS N 240 -23.77 54.23 48.84
C CYS N 240 -22.71 53.21 49.20
N TYR N 241 -22.59 52.92 50.49
CA TYR N 241 -21.63 51.96 50.99
C TYR N 241 -22.24 50.59 51.26
N ILE N 242 -23.51 50.39 50.94
CA ILE N 242 -24.20 49.13 51.18
C ILE N 242 -24.35 48.32 49.91
N CYS N 243 -24.85 48.93 48.85
CA CYS N 243 -25.23 48.21 47.65
C CYS N 243 -23.99 47.69 46.92
N HIS N 244 -24.11 46.50 46.35
CA HIS N 244 -22.99 45.88 45.64
C HIS N 244 -22.83 46.49 44.25
N ARG N 245 -21.58 46.72 43.88
CA ARG N 245 -21.24 47.17 42.53
C ARG N 245 -20.70 46.00 41.72
N GLN N 246 -20.66 46.19 40.41
CA GLN N 246 -20.14 45.18 39.49
C GLN N 246 -19.30 45.84 38.42
N LEU N 247 -18.07 45.36 38.25
CA LEU N 247 -17.16 45.79 37.19
C LEU N 247 -16.79 44.59 36.34
N LEU N 248 -16.45 44.86 35.08
CA LEU N 248 -15.90 43.84 34.21
C LEU N 248 -14.40 44.11 34.03
N PHE N 249 -13.60 43.05 34.08
CA PHE N 249 -12.17 43.13 33.85
C PHE N 249 -11.88 42.27 32.63
N CYS N 250 -11.62 42.92 31.50
CA CYS N 250 -11.83 42.35 30.17
C CYS N 250 -10.53 42.30 29.38
N ARG N 251 -10.41 41.28 28.54
CA ARG N 251 -9.42 41.32 27.47
C ARG N 251 -9.86 42.30 26.40
N VAL N 252 -8.96 43.17 25.97
CA VAL N 252 -9.25 44.13 24.92
C VAL N 252 -8.10 44.11 23.94
N THR N 253 -8.40 43.81 22.68
CA THR N 253 -7.42 43.88 21.60
C THR N 253 -7.41 45.31 21.06
N LEU N 254 -6.25 45.96 21.16
CA LEU N 254 -6.14 47.33 20.70
C LEU N 254 -5.52 47.45 19.31
N GLY N 255 -4.64 46.53 18.93
CA GLY N 255 -3.96 46.64 17.66
C GLY N 255 -3.13 47.90 17.55
N LYS N 256 -3.07 48.46 16.36
CA LYS N 256 -2.41 49.74 16.17
C LYS N 256 -3.31 50.84 16.72
N SER N 257 -2.90 51.43 17.83
CA SER N 257 -3.74 52.36 18.58
C SER N 257 -3.38 53.79 18.21
N PHE N 258 -4.39 54.63 18.03
CA PHE N 258 -4.21 56.02 17.67
C PHE N 258 -4.22 56.88 18.93
N LEU N 259 -3.13 57.61 19.17
CA LEU N 259 -3.02 58.41 20.37
C LEU N 259 -3.76 59.74 20.22
N GLN N 260 -4.40 60.17 21.31
CA GLN N 260 -5.14 61.42 21.31
C GLN N 260 -5.00 62.12 22.64
N PHE N 261 -5.17 63.43 22.61
CA PHE N 261 -5.10 64.23 23.83
C PHE N 261 -6.33 65.13 23.95
N SER N 262 -6.83 65.63 22.83
CA SER N 262 -8.02 66.46 22.84
C SER N 262 -9.27 65.64 22.55
N ALA N 263 -10.42 66.23 22.81
CA ALA N 263 -11.68 65.57 22.49
C ALA N 263 -11.88 65.52 20.98
N MET N 264 -12.37 64.38 20.50
CA MET N 264 -12.49 64.16 19.05
C MET N 264 -13.58 63.10 18.83
N LYS N 265 -14.76 63.56 18.45
CA LYS N 265 -15.86 62.64 18.18
C LYS N 265 -15.57 61.85 16.91
N MET N 266 -15.97 60.58 16.90
CA MET N 266 -15.93 59.79 15.68
C MET N 266 -16.76 58.54 15.85
N ALA N 267 -17.21 58.00 14.72
CA ALA N 267 -18.07 56.82 14.73
C ALA N 267 -17.26 55.53 14.68
N HIS N 268 -16.14 55.54 13.97
CA HIS N 268 -15.35 54.35 13.74
C HIS N 268 -13.90 54.68 14.08
N SER N 269 -13.03 53.69 13.95
CA SER N 269 -11.61 53.95 14.16
C SER N 269 -11.09 54.88 13.07
N PRO N 270 -10.00 55.61 13.31
CA PRO N 270 -9.34 56.29 12.21
C PRO N 270 -8.70 55.29 11.27
N PRO N 271 -8.50 55.68 10.01
CA PRO N 271 -8.00 54.72 9.02
C PRO N 271 -6.66 54.13 9.43
N GLY N 272 -6.54 52.80 9.27
CA GLY N 272 -5.33 52.10 9.61
C GLY N 272 -5.17 51.74 11.06
N HIS N 273 -6.12 52.12 11.92
CA HIS N 273 -6.01 51.91 13.35
C HIS N 273 -7.17 51.06 13.83
N HIS N 274 -6.96 50.38 14.95
CA HIS N 274 -7.96 49.50 15.52
C HIS N 274 -8.50 49.99 16.85
N SER N 275 -7.97 51.08 17.40
CA SER N 275 -8.48 51.61 18.65
C SER N 275 -7.92 53.01 18.84
N VAL N 276 -8.43 53.69 19.88
CA VAL N 276 -7.99 55.03 20.23
C VAL N 276 -7.55 55.02 21.69
N THR N 277 -6.39 55.63 21.96
CA THR N 277 -5.83 55.76 23.29
C THR N 277 -5.79 57.23 23.65
N GLY N 278 -6.65 57.65 24.57
CA GLY N 278 -6.60 59.00 25.09
C GLY N 278 -5.64 59.07 26.25
N ARG N 279 -4.54 59.85 26.09
CA ARG N 279 -3.45 59.88 27.04
C ARG N 279 -3.64 61.02 28.05
N PRO N 280 -3.08 60.88 29.25
CA PRO N 280 -3.16 61.96 30.23
C PRO N 280 -2.52 63.25 29.72
N SER N 281 -3.14 64.39 30.06
CA SER N 281 -2.62 65.69 29.71
C SER N 281 -2.95 66.67 30.83
N VAL N 282 -2.15 67.73 30.94
CA VAL N 282 -2.35 68.71 31.99
C VAL N 282 -3.70 69.40 31.82
N ASN N 283 -4.01 69.82 30.59
CA ASN N 283 -5.27 70.48 30.28
C ASN N 283 -6.30 69.51 29.70
N GLY N 284 -6.00 68.21 29.68
CA GLY N 284 -6.91 67.23 29.12
C GLY N 284 -7.22 66.09 30.06
N LEU N 285 -7.06 64.86 29.58
CA LEU N 285 -7.40 63.70 30.40
C LEU N 285 -6.55 63.66 31.65
N ALA N 286 -7.20 63.37 32.79
CA ALA N 286 -6.47 63.12 34.02
C ALA N 286 -5.91 61.71 34.07
N LEU N 287 -6.50 60.79 33.31
CA LEU N 287 -6.12 59.38 33.37
C LEU N 287 -6.28 58.79 31.98
N ALA N 288 -5.64 57.64 31.78
CA ALA N 288 -5.68 56.98 30.48
C ALA N 288 -7.09 56.48 30.15
N GLU N 289 -7.46 56.58 28.88
CA GLU N 289 -8.73 56.09 28.38
C GLU N 289 -8.48 55.29 27.11
N TYR N 290 -9.26 54.23 26.89
CA TYR N 290 -9.14 53.43 25.68
C TYR N 290 -10.52 53.25 25.07
N VAL N 291 -10.60 53.32 23.75
CA VAL N 291 -11.88 53.20 23.06
C VAL N 291 -11.73 52.22 21.91
N ILE N 292 -12.59 51.21 21.88
CA ILE N 292 -12.72 50.34 20.72
C ILE N 292 -14.06 50.63 20.07
N TYR N 293 -14.11 50.52 18.76
CA TYR N 293 -15.31 50.84 18.00
C TYR N 293 -15.96 49.61 17.39
N ARG N 294 -15.43 48.41 17.65
CA ARG N 294 -16.06 47.16 17.23
C ARG N 294 -16.27 46.29 18.46
N GLY N 295 -17.49 45.80 18.64
CA GLY N 295 -17.83 45.08 19.85
C GLY N 295 -17.02 43.82 20.08
N GLU N 296 -16.66 43.12 19.02
CA GLU N 296 -15.96 41.86 19.18
C GLU N 296 -14.47 42.04 19.44
N GLN N 297 -14.00 43.26 19.70
CA GLN N 297 -12.62 43.51 20.11
C GLN N 297 -12.44 43.55 21.62
N ALA N 298 -13.43 43.13 22.41
CA ALA N 298 -13.24 42.91 23.84
C ALA N 298 -14.01 41.67 24.28
N TYR N 299 -13.47 40.99 25.28
CA TYR N 299 -14.13 39.89 25.92
C TYR N 299 -14.19 40.12 27.42
N PRO N 300 -15.37 40.01 28.07
CA PRO N 300 -15.50 40.21 29.52
C PRO N 300 -15.09 39.01 30.35
N GLU N 301 -13.79 38.91 30.67
CA GLU N 301 -13.24 37.70 31.26
C GLU N 301 -13.61 37.55 32.73
N TYR N 302 -13.53 38.62 33.52
CA TYR N 302 -13.76 38.54 34.96
C TYR N 302 -14.87 39.49 35.36
N LEU N 303 -15.82 38.99 36.15
CA LEU N 303 -16.87 39.80 36.73
C LEU N 303 -16.58 39.98 38.21
N ILE N 304 -16.50 41.23 38.65
CA ILE N 304 -16.10 41.58 40.01
C ILE N 304 -17.28 42.22 40.71
N THR N 305 -17.68 41.68 41.85
CA THR N 305 -18.70 42.27 42.70
C THR N 305 -18.04 42.82 43.97
N TYR N 306 -18.39 44.04 44.33
CA TYR N 306 -17.63 44.72 45.36
C TYR N 306 -18.46 45.86 45.95
N GLN N 307 -17.93 46.45 47.03
CA GLN N 307 -18.44 47.68 47.58
C GLN N 307 -17.30 48.69 47.75
N ILE N 308 -17.64 49.97 47.66
CA ILE N 308 -16.70 51.02 48.03
C ILE N 308 -16.72 51.20 49.54
N MET N 309 -15.61 51.74 50.06
CA MET N 309 -15.47 51.93 51.50
C MET N 309 -15.05 53.36 51.83
N ASP O 26 -36.16 -10.50 2.52
CA ASP O 26 -34.88 -10.11 1.99
C ASP O 26 -34.48 -11.02 0.84
N PHE O 27 -35.23 -10.95 -0.26
CA PHE O 27 -35.06 -11.90 -1.35
C PHE O 27 -34.15 -11.40 -2.46
N SER O 28 -34.17 -10.09 -2.75
CA SER O 28 -33.35 -9.57 -3.84
C SER O 28 -31.87 -9.81 -3.57
N ILE O 29 -31.43 -9.56 -2.34
CA ILE O 29 -30.05 -9.84 -1.95
C ILE O 29 -29.76 -11.33 -2.12
N THR O 30 -30.73 -12.18 -1.80
CA THR O 30 -30.52 -13.62 -1.92
C THR O 30 -30.30 -14.03 -3.38
N GLN O 31 -31.13 -13.53 -4.29
CA GLN O 31 -30.93 -13.85 -5.70
C GLN O 31 -29.60 -13.29 -6.20
N PHE O 32 -29.30 -12.04 -5.83
CA PHE O 32 -28.06 -11.43 -6.28
C PHE O 32 -26.85 -12.25 -5.84
N VAL O 33 -26.83 -12.68 -4.58
CA VAL O 33 -25.70 -13.44 -4.07
C VAL O 33 -25.68 -14.84 -4.68
N ARG O 34 -26.85 -15.43 -4.91
CA ARG O 34 -26.91 -16.76 -5.50
C ARG O 34 -26.37 -16.77 -6.92
N ASN O 35 -26.69 -15.75 -7.71
CA ASN O 35 -26.21 -15.72 -9.09
C ASN O 35 -24.68 -15.70 -9.14
N LEU O 36 -24.04 -15.03 -8.18
CA LEU O 36 -22.59 -14.97 -8.14
C LEU O 36 -21.95 -16.27 -7.66
N GLY O 37 -22.75 -17.23 -7.18
CA GLY O 37 -22.19 -18.42 -6.59
C GLY O 37 -21.68 -18.25 -5.18
N LEU O 38 -22.12 -17.20 -4.49
CA LEU O 38 -21.65 -16.88 -3.14
C LEU O 38 -22.70 -17.14 -2.08
N GLU O 39 -23.53 -18.17 -2.25
CA GLU O 39 -24.63 -18.40 -1.32
C GLU O 39 -24.15 -18.78 0.07
N HIS O 40 -22.97 -19.37 0.18
CA HIS O 40 -22.41 -19.73 1.48
C HIS O 40 -22.14 -18.52 2.35
N LEU O 41 -22.08 -17.32 1.79
CA LEU O 41 -21.93 -16.09 2.55
C LEU O 41 -23.24 -15.57 3.11
N MET O 42 -24.38 -16.13 2.71
CA MET O 42 -25.65 -15.52 3.08
C MET O 42 -25.84 -15.40 4.58
N ASP O 43 -25.34 -16.37 5.37
CA ASP O 43 -25.51 -16.26 6.81
C ASP O 43 -24.97 -14.92 7.31
N ILE O 44 -23.78 -14.51 6.86
CA ILE O 44 -23.25 -13.23 7.29
C ILE O 44 -24.22 -12.12 6.95
N PHE O 45 -24.70 -12.09 5.71
CA PHE O 45 -25.62 -11.03 5.30
C PHE O 45 -26.89 -11.07 6.13
N GLU O 46 -27.30 -12.26 6.58
CA GLU O 46 -28.50 -12.33 7.40
C GLU O 46 -28.26 -11.75 8.79
N ARG O 47 -27.08 -11.95 9.35
CA ARG O 47 -26.82 -11.45 10.70
C ARG O 47 -26.53 -9.96 10.69
N GLU O 48 -25.86 -9.47 9.66
CA GLU O 48 -25.51 -8.06 9.59
C GLU O 48 -26.61 -7.22 8.96
N GLN O 49 -27.72 -7.84 8.56
CA GLN O 49 -28.85 -7.12 7.96
C GLN O 49 -28.43 -6.37 6.71
N ILE O 50 -27.65 -7.03 5.85
CA ILE O 50 -27.19 -6.44 4.61
C ILE O 50 -28.24 -6.72 3.56
N THR O 51 -29.04 -5.70 3.24
CA THR O 51 -29.92 -5.76 2.09
C THR O 51 -29.18 -5.32 0.85
N LEU O 52 -29.83 -5.43 -0.30
CA LEU O 52 -29.18 -5.08 -1.55
C LEU O 52 -28.87 -3.57 -1.61
N ASP O 53 -29.79 -2.74 -1.12
CA ASP O 53 -29.55 -1.31 -1.14
C ASP O 53 -28.40 -0.90 -0.24
N VAL O 54 -28.14 -1.65 0.84
CA VAL O 54 -26.92 -1.44 1.62
C VAL O 54 -25.72 -1.97 0.86
N LEU O 55 -25.85 -3.15 0.26
CA LEU O 55 -24.71 -3.81 -0.35
C LEU O 55 -24.13 -3.00 -1.50
N VAL O 56 -24.98 -2.32 -2.28
CA VAL O 56 -24.48 -1.56 -3.41
C VAL O 56 -23.58 -0.41 -2.99
N GLU O 57 -23.56 -0.04 -1.71
CA GLU O 57 -22.78 1.07 -1.21
C GLU O 57 -21.51 0.65 -0.48
N MET O 58 -21.17 -0.64 -0.47
CA MET O 58 -20.05 -1.15 0.31
C MET O 58 -18.88 -1.48 -0.60
N GLY O 59 -17.68 -1.10 -0.18
CA GLY O 59 -16.46 -1.43 -0.88
C GLY O 59 -15.65 -2.49 -0.16
N HIS O 60 -14.36 -2.54 -0.47
CA HIS O 60 -13.48 -3.52 0.17
C HIS O 60 -13.42 -3.31 1.67
N LYS O 61 -13.32 -2.05 2.11
CA LYS O 61 -13.20 -1.75 3.53
C LYS O 61 -14.41 -2.25 4.30
N GLU O 62 -15.60 -1.86 3.87
CA GLU O 62 -16.82 -2.24 4.58
C GLU O 62 -17.04 -3.74 4.53
N LEU O 63 -16.78 -4.37 3.38
CA LEU O 63 -16.96 -5.80 3.27
C LEU O 63 -15.99 -6.54 4.17
N LYS O 64 -14.79 -6.00 4.37
CA LYS O 64 -13.85 -6.64 5.28
C LYS O 64 -14.23 -6.40 6.74
N GLU O 65 -14.91 -5.28 7.03
CA GLU O 65 -15.36 -5.05 8.40
C GLU O 65 -16.39 -6.10 8.84
N ILE O 66 -17.33 -6.44 7.96
CA ILE O 66 -18.40 -7.37 8.34
C ILE O 66 -17.97 -8.82 8.27
N GLY O 67 -16.76 -9.10 7.80
CA GLY O 67 -16.22 -10.44 7.84
C GLY O 67 -16.07 -11.15 6.52
N ILE O 68 -16.16 -10.45 5.39
CA ILE O 68 -15.77 -11.05 4.12
C ILE O 68 -14.26 -10.90 4.03
N ASN O 69 -13.54 -11.95 4.39
CA ASN O 69 -12.10 -11.84 4.53
C ASN O 69 -11.37 -12.11 3.23
N ALA O 70 -11.88 -13.01 2.39
CA ALA O 70 -11.23 -13.36 1.14
C ALA O 70 -11.31 -12.20 0.16
N TYR O 71 -10.22 -11.97 -0.56
CA TYR O 71 -10.23 -10.92 -1.58
C TYR O 71 -11.11 -11.29 -2.75
N GLY O 72 -11.11 -12.57 -3.15
CA GLY O 72 -11.91 -12.99 -4.28
C GLY O 72 -13.40 -12.75 -4.08
N HIS O 73 -13.90 -13.00 -2.87
CA HIS O 73 -15.32 -12.79 -2.59
C HIS O 73 -15.68 -11.32 -2.69
N ARG O 74 -14.86 -10.45 -2.11
CA ARG O 74 -15.14 -9.02 -2.16
C ARG O 74 -15.06 -8.52 -3.59
N HIS O 75 -14.09 -9.02 -4.36
CA HIS O 75 -13.97 -8.64 -5.76
C HIS O 75 -15.22 -9.02 -6.54
N LYS O 76 -15.71 -10.24 -6.35
CA LYS O 76 -16.91 -10.67 -7.05
C LYS O 76 -18.11 -9.83 -6.65
N LEU O 77 -18.28 -9.55 -5.36
CA LEU O 77 -19.41 -8.74 -4.93
C LEU O 77 -19.35 -7.35 -5.55
N ILE O 78 -18.18 -6.74 -5.56
CA ILE O 78 -18.04 -5.38 -6.06
C ILE O 78 -18.26 -5.34 -7.56
N LYS O 79 -17.77 -6.34 -8.29
CA LYS O 79 -17.96 -6.36 -9.73
C LYS O 79 -19.41 -6.68 -10.10
N GLY O 80 -20.09 -7.51 -9.31
CA GLY O 80 -21.52 -7.69 -9.51
C GLY O 80 -22.32 -6.42 -9.27
N VAL O 81 -21.97 -5.68 -8.21
CA VAL O 81 -22.63 -4.41 -7.97
C VAL O 81 -22.39 -3.45 -9.12
N GLU O 82 -21.17 -3.44 -9.66
CA GLU O 82 -20.90 -2.62 -10.84
C GLU O 82 -21.81 -3.03 -12.00
N ARG O 83 -21.82 -4.32 -12.32
CA ARG O 83 -22.62 -4.79 -13.45
C ARG O 83 -24.09 -4.49 -13.28
N LEU O 84 -24.59 -4.41 -12.05
CA LEU O 84 -25.99 -4.05 -11.83
C LEU O 84 -26.21 -2.54 -11.94
N ILE O 85 -25.52 -1.75 -11.11
CA ILE O 85 -25.81 -0.33 -11.03
C ILE O 85 -25.40 0.39 -12.31
N SER O 86 -24.17 0.19 -12.79
CA SER O 86 -23.69 0.94 -13.94
C SER O 86 -24.03 0.25 -15.25
N GLY O 87 -23.86 -1.07 -15.31
CA GLY O 87 -24.08 -1.81 -16.54
C GLY O 87 -25.51 -1.79 -17.03
N GLN O 88 -26.47 -1.48 -16.15
CA GLN O 88 -27.87 -1.38 -16.50
C GLN O 88 -28.44 -0.04 -16.04
N GLN O 89 -27.66 1.03 -16.15
CA GLN O 89 -28.12 2.33 -15.69
C GLN O 89 -29.40 2.75 -16.39
N GLY O 90 -29.64 2.27 -17.61
CA GLY O 90 -30.83 2.64 -18.33
C GLY O 90 -32.12 2.20 -17.67
N LEU O 91 -32.06 1.16 -16.85
CA LEU O 91 -33.20 0.72 -16.06
C LEU O 91 -33.30 1.45 -14.73
N ASN O 92 -32.30 2.25 -14.37
CA ASN O 92 -32.24 2.95 -13.10
C ASN O 92 -32.49 2.02 -11.91
N PRO O 93 -31.78 0.90 -11.81
CA PRO O 93 -31.94 0.05 -10.62
C PRO O 93 -31.53 0.75 -9.35
N TYR O 94 -30.66 1.75 -9.45
CA TYR O 94 -30.22 2.47 -8.27
C TYR O 94 -31.35 3.23 -7.62
N LEU O 95 -32.25 3.81 -8.42
CA LEU O 95 -33.38 4.55 -7.88
C LEU O 95 -34.49 3.67 -7.37
N THR O 96 -34.65 2.46 -7.92
CA THR O 96 -35.58 1.51 -7.34
C THR O 96 -35.13 1.12 -5.93
N LEU O 97 -33.85 0.85 -5.76
CA LEU O 97 -33.25 0.81 -4.43
C LEU O 97 -33.17 2.25 -3.95
N ASN O 98 -32.61 2.49 -2.77
CA ASN O 98 -32.27 3.84 -2.35
C ASN O 98 -33.50 4.70 -2.09
N THR O 99 -34.70 4.19 -2.34
CA THR O 99 -35.90 4.96 -2.02
C THR O 99 -36.06 5.16 -0.51
N SER O 100 -35.49 4.28 0.29
CA SER O 100 -35.62 4.41 1.74
C SER O 100 -34.83 5.60 2.25
N GLY O 101 -35.39 6.27 3.25
CA GLY O 101 -34.81 7.46 3.82
C GLY O 101 -35.35 8.76 3.28
N SER O 102 -35.94 8.74 2.09
CA SER O 102 -36.56 9.95 1.55
C SER O 102 -37.84 10.27 2.31
N GLY O 103 -38.21 11.53 2.27
CA GLY O 103 -39.35 12.04 3.00
C GLY O 103 -39.02 13.34 3.71
N THR O 104 -39.99 13.81 4.47
CA THR O 104 -39.90 15.08 5.16
C THR O 104 -39.84 14.83 6.65
N ILE O 105 -38.90 15.48 7.34
CA ILE O 105 -38.89 15.48 8.80
C ILE O 105 -39.03 16.91 9.28
N LEU O 106 -39.81 17.09 10.34
CA LEU O 106 -40.02 18.38 10.96
C LEU O 106 -39.22 18.44 12.25
N ILE O 107 -38.30 19.39 12.34
CA ILE O 107 -37.41 19.52 13.49
C ILE O 107 -37.89 20.71 14.32
N ASP O 108 -38.23 20.45 15.58
CA ASP O 108 -38.80 21.51 16.42
C ASP O 108 -37.73 22.49 16.86
N LEU O 109 -38.04 23.77 16.74
CA LEU O 109 -37.24 24.83 17.33
C LEU O 109 -37.73 25.10 18.75
N SER O 110 -36.80 25.47 19.61
CA SER O 110 -37.16 25.75 21.00
C SER O 110 -37.35 27.24 21.21
N PRO O 111 -38.29 27.67 22.05
CA PRO O 111 -38.51 29.11 22.23
C PRO O 111 -37.30 29.86 22.76
N ASP O 112 -36.34 29.14 23.33
CA ASP O 112 -35.18 29.77 23.93
C ASP O 112 -34.10 30.13 22.92
N ASP O 113 -34.20 29.66 21.68
CA ASP O 113 -33.15 29.84 20.69
C ASP O 113 -33.38 31.11 19.87
N LYS O 114 -32.29 31.61 19.30
CA LYS O 114 -32.35 32.83 18.49
C LYS O 114 -33.15 32.62 17.21
N GLU O 115 -33.09 31.42 16.64
CA GLU O 115 -33.84 31.13 15.41
C GLU O 115 -35.34 31.23 15.64
N PHE O 116 -35.84 30.55 16.68
CA PHE O 116 -37.25 30.61 17.02
C PHE O 116 -37.70 32.06 17.18
N GLN O 117 -36.89 32.85 17.89
CA GLN O 117 -37.29 34.22 18.19
C GLN O 117 -37.24 35.11 16.95
N SER O 118 -36.28 34.89 16.05
CA SER O 118 -36.27 35.64 14.80
C SER O 118 -37.54 35.37 14.01
N VAL O 119 -37.90 34.09 13.86
CA VAL O 119 -39.09 33.75 13.08
C VAL O 119 -40.34 34.29 13.76
N GLU O 120 -40.39 34.22 15.09
CA GLU O 120 -41.56 34.72 15.82
C GLU O 120 -41.69 36.23 15.69
N GLU O 121 -40.56 36.95 15.74
CA GLU O 121 -40.62 38.40 15.56
C GLU O 121 -41.02 38.76 14.15
N GLU O 122 -40.57 37.99 13.16
CA GLU O 122 -41.06 38.17 11.79
C GLU O 122 -42.58 38.03 11.75
N MET O 123 -43.12 37.00 12.40
CA MET O 123 -44.57 36.84 12.45
C MET O 123 -45.25 38.04 13.09
N GLN O 124 -44.74 38.47 14.25
CA GLN O 124 -45.47 39.44 15.06
C GLN O 124 -45.38 40.85 14.50
N SER O 125 -44.22 41.25 13.98
CA SER O 125 -44.03 42.64 13.60
C SER O 125 -44.61 42.98 12.23
N THR O 126 -45.09 41.99 11.48
CA THR O 126 -45.63 42.21 10.14
C THR O 126 -47.14 42.14 10.10
N VAL O 127 -47.82 42.09 11.24
CA VAL O 127 -49.27 42.14 11.26
C VAL O 127 -49.72 43.55 10.91
N ARG O 128 -50.71 43.66 10.02
CA ARG O 128 -51.19 44.95 9.54
C ARG O 128 -52.71 44.97 9.54
N GLU O 129 -53.25 46.18 9.52
CA GLU O 129 -54.70 46.37 9.48
C GLU O 129 -55.18 46.22 8.04
N HIS O 130 -56.06 45.26 7.80
CA HIS O 130 -56.56 45.04 6.46
C HIS O 130 -57.85 45.82 6.25
N ARG O 131 -58.23 45.96 4.97
CA ARG O 131 -59.43 46.70 4.64
C ARG O 131 -60.66 46.05 5.25
N ASP O 132 -60.77 44.73 5.15
CA ASP O 132 -61.89 44.01 5.73
C ASP O 132 -61.73 43.94 7.25
N GLY O 133 -62.83 44.10 7.96
CA GLY O 133 -62.79 44.04 9.41
C GLY O 133 -62.51 42.64 9.90
N GLY O 134 -61.41 42.06 9.44
CA GLY O 134 -61.14 40.67 9.72
C GLY O 134 -62.10 39.71 9.07
N HIS O 135 -62.73 40.11 7.96
CA HIS O 135 -63.70 39.24 7.32
C HIS O 135 -63.06 37.95 6.83
N ALA O 136 -61.87 38.07 6.22
CA ALA O 136 -61.23 36.91 5.61
C ALA O 136 -60.34 36.17 6.60
N GLY O 137 -59.63 36.91 7.45
CA GLY O 137 -58.64 36.29 8.31
C GLY O 137 -58.98 36.34 9.78
N GLY O 138 -59.76 37.34 10.17
CA GLY O 138 -60.16 37.51 11.56
C GLY O 138 -59.67 38.83 12.13
N ILE O 139 -60.19 39.14 13.32
CA ILE O 139 -59.91 40.38 14.03
C ILE O 139 -58.90 40.08 15.11
N PHE O 140 -57.71 40.64 15.01
CA PHE O 140 -56.62 40.31 15.91
C PHE O 140 -55.55 41.39 15.83
N ASN O 141 -54.60 41.31 16.75
CA ASN O 141 -53.42 42.17 16.77
C ASN O 141 -52.12 41.41 16.88
N ARG O 142 -52.12 40.25 17.53
CA ARG O 142 -50.91 39.45 17.71
C ARG O 142 -51.28 37.99 17.57
N TYR O 143 -50.25 37.14 17.60
CA TYR O 143 -50.42 35.70 17.52
C TYR O 143 -49.92 35.04 18.80
N ASN O 144 -50.51 33.90 19.12
CA ASN O 144 -49.96 32.97 20.10
C ASN O 144 -49.28 31.86 19.31
N ILE O 145 -47.96 31.92 19.22
CA ILE O 145 -47.21 30.92 18.47
C ILE O 145 -47.08 29.67 19.34
N LEU O 146 -47.54 28.54 18.81
CA LEU O 146 -47.53 27.29 19.56
C LEU O 146 -46.22 26.54 19.35
N LYS O 147 -45.79 26.39 18.10
CA LYS O 147 -44.48 25.82 17.84
C LYS O 147 -44.01 26.24 16.45
N ILE O 148 -42.71 26.07 16.23
CA ILE O 148 -42.09 26.30 14.94
C ILE O 148 -41.28 25.07 14.59
N GLN O 149 -41.34 24.64 13.33
CA GLN O 149 -40.65 23.44 12.89
C GLN O 149 -39.93 23.72 11.58
N LYS O 150 -38.65 23.39 11.54
CA LYS O 150 -37.87 23.40 10.33
C LYS O 150 -38.23 22.20 9.48
N VAL O 151 -38.58 22.45 8.22
CA VAL O 151 -38.97 21.40 7.28
C VAL O 151 -37.71 20.93 6.57
N CYS O 152 -37.42 19.63 6.61
CA CYS O 152 -36.21 19.08 6.03
C CYS O 152 -36.60 17.99 5.06
N ASN O 153 -36.32 18.21 3.78
CA ASN O 153 -36.66 17.29 2.71
C ASN O 153 -35.56 17.38 1.66
N LYS O 154 -34.82 16.28 1.47
CA LYS O 154 -33.65 16.29 0.61
C LYS O 154 -34.03 16.58 -0.85
N LYS O 155 -34.97 15.83 -1.40
CA LYS O 155 -35.28 15.93 -2.82
C LYS O 155 -35.83 17.30 -3.16
N LEU O 156 -36.71 17.83 -2.32
CA LEU O 156 -37.27 19.16 -2.57
C LEU O 156 -36.20 20.23 -2.49
N TRP O 157 -35.30 20.12 -1.52
CA TRP O 157 -34.23 21.11 -1.41
C TRP O 157 -33.32 21.08 -2.64
N GLU O 158 -33.00 19.89 -3.15
CA GLU O 158 -32.18 19.82 -4.35
C GLU O 158 -32.89 20.40 -5.56
N ARG O 159 -34.19 20.13 -5.69
CA ARG O 159 -34.94 20.78 -6.76
C ARG O 159 -34.87 22.30 -6.65
N TYR O 160 -35.04 22.81 -5.43
CA TYR O 160 -35.01 24.26 -5.23
C TYR O 160 -33.65 24.82 -5.60
N THR O 161 -32.58 24.16 -5.19
CA THR O 161 -31.25 24.73 -5.40
C THR O 161 -30.83 24.63 -6.86
N HIS O 162 -31.24 23.58 -7.57
CA HIS O 162 -30.98 23.53 -9.01
C HIS O 162 -31.69 24.67 -9.72
N ARG O 163 -32.95 24.93 -9.38
CA ARG O 163 -33.64 26.05 -10.01
C ARG O 163 -33.00 27.40 -9.62
N ARG O 164 -32.61 27.55 -8.36
CA ARG O 164 -31.96 28.79 -7.92
C ARG O 164 -30.65 29.02 -8.66
N LYS O 165 -29.86 27.97 -8.82
CA LYS O 165 -28.63 28.06 -9.60
C LYS O 165 -28.92 28.50 -11.02
N GLU O 166 -29.94 27.91 -11.64
CA GLU O 166 -30.28 28.28 -13.00
C GLU O 166 -30.71 29.73 -13.10
N VAL O 167 -31.50 30.20 -12.12
CA VAL O 167 -32.01 31.57 -12.17
C VAL O 167 -30.88 32.56 -11.97
N SER O 168 -29.93 32.25 -11.09
CA SER O 168 -28.79 33.13 -10.89
C SER O 168 -27.79 33.10 -12.04
N GLU O 169 -27.70 31.99 -12.78
CA GLU O 169 -26.85 32.00 -13.96
C GLU O 169 -27.40 32.95 -15.02
N GLU O 170 -28.71 33.16 -15.05
CA GLU O 170 -29.28 34.38 -15.59
C GLU O 170 -29.26 35.42 -14.49
N ASN O 171 -29.57 36.67 -14.81
CA ASN O 171 -29.64 37.70 -13.76
C ASN O 171 -28.31 37.84 -13.04
N HIS O 172 -27.25 38.08 -13.81
CA HIS O 172 -25.94 38.50 -13.31
C HIS O 172 -25.59 37.87 -11.96
N ASN O 173 -25.74 36.56 -11.90
CA ASN O 173 -25.24 35.73 -10.78
C ASN O 173 -26.03 35.93 -9.49
N HIS O 174 -27.18 36.58 -9.53
CA HIS O 174 -27.93 36.92 -8.33
C HIS O 174 -29.30 36.25 -8.36
N ALA O 175 -29.59 35.46 -7.33
CA ALA O 175 -30.84 34.73 -7.25
C ALA O 175 -32.00 35.58 -6.75
N ASN O 176 -31.73 36.72 -6.12
CA ASN O 176 -32.79 37.58 -5.59
C ASN O 176 -33.68 36.81 -4.63
N GLU O 177 -33.06 36.01 -3.78
CA GLU O 177 -33.79 35.16 -2.86
C GLU O 177 -34.35 35.96 -1.70
N ARG O 178 -35.57 35.63 -1.29
CA ARG O 178 -36.27 36.28 -0.20
C ARG O 178 -36.85 35.21 0.72
N MET O 179 -37.36 35.65 1.87
CA MET O 179 -38.12 34.78 2.76
C MET O 179 -39.48 35.43 2.99
N LEU O 180 -40.54 34.74 2.60
CA LEU O 180 -41.88 35.32 2.53
C LEU O 180 -42.89 34.35 3.11
N PHE O 181 -44.07 34.88 3.42
CA PHE O 181 -45.13 34.10 4.06
C PHE O 181 -46.09 33.52 3.04
N HIS O 182 -46.59 32.32 3.32
CA HIS O 182 -47.57 31.63 2.47
C HIS O 182 -48.65 31.02 3.35
N GLY O 183 -49.90 31.23 2.95
CA GLY O 183 -51.05 30.64 3.61
C GLY O 183 -51.88 29.82 2.64
N SER O 184 -52.28 28.62 3.06
CA SER O 184 -53.01 27.72 2.18
C SER O 184 -53.72 26.68 3.03
N PRO O 185 -54.80 26.07 2.54
CA PRO O 185 -55.37 24.90 3.22
C PRO O 185 -54.70 23.58 2.85
N PHE O 186 -53.63 23.60 2.05
CA PHE O 186 -52.95 22.38 1.60
C PHE O 186 -51.51 22.31 2.07
N VAL O 187 -51.20 22.84 3.25
CA VAL O 187 -49.83 22.87 3.74
C VAL O 187 -49.26 21.46 3.87
N ASN O 188 -50.06 20.53 4.39
CA ASN O 188 -49.57 19.17 4.55
C ASN O 188 -49.21 18.52 3.23
N ALA O 189 -49.84 18.94 2.13
CA ALA O 189 -49.45 18.47 0.82
C ALA O 189 -48.16 19.12 0.37
N ILE O 190 -47.99 20.41 0.67
CA ILE O 190 -46.83 21.15 0.19
C ILE O 190 -45.55 20.62 0.84
N ILE O 191 -45.59 20.38 2.15
CA ILE O 191 -44.35 20.00 2.83
C ILE O 191 -43.88 18.61 2.46
N HIS O 192 -44.75 17.77 1.89
CA HIS O 192 -44.35 16.45 1.44
C HIS O 192 -44.07 16.39 -0.05
N LYS O 193 -44.78 17.17 -0.86
CA LYS O 193 -44.62 17.16 -2.30
C LYS O 193 -43.92 18.40 -2.84
N GLY O 194 -43.90 19.50 -2.08
CA GLY O 194 -43.37 20.74 -2.57
C GLY O 194 -44.43 21.59 -3.24
N PHE O 195 -44.06 22.83 -3.53
CA PHE O 195 -44.96 23.71 -4.25
C PHE O 195 -45.16 23.20 -5.67
N ASP O 196 -46.37 23.38 -6.19
CA ASP O 196 -46.73 22.79 -7.48
C ASP O 196 -47.63 23.78 -8.20
N GLU O 197 -47.16 24.29 -9.34
CA GLU O 197 -47.97 25.23 -10.10
C GLU O 197 -49.19 24.57 -10.72
N ARG O 198 -49.20 23.24 -10.82
CA ARG O 198 -50.35 22.54 -11.38
C ARG O 198 -51.59 22.69 -10.51
N HIS O 199 -51.44 23.14 -9.27
CA HIS O 199 -52.55 23.49 -8.40
C HIS O 199 -52.73 24.99 -8.28
N ALA O 200 -52.18 25.76 -9.21
CA ALA O 200 -52.00 27.19 -9.00
C ALA O 200 -53.34 27.91 -8.84
N TYR O 201 -53.29 29.04 -8.13
CA TYR O 201 -54.45 29.87 -7.86
C TYR O 201 -54.82 30.67 -9.10
N ILE O 202 -55.55 30.04 -10.03
CA ILE O 202 -55.80 30.63 -11.34
C ILE O 202 -56.68 31.86 -11.26
N GLY O 203 -57.45 32.01 -10.18
CA GLY O 203 -58.28 33.20 -10.02
C GLY O 203 -57.59 34.38 -9.38
N GLY O 204 -56.30 34.26 -9.08
CA GLY O 204 -55.61 35.31 -8.37
C GLY O 204 -55.53 36.60 -9.17
N MET O 205 -55.06 37.65 -8.50
CA MET O 205 -54.98 38.96 -9.13
C MET O 205 -53.97 38.95 -10.28
N PHE O 206 -53.00 38.05 -10.25
CA PHE O 206 -51.95 38.01 -11.26
C PHE O 206 -51.92 36.68 -12.01
N GLY O 207 -53.03 35.95 -12.03
CA GLY O 207 -53.10 34.76 -12.84
C GLY O 207 -52.81 33.48 -12.07
N ALA O 208 -52.34 32.47 -12.81
CA ALA O 208 -52.16 31.13 -12.28
C ALA O 208 -50.79 30.97 -11.63
N GLY O 209 -50.63 31.60 -10.47
CA GLY O 209 -49.37 31.62 -9.76
C GLY O 209 -49.48 31.14 -8.32
N ILE O 210 -48.30 31.05 -7.71
CA ILE O 210 -48.15 30.76 -6.29
C ILE O 210 -47.82 32.07 -5.60
N TYR O 211 -48.59 32.40 -4.57
CA TYR O 211 -48.62 33.73 -3.97
C TYR O 211 -47.91 33.74 -2.63
N PHE O 212 -47.11 34.77 -2.40
CA PHE O 212 -46.37 34.98 -1.17
C PHE O 212 -46.54 36.42 -0.75
N ALA O 213 -46.42 36.67 0.55
CA ALA O 213 -46.66 37.98 1.11
C ALA O 213 -45.48 38.37 1.99
N GLU O 214 -45.25 39.68 2.08
CA GLU O 214 -44.27 40.19 3.04
C GLU O 214 -44.84 40.29 4.44
N ASN O 215 -46.17 40.40 4.57
CA ASN O 215 -46.82 40.54 5.86
C ASN O 215 -47.53 39.24 6.21
N SER O 216 -47.33 38.76 7.43
CA SER O 216 -47.94 37.50 7.84
C SER O 216 -49.46 37.60 7.91
N SER O 217 -49.97 38.77 8.29
CA SER O 217 -51.41 38.94 8.40
C SER O 217 -52.12 38.92 7.06
N LYS O 218 -51.38 39.05 5.95
CA LYS O 218 -52.01 38.90 4.64
C LYS O 218 -52.06 37.42 4.23
N SER O 219 -50.97 36.70 4.40
CA SER O 219 -50.98 35.27 4.13
C SER O 219 -51.92 34.55 5.08
N ASN O 220 -52.21 35.15 6.24
CA ASN O 220 -53.16 34.57 7.16
C ASN O 220 -54.56 34.51 6.57
N GLN O 221 -54.86 35.40 5.63
CA GLN O 221 -56.17 35.43 5.01
C GLN O 221 -56.45 34.23 4.15
N TYR O 222 -55.43 33.45 3.78
CA TYR O 222 -55.60 32.31 2.89
C TYR O 222 -55.41 30.98 3.59
N VAL O 223 -55.40 30.96 4.92
CA VAL O 223 -55.18 29.72 5.65
C VAL O 223 -56.33 28.76 5.43
N TYR O 224 -57.56 29.26 5.45
CA TYR O 224 -58.75 28.42 5.31
C TYR O 224 -59.41 28.54 3.94
N GLY O 225 -58.66 28.97 2.94
CA GLY O 225 -59.14 29.02 1.57
C GLY O 225 -59.25 30.45 1.07
N ILE O 226 -59.72 30.56 -0.17
CA ILE O 226 -59.88 31.86 -0.79
C ILE O 226 -60.92 32.66 -0.03
N GLY O 227 -60.58 33.90 0.30
CA GLY O 227 -61.47 34.72 1.11
C GLY O 227 -61.76 34.13 2.46
N GLY O 228 -60.87 33.28 2.98
CA GLY O 228 -61.09 32.60 4.23
C GLY O 228 -62.00 31.40 4.14
N GLY O 229 -62.62 31.14 2.98
CA GLY O 229 -63.53 30.04 2.87
C GLY O 229 -64.67 30.15 3.86
N THR O 230 -65.04 29.01 4.44
CA THR O 230 -66.07 28.97 5.48
C THR O 230 -65.50 29.10 6.88
N GLY O 231 -64.19 29.33 6.99
CA GLY O 231 -63.55 29.44 8.29
C GLY O 231 -62.95 28.12 8.72
N CYS O 232 -62.71 28.01 10.02
CA CYS O 232 -62.15 26.78 10.56
C CYS O 232 -63.13 25.63 10.37
N PRO O 233 -62.62 24.41 10.17
CA PRO O 233 -63.52 23.28 9.90
C PRO O 233 -64.52 23.00 11.00
N VAL O 234 -64.14 23.18 12.26
CA VAL O 234 -64.99 22.72 13.36
C VAL O 234 -66.09 23.73 13.70
N HIS O 235 -65.87 25.02 13.45
CA HIS O 235 -66.79 26.05 13.91
C HIS O 235 -67.39 26.87 12.78
N LYS O 236 -66.80 26.84 11.59
CA LYS O 236 -67.25 27.65 10.46
C LYS O 236 -67.11 29.14 10.76
N ASP O 237 -66.14 29.49 11.60
CA ASP O 237 -65.87 30.88 11.96
C ASP O 237 -64.53 31.29 11.39
N ARG O 238 -64.51 32.38 10.62
CA ARG O 238 -63.25 32.83 10.04
C ARG O 238 -62.35 33.54 11.03
N SER O 239 -62.90 34.08 12.12
CA SER O 239 -62.11 34.69 13.18
C SER O 239 -61.96 33.78 14.39
N CYS O 240 -62.00 32.46 14.20
CA CYS O 240 -61.98 31.55 15.34
C CYS O 240 -60.68 31.73 16.12
N TYR O 241 -60.80 31.87 17.43
CA TYR O 241 -59.62 32.02 18.28
C TYR O 241 -59.22 30.73 18.95
N ILE O 242 -59.93 29.64 18.70
CA ILE O 242 -59.69 28.38 19.41
C ILE O 242 -58.89 27.40 18.55
N CYS O 243 -59.10 27.40 17.25
CA CYS O 243 -58.53 26.36 16.40
C CYS O 243 -57.10 26.69 15.98
N HIS O 244 -56.29 25.64 15.82
CA HIS O 244 -54.91 25.80 15.38
C HIS O 244 -54.87 26.14 13.89
N ARG O 245 -53.94 26.99 13.52
CA ARG O 245 -53.70 27.34 12.12
C ARG O 245 -52.25 27.02 11.77
N GLN O 246 -51.92 27.15 10.50
CA GLN O 246 -50.56 26.93 10.04
C GLN O 246 -50.21 27.88 8.91
N LEU O 247 -49.00 28.42 8.96
CA LEU O 247 -48.42 29.20 7.88
C LEU O 247 -47.12 28.55 7.45
N LEU O 248 -46.59 29.02 6.32
CA LEU O 248 -45.25 28.65 5.89
C LEU O 248 -44.42 29.90 5.71
N PHE O 249 -43.21 29.87 6.26
CA PHE O 249 -42.19 30.87 5.97
C PHE O 249 -41.22 30.22 4.99
N CYS O 250 -41.11 30.80 3.80
CA CYS O 250 -40.57 30.11 2.65
C CYS O 250 -39.42 30.88 2.02
N ARG O 251 -38.40 30.15 1.60
CA ARG O 251 -37.41 30.69 0.68
C ARG O 251 -38.01 30.79 -0.71
N VAL O 252 -37.94 31.96 -1.32
CA VAL O 252 -38.52 32.18 -2.64
C VAL O 252 -37.45 32.82 -3.53
N THR O 253 -37.15 32.17 -4.64
CA THR O 253 -36.25 32.72 -5.65
C THR O 253 -37.05 33.64 -6.56
N LEU O 254 -36.78 34.94 -6.48
CA LEU O 254 -37.50 35.90 -7.30
C LEU O 254 -36.79 36.21 -8.62
N GLY O 255 -35.48 36.01 -8.68
CA GLY O 255 -34.76 36.30 -9.90
C GLY O 255 -34.95 37.74 -10.33
N LYS O 256 -35.18 37.93 -11.62
CA LYS O 256 -35.61 39.22 -12.14
C LYS O 256 -37.13 39.29 -12.05
N SER O 257 -37.63 40.23 -11.24
CA SER O 257 -39.03 40.29 -10.86
C SER O 257 -39.71 41.41 -11.61
N PHE O 258 -40.86 41.11 -12.20
CA PHE O 258 -41.58 42.07 -13.04
C PHE O 258 -42.50 42.91 -12.18
N LEU O 259 -42.40 44.23 -12.31
CA LEU O 259 -43.16 45.13 -11.46
C LEU O 259 -44.52 45.43 -12.08
N GLN O 260 -45.59 45.27 -11.29
CA GLN O 260 -46.94 45.47 -11.81
C GLN O 260 -47.81 46.10 -10.73
N PHE O 261 -48.72 46.96 -11.18
CA PHE O 261 -49.65 47.68 -10.31
C PHE O 261 -51.10 47.31 -10.53
N SER O 262 -51.53 47.16 -11.78
CA SER O 262 -52.90 46.74 -12.05
C SER O 262 -52.96 45.22 -12.17
N ALA O 263 -54.15 44.68 -11.93
CA ALA O 263 -54.36 43.25 -12.07
C ALA O 263 -54.07 42.82 -13.49
N MET O 264 -53.48 41.63 -13.64
CA MET O 264 -53.19 41.10 -14.97
C MET O 264 -53.19 39.58 -14.89
N LYS O 265 -54.19 38.96 -15.49
CA LYS O 265 -54.30 37.50 -15.52
C LYS O 265 -53.28 36.95 -16.50
N MET O 266 -52.19 36.39 -15.99
CA MET O 266 -51.15 35.80 -16.83
C MET O 266 -50.84 34.40 -16.35
N ALA O 267 -50.52 33.52 -17.30
CA ALA O 267 -50.28 32.12 -17.00
C ALA O 267 -48.86 31.84 -16.57
N HIS O 268 -47.92 32.68 -16.99
CA HIS O 268 -46.50 32.46 -16.75
C HIS O 268 -45.86 33.79 -16.40
N SER O 269 -44.57 33.75 -16.09
CA SER O 269 -43.82 34.96 -15.84
C SER O 269 -43.82 35.78 -17.13
N PRO O 270 -43.76 37.10 -17.07
CA PRO O 270 -43.61 37.86 -18.28
C PRO O 270 -42.27 37.54 -18.93
N PRO O 271 -42.14 37.73 -20.24
CA PRO O 271 -40.87 37.42 -20.88
C PRO O 271 -39.72 38.12 -20.18
N GLY O 272 -38.64 37.39 -19.95
CA GLY O 272 -37.41 37.95 -19.42
C GLY O 272 -37.35 38.06 -17.91
N HIS O 273 -38.39 37.63 -17.20
CA HIS O 273 -38.43 37.71 -15.76
C HIS O 273 -38.74 36.33 -15.20
N HIS O 274 -38.55 36.16 -13.89
CA HIS O 274 -38.75 34.89 -13.23
C HIS O 274 -39.83 34.93 -12.16
N SER O 275 -40.45 36.08 -11.92
CA SER O 275 -41.47 36.23 -10.90
C SER O 275 -42.13 37.58 -11.13
N VAL O 276 -43.17 37.85 -10.34
CA VAL O 276 -43.91 39.11 -10.42
C VAL O 276 -43.98 39.73 -9.04
N THR O 277 -43.87 41.06 -8.98
CA THR O 277 -44.06 41.83 -7.76
C THR O 277 -45.24 42.78 -7.96
N GLY O 278 -46.28 42.60 -7.15
CA GLY O 278 -47.39 43.52 -7.10
C GLY O 278 -47.19 44.57 -6.03
N ARG O 279 -46.93 45.81 -6.44
CA ARG O 279 -46.61 46.86 -5.49
C ARG O 279 -47.87 47.49 -4.93
N PRO O 280 -47.80 48.07 -3.74
CA PRO O 280 -48.96 48.79 -3.20
C PRO O 280 -49.32 50.00 -4.05
N SER O 281 -50.62 50.30 -4.10
CA SER O 281 -51.09 51.46 -4.82
C SER O 281 -52.30 52.03 -4.08
N VAL O 282 -52.51 53.34 -4.24
CA VAL O 282 -53.63 53.99 -3.57
C VAL O 282 -54.95 53.39 -4.04
N ASN O 283 -55.10 53.19 -5.35
CA ASN O 283 -56.28 52.58 -5.93
C ASN O 283 -56.10 51.09 -6.18
N GLY O 284 -54.98 50.52 -5.75
CA GLY O 284 -54.70 49.11 -5.99
C GLY O 284 -54.38 48.34 -4.72
N LEU O 285 -53.29 47.57 -4.75
CA LEU O 285 -52.92 46.75 -3.62
C LEU O 285 -52.63 47.62 -2.39
N ALA O 286 -53.14 47.19 -1.24
CA ALA O 286 -52.77 47.83 0.01
C ALA O 286 -51.39 47.40 0.47
N LEU O 287 -51.01 46.16 0.21
CA LEU O 287 -49.73 45.62 0.67
C LEU O 287 -49.06 44.86 -0.48
N ALA O 288 -47.74 44.73 -0.38
CA ALA O 288 -46.96 44.13 -1.45
C ALA O 288 -47.25 42.65 -1.60
N GLU O 289 -47.07 42.15 -2.81
CA GLU O 289 -47.38 40.77 -3.16
C GLU O 289 -46.26 40.23 -4.03
N TYR O 290 -45.96 38.95 -3.89
CA TYR O 290 -44.96 38.31 -4.74
C TYR O 290 -45.57 37.05 -5.33
N VAL O 291 -45.31 36.80 -6.61
CA VAL O 291 -45.93 35.68 -7.31
C VAL O 291 -44.86 34.97 -8.11
N ILE O 292 -44.88 33.64 -8.07
CA ILE O 292 -44.03 32.84 -8.93
C ILE O 292 -44.93 31.94 -9.76
N TYR O 293 -44.38 31.42 -10.86
CA TYR O 293 -45.13 30.59 -11.78
C TYR O 293 -44.49 29.23 -12.02
N ARG O 294 -43.60 28.80 -11.12
CA ARG O 294 -42.98 27.49 -11.18
C ARG O 294 -42.78 27.03 -9.76
N GLY O 295 -43.29 25.85 -9.42
CA GLY O 295 -43.26 25.40 -8.05
C GLY O 295 -41.86 25.25 -7.49
N GLU O 296 -40.88 24.94 -8.34
CA GLU O 296 -39.54 24.66 -7.85
C GLU O 296 -38.73 25.92 -7.52
N GLN O 297 -39.33 27.11 -7.57
CA GLN O 297 -38.66 28.32 -7.12
C GLN O 297 -38.97 28.67 -5.66
N ALA O 298 -39.63 27.79 -4.93
CA ALA O 298 -39.95 28.02 -3.53
C ALA O 298 -39.57 26.80 -2.72
N TYR O 299 -39.27 27.03 -1.45
CA TYR O 299 -39.00 25.97 -0.50
C TYR O 299 -39.57 26.36 0.85
N PRO O 300 -40.48 25.58 1.43
CA PRO O 300 -41.04 25.98 2.73
C PRO O 300 -40.10 25.65 3.87
N GLU O 301 -39.45 26.65 4.46
CA GLU O 301 -38.40 26.34 5.43
C GLU O 301 -38.99 26.12 6.81
N TYR O 302 -40.00 26.89 7.18
CA TYR O 302 -40.60 26.86 8.50
C TYR O 302 -42.09 26.57 8.40
N LEU O 303 -42.58 25.75 9.31
CA LEU O 303 -44.01 25.48 9.47
C LEU O 303 -44.41 26.02 10.83
N ILE O 304 -45.24 27.07 10.83
CA ILE O 304 -45.58 27.83 12.03
C ILE O 304 -46.99 27.49 12.44
N THR O 305 -47.15 26.94 13.64
CA THR O 305 -48.44 26.63 14.22
C THR O 305 -48.80 27.75 15.18
N TYR O 306 -50.02 28.27 15.08
CA TYR O 306 -50.31 29.51 15.78
C TYR O 306 -51.81 29.64 15.99
N GLN O 307 -52.16 30.55 16.89
CA GLN O 307 -53.53 30.98 17.11
C GLN O 307 -53.58 32.49 17.00
N ILE O 308 -54.70 33.02 16.55
CA ILE O 308 -54.88 34.46 16.56
C ILE O 308 -55.49 34.85 17.91
N MET O 309 -54.96 35.92 18.49
CA MET O 309 -55.44 36.39 19.79
C MET O 309 -56.42 37.55 19.64
N ASP P 26 -10.85 -25.68 -7.52
CA ASP P 26 -9.94 -24.64 -7.99
C ASP P 26 -8.73 -25.24 -8.67
N PHE P 27 -8.94 -25.86 -9.83
CA PHE P 27 -7.86 -26.56 -10.51
C PHE P 27 -7.32 -25.78 -11.70
N SER P 28 -8.17 -24.97 -12.34
CA SER P 28 -7.75 -24.21 -13.51
C SER P 28 -6.73 -23.15 -13.12
N ILE P 29 -6.95 -22.45 -12.01
CA ILE P 29 -5.98 -21.48 -11.52
C ILE P 29 -4.68 -22.18 -11.17
N THR P 30 -4.77 -23.39 -10.60
CA THR P 30 -3.57 -24.13 -10.25
C THR P 30 -2.76 -24.50 -11.47
N GLN P 31 -3.40 -24.98 -12.53
CA GLN P 31 -2.68 -25.26 -13.77
C GLN P 31 -2.05 -24.00 -14.34
N PHE P 32 -2.82 -22.92 -14.38
CA PHE P 32 -2.31 -21.67 -14.93
C PHE P 32 -1.05 -21.22 -14.18
N VAL P 33 -1.10 -21.22 -12.85
CA VAL P 33 0.03 -20.75 -12.06
C VAL P 33 1.20 -21.72 -12.15
N ARG P 34 0.93 -23.02 -12.22
CA ARG P 34 2.01 -23.99 -12.30
C ARG P 34 2.76 -23.86 -13.62
N ASN P 35 2.04 -23.59 -14.72
CA ASN P 35 2.71 -23.40 -16.00
C ASN P 35 3.71 -22.24 -15.95
N LEU P 36 3.42 -21.21 -15.17
CA LEU P 36 4.31 -20.06 -15.08
C LEU P 36 5.52 -20.32 -14.19
N GLY P 37 5.55 -21.40 -13.44
CA GLY P 37 6.59 -21.63 -12.47
C GLY P 37 6.38 -20.92 -11.15
N LEU P 38 5.16 -20.44 -10.88
CA LEU P 38 4.85 -19.66 -9.69
C LEU P 38 3.98 -20.42 -8.71
N GLU P 39 4.08 -21.74 -8.66
CA GLU P 39 3.21 -22.51 -7.78
C GLU P 39 3.47 -22.21 -6.30
N HIS P 40 4.64 -21.68 -5.97
CA HIS P 40 4.91 -21.27 -4.60
C HIS P 40 4.03 -20.12 -4.15
N LEU P 41 3.29 -19.49 -5.06
CA LEU P 41 2.31 -18.47 -4.70
C LEU P 41 0.92 -19.04 -4.44
N MET P 42 0.71 -20.34 -4.65
CA MET P 42 -0.64 -20.87 -4.57
C MET P 42 -1.26 -20.68 -3.21
N ASP P 43 -0.47 -20.82 -2.13
CA ASP P 43 -1.05 -20.66 -0.80
C ASP P 43 -1.61 -19.27 -0.58
N ILE P 44 -1.15 -18.26 -1.31
CA ILE P 44 -1.81 -16.96 -1.26
C ILE P 44 -3.15 -17.03 -1.98
N PHE P 45 -3.15 -17.57 -3.21
CA PHE P 45 -4.37 -17.61 -4.00
C PHE P 45 -5.44 -18.44 -3.29
N GLU P 46 -5.05 -19.51 -2.61
CA GLU P 46 -6.02 -20.30 -1.87
C GLU P 46 -6.66 -19.49 -0.75
N ARG P 47 -5.87 -18.68 -0.06
CA ARG P 47 -6.41 -17.96 1.09
C ARG P 47 -7.27 -16.78 0.68
N GLU P 48 -6.96 -16.14 -0.44
CA GLU P 48 -7.76 -15.04 -0.93
C GLU P 48 -8.87 -15.49 -1.86
N GLN P 49 -9.03 -16.79 -2.08
CA GLN P 49 -10.07 -17.34 -2.94
C GLN P 49 -10.00 -16.73 -4.34
N ILE P 50 -8.79 -16.60 -4.87
CA ILE P 50 -8.59 -16.10 -6.22
C ILE P 50 -8.80 -17.26 -7.18
N THR P 51 -9.81 -17.15 -8.02
CA THR P 51 -10.03 -18.07 -9.13
C THR P 51 -9.56 -17.42 -10.42
N LEU P 52 -9.53 -18.21 -11.49
CA LEU P 52 -8.99 -17.70 -12.74
C LEU P 52 -9.80 -16.53 -13.27
N ASP P 53 -11.12 -16.56 -13.12
CA ASP P 53 -11.95 -15.43 -13.50
C ASP P 53 -11.68 -14.20 -12.65
N VAL P 54 -11.14 -14.36 -11.45
CA VAL P 54 -10.74 -13.21 -10.65
C VAL P 54 -9.35 -12.74 -11.09
N LEU P 55 -8.45 -13.70 -11.35
CA LEU P 55 -7.08 -13.33 -11.70
C LEU P 55 -7.02 -12.59 -13.02
N VAL P 56 -7.86 -12.96 -13.99
CA VAL P 56 -7.83 -12.30 -15.29
C VAL P 56 -8.25 -10.83 -15.21
N GLU P 57 -8.67 -10.35 -14.05
CA GLU P 57 -9.10 -8.98 -13.88
C GLU P 57 -8.22 -8.17 -12.94
N MET P 58 -7.05 -8.68 -12.57
CA MET P 58 -6.18 -8.04 -11.58
C MET P 58 -4.91 -7.52 -12.25
N GLY P 59 -4.50 -6.32 -11.86
CA GLY P 59 -3.25 -5.74 -12.30
C GLY P 59 -2.23 -5.63 -11.18
N HIS P 60 -1.26 -4.74 -11.39
CA HIS P 60 -0.18 -4.61 -10.42
C HIS P 60 -0.70 -4.16 -9.06
N LYS P 61 -1.66 -3.22 -9.06
CA LYS P 61 -2.20 -2.72 -7.81
C LYS P 61 -2.90 -3.82 -7.01
N GLU P 62 -3.82 -4.54 -7.66
CA GLU P 62 -4.56 -5.59 -6.96
C GLU P 62 -3.65 -6.72 -6.51
N LEU P 63 -2.73 -7.14 -7.36
CA LEU P 63 -1.80 -8.19 -6.98
C LEU P 63 -0.91 -7.77 -5.82
N LYS P 64 -0.55 -6.48 -5.78
CA LYS P 64 0.21 -5.98 -4.66
C LYS P 64 -0.62 -5.99 -3.38
N GLU P 65 -1.93 -5.75 -3.49
CA GLU P 65 -2.78 -5.78 -2.30
C GLU P 65 -2.80 -7.15 -1.65
N ILE P 66 -2.90 -8.22 -2.43
CA ILE P 66 -3.05 -9.56 -1.86
C ILE P 66 -1.71 -10.16 -1.42
N GLY P 67 -0.60 -9.46 -1.63
CA GLY P 67 0.67 -9.89 -1.10
C GLY P 67 1.68 -10.39 -2.10
N ILE P 68 1.46 -10.19 -3.39
CA ILE P 68 2.47 -10.50 -4.40
C ILE P 68 3.39 -9.30 -4.49
N ASN P 69 4.54 -9.37 -3.82
CA ASN P 69 5.35 -8.17 -3.62
C ASN P 69 6.40 -7.98 -4.71
N ALA P 70 6.99 -9.06 -5.22
CA ALA P 70 8.05 -8.94 -6.21
C ALA P 70 7.46 -8.54 -7.55
N TYR P 71 8.10 -7.56 -8.20
CA TYR P 71 7.62 -7.08 -9.49
C TYR P 71 7.65 -8.17 -10.55
N GLY P 72 8.67 -9.03 -10.52
CA GLY P 72 8.76 -10.08 -11.53
C GLY P 72 7.61 -11.06 -11.47
N HIS P 73 7.15 -11.40 -10.27
CA HIS P 73 6.00 -12.29 -10.12
C HIS P 73 4.75 -11.67 -10.72
N ARG P 74 4.46 -10.42 -10.39
CA ARG P 74 3.28 -9.77 -10.94
C ARG P 74 3.38 -9.63 -12.44
N HIS P 75 4.57 -9.34 -12.95
CA HIS P 75 4.78 -9.21 -14.38
C HIS P 75 4.47 -10.53 -15.08
N LYS P 76 4.96 -11.63 -14.54
CA LYS P 76 4.70 -12.92 -15.16
C LYS P 76 3.23 -13.28 -15.12
N LEU P 77 2.55 -13.00 -14.00
CA LEU P 77 1.12 -13.28 -13.94
C LEU P 77 0.35 -12.49 -14.99
N ILE P 78 0.63 -11.18 -15.09
CA ILE P 78 -0.11 -10.33 -16.00
C ILE P 78 0.16 -10.72 -17.46
N LYS P 79 1.41 -11.07 -17.78
CA LYS P 79 1.72 -11.51 -19.13
C LYS P 79 1.05 -12.84 -19.47
N GLY P 80 0.98 -13.76 -18.52
CA GLY P 80 0.24 -14.98 -18.76
C GLY P 80 -1.24 -14.73 -19.00
N VAL P 81 -1.82 -13.81 -18.23
CA VAL P 81 -3.23 -13.48 -18.43
C VAL P 81 -3.44 -12.89 -19.82
N GLU P 82 -2.54 -12.02 -20.26
CA GLU P 82 -2.67 -11.45 -21.59
C GLU P 82 -2.58 -12.53 -22.66
N ARG P 83 -1.60 -13.41 -22.57
CA ARG P 83 -1.46 -14.48 -23.55
C ARG P 83 -2.65 -15.41 -23.56
N LEU P 84 -3.36 -15.53 -22.43
CA LEU P 84 -4.56 -16.36 -22.43
C LEU P 84 -5.75 -15.62 -23.05
N ILE P 85 -6.02 -14.41 -22.57
CA ILE P 85 -7.24 -13.71 -22.96
C ILE P 85 -7.14 -13.17 -24.38
N SER P 86 -6.16 -12.32 -24.65
CA SER P 86 -6.08 -11.69 -25.96
C SER P 86 -5.38 -12.56 -26.97
N GLY P 87 -4.46 -13.42 -26.52
CA GLY P 87 -3.70 -14.24 -27.43
C GLY P 87 -4.48 -15.39 -28.04
N GLN P 88 -5.56 -15.81 -27.40
CA GLN P 88 -6.42 -16.88 -27.91
C GLN P 88 -7.87 -16.40 -27.99
N GLN P 89 -8.08 -15.16 -28.41
CA GLN P 89 -9.42 -14.59 -28.42
C GLN P 89 -10.37 -15.41 -29.28
N GLY P 90 -9.86 -16.06 -30.33
CA GLY P 90 -10.71 -16.87 -31.17
C GLY P 90 -11.37 -18.04 -30.45
N LEU P 91 -10.77 -18.50 -29.35
CA LEU P 91 -11.38 -19.54 -28.53
C LEU P 91 -12.37 -18.99 -27.53
N ASN P 92 -12.35 -17.69 -27.27
CA ASN P 92 -13.25 -17.03 -26.33
C ASN P 92 -13.15 -17.63 -24.92
N PRO P 93 -11.95 -17.74 -24.35
CA PRO P 93 -11.86 -18.17 -22.95
C PRO P 93 -12.42 -17.16 -21.97
N TYR P 94 -12.49 -15.89 -22.35
CA TYR P 94 -13.09 -14.88 -21.48
C TYR P 94 -14.57 -15.17 -21.24
N LEU P 95 -15.31 -15.49 -22.30
CA LEU P 95 -16.72 -15.79 -22.13
C LEU P 95 -16.93 -17.05 -21.31
N THR P 96 -16.02 -18.02 -21.40
CA THR P 96 -16.13 -19.21 -20.57
C THR P 96 -16.01 -18.84 -19.09
N LEU P 97 -15.11 -17.93 -18.77
CA LEU P 97 -14.85 -17.60 -17.37
C LEU P 97 -15.94 -16.71 -16.78
N ASN P 98 -16.52 -15.81 -17.58
CA ASN P 98 -17.43 -14.80 -17.07
C ASN P 98 -18.89 -15.23 -17.13
N THR P 99 -19.17 -16.53 -17.04
CA THR P 99 -20.56 -16.96 -16.97
C THR P 99 -21.19 -16.60 -15.63
N SER P 100 -20.42 -16.65 -14.55
CA SER P 100 -20.95 -16.37 -13.23
C SER P 100 -21.37 -14.91 -13.13
N GLY P 101 -22.39 -14.66 -12.30
CA GLY P 101 -22.95 -13.34 -12.13
C GLY P 101 -24.02 -12.97 -13.14
N SER P 102 -24.14 -13.71 -14.23
CA SER P 102 -25.23 -13.47 -15.16
C SER P 102 -26.52 -14.02 -14.58
N GLY P 103 -27.63 -13.64 -15.21
CA GLY P 103 -28.94 -14.06 -14.75
C GLY P 103 -29.79 -12.88 -14.34
N THR P 104 -31.02 -13.20 -13.96
CA THR P 104 -32.04 -12.21 -13.66
C THR P 104 -32.19 -12.06 -12.15
N ILE P 105 -32.41 -10.84 -11.70
CA ILE P 105 -32.83 -10.60 -10.33
C ILE P 105 -34.06 -9.71 -10.34
N LEU P 106 -35.01 -10.02 -9.46
CA LEU P 106 -36.22 -9.25 -9.30
C LEU P 106 -36.07 -8.37 -8.07
N ILE P 107 -36.26 -7.07 -8.24
CA ILE P 107 -36.15 -6.11 -7.16
C ILE P 107 -37.55 -5.62 -6.83
N ASP P 108 -38.01 -5.90 -5.62
CA ASP P 108 -39.35 -5.55 -5.23
C ASP P 108 -39.49 -4.05 -5.06
N LEU P 109 -40.57 -3.49 -5.58
CA LEU P 109 -40.85 -2.07 -5.39
C LEU P 109 -41.52 -1.85 -4.04
N SER P 110 -41.24 -0.70 -3.44
CA SER P 110 -41.89 -0.32 -2.20
C SER P 110 -43.28 0.22 -2.50
N PRO P 111 -44.35 -0.37 -1.96
CA PRO P 111 -45.70 0.15 -2.25
C PRO P 111 -45.90 1.60 -1.86
N ASP P 112 -45.03 2.16 -1.03
CA ASP P 112 -45.11 3.57 -0.65
C ASP P 112 -44.30 4.47 -1.58
N ASP P 113 -43.70 3.93 -2.63
CA ASP P 113 -42.89 4.69 -3.57
C ASP P 113 -43.74 5.22 -4.72
N LYS P 114 -43.21 6.24 -5.39
CA LYS P 114 -43.90 6.80 -6.55
C LYS P 114 -43.93 5.84 -7.73
N GLU P 115 -42.92 4.99 -7.85
CA GLU P 115 -42.83 4.08 -8.99
C GLU P 115 -43.92 3.01 -8.93
N PHE P 116 -44.09 2.38 -7.77
CA PHE P 116 -45.17 1.41 -7.58
C PHE P 116 -46.51 2.06 -7.84
N GLN P 117 -46.70 3.29 -7.35
CA GLN P 117 -47.98 3.96 -7.51
C GLN P 117 -48.26 4.31 -8.96
N SER P 118 -47.23 4.70 -9.72
CA SER P 118 -47.44 4.95 -11.14
C SER P 118 -47.81 3.68 -11.89
N VAL P 119 -47.12 2.57 -11.62
CA VAL P 119 -47.45 1.33 -12.31
C VAL P 119 -48.87 0.89 -11.97
N GLU P 120 -49.25 0.96 -10.70
CA GLU P 120 -50.60 0.57 -10.30
C GLU P 120 -51.63 1.50 -10.90
N GLU P 121 -51.33 2.80 -10.98
CA GLU P 121 -52.26 3.72 -11.61
C GLU P 121 -52.50 3.34 -13.07
N GLU P 122 -51.43 3.02 -13.80
CA GLU P 122 -51.60 2.57 -15.17
C GLU P 122 -52.49 1.34 -15.25
N MET P 123 -52.16 0.30 -14.48
CA MET P 123 -52.98 -0.91 -14.43
C MET P 123 -54.45 -0.56 -14.23
N GLN P 124 -54.76 0.10 -13.11
CA GLN P 124 -56.15 0.32 -12.75
C GLN P 124 -56.87 1.20 -13.76
N SER P 125 -56.21 2.23 -14.27
CA SER P 125 -56.88 3.22 -15.10
C SER P 125 -56.99 2.82 -16.55
N THR P 126 -56.33 1.75 -16.99
CA THR P 126 -56.46 1.30 -18.37
C THR P 126 -57.47 0.17 -18.55
N VAL P 127 -58.24 -0.17 -17.51
CA VAL P 127 -59.25 -1.21 -17.62
C VAL P 127 -60.40 -0.73 -18.50
N ARG P 128 -60.96 -1.65 -19.28
CA ARG P 128 -62.11 -1.38 -20.13
C ARG P 128 -63.04 -2.59 -20.12
N GLU P 129 -64.31 -2.33 -20.40
CA GLU P 129 -65.30 -3.39 -20.53
C GLU P 129 -65.23 -3.93 -21.95
N HIS P 130 -64.84 -5.20 -22.09
CA HIS P 130 -64.63 -5.78 -23.41
C HIS P 130 -65.95 -6.25 -24.00
N ARG P 131 -65.87 -6.73 -25.24
CA ARG P 131 -67.07 -7.23 -25.91
C ARG P 131 -67.61 -8.46 -25.20
N ASP P 132 -66.77 -9.46 -24.99
CA ASP P 132 -67.22 -10.66 -24.29
C ASP P 132 -67.40 -10.36 -22.80
N GLY P 133 -68.40 -11.00 -22.21
CA GLY P 133 -68.68 -10.78 -20.81
C GLY P 133 -67.66 -11.46 -19.93
N GLY P 134 -66.40 -11.05 -20.04
CA GLY P 134 -65.36 -11.68 -19.26
C GLY P 134 -65.14 -13.13 -19.61
N HIS P 135 -65.46 -13.53 -20.84
CA HIS P 135 -65.28 -14.92 -21.22
C HIS P 135 -63.80 -15.30 -21.16
N ALA P 136 -62.93 -14.42 -21.66
CA ALA P 136 -61.50 -14.72 -21.67
C ALA P 136 -60.80 -14.14 -20.44
N GLY P 137 -61.23 -12.96 -19.99
CA GLY P 137 -60.55 -12.28 -18.91
C GLY P 137 -61.27 -12.32 -17.58
N GLY P 138 -62.55 -12.70 -17.58
CA GLY P 138 -63.35 -12.68 -16.37
C GLY P 138 -64.10 -11.36 -16.20
N ILE P 139 -64.90 -11.30 -15.15
CA ILE P 139 -65.73 -10.15 -14.84
C ILE P 139 -65.10 -9.40 -13.68
N PHE P 140 -64.84 -8.11 -13.88
CA PHE P 140 -64.22 -7.30 -12.84
C PHE P 140 -64.24 -5.84 -13.27
N ASN P 141 -64.00 -4.98 -12.29
CA ASN P 141 -63.79 -3.56 -12.54
C ASN P 141 -62.42 -3.07 -12.13
N ARG P 142 -61.77 -3.75 -11.18
CA ARG P 142 -60.50 -3.31 -10.64
C ARG P 142 -59.65 -4.55 -10.35
N TYR P 143 -58.38 -4.31 -10.04
CA TYR P 143 -57.46 -5.35 -9.64
C TYR P 143 -57.09 -5.19 -8.18
N ASN P 144 -56.59 -6.27 -7.61
CA ASN P 144 -55.89 -6.24 -6.34
C ASN P 144 -54.44 -6.57 -6.64
N ILE P 145 -53.58 -5.55 -6.63
CA ILE P 145 -52.17 -5.74 -6.95
C ILE P 145 -51.47 -6.27 -5.72
N LEU P 146 -50.81 -7.42 -5.85
CA LEU P 146 -50.12 -8.06 -4.75
C LEU P 146 -48.67 -7.59 -4.66
N LYS P 147 -47.95 -7.60 -5.76
CA LYS P 147 -46.60 -7.04 -5.78
C LYS P 147 -46.22 -6.67 -7.20
N ILE P 148 -45.25 -5.77 -7.30
CA ILE P 148 -44.65 -5.37 -8.56
C ILE P 148 -43.14 -5.46 -8.40
N GLN P 149 -42.45 -6.04 -9.38
CA GLN P 149 -41.03 -6.26 -9.31
C GLN P 149 -40.34 -5.71 -10.56
N LYS P 150 -39.21 -5.06 -10.36
CA LYS P 150 -38.34 -4.65 -11.46
C LYS P 150 -37.49 -5.84 -11.88
N VAL P 151 -37.47 -6.11 -13.19
CA VAL P 151 -36.73 -7.23 -13.75
C VAL P 151 -35.37 -6.71 -14.21
N CYS P 152 -34.28 -7.28 -13.71
CA CYS P 152 -32.94 -6.82 -14.03
C CYS P 152 -32.11 -7.98 -14.58
N ASN P 153 -31.73 -7.86 -15.85
CA ASN P 153 -30.90 -8.85 -16.52
C ASN P 153 -29.97 -8.11 -17.45
N LYS P 154 -28.66 -8.28 -17.25
CA LYS P 154 -27.66 -7.49 -17.98
C LYS P 154 -27.67 -7.81 -19.47
N LYS P 155 -27.59 -9.10 -19.82
CA LYS P 155 -27.47 -9.47 -21.22
C LYS P 155 -28.72 -9.13 -22.02
N LEU P 156 -29.89 -9.35 -21.43
CA LEU P 156 -31.14 -9.00 -22.11
C LEU P 156 -31.23 -7.49 -22.32
N TRP P 157 -30.82 -6.71 -21.33
CA TRP P 157 -30.86 -5.26 -21.47
C TRP P 157 -29.90 -4.80 -22.55
N GLU P 158 -28.72 -5.40 -22.63
CA GLU P 158 -27.77 -5.01 -23.68
C GLU P 158 -28.30 -5.36 -25.06
N ARG P 159 -28.90 -6.55 -25.20
CA ARG P 159 -29.54 -6.90 -26.46
C ARG P 159 -30.59 -5.86 -26.84
N TYR P 160 -31.41 -5.46 -25.87
CA TYR P 160 -32.47 -4.50 -26.16
C TYR P 160 -31.90 -3.14 -26.58
N THR P 161 -30.89 -2.65 -25.87
CA THR P 161 -30.36 -1.33 -26.19
C THR P 161 -29.60 -1.33 -27.51
N HIS P 162 -28.91 -2.43 -27.85
CA HIS P 162 -28.30 -2.51 -29.16
C HIS P 162 -29.35 -2.46 -30.26
N ARG P 163 -30.45 -3.20 -30.10
CA ARG P 163 -31.49 -3.14 -31.13
C ARG P 163 -32.13 -1.76 -31.19
N ARG P 164 -32.32 -1.12 -30.03
CA ARG P 164 -32.91 0.22 -30.01
C ARG P 164 -32.03 1.21 -30.74
N LYS P 165 -30.72 1.11 -30.56
CA LYS P 165 -29.80 1.96 -31.31
C LYS P 165 -29.91 1.70 -32.80
N GLU P 166 -29.98 0.43 -33.21
CA GLU P 166 -30.12 0.13 -34.62
C GLU P 166 -31.39 0.75 -35.19
N VAL P 167 -32.51 0.60 -34.48
CA VAL P 167 -33.79 1.10 -34.98
C VAL P 167 -33.84 2.61 -35.02
N SER P 168 -33.20 3.31 -34.08
CA SER P 168 -33.18 4.77 -34.12
C SER P 168 -32.14 5.33 -35.08
N GLU P 169 -31.12 4.56 -35.45
CA GLU P 169 -30.25 5.00 -36.54
C GLU P 169 -31.06 5.16 -37.82
N GLU P 170 -31.93 4.20 -38.10
CA GLU P 170 -33.05 4.42 -38.97
C GLU P 170 -34.11 5.23 -38.22
N ASN P 171 -35.08 5.76 -38.95
CA ASN P 171 -36.16 6.50 -38.31
C ASN P 171 -35.64 7.74 -37.58
N HIS P 172 -34.73 8.45 -38.24
CA HIS P 172 -34.31 9.80 -37.86
C HIS P 172 -34.13 9.98 -36.36
N ASN P 173 -33.24 9.16 -35.80
CA ASN P 173 -32.74 9.33 -34.44
C ASN P 173 -33.84 9.23 -33.39
N HIS P 174 -34.93 8.52 -33.68
CA HIS P 174 -36.03 8.37 -32.75
C HIS P 174 -36.40 6.90 -32.67
N ALA P 175 -36.44 6.37 -31.45
CA ALA P 175 -36.73 4.96 -31.26
C ALA P 175 -38.22 4.67 -31.16
N ASN P 176 -39.03 5.67 -30.84
CA ASN P 176 -40.48 5.48 -30.67
C ASN P 176 -40.77 4.44 -29.60
N GLU P 177 -40.09 4.59 -28.46
CA GLU P 177 -40.19 3.65 -27.36
C GLU P 177 -41.43 3.94 -26.52
N ARG P 178 -42.13 2.89 -26.14
CA ARG P 178 -43.35 2.99 -25.35
C ARG P 178 -43.32 1.95 -24.26
N MET P 179 -44.24 2.07 -23.30
CA MET P 179 -44.42 1.09 -22.26
C MET P 179 -45.80 0.48 -22.40
N LEU P 180 -45.84 -0.84 -22.59
CA LEU P 180 -47.06 -1.53 -22.95
C LEU P 180 -47.19 -2.80 -22.12
N PHE P 181 -48.42 -3.26 -21.96
CA PHE P 181 -48.68 -4.47 -21.19
C PHE P 181 -48.55 -5.70 -22.07
N HIS P 182 -48.16 -6.81 -21.45
CA HIS P 182 -48.06 -8.09 -22.15
C HIS P 182 -48.60 -9.17 -21.23
N GLY P 183 -49.55 -9.95 -21.73
CA GLY P 183 -50.12 -11.07 -21.01
C GLY P 183 -49.80 -12.38 -21.72
N SER P 184 -49.29 -13.34 -20.95
CA SER P 184 -48.91 -14.62 -21.52
C SER P 184 -48.83 -15.64 -20.41
N PRO P 185 -49.04 -16.93 -20.71
CA PRO P 185 -48.75 -17.98 -19.73
C PRO P 185 -47.28 -18.34 -19.62
N PHE P 186 -46.40 -17.64 -20.34
CA PHE P 186 -44.98 -17.95 -20.37
C PHE P 186 -44.12 -16.83 -19.82
N VAL P 187 -44.66 -16.00 -18.91
CA VAL P 187 -43.90 -14.86 -18.41
C VAL P 187 -42.66 -15.30 -17.66
N ASN P 188 -42.73 -16.43 -16.95
CA ASN P 188 -41.55 -16.90 -16.23
C ASN P 188 -40.41 -17.27 -17.17
N ALA P 189 -40.71 -17.74 -18.38
CA ALA P 189 -39.65 -17.97 -19.35
C ALA P 189 -39.17 -16.68 -19.96
N ILE P 190 -40.07 -15.69 -20.10
CA ILE P 190 -39.69 -14.43 -20.73
C ILE P 190 -38.73 -13.65 -19.86
N ILE P 191 -38.97 -13.62 -18.54
CA ILE P 191 -38.11 -12.81 -17.69
C ILE P 191 -36.73 -13.42 -17.47
N HIS P 192 -36.50 -14.65 -17.94
CA HIS P 192 -35.19 -15.27 -17.83
C HIS P 192 -34.49 -15.45 -19.17
N LYS P 193 -35.23 -15.62 -20.26
CA LYS P 193 -34.64 -15.77 -21.58
C LYS P 193 -34.98 -14.64 -22.53
N GLY P 194 -35.91 -13.77 -22.19
CA GLY P 194 -36.30 -12.68 -23.05
C GLY P 194 -37.42 -13.06 -24.01
N PHE P 195 -37.97 -12.03 -24.65
CA PHE P 195 -38.94 -12.24 -25.71
C PHE P 195 -38.30 -12.97 -26.88
N ASP P 196 -39.10 -13.78 -27.57
CA ASP P 196 -38.56 -14.62 -28.64
C ASP P 196 -39.63 -14.79 -29.70
N GLU P 197 -39.35 -14.35 -30.92
CA GLU P 197 -40.32 -14.49 -31.99
C GLU P 197 -40.46 -15.93 -32.46
N ARG P 198 -39.53 -16.81 -32.10
CA ARG P 198 -39.65 -18.21 -32.46
C ARG P 198 -40.79 -18.91 -31.73
N HIS P 199 -41.32 -18.30 -30.66
CA HIS P 199 -42.51 -18.79 -29.99
C HIS P 199 -43.74 -17.96 -30.33
N ALA P 200 -43.73 -17.29 -31.48
CA ALA P 200 -44.70 -16.23 -31.74
C ALA P 200 -46.11 -16.79 -31.84
N TYR P 201 -47.08 -15.90 -31.60
CA TYR P 201 -48.51 -16.20 -31.71
C TYR P 201 -48.84 -16.28 -33.20
N ILE P 202 -48.52 -17.44 -33.78
CA ILE P 202 -48.63 -17.63 -35.23
C ILE P 202 -50.06 -17.53 -35.72
N GLY P 203 -51.05 -17.81 -34.86
CA GLY P 203 -52.44 -17.63 -35.21
C GLY P 203 -52.99 -16.25 -34.97
N GLY P 204 -52.14 -15.29 -34.57
CA GLY P 204 -52.64 -13.98 -34.22
C GLY P 204 -53.26 -13.27 -35.40
N MET P 205 -54.03 -12.22 -35.07
CA MET P 205 -54.81 -11.56 -36.10
C MET P 205 -53.93 -10.70 -37.00
N PHE P 206 -52.71 -10.37 -36.56
CA PHE P 206 -51.71 -9.72 -37.38
C PHE P 206 -50.55 -10.64 -37.74
N GLY P 207 -50.70 -11.94 -37.54
CA GLY P 207 -49.67 -12.87 -37.95
C GLY P 207 -48.73 -13.24 -36.82
N ALA P 208 -47.55 -13.73 -37.22
CA ALA P 208 -46.62 -14.35 -36.28
C ALA P 208 -45.76 -13.31 -35.56
N GLY P 209 -46.39 -12.46 -34.76
CA GLY P 209 -45.69 -11.48 -33.97
C GLY P 209 -45.93 -11.65 -32.48
N ILE P 210 -45.29 -10.76 -31.71
CA ILE P 210 -45.50 -10.65 -30.28
C ILE P 210 -46.37 -9.43 -30.05
N TYR P 211 -47.42 -9.61 -29.25
CA TYR P 211 -48.50 -8.63 -29.11
C TYR P 211 -48.38 -7.91 -27.77
N PHE P 212 -48.63 -6.61 -27.80
CA PHE P 212 -48.61 -5.77 -26.61
C PHE P 212 -49.82 -4.86 -26.68
N ALA P 213 -50.30 -4.44 -25.51
CA ALA P 213 -51.53 -3.69 -25.42
C ALA P 213 -51.34 -2.46 -24.55
N GLU P 214 -52.06 -1.40 -24.92
CA GLU P 214 -52.11 -0.19 -24.14
C GLU P 214 -53.10 -0.30 -22.98
N ASN P 215 -53.95 -1.32 -22.99
CA ASN P 215 -54.93 -1.56 -21.94
C ASN P 215 -54.54 -2.82 -21.19
N SER P 216 -54.54 -2.75 -19.86
CA SER P 216 -54.18 -3.91 -19.07
C SER P 216 -55.26 -4.99 -19.13
N SER P 217 -56.52 -4.58 -19.24
CA SER P 217 -57.60 -5.55 -19.33
C SER P 217 -57.57 -6.34 -20.62
N LYS P 218 -57.02 -5.79 -21.71
CA LYS P 218 -56.86 -6.58 -22.92
C LYS P 218 -55.78 -7.65 -22.74
N SER P 219 -54.64 -7.27 -22.17
CA SER P 219 -53.59 -8.25 -21.91
C SER P 219 -54.06 -9.29 -20.90
N ASN P 220 -55.02 -8.94 -20.04
CA ASN P 220 -55.55 -9.90 -19.08
C ASN P 220 -56.31 -11.03 -19.76
N GLN P 221 -56.71 -10.86 -21.01
CA GLN P 221 -57.40 -11.92 -21.74
C GLN P 221 -56.47 -13.03 -22.19
N TYR P 222 -55.16 -12.86 -22.04
CA TYR P 222 -54.19 -13.83 -22.53
C TYR P 222 -53.36 -14.45 -21.42
N VAL P 223 -53.62 -14.09 -20.16
CA VAL P 223 -52.74 -14.53 -19.07
C VAL P 223 -52.76 -16.04 -18.95
N TYR P 224 -53.94 -16.65 -19.01
CA TYR P 224 -54.06 -18.10 -18.88
C TYR P 224 -54.06 -18.81 -20.23
N GLY P 225 -53.93 -18.08 -21.33
CA GLY P 225 -53.81 -18.70 -22.62
C GLY P 225 -54.57 -17.95 -23.69
N ILE P 226 -54.58 -18.49 -24.91
CA ILE P 226 -55.33 -17.87 -25.99
C ILE P 226 -56.81 -17.92 -25.68
N GLY P 227 -57.46 -16.76 -25.68
CA GLY P 227 -58.87 -16.71 -25.35
C GLY P 227 -59.18 -17.20 -23.96
N GLY P 228 -58.25 -17.04 -23.02
CA GLY P 228 -58.42 -17.49 -21.67
C GLY P 228 -58.06 -18.94 -21.42
N GLY P 229 -57.88 -19.74 -22.48
CA GLY P 229 -57.53 -21.14 -22.29
C GLY P 229 -58.57 -21.86 -21.45
N THR P 230 -58.09 -22.75 -20.60
CA THR P 230 -58.94 -23.53 -19.71
C THR P 230 -59.16 -22.85 -18.37
N GLY P 231 -58.80 -21.59 -18.24
CA GLY P 231 -58.88 -20.94 -16.94
C GLY P 231 -57.67 -21.28 -16.08
N CYS P 232 -57.78 -20.93 -14.80
CA CYS P 232 -56.68 -21.20 -13.89
C CYS P 232 -56.46 -22.71 -13.78
N PRO P 233 -55.20 -23.15 -13.61
CA PRO P 233 -54.96 -24.59 -13.46
C PRO P 233 -55.62 -25.19 -12.24
N VAL P 234 -55.91 -24.39 -11.21
CA VAL P 234 -56.47 -24.93 -9.98
C VAL P 234 -57.98 -24.98 -9.98
N HIS P 235 -58.67 -24.09 -10.68
CA HIS P 235 -60.12 -24.17 -10.72
C HIS P 235 -60.62 -24.51 -12.11
N LYS P 236 -59.78 -24.35 -13.14
CA LYS P 236 -60.21 -24.40 -14.54
C LYS P 236 -61.27 -23.34 -14.83
N ASP P 237 -61.17 -22.21 -14.13
CA ASP P 237 -62.13 -21.11 -14.24
C ASP P 237 -61.42 -19.90 -14.82
N ARG P 238 -61.97 -19.35 -15.91
CA ARG P 238 -61.39 -18.16 -16.52
C ARG P 238 -61.73 -16.89 -15.77
N SER P 239 -62.60 -16.95 -14.77
CA SER P 239 -62.89 -15.81 -13.92
C SER P 239 -62.51 -16.06 -12.46
N CYS P 240 -61.50 -16.90 -12.22
CA CYS P 240 -61.14 -17.28 -10.86
C CYS P 240 -60.65 -16.06 -10.09
N TYR P 241 -61.37 -15.69 -9.04
CA TYR P 241 -61.00 -14.59 -8.18
C TYR P 241 -60.03 -15.01 -7.08
N ILE P 242 -59.63 -16.27 -7.04
CA ILE P 242 -58.77 -16.76 -5.97
C ILE P 242 -57.32 -16.84 -6.43
N CYS P 243 -57.08 -17.33 -7.64
CA CYS P 243 -55.74 -17.65 -8.11
C CYS P 243 -55.04 -16.39 -8.65
N HIS P 244 -53.73 -16.33 -8.44
CA HIS P 244 -52.92 -15.18 -8.85
C HIS P 244 -52.67 -15.16 -10.35
N ARG P 245 -52.37 -13.97 -10.85
CA ARG P 245 -52.10 -13.74 -12.27
C ARG P 245 -50.84 -12.91 -12.41
N GLN P 246 -50.23 -12.95 -13.60
CA GLN P 246 -49.01 -12.21 -13.86
C GLN P 246 -49.09 -11.49 -15.19
N LEU P 247 -48.81 -10.19 -15.17
CA LEU P 247 -48.65 -9.38 -16.37
C LEU P 247 -47.25 -8.81 -16.42
N LEU P 248 -46.76 -8.53 -17.62
CA LEU P 248 -45.51 -7.80 -17.79
C LEU P 248 -45.80 -6.39 -18.28
N PHE P 249 -45.02 -5.43 -17.80
CA PHE P 249 -45.03 -4.07 -18.29
C PHE P 249 -43.67 -3.87 -18.96
N CYS P 250 -43.67 -3.62 -20.27
CA CYS P 250 -42.48 -3.78 -21.09
C CYS P 250 -42.15 -2.49 -21.83
N ARG P 251 -40.85 -2.23 -21.96
CA ARG P 251 -40.34 -1.23 -22.88
C ARG P 251 -40.31 -1.83 -24.28
N VAL P 252 -41.09 -1.26 -25.19
CA VAL P 252 -41.21 -1.76 -26.55
C VAL P 252 -40.69 -0.66 -27.48
N THR P 253 -39.77 -1.02 -28.37
CA THR P 253 -39.28 -0.10 -29.39
C THR P 253 -40.08 -0.31 -30.66
N LEU P 254 -40.93 0.64 -31.00
CA LEU P 254 -41.82 0.49 -32.15
C LEU P 254 -41.24 1.04 -33.45
N GLY P 255 -40.24 1.90 -33.39
CA GLY P 255 -39.65 2.43 -34.60
C GLY P 255 -40.69 3.13 -35.45
N LYS P 256 -40.57 2.95 -36.76
CA LYS P 256 -41.62 3.36 -37.69
C LYS P 256 -42.69 2.27 -37.72
N SER P 257 -43.88 2.61 -37.29
CA SER P 257 -44.96 1.64 -37.17
C SER P 257 -45.91 1.75 -38.35
N PHE P 258 -46.35 0.61 -38.85
CA PHE P 258 -47.29 0.55 -39.97
C PHE P 258 -48.70 0.51 -39.42
N LEU P 259 -49.53 1.45 -39.86
CA LEU P 259 -50.90 1.58 -39.35
C LEU P 259 -51.82 0.66 -40.14
N GLN P 260 -52.49 -0.25 -39.44
CA GLN P 260 -53.37 -1.23 -40.06
C GLN P 260 -54.70 -1.24 -39.36
N PHE P 261 -55.77 -1.51 -40.12
CA PHE P 261 -57.12 -1.53 -39.59
C PHE P 261 -57.81 -2.87 -39.73
N SER P 262 -57.28 -3.79 -40.54
CA SER P 262 -57.90 -5.09 -40.75
C SER P 262 -56.84 -6.17 -40.62
N ALA P 263 -57.31 -7.40 -40.47
CA ALA P 263 -56.40 -8.52 -40.22
C ALA P 263 -55.42 -8.70 -41.37
N MET P 264 -54.20 -9.09 -41.01
CA MET P 264 -53.16 -9.42 -41.98
C MET P 264 -52.19 -10.37 -41.32
N LYS P 265 -52.16 -11.61 -41.76
CA LYS P 265 -51.31 -12.63 -41.15
C LYS P 265 -49.87 -12.52 -41.68
N MET P 266 -49.22 -11.45 -41.26
CA MET P 266 -47.84 -11.19 -41.65
C MET P 266 -46.87 -12.07 -40.88
N ALA P 267 -45.74 -12.37 -41.51
CA ALA P 267 -44.65 -13.04 -40.82
C ALA P 267 -43.66 -12.05 -40.23
N HIS P 268 -43.40 -10.96 -40.94
CA HIS P 268 -42.47 -9.92 -40.52
C HIS P 268 -43.17 -8.59 -40.68
N SER P 269 -42.46 -7.51 -40.36
CA SER P 269 -43.03 -6.18 -40.55
C SER P 269 -43.09 -5.87 -42.04
N PRO P 270 -43.99 -4.97 -42.45
CA PRO P 270 -44.01 -4.55 -43.84
C PRO P 270 -42.77 -3.77 -44.18
N PRO P 271 -42.36 -3.75 -45.46
CA PRO P 271 -41.09 -3.13 -45.81
C PRO P 271 -40.99 -1.69 -45.33
N GLY P 272 -39.83 -1.33 -44.80
CA GLY P 272 -39.57 0.01 -44.33
C GLY P 272 -40.09 0.32 -42.95
N HIS P 273 -40.66 -0.66 -42.24
CA HIS P 273 -41.27 -0.45 -40.95
C HIS P 273 -40.69 -1.43 -39.93
N HIS P 274 -40.90 -1.11 -38.65
CA HIS P 274 -40.37 -1.91 -37.56
C HIS P 274 -41.44 -2.55 -36.68
N SER P 275 -42.70 -2.17 -36.84
CA SER P 275 -43.77 -2.74 -36.04
C SER P 275 -45.09 -2.49 -36.76
N VAL P 276 -46.15 -3.05 -36.21
CA VAL P 276 -47.50 -2.87 -36.74
C VAL P 276 -48.41 -2.38 -35.61
N THR P 277 -49.22 -1.36 -35.91
CA THR P 277 -50.21 -0.83 -34.98
C THR P 277 -51.60 -1.13 -35.53
N GLY P 278 -52.35 -1.97 -34.82
CA GLY P 278 -53.75 -2.19 -35.14
C GLY P 278 -54.65 -1.21 -34.43
N ARG P 279 -55.30 -0.34 -35.21
CA ARG P 279 -56.09 0.76 -34.68
C ARG P 279 -57.52 0.32 -34.36
N PRO P 280 -58.16 0.99 -33.40
CA PRO P 280 -59.57 0.72 -33.15
C PRO P 280 -60.42 1.08 -34.36
N SER P 281 -61.48 0.32 -34.58
CA SER P 281 -62.40 0.58 -35.68
C SER P 281 -63.81 0.20 -35.26
N VAL P 282 -64.80 0.83 -35.89
CA VAL P 282 -66.19 0.52 -35.58
C VAL P 282 -66.50 -0.94 -35.90
N ASN P 283 -66.05 -1.41 -37.06
CA ASN P 283 -66.23 -2.80 -37.47
C ASN P 283 -65.00 -3.65 -37.18
N GLY P 284 -63.99 -3.10 -36.53
CA GLY P 284 -62.76 -3.83 -36.26
C GLY P 284 -62.39 -3.89 -34.80
N LEU P 285 -61.15 -3.55 -34.48
CA LEU P 285 -60.65 -3.66 -33.11
C LEU P 285 -61.42 -2.73 -32.19
N ALA P 286 -61.78 -3.25 -31.00
CA ALA P 286 -62.34 -2.39 -29.97
C ALA P 286 -61.25 -1.55 -29.31
N LEU P 287 -60.02 -2.04 -29.28
CA LEU P 287 -58.92 -1.37 -28.61
C LEU P 287 -57.65 -1.56 -29.43
N ALA P 288 -56.69 -0.65 -29.24
CA ALA P 288 -55.47 -0.66 -30.02
C ALA P 288 -54.57 -1.84 -29.65
N GLU P 289 -53.78 -2.29 -30.61
CA GLU P 289 -52.81 -3.36 -30.40
C GLU P 289 -51.49 -3.01 -31.07
N TYR P 290 -50.40 -3.51 -30.51
CA TYR P 290 -49.08 -3.30 -31.07
C TYR P 290 -48.41 -4.65 -31.27
N VAL P 291 -47.77 -4.83 -32.42
CA VAL P 291 -47.15 -6.10 -32.77
C VAL P 291 -45.73 -5.82 -33.20
N ILE P 292 -44.79 -6.57 -32.62
CA ILE P 292 -43.39 -6.54 -33.05
C ILE P 292 -43.02 -7.94 -33.50
N TYR P 293 -42.24 -8.04 -34.57
CA TYR P 293 -41.87 -9.32 -35.15
C TYR P 293 -40.43 -9.70 -34.84
N ARG P 294 -39.80 -9.04 -33.88
CA ARG P 294 -38.43 -9.34 -33.46
C ARG P 294 -38.38 -9.25 -31.95
N GLY P 295 -37.96 -10.32 -31.29
CA GLY P 295 -38.07 -10.37 -29.85
C GLY P 295 -37.13 -9.44 -29.13
N GLU P 296 -36.05 -9.02 -29.78
CA GLU P 296 -35.08 -8.13 -29.17
C GLU P 296 -35.60 -6.70 -29.03
N GLN P 297 -36.76 -6.38 -29.59
CA GLN P 297 -37.27 -5.02 -29.50
C GLN P 297 -38.08 -4.74 -28.25
N ALA P 298 -38.21 -5.71 -27.34
CA ALA P 298 -38.92 -5.50 -26.09
C ALA P 298 -38.07 -5.95 -24.92
N TYR P 299 -38.18 -5.23 -23.81
CA TYR P 299 -37.58 -5.61 -22.56
C TYR P 299 -38.62 -5.60 -21.45
N PRO P 300 -38.79 -6.70 -20.70
CA PRO P 300 -39.86 -6.81 -19.68
C PRO P 300 -39.51 -6.14 -18.36
N GLU P 301 -39.80 -4.85 -18.24
CA GLU P 301 -39.24 -4.07 -17.14
C GLU P 301 -39.88 -4.43 -15.80
N TYR P 302 -41.21 -4.53 -15.77
CA TYR P 302 -41.95 -4.78 -14.53
C TYR P 302 -42.74 -6.08 -14.63
N LEU P 303 -42.70 -6.86 -13.55
CA LEU P 303 -43.53 -8.05 -13.42
C LEU P 303 -44.59 -7.77 -12.36
N ILE P 304 -45.85 -7.84 -12.75
CA ILE P 304 -46.96 -7.45 -11.89
C ILE P 304 -47.76 -8.70 -11.53
N THR P 305 -47.92 -8.93 -10.23
CA THR P 305 -48.74 -10.03 -9.71
C THR P 305 -50.01 -9.43 -9.13
N TYR P 306 -51.16 -10.02 -9.47
CA TYR P 306 -52.42 -9.40 -9.13
C TYR P 306 -53.52 -10.45 -9.10
N GLN P 307 -54.68 -10.01 -8.62
CA GLN P 307 -55.93 -10.75 -8.72
C GLN P 307 -56.99 -9.84 -9.32
N ILE P 308 -57.96 -10.43 -9.98
CA ILE P 308 -59.13 -9.68 -10.39
C ILE P 308 -60.17 -9.68 -9.27
N MET P 309 -61.05 -8.69 -9.29
CA MET P 309 -62.04 -8.54 -8.24
C MET P 309 -63.45 -8.42 -8.81
N ASP Q 26 18.65 -16.87 -11.88
CA ASP Q 26 19.44 -16.22 -10.85
C ASP Q 26 20.81 -15.84 -11.37
N PHE Q 27 21.42 -16.73 -12.16
CA PHE Q 27 22.79 -16.51 -12.59
C PHE Q 27 22.88 -15.77 -13.92
N SER Q 28 22.00 -16.09 -14.87
CA SER Q 28 22.09 -15.43 -16.17
C SER Q 28 21.90 -13.92 -16.04
N ILE Q 29 20.94 -13.50 -15.22
CA ILE Q 29 20.75 -12.07 -14.97
C ILE Q 29 22.00 -11.49 -14.32
N THR Q 30 22.64 -12.25 -13.43
CA THR Q 30 23.86 -11.78 -12.78
C THR Q 30 24.96 -11.53 -13.80
N GLN Q 31 25.18 -12.48 -14.71
CA GLN Q 31 26.22 -12.29 -15.73
C GLN Q 31 25.88 -11.11 -16.62
N PHE Q 32 24.61 -10.99 -17.01
CA PHE Q 32 24.22 -9.88 -17.89
C PHE Q 32 24.50 -8.54 -17.22
N VAL Q 33 24.15 -8.41 -15.94
CA VAL Q 33 24.32 -7.13 -15.25
C VAL Q 33 25.79 -6.87 -14.95
N ARG Q 34 26.56 -7.93 -14.67
CA ARG Q 34 27.98 -7.76 -14.41
C ARG Q 34 28.75 -7.35 -15.66
N ASN Q 35 28.39 -7.91 -16.82
CA ASN Q 35 29.05 -7.51 -18.06
C ASN Q 35 28.88 -6.04 -18.34
N LEU Q 36 27.75 -5.47 -17.95
CA LEU Q 36 27.47 -4.06 -18.20
C LEU Q 36 28.12 -3.14 -17.17
N GLY Q 37 28.82 -3.70 -16.18
CA GLY Q 37 29.42 -2.89 -15.14
C GLY Q 37 28.44 -2.35 -14.12
N LEU Q 38 27.30 -3.02 -13.94
CA LEU Q 38 26.21 -2.53 -13.12
C LEU Q 38 25.88 -3.45 -11.96
N GLU Q 39 26.81 -4.32 -11.57
CA GLU Q 39 26.50 -5.32 -10.56
C GLU Q 39 26.05 -4.72 -9.24
N HIS Q 40 26.37 -3.45 -8.98
CA HIS Q 40 25.88 -2.81 -7.76
C HIS Q 40 24.37 -2.69 -7.75
N LEU Q 41 23.71 -2.86 -8.89
CA LEU Q 41 22.25 -2.85 -8.95
C LEU Q 41 21.63 -4.20 -8.58
N MET Q 42 22.43 -5.26 -8.47
CA MET Q 42 21.85 -6.59 -8.36
C MET Q 42 20.93 -6.73 -7.16
N ASP Q 43 21.20 -6.01 -6.06
CA ASP Q 43 20.37 -6.16 -4.89
C ASP Q 43 18.92 -5.74 -5.16
N ILE Q 44 18.70 -4.82 -6.09
CA ILE Q 44 17.34 -4.55 -6.53
C ILE Q 44 16.76 -5.74 -7.27
N PHE Q 45 17.48 -6.26 -8.26
CA PHE Q 45 16.96 -7.34 -9.07
C PHE Q 45 16.69 -8.58 -8.23
N GLU Q 46 17.37 -8.72 -7.09
CA GLU Q 46 17.12 -9.87 -6.23
C GLU Q 46 15.81 -9.71 -5.47
N ARG Q 47 15.47 -8.49 -5.05
CA ARG Q 47 14.26 -8.32 -4.27
C ARG Q 47 13.01 -8.30 -5.16
N GLU Q 48 13.14 -7.83 -6.38
CA GLU Q 48 12.02 -7.80 -7.31
C GLU Q 48 11.91 -9.07 -8.13
N GLN Q 49 12.79 -10.04 -7.91
CA GLN Q 49 12.73 -11.31 -8.60
C GLN Q 49 12.82 -11.13 -10.11
N ILE Q 50 13.60 -10.16 -10.56
CA ILE Q 50 13.76 -9.89 -11.99
C ILE Q 50 14.71 -10.94 -12.54
N THR Q 51 14.20 -11.83 -13.38
CA THR Q 51 15.02 -12.72 -14.16
C THR Q 51 15.30 -12.10 -15.53
N LEU Q 52 16.15 -12.75 -16.30
CA LEU Q 52 16.50 -12.21 -17.61
C LEU Q 52 15.30 -12.21 -18.53
N ASP Q 53 14.46 -13.25 -18.46
CA ASP Q 53 13.26 -13.31 -19.28
C ASP Q 53 12.28 -12.19 -18.95
N VAL Q 54 12.15 -11.82 -17.68
CA VAL Q 54 11.36 -10.65 -17.34
C VAL Q 54 12.06 -9.37 -17.79
N LEU Q 55 13.39 -9.34 -17.65
CA LEU Q 55 14.13 -8.11 -17.92
C LEU Q 55 14.05 -7.73 -19.39
N VAL Q 56 14.09 -8.70 -20.30
CA VAL Q 56 14.10 -8.39 -21.72
C VAL Q 56 12.82 -7.73 -22.19
N GLU Q 57 11.77 -7.71 -21.35
CA GLU Q 57 10.50 -7.08 -21.71
C GLU Q 57 10.31 -5.70 -21.10
N MET Q 58 11.28 -5.20 -20.35
CA MET Q 58 11.09 -3.97 -19.57
C MET Q 58 11.70 -2.78 -20.30
N GLY Q 59 10.95 -1.67 -20.32
CA GLY Q 59 11.45 -0.42 -20.85
C GLY Q 59 11.73 0.57 -19.74
N HIS Q 60 11.85 1.84 -20.14
CA HIS Q 60 12.18 2.88 -19.18
C HIS Q 60 11.13 2.98 -18.09
N LYS Q 61 9.85 2.86 -18.45
CA LYS Q 61 8.78 2.97 -17.47
C LYS Q 61 8.90 1.88 -16.41
N GLU Q 62 9.06 0.63 -16.84
CA GLU Q 62 9.14 -0.48 -15.89
C GLU Q 62 10.38 -0.38 -15.03
N LEU Q 63 11.52 -0.05 -15.63
CA LEU Q 63 12.76 0.04 -14.86
C LEU Q 63 12.69 1.17 -13.86
N LYS Q 64 12.08 2.29 -14.23
CA LYS Q 64 11.89 3.38 -13.28
C LYS Q 64 10.99 2.95 -12.14
N GLU Q 65 9.98 2.12 -12.42
CA GLU Q 65 9.10 1.66 -11.35
C GLU Q 65 9.86 0.90 -10.28
N ILE Q 66 10.75 -0.01 -10.67
CA ILE Q 66 11.42 -0.87 -9.69
C ILE Q 66 12.59 -0.21 -8.99
N GLY Q 67 12.93 1.03 -9.35
CA GLY Q 67 13.95 1.77 -8.65
C GLY Q 67 15.26 1.97 -9.38
N ILE Q 68 15.29 1.82 -10.70
CA ILE Q 68 16.45 2.25 -11.48
C ILE Q 68 16.22 3.70 -11.84
N ASN Q 69 16.71 4.61 -11.01
CA ASN Q 69 16.36 6.02 -11.14
C ASN Q 69 17.27 6.77 -12.09
N ALA Q 70 18.52 6.35 -12.23
CA ALA Q 70 19.45 7.04 -13.11
C ALA Q 70 19.14 6.68 -14.57
N TYR Q 71 19.05 7.71 -15.41
CA TYR Q 71 18.78 7.47 -16.82
C TYR Q 71 19.88 6.65 -17.47
N GLY Q 72 21.14 6.90 -17.11
CA GLY Q 72 22.22 6.18 -17.75
C GLY Q 72 22.18 4.68 -17.50
N HIS Q 73 21.82 4.27 -16.29
CA HIS Q 73 21.72 2.85 -15.98
C HIS Q 73 20.62 2.19 -16.81
N ARG Q 74 19.46 2.82 -16.91
CA ARG Q 74 18.38 2.28 -17.73
C ARG Q 74 18.77 2.22 -19.19
N HIS Q 75 19.43 3.27 -19.68
CA HIS Q 75 19.93 3.27 -21.05
C HIS Q 75 20.83 2.06 -21.30
N LYS Q 76 21.77 1.80 -20.38
CA LYS Q 76 22.68 0.69 -20.58
C LYS Q 76 21.97 -0.65 -20.53
N LEU Q 77 21.04 -0.82 -19.60
CA LEU Q 77 20.28 -2.07 -19.53
C LEU Q 77 19.49 -2.30 -20.81
N ILE Q 78 18.83 -1.26 -21.30
CA ILE Q 78 17.99 -1.38 -22.49
C ILE Q 78 18.84 -1.68 -23.72
N LYS Q 79 19.99 -1.01 -23.85
CA LYS Q 79 20.86 -1.29 -24.98
C LYS Q 79 21.46 -2.69 -24.90
N GLY Q 80 21.79 -3.16 -23.70
CA GLY Q 80 22.25 -4.53 -23.58
C GLY Q 80 21.20 -5.53 -23.98
N VAL Q 81 19.96 -5.30 -23.56
CA VAL Q 81 18.87 -6.19 -23.96
C VAL Q 81 18.68 -6.16 -25.47
N GLU Q 82 18.73 -4.97 -26.07
CA GLU Q 82 18.58 -4.88 -27.51
C GLU Q 82 19.68 -5.64 -28.22
N ARG Q 83 20.92 -5.49 -27.77
CA ARG Q 83 22.01 -6.23 -28.40
C ARG Q 83 21.82 -7.73 -28.25
N LEU Q 84 21.41 -8.19 -27.07
CA LEU Q 84 21.21 -9.62 -26.86
C LEU Q 84 20.10 -10.16 -27.77
N ILE Q 85 18.98 -9.44 -27.87
CA ILE Q 85 17.80 -9.98 -28.53
C ILE Q 85 17.89 -9.82 -30.04
N SER Q 86 18.25 -8.63 -30.52
CA SER Q 86 18.28 -8.36 -31.94
C SER Q 86 19.64 -8.67 -32.56
N GLY Q 87 20.74 -8.41 -31.84
CA GLY Q 87 22.05 -8.63 -32.41
C GLY Q 87 22.44 -10.08 -32.57
N GLN Q 88 21.81 -10.98 -31.81
CA GLN Q 88 22.05 -12.41 -31.92
C GLN Q 88 20.76 -13.15 -32.27
N GLN Q 89 19.97 -12.57 -33.17
CA GLN Q 89 18.66 -13.15 -33.50
C GLN Q 89 18.79 -14.57 -34.03
N GLY Q 90 19.85 -14.85 -34.79
CA GLY Q 90 20.04 -16.20 -35.32
C GLY Q 90 20.19 -17.27 -34.27
N LEU Q 91 20.63 -16.89 -33.06
CA LEU Q 91 20.68 -17.81 -31.94
C LEU Q 91 19.36 -17.94 -31.21
N ASN Q 92 18.40 -17.07 -31.51
CA ASN Q 92 17.07 -17.13 -30.93
C ASN Q 92 17.10 -17.22 -29.40
N PRO Q 93 17.83 -16.32 -28.73
CA PRO Q 93 17.77 -16.28 -27.27
C PRO Q 93 16.39 -15.97 -26.74
N TYR Q 94 15.58 -15.21 -27.48
CA TYR Q 94 14.24 -14.88 -27.04
C TYR Q 94 13.34 -16.10 -26.92
N LEU Q 95 13.58 -17.13 -27.73
CA LEU Q 95 12.83 -18.37 -27.63
C LEU Q 95 13.35 -19.26 -26.51
N THR Q 96 14.66 -19.21 -26.24
CA THR Q 96 15.19 -19.89 -25.07
C THR Q 96 14.63 -19.26 -23.80
N LEU Q 97 14.62 -17.93 -23.74
CA LEU Q 97 13.94 -17.22 -22.67
C LEU Q 97 12.44 -17.27 -22.89
N ASN Q 98 11.69 -16.97 -21.84
CA ASN Q 98 10.24 -16.83 -21.95
C ASN Q 98 9.58 -18.09 -22.47
N THR Q 99 10.09 -19.25 -22.07
CA THR Q 99 9.34 -20.49 -22.21
C THR Q 99 8.27 -20.64 -21.14
N SER Q 100 8.35 -19.83 -20.09
CA SER Q 100 7.33 -19.81 -19.05
C SER Q 100 5.98 -19.46 -19.64
N GLY Q 101 4.94 -20.15 -19.21
CA GLY Q 101 3.59 -19.91 -19.66
C GLY Q 101 3.14 -20.76 -20.83
N SER Q 102 4.05 -21.46 -21.49
CA SER Q 102 3.65 -22.39 -22.54
C SER Q 102 3.05 -23.66 -21.92
N GLY Q 103 2.08 -24.23 -22.62
CA GLY Q 103 1.42 -25.44 -22.18
C GLY Q 103 -0.08 -25.28 -22.11
N THR Q 104 -0.74 -26.42 -21.92
CA THR Q 104 -2.19 -26.50 -22.00
C THR Q 104 -2.83 -26.26 -20.64
N ILE Q 105 -3.98 -25.60 -20.64
CA ILE Q 105 -4.82 -25.54 -19.45
C ILE Q 105 -6.24 -25.94 -19.84
N LEU Q 106 -6.97 -26.45 -18.86
CA LEU Q 106 -8.34 -26.91 -19.04
C LEU Q 106 -9.24 -26.09 -18.14
N ILE Q 107 -10.29 -25.53 -18.72
CA ILE Q 107 -11.23 -24.67 -17.99
C ILE Q 107 -12.56 -25.41 -17.91
N ASP Q 108 -13.04 -25.63 -16.70
CA ASP Q 108 -14.27 -26.39 -16.51
C ASP Q 108 -15.47 -25.53 -16.87
N LEU Q 109 -16.37 -26.10 -17.67
CA LEU Q 109 -17.64 -25.45 -17.99
C LEU Q 109 -18.61 -25.65 -16.84
N SER Q 110 -19.39 -24.62 -16.56
CA SER Q 110 -20.43 -24.74 -15.55
C SER Q 110 -21.63 -25.48 -16.14
N PRO Q 111 -22.11 -26.55 -15.50
CA PRO Q 111 -23.29 -27.25 -16.05
C PRO Q 111 -24.51 -26.37 -16.20
N ASP Q 112 -24.59 -25.26 -15.48
CA ASP Q 112 -25.70 -24.33 -15.64
C ASP Q 112 -25.48 -23.33 -16.77
N ASP Q 113 -24.33 -23.39 -17.44
CA ASP Q 113 -24.02 -22.44 -18.50
C ASP Q 113 -24.70 -22.82 -19.81
N LYS Q 114 -24.98 -21.81 -20.63
CA LYS Q 114 -25.59 -22.06 -21.93
C LYS Q 114 -24.67 -22.91 -22.80
N GLU Q 115 -23.36 -22.67 -22.73
CA GLU Q 115 -22.42 -23.38 -23.60
C GLU Q 115 -22.35 -24.86 -23.23
N PHE Q 116 -22.35 -25.16 -21.94
CA PHE Q 116 -22.34 -26.55 -21.50
C PHE Q 116 -23.56 -27.28 -22.03
N GLN Q 117 -24.73 -26.66 -21.93
CA GLN Q 117 -25.95 -27.28 -22.42
C GLN Q 117 -25.93 -27.43 -23.94
N SER Q 118 -25.34 -26.47 -24.66
CA SER Q 118 -25.23 -26.63 -26.11
C SER Q 118 -24.38 -27.83 -26.49
N VAL Q 119 -23.22 -27.98 -25.85
CA VAL Q 119 -22.36 -29.12 -26.17
C VAL Q 119 -23.03 -30.43 -25.76
N GLU Q 120 -23.68 -30.45 -24.60
CA GLU Q 120 -24.38 -31.65 -24.16
C GLU Q 120 -25.52 -32.00 -25.10
N GLU Q 121 -26.24 -30.99 -25.60
CA GLU Q 121 -27.32 -31.24 -26.54
C GLU Q 121 -26.77 -31.84 -27.83
N GLU Q 122 -25.64 -31.34 -28.32
CA GLU Q 122 -25.00 -32.02 -29.44
C GLU Q 122 -24.73 -33.48 -29.12
N MET Q 123 -24.06 -33.73 -27.99
CA MET Q 123 -23.69 -35.09 -27.62
C MET Q 123 -24.90 -36.01 -27.62
N GLN Q 124 -25.96 -35.61 -26.93
CA GLN Q 124 -27.14 -36.46 -26.78
C GLN Q 124 -27.88 -36.61 -28.10
N SER Q 125 -28.15 -35.50 -28.79
CA SER Q 125 -29.03 -35.55 -29.95
C SER Q 125 -28.39 -36.21 -31.15
N THR Q 126 -27.06 -36.28 -31.20
CA THR Q 126 -26.42 -36.90 -32.36
C THR Q 126 -26.25 -38.40 -32.22
N VAL Q 127 -26.96 -39.04 -31.28
CA VAL Q 127 -26.87 -40.50 -31.14
C VAL Q 127 -27.70 -41.18 -32.21
N ARG Q 128 -27.20 -42.30 -32.71
CA ARG Q 128 -27.87 -43.06 -33.77
C ARG Q 128 -27.58 -44.54 -33.57
N GLU Q 129 -28.40 -45.38 -34.18
CA GLU Q 129 -28.15 -46.81 -34.16
C GLU Q 129 -27.14 -47.17 -35.24
N HIS Q 130 -26.34 -48.20 -34.96
CA HIS Q 130 -25.27 -48.62 -35.86
C HIS Q 130 -25.62 -49.96 -36.49
N ARG Q 131 -24.85 -50.31 -37.52
CA ARG Q 131 -25.05 -51.60 -38.18
C ARG Q 131 -24.83 -52.76 -37.22
N ASP Q 132 -23.78 -52.68 -36.40
CA ASP Q 132 -23.56 -53.68 -35.37
C ASP Q 132 -24.34 -53.32 -34.12
N GLY Q 133 -24.73 -54.35 -33.37
CA GLY Q 133 -25.47 -54.15 -32.14
C GLY Q 133 -24.59 -53.76 -30.98
N GLY Q 134 -23.83 -52.66 -31.15
CA GLY Q 134 -22.97 -52.20 -30.08
C GLY Q 134 -21.74 -53.05 -29.87
N HIS Q 135 -21.26 -53.74 -30.89
CA HIS Q 135 -20.08 -54.57 -30.71
C HIS Q 135 -18.86 -53.75 -30.33
N ALA Q 136 -18.70 -52.58 -30.94
CA ALA Q 136 -17.55 -51.73 -30.71
C ALA Q 136 -17.85 -50.60 -29.72
N GLY Q 137 -18.99 -49.94 -29.88
CA GLY Q 137 -19.31 -48.79 -29.06
C GLY Q 137 -20.13 -49.12 -27.83
N GLY Q 138 -20.61 -50.35 -27.73
CA GLY Q 138 -21.47 -50.74 -26.64
C GLY Q 138 -22.94 -50.51 -26.96
N ILE Q 139 -23.78 -50.73 -25.97
CA ILE Q 139 -25.23 -50.61 -26.11
C ILE Q 139 -25.69 -49.48 -25.20
N PHE Q 140 -26.31 -48.46 -25.79
CA PHE Q 140 -26.76 -47.31 -25.02
C PHE Q 140 -27.67 -46.47 -25.90
N ASN Q 141 -28.45 -45.62 -25.23
CA ASN Q 141 -29.25 -44.60 -25.91
C ASN Q 141 -28.96 -43.19 -25.40
N ARG Q 142 -28.22 -43.05 -24.31
CA ARG Q 142 -27.95 -41.75 -23.71
C ARG Q 142 -26.57 -41.81 -23.08
N TYR Q 143 -26.02 -40.63 -22.80
CA TYR Q 143 -24.79 -40.50 -22.03
C TYR Q 143 -25.10 -39.82 -20.71
N ASN Q 144 -24.27 -40.11 -19.72
CA ASN Q 144 -24.19 -39.32 -18.49
C ASN Q 144 -22.94 -38.47 -18.61
N ILE Q 145 -23.12 -37.18 -18.86
CA ILE Q 145 -22.01 -36.26 -19.01
C ILE Q 145 -21.53 -35.86 -17.62
N LEU Q 146 -20.26 -36.11 -17.32
CA LEU Q 146 -19.71 -35.76 -16.02
C LEU Q 146 -19.16 -34.34 -16.01
N LYS Q 147 -18.35 -33.99 -17.01
CA LYS Q 147 -17.87 -32.62 -17.14
C LYS Q 147 -17.46 -32.37 -18.59
N ILE Q 148 -17.42 -31.09 -18.95
CA ILE Q 148 -16.93 -30.63 -20.23
C ILE Q 148 -15.89 -29.56 -19.97
N GLN Q 149 -14.74 -29.66 -20.64
CA GLN Q 149 -13.62 -28.75 -20.42
C GLN Q 149 -13.20 -28.08 -21.71
N LYS Q 150 -13.01 -26.78 -21.65
CA LYS Q 150 -12.39 -26.02 -22.73
C LYS Q 150 -10.87 -26.20 -22.66
N VAL Q 151 -10.26 -26.49 -23.81
CA VAL Q 151 -8.83 -26.72 -23.92
C VAL Q 151 -8.18 -25.45 -24.45
N CYS Q 152 -7.17 -24.95 -23.75
CA CYS Q 152 -6.49 -23.71 -24.13
C CYS Q 152 -5.00 -23.94 -24.23
N ASN Q 153 -4.43 -23.65 -25.41
CA ASN Q 153 -3.01 -23.78 -25.65
C ASN Q 153 -2.62 -22.80 -26.74
N LYS Q 154 -1.82 -21.80 -26.37
CA LYS Q 154 -1.47 -20.69 -27.26
C LYS Q 154 -0.78 -21.18 -28.52
N LYS Q 155 0.24 -22.03 -28.36
CA LYS Q 155 1.04 -22.48 -29.51
C LYS Q 155 0.19 -23.27 -30.50
N LEU Q 156 -0.58 -24.22 -30.01
CA LEU Q 156 -1.44 -25.01 -30.90
C LEU Q 156 -2.50 -24.15 -31.54
N TRP Q 157 -3.06 -23.19 -30.80
CA TRP Q 157 -4.07 -22.32 -31.39
C TRP Q 157 -3.50 -21.51 -32.52
N GLU Q 158 -2.29 -20.99 -32.34
CA GLU Q 158 -1.65 -20.20 -33.38
C GLU Q 158 -1.36 -21.05 -34.61
N ARG Q 159 -0.88 -22.28 -34.40
CA ARG Q 159 -0.66 -23.20 -35.51
C ARG Q 159 -1.95 -23.42 -36.30
N TYR Q 160 -3.04 -23.69 -35.59
CA TYR Q 160 -4.32 -23.96 -36.24
C TYR Q 160 -4.81 -22.75 -37.03
N THR Q 161 -4.73 -21.56 -36.43
CA THR Q 161 -5.27 -20.39 -37.11
C THR Q 161 -4.41 -19.98 -38.30
N HIS Q 162 -3.10 -20.22 -38.23
CA HIS Q 162 -2.28 -19.98 -39.40
C HIS Q 162 -2.69 -20.91 -40.55
N ARG Q 163 -2.85 -22.21 -40.26
CA ARG Q 163 -3.28 -23.12 -41.31
C ARG Q 163 -4.66 -22.73 -41.83
N ARG Q 164 -5.52 -22.21 -40.95
CA ARG Q 164 -6.86 -21.82 -41.35
C ARG Q 164 -6.82 -20.66 -42.33
N LYS Q 165 -6.00 -19.64 -42.05
CA LYS Q 165 -5.85 -18.54 -43.00
C LYS Q 165 -5.26 -19.02 -44.31
N GLU Q 166 -4.30 -19.95 -44.24
CA GLU Q 166 -3.69 -20.49 -45.46
C GLU Q 166 -4.73 -21.20 -46.32
N VAL Q 167 -5.59 -22.03 -45.72
CA VAL Q 167 -6.60 -22.74 -46.49
C VAL Q 167 -7.67 -21.76 -46.99
N SER Q 168 -8.05 -20.80 -46.15
CA SER Q 168 -9.05 -19.82 -46.53
C SER Q 168 -8.62 -18.97 -47.71
N GLU Q 169 -7.33 -18.64 -47.79
CA GLU Q 169 -6.83 -17.88 -48.94
C GLU Q 169 -7.07 -18.64 -50.24
N GLU Q 170 -6.97 -19.96 -50.20
CA GLU Q 170 -7.55 -20.80 -51.22
C GLU Q 170 -9.02 -21.01 -50.88
N ASN Q 171 -9.80 -21.54 -51.81
CA ASN Q 171 -11.21 -21.80 -51.53
C ASN Q 171 -11.95 -20.51 -51.19
N HIS Q 172 -11.69 -19.49 -52.01
CA HIS Q 172 -12.46 -18.23 -52.06
C HIS Q 172 -12.89 -17.77 -50.67
N ASN Q 173 -11.90 -17.55 -49.80
CA ASN Q 173 -12.07 -16.83 -48.55
C ASN Q 173 -12.91 -17.60 -47.53
N HIS Q 174 -13.29 -18.83 -47.84
CA HIS Q 174 -14.12 -19.62 -46.94
C HIS Q 174 -13.30 -20.81 -46.45
N ALA Q 175 -13.14 -20.92 -45.13
CA ALA Q 175 -12.42 -22.04 -44.55
C ALA Q 175 -13.27 -23.31 -44.45
N ASN Q 176 -14.58 -23.18 -44.38
CA ASN Q 176 -15.48 -24.34 -44.27
C ASN Q 176 -15.20 -25.08 -42.97
N GLU Q 177 -15.41 -24.37 -41.87
CA GLU Q 177 -15.04 -24.86 -40.54
C GLU Q 177 -16.25 -25.52 -39.87
N ARG Q 178 -16.06 -26.76 -39.43
CA ARG Q 178 -17.11 -27.54 -38.79
C ARG Q 178 -16.72 -27.92 -37.38
N MET Q 179 -17.70 -28.27 -36.57
CA MET Q 179 -17.46 -28.82 -35.24
C MET Q 179 -17.76 -30.31 -35.28
N LEU Q 180 -16.79 -31.13 -34.90
CA LEU Q 180 -16.89 -32.56 -35.09
C LEU Q 180 -16.35 -33.30 -33.87
N PHE Q 181 -16.78 -34.55 -33.71
CA PHE Q 181 -16.31 -35.38 -32.62
C PHE Q 181 -15.10 -36.19 -33.06
N HIS Q 182 -14.21 -36.45 -32.10
CA HIS Q 182 -13.04 -37.28 -32.33
C HIS Q 182 -12.89 -38.22 -31.15
N GLY Q 183 -12.60 -39.48 -31.46
CA GLY Q 183 -12.37 -40.50 -30.45
C GLY Q 183 -11.05 -41.20 -30.66
N SER Q 184 -10.29 -41.37 -29.58
CA SER Q 184 -9.00 -42.03 -29.66
C SER Q 184 -8.53 -42.33 -28.25
N PRO Q 185 -7.66 -43.33 -28.07
CA PRO Q 185 -7.05 -43.56 -26.75
C PRO Q 185 -5.92 -42.60 -26.44
N PHE Q 186 -5.56 -41.71 -27.36
CA PHE Q 186 -4.46 -40.78 -27.19
C PHE Q 186 -4.94 -39.34 -27.04
N VAL Q 187 -6.11 -39.14 -26.43
CA VAL Q 187 -6.64 -37.79 -26.28
C VAL Q 187 -5.74 -36.96 -25.38
N ASN Q 188 -5.14 -37.58 -24.36
CA ASN Q 188 -4.24 -36.86 -23.49
C ASN Q 188 -3.04 -36.32 -24.25
N ALA Q 189 -2.48 -37.11 -25.16
CA ALA Q 189 -1.39 -36.63 -25.99
C ALA Q 189 -1.87 -35.51 -26.92
N ILE Q 190 -3.09 -35.62 -27.44
CA ILE Q 190 -3.59 -34.63 -28.38
C ILE Q 190 -3.72 -33.28 -27.71
N ILE Q 191 -4.31 -33.24 -26.51
CA ILE Q 191 -4.60 -31.95 -25.90
C ILE Q 191 -3.33 -31.22 -25.44
N HIS Q 192 -2.18 -31.88 -25.44
CA HIS Q 192 -0.93 -31.22 -25.09
C HIS Q 192 -0.03 -30.97 -26.29
N LYS Q 193 0.03 -31.90 -27.24
CA LYS Q 193 0.89 -31.77 -28.40
C LYS Q 193 0.13 -31.52 -29.69
N GLY Q 194 -1.19 -31.64 -29.67
CA GLY Q 194 -2.01 -31.35 -30.83
C GLY Q 194 -2.15 -32.55 -31.75
N PHE Q 195 -3.06 -32.42 -32.72
CA PHE Q 195 -3.26 -33.46 -33.72
C PHE Q 195 -2.01 -33.61 -34.59
N ASP Q 196 -1.74 -34.84 -35.00
CA ASP Q 196 -0.50 -35.15 -35.70
C ASP Q 196 -0.80 -36.23 -36.74
N GLU Q 197 -0.49 -35.95 -38.00
CA GLU Q 197 -0.69 -36.94 -39.05
C GLU Q 197 0.36 -38.03 -39.01
N ARG Q 198 1.45 -37.84 -38.26
CA ARG Q 198 2.48 -38.87 -38.18
C ARG Q 198 2.04 -40.07 -37.35
N HIS Q 199 0.95 -39.94 -36.60
CA HIS Q 199 0.35 -41.05 -35.89
C HIS Q 199 -0.87 -41.60 -36.61
N ALA Q 200 -1.08 -41.19 -37.86
CA ALA Q 200 -2.38 -41.30 -38.51
C ALA Q 200 -2.91 -42.73 -38.48
N TYR Q 201 -4.22 -42.85 -38.62
CA TYR Q 201 -4.92 -44.12 -38.68
C TYR Q 201 -4.70 -44.73 -40.07
N ILE Q 202 -3.57 -45.44 -40.21
CA ILE Q 202 -3.15 -45.93 -41.51
C ILE Q 202 -4.06 -47.04 -42.03
N GLY Q 203 -4.83 -47.68 -41.15
CA GLY Q 203 -5.77 -48.70 -41.58
C GLY Q 203 -7.16 -48.21 -41.87
N GLY Q 204 -7.38 -46.89 -41.86
CA GLY Q 204 -8.72 -46.37 -42.01
C GLY Q 204 -9.30 -46.64 -43.38
N MET Q 205 -10.61 -46.42 -43.49
CA MET Q 205 -11.31 -46.69 -44.74
C MET Q 205 -10.93 -45.69 -45.83
N PHE Q 206 -10.42 -44.52 -45.46
CA PHE Q 206 -10.00 -43.50 -46.42
C PHE Q 206 -8.52 -43.19 -46.35
N GLY Q 207 -7.70 -44.12 -45.84
CA GLY Q 207 -6.27 -43.93 -45.83
C GLY Q 207 -5.75 -43.37 -44.51
N ALA Q 208 -4.51 -42.88 -44.57
CA ALA Q 208 -3.79 -42.39 -43.39
C ALA Q 208 -4.14 -40.93 -43.10
N GLY Q 209 -5.31 -40.74 -42.48
CA GLY Q 209 -5.74 -39.44 -42.02
C GLY Q 209 -6.28 -39.49 -40.60
N ILE Q 210 -6.67 -38.30 -40.13
CA ILE Q 210 -7.38 -38.17 -38.86
C ILE Q 210 -8.86 -38.06 -39.19
N TYR Q 211 -9.68 -38.82 -38.47
CA TYR Q 211 -11.09 -39.00 -38.77
C TYR Q 211 -11.97 -38.30 -37.76
N PHE Q 212 -13.07 -37.74 -38.24
CA PHE Q 212 -14.04 -37.04 -37.42
C PHE Q 212 -15.44 -37.41 -37.88
N ALA Q 213 -16.42 -37.25 -36.99
CA ALA Q 213 -17.77 -37.69 -37.28
C ALA Q 213 -18.80 -36.69 -36.75
N GLU Q 214 -19.91 -36.58 -37.49
CA GLU Q 214 -21.05 -35.77 -37.04
C GLU Q 214 -21.71 -36.38 -35.81
N ASN Q 215 -21.65 -37.69 -35.66
CA ASN Q 215 -22.39 -38.41 -34.64
C ASN Q 215 -21.44 -38.76 -33.50
N SER Q 216 -21.81 -38.34 -32.29
CA SER Q 216 -21.00 -38.68 -31.12
C SER Q 216 -20.90 -40.18 -30.94
N SER Q 217 -21.98 -40.90 -31.28
CA SER Q 217 -22.01 -42.34 -31.07
C SER Q 217 -21.03 -43.09 -31.96
N LYS Q 218 -20.75 -42.56 -33.15
CA LYS Q 218 -19.72 -43.17 -33.99
C LYS Q 218 -18.33 -42.93 -33.44
N SER Q 219 -18.05 -41.70 -32.99
CA SER Q 219 -16.76 -41.42 -32.37
C SER Q 219 -16.56 -42.24 -31.12
N ASN Q 220 -17.64 -42.55 -30.41
CA ASN Q 220 -17.55 -43.35 -29.19
C ASN Q 220 -16.94 -44.71 -29.47
N GLN Q 221 -17.07 -45.22 -30.70
CA GLN Q 221 -16.57 -46.55 -31.03
C GLN Q 221 -15.05 -46.64 -30.90
N TYR Q 222 -14.33 -45.55 -31.14
CA TYR Q 222 -12.88 -45.58 -31.19
C TYR Q 222 -12.21 -45.13 -29.90
N VAL Q 223 -12.99 -44.85 -28.85
CA VAL Q 223 -12.42 -44.33 -27.62
C VAL Q 223 -11.40 -45.30 -27.05
N TYR Q 224 -11.75 -46.58 -26.99
CA TYR Q 224 -10.89 -47.58 -26.38
C TYR Q 224 -9.94 -48.24 -27.37
N GLY Q 225 -9.99 -47.85 -28.64
CA GLY Q 225 -9.17 -48.44 -29.67
C GLY Q 225 -10.00 -48.75 -30.90
N ILE Q 226 -9.31 -49.31 -31.90
CA ILE Q 226 -9.99 -49.66 -33.14
C ILE Q 226 -11.02 -50.75 -32.86
N GLY Q 227 -12.25 -50.51 -33.28
CA GLY Q 227 -13.32 -51.45 -33.00
C GLY Q 227 -13.58 -51.65 -31.52
N GLY Q 228 -13.29 -50.63 -30.70
CA GLY Q 228 -13.41 -50.76 -29.27
C GLY Q 228 -12.19 -51.34 -28.58
N GLY Q 229 -11.27 -51.93 -29.32
CA GLY Q 229 -10.04 -52.43 -28.72
C GLY Q 229 -10.32 -53.37 -27.57
N THR Q 230 -9.55 -53.24 -26.50
CA THR Q 230 -9.67 -54.13 -25.35
C THR Q 230 -10.87 -53.79 -24.48
N GLY Q 231 -11.58 -52.73 -24.77
CA GLY Q 231 -12.55 -52.24 -23.82
C GLY Q 231 -11.86 -51.46 -22.73
N CYS Q 232 -12.58 -51.25 -21.63
CA CYS Q 232 -12.02 -50.49 -20.53
C CYS Q 232 -10.81 -51.24 -19.95
N PRO Q 233 -9.83 -50.51 -19.39
CA PRO Q 233 -8.67 -51.21 -18.82
C PRO Q 233 -9.01 -51.94 -17.54
N VAL Q 234 -10.10 -51.57 -16.87
CA VAL Q 234 -10.44 -52.17 -15.58
C VAL Q 234 -11.35 -53.38 -15.72
N HIS Q 235 -12.14 -53.49 -16.79
CA HIS Q 235 -12.99 -54.66 -16.96
C HIS Q 235 -12.67 -55.41 -18.23
N LYS Q 236 -11.93 -54.81 -19.17
CA LYS Q 236 -11.73 -55.37 -20.49
C LYS Q 236 -13.06 -55.53 -21.22
N ASP Q 237 -14.03 -54.69 -20.88
CA ASP Q 237 -15.39 -54.77 -21.42
C ASP Q 237 -15.65 -53.55 -22.30
N ARG Q 238 -16.04 -53.80 -23.55
CA ARG Q 238 -16.30 -52.72 -24.49
C ARG Q 238 -17.62 -52.03 -24.26
N SER Q 239 -18.52 -52.62 -23.46
CA SER Q 239 -19.76 -51.98 -23.07
C SER Q 239 -19.82 -51.67 -21.57
N CYS Q 240 -18.67 -51.37 -20.96
CA CYS Q 240 -18.63 -51.12 -19.52
C CYS Q 240 -19.39 -49.84 -19.21
N TYR Q 241 -20.32 -49.91 -18.27
CA TYR Q 241 -21.10 -48.77 -17.86
C TYR Q 241 -20.52 -48.05 -16.66
N ILE Q 242 -19.44 -48.55 -16.08
CA ILE Q 242 -18.95 -48.02 -14.81
C ILE Q 242 -17.93 -46.92 -15.05
N CYS Q 243 -16.82 -47.24 -15.72
CA CYS Q 243 -15.70 -46.33 -15.82
C CYS Q 243 -15.81 -45.43 -17.06
N HIS Q 244 -15.18 -44.26 -16.95
CA HIS Q 244 -15.47 -43.12 -17.80
C HIS Q 244 -14.84 -43.25 -19.19
N ARG Q 245 -15.39 -42.46 -20.11
CA ARG Q 245 -14.90 -42.35 -21.48
C ARG Q 245 -14.64 -40.88 -21.78
N GLN Q 246 -13.85 -40.62 -22.82
CA GLN Q 246 -13.47 -39.26 -23.19
C GLN Q 246 -13.59 -39.07 -24.69
N LEU Q 247 -14.26 -38.00 -25.10
CA LEU Q 247 -14.36 -37.59 -26.49
C LEU Q 247 -13.89 -36.16 -26.63
N LEU Q 248 -13.38 -35.84 -27.82
CA LEU Q 248 -12.99 -34.47 -28.15
C LEU Q 248 -14.01 -33.86 -29.09
N PHE Q 249 -14.33 -32.59 -28.86
CA PHE Q 249 -15.17 -31.81 -29.75
C PHE Q 249 -14.28 -30.72 -30.34
N CYS Q 250 -14.10 -30.74 -31.65
CA CYS Q 250 -12.99 -30.05 -32.30
C CYS Q 250 -13.46 -29.18 -33.45
N ARG Q 251 -12.81 -28.03 -33.59
CA ARG Q 251 -12.91 -27.25 -34.81
C ARG Q 251 -12.08 -27.95 -35.89
N VAL Q 252 -12.68 -28.15 -37.06
CA VAL Q 252 -12.02 -28.83 -38.16
C VAL Q 252 -12.19 -27.97 -39.40
N THR Q 253 -11.08 -27.62 -40.04
CA THR Q 253 -11.10 -26.89 -41.31
C THR Q 253 -11.14 -27.91 -42.44
N LEU Q 254 -12.21 -27.90 -43.21
CA LEU Q 254 -12.37 -28.82 -44.32
C LEU Q 254 -12.05 -28.20 -45.67
N GLY Q 255 -12.23 -26.89 -45.80
CA GLY Q 255 -11.92 -26.22 -47.06
C GLY Q 255 -12.69 -26.81 -48.22
N LYS Q 256 -12.00 -26.90 -49.35
CA LYS Q 256 -12.54 -27.57 -50.54
C LYS Q 256 -12.54 -29.07 -50.28
N SER Q 257 -13.71 -29.62 -49.96
CA SER Q 257 -13.81 -31.02 -49.55
C SER Q 257 -14.19 -31.90 -50.73
N PHE Q 258 -13.60 -33.09 -50.78
CA PHE Q 258 -13.84 -34.04 -51.85
C PHE Q 258 -14.87 -35.08 -51.41
N LEU Q 259 -15.90 -35.27 -52.24
CA LEU Q 259 -16.96 -36.21 -51.92
C LEU Q 259 -16.52 -37.63 -52.30
N GLN Q 260 -16.71 -38.57 -51.39
CA GLN Q 260 -16.44 -39.98 -51.65
C GLN Q 260 -17.53 -40.84 -51.05
N PHE Q 261 -17.72 -42.02 -51.64
CA PHE Q 261 -18.70 -42.97 -51.15
C PHE Q 261 -18.05 -44.33 -50.94
N SER Q 262 -17.10 -44.68 -51.80
CA SER Q 262 -16.44 -45.97 -51.72
C SER Q 262 -15.12 -45.85 -50.97
N ALA Q 263 -14.73 -46.95 -50.32
CA ALA Q 263 -13.49 -46.98 -49.59
C ALA Q 263 -12.31 -46.82 -50.54
N MET Q 264 -11.26 -46.17 -50.06
CA MET Q 264 -10.04 -46.02 -50.84
C MET Q 264 -8.89 -45.72 -49.89
N LYS Q 265 -7.68 -45.94 -50.37
CA LYS Q 265 -6.46 -45.69 -49.60
C LYS Q 265 -5.72 -44.53 -50.26
N MET Q 266 -5.38 -43.52 -49.46
CA MET Q 266 -4.58 -42.41 -49.95
C MET Q 266 -3.83 -41.80 -48.79
N ALA Q 267 -2.64 -41.27 -49.09
CA ALA Q 267 -1.78 -40.71 -48.06
C ALA Q 267 -2.08 -39.25 -47.80
N HIS Q 268 -2.44 -38.49 -48.83
CA HIS Q 268 -2.67 -37.06 -48.73
C HIS Q 268 -4.02 -36.75 -49.37
N SER Q 269 -4.42 -35.49 -49.31
CA SER Q 269 -5.68 -35.09 -49.91
C SER Q 269 -5.57 -35.19 -51.42
N PRO Q 270 -6.67 -35.45 -52.13
CA PRO Q 270 -6.61 -35.44 -53.58
C PRO Q 270 -6.28 -34.04 -54.09
N PRO Q 271 -5.66 -33.94 -55.27
CA PRO Q 271 -5.19 -32.64 -55.72
C PRO Q 271 -6.29 -31.58 -55.74
N GLY Q 272 -5.95 -30.38 -55.28
CA GLY Q 272 -6.87 -29.28 -55.25
C GLY Q 272 -7.85 -29.28 -54.09
N HIS Q 273 -7.80 -30.29 -53.23
CA HIS Q 273 -8.74 -30.45 -52.15
C HIS Q 273 -7.99 -30.46 -50.82
N HIS Q 274 -8.71 -30.10 -49.76
CA HIS Q 274 -8.12 -30.00 -48.43
C HIS Q 274 -8.60 -31.08 -47.47
N SER Q 275 -9.66 -31.81 -47.81
CA SER Q 275 -10.15 -32.87 -46.94
C SER Q 275 -11.05 -33.79 -47.75
N VAL Q 276 -11.41 -34.91 -47.15
CA VAL Q 276 -12.31 -35.88 -47.76
C VAL Q 276 -13.54 -36.04 -46.88
N THR Q 277 -14.70 -36.18 -47.51
CA THR Q 277 -15.94 -36.45 -46.79
C THR Q 277 -16.59 -37.69 -47.38
N GLY Q 278 -16.84 -38.68 -46.52
CA GLY Q 278 -17.55 -39.88 -46.90
C GLY Q 278 -19.01 -39.79 -46.52
N ARG Q 279 -19.89 -39.77 -47.53
CA ARG Q 279 -21.31 -39.62 -47.31
C ARG Q 279 -21.98 -40.96 -47.01
N PRO Q 280 -23.13 -40.95 -46.36
CA PRO Q 280 -23.86 -42.21 -46.14
C PRO Q 280 -24.32 -42.82 -47.46
N SER Q 281 -24.40 -44.14 -47.47
CA SER Q 281 -24.91 -44.87 -48.63
C SER Q 281 -25.54 -46.16 -48.14
N VAL Q 282 -26.51 -46.65 -48.91
CA VAL Q 282 -27.20 -47.89 -48.55
C VAL Q 282 -26.21 -49.05 -48.54
N ASN Q 283 -25.36 -49.14 -49.57
CA ASN Q 283 -24.36 -50.19 -49.68
C ASN Q 283 -23.00 -49.73 -49.16
N GLY Q 284 -22.94 -48.63 -48.43
CA GLY Q 284 -21.68 -48.11 -47.92
C GLY Q 284 -21.77 -47.64 -46.50
N LEU Q 285 -21.30 -46.41 -46.24
CA LEU Q 285 -21.30 -45.88 -44.89
C LEU Q 285 -22.73 -45.67 -44.40
N ALA Q 286 -22.96 -46.02 -43.13
CA ALA Q 286 -24.24 -45.73 -42.52
C ALA Q 286 -24.29 -44.29 -42.01
N LEU Q 287 -23.14 -43.66 -41.78
CA LEU Q 287 -23.08 -42.32 -41.23
C LEU Q 287 -21.92 -41.57 -41.87
N ALA Q 288 -22.01 -40.24 -41.87
CA ALA Q 288 -21.03 -39.41 -42.55
C ALA Q 288 -19.70 -39.39 -41.79
N GLU Q 289 -18.62 -39.18 -42.53
CA GLU Q 289 -17.28 -39.08 -41.95
C GLU Q 289 -16.49 -37.99 -42.65
N TYR Q 290 -15.52 -37.43 -41.93
CA TYR Q 290 -14.62 -36.43 -42.49
C TYR Q 290 -13.19 -36.81 -42.15
N VAL Q 291 -12.29 -36.57 -43.09
CA VAL Q 291 -10.90 -37.01 -42.97
C VAL Q 291 -10.00 -35.84 -43.39
N ILE Q 292 -9.04 -35.53 -42.52
CA ILE Q 292 -8.02 -34.54 -42.82
C ILE Q 292 -6.67 -35.21 -42.77
N TYR Q 293 -5.76 -34.79 -43.64
CA TYR Q 293 -4.45 -35.41 -43.75
C TYR Q 293 -3.32 -34.50 -43.27
N ARG Q 294 -3.65 -33.35 -42.70
CA ARG Q 294 -2.67 -32.48 -42.07
C ARG Q 294 -3.19 -32.13 -40.68
N GLY Q 295 -2.42 -32.45 -39.65
CA GLY Q 295 -2.88 -32.25 -38.28
C GLY Q 295 -3.12 -30.81 -37.91
N GLU Q 296 -2.63 -29.88 -38.72
CA GLU Q 296 -2.80 -28.46 -38.41
C GLU Q 296 -4.23 -28.01 -38.54
N GLN Q 297 -5.06 -28.79 -39.25
CA GLN Q 297 -6.40 -28.36 -39.61
C GLN Q 297 -7.45 -28.68 -38.56
N ALA Q 298 -7.07 -29.20 -37.40
CA ALA Q 298 -8.01 -29.49 -36.34
C ALA Q 298 -7.49 -28.92 -35.03
N TYR Q 299 -8.43 -28.46 -34.21
CA TYR Q 299 -8.12 -28.00 -32.86
C TYR Q 299 -9.12 -28.59 -31.89
N PRO Q 300 -8.68 -29.24 -30.81
CA PRO Q 300 -9.59 -29.84 -29.82
C PRO Q 300 -10.17 -28.85 -28.81
N GLU Q 301 -11.30 -28.22 -29.16
CA GLU Q 301 -11.76 -27.09 -28.35
C GLU Q 301 -12.37 -27.55 -27.03
N TYR Q 302 -13.18 -28.61 -27.04
CA TYR Q 302 -13.83 -29.11 -25.83
C TYR Q 302 -13.43 -30.56 -25.59
N LEU Q 303 -13.19 -30.87 -24.32
CA LEU Q 303 -12.94 -32.23 -23.86
C LEU Q 303 -14.14 -32.67 -23.04
N ILE Q 304 -14.71 -33.83 -23.38
CA ILE Q 304 -15.94 -34.32 -22.77
C ILE Q 304 -15.61 -35.60 -22.02
N THR Q 305 -16.02 -35.67 -20.75
CA THR Q 305 -15.93 -36.89 -19.96
C THR Q 305 -17.34 -37.39 -19.69
N TYR Q 306 -17.57 -38.68 -19.90
CA TYR Q 306 -18.93 -39.20 -19.85
C TYR Q 306 -18.91 -40.69 -19.60
N GLN Q 307 -20.06 -41.21 -19.22
CA GLN Q 307 -20.33 -42.65 -19.20
C GLN Q 307 -21.48 -42.93 -20.17
N ILE Q 308 -21.52 -44.16 -20.69
CA ILE Q 308 -22.68 -44.56 -21.45
C ILE Q 308 -23.75 -45.11 -20.52
N MET Q 309 -24.99 -45.04 -20.95
CA MET Q 309 -26.12 -45.52 -20.14
C MET Q 309 -26.90 -46.57 -20.92
N ASP R 26 34.91 8.87 -14.10
CA ASP R 26 33.86 9.79 -14.52
C ASP R 26 34.44 11.16 -14.80
N PHE R 27 35.50 11.19 -15.62
CA PHE R 27 36.20 12.42 -15.94
C PHE R 27 36.27 12.73 -17.43
N SER R 28 36.17 11.73 -18.30
CA SER R 28 36.14 12.02 -19.73
C SER R 28 34.91 12.85 -20.08
N ILE R 29 33.76 12.51 -19.48
CA ILE R 29 32.56 13.33 -19.65
C ILE R 29 32.82 14.74 -19.16
N THR R 30 33.52 14.88 -18.04
CA THR R 30 33.77 16.20 -17.47
C THR R 30 34.65 17.04 -18.38
N GLN R 31 35.73 16.47 -18.92
CA GLN R 31 36.56 17.21 -19.85
C GLN R 31 35.79 17.58 -21.11
N PHE R 32 35.02 16.63 -21.65
CA PHE R 32 34.25 16.90 -22.86
C PHE R 32 33.29 18.05 -22.64
N VAL R 33 32.55 18.02 -21.53
CA VAL R 33 31.56 19.07 -21.27
C VAL R 33 32.25 20.40 -21.01
N ARG R 34 33.37 20.38 -20.29
CA ARG R 34 34.09 21.62 -19.99
C ARG R 34 34.64 22.27 -21.25
N ASN R 35 35.17 21.48 -22.18
CA ASN R 35 35.70 22.04 -23.41
C ASN R 35 34.63 22.78 -24.19
N LEU R 36 33.38 22.32 -24.11
CA LEU R 36 32.28 22.97 -24.81
C LEU R 36 31.77 24.21 -24.09
N GLY R 37 32.26 24.50 -22.89
CA GLY R 37 31.74 25.60 -22.12
C GLY R 37 30.40 25.32 -21.47
N LEU R 38 30.06 24.05 -21.28
CA LEU R 38 28.77 23.64 -20.73
C LEU R 38 28.93 22.97 -19.37
N GLU R 39 29.91 23.42 -18.60
CA GLU R 39 30.19 22.79 -17.31
C GLU R 39 29.01 22.94 -16.34
N HIS R 40 28.20 23.99 -16.51
CA HIS R 40 27.08 24.20 -15.61
C HIS R 40 26.02 23.11 -15.73
N LEU R 41 26.08 22.29 -16.79
CA LEU R 41 25.18 21.16 -16.93
C LEU R 41 25.66 19.93 -16.16
N MET R 42 26.89 19.94 -15.65
CA MET R 42 27.48 18.71 -15.14
C MET R 42 26.62 18.11 -14.04
N ASP R 43 25.98 18.93 -13.20
CA ASP R 43 25.19 18.39 -12.12
C ASP R 43 24.14 17.42 -12.65
N ILE R 44 23.45 17.80 -13.72
CA ILE R 44 22.49 16.88 -14.33
C ILE R 44 23.19 15.58 -14.73
N PHE R 45 24.31 15.69 -15.45
CA PHE R 45 25.01 14.50 -15.88
C PHE R 45 25.45 13.65 -14.70
N GLU R 46 25.67 14.27 -13.54
CA GLU R 46 26.08 13.49 -12.38
C GLU R 46 24.91 12.72 -11.79
N ARG R 47 23.71 13.31 -11.80
CA ARG R 47 22.57 12.64 -11.18
C ARG R 47 22.08 11.51 -12.06
N GLU R 48 22.04 11.71 -13.38
CA GLU R 48 21.54 10.71 -14.30
C GLU R 48 22.59 9.67 -14.65
N GLN R 49 23.81 9.80 -14.13
CA GLN R 49 24.88 8.84 -14.39
C GLN R 49 25.21 8.76 -15.87
N ILE R 50 25.31 9.92 -16.52
CA ILE R 50 25.64 9.99 -17.94
C ILE R 50 27.16 9.93 -18.04
N THR R 51 27.68 8.83 -18.56
CA THR R 51 29.08 8.74 -18.95
C THR R 51 29.20 9.04 -20.44
N LEU R 52 30.44 9.24 -20.88
CA LEU R 52 30.65 9.67 -22.27
C LEU R 52 30.12 8.64 -23.26
N ASP R 53 30.27 7.35 -22.96
CA ASP R 53 29.72 6.31 -23.83
C ASP R 53 28.21 6.38 -23.93
N VAL R 54 27.51 6.77 -22.87
CA VAL R 54 26.07 7.00 -22.94
C VAL R 54 25.78 8.25 -23.75
N LEU R 55 26.56 9.32 -23.53
CA LEU R 55 26.29 10.59 -24.19
C LEU R 55 26.42 10.47 -25.70
N VAL R 56 27.38 9.67 -26.18
CA VAL R 56 27.57 9.57 -27.62
C VAL R 56 26.42 8.89 -28.33
N GLU R 57 25.47 8.30 -27.60
CA GLU R 57 24.33 7.61 -28.19
C GLU R 57 23.02 8.36 -27.99
N MET R 58 23.06 9.59 -27.50
CA MET R 58 21.86 10.35 -27.18
C MET R 58 21.64 11.42 -28.25
N GLY R 59 20.39 11.59 -28.66
CA GLY R 59 19.99 12.67 -29.53
C GLY R 59 19.13 13.70 -28.82
N HIS R 60 18.50 14.55 -29.63
CA HIS R 60 17.65 15.61 -29.08
C HIS R 60 16.58 15.03 -28.17
N LYS R 61 15.96 13.93 -28.56
CA LYS R 61 14.89 13.33 -27.77
C LYS R 61 15.40 12.92 -26.39
N GLU R 62 16.47 12.14 -26.35
CA GLU R 62 16.99 11.64 -25.09
C GLU R 62 17.50 12.78 -24.22
N LEU R 63 18.22 13.74 -24.81
CA LEU R 63 18.73 14.86 -24.04
C LEU R 63 17.59 15.68 -23.47
N LYS R 64 16.50 15.83 -24.22
CA LYS R 64 15.32 16.49 -23.68
C LYS R 64 14.70 15.70 -22.54
N GLU R 65 14.75 14.37 -22.61
CA GLU R 65 14.18 13.57 -21.52
C GLU R 65 14.87 13.85 -20.19
N ILE R 66 16.21 13.92 -20.18
CA ILE R 66 16.94 14.03 -18.93
C ILE R 66 16.99 15.44 -18.38
N GLY R 67 16.58 16.43 -19.14
CA GLY R 67 16.47 17.79 -18.66
C GLY R 67 17.35 18.82 -19.32
N ILE R 68 17.96 18.53 -20.46
CA ILE R 68 18.65 19.56 -21.23
C ILE R 68 17.60 20.21 -22.12
N ASN R 69 16.99 21.27 -21.60
CA ASN R 69 15.78 21.82 -22.22
C ASN R 69 16.05 22.83 -23.31
N ALA R 70 17.21 23.49 -23.30
CA ALA R 70 17.52 24.51 -24.28
C ALA R 70 18.06 23.87 -25.55
N TYR R 71 17.57 24.34 -26.70
CA TYR R 71 17.99 23.77 -27.97
C TYR R 71 19.49 23.97 -28.20
N GLY R 72 20.02 25.14 -27.83
CA GLY R 72 21.42 25.42 -28.06
C GLY R 72 22.36 24.46 -27.37
N HIS R 73 22.06 24.11 -26.12
CA HIS R 73 22.90 23.16 -25.39
C HIS R 73 22.89 21.79 -26.03
N ARG R 74 21.72 21.32 -26.43
CA ARG R 74 21.63 20.02 -27.11
C ARG R 74 22.37 20.05 -28.43
N HIS R 75 22.25 21.16 -29.16
CA HIS R 75 22.98 21.30 -30.42
C HIS R 75 24.48 21.22 -30.19
N LYS R 76 25.00 21.92 -29.17
CA LYS R 76 26.43 21.87 -28.89
C LYS R 76 26.86 20.46 -28.50
N LEU R 77 26.09 19.79 -27.66
CA LEU R 77 26.47 18.43 -27.26
C LEU R 77 26.50 17.50 -28.46
N ILE R 78 25.50 17.58 -29.33
CA ILE R 78 25.42 16.66 -30.46
C ILE R 78 26.52 16.96 -31.47
N LYS R 79 26.80 18.23 -31.72
CA LYS R 79 27.88 18.59 -32.63
C LYS R 79 29.23 18.17 -32.08
N GLY R 80 29.44 18.31 -30.77
CA GLY R 80 30.68 17.83 -30.17
C GLY R 80 30.82 16.33 -30.26
N VAL R 81 29.73 15.60 -30.03
CA VAL R 81 29.78 14.16 -30.17
C VAL R 81 30.14 13.77 -31.59
N GLU R 82 29.55 14.45 -32.58
CA GLU R 82 29.92 14.18 -33.97
C GLU R 82 31.40 14.46 -34.21
N ARG R 83 31.89 15.62 -33.76
CA ARG R 83 33.28 15.96 -33.99
C ARG R 83 34.23 14.97 -33.32
N LEU R 84 33.80 14.33 -32.23
CA LEU R 84 34.63 13.32 -31.58
C LEU R 84 34.57 11.99 -32.33
N ILE R 85 33.37 11.52 -32.65
CA ILE R 85 33.20 10.17 -33.16
C ILE R 85 33.54 10.08 -34.63
N SER R 86 32.93 10.94 -35.45
CA SER R 86 33.15 10.88 -36.89
C SER R 86 34.34 11.71 -37.34
N GLY R 87 34.55 12.87 -36.71
CA GLY R 87 35.63 13.75 -37.12
C GLY R 87 37.01 13.21 -36.83
N GLN R 88 37.13 12.29 -35.87
CA GLN R 88 38.39 11.66 -35.52
C GLN R 88 38.30 10.15 -35.65
N GLN R 89 37.59 9.67 -36.69
CA GLN R 89 37.30 8.26 -36.80
C GLN R 89 38.56 7.41 -36.85
N GLY R 90 39.64 7.95 -37.43
CA GLY R 90 40.86 7.18 -37.53
C GLY R 90 41.43 6.75 -36.20
N LEU R 91 41.09 7.46 -35.13
CA LEU R 91 41.47 7.04 -33.78
C LEU R 91 40.56 5.98 -33.21
N ASN R 92 39.37 5.78 -33.79
CA ASN R 92 38.39 4.83 -33.32
C ASN R 92 38.04 5.04 -31.85
N PRO R 93 37.68 6.27 -31.45
CA PRO R 93 37.23 6.49 -30.07
C PRO R 93 35.97 5.73 -29.73
N TYR R 94 35.15 5.42 -30.73
CA TYR R 94 33.90 4.70 -30.48
C TYR R 94 34.17 3.33 -29.88
N LEU R 95 35.17 2.61 -30.40
CA LEU R 95 35.48 1.28 -29.90
C LEU R 95 36.10 1.33 -28.51
N THR R 96 36.84 2.40 -28.20
CA THR R 96 37.38 2.57 -26.86
C THR R 96 36.25 2.77 -25.86
N LEU R 97 35.20 3.50 -26.26
CA LEU R 97 34.12 3.82 -25.34
C LEU R 97 33.19 2.61 -25.12
N ASN R 98 33.04 1.76 -26.13
CA ASN R 98 32.01 0.72 -26.13
C ASN R 98 32.55 -0.65 -25.76
N THR R 99 33.50 -0.73 -24.84
CA THR R 99 33.91 -2.01 -24.29
C THR R 99 32.90 -2.58 -23.32
N SER R 100 32.00 -1.75 -22.79
CA SER R 100 31.03 -2.21 -21.80
C SER R 100 29.92 -3.01 -22.47
N GLY R 101 29.46 -4.06 -21.78
CA GLY R 101 28.42 -4.93 -22.28
C GLY R 101 28.91 -6.10 -23.09
N SER R 102 30.13 -6.08 -23.60
CA SER R 102 30.65 -7.21 -24.34
C SER R 102 30.91 -8.38 -23.42
N GLY R 103 31.15 -9.54 -24.01
CA GLY R 103 31.39 -10.75 -23.26
C GLY R 103 30.33 -11.81 -23.52
N THR R 104 30.50 -12.93 -22.84
CA THR R 104 29.68 -14.11 -23.04
C THR R 104 28.71 -14.28 -21.87
N ILE R 105 27.48 -14.67 -22.19
CA ILE R 105 26.46 -15.00 -21.21
C ILE R 105 26.05 -16.44 -21.43
N LEU R 106 25.74 -17.14 -20.34
CA LEU R 106 25.33 -18.53 -20.37
C LEU R 106 23.90 -18.63 -19.86
N ILE R 107 22.97 -19.06 -20.71
CA ILE R 107 21.56 -19.10 -20.39
C ILE R 107 21.16 -20.55 -20.23
N ASP R 108 20.62 -20.90 -19.06
CA ASP R 108 20.28 -22.29 -18.78
C ASP R 108 18.98 -22.68 -19.48
N LEU R 109 19.00 -23.81 -20.17
CA LEU R 109 17.79 -24.39 -20.72
C LEU R 109 17.05 -25.16 -19.63
N SER R 110 15.74 -25.01 -19.60
CA SER R 110 14.94 -25.74 -18.63
C SER R 110 14.78 -27.18 -19.09
N PRO R 111 14.88 -28.17 -18.19
CA PRO R 111 14.71 -29.56 -18.62
C PRO R 111 13.34 -29.85 -19.22
N ASP R 112 12.33 -29.04 -18.91
CA ASP R 112 10.98 -29.27 -19.39
C ASP R 112 10.73 -28.71 -20.78
N ASP R 113 11.70 -28.04 -21.38
CA ASP R 113 11.53 -27.41 -22.68
C ASP R 113 11.87 -28.37 -23.81
N LYS R 114 11.34 -28.09 -24.99
CA LYS R 114 11.61 -28.94 -26.15
C LYS R 114 13.06 -28.81 -26.61
N GLU R 115 13.67 -27.63 -26.41
CA GLU R 115 15.07 -27.46 -26.79
C GLU R 115 15.99 -28.34 -25.96
N PHE R 116 15.79 -28.36 -24.65
CA PHE R 116 16.60 -29.21 -23.78
C PHE R 116 16.47 -30.66 -24.18
N GLN R 117 15.23 -31.11 -24.43
CA GLN R 117 15.00 -32.49 -24.79
C GLN R 117 15.59 -32.82 -26.16
N SER R 118 15.56 -31.87 -27.10
CA SER R 118 16.19 -32.09 -28.40
C SER R 118 17.69 -32.31 -28.24
N VAL R 119 18.35 -31.41 -27.52
CA VAL R 119 19.79 -31.55 -27.34
C VAL R 119 20.11 -32.84 -26.59
N GLU R 120 19.29 -33.18 -25.59
CA GLU R 120 19.55 -34.38 -24.80
C GLU R 120 19.38 -35.64 -25.63
N GLU R 121 18.35 -35.68 -26.49
CA GLU R 121 18.16 -36.82 -27.36
C GLU R 121 19.30 -36.94 -28.36
N GLU R 122 19.77 -35.80 -28.87
CA GLU R 122 20.93 -35.84 -29.76
C GLU R 122 22.15 -36.40 -29.05
N MET R 123 22.36 -36.01 -27.80
CA MET R 123 23.48 -36.55 -27.02
C MET R 123 23.33 -38.05 -26.84
N GLN R 124 22.15 -38.50 -26.39
CA GLN R 124 21.98 -39.90 -26.00
C GLN R 124 21.99 -40.82 -27.20
N SER R 125 21.25 -40.47 -28.25
CA SER R 125 21.05 -41.37 -29.38
C SER R 125 22.30 -41.53 -30.25
N THR R 126 23.34 -40.73 -30.02
CA THR R 126 24.53 -40.76 -30.85
C THR R 126 25.70 -41.49 -30.20
N VAL R 127 25.48 -42.17 -29.08
CA VAL R 127 26.52 -42.98 -28.47
C VAL R 127 26.74 -44.23 -29.31
N ARG R 128 28.01 -44.57 -29.56
CA ARG R 128 28.37 -45.71 -30.38
C ARG R 128 29.49 -46.49 -29.71
N GLU R 129 29.63 -47.75 -30.10
CA GLU R 129 30.73 -48.58 -29.62
C GLU R 129 32.02 -48.15 -30.31
N HIS R 130 33.06 -47.92 -29.53
CA HIS R 130 34.35 -47.48 -30.06
C HIS R 130 35.35 -48.63 -30.04
N ARG R 131 36.47 -48.42 -30.73
CA ARG R 131 37.47 -49.47 -30.86
C ARG R 131 38.20 -49.74 -29.55
N ASP R 132 38.38 -48.72 -28.72
CA ASP R 132 38.99 -48.90 -27.41
C ASP R 132 37.93 -49.17 -26.36
N GLY R 133 38.25 -50.07 -25.43
CA GLY R 133 37.30 -50.45 -24.40
C GLY R 133 37.13 -49.39 -23.35
N GLY R 134 36.81 -48.17 -23.77
CA GLY R 134 36.65 -47.08 -22.84
C GLY R 134 37.94 -46.59 -22.22
N HIS R 135 39.07 -46.79 -22.89
CA HIS R 135 40.33 -46.29 -22.36
C HIS R 135 40.40 -44.76 -22.46
N ALA R 136 39.95 -44.20 -23.59
CA ALA R 136 40.00 -42.76 -23.78
C ALA R 136 38.80 -42.07 -23.18
N GLY R 137 37.60 -42.47 -23.58
CA GLY R 137 36.39 -41.88 -23.05
C GLY R 137 35.91 -42.56 -21.78
N GLY R 138 35.71 -43.87 -21.85
CA GLY R 138 35.21 -44.60 -20.70
C GLY R 138 34.30 -45.73 -21.13
N ILE R 139 33.87 -46.49 -20.12
CA ILE R 139 32.94 -47.59 -20.33
C ILE R 139 31.56 -47.09 -19.93
N PHE R 140 30.71 -46.82 -20.92
CA PHE R 140 29.40 -46.25 -20.64
C PHE R 140 28.46 -46.58 -21.80
N ASN R 141 27.17 -46.44 -21.55
CA ASN R 141 26.15 -46.60 -22.57
C ASN R 141 25.13 -45.47 -22.55
N ARG R 142 25.25 -44.53 -21.62
CA ARG R 142 24.31 -43.43 -21.48
C ARG R 142 25.03 -42.27 -20.81
N TYR R 143 24.34 -41.13 -20.74
CA TYR R 143 24.80 -39.98 -19.97
C TYR R 143 23.73 -39.54 -18.99
N ASN R 144 24.19 -39.00 -17.86
CA ASN R 144 23.34 -38.24 -16.94
C ASN R 144 23.63 -36.77 -17.20
N ILE R 145 22.71 -36.10 -17.88
CA ILE R 145 22.87 -34.69 -18.20
C ILE R 145 22.52 -33.86 -16.98
N LEU R 146 23.41 -32.94 -16.61
CA LEU R 146 23.20 -32.09 -15.44
C LEU R 146 22.60 -30.75 -15.84
N LYS R 147 23.19 -30.07 -16.82
CA LYS R 147 22.63 -28.82 -17.31
C LYS R 147 23.15 -28.57 -18.71
N ILE R 148 22.34 -27.86 -19.50
CA ILE R 148 22.69 -27.42 -20.84
C ILE R 148 22.55 -25.91 -20.89
N GLN R 149 23.53 -25.23 -21.45
CA GLN R 149 23.58 -23.77 -21.46
C GLN R 149 23.80 -23.26 -22.86
N LYS R 150 22.92 -22.35 -23.28
CA LYS R 150 23.08 -21.60 -24.52
C LYS R 150 24.16 -20.53 -24.31
N VAL R 151 25.10 -20.46 -25.24
CA VAL R 151 26.21 -19.51 -25.17
C VAL R 151 25.87 -18.32 -26.05
N CYS R 152 25.86 -17.13 -25.47
CA CYS R 152 25.47 -15.92 -26.17
C CYS R 152 26.62 -14.93 -26.14
N ASN R 153 27.15 -14.61 -27.31
CA ASN R 153 28.26 -13.66 -27.44
C ASN R 153 28.05 -12.87 -28.72
N LYS R 154 27.95 -11.56 -28.61
CA LYS R 154 27.67 -10.72 -29.77
C LYS R 154 28.81 -10.76 -30.77
N LYS R 155 30.03 -10.51 -30.29
CA LYS R 155 31.16 -10.37 -31.21
C LYS R 155 31.47 -11.67 -31.93
N LEU R 156 31.46 -12.78 -31.19
CA LEU R 156 31.71 -14.08 -31.80
C LEU R 156 30.62 -14.42 -32.82
N TRP R 157 29.37 -14.16 -32.48
CA TRP R 157 28.27 -14.44 -33.40
C TRP R 157 28.41 -13.63 -34.68
N GLU R 158 28.76 -12.35 -34.57
CA GLU R 158 28.93 -11.51 -35.76
C GLU R 158 30.09 -12.01 -36.61
N ARG R 159 31.20 -12.39 -35.99
CA ARG R 159 32.32 -12.95 -36.74
C ARG R 159 31.87 -14.20 -37.51
N TYR R 160 31.18 -15.12 -36.82
CA TYR R 160 30.73 -16.34 -37.45
C TYR R 160 29.78 -16.05 -38.60
N THR R 161 28.86 -15.12 -38.42
CA THR R 161 27.88 -14.86 -39.47
C THR R 161 28.52 -14.19 -40.66
N HIS R 162 29.52 -13.32 -40.44
CA HIS R 162 30.22 -12.73 -41.56
C HIS R 162 30.94 -13.80 -42.36
N ARG R 163 31.63 -14.72 -41.69
CA ARG R 163 32.30 -15.79 -42.42
C ARG R 163 31.29 -16.69 -43.14
N ARG R 164 30.16 -16.99 -42.51
CA ARG R 164 29.15 -17.83 -43.14
C ARG R 164 28.59 -17.18 -44.39
N LYS R 165 28.28 -15.89 -44.32
CA LYS R 165 27.82 -15.17 -45.49
C LYS R 165 28.87 -15.21 -46.60
N GLU R 166 30.13 -15.04 -46.22
CA GLU R 166 31.21 -15.10 -47.20
C GLU R 166 31.27 -16.46 -47.88
N VAL R 167 31.21 -17.54 -47.09
CA VAL R 167 31.27 -18.87 -47.67
C VAL R 167 30.08 -19.13 -48.58
N SER R 168 28.90 -18.63 -48.20
CA SER R 168 27.70 -18.84 -48.99
C SER R 168 27.70 -18.04 -50.29
N GLU R 169 28.34 -16.88 -50.33
CA GLU R 169 28.45 -16.17 -51.59
C GLU R 169 29.15 -17.03 -52.64
N GLU R 170 30.17 -17.76 -52.23
CA GLU R 170 30.64 -18.93 -52.95
C GLU R 170 29.69 -20.08 -52.67
N ASN R 171 29.84 -21.19 -53.39
CA ASN R 171 29.01 -22.36 -53.12
C ASN R 171 27.52 -22.03 -53.26
N HIS R 172 27.17 -21.43 -54.40
CA HIS R 172 25.79 -21.24 -54.83
C HIS R 172 24.82 -20.92 -53.70
N ASN R 173 25.16 -19.93 -52.88
CA ASN R 173 24.27 -19.40 -51.83
C ASN R 173 23.87 -20.46 -50.82
N HIS R 174 24.71 -21.46 -50.60
CA HIS R 174 24.45 -22.49 -49.61
C HIS R 174 25.62 -22.54 -48.63
N ALA R 175 25.32 -22.33 -47.35
CA ALA R 175 26.33 -22.37 -46.32
C ALA R 175 26.73 -23.78 -45.94
N ASN R 176 25.81 -24.74 -46.02
CA ASN R 176 26.04 -26.10 -45.57
C ASN R 176 26.40 -26.13 -44.09
N GLU R 177 25.43 -25.71 -43.28
CA GLU R 177 25.62 -25.54 -41.85
C GLU R 177 25.18 -26.80 -41.12
N ARG R 178 26.02 -27.29 -40.20
CA ARG R 178 25.74 -28.48 -39.41
C ARG R 178 25.83 -28.16 -37.93
N MET R 179 25.25 -29.04 -37.11
CA MET R 179 25.42 -29.01 -35.66
C MET R 179 26.25 -30.23 -35.27
N LEU R 180 27.41 -29.99 -34.66
CA LEU R 180 28.35 -31.07 -34.40
C LEU R 180 28.94 -30.92 -33.00
N PHE R 181 29.49 -32.03 -32.49
CA PHE R 181 30.09 -32.07 -31.16
C PHE R 181 31.57 -31.73 -31.20
N HIS R 182 32.06 -31.19 -30.10
CA HIS R 182 33.47 -30.87 -29.92
C HIS R 182 33.85 -31.09 -28.46
N GLY R 183 35.00 -31.75 -28.26
CA GLY R 183 35.52 -32.04 -26.95
C GLY R 183 36.94 -31.57 -26.79
N SER R 184 37.24 -30.92 -25.68
CA SER R 184 38.55 -30.30 -25.47
C SER R 184 38.66 -29.85 -24.02
N PRO R 185 39.88 -29.69 -23.48
CA PRO R 185 40.02 -29.19 -22.11
C PRO R 185 39.93 -27.67 -21.99
N PHE R 186 39.86 -26.93 -23.09
CA PHE R 186 39.86 -25.48 -23.07
C PHE R 186 38.51 -24.91 -23.49
N VAL R 187 37.42 -25.54 -23.04
CA VAL R 187 36.09 -25.10 -23.46
C VAL R 187 35.80 -23.69 -22.99
N ASN R 188 36.26 -23.31 -21.80
CA ASN R 188 36.03 -21.95 -21.31
C ASN R 188 36.71 -20.94 -22.22
N ALA R 189 37.96 -21.21 -22.60
CA ALA R 189 38.68 -20.31 -23.48
C ALA R 189 37.97 -20.20 -24.83
N ILE R 190 37.34 -21.28 -25.28
CA ILE R 190 36.62 -21.21 -26.54
C ILE R 190 35.37 -20.36 -26.41
N ILE R 191 34.57 -20.60 -25.37
CA ILE R 191 33.31 -19.87 -25.24
C ILE R 191 33.53 -18.41 -24.89
N HIS R 192 34.72 -18.03 -24.45
CA HIS R 192 35.00 -16.62 -24.21
C HIS R 192 35.74 -15.95 -25.37
N LYS R 193 36.77 -16.58 -25.90
CA LYS R 193 37.54 -16.04 -27.01
C LYS R 193 37.13 -16.60 -28.36
N GLY R 194 36.41 -17.71 -28.40
CA GLY R 194 36.03 -18.33 -29.64
C GLY R 194 37.03 -19.36 -30.11
N PHE R 195 36.67 -20.07 -31.17
CA PHE R 195 37.57 -21.04 -31.78
C PHE R 195 38.74 -20.31 -32.45
N ASP R 196 39.93 -20.88 -32.32
CA ASP R 196 41.14 -20.29 -32.90
C ASP R 196 41.95 -21.38 -33.57
N GLU R 197 42.15 -21.26 -34.88
CA GLU R 197 42.99 -22.22 -35.58
C GLU R 197 44.45 -22.12 -35.13
N ARG R 198 44.82 -21.03 -34.46
CA ARG R 198 46.16 -20.90 -33.93
C ARG R 198 46.43 -21.85 -32.78
N HIS R 199 45.39 -22.49 -32.25
CA HIS R 199 45.52 -23.53 -31.25
C HIS R 199 45.18 -24.90 -31.83
N ALA R 200 45.38 -25.07 -33.14
CA ALA R 200 44.83 -26.22 -33.85
C ALA R 200 45.51 -27.51 -33.40
N TYR R 201 44.79 -28.62 -33.62
CA TYR R 201 45.28 -29.96 -33.29
C TYR R 201 46.16 -30.44 -34.44
N ILE R 202 47.45 -30.12 -34.34
CA ILE R 202 48.39 -30.41 -35.42
C ILE R 202 48.64 -31.90 -35.58
N GLY R 203 48.41 -32.69 -34.54
CA GLY R 203 48.64 -34.12 -34.60
C GLY R 203 47.47 -34.94 -35.10
N GLY R 204 46.41 -34.30 -35.57
CA GLY R 204 45.23 -35.01 -35.99
C GLY R 204 45.44 -35.84 -37.24
N MET R 205 44.45 -36.67 -37.53
CA MET R 205 44.53 -37.57 -38.68
C MET R 205 44.39 -36.83 -40.01
N PHE R 206 43.90 -35.60 -39.99
CA PHE R 206 43.71 -34.80 -41.20
C PHE R 206 44.38 -33.44 -41.09
N GLY R 207 45.46 -33.35 -40.34
CA GLY R 207 46.21 -32.11 -40.31
C GLY R 207 45.80 -31.17 -39.19
N ALA R 208 46.33 -29.95 -39.28
CA ALA R 208 46.19 -28.94 -38.22
C ALA R 208 44.90 -28.15 -38.42
N GLY R 209 43.84 -28.67 -37.81
CA GLY R 209 42.53 -28.03 -37.88
C GLY R 209 41.72 -28.23 -36.63
N ILE R 210 40.49 -27.74 -36.65
CA ILE R 210 39.53 -27.91 -35.56
C ILE R 210 38.62 -29.07 -35.93
N TYR R 211 38.47 -30.01 -35.01
CA TYR R 211 37.82 -31.29 -35.28
C TYR R 211 36.44 -31.35 -34.63
N PHE R 212 35.48 -31.90 -35.37
CA PHE R 212 34.10 -32.05 -34.93
C PHE R 212 33.62 -33.45 -35.27
N ALA R 213 32.69 -33.95 -34.47
CA ALA R 213 32.20 -35.31 -34.61
C ALA R 213 30.68 -35.31 -34.51
N GLU R 214 30.05 -36.23 -35.25
CA GLU R 214 28.60 -36.37 -35.18
C GLU R 214 28.14 -37.25 -34.04
N ASN R 215 29.04 -38.01 -33.42
CA ASN R 215 28.71 -38.87 -32.30
C ASN R 215 29.27 -38.27 -31.02
N SER R 216 28.39 -37.97 -30.07
CA SER R 216 28.84 -37.40 -28.81
C SER R 216 29.88 -38.29 -28.14
N SER R 217 29.75 -39.59 -28.30
CA SER R 217 30.69 -40.52 -27.67
C SER R 217 32.09 -40.38 -28.22
N LYS R 218 32.26 -39.85 -29.44
CA LYS R 218 33.60 -39.65 -29.95
C LYS R 218 34.21 -38.37 -29.40
N SER R 219 33.43 -37.28 -29.38
CA SER R 219 33.92 -36.05 -28.76
C SER R 219 34.20 -36.26 -27.28
N ASN R 220 33.54 -37.24 -26.66
CA ASN R 220 33.83 -37.56 -25.28
C ASN R 220 35.28 -37.98 -25.09
N GLN R 221 35.91 -38.52 -26.12
CA GLN R 221 37.27 -39.02 -26.01
C GLN R 221 38.28 -37.91 -25.81
N TYR R 222 37.90 -36.65 -26.06
CA TYR R 222 38.84 -35.54 -25.99
C TYR R 222 38.59 -34.61 -24.81
N VAL R 223 37.64 -34.93 -23.93
CA VAL R 223 37.23 -33.97 -22.91
C VAL R 223 38.40 -33.62 -21.99
N TYR R 224 39.06 -34.64 -21.46
CA TYR R 224 40.14 -34.45 -20.51
C TYR R 224 41.51 -34.45 -21.18
N GLY R 225 41.55 -34.40 -22.50
CA GLY R 225 42.79 -34.42 -23.24
C GLY R 225 42.71 -35.37 -24.41
N ILE R 226 43.53 -35.15 -25.43
CA ILE R 226 43.55 -36.05 -26.57
C ILE R 226 43.84 -37.46 -26.08
N GLY R 227 42.98 -38.40 -26.43
CA GLY R 227 43.11 -39.75 -25.92
C GLY R 227 42.85 -39.87 -24.44
N GLY R 228 42.15 -38.90 -23.85
CA GLY R 228 41.85 -38.93 -22.44
C GLY R 228 42.92 -38.36 -21.54
N GLY R 229 44.13 -38.13 -22.05
CA GLY R 229 45.15 -37.49 -21.26
C GLY R 229 45.39 -38.21 -19.95
N THR R 230 45.48 -37.44 -18.88
CA THR R 230 45.66 -37.98 -17.53
C THR R 230 44.34 -38.29 -16.82
N GLY R 231 43.21 -38.14 -17.51
CA GLY R 231 41.92 -38.38 -16.90
C GLY R 231 41.40 -37.14 -16.18
N CYS R 232 40.40 -37.38 -15.34
CA CYS R 232 39.86 -36.31 -14.53
C CYS R 232 40.93 -35.77 -13.58
N PRO R 233 40.96 -34.47 -13.31
CA PRO R 233 41.97 -33.95 -12.38
C PRO R 233 41.88 -34.54 -10.98
N VAL R 234 40.69 -34.85 -10.50
CA VAL R 234 40.54 -35.23 -9.09
C VAL R 234 40.93 -36.68 -8.82
N HIS R 235 40.83 -37.56 -9.81
CA HIS R 235 41.17 -38.96 -9.61
C HIS R 235 42.20 -39.50 -10.58
N LYS R 236 42.60 -38.75 -11.60
CA LYS R 236 43.51 -39.23 -12.62
C LYS R 236 42.95 -40.43 -13.35
N ASP R 237 41.63 -40.60 -13.32
CA ASP R 237 40.94 -41.70 -13.96
C ASP R 237 40.23 -41.18 -15.20
N ARG R 238 40.53 -41.78 -16.36
CA ARG R 238 39.87 -41.36 -17.59
C ARG R 238 38.42 -41.78 -17.62
N SER R 239 38.10 -42.95 -17.05
CA SER R 239 36.73 -43.46 -17.03
C SER R 239 35.98 -43.06 -15.78
N CYS R 240 36.37 -41.96 -15.13
CA CYS R 240 35.76 -41.57 -13.86
C CYS R 240 34.27 -41.34 -14.04
N TYR R 241 33.48 -41.94 -13.14
CA TYR R 241 32.04 -41.75 -13.12
C TYR R 241 31.59 -40.67 -12.14
N ILE R 242 32.52 -39.93 -11.55
CA ILE R 242 32.21 -39.01 -10.46
C ILE R 242 32.29 -37.57 -10.94
N CYS R 243 33.27 -37.27 -11.77
CA CYS R 243 33.58 -35.89 -12.14
C CYS R 243 32.74 -35.42 -13.30
N HIS R 244 32.46 -34.11 -13.31
CA HIS R 244 31.68 -33.51 -14.39
C HIS R 244 32.54 -33.33 -15.64
N ARG R 245 31.90 -33.47 -16.79
CA ARG R 245 32.52 -33.24 -18.08
C ARG R 245 31.75 -32.14 -18.82
N GLN R 246 32.35 -31.63 -19.88
CA GLN R 246 31.72 -30.58 -20.66
C GLN R 246 32.01 -30.78 -22.15
N LEU R 247 30.96 -30.69 -22.96
CA LEU R 247 31.01 -30.79 -24.41
C LEU R 247 30.44 -29.53 -25.04
N LEU R 248 30.89 -29.23 -26.25
CA LEU R 248 30.32 -28.12 -27.01
C LEU R 248 29.54 -28.66 -28.20
N PHE R 249 28.31 -28.19 -28.36
CA PHE R 249 27.47 -28.52 -29.50
C PHE R 249 27.39 -27.24 -30.33
N CYS R 250 27.88 -27.31 -31.57
CA CYS R 250 28.31 -26.12 -32.28
C CYS R 250 27.73 -26.05 -33.67
N ARG R 251 27.45 -24.82 -34.11
CA ARG R 251 27.23 -24.57 -35.52
C ARG R 251 28.57 -24.60 -36.24
N VAL R 252 28.64 -25.34 -37.35
CA VAL R 252 29.86 -25.42 -38.15
C VAL R 252 29.45 -25.22 -39.60
N THR R 253 30.05 -24.22 -40.25
CA THR R 253 29.79 -23.92 -41.65
C THR R 253 30.78 -24.72 -42.49
N LEU R 254 30.29 -25.77 -43.15
CA LEU R 254 31.17 -26.64 -43.91
C LEU R 254 31.44 -26.15 -45.32
N GLY R 255 30.54 -25.35 -45.89
CA GLY R 255 30.71 -24.94 -47.27
C GLY R 255 30.85 -26.13 -48.18
N LYS R 256 31.77 -26.04 -49.14
CA LYS R 256 32.10 -27.18 -49.98
C LYS R 256 33.15 -28.02 -49.26
N SER R 257 32.78 -29.24 -48.89
CA SER R 257 33.58 -30.06 -48.01
C SER R 257 34.29 -31.15 -48.81
N PHE R 258 35.59 -31.29 -48.59
CA PHE R 258 36.42 -32.24 -49.32
C PHE R 258 36.29 -33.62 -48.68
N LEU R 259 35.97 -34.63 -49.49
CA LEU R 259 35.79 -35.98 -48.98
C LEU R 259 37.13 -36.70 -48.92
N GLN R 260 37.47 -37.24 -47.76
CA GLN R 260 38.72 -37.98 -47.59
C GLN R 260 38.46 -39.23 -46.76
N PHE R 261 39.24 -40.27 -47.02
CA PHE R 261 39.11 -41.53 -46.29
C PHE R 261 40.39 -41.84 -45.53
N SER R 262 41.52 -41.82 -46.21
CA SER R 262 42.80 -42.09 -45.58
C SER R 262 43.37 -40.82 -44.97
N ALA R 263 44.24 -40.99 -43.98
CA ALA R 263 44.84 -39.85 -43.31
C ALA R 263 45.63 -39.00 -44.30
N MET R 264 45.64 -37.69 -44.04
CA MET R 264 46.38 -36.75 -44.89
C MET R 264 46.71 -35.53 -44.03
N LYS R 265 48.00 -35.29 -43.82
CA LYS R 265 48.44 -34.18 -42.96
C LYS R 265 48.50 -32.88 -43.75
N MET R 266 47.32 -32.30 -43.97
CA MET R 266 47.21 -31.03 -44.68
C MET R 266 47.09 -29.87 -43.69
N ALA R 267 47.72 -28.75 -44.03
CA ALA R 267 47.70 -27.59 -43.16
C ALA R 267 46.43 -26.77 -43.31
N HIS R 268 45.86 -26.72 -44.50
CA HIS R 268 44.66 -25.95 -44.78
C HIS R 268 43.69 -26.80 -45.59
N SER R 269 42.53 -26.25 -45.87
CA SER R 269 41.58 -26.94 -46.75
C SER R 269 42.18 -27.01 -48.14
N PRO R 270 41.87 -28.04 -48.92
CA PRO R 270 42.33 -28.07 -50.31
C PRO R 270 41.70 -26.93 -51.10
N PRO R 271 42.34 -26.50 -52.18
CA PRO R 271 41.80 -25.37 -52.94
C PRO R 271 40.37 -25.62 -53.38
N GLY R 272 39.54 -24.59 -53.27
CA GLY R 272 38.15 -24.64 -53.69
C GLY R 272 37.17 -25.13 -52.65
N HIS R 273 37.65 -25.61 -51.50
CA HIS R 273 36.80 -26.18 -50.46
C HIS R 273 36.94 -25.36 -49.19
N HIS R 274 36.04 -25.64 -48.23
CA HIS R 274 36.01 -24.91 -46.98
C HIS R 274 36.04 -25.80 -45.75
N SER R 275 36.16 -27.11 -45.91
CA SER R 275 36.29 -28.02 -44.78
C SER R 275 36.62 -29.40 -45.33
N VAL R 276 36.85 -30.34 -44.44
CA VAL R 276 37.17 -31.72 -44.82
C VAL R 276 36.26 -32.66 -44.03
N THR R 277 35.76 -33.69 -44.70
CA THR R 277 34.99 -34.75 -44.07
C THR R 277 35.74 -36.05 -44.22
N GLY R 278 36.08 -36.67 -43.10
CA GLY R 278 36.62 -38.01 -43.09
C GLY R 278 35.52 -39.01 -42.81
N ARG R 279 35.19 -39.84 -43.81
CA ARG R 279 34.07 -40.76 -43.65
C ARG R 279 34.55 -42.12 -43.15
N PRO R 280 33.67 -42.86 -42.48
CA PRO R 280 34.08 -44.18 -41.98
C PRO R 280 34.49 -45.11 -43.11
N SER R 281 35.48 -45.95 -42.82
CA SER R 281 35.97 -46.93 -43.77
C SER R 281 36.28 -48.22 -43.02
N VAL R 282 36.25 -49.33 -43.75
CA VAL R 282 36.54 -50.62 -43.14
C VAL R 282 37.95 -50.63 -42.56
N ASN R 283 38.91 -50.11 -43.31
CA ASN R 283 40.31 -50.02 -42.86
C ASN R 283 40.67 -48.62 -42.41
N GLY R 284 39.70 -47.74 -42.23
CA GLY R 284 39.98 -46.36 -41.85
C GLY R 284 39.20 -45.90 -40.64
N LEU R 285 38.53 -44.76 -40.77
CA LEU R 285 37.80 -44.19 -39.64
C LEU R 285 36.68 -45.13 -39.19
N ALA R 286 36.53 -45.27 -37.88
CA ALA R 286 35.39 -46.00 -37.35
C ALA R 286 34.11 -45.19 -37.43
N LEU R 287 34.22 -43.85 -37.29
CA LEU R 287 33.05 -42.99 -37.28
C LEU R 287 33.36 -41.72 -38.07
N ALA R 288 32.30 -41.04 -38.50
CA ALA R 288 32.45 -39.87 -39.35
C ALA R 288 33.08 -38.71 -38.57
N GLU R 289 33.80 -37.86 -39.30
CA GLU R 289 34.56 -36.78 -38.70
C GLU R 289 34.57 -35.58 -39.65
N TYR R 290 34.65 -34.37 -39.08
CA TYR R 290 34.68 -33.14 -39.85
C TYR R 290 35.81 -32.26 -39.31
N VAL R 291 36.42 -31.48 -40.19
CA VAL R 291 37.57 -30.65 -39.84
C VAL R 291 37.44 -29.32 -40.56
N ILE R 292 37.65 -28.24 -39.83
CA ILE R 292 37.65 -26.90 -40.40
C ILE R 292 38.99 -26.24 -40.10
N TYR R 293 39.51 -25.50 -41.05
CA TYR R 293 40.83 -24.89 -40.92
C TYR R 293 40.78 -23.39 -40.73
N ARG R 294 39.66 -22.86 -40.23
CA ARG R 294 39.55 -21.46 -39.86
C ARG R 294 38.64 -21.39 -38.64
N GLY R 295 39.08 -20.67 -37.60
CA GLY R 295 38.37 -20.70 -36.33
C GLY R 295 37.06 -19.95 -36.34
N GLU R 296 36.85 -19.08 -37.31
CA GLU R 296 35.61 -18.31 -37.40
C GLU R 296 34.51 -19.03 -38.18
N GLN R 297 34.72 -20.27 -38.59
CA GLN R 297 33.68 -21.07 -39.23
C GLN R 297 32.94 -21.96 -38.24
N ALA R 298 32.97 -21.64 -36.95
CA ALA R 298 32.24 -22.40 -35.95
C ALA R 298 31.73 -21.46 -34.88
N TYR R 299 30.73 -21.94 -34.15
CA TYR R 299 30.16 -21.21 -33.02
C TYR R 299 29.65 -22.20 -31.99
N PRO R 300 30.12 -22.16 -30.75
CA PRO R 300 29.70 -23.14 -29.73
C PRO R 300 28.35 -22.82 -29.09
N GLU R 301 27.26 -23.26 -29.73
CA GLU R 301 25.94 -22.78 -29.33
C GLU R 301 25.54 -23.29 -27.96
N TYR R 302 25.87 -24.54 -27.64
CA TYR R 302 25.41 -25.20 -26.43
C TYR R 302 26.59 -25.72 -25.64
N LEU R 303 26.55 -25.54 -24.33
CA LEU R 303 27.54 -26.08 -23.41
C LEU R 303 26.85 -27.10 -22.52
N ILE R 304 27.21 -28.37 -22.68
CA ILE R 304 26.52 -29.47 -22.02
C ILE R 304 27.39 -29.97 -20.88
N THR R 305 26.82 -30.04 -19.68
CA THR R 305 27.48 -30.61 -18.52
C THR R 305 26.84 -31.97 -18.23
N TYR R 306 27.66 -32.97 -17.97
CA TYR R 306 27.14 -34.33 -17.94
C TYR R 306 28.12 -35.24 -17.23
N GLN R 307 27.61 -36.40 -16.84
CA GLN R 307 28.43 -37.50 -16.33
C GLN R 307 28.17 -38.74 -17.18
N ILE R 308 29.18 -39.58 -17.32
CA ILE R 308 29.02 -40.82 -18.07
C ILE R 308 28.45 -41.90 -17.15
N MET R 309 27.66 -42.79 -17.73
CA MET R 309 27.11 -43.91 -17.00
C MET R 309 27.34 -45.22 -17.75
N ASP S 26 26.03 36.58 -25.70
CA ASP S 26 24.66 37.07 -25.73
C ASP S 26 24.57 38.28 -26.64
N PHE S 27 25.60 39.13 -26.61
CA PHE S 27 25.51 40.43 -27.25
C PHE S 27 25.67 40.32 -28.76
N SER S 28 26.57 39.46 -29.24
CA SER S 28 26.82 39.39 -30.67
C SER S 28 25.61 38.91 -31.44
N ILE S 29 24.94 37.87 -30.94
CA ILE S 29 23.72 37.40 -31.58
C ILE S 29 22.65 38.49 -31.53
N THR S 30 22.62 39.25 -30.44
CA THR S 30 21.67 40.34 -30.32
C THR S 30 21.90 41.39 -31.40
N GLN S 31 23.15 41.80 -31.61
CA GLN S 31 23.46 42.76 -32.66
C GLN S 31 23.09 42.19 -34.03
N PHE S 32 23.48 40.95 -34.29
CA PHE S 32 23.18 40.34 -35.58
C PHE S 32 21.69 40.37 -35.86
N VAL S 33 20.88 39.91 -34.91
CA VAL S 33 19.44 39.87 -35.11
C VAL S 33 18.87 41.27 -35.20
N ARG S 34 19.44 42.24 -34.47
CA ARG S 34 18.94 43.61 -34.52
C ARG S 34 19.15 44.22 -35.91
N ASN S 35 20.29 43.96 -36.52
CA ASN S 35 20.56 44.51 -37.84
C ASN S 35 19.54 44.02 -38.86
N LEU S 36 19.04 42.80 -38.70
CA LEU S 36 18.05 42.26 -39.62
C LEU S 36 16.64 42.79 -39.38
N GLY S 37 16.44 43.57 -38.33
CA GLY S 37 15.11 44.01 -37.96
C GLY S 37 14.29 42.96 -37.26
N LEU S 38 14.90 41.89 -36.77
CA LEU S 38 14.20 40.77 -36.17
C LEU S 38 14.39 40.70 -34.66
N GLU S 39 14.48 41.85 -33.99
CA GLU S 39 14.69 41.84 -32.55
C GLU S 39 13.51 41.22 -31.81
N HIS S 40 12.32 41.28 -32.36
CA HIS S 40 11.15 40.65 -31.75
C HIS S 40 11.28 39.15 -31.63
N LEU S 41 12.30 38.51 -32.20
CA LEU S 41 12.52 37.09 -32.03
C LEU S 41 13.45 36.78 -30.86
N MET S 42 14.03 37.79 -30.23
CA MET S 42 15.04 37.54 -29.20
C MET S 42 14.51 36.70 -28.06
N ASP S 43 13.26 36.89 -27.64
CA ASP S 43 12.72 36.10 -26.54
C ASP S 43 12.87 34.62 -26.82
N ILE S 44 12.70 34.21 -28.09
CA ILE S 44 12.92 32.81 -28.43
C ILE S 44 14.39 32.46 -28.28
N PHE S 45 15.26 33.26 -28.88
CA PHE S 45 16.68 32.92 -28.90
C PHE S 45 17.25 32.85 -27.50
N GLU S 46 16.81 33.75 -26.61
CA GLU S 46 17.28 33.70 -25.23
C GLU S 46 16.88 32.40 -24.56
N ARG S 47 15.65 31.93 -24.79
CA ARG S 47 15.18 30.75 -24.09
C ARG S 47 15.85 29.49 -24.61
N GLU S 48 16.12 29.43 -25.91
CA GLU S 48 16.77 28.28 -26.50
C GLU S 48 18.29 28.35 -26.40
N GLN S 49 18.82 29.41 -25.79
CA GLN S 49 20.26 29.58 -25.63
C GLN S 49 20.96 29.53 -26.98
N ILE S 50 20.40 30.20 -27.97
CA ILE S 50 20.99 30.24 -29.30
C ILE S 50 22.02 31.36 -29.34
N THR S 51 23.29 31.00 -29.43
CA THR S 51 24.35 31.96 -29.67
C THR S 51 24.66 32.00 -31.15
N LEU S 52 25.50 32.96 -31.55
CA LEU S 52 25.75 33.15 -32.96
C LEU S 52 26.45 31.95 -33.58
N ASP S 53 27.38 31.32 -32.87
CA ASP S 53 28.00 30.12 -33.38
C ASP S 53 27.01 28.99 -33.57
N VAL S 54 25.94 28.95 -32.78
CA VAL S 54 24.88 27.97 -33.01
C VAL S 54 24.04 28.37 -34.21
N LEU S 55 23.66 29.64 -34.27
CA LEU S 55 22.77 30.10 -35.34
C LEU S 55 23.39 29.92 -36.71
N VAL S 56 24.71 30.07 -36.82
CA VAL S 56 25.35 29.92 -38.13
C VAL S 56 25.28 28.49 -38.66
N GLU S 57 24.83 27.54 -37.84
CA GLU S 57 24.73 26.14 -38.24
C GLU S 57 23.30 25.67 -38.41
N MET S 58 22.32 26.57 -38.35
CA MET S 58 20.91 26.21 -38.37
C MET S 58 20.31 26.55 -39.73
N GLY S 59 19.50 25.62 -40.25
CA GLY S 59 18.76 25.83 -41.47
C GLY S 59 17.27 25.98 -41.23
N HIS S 60 16.50 25.80 -42.30
CA HIS S 60 15.05 25.99 -42.21
C HIS S 60 14.42 25.02 -41.22
N LYS S 61 14.84 23.75 -41.26
CA LYS S 61 14.28 22.75 -40.38
C LYS S 61 14.58 23.08 -38.92
N GLU S 62 15.83 23.40 -38.62
CA GLU S 62 16.22 23.69 -37.24
C GLU S 62 15.52 24.93 -36.72
N LEU S 63 15.41 25.97 -37.55
CA LEU S 63 14.72 27.17 -37.15
C LEU S 63 13.24 26.91 -36.92
N LYS S 64 12.64 26.05 -37.74
CA LYS S 64 11.24 25.68 -37.53
C LYS S 64 11.05 24.90 -36.23
N GLU S 65 12.05 24.11 -35.85
CA GLU S 65 11.94 23.34 -34.61
C GLU S 65 11.83 24.25 -33.38
N ILE S 66 12.55 25.37 -33.37
CA ILE S 66 12.60 26.21 -32.17
C ILE S 66 11.50 27.26 -32.13
N GLY S 67 10.65 27.35 -33.15
CA GLY S 67 9.51 28.24 -33.13
C GLY S 67 9.55 29.40 -34.09
N ILE S 68 10.53 29.45 -35.00
CA ILE S 68 10.50 30.44 -36.06
C ILE S 68 9.63 29.87 -37.17
N ASN S 69 8.36 30.24 -37.19
CA ASN S 69 7.40 29.58 -38.06
C ASN S 69 7.21 30.29 -39.40
N ALA S 70 7.33 31.61 -39.44
CA ALA S 70 7.18 32.33 -40.68
C ALA S 70 8.36 32.04 -41.61
N TYR S 71 8.08 31.84 -42.89
CA TYR S 71 9.14 31.55 -43.84
C TYR S 71 10.05 32.75 -44.04
N GLY S 72 9.49 33.96 -44.05
CA GLY S 72 10.30 35.14 -44.25
C GLY S 72 11.35 35.34 -43.18
N HIS S 73 11.01 35.05 -41.92
CA HIS S 73 11.98 35.19 -40.84
C HIS S 73 13.14 34.21 -41.00
N ARG S 74 12.83 32.96 -41.31
CA ARG S 74 13.88 31.98 -41.54
C ARG S 74 14.74 32.37 -42.72
N HIS S 75 14.12 32.87 -43.78
CA HIS S 75 14.86 33.30 -44.96
C HIS S 75 15.83 34.42 -44.62
N LYS S 76 15.35 35.41 -43.86
CA LYS S 76 16.22 36.52 -43.46
C LYS S 76 17.38 36.03 -42.62
N LEU S 77 17.11 35.17 -41.64
CA LEU S 77 18.20 34.67 -40.81
C LEU S 77 19.23 33.90 -41.62
N ILE S 78 18.77 33.05 -42.54
CA ILE S 78 19.70 32.23 -43.29
C ILE S 78 20.54 33.08 -44.24
N LYS S 79 19.93 34.10 -44.85
CA LYS S 79 20.70 34.95 -45.76
C LYS S 79 21.63 35.88 -44.99
N GLY S 80 21.25 36.31 -43.79
CA GLY S 80 22.19 37.05 -42.96
C GLY S 80 23.39 36.21 -42.60
N VAL S 81 23.16 34.95 -42.24
CA VAL S 81 24.26 34.05 -41.94
C VAL S 81 25.15 33.87 -43.17
N GLU S 82 24.53 33.73 -44.34
CA GLU S 82 25.31 33.61 -45.57
C GLU S 82 26.21 34.83 -45.77
N ARG S 83 25.63 36.03 -45.67
CA ARG S 83 26.41 37.24 -45.87
C ARG S 83 27.51 37.40 -44.83
N LEU S 84 27.28 36.92 -43.60
CA LEU S 84 28.32 37.01 -42.58
C LEU S 84 29.46 36.03 -42.85
N ILE S 85 29.11 34.79 -43.19
CA ILE S 85 30.12 33.74 -43.21
C ILE S 85 30.82 33.66 -44.55
N SER S 86 30.07 33.56 -45.65
CA SER S 86 30.69 33.45 -46.97
C SER S 86 31.02 34.81 -47.56
N GLY S 87 30.18 35.81 -47.29
CA GLY S 87 30.41 37.14 -47.84
C GLY S 87 31.61 37.85 -47.27
N GLN S 88 32.10 37.41 -46.11
CA GLN S 88 33.29 37.97 -45.50
C GLN S 88 34.26 36.87 -45.11
N GLN S 89 34.43 35.87 -45.98
CA GLN S 89 35.29 34.73 -45.64
C GLN S 89 36.72 35.16 -45.37
N GLY S 90 37.18 36.23 -46.02
CA GLY S 90 38.54 36.71 -45.78
C GLY S 90 38.82 37.10 -44.35
N LEU S 91 37.80 37.55 -43.63
CA LEU S 91 37.95 37.85 -42.20
C LEU S 91 37.92 36.61 -41.34
N ASN S 92 37.62 35.44 -41.90
CA ASN S 92 37.57 34.19 -41.17
C ASN S 92 36.65 34.29 -39.94
N PRO S 93 35.46 34.87 -40.09
CA PRO S 93 34.54 34.89 -38.94
C PRO S 93 34.12 33.52 -38.47
N TYR S 94 34.02 32.55 -39.38
CA TYR S 94 33.64 31.20 -38.99
C TYR S 94 34.64 30.57 -38.03
N LEU S 95 35.90 30.97 -38.10
CA LEU S 95 36.92 30.45 -37.20
C LEU S 95 37.04 31.25 -35.90
N THR S 96 36.73 32.55 -35.94
CA THR S 96 36.60 33.30 -34.69
C THR S 96 35.45 32.74 -33.86
N LEU S 97 34.31 32.49 -34.50
CA LEU S 97 33.25 31.71 -33.89
C LEU S 97 33.69 30.25 -33.80
N ASN S 98 32.88 29.46 -33.09
CA ASN S 98 33.05 28.01 -33.02
C ASN S 98 34.43 27.60 -32.50
N THR S 99 35.13 28.52 -31.82
CA THR S 99 36.36 28.14 -31.15
C THR S 99 36.09 27.19 -29.99
N SER S 100 34.94 27.35 -29.34
CA SER S 100 34.57 26.47 -28.24
C SER S 100 34.42 25.04 -28.73
N GLY S 101 34.73 24.09 -27.85
CA GLY S 101 34.73 22.69 -28.18
C GLY S 101 36.06 22.15 -28.63
N SER S 102 36.97 23.01 -29.08
CA SER S 102 38.32 22.56 -29.41
C SER S 102 39.09 22.25 -28.14
N GLY S 103 40.15 21.47 -28.29
CA GLY S 103 40.95 21.04 -27.16
C GLY S 103 41.03 19.52 -27.07
N THR S 104 41.82 19.08 -26.09
CA THR S 104 42.13 17.66 -25.94
C THR S 104 41.26 17.05 -24.85
N ILE S 105 40.89 15.79 -25.05
CA ILE S 105 40.26 15.01 -23.99
C ILE S 105 40.96 13.67 -23.88
N LEU S 106 41.04 13.18 -22.65
CA LEU S 106 41.69 11.93 -22.34
C LEU S 106 40.63 10.92 -21.93
N ILE S 107 40.60 9.78 -22.61
CA ILE S 107 39.60 8.74 -22.39
C ILE S 107 40.27 7.57 -21.70
N ASP S 108 39.80 7.23 -20.51
CA ASP S 108 40.44 6.19 -19.72
C ASP S 108 40.09 4.82 -20.27
N LEU S 109 41.11 4.03 -20.55
CA LEU S 109 40.90 2.64 -20.94
C LEU S 109 40.65 1.79 -19.71
N SER S 110 39.87 0.74 -19.88
CA SER S 110 39.64 -0.18 -18.77
C SER S 110 40.69 -1.29 -18.80
N PRO S 111 41.22 -1.71 -17.65
CA PRO S 111 42.22 -2.79 -17.67
C PRO S 111 41.72 -4.08 -18.29
N ASP S 112 40.41 -4.31 -18.28
CA ASP S 112 39.84 -5.52 -18.83
C ASP S 112 39.71 -5.49 -20.35
N ASP S 113 39.96 -4.36 -20.98
CA ASP S 113 39.81 -4.24 -22.43
C ASP S 113 41.03 -4.83 -23.14
N LYS S 114 40.79 -5.34 -24.37
CA LYS S 114 41.89 -5.88 -25.15
C LYS S 114 42.87 -4.79 -25.56
N GLU S 115 42.39 -3.56 -25.77
CA GLU S 115 43.27 -2.46 -26.12
C GLU S 115 44.27 -2.17 -25.01
N PHE S 116 43.78 -2.06 -23.77
CA PHE S 116 44.65 -1.85 -22.63
C PHE S 116 45.66 -2.96 -22.51
N GLN S 117 45.21 -4.21 -22.65
CA GLN S 117 46.10 -5.34 -22.52
C GLN S 117 47.17 -5.33 -23.60
N SER S 118 46.81 -4.98 -24.83
CA SER S 118 47.80 -4.92 -25.90
C SER S 118 48.86 -3.85 -25.62
N VAL S 119 48.42 -2.66 -25.19
CA VAL S 119 49.39 -1.60 -24.92
C VAL S 119 50.31 -2.00 -23.77
N GLU S 120 49.74 -2.55 -22.70
CA GLU S 120 50.56 -2.96 -21.57
C GLU S 120 51.51 -4.10 -21.95
N GLU S 121 51.06 -5.01 -22.82
CA GLU S 121 51.92 -6.09 -23.27
C GLU S 121 53.10 -5.54 -24.05
N GLU S 122 52.85 -4.57 -24.92
CA GLU S 122 53.97 -3.92 -25.61
C GLU S 122 54.95 -3.30 -24.61
N MET S 123 54.43 -2.48 -23.69
CA MET S 123 55.28 -1.86 -22.68
C MET S 123 56.14 -2.90 -21.98
N GLN S 124 55.50 -3.90 -21.36
CA GLN S 124 56.23 -4.86 -20.55
C GLN S 124 57.23 -5.66 -21.37
N SER S 125 56.84 -6.09 -22.57
CA SER S 125 57.67 -7.01 -23.33
C SER S 125 58.80 -6.32 -24.07
N THR S 126 58.75 -5.00 -24.24
CA THR S 126 59.84 -4.28 -24.90
C THR S 126 60.85 -3.70 -23.92
N VAL S 127 61.03 -4.32 -22.75
CA VAL S 127 62.09 -3.91 -21.84
C VAL S 127 63.37 -4.63 -22.21
N ARG S 128 64.48 -3.90 -22.18
CA ARG S 128 65.78 -4.46 -22.56
C ARG S 128 66.84 -3.96 -21.58
N GLU S 129 67.94 -4.69 -21.52
CA GLU S 129 69.05 -4.34 -20.65
C GLU S 129 69.82 -3.18 -21.27
N HIS S 130 69.93 -2.09 -20.52
CA HIS S 130 70.69 -0.93 -20.99
C HIS S 130 72.13 -1.00 -20.49
N ARG S 131 72.98 -0.18 -21.11
CA ARG S 131 74.40 -0.19 -20.76
C ARG S 131 74.62 0.35 -19.35
N ASP S 132 74.03 1.49 -19.03
CA ASP S 132 74.19 2.09 -17.72
C ASP S 132 73.35 1.34 -16.69
N GLY S 133 73.86 1.31 -15.45
CA GLY S 133 73.16 0.66 -14.36
C GLY S 133 72.02 1.49 -13.82
N GLY S 134 71.07 1.84 -14.69
CA GLY S 134 69.96 2.67 -14.27
C GLY S 134 70.38 4.05 -13.84
N HIS S 135 71.43 4.62 -14.44
CA HIS S 135 71.87 5.96 -14.06
C HIS S 135 70.91 7.01 -14.61
N ALA S 136 70.50 6.88 -15.88
CA ALA S 136 69.55 7.82 -16.45
C ALA S 136 68.11 7.35 -16.26
N GLY S 137 67.90 6.04 -16.34
CA GLY S 137 66.59 5.46 -16.12
C GLY S 137 66.46 4.92 -14.70
N GLY S 138 66.59 3.61 -14.54
CA GLY S 138 66.52 3.00 -13.23
C GLY S 138 66.89 1.55 -13.31
N ILE S 139 67.07 0.95 -12.14
CA ILE S 139 67.39 -0.48 -12.02
C ILE S 139 66.06 -1.21 -11.90
N PHE S 140 65.64 -1.83 -13.00
CA PHE S 140 64.31 -2.42 -13.06
C PHE S 140 64.27 -3.47 -14.15
N ASN S 141 63.19 -4.26 -14.13
CA ASN S 141 62.90 -5.22 -15.20
C ASN S 141 61.43 -5.21 -15.62
N ARG S 142 60.54 -4.61 -14.84
CA ARG S 142 59.12 -4.55 -15.16
C ARG S 142 58.55 -3.24 -14.66
N TYR S 143 57.44 -2.83 -15.26
CA TYR S 143 56.71 -1.63 -14.86
C TYR S 143 55.51 -2.02 -14.02
N ASN S 144 54.90 -1.00 -13.43
CA ASN S 144 53.59 -1.11 -12.80
C ASN S 144 52.70 -0.05 -13.47
N ILE S 145 51.87 -0.49 -14.40
CA ILE S 145 51.06 0.44 -15.17
C ILE S 145 49.88 0.88 -14.32
N LEU S 146 49.75 2.18 -14.09
CA LEU S 146 48.68 2.70 -13.26
C LEU S 146 47.43 3.00 -14.09
N LYS S 147 47.60 3.62 -15.25
CA LYS S 147 46.46 3.84 -16.13
C LYS S 147 46.97 4.17 -17.53
N ILE S 148 46.11 3.92 -18.51
CA ILE S 148 46.37 4.26 -19.92
C ILE S 148 45.20 5.09 -20.40
N GLN S 149 45.47 6.08 -21.24
CA GLN S 149 44.47 7.00 -21.72
C GLN S 149 44.64 7.24 -23.21
N LYS S 150 43.54 7.16 -23.94
CA LYS S 150 43.52 7.58 -25.34
C LYS S 150 43.43 9.10 -25.40
N VAL S 151 44.29 9.70 -26.21
CA VAL S 151 44.34 11.15 -26.38
C VAL S 151 43.53 11.50 -27.61
N CYS S 152 42.60 12.45 -27.47
CA CYS S 152 41.69 12.81 -28.55
C CYS S 152 41.72 14.32 -28.76
N ASN S 153 42.17 14.74 -29.93
CA ASN S 153 42.24 16.17 -30.27
C ASN S 153 41.96 16.33 -31.75
N LYS S 154 40.93 17.09 -32.08
CA LYS S 154 40.46 17.17 -33.47
C LYS S 154 41.50 17.84 -34.37
N LYS S 155 41.98 19.01 -33.97
CA LYS S 155 42.89 19.79 -34.80
C LYS S 155 44.21 19.05 -35.01
N LEU S 156 44.75 18.47 -33.94
CA LEU S 156 45.99 17.70 -34.06
C LEU S 156 45.80 16.50 -34.97
N TRP S 157 44.67 15.81 -34.86
CA TRP S 157 44.40 14.68 -35.73
C TRP S 157 44.32 15.12 -37.19
N GLU S 158 43.66 16.25 -37.45
CA GLU S 158 43.58 16.76 -38.81
C GLU S 158 44.97 17.04 -39.36
N ARG S 159 45.82 17.72 -38.57
CA ARG S 159 47.17 18.02 -39.01
C ARG S 159 47.93 16.73 -39.32
N TYR S 160 47.87 15.75 -38.41
CA TYR S 160 48.60 14.51 -38.61
C TYR S 160 48.14 13.79 -39.88
N THR S 161 46.82 13.69 -40.07
CA THR S 161 46.34 12.95 -41.23
C THR S 161 46.67 13.68 -42.52
N HIS S 162 46.65 15.01 -42.53
CA HIS S 162 47.02 15.73 -43.73
C HIS S 162 48.48 15.50 -44.09
N ARG S 163 49.36 15.56 -43.09
CA ARG S 163 50.77 15.30 -43.37
C ARG S 163 50.98 13.86 -43.83
N ARG S 164 50.24 12.91 -43.24
CA ARG S 164 50.30 11.53 -43.68
C ARG S 164 49.89 11.39 -45.13
N LYS S 165 48.81 12.06 -45.52
CA LYS S 165 48.38 12.05 -46.91
C LYS S 165 49.49 12.58 -47.82
N GLU S 166 50.10 13.70 -47.42
CA GLU S 166 51.19 14.27 -48.20
C GLU S 166 52.33 13.28 -48.37
N VAL S 167 52.78 12.67 -47.27
CA VAL S 167 53.89 11.73 -47.32
C VAL S 167 53.55 10.51 -48.17
N SER S 168 52.30 10.06 -48.15
CA SER S 168 51.89 8.90 -48.92
C SER S 168 51.65 9.21 -50.40
N GLU S 169 51.37 10.46 -50.75
CA GLU S 169 51.34 10.80 -52.16
C GLU S 169 52.71 10.59 -52.79
N GLU S 170 53.76 10.94 -52.06
CA GLU S 170 55.08 10.39 -52.31
C GLU S 170 55.16 8.99 -51.72
N ASN S 171 56.27 8.32 -51.94
CA ASN S 171 56.51 7.01 -51.34
C ASN S 171 55.40 6.03 -51.72
N HIS S 172 54.97 6.10 -52.98
CA HIS S 172 54.11 5.10 -53.60
C HIS S 172 52.96 4.68 -52.66
N ASN S 173 52.20 5.67 -52.20
CA ASN S 173 50.98 5.41 -51.45
C ASN S 173 51.23 4.54 -50.23
N HIS S 174 52.34 4.75 -49.54
CA HIS S 174 52.64 4.06 -48.29
C HIS S 174 53.19 5.08 -47.30
N ALA S 175 52.54 5.18 -46.14
CA ALA S 175 52.98 6.14 -45.12
C ALA S 175 54.06 5.59 -44.22
N ASN S 176 54.30 4.29 -44.22
CA ASN S 176 55.27 3.68 -43.30
C ASN S 176 54.95 4.04 -41.86
N GLU S 177 53.66 4.11 -41.55
CA GLU S 177 53.22 4.55 -40.23
C GLU S 177 53.51 3.45 -39.22
N ARG S 178 54.11 3.83 -38.09
CA ARG S 178 54.46 2.90 -37.03
C ARG S 178 53.95 3.42 -35.69
N MET S 179 54.00 2.55 -34.69
CA MET S 179 53.66 2.93 -33.32
C MET S 179 54.93 2.84 -32.47
N LEU S 180 55.32 3.98 -31.90
CA LEU S 180 56.61 4.12 -31.22
C LEU S 180 56.43 4.84 -29.89
N PHE S 181 57.37 4.59 -28.99
CA PHE S 181 57.35 5.22 -27.67
C PHE S 181 58.08 6.55 -27.70
N HIS S 182 57.70 7.43 -26.79
CA HIS S 182 58.35 8.72 -26.65
C HIS S 182 58.36 9.12 -25.18
N GLY S 183 59.51 9.58 -24.70
CA GLY S 183 59.65 10.10 -23.35
C GLY S 183 60.12 11.54 -23.40
N SER S 184 59.57 12.36 -22.52
CA SER S 184 59.93 13.78 -22.49
C SER S 184 59.32 14.41 -21.25
N PRO S 185 59.98 15.41 -20.67
CA PRO S 185 59.32 16.18 -19.58
C PRO S 185 58.23 17.10 -20.07
N PHE S 186 58.06 17.25 -21.38
CA PHE S 186 57.05 18.14 -21.96
C PHE S 186 55.83 17.39 -22.46
N VAL S 187 55.54 16.20 -21.89
CA VAL S 187 54.42 15.40 -22.36
C VAL S 187 53.11 16.16 -22.22
N ASN S 188 52.92 16.81 -21.06
CA ASN S 188 51.70 17.58 -20.84
C ASN S 188 51.54 18.69 -21.87
N ALA S 189 52.64 19.28 -22.32
CA ALA S 189 52.54 20.27 -23.38
C ALA S 189 52.28 19.62 -24.74
N ILE S 190 52.84 18.43 -24.96
CA ILE S 190 52.67 17.76 -26.24
C ILE S 190 51.21 17.39 -26.45
N ILE S 191 50.56 16.80 -25.44
CA ILE S 191 49.19 16.33 -25.63
C ILE S 191 48.19 17.45 -25.77
N HIS S 192 48.60 18.71 -25.61
CA HIS S 192 47.73 19.85 -25.81
C HIS S 192 48.09 20.68 -27.02
N LYS S 193 49.38 20.76 -27.36
CA LYS S 193 49.83 21.51 -28.52
C LYS S 193 50.36 20.63 -29.64
N GLY S 194 50.67 19.38 -29.36
CA GLY S 194 51.23 18.48 -30.35
C GLY S 194 52.74 18.59 -30.44
N PHE S 195 53.33 17.60 -31.11
CA PHE S 195 54.77 17.62 -31.32
C PHE S 195 55.16 18.84 -32.14
N ASP S 196 56.31 19.41 -31.81
CA ASP S 196 56.80 20.61 -32.48
C ASP S 196 58.30 20.50 -32.59
N GLU S 197 58.82 20.65 -33.81
CA GLU S 197 60.26 20.61 -34.01
C GLU S 197 60.96 21.84 -33.45
N ARG S 198 60.23 22.92 -33.20
CA ARG S 198 60.84 24.12 -32.66
C ARG S 198 61.37 23.91 -31.25
N HIS S 199 60.96 22.83 -30.57
CA HIS S 199 61.50 22.44 -29.29
C HIS S 199 62.41 21.22 -29.42
N ALA S 200 63.02 21.04 -30.59
CA ALA S 200 63.73 19.81 -30.90
C ALA S 200 64.96 19.64 -30.00
N TYR S 201 65.38 18.39 -29.87
CA TYR S 201 66.58 18.04 -29.10
C TYR S 201 67.79 18.31 -29.98
N ILE S 202 68.21 19.59 -30.01
CA ILE S 202 69.29 20.00 -30.89
C ILE S 202 70.58 19.25 -30.61
N GLY S 203 70.77 18.78 -29.37
CA GLY S 203 71.95 18.04 -29.00
C GLY S 203 71.92 16.56 -29.29
N GLY S 204 70.87 16.05 -29.91
CA GLY S 204 70.75 14.62 -30.13
C GLY S 204 71.75 14.11 -31.14
N MET S 205 71.91 12.80 -31.16
CA MET S 205 72.90 12.18 -32.03
C MET S 205 72.64 12.49 -33.49
N PHE S 206 71.39 12.43 -33.93
CA PHE S 206 71.02 12.69 -35.31
C PHE S 206 70.57 14.13 -35.53
N GLY S 207 70.76 15.00 -34.53
CA GLY S 207 70.55 16.42 -34.73
C GLY S 207 69.21 16.91 -34.19
N ALA S 208 68.74 18.01 -34.77
CA ALA S 208 67.59 18.73 -34.26
C ALA S 208 66.27 18.07 -34.68
N GLY S 209 66.07 16.82 -34.27
CA GLY S 209 64.86 16.10 -34.56
C GLY S 209 64.14 15.62 -33.30
N ILE S 210 62.97 15.03 -33.54
CA ILE S 210 62.15 14.44 -32.50
C ILE S 210 62.37 12.93 -32.54
N TYR S 211 62.65 12.35 -31.39
CA TYR S 211 63.22 11.01 -31.27
C TYR S 211 62.17 10.04 -30.73
N PHE S 212 62.09 8.86 -31.35
CA PHE S 212 61.14 7.84 -30.96
C PHE S 212 61.86 6.51 -30.91
N ALA S 213 61.35 5.60 -30.08
CA ALA S 213 61.99 4.34 -29.81
C ALA S 213 61.03 3.19 -30.02
N GLU S 214 61.57 2.06 -30.44
CA GLU S 214 60.83 0.81 -30.55
C GLU S 214 60.85 0.01 -29.25
N ASN S 215 61.59 0.47 -28.24
CA ASN S 215 61.65 -0.16 -26.94
C ASN S 215 61.19 0.84 -25.88
N SER S 216 60.42 0.36 -24.91
CA SER S 216 59.84 1.27 -23.93
C SER S 216 60.89 1.79 -22.96
N SER S 217 61.84 0.95 -22.57
CA SER S 217 62.83 1.37 -21.58
C SER S 217 63.69 2.52 -22.08
N LYS S 218 64.10 2.47 -23.35
CA LYS S 218 64.90 3.55 -23.90
C LYS S 218 64.19 4.89 -23.78
N SER S 219 62.87 4.90 -23.97
CA SER S 219 62.12 6.13 -23.76
C SER S 219 61.94 6.43 -22.29
N ASN S 220 61.88 5.41 -21.44
CA ASN S 220 61.80 5.65 -20.00
C ASN S 220 63.04 6.41 -19.55
N GLN S 221 64.16 6.23 -20.25
CA GLN S 221 65.38 6.93 -19.89
C GLN S 221 65.22 8.45 -19.95
N TYR S 222 64.31 8.95 -20.78
CA TYR S 222 64.18 10.39 -20.99
C TYR S 222 63.03 11.01 -20.21
N VAL S 223 62.39 10.27 -19.30
CA VAL S 223 61.18 10.77 -18.67
C VAL S 223 61.45 12.05 -17.91
N TYR S 224 62.39 12.01 -16.96
CA TYR S 224 62.70 13.14 -16.11
C TYR S 224 63.71 14.09 -16.73
N GLY S 225 64.18 13.81 -17.93
CA GLY S 225 65.08 14.71 -18.62
C GLY S 225 66.09 13.97 -19.46
N ILE S 226 66.88 14.70 -20.25
CA ILE S 226 67.95 14.07 -21.00
C ILE S 226 68.96 13.50 -20.01
N GLY S 227 69.24 12.20 -20.13
CA GLY S 227 70.08 11.55 -19.15
C GLY S 227 69.48 11.48 -17.77
N GLY S 228 68.16 11.57 -17.66
CA GLY S 228 67.48 11.53 -16.38
C GLY S 228 67.33 12.87 -15.70
N GLY S 229 67.97 13.93 -16.21
CA GLY S 229 67.81 15.24 -15.61
C GLY S 229 68.17 15.24 -14.14
N THR S 230 67.37 15.96 -13.35
CA THR S 230 67.56 16.04 -11.91
C THR S 230 66.83 14.94 -11.15
N GLY S 231 66.20 14.00 -11.85
CA GLY S 231 65.39 13.00 -11.18
C GLY S 231 64.01 13.55 -10.84
N CYS S 232 63.26 12.74 -10.11
CA CYS S 232 61.92 13.15 -9.74
C CYS S 232 61.99 14.43 -8.91
N PRO S 233 61.10 15.40 -9.15
CA PRO S 233 61.16 16.64 -8.36
C PRO S 233 60.98 16.44 -6.87
N VAL S 234 60.23 15.42 -6.46
CA VAL S 234 59.94 15.23 -5.05
C VAL S 234 61.15 14.70 -4.28
N HIS S 235 62.00 13.91 -4.93
CA HIS S 235 63.21 13.41 -4.27
C HIS S 235 64.49 13.94 -4.88
N LYS S 236 64.45 14.57 -6.05
CA LYS S 236 65.66 14.83 -6.82
C LYS S 236 66.41 13.52 -7.09
N ASP S 237 65.65 12.43 -7.17
CA ASP S 237 66.19 11.08 -7.30
C ASP S 237 65.91 10.54 -8.68
N ARG S 238 66.94 10.02 -9.33
CA ARG S 238 66.78 9.18 -10.51
C ARG S 238 66.62 7.74 -10.06
N SER S 239 65.86 6.97 -10.84
CA SER S 239 65.47 5.62 -10.47
C SER S 239 64.59 5.59 -9.22
N CYS S 240 63.75 6.62 -9.05
CA CYS S 240 62.84 6.67 -7.92
C CYS S 240 61.69 5.70 -8.14
N TYR S 241 61.56 4.72 -7.26
CA TYR S 241 60.50 3.73 -7.38
C TYR S 241 59.17 4.22 -6.81
N ILE S 242 59.14 5.43 -6.26
CA ILE S 242 57.94 5.91 -5.58
C ILE S 242 57.11 6.81 -6.48
N CYS S 243 57.74 7.64 -7.29
CA CYS S 243 57.02 8.68 -8.02
C CYS S 243 56.59 8.19 -9.40
N HIS S 244 55.48 8.77 -9.88
CA HIS S 244 54.89 8.38 -11.15
C HIS S 244 55.74 8.85 -12.33
N ARG S 245 55.57 8.18 -13.46
CA ARG S 245 56.23 8.53 -14.70
C ARG S 245 55.22 8.44 -15.84
N GLN S 246 55.47 9.20 -16.92
CA GLN S 246 54.56 9.25 -18.05
C GLN S 246 55.31 9.03 -19.35
N LEU S 247 54.74 8.22 -20.24
CA LEU S 247 55.25 7.99 -21.57
C LEU S 247 54.14 8.21 -22.58
N LEU S 248 54.52 8.47 -23.82
CA LEU S 248 53.56 8.56 -24.91
C LEU S 248 53.78 7.40 -25.88
N PHE S 249 52.68 6.87 -26.40
CA PHE S 249 52.72 5.86 -27.44
C PHE S 249 52.05 6.49 -28.66
N CYS S 250 52.78 6.57 -29.77
CA CYS S 250 52.46 7.53 -30.81
C CYS S 250 52.46 6.88 -32.18
N ARG S 251 51.54 7.32 -33.03
CA ARG S 251 51.61 7.05 -34.46
C ARG S 251 52.63 7.97 -35.10
N VAL S 252 53.57 7.41 -35.84
CA VAL S 252 54.66 8.17 -36.45
C VAL S 252 54.67 7.85 -37.93
N THR S 253 54.71 8.90 -38.75
CA THR S 253 54.74 8.75 -40.22
C THR S 253 56.20 8.85 -40.67
N LEU S 254 56.82 7.70 -40.89
CA LEU S 254 58.22 7.66 -41.30
C LEU S 254 58.42 7.74 -42.81
N GLY S 255 57.42 7.39 -43.61
CA GLY S 255 57.60 7.46 -45.05
C GLY S 255 58.83 6.70 -45.49
N LYS S 256 59.59 7.30 -46.40
CA LYS S 256 60.89 6.74 -46.78
C LYS S 256 61.92 7.12 -45.72
N SER S 257 62.56 6.11 -45.13
CA SER S 257 63.45 6.30 -43.99
C SER S 257 64.89 6.10 -44.42
N PHE S 258 65.78 6.97 -43.94
CA PHE S 258 67.21 6.85 -44.22
C PHE S 258 67.89 6.03 -43.13
N LEU S 259 68.56 4.96 -43.53
CA LEU S 259 69.23 4.07 -42.59
C LEU S 259 70.59 4.63 -42.20
N GLN S 260 70.95 4.50 -40.93
CA GLN S 260 72.23 4.99 -40.45
C GLN S 260 72.74 4.13 -39.30
N PHE S 261 74.05 4.22 -39.08
CA PHE S 261 74.71 3.56 -37.96
C PHE S 261 75.61 4.50 -37.17
N SER S 262 75.67 5.78 -37.54
CA SER S 262 76.57 6.73 -36.90
C SER S 262 75.92 8.11 -36.85
N ALA S 263 76.43 8.94 -35.95
CA ALA S 263 75.85 10.26 -35.74
C ALA S 263 76.03 11.13 -36.99
N MET S 264 75.06 12.02 -37.21
CA MET S 264 75.12 12.91 -38.37
C MET S 264 74.71 14.35 -38.04
N LYS S 265 74.14 14.57 -36.86
CA LYS S 265 73.73 15.91 -36.43
C LYS S 265 73.04 16.69 -37.55
N MET S 266 71.98 16.09 -38.11
CA MET S 266 71.25 16.74 -39.19
C MET S 266 70.33 17.83 -38.65
N ALA S 267 70.02 18.80 -39.49
CA ALA S 267 69.02 19.80 -39.16
C ALA S 267 67.66 19.51 -39.77
N HIS S 268 67.62 18.75 -40.87
CA HIS S 268 66.38 18.39 -41.52
C HIS S 268 66.55 16.99 -42.08
N SER S 269 65.47 16.47 -42.67
CA SER S 269 65.52 15.13 -43.22
C SER S 269 66.42 15.09 -44.46
N PRO S 270 67.11 13.99 -44.71
CA PRO S 270 67.94 13.90 -45.91
C PRO S 270 67.11 14.08 -47.17
N PRO S 271 67.72 14.50 -48.27
CA PRO S 271 66.95 14.71 -49.50
C PRO S 271 66.27 13.42 -49.95
N GLY S 272 65.04 13.57 -50.47
CA GLY S 272 64.28 12.43 -50.94
C GLY S 272 63.73 11.53 -49.85
N HIS S 273 63.97 11.86 -48.59
CA HIS S 273 63.56 11.03 -47.47
C HIS S 273 62.68 11.84 -46.54
N HIS S 274 61.93 11.13 -45.68
CA HIS S 274 61.01 11.75 -44.76
C HIS S 274 61.39 11.57 -43.30
N SER S 275 62.31 10.65 -42.99
CA SER S 275 62.70 10.38 -41.61
C SER S 275 64.06 9.71 -41.63
N VAL S 276 64.64 9.58 -40.43
CA VAL S 276 65.92 8.89 -40.26
C VAL S 276 65.72 7.77 -39.27
N THR S 277 66.54 6.72 -39.39
CA THR S 277 66.53 5.62 -38.43
C THR S 277 67.94 5.12 -38.21
N GLY S 278 68.33 5.04 -36.94
CA GLY S 278 69.59 4.45 -36.55
C GLY S 278 69.43 3.01 -36.12
N ARG S 279 70.06 2.09 -36.85
CA ARG S 279 69.96 0.67 -36.60
C ARG S 279 70.96 0.22 -35.54
N PRO S 280 70.70 -0.91 -34.89
CA PRO S 280 71.66 -1.42 -33.91
C PRO S 280 73.02 -1.70 -34.55
N SER S 281 74.07 -1.46 -33.78
CA SER S 281 75.42 -1.75 -34.23
C SER S 281 76.28 -2.13 -33.03
N VAL S 282 77.32 -2.92 -33.30
CA VAL S 282 78.20 -3.38 -32.21
C VAL S 282 78.92 -2.19 -31.59
N ASN S 283 79.45 -1.30 -32.41
CA ASN S 283 80.19 -0.13 -31.94
C ASN S 283 79.32 1.12 -31.89
N GLY S 284 78.03 1.01 -32.18
CA GLY S 284 77.14 2.15 -32.19
C GLY S 284 75.93 1.99 -31.31
N LEU S 285 74.75 2.21 -31.87
CA LEU S 285 73.52 2.14 -31.08
C LEU S 285 73.28 0.72 -30.57
N ALA S 286 72.93 0.62 -29.28
CA ALA S 286 72.56 -0.68 -28.72
C ALA S 286 71.16 -1.09 -29.15
N LEU S 287 70.30 -0.11 -29.44
CA LEU S 287 68.91 -0.38 -29.82
C LEU S 287 68.51 0.54 -30.96
N ALA S 288 67.50 0.12 -31.71
CA ALA S 288 67.04 0.88 -32.87
C ALA S 288 66.42 2.20 -32.43
N GLU S 289 66.43 3.17 -33.33
CA GLU S 289 65.93 4.51 -33.01
C GLU S 289 65.39 5.14 -34.29
N TYR S 290 64.34 5.97 -34.13
CA TYR S 290 63.72 6.64 -35.26
C TYR S 290 63.66 8.13 -34.96
N VAL S 291 63.77 8.95 -36.00
CA VAL S 291 63.85 10.40 -35.85
C VAL S 291 63.05 11.05 -36.96
N ILE S 292 62.24 12.05 -36.61
CA ILE S 292 61.49 12.83 -37.58
C ILE S 292 61.80 14.30 -37.36
N TYR S 293 61.73 15.09 -38.44
CA TYR S 293 62.12 16.49 -38.40
C TYR S 293 60.96 17.43 -38.67
N ARG S 294 59.73 16.96 -38.58
CA ARG S 294 58.56 17.81 -38.62
C ARG S 294 57.59 17.34 -37.55
N GLY S 295 57.17 18.27 -36.68
CA GLY S 295 56.31 17.90 -35.58
C GLY S 295 54.96 17.37 -36.04
N GLU S 296 54.57 17.68 -37.27
CA GLU S 296 53.27 17.27 -37.80
C GLU S 296 53.22 15.82 -38.22
N GLN S 297 54.35 15.11 -38.22
CA GLN S 297 54.38 13.71 -38.66
C GLN S 297 54.20 12.73 -37.52
N ALA S 298 53.70 13.16 -36.37
CA ALA S 298 53.45 12.26 -35.26
C ALA S 298 52.17 12.67 -34.55
N TYR S 299 51.52 11.69 -33.93
CA TYR S 299 50.34 11.93 -33.11
C TYR S 299 50.43 11.08 -31.85
N PRO S 300 50.29 11.67 -30.66
CA PRO S 300 50.42 10.92 -29.39
C PRO S 300 49.16 10.18 -28.98
N GLU S 301 48.98 8.95 -29.49
CA GLU S 301 47.69 8.30 -29.32
C GLU S 301 47.42 7.94 -27.87
N TYR S 302 48.36 7.28 -27.20
CA TYR S 302 48.16 6.77 -25.85
C TYR S 302 49.08 7.49 -24.88
N LEU S 303 48.54 7.80 -23.70
CA LEU S 303 49.30 8.39 -22.61
C LEU S 303 49.32 7.41 -21.46
N ILE S 304 50.52 6.98 -21.06
CA ILE S 304 50.72 5.89 -20.11
C ILE S 304 51.32 6.48 -18.84
N THR S 305 50.70 6.17 -17.70
CA THR S 305 51.22 6.52 -16.39
C THR S 305 51.64 5.24 -15.69
N TYR S 306 52.81 5.26 -15.05
CA TYR S 306 53.35 4.03 -14.48
C TYR S 306 54.38 4.33 -13.40
N GLN S 307 54.61 3.31 -12.58
CA GLN S 307 55.72 3.25 -11.64
C GLN S 307 56.66 2.15 -12.10
N ILE S 308 57.76 1.97 -11.36
CA ILE S 308 58.80 1.03 -11.77
C ILE S 308 58.98 -0.01 -10.68
N MET S 309 59.15 -1.26 -11.11
CA MET S 309 59.45 -2.37 -10.22
C MET S 309 60.85 -2.90 -10.51
N ASP T 26 4.64 45.95 -45.49
CA ASP T 26 3.28 45.43 -45.60
C ASP T 26 2.61 45.93 -46.87
N PHE T 27 2.68 47.25 -47.09
CA PHE T 27 1.93 47.86 -48.19
C PHE T 27 2.60 47.59 -49.54
N SER T 28 3.93 47.62 -49.59
CA SER T 28 4.62 47.49 -50.88
C SER T 28 4.33 46.14 -51.53
N ILE T 29 4.43 45.06 -50.75
CA ILE T 29 4.12 43.73 -51.28
C ILE T 29 2.66 43.66 -51.68
N THR T 30 1.78 44.31 -50.92
CA THR T 30 0.36 44.29 -51.24
C THR T 30 0.12 44.94 -52.60
N GLN T 31 0.71 46.10 -52.84
CA GLN T 31 0.57 46.76 -54.14
C GLN T 31 1.14 45.90 -55.25
N PHE T 32 2.32 45.33 -55.02
CA PHE T 32 2.94 44.50 -56.04
C PHE T 32 2.04 43.34 -56.44
N VAL T 33 1.47 42.65 -55.45
CA VAL T 33 0.62 41.50 -55.73
C VAL T 33 -0.69 41.95 -56.37
N ARG T 34 -1.24 43.07 -55.91
CA ARG T 34 -2.50 43.57 -56.46
C ARG T 34 -2.36 43.91 -57.93
N ASN T 35 -1.23 44.53 -58.31
CA ASN T 35 -1.04 44.88 -59.72
C ASN T 35 -1.01 43.65 -60.62
N LEU T 36 -0.59 42.51 -60.09
CA LEU T 36 -0.60 41.26 -60.86
C LEU T 36 -1.95 40.57 -60.86
N GLY T 37 -2.92 41.08 -60.11
CA GLY T 37 -4.21 40.44 -60.01
C GLY T 37 -4.26 39.23 -59.09
N LEU T 38 -3.26 39.06 -58.24
CA LEU T 38 -3.14 37.89 -57.38
C LEU T 38 -3.44 38.20 -55.92
N GLU T 39 -4.31 39.18 -55.65
CA GLU T 39 -4.58 39.56 -54.27
C GLU T 39 -5.09 38.41 -53.43
N HIS T 40 -5.72 37.41 -54.05
CA HIS T 40 -6.23 36.28 -53.30
C HIS T 40 -5.12 35.44 -52.68
N LEU T 41 -3.86 35.70 -53.02
CA LEU T 41 -2.73 35.04 -52.38
C LEU T 41 -2.25 35.75 -51.13
N MET T 42 -2.72 36.97 -50.87
CA MET T 42 -2.14 37.79 -49.81
C MET T 42 -2.16 37.09 -48.47
N ASP T 43 -3.21 36.34 -48.15
CA ASP T 43 -3.26 35.65 -46.86
C ASP T 43 -2.01 34.80 -46.66
N ILE T 44 -1.62 34.03 -47.67
CA ILE T 44 -0.38 33.26 -47.55
C ILE T 44 0.78 34.19 -47.26
N PHE T 45 0.92 35.25 -48.06
CA PHE T 45 2.02 36.18 -47.85
C PHE T 45 1.94 36.82 -46.47
N GLU T 46 0.75 36.89 -45.90
CA GLU T 46 0.61 37.49 -44.57
C GLU T 46 1.08 36.51 -43.50
N ARG T 47 0.84 35.21 -43.70
CA ARG T 47 1.19 34.25 -42.67
C ARG T 47 2.66 33.87 -42.71
N GLU T 48 3.29 33.94 -43.88
CA GLU T 48 4.70 33.63 -44.01
C GLU T 48 5.59 34.85 -43.91
N GLN T 49 5.02 36.03 -43.61
CA GLN T 49 5.79 37.25 -43.41
C GLN T 49 6.68 37.55 -44.61
N ILE T 50 6.12 37.40 -45.81
CA ILE T 50 6.87 37.62 -47.05
C ILE T 50 6.77 39.11 -47.36
N THR T 51 7.88 39.82 -47.18
CA THR T 51 7.99 41.19 -47.66
C THR T 51 8.62 41.19 -49.05
N LEU T 52 8.61 42.37 -49.68
CA LEU T 52 9.05 42.42 -51.07
C LEU T 52 10.52 42.05 -51.23
N ASP T 53 11.36 42.44 -50.27
CA ASP T 53 12.77 42.05 -50.33
C ASP T 53 12.92 40.53 -50.26
N VAL T 54 12.07 39.87 -49.47
CA VAL T 54 12.07 38.41 -49.45
C VAL T 54 11.58 37.86 -50.79
N LEU T 55 10.53 38.46 -51.34
CA LEU T 55 9.91 37.93 -52.54
C LEU T 55 10.87 37.98 -53.72
N VAL T 56 11.61 39.08 -53.87
CA VAL T 56 12.48 39.25 -55.03
C VAL T 56 13.62 38.23 -55.04
N GLU T 57 13.68 37.39 -54.00
CA GLU T 57 14.71 36.37 -53.89
C GLU T 57 14.15 34.95 -54.00
N MET T 58 12.87 34.79 -54.36
CA MET T 58 12.21 33.50 -54.36
C MET T 58 11.90 33.06 -55.79
N GLY T 59 11.93 31.75 -56.00
CA GLY T 59 11.62 31.18 -57.30
C GLY T 59 10.58 30.09 -57.19
N HIS T 60 10.57 29.17 -58.15
CA HIS T 60 9.53 28.14 -58.15
C HIS T 60 9.63 27.27 -56.91
N LYS T 61 10.83 26.89 -56.50
CA LYS T 61 10.99 26.03 -55.33
C LYS T 61 10.53 26.72 -54.07
N GLU T 62 11.01 27.94 -53.83
CA GLU T 62 10.65 28.67 -52.62
C GLU T 62 9.16 28.96 -52.59
N LEU T 63 8.59 29.35 -53.72
CA LEU T 63 7.17 29.67 -53.79
C LEU T 63 6.31 28.44 -53.59
N LYS T 64 6.76 27.30 -54.09
CA LYS T 64 6.05 26.04 -53.85
C LYS T 64 6.13 25.66 -52.38
N GLU T 65 7.24 25.97 -51.71
CA GLU T 65 7.35 25.65 -50.29
C GLU T 65 6.31 26.39 -49.46
N ILE T 66 6.07 27.67 -49.77
CA ILE T 66 5.13 28.47 -48.97
C ILE T 66 3.68 28.26 -49.37
N GLY T 67 3.40 27.47 -50.38
CA GLY T 67 2.03 27.12 -50.72
C GLY T 67 1.47 27.75 -51.97
N ILE T 68 2.30 28.27 -52.87
CA ILE T 68 1.83 28.73 -54.17
C ILE T 68 1.90 27.55 -55.13
N ASN T 69 0.80 26.82 -55.24
CA ASN T 69 0.82 25.53 -55.93
C ASN T 69 0.60 25.64 -57.43
N ALA T 70 -0.12 26.67 -57.87
CA ALA T 70 -0.40 26.82 -59.29
C ALA T 70 0.82 27.35 -60.02
N TYR T 71 1.19 26.68 -61.11
CA TYR T 71 2.35 27.11 -61.88
C TYR T 71 2.16 28.51 -62.46
N GLY T 72 0.95 28.83 -62.91
CA GLY T 72 0.70 30.15 -63.47
C GLY T 72 0.92 31.27 -62.47
N HIS T 73 0.49 31.08 -61.23
CA HIS T 73 0.70 32.10 -60.21
C HIS T 73 2.19 32.35 -59.98
N ARG T 74 2.97 31.26 -59.89
CA ARG T 74 4.40 31.42 -59.71
C ARG T 74 5.04 32.10 -60.91
N HIS T 75 4.60 31.75 -62.11
CA HIS T 75 5.10 32.40 -63.32
C HIS T 75 4.85 33.91 -63.26
N LYS T 76 3.63 34.30 -62.89
CA LYS T 76 3.31 35.72 -62.83
C LYS T 76 4.15 36.43 -61.77
N LEU T 77 4.31 35.81 -60.60
CA LEU T 77 5.12 36.43 -59.55
C LEU T 77 6.56 36.61 -60.00
N ILE T 78 7.13 35.58 -60.63
CA ILE T 78 8.52 35.66 -61.05
C ILE T 78 8.70 36.72 -62.12
N LYS T 79 7.78 36.79 -63.08
CA LYS T 79 7.89 37.81 -64.12
C LYS T 79 7.68 39.21 -63.57
N GLY T 80 6.81 39.39 -62.59
CA GLY T 80 6.71 40.69 -61.94
C GLY T 80 8.00 41.08 -61.26
N VAL T 81 8.60 40.14 -60.53
CA VAL T 81 9.87 40.40 -59.88
C VAL T 81 10.92 40.80 -60.91
N GLU T 82 10.95 40.10 -62.04
CA GLU T 82 11.92 40.43 -63.09
C GLU T 82 11.68 41.84 -63.64
N ARG T 83 10.44 42.13 -64.02
CA ARG T 83 10.16 43.46 -64.58
C ARG T 83 10.42 44.56 -63.56
N LEU T 84 10.44 44.24 -62.27
CA LEU T 84 10.80 45.22 -61.27
C LEU T 84 12.31 45.38 -61.15
N ILE T 85 13.04 44.26 -61.02
CA ILE T 85 14.46 44.32 -60.70
C ILE T 85 15.29 44.61 -61.93
N SER T 86 15.16 43.80 -62.98
CA SER T 86 15.99 43.95 -64.16
C SER T 86 15.40 44.94 -65.16
N GLY T 87 14.07 44.93 -65.30
CA GLY T 87 13.42 45.84 -66.23
C GLY T 87 13.55 47.31 -65.86
N GLN T 88 13.68 47.60 -64.56
CA GLN T 88 13.81 48.97 -64.08
C GLN T 88 15.09 49.13 -63.27
N GLN T 89 16.16 48.46 -63.69
CA GLN T 89 17.40 48.45 -62.92
C GLN T 89 17.97 49.86 -62.75
N GLY T 90 17.62 50.78 -63.65
CA GLY T 90 18.10 52.14 -63.53
C GLY T 90 17.67 52.83 -62.26
N LEU T 91 16.56 52.40 -61.66
CA LEU T 91 16.08 52.96 -60.41
C LEU T 91 16.69 52.30 -59.19
N ASN T 92 17.53 51.28 -59.38
CA ASN T 92 18.18 50.57 -58.29
C ASN T 92 17.18 50.08 -57.25
N PRO T 93 16.09 49.43 -57.69
CA PRO T 93 15.14 48.88 -56.70
C PRO T 93 15.77 47.82 -55.81
N TYR T 94 16.69 47.02 -56.33
CA TYR T 94 17.34 46.00 -55.52
C TYR T 94 18.04 46.62 -54.32
N LEU T 95 18.91 47.61 -54.57
CA LEU T 95 19.61 48.25 -53.46
C LEU T 95 18.66 48.95 -52.52
N THR T 96 17.51 49.41 -53.03
CA THR T 96 16.50 50.00 -52.16
C THR T 96 15.92 48.97 -51.21
N LEU T 97 15.72 47.75 -51.69
CA LEU T 97 15.06 46.72 -50.89
C LEU T 97 16.00 46.13 -49.84
N ASN T 98 17.28 45.99 -50.17
CA ASN T 98 18.23 45.27 -49.34
C ASN T 98 19.06 46.18 -48.45
N THR T 99 18.48 47.30 -47.99
CA THR T 99 19.12 48.08 -46.93
C THR T 99 19.20 47.28 -45.64
N SER T 100 18.14 46.55 -45.31
CA SER T 100 18.09 45.81 -44.05
C SER T 100 19.10 44.68 -44.06
N GLY T 101 19.57 44.32 -42.86
CA GLY T 101 20.63 43.35 -42.71
C GLY T 101 22.01 43.94 -42.79
N SER T 102 22.14 45.22 -43.11
CA SER T 102 23.43 45.89 -43.18
C SER T 102 23.85 46.35 -41.79
N GLY T 103 25.13 46.69 -41.67
CA GLY T 103 25.68 47.21 -40.44
C GLY T 103 26.82 46.36 -39.90
N THR T 104 27.45 46.90 -38.86
CA THR T 104 28.62 46.27 -38.26
C THR T 104 28.21 45.42 -37.07
N ILE T 105 28.93 44.31 -36.87
CA ILE T 105 28.78 43.52 -35.67
C ILE T 105 30.15 43.23 -35.08
N LEU T 106 30.18 43.09 -33.76
CA LEU T 106 31.41 42.84 -33.01
C LEU T 106 31.32 41.45 -32.40
N ILE T 107 32.31 40.62 -32.69
CA ILE T 107 32.37 39.25 -32.19
C ILE T 107 33.44 39.20 -31.11
N ASP T 108 33.03 38.88 -29.88
CA ASP T 108 33.97 38.85 -28.77
C ASP T 108 34.86 37.62 -28.87
N LEU T 109 36.17 37.82 -28.70
CA LEU T 109 37.12 36.73 -28.70
C LEU T 109 37.26 36.15 -27.29
N SER T 110 37.43 34.85 -27.21
CA SER T 110 37.59 34.20 -25.92
C SER T 110 39.06 34.27 -25.49
N PRO T 111 39.35 34.60 -24.23
CA PRO T 111 40.76 34.64 -23.81
C PRO T 111 41.50 33.33 -24.00
N ASP T 112 40.80 32.20 -23.97
CA ASP T 112 41.45 30.90 -24.16
C ASP T 112 41.76 30.61 -25.61
N ASP T 113 41.30 31.44 -26.55
CA ASP T 113 41.54 31.22 -27.97
C ASP T 113 42.89 31.80 -28.37
N LYS T 114 43.58 31.09 -29.27
CA LYS T 114 44.92 31.52 -29.68
C LYS T 114 44.91 32.86 -30.39
N GLU T 115 43.79 33.24 -31.02
CA GLU T 115 43.73 34.55 -31.68
C GLU T 115 43.79 35.68 -30.66
N PHE T 116 43.01 35.57 -29.58
CA PHE T 116 43.05 36.57 -28.52
C PHE T 116 44.45 36.69 -27.94
N GLN T 117 45.09 35.54 -27.68
CA GLN T 117 46.41 35.56 -27.10
C GLN T 117 47.43 36.15 -28.06
N SER T 118 47.30 35.87 -29.36
CA SER T 118 48.20 36.46 -30.34
C SER T 118 48.08 37.98 -30.34
N VAL T 119 46.85 38.50 -30.36
CA VAL T 119 46.68 39.94 -30.39
C VAL T 119 47.18 40.57 -29.10
N GLU T 120 46.93 39.91 -27.97
CA GLU T 120 47.39 40.43 -26.69
C GLU T 120 48.91 40.46 -26.64
N GLU T 121 49.56 39.42 -27.16
CA GLU T 121 51.01 39.40 -27.21
C GLU T 121 51.54 40.51 -28.09
N GLU T 122 50.88 40.75 -29.24
CA GLU T 122 51.30 41.84 -30.11
C GLU T 122 51.22 43.18 -29.38
N MET T 123 50.14 43.39 -28.62
CA MET T 123 50.03 44.63 -27.84
C MET T 123 51.15 44.72 -26.81
N GLN T 124 51.31 43.67 -26.00
CA GLN T 124 52.22 43.74 -24.87
C GLN T 124 53.68 43.90 -25.30
N SER T 125 54.09 43.17 -26.33
CA SER T 125 55.50 43.11 -26.69
C SER T 125 55.99 44.35 -27.43
N THR T 126 55.12 45.34 -27.66
CA THR T 126 55.49 46.55 -28.40
C THR T 126 55.49 47.79 -27.51
N VAL T 127 55.81 47.64 -26.24
CA VAL T 127 56.00 48.78 -25.36
C VAL T 127 57.44 49.25 -25.50
N ARG T 128 57.63 50.58 -25.53
CA ARG T 128 58.94 51.15 -25.83
C ARG T 128 59.16 52.39 -24.98
N GLU T 129 60.41 52.84 -24.95
CA GLU T 129 60.81 54.03 -24.19
C GLU T 129 60.58 55.26 -25.07
N HIS T 130 59.43 55.89 -24.86
CA HIS T 130 59.11 57.10 -25.61
C HIS T 130 59.78 58.32 -24.98
N ARG T 131 59.94 59.36 -25.79
CA ARG T 131 60.71 60.52 -25.37
C ARG T 131 60.04 61.24 -24.21
N ASP T 132 58.75 61.54 -24.33
CA ASP T 132 58.03 62.22 -23.27
C ASP T 132 57.79 61.27 -22.10
N GLY T 133 57.93 61.80 -20.88
CA GLY T 133 57.74 61.01 -19.69
C GLY T 133 56.28 60.76 -19.36
N GLY T 134 55.56 60.16 -20.29
CA GLY T 134 54.14 59.90 -20.08
C GLY T 134 53.26 61.12 -20.19
N HIS T 135 53.79 62.23 -20.70
CA HIS T 135 52.99 63.45 -20.80
C HIS T 135 51.77 63.25 -21.69
N ALA T 136 51.96 62.57 -22.81
CA ALA T 136 50.88 62.34 -23.77
C ALA T 136 50.22 60.97 -23.57
N GLY T 137 51.02 59.91 -23.50
CA GLY T 137 50.48 58.57 -23.39
C GLY T 137 50.39 58.04 -21.98
N GLY T 138 51.00 58.74 -21.03
CA GLY T 138 51.02 58.28 -19.65
C GLY T 138 52.21 57.39 -19.36
N ILE T 139 52.36 57.04 -18.09
CA ILE T 139 53.48 56.25 -17.60
C ILE T 139 53.00 54.84 -17.34
N PHE T 140 53.53 53.88 -18.10
CA PHE T 140 53.11 52.50 -17.98
C PHE T 140 54.19 51.59 -18.52
N ASN T 141 54.11 50.31 -18.17
CA ASN T 141 54.99 49.28 -18.70
C ASN T 141 54.25 48.09 -19.29
N ARG T 142 52.96 47.92 -19.00
CA ARG T 142 52.18 46.81 -19.52
C ARG T 142 50.73 47.25 -19.64
N TYR T 143 49.95 46.45 -20.34
CA TYR T 143 48.51 46.69 -20.50
C TYR T 143 47.73 45.64 -19.71
N ASN T 144 46.57 46.06 -19.22
CA ASN T 144 45.54 45.15 -18.73
C ASN T 144 44.47 45.09 -19.81
N ILE T 145 44.48 44.01 -20.60
CA ILE T 145 43.55 43.87 -21.71
C ILE T 145 42.19 43.43 -21.16
N LEU T 146 41.14 44.16 -21.50
CA LEU T 146 39.81 43.82 -21.02
C LEU T 146 39.07 42.91 -22.00
N LYS T 147 39.02 43.31 -23.28
CA LYS T 147 38.39 42.48 -24.29
C LYS T 147 38.92 42.86 -25.66
N ILE T 148 38.83 41.90 -26.59
CA ILE T 148 39.21 42.09 -27.98
C ILE T 148 38.05 41.60 -28.84
N GLN T 149 37.66 42.42 -29.83
CA GLN T 149 36.48 42.15 -30.63
C GLN T 149 36.81 42.20 -32.11
N LYS T 150 36.47 41.12 -32.82
CA LYS T 150 36.54 41.11 -34.27
C LYS T 150 35.43 42.00 -34.83
N VAL T 151 35.78 42.83 -35.83
CA VAL T 151 34.86 43.77 -36.43
C VAL T 151 34.43 43.20 -37.78
N CYS T 152 33.12 43.08 -38.00
CA CYS T 152 32.59 42.52 -39.23
C CYS T 152 31.62 43.51 -39.87
N ASN T 153 31.84 43.81 -41.14
CA ASN T 153 30.97 44.70 -41.90
C ASN T 153 31.13 44.37 -43.37
N LYS T 154 30.01 44.01 -44.02
CA LYS T 154 30.08 43.47 -45.39
C LYS T 154 30.58 44.52 -46.38
N LYS T 155 29.96 45.70 -46.40
CA LYS T 155 30.29 46.69 -47.40
C LYS T 155 31.72 47.21 -47.24
N LEU T 156 32.12 47.46 -45.99
CA LEU T 156 33.47 47.95 -45.75
C LEU T 156 34.50 46.92 -46.19
N TRP T 157 34.25 45.65 -45.89
CA TRP T 157 35.15 44.60 -46.34
C TRP T 157 35.22 44.54 -47.86
N GLU T 158 34.08 44.67 -48.54
CA GLU T 158 34.09 44.64 -49.99
C GLU T 158 34.89 45.80 -50.56
N ARG T 159 34.71 46.99 -49.98
CA ARG T 159 35.50 48.15 -50.38
C ARG T 159 36.99 47.89 -50.22
N TYR T 160 37.38 47.37 -49.04
CA TYR T 160 38.78 47.11 -48.78
C TYR T 160 39.35 46.11 -49.76
N THR T 161 38.61 45.03 -50.04
CA THR T 161 39.12 44.01 -50.94
C THR T 161 39.19 44.50 -52.38
N HIS T 162 38.23 45.33 -52.79
CA HIS T 162 38.30 45.90 -54.13
C HIS T 162 39.53 46.78 -54.28
N ARG T 163 39.78 47.65 -53.30
CA ARG T 163 40.97 48.49 -53.38
C ARG T 163 42.24 47.65 -53.32
N ARG T 164 42.25 46.60 -52.51
CA ARG T 164 43.42 45.74 -52.43
C ARG T 164 43.70 45.06 -53.76
N LYS T 165 42.65 44.56 -54.41
CA LYS T 165 42.83 43.95 -55.74
C LYS T 165 43.36 44.98 -56.73
N GLU T 166 42.81 46.19 -56.70
CA GLU T 166 43.29 47.23 -57.62
C GLU T 166 44.76 47.54 -57.39
N VAL T 167 45.15 47.70 -56.12
CA VAL T 167 46.53 48.02 -55.79
C VAL T 167 47.48 46.89 -56.14
N SER T 168 47.03 45.64 -56.01
CA SER T 168 47.88 44.49 -56.33
C SER T 168 47.94 44.21 -57.83
N GLU T 169 46.96 44.67 -58.61
CA GLU T 169 47.11 44.63 -60.06
C GLU T 169 48.26 45.54 -60.47
N GLU T 170 48.34 46.72 -59.86
CA GLU T 170 49.58 47.47 -59.83
C GLU T 170 50.54 46.78 -58.87
N ASN T 171 51.78 47.25 -58.81
CA ASN T 171 52.75 46.72 -57.88
C ASN T 171 52.92 45.20 -58.04
N HIS T 172 52.94 44.76 -59.30
CA HIS T 172 53.34 43.41 -59.67
C HIS T 172 52.74 42.34 -58.74
N ASN T 173 51.41 42.24 -58.74
CA ASN T 173 50.70 41.13 -58.11
C ASN T 173 51.07 41.00 -56.63
N HIS T 174 51.22 42.12 -55.93
CA HIS T 174 51.51 42.11 -54.50
C HIS T 174 50.76 43.25 -53.85
N ALA T 175 50.20 42.98 -52.67
CA ALA T 175 49.50 44.01 -51.92
C ALA T 175 50.34 44.63 -50.82
N ASN T 176 51.38 43.92 -50.35
CA ASN T 176 52.21 44.41 -49.26
C ASN T 176 51.35 44.76 -48.05
N GLU T 177 50.44 43.84 -47.71
CA GLU T 177 49.51 44.04 -46.63
C GLU T 177 50.19 43.78 -45.28
N ARG T 178 49.91 44.63 -44.30
CA ARG T 178 50.43 44.51 -42.97
C ARG T 178 49.30 44.67 -41.96
N MET T 179 49.60 44.37 -40.70
CA MET T 179 48.68 44.62 -39.60
C MET T 179 49.31 45.63 -38.65
N LEU T 180 48.63 46.75 -38.43
CA LEU T 180 49.20 47.86 -37.70
C LEU T 180 48.20 48.41 -36.70
N PHE T 181 48.72 49.06 -35.67
CA PHE T 181 47.86 49.66 -34.66
C PHE T 181 47.42 51.05 -35.08
N HIS T 182 46.31 51.50 -34.50
CA HIS T 182 45.77 52.82 -34.77
C HIS T 182 45.04 53.32 -33.54
N GLY T 183 45.15 54.62 -33.28
CA GLY T 183 44.50 55.24 -32.16
C GLY T 183 43.83 56.55 -32.54
N SER T 184 42.60 56.75 -32.08
CA SER T 184 41.87 57.98 -32.36
C SER T 184 40.68 58.05 -31.43
N PRO T 185 40.17 59.24 -31.13
CA PRO T 185 38.95 59.34 -30.31
C PRO T 185 37.69 58.99 -31.08
N PHE T 186 37.78 58.74 -32.39
CA PHE T 186 36.62 58.50 -33.22
C PHE T 186 36.46 57.04 -33.62
N VAL T 187 37.20 56.12 -32.99
CA VAL T 187 37.16 54.72 -33.40
C VAL T 187 35.73 54.21 -33.45
N ASN T 188 34.88 54.68 -32.53
CA ASN T 188 33.48 54.28 -32.56
C ASN T 188 32.79 54.69 -33.86
N ALA T 189 33.34 55.68 -34.57
CA ALA T 189 32.80 56.06 -35.87
C ALA T 189 33.50 55.33 -37.01
N ILE T 190 34.78 55.02 -36.86
CA ILE T 190 35.48 54.29 -37.90
C ILE T 190 34.91 52.88 -38.05
N ILE T 191 34.64 52.21 -36.93
CA ILE T 191 34.18 50.82 -37.02
C ILE T 191 32.81 50.73 -37.69
N HIS T 192 32.07 51.83 -37.76
CA HIS T 192 30.76 51.83 -38.40
C HIS T 192 30.77 52.42 -39.81
N LYS T 193 31.66 53.39 -40.07
CA LYS T 193 31.74 54.02 -41.39
C LYS T 193 33.06 53.77 -42.09
N GLY T 194 34.06 53.22 -41.40
CA GLY T 194 35.34 52.93 -42.02
C GLY T 194 36.25 54.15 -42.05
N PHE T 195 37.49 53.90 -42.46
CA PHE T 195 38.45 54.99 -42.59
C PHE T 195 38.05 55.91 -43.75
N ASP T 196 38.28 57.20 -43.56
CA ASP T 196 37.93 58.20 -44.56
C ASP T 196 38.99 59.30 -44.52
N GLU T 197 39.63 59.56 -45.65
CA GLU T 197 40.65 60.59 -45.72
C GLU T 197 40.09 62.00 -45.56
N ARG T 198 38.79 62.20 -45.74
CA ARG T 198 38.20 63.51 -45.55
C ARG T 198 38.29 63.98 -44.11
N HIS T 199 38.58 63.08 -43.17
CA HIS T 199 38.85 63.44 -41.78
C HIS T 199 40.32 63.24 -41.43
N ALA T 200 41.21 63.39 -42.41
CA ALA T 200 42.61 63.07 -42.21
C ALA T 200 43.26 64.05 -41.24
N TYR T 201 44.39 63.61 -40.67
CA TYR T 201 45.17 64.42 -39.74
C TYR T 201 46.02 65.39 -40.55
N ILE T 202 45.42 66.55 -40.86
CA ILE T 202 46.07 67.55 -41.70
C ILE T 202 47.32 68.10 -41.05
N GLY T 203 47.38 68.16 -39.72
CA GLY T 203 48.54 68.68 -39.03
C GLY T 203 49.69 67.73 -38.89
N GLY T 204 49.57 66.52 -39.43
CA GLY T 204 50.61 65.53 -39.28
C GLY T 204 51.88 65.91 -39.99
N MET T 205 52.97 65.26 -39.58
CA MET T 205 54.30 65.57 -40.10
C MET T 205 54.58 64.89 -41.44
N PHE T 206 53.71 63.98 -41.88
CA PHE T 206 53.74 63.46 -43.25
C PHE T 206 52.58 63.98 -44.09
N GLY T 207 51.91 65.03 -43.64
CA GLY T 207 50.80 65.58 -44.40
C GLY T 207 49.47 65.05 -43.95
N ALA T 208 48.44 65.36 -44.75
CA ALA T 208 47.05 65.00 -44.44
C ALA T 208 46.77 63.55 -44.85
N GLY T 209 47.31 62.62 -44.07
CA GLY T 209 47.07 61.21 -44.27
C GLY T 209 46.47 60.55 -43.04
N ILE T 210 46.37 59.23 -43.10
CA ILE T 210 45.93 58.40 -41.99
C ILE T 210 47.14 57.60 -41.52
N TYR T 211 47.39 57.64 -40.22
CA TYR T 211 48.65 57.20 -39.63
C TYR T 211 48.47 55.89 -38.88
N PHE T 212 49.42 54.98 -39.06
CA PHE T 212 49.42 53.68 -38.39
C PHE T 212 50.82 53.40 -37.89
N ALA T 213 50.92 52.57 -36.87
CA ALA T 213 52.21 52.29 -36.24
C ALA T 213 52.33 50.81 -35.92
N GLU T 214 53.56 50.32 -35.94
CA GLU T 214 53.85 48.95 -35.57
C GLU T 214 53.97 48.78 -34.06
N ASN T 215 53.97 49.87 -33.30
CA ASN T 215 54.07 49.83 -31.85
C ASN T 215 52.76 50.28 -31.23
N SER T 216 52.20 49.46 -30.35
CA SER T 216 50.95 49.81 -29.70
C SER T 216 51.12 51.03 -28.80
N SER T 217 52.25 51.11 -28.10
CA SER T 217 52.45 52.20 -27.15
C SER T 217 52.51 53.56 -27.84
N LYS T 218 53.05 53.62 -29.06
CA LYS T 218 53.01 54.87 -29.81
C LYS T 218 51.57 55.26 -30.13
N SER T 219 50.78 54.31 -30.63
CA SER T 219 49.39 54.61 -30.96
C SER T 219 48.61 55.03 -29.73
N ASN T 220 49.00 54.51 -28.56
CA ASN T 220 48.30 54.85 -27.33
C ASN T 220 48.30 56.35 -27.08
N GLN T 221 49.30 57.06 -27.61
CA GLN T 221 49.38 58.51 -27.39
C GLN T 221 48.21 59.24 -28.03
N TYR T 222 47.65 58.70 -29.11
CA TYR T 222 46.61 59.39 -29.86
C TYR T 222 45.20 59.07 -29.37
N VAL T 223 45.05 58.20 -28.37
CA VAL T 223 43.72 57.73 -28.01
C VAL T 223 42.82 58.88 -27.60
N TYR T 224 43.32 59.76 -26.73
CA TYR T 224 42.56 60.92 -26.29
C TYR T 224 42.72 62.12 -27.22
N GLY T 225 43.18 61.90 -28.44
CA GLY T 225 43.47 62.97 -29.37
C GLY T 225 44.96 63.24 -29.46
N ILE T 226 45.32 64.17 -30.34
CA ILE T 226 46.72 64.47 -30.57
C ILE T 226 47.37 64.92 -29.27
N GLY T 227 48.53 64.35 -28.96
CA GLY T 227 49.24 64.70 -27.74
C GLY T 227 48.49 64.37 -26.48
N GLY T 228 47.52 63.44 -26.54
CA GLY T 228 46.73 63.09 -25.39
C GLY T 228 45.58 64.03 -25.10
N GLY T 229 45.40 65.08 -25.90
CA GLY T 229 44.29 65.99 -25.71
C GLY T 229 44.22 66.51 -24.29
N THR T 230 43.00 66.55 -23.75
CA THR T 230 42.77 66.94 -22.37
C THR T 230 42.72 65.75 -21.42
N GLY T 231 43.11 64.57 -21.88
CA GLY T 231 43.03 63.39 -21.06
C GLY T 231 41.61 62.85 -21.00
N CYS T 232 41.43 61.85 -20.16
CA CYS T 232 40.11 61.25 -20.00
C CYS T 232 39.13 62.28 -19.47
N PRO T 233 37.93 62.38 -20.06
CA PRO T 233 37.00 63.42 -19.61
C PRO T 233 36.56 63.27 -18.17
N VAL T 234 36.65 62.09 -17.58
CA VAL T 234 36.22 61.90 -16.20
C VAL T 234 37.23 62.52 -15.24
N HIS T 235 38.49 62.63 -15.63
CA HIS T 235 39.53 63.15 -14.76
C HIS T 235 40.40 64.22 -15.41
N LYS T 236 40.28 64.44 -16.71
CA LYS T 236 41.17 65.35 -17.44
C LYS T 236 42.64 64.93 -17.26
N ASP T 237 42.86 63.63 -17.08
CA ASP T 237 44.18 63.08 -16.82
C ASP T 237 44.61 62.22 -18.00
N ARG T 238 45.82 62.46 -18.51
CA ARG T 238 46.33 61.69 -19.63
C ARG T 238 47.05 60.42 -19.19
N SER T 239 47.26 60.24 -17.89
CA SER T 239 47.84 59.00 -17.36
C SER T 239 46.86 58.28 -16.45
N CYS T 240 45.56 58.44 -16.68
CA CYS T 240 44.56 57.79 -15.84
C CYS T 240 44.69 56.28 -15.93
N TYR T 241 44.41 55.61 -14.81
CA TYR T 241 44.47 54.15 -14.73
C TYR T 241 43.11 53.52 -14.48
N ILE T 242 42.03 54.27 -14.64
CA ILE T 242 40.68 53.78 -14.38
C ILE T 242 39.90 53.65 -15.69
N CYS T 243 39.88 54.70 -16.51
CA CYS T 243 39.08 54.70 -17.72
C CYS T 243 39.62 53.69 -18.72
N HIS T 244 38.70 53.10 -19.49
CA HIS T 244 39.06 52.13 -20.51
C HIS T 244 39.53 52.87 -21.77
N ARG T 245 40.61 52.38 -22.36
CA ARG T 245 41.12 52.93 -23.61
C ARG T 245 40.84 51.95 -24.75
N GLN T 246 40.71 52.48 -25.96
CA GLN T 246 40.38 51.68 -27.13
C GLN T 246 41.38 51.94 -28.25
N LEU T 247 41.89 50.86 -28.84
CA LEU T 247 42.78 50.91 -29.99
C LEU T 247 42.25 49.99 -31.09
N LEU T 248 42.54 50.34 -32.33
CA LEU T 248 42.19 49.51 -33.47
C LEU T 248 43.43 48.77 -33.96
N PHE T 249 43.23 47.53 -34.38
CA PHE T 249 44.26 46.75 -35.06
C PHE T 249 43.74 46.49 -36.46
N CYS T 250 44.48 46.92 -37.47
CA CYS T 250 43.92 47.11 -38.81
C CYS T 250 44.80 46.45 -39.86
N ARG T 251 44.15 45.85 -40.85
CA ARG T 251 44.82 45.48 -42.09
C ARG T 251 45.04 46.72 -42.94
N VAL T 252 46.28 46.96 -43.31
CA VAL T 252 46.67 48.13 -44.10
C VAL T 252 47.36 47.63 -45.37
N THR T 253 46.88 48.09 -46.52
CA THR T 253 47.48 47.76 -47.81
C THR T 253 48.44 48.88 -48.17
N LEU T 254 49.73 48.61 -48.06
CA LEU T 254 50.74 49.64 -48.28
C LEU T 254 51.17 49.73 -49.74
N GLY T 255 51.07 48.65 -50.50
CA GLY T 255 51.50 48.69 -51.88
C GLY T 255 52.97 49.04 -51.98
N LYS T 256 53.32 49.78 -53.03
CA LYS T 256 54.68 50.31 -53.15
C LYS T 256 54.82 51.51 -52.24
N SER T 257 55.65 51.37 -51.20
CA SER T 257 55.75 52.36 -50.14
C SER T 257 56.99 53.23 -50.34
N PHE T 258 56.80 54.54 -50.25
CA PHE T 258 57.90 55.50 -50.36
C PHE T 258 58.59 55.63 -49.02
N LEU T 259 59.89 55.31 -48.98
CA LEU T 259 60.66 55.43 -47.75
C LEU T 259 61.03 56.89 -47.54
N GLN T 260 60.80 57.40 -46.33
CA GLN T 260 61.12 58.78 -46.01
C GLN T 260 61.69 58.85 -44.60
N PHE T 261 62.51 59.87 -44.38
CA PHE T 261 63.12 60.09 -43.06
C PHE T 261 62.74 61.45 -42.51
N SER T 262 62.84 62.50 -43.33
CA SER T 262 62.54 63.85 -42.88
C SER T 262 61.05 64.15 -43.00
N ALA T 263 60.62 65.20 -42.31
CA ALA T 263 59.22 65.60 -42.35
C ALA T 263 58.86 66.11 -43.75
N MET T 264 57.57 66.03 -44.07
CA MET T 264 57.08 66.48 -45.36
C MET T 264 55.61 66.85 -45.24
N LYS T 265 55.17 67.76 -46.11
CA LYS T 265 53.78 68.14 -46.23
C LYS T 265 53.31 67.79 -47.63
N MET T 266 52.32 66.91 -47.73
CA MET T 266 51.81 66.47 -49.02
C MET T 266 50.37 66.05 -48.87
N ALA T 267 49.61 66.20 -49.95
CA ALA T 267 48.19 65.89 -49.93
C ALA T 267 47.89 64.43 -50.29
N HIS T 268 48.69 63.83 -51.17
CA HIS T 268 48.45 62.46 -51.62
C HIS T 268 49.78 61.73 -51.70
N SER T 269 49.72 60.45 -52.05
CA SER T 269 50.94 59.67 -52.14
C SER T 269 51.82 60.16 -53.29
N PRO T 270 53.13 60.00 -53.16
CA PRO T 270 54.01 60.40 -54.27
C PRO T 270 53.76 59.55 -55.49
N PRO T 271 54.01 60.08 -56.68
CA PRO T 271 53.67 59.32 -57.90
C PRO T 271 54.32 57.96 -57.91
N GLY T 272 53.56 56.96 -58.37
CA GLY T 272 54.03 55.60 -58.43
C GLY T 272 54.00 54.86 -57.12
N HIS T 273 53.50 55.48 -56.05
CA HIS T 273 53.49 54.88 -54.73
C HIS T 273 52.09 54.95 -54.14
N HIS T 274 51.85 54.10 -53.14
CA HIS T 274 50.55 53.99 -52.51
C HIS T 274 50.54 54.36 -51.04
N SER T 275 51.70 54.44 -50.39
CA SER T 275 51.78 54.78 -48.97
C SER T 275 53.19 55.26 -48.69
N VAL T 276 53.39 55.78 -47.48
CA VAL T 276 54.70 56.30 -47.06
C VAL T 276 55.12 55.62 -45.78
N THR T 277 56.38 55.19 -45.74
CA THR T 277 56.99 54.54 -44.58
C THR T 277 58.03 55.50 -44.00
N GLY T 278 57.74 56.06 -42.83
CA GLY T 278 58.69 56.91 -42.13
C GLY T 278 59.54 56.09 -41.17
N ARG T 279 60.82 55.93 -41.51
CA ARG T 279 61.73 55.11 -40.73
C ARG T 279 62.25 55.89 -39.52
N PRO T 280 62.63 55.20 -38.45
CA PRO T 280 63.27 55.89 -37.33
C PRO T 280 64.60 56.48 -37.75
N SER T 281 64.96 57.60 -37.12
CA SER T 281 66.23 58.27 -37.39
C SER T 281 66.78 58.84 -36.09
N VAL T 282 68.10 59.02 -36.06
CA VAL T 282 68.73 59.59 -34.88
C VAL T 282 68.23 61.01 -34.64
N ASN T 283 68.17 61.81 -35.70
CA ASN T 283 67.67 63.18 -35.62
C ASN T 283 66.21 63.29 -36.03
N GLY T 284 65.53 62.18 -36.29
CA GLY T 284 64.15 62.21 -36.73
C GLY T 284 63.23 61.35 -35.89
N LEU T 285 62.45 60.50 -36.54
CA LEU T 285 61.47 59.68 -35.82
C LEU T 285 62.16 58.73 -34.86
N ALA T 286 61.55 58.52 -33.70
CA ALA T 286 62.04 57.53 -32.76
C ALA T 286 61.54 56.13 -33.11
N LEU T 287 60.39 56.03 -33.74
CA LEU T 287 59.80 54.75 -34.11
C LEU T 287 59.18 54.87 -35.49
N ALA T 288 59.07 53.73 -36.18
CA ALA T 288 58.56 53.72 -37.54
C ALA T 288 57.08 54.06 -37.58
N GLU T 289 56.66 54.70 -38.68
CA GLU T 289 55.25 55.02 -38.90
C GLU T 289 54.90 54.74 -40.36
N TYR T 290 53.62 54.50 -40.61
CA TYR T 290 53.10 54.29 -41.96
C TYR T 290 51.94 55.24 -42.18
N VAL T 291 51.81 55.75 -43.40
CA VAL T 291 50.76 56.71 -43.72
C VAL T 291 50.13 56.31 -45.05
N ILE T 292 48.80 56.29 -45.07
CA ILE T 292 48.02 56.03 -46.28
C ILE T 292 47.14 57.24 -46.54
N TYR T 293 46.88 57.50 -47.81
CA TYR T 293 46.12 58.66 -48.24
C TYR T 293 44.81 58.31 -48.93
N ARG T 294 44.31 57.08 -48.75
CA ARG T 294 42.97 56.71 -49.20
C ARG T 294 42.34 55.81 -48.15
N GLY T 295 41.13 56.15 -47.72
CA GLY T 295 40.51 55.43 -46.63
C GLY T 295 40.29 53.95 -46.93
N GLU T 296 39.99 53.64 -48.19
CA GLU T 296 39.67 52.27 -48.55
C GLU T 296 40.88 51.35 -48.52
N GLN T 297 42.07 51.86 -48.17
CA GLN T 297 43.26 51.03 -48.09
C GLN T 297 43.48 50.42 -46.71
N ALA T 298 42.56 50.63 -45.77
CA ALA T 298 42.67 50.05 -44.44
C ALA T 298 41.32 49.50 -44.00
N TYR T 299 41.36 48.45 -43.19
CA TYR T 299 40.18 47.86 -42.62
C TYR T 299 40.44 47.52 -41.15
N PRO T 300 39.60 47.99 -40.22
CA PRO T 300 39.82 47.62 -38.81
C PRO T 300 39.37 46.22 -38.51
N GLU T 301 40.29 45.30 -38.25
CA GLU T 301 39.88 43.91 -38.05
C GLU T 301 39.55 43.63 -36.58
N TYR T 302 40.31 44.22 -35.67
CA TYR T 302 40.10 44.01 -34.24
C TYR T 302 39.89 45.34 -33.54
N LEU T 303 39.05 45.32 -32.52
CA LEU T 303 38.88 46.45 -31.61
C LEU T 303 39.35 45.99 -30.23
N ILE T 304 40.31 46.69 -29.65
CA ILE T 304 40.94 46.30 -28.41
C ILE T 304 40.60 47.32 -27.34
N THR T 305 40.10 46.83 -26.20
CA THR T 305 39.81 47.65 -25.04
C THR T 305 40.75 47.25 -23.91
N TYR T 306 41.29 48.25 -23.22
CA TYR T 306 42.35 47.97 -22.25
C TYR T 306 42.47 49.12 -21.28
N GLN T 307 43.20 48.87 -20.20
CA GLN T 307 43.70 49.89 -19.30
C GLN T 307 45.23 49.82 -19.31
N ILE T 308 45.86 50.92 -18.90
CA ILE T 308 47.32 50.92 -18.79
C ILE T 308 47.71 50.60 -17.35
N MET T 309 48.92 50.06 -17.21
CA MET T 309 49.46 49.71 -15.90
C MET T 309 50.84 50.33 -15.71
ZN ZN U . 64.48 -17.18 -71.78
ZN ZN V . 14.41 -36.71 -78.22
ZN ZN W . -32.65 -12.13 -74.06
ZN ZN X . -44.49 34.80 -50.87
ZN ZN Y . -14.22 65.60 -18.70
ZN ZN Z . 30.85 53.48 8.34
ZN ZN AA . 51.75 5.64 18.83
ZN ZN BA . 30.21 -42.91 13.99
ZN ZN CA . -22.06 -57.06 7.56
ZN ZN DA . -65.83 -27.65 15.02
ZN ZN EA . 2.09 -63.37 74.40
ZN ZN FA . 30.73 -17.89 80.53
ZN ZN GA . 15.87 32.66 73.09
ZN ZN HA . -27.74 51.75 48.21
ZN ZN IA . -62.81 26.84 15.46
ZN ZN JA . -58.48 -21.00 -9.22
ZN ZN KA . -14.70 -50.96 -16.63
ZN ZN LA . 37.24 -38.08 -11.05
ZN ZN MA . 60.59 10.50 -5.88
ZN ZN NA . 40.07 58.64 -16.11
#